data_7WZW
#
_entry.id   7WZW
#
_cell.length_a   1.00
_cell.length_b   1.00
_cell.length_c   1.00
_cell.angle_alpha   90.00
_cell.angle_beta   90.00
_cell.angle_gamma   90.00
#
_symmetry.space_group_name_H-M   'P 1'
#
loop_
_entity.id
_entity.type
_entity.pdbx_description
1 polymer 'Serine/threonine-protein kinase MEC1'
2 polymer 'DNA damage checkpoint protein LCD1'
#
loop_
_entity_poly.entity_id
_entity_poly.type
_entity_poly.pdbx_seq_one_letter_code
_entity_poly.pdbx_strand_id
1 'polypeptide(L)'
;MESHVKYLDELILAIKDLNSGVDSKVQIKKVPTDPSSSQEYAKSLKILNTLIRNLKDQRRNNIMKNDTIFSKTVSALALL
LEYNPFLLVMKDSNGNFEIQRLIDDFLNISVLNYDNYHRIWFMRRKLGSWCKACVEFYGKPAKFQLTAHFENTMNLYEQA
LTEVLLGKTELLKFYDTLKGLYILLYWFTSEYSTFGNSIAFLDSSLGFTKFDFNFQRLIRIVLYVFDSCELAALEYAEIQ
LKYISLVVDYVCNRTISTALDAPALVCCEQLKFVLTTMHHFLDNKYGLLDNDPTMAKGILRLYSLCISNDFSKCFVDHFP
IDQWADFSQSEHFPFTQLTNKALSIVYFDLKRRSLPVEALKYDNKFNIWVYQSEPDSSLKNVTSPFDDRYKQLEKLRLLV
LKKFNKTERGTLLKYRVNQLSPGFFQRAGNDFKLILNEASVSIQTCFKTNNITRLTSWTVILGRLACLESEKFSGTLPNS
TKDMDNWYVCHLCDIEKTGNPFVRINPNRPEAAGKSEIFRILHSNFLSHPNIDEFSESLLSGILFSLHRIFSHFQPPKLT
DGNGQINKSFKLVQKCFMNSNRYLRLLSTRIIPLFNISDSHNSEDEHTATLIKFLQSQKLPVVKENLVIAWTQLTLTTSN
DVFDTLLLKLIDIFNSDDYSLRIMMTLQIKNMAKILKKTPYQLLSPILPVLLRQLGKNLVERKVGFQNLIELLGYSSKTI
LDIFQRYIIPYAIIQYKSDVLSEIAKIMCDGDTSLINQMKVNLLKKNSRQIFAVALVKHGLFSLDILETLFLNRAPTFDK
GYITAYLPDYKTLAEITKLYKNSVTKDASDSENANMILCSLRFLITNFEKDKRHGSKYKNINNWTDDQEQAFQKKLQDNI
LGIFQVFSSDIHDVEGRTTYYEKLRVINGISFLIIYAPKKSIISALAQISICLQTGLGLKEVRYEAFRCWHLLVRHLNDE
ELSTVIDSLIAFILQKWSEFNGKLRNIVYSILDTLIKEKSDLILKLKPYTTLALVGKPELGILARDGQFARMVNKIRSTT
DLIPIFANNLKSSNKYVINQNLDDIEVYLRRKQTERSIDFTPKKVGQTSDITLVLGALLDTSHKFRNLDKDLCEKCAKCI
SMIGVLDVTKHEFKRTTYSENEVYDLNDSVQTIKFLIWVINDILVPAFWQSENPSKQLFVALVIQESLKYCGLSSESWDM
NHKELYPNEAKLWEKFNSVSKTTIYPLLSSLYLAQSWKEYVPLKYPSNNFKEGYKIWVKRFTLDLLKTGTTENHPLHVFS
SLIREDDGSLSNFLLPYISLDIIIKAEKGTPYADILNGIIIEFDSIFTCNLEGMNNLQVDSLRMCYESIFRVFEYCKKWA
TEFKQNYSKLHGTFIIKDTKTTNMLLRIDEFLRTTPSDLLAQRSLETDSFERSALYLEQCYRQNPHDKNQNGQLLKNLQI
TYEEIGDIDSLDGVLRTFATGNLVSKIEELQYSENWKLAQDCFNVLGKFSDDPKTTTRMLKSMYDHQLYSQIISNSSFHS
SDGKISLSPDVKEWYSIGLEAANLEGNVQTLKNWVEQIESLRNIDDREVLLQYNIAKALIAISNEDPLRTQKYIHNSFRL
IGTNFITSSKETTLLKKQNLLMKLHSLYDLSFLSSAKDKFEYKSNTTILDYRMERIGADFVPNHYILSMRKSFDQLKMNE
QADADLGKTFFTLAQLARNNARLDIASESLMHCLERRLPQAELEFAEILWKQGENDRALKIVQEIHEKYQENSSVNARDR
AAVLLKFTEWLDLSNNSASEQIIKQYQDIFQIDSKWDKPYYSIGLYYSRLLERKKAEGYITNGRFEYRAISYFLLAFEKN
TAKVRENLPKVITFWLDIAAASISEAPGNRKEMLSKATEDICSHVEEALQHCPTYIWYFVLTQLLSRLLHSHQSSAQIIM
HILLSLAVEYPSHILWYITALVNSNSSKRVLRGKHILEKYRQHSQNPHDLVSSALDLTKALTRVCLQDVKSITSRSGKSL
EKDFKFDMNVAPSAMVVPVRKNLDIISPLESNSMRGYQPFRPVVSIIRFGSSYKVFSSLKKPKQLNIIGSDGNIYGIMCK
KEDVRQDNQYMQFATTMDFLLSKDIASRKRSLGINIYSVLSLREDCGILEMVPNVVTLRSILSTKYESLKIKYSLKSLHD
RWQHTAVDGKLEFYMEQVDKFPPILYQWFLENFPDPINWFNARNTYARSYAVMAMVGHILGLGDRHCENILLDIQTGKVL
HVDFDCLFEKGKRLPVPEIVPFRLTPNLLDALGIIGTEGTFKKSSEVTLALMRKNEVALMNVIETIMYDRNMDHSIQKAL
KVLRNKIRGIDPQDGLVLSVAGQTETLIQEATSEDNLSKMYIGWLPFW
;
F,E
2 'polypeptide(L)'
;MRRETVGEFSSDDDDDILLELGTRPPRFTQIPPSSAALQTQIPTTLEVTTTTLNNKQSKNDNQLVNQLNKAQGEASMLRD
KINFLNIEREKEKNIQAVKVNELQVKHLQELAKLKQELQKLEDEKKFLQMEARGKSKREVITNVKPPSTTLSTNTNTITP
DSSSVAIEAKPQSPQSKKRKISDNLLKKNMVPLNPNRIIPDETSLFLESILLHQIIGADLSTIEILNRLKLDYITEFKFK
NFVIAKGAPIGKSIVSLLLRCKKTLTLDRFIDTLLEDIAVLIKEISVHPNESKLAVPFLVALMYQIVQFRPSATHNLALK
DCFLFICDLIRIYHHVLKVPIHESNMNLHVEPQIFQYELIDYLIISYSFDLLEGILRVLQSHPKQTYMEFFDENILKSFE
FVYKLALTISYKPMVNVIFSAVEVVNIITSIILNMDNSSDLKSLISGSWWRDCITRLYALLEKEIKSGDVYNENVDTTTL
HMSKYHDFFGLIRNIGDNELGGLISKLIYTDRLQSVPRVISKEDIGMDSDKFTAPIIGYKMEKWLLKLKDEVLNIFENLL
MIYGDDATIVNGEMLIHSSKFLSREQALMIERYVGQDSPNLDLRCHLIEHTLTIIYRLWKDHFKQLREEQIKQVESQLIM
SLWRFLVCQTETVTANEREMRDHRHLVDSLHDLTIKDQASYYEDAFEDLPEYIEEELKMQLNKRTGRIMQVKYDEKFQEM
ARTILESKSFDLTTLEEADSLYISMGL
;
C,D
#
# COMPACT_ATOMS: atom_id res chain seq x y z
N GLU A 2 -31.15 -49.26 -64.45
CA GLU A 2 -30.92 -48.81 -65.82
C GLU A 2 -29.53 -49.21 -66.30
N SER A 3 -29.44 -49.55 -67.59
CA SER A 3 -28.16 -49.88 -68.20
C SER A 3 -27.41 -48.67 -68.65
N HIS A 4 -27.91 -47.47 -68.36
CA HIS A 4 -27.14 -46.27 -68.65
C HIS A 4 -25.90 -46.17 -67.77
N VAL A 5 -25.79 -47.01 -66.74
CA VAL A 5 -24.52 -47.24 -66.09
C VAL A 5 -23.48 -47.66 -67.12
N LYS A 6 -23.83 -48.64 -67.95
CA LYS A 6 -22.95 -49.06 -69.04
C LYS A 6 -22.84 -48.02 -70.14
N TYR A 7 -23.84 -47.14 -70.28
CA TYR A 7 -23.74 -46.05 -71.25
C TYR A 7 -22.65 -45.07 -70.85
N LEU A 8 -22.67 -44.63 -69.58
CA LEU A 8 -21.58 -43.84 -69.04
C LEU A 8 -20.27 -44.62 -69.03
N ASP A 9 -20.34 -45.95 -68.86
CA ASP A 9 -19.15 -46.77 -68.93
C ASP A 9 -18.53 -46.72 -70.32
N GLU A 10 -19.36 -46.81 -71.36
CA GLU A 10 -18.86 -46.70 -72.71
C GLU A 10 -18.25 -45.33 -72.97
N LEU A 11 -18.91 -44.28 -72.49
CA LEU A 11 -18.37 -42.94 -72.70
C LEU A 11 -17.04 -42.76 -71.98
N ILE A 12 -16.93 -43.26 -70.75
CA ILE A 12 -15.67 -43.12 -70.02
C ILE A 12 -14.58 -44.01 -70.62
N LEU A 13 -14.94 -45.17 -71.14
CA LEU A 13 -13.96 -45.99 -71.84
C LEU A 13 -13.45 -45.28 -73.08
N ALA A 14 -14.35 -44.58 -73.80
CA ALA A 14 -13.92 -43.80 -74.95
C ALA A 14 -12.96 -42.69 -74.55
N ILE A 15 -13.28 -41.96 -73.47
CA ILE A 15 -12.41 -40.83 -73.09
C ILE A 15 -11.07 -41.36 -72.59
N LYS A 16 -11.08 -42.50 -71.88
CA LYS A 16 -9.84 -43.12 -71.46
C LYS A 16 -9.01 -43.55 -72.66
N ASP A 17 -9.65 -44.05 -73.71
CA ASP A 17 -8.93 -44.37 -74.94
C ASP A 17 -8.28 -43.13 -75.53
N LEU A 18 -9.03 -42.03 -75.63
CA LEU A 18 -8.45 -40.79 -76.14
C LEU A 18 -7.52 -40.17 -75.11
N ASN A 19 -6.25 -40.57 -75.11
CA ASN A 19 -5.31 -40.07 -74.12
C ASN A 19 -4.74 -38.72 -74.53
N SER A 20 -3.96 -38.70 -75.60
CA SER A 20 -3.27 -37.50 -76.09
C SER A 20 -2.60 -37.86 -77.40
N GLY A 21 -1.84 -36.92 -77.95
CA GLY A 21 -1.00 -37.24 -79.10
C GLY A 21 0.04 -38.29 -78.77
N VAL A 22 0.62 -38.22 -77.58
CA VAL A 22 1.60 -39.20 -77.11
C VAL A 22 0.98 -39.99 -75.96
N ASP A 23 1.73 -40.95 -75.43
CA ASP A 23 1.18 -41.82 -74.39
C ASP A 23 0.75 -41.03 -73.16
N SER A 24 1.66 -40.21 -72.63
CA SER A 24 1.32 -39.36 -71.49
C SER A 24 0.19 -38.42 -71.88
N LYS A 25 -0.82 -38.28 -71.00
CA LYS A 25 -2.12 -37.74 -71.37
C LYS A 25 -2.55 -36.62 -70.44
N VAL A 26 -2.04 -35.41 -70.66
CA VAL A 26 -2.70 -34.22 -70.13
C VAL A 26 -2.85 -33.18 -71.24
N GLN A 27 -1.73 -32.80 -71.85
CA GLN A 27 -1.73 -31.84 -72.95
C GLN A 27 -2.36 -30.51 -72.53
N ILE A 28 -1.62 -29.82 -71.65
CA ILE A 28 -2.07 -28.55 -71.05
C ILE A 28 -2.74 -27.64 -72.07
N LYS A 29 -2.20 -27.57 -73.29
CA LYS A 29 -2.67 -26.62 -74.28
C LYS A 29 -3.63 -27.28 -75.25
N LYS A 30 -4.36 -26.44 -75.97
CA LYS A 30 -5.45 -26.90 -76.82
C LYS A 30 -4.94 -27.77 -77.95
N VAL A 31 -5.75 -28.76 -78.35
CA VAL A 31 -5.48 -29.59 -79.51
C VAL A 31 -6.69 -29.54 -80.45
N PRO A 32 -6.87 -28.46 -81.21
CA PRO A 32 -8.02 -28.33 -82.13
C PRO A 32 -7.95 -29.28 -83.32
N SER A 44 -9.18 -34.05 -79.95
CA SER A 44 -9.48 -33.05 -80.97
C SER A 44 -10.91 -32.54 -80.85
N LEU A 45 -11.31 -32.22 -79.61
CA LEU A 45 -12.65 -31.70 -79.29
C LEU A 45 -13.75 -32.56 -79.92
N LYS A 46 -13.59 -33.88 -79.81
CA LYS A 46 -14.57 -34.82 -80.32
C LYS A 46 -15.56 -35.27 -79.25
N ILE A 47 -15.16 -35.25 -77.98
CA ILE A 47 -16.01 -35.74 -76.89
C ILE A 47 -16.78 -34.53 -76.35
N LEU A 48 -16.86 -33.48 -77.15
CA LEU A 48 -17.52 -32.25 -76.72
C LEU A 48 -18.97 -32.50 -76.31
N ASN A 49 -19.70 -33.27 -77.13
CA ASN A 49 -21.11 -33.53 -76.85
C ASN A 49 -21.28 -34.31 -75.54
N THR A 50 -20.46 -35.36 -75.35
CA THR A 50 -20.55 -36.14 -74.11
C THR A 50 -20.18 -35.29 -72.90
N LEU A 51 -19.16 -34.45 -73.03
CA LEU A 51 -18.75 -33.62 -71.91
C LEU A 51 -19.87 -32.67 -71.50
N ILE A 52 -20.51 -32.03 -72.48
CA ILE A 52 -21.66 -31.17 -72.15
C ILE A 52 -22.78 -32.00 -71.56
N ARG A 53 -23.02 -33.20 -72.09
CA ARG A 53 -24.13 -34.01 -71.63
C ARG A 53 -23.93 -34.49 -70.20
N ASN A 54 -22.68 -34.58 -69.75
CA ASN A 54 -22.38 -35.00 -68.38
C ASN A 54 -23.21 -34.19 -67.39
N LEU A 55 -23.34 -32.90 -67.66
CA LEU A 55 -24.11 -31.98 -66.83
C LEU A 55 -25.48 -31.68 -67.44
N LYS A 56 -25.64 -31.87 -68.76
CA LYS A 56 -26.94 -31.70 -69.40
C LYS A 56 -27.95 -32.70 -68.86
N ASP A 57 -27.55 -33.95 -68.64
CA ASP A 57 -28.42 -34.97 -68.08
C ASP A 57 -28.22 -35.17 -66.59
N GLN A 58 -27.33 -34.40 -65.97
CA GLN A 58 -27.22 -34.44 -64.51
C GLN A 58 -28.44 -33.83 -63.83
N ARG A 59 -29.27 -33.11 -64.58
CA ARG A 59 -30.52 -32.54 -64.10
C ARG A 59 -31.69 -33.52 -64.28
N ARG A 60 -31.51 -34.74 -63.80
CA ARG A 60 -32.54 -35.77 -63.92
C ARG A 60 -32.68 -36.47 -62.58
N ASN A 61 -33.47 -37.55 -62.56
CA ASN A 61 -33.86 -38.17 -61.29
C ASN A 61 -33.87 -39.69 -61.33
N ASN A 62 -33.24 -40.32 -62.33
CA ASN A 62 -33.32 -41.76 -62.44
C ASN A 62 -32.14 -42.45 -61.75
N ILE A 63 -30.93 -42.20 -62.23
CA ILE A 63 -29.73 -42.75 -61.62
C ILE A 63 -28.75 -41.60 -61.43
N MET A 64 -29.21 -40.39 -61.74
CA MET A 64 -28.45 -39.19 -61.43
C MET A 64 -28.47 -38.86 -59.95
N LYS A 65 -29.25 -39.60 -59.15
CA LYS A 65 -29.21 -39.52 -57.70
C LYS A 65 -28.52 -40.72 -57.08
N ASN A 66 -28.08 -41.69 -57.87
CA ASN A 66 -27.38 -42.83 -57.32
C ASN A 66 -25.93 -42.44 -57.01
N ASP A 67 -25.22 -43.42 -56.44
CA ASP A 67 -23.81 -43.21 -56.05
C ASP A 67 -23.00 -44.33 -56.70
N THR A 68 -22.17 -45.04 -55.94
CA THR A 68 -21.39 -46.21 -56.43
C THR A 68 -21.09 -46.11 -57.94
N ILE A 69 -21.82 -46.86 -58.79
CA ILE A 69 -21.54 -46.91 -60.26
C ILE A 69 -21.54 -45.50 -60.88
N PHE A 70 -22.71 -44.85 -60.99
CA PHE A 70 -22.80 -43.46 -61.49
C PHE A 70 -21.78 -42.55 -60.79
N SER A 71 -21.55 -42.69 -59.48
CA SER A 71 -20.62 -41.75 -58.80
C SER A 71 -19.21 -41.89 -59.38
N LYS A 72 -18.72 -43.13 -59.51
CA LYS A 72 -17.37 -43.39 -60.08
C LYS A 72 -17.35 -43.01 -61.57
N THR A 73 -18.49 -43.05 -62.25
CA THR A 73 -18.52 -42.61 -63.65
C THR A 73 -18.23 -41.12 -63.71
N VAL A 74 -18.71 -40.38 -62.71
CA VAL A 74 -18.47 -38.94 -62.66
C VAL A 74 -17.04 -38.65 -62.23
N SER A 75 -16.46 -39.52 -61.41
CA SER A 75 -15.07 -39.34 -61.01
C SER A 75 -14.19 -39.57 -62.22
N ALA A 76 -14.58 -40.50 -63.09
CA ALA A 76 -13.82 -40.76 -64.31
C ALA A 76 -13.97 -39.62 -65.30
N LEU A 77 -15.11 -38.94 -65.27
CA LEU A 77 -15.31 -37.79 -66.14
C LEU A 77 -14.40 -36.64 -65.73
N ALA A 78 -14.14 -36.51 -64.42
CA ALA A 78 -13.23 -35.48 -63.95
C ALA A 78 -11.83 -35.77 -64.46
N LEU A 79 -11.43 -37.04 -64.46
CA LEU A 79 -10.10 -37.41 -64.96
C LEU A 79 -9.98 -37.16 -66.46
N LEU A 80 -11.10 -37.12 -67.16
CA LEU A 80 -11.07 -36.89 -68.60
C LEU A 80 -10.81 -35.44 -68.93
N LEU A 81 -11.27 -34.53 -68.06
CA LEU A 81 -11.03 -33.10 -68.27
C LEU A 81 -9.64 -32.72 -67.84
N GLU A 82 -8.96 -33.61 -67.10
CA GLU A 82 -7.59 -33.36 -66.71
C GLU A 82 -6.72 -34.06 -67.75
N TYR A 83 -7.31 -35.01 -68.46
CA TYR A 83 -6.59 -35.69 -69.53
C TYR A 83 -6.64 -34.78 -70.74
N ASN A 84 -7.51 -33.78 -70.68
CA ASN A 84 -7.58 -32.81 -71.76
C ASN A 84 -7.16 -31.48 -71.18
N PRO A 85 -6.77 -31.46 -69.89
CA PRO A 85 -6.36 -30.22 -69.20
C PRO A 85 -7.15 -28.98 -69.62
N PHE A 86 -6.54 -28.12 -70.45
CA PHE A 86 -7.22 -26.90 -70.89
C PHE A 86 -7.33 -26.78 -72.40
N LEU A 87 -8.52 -26.97 -72.94
CA LEU A 87 -8.73 -26.85 -74.37
C LEU A 87 -9.06 -25.42 -74.74
N LEU A 88 -9.06 -24.53 -73.75
CA LEU A 88 -9.40 -23.14 -74.00
C LEU A 88 -8.21 -22.33 -74.50
N VAL A 89 -7.05 -22.97 -74.62
CA VAL A 89 -5.87 -22.29 -75.15
C VAL A 89 -6.11 -21.86 -76.58
N MET A 90 -7.07 -22.49 -77.25
CA MET A 90 -7.40 -22.11 -78.62
C MET A 90 -8.87 -22.37 -78.92
N LYS A 91 -9.60 -22.95 -77.98
CA LYS A 91 -11.00 -23.27 -78.22
C LYS A 91 -11.86 -23.17 -76.97
N ASP A 92 -12.83 -24.08 -76.82
CA ASP A 92 -13.71 -24.09 -75.64
C ASP A 92 -13.99 -22.75 -74.96
N SER A 93 -14.85 -21.94 -75.57
CA SER A 93 -15.17 -20.63 -74.98
C SER A 93 -16.65 -20.28 -75.13
N ASN A 94 -17.10 -19.27 -74.39
CA ASN A 94 -18.51 -18.84 -74.45
C ASN A 94 -18.62 -17.33 -74.45
N GLY A 95 -19.84 -16.81 -74.31
CA GLY A 95 -20.04 -15.36 -74.25
C GLY A 95 -19.30 -14.80 -73.07
N ASN A 96 -19.69 -15.16 -71.86
CA ASN A 96 -18.96 -14.75 -70.67
C ASN A 96 -17.86 -15.76 -70.40
N PHE A 97 -18.05 -16.57 -69.38
CA PHE A 97 -17.09 -17.62 -69.07
C PHE A 97 -17.76 -18.98 -69.14
N GLU A 98 -17.13 -19.91 -69.82
CA GLU A 98 -17.68 -21.26 -69.91
C GLU A 98 -17.47 -21.98 -68.60
N ILE A 99 -16.38 -21.66 -67.91
CA ILE A 99 -16.10 -22.28 -66.61
C ILE A 99 -17.17 -21.90 -65.61
N GLN A 100 -17.86 -20.80 -65.85
CA GLN A 100 -18.94 -20.38 -64.96
C GLN A 100 -20.28 -21.02 -65.35
N ARG A 101 -20.54 -21.17 -66.65
CA ARG A 101 -21.71 -21.93 -67.07
C ARG A 101 -21.58 -23.40 -66.72
N LEU A 102 -20.39 -23.83 -66.32
CA LEU A 102 -20.17 -25.12 -65.68
C LEU A 102 -20.48 -25.07 -64.19
N ILE A 103 -19.94 -24.05 -63.51
CA ILE A 103 -20.09 -23.94 -62.06
C ILE A 103 -21.55 -23.78 -61.68
N ASP A 104 -22.33 -23.06 -62.50
CA ASP A 104 -23.71 -22.76 -62.12
C ASP A 104 -24.58 -24.02 -62.14
N ASP A 105 -24.49 -24.81 -63.20
CA ASP A 105 -25.22 -26.06 -63.18
C ASP A 105 -24.59 -27.08 -62.24
N PHE A 106 -23.30 -26.93 -61.93
CA PHE A 106 -22.72 -27.69 -60.83
C PHE A 106 -23.35 -27.32 -59.50
N LEU A 107 -23.73 -26.05 -59.33
CA LEU A 107 -24.40 -25.68 -58.10
C LEU A 107 -25.87 -26.10 -58.13
N ASN A 108 -26.44 -26.25 -59.33
CA ASN A 108 -27.74 -26.90 -59.45
C ASN A 108 -27.68 -28.35 -58.99
N ILE A 109 -26.70 -29.10 -59.47
CA ILE A 109 -26.53 -30.46 -58.97
C ILE A 109 -26.12 -30.45 -57.51
N SER A 110 -25.55 -29.36 -57.02
CA SER A 110 -25.28 -29.21 -55.59
C SER A 110 -26.57 -29.12 -54.79
N VAL A 111 -27.48 -28.23 -55.20
CA VAL A 111 -28.76 -28.15 -54.48
C VAL A 111 -29.51 -29.46 -54.65
N LEU A 112 -29.20 -30.23 -55.68
CA LEU A 112 -29.66 -31.61 -55.71
C LEU A 112 -29.00 -32.43 -54.60
N ASN A 113 -27.68 -32.28 -54.42
CA ASN A 113 -26.92 -32.93 -53.38
C ASN A 113 -26.82 -32.09 -52.11
N TYR A 114 -27.84 -31.26 -51.86
CA TYR A 114 -27.74 -30.19 -50.87
C TYR A 114 -27.34 -30.72 -49.51
N ASP A 115 -27.96 -31.81 -49.07
CA ASP A 115 -27.81 -32.27 -47.70
C ASP A 115 -26.61 -33.20 -47.52
N ASN A 116 -26.34 -34.07 -48.50
CA ASN A 116 -25.33 -35.10 -48.30
C ASN A 116 -23.96 -34.46 -48.23
N TYR A 117 -23.42 -34.40 -47.02
CA TYR A 117 -22.08 -33.87 -46.82
C TYR A 117 -21.05 -34.64 -47.63
N HIS A 118 -21.25 -35.95 -47.78
CA HIS A 118 -20.44 -36.74 -48.70
C HIS A 118 -20.43 -36.10 -50.07
N ARG A 119 -21.63 -35.98 -50.66
CA ARG A 119 -21.86 -35.56 -52.03
C ARG A 119 -21.51 -34.13 -52.26
N ILE A 120 -21.31 -33.35 -51.21
CA ILE A 120 -20.89 -31.97 -51.36
C ILE A 120 -19.39 -31.81 -51.20
N TRP A 121 -18.76 -32.50 -50.23
CA TRP A 121 -17.31 -32.43 -50.11
C TRP A 121 -16.63 -32.99 -51.35
N PHE A 122 -17.08 -34.16 -51.81
CA PHE A 122 -16.42 -34.74 -52.99
C PHE A 122 -16.58 -33.83 -54.20
N MET A 123 -17.79 -33.34 -54.44
CA MET A 123 -18.05 -32.56 -55.65
C MET A 123 -17.25 -31.26 -55.62
N ARG A 124 -17.19 -30.60 -54.45
CA ARG A 124 -16.48 -29.34 -54.43
C ARG A 124 -14.97 -29.51 -54.25
N ARG A 125 -14.48 -30.69 -53.84
CA ARG A 125 -13.04 -30.91 -53.93
C ARG A 125 -12.60 -31.17 -55.37
N LYS A 126 -13.39 -31.92 -56.13
CA LYS A 126 -13.00 -32.08 -57.53
C LYS A 126 -13.17 -30.78 -58.32
N LEU A 127 -14.24 -30.03 -58.07
CA LEU A 127 -14.32 -28.71 -58.71
C LEU A 127 -13.28 -27.76 -58.14
N GLY A 128 -12.83 -28.00 -56.92
CA GLY A 128 -11.68 -27.29 -56.41
C GLY A 128 -10.54 -27.54 -57.37
N SER A 129 -10.18 -28.81 -57.56
CA SER A 129 -9.16 -29.16 -58.53
C SER A 129 -9.39 -28.39 -59.84
N TRP A 130 -10.65 -28.32 -60.27
CA TRP A 130 -10.99 -27.67 -61.53
C TRP A 130 -10.59 -26.20 -61.53
N CYS A 131 -10.86 -25.50 -60.41
CA CYS A 131 -10.71 -24.05 -60.34
C CYS A 131 -9.39 -23.64 -59.70
N LYS A 132 -9.15 -24.07 -58.46
CA LYS A 132 -7.87 -23.82 -57.82
C LYS A 132 -6.72 -24.46 -58.56
N ALA A 133 -6.95 -25.53 -59.34
CA ALA A 133 -5.88 -26.25 -59.99
C ALA A 133 -6.00 -26.29 -61.51
N CYS A 134 -7.13 -26.72 -62.04
CA CYS A 134 -7.17 -27.03 -63.47
C CYS A 134 -7.42 -25.79 -64.33
N VAL A 135 -7.55 -24.62 -63.69
CA VAL A 135 -7.32 -23.34 -64.35
C VAL A 135 -6.04 -22.70 -63.84
N GLU A 136 -5.41 -23.30 -62.83
CA GLU A 136 -4.22 -22.75 -62.20
C GLU A 136 -3.04 -22.84 -63.16
N PHE A 137 -3.27 -23.44 -64.33
CA PHE A 137 -2.33 -23.29 -65.44
C PHE A 137 -2.05 -21.81 -65.68
N TYR A 138 -3.12 -21.02 -65.79
CA TYR A 138 -3.02 -19.58 -66.07
C TYR A 138 -2.98 -18.75 -64.79
N GLY A 139 -4.04 -18.83 -63.99
CA GLY A 139 -4.15 -17.98 -62.82
C GLY A 139 -4.95 -16.72 -63.09
N LYS A 140 -4.25 -15.61 -63.28
CA LYS A 140 -4.81 -14.26 -63.30
C LYS A 140 -6.08 -14.09 -64.16
N PRO A 141 -6.01 -14.22 -65.50
CA PRO A 141 -7.13 -13.75 -66.33
C PRO A 141 -8.40 -14.58 -66.17
N ALA A 142 -8.34 -15.90 -66.34
CA ALA A 142 -9.57 -16.70 -66.10
C ALA A 142 -10.07 -16.47 -64.67
N LYS A 143 -9.18 -16.60 -63.67
CA LYS A 143 -9.57 -16.39 -62.26
C LYS A 143 -10.34 -15.09 -62.12
N PHE A 144 -9.86 -13.99 -62.72
CA PHE A 144 -10.52 -12.67 -62.54
C PHE A 144 -12.01 -12.77 -62.89
N GLN A 145 -12.34 -13.21 -64.11
CA GLN A 145 -13.77 -13.25 -64.53
C GLN A 145 -14.53 -14.28 -63.70
N LEU A 146 -13.88 -15.40 -63.33
CA LEU A 146 -14.54 -16.39 -62.45
C LEU A 146 -15.00 -15.68 -61.18
N THR A 147 -14.07 -14.99 -60.50
CA THR A 147 -14.37 -14.26 -59.23
C THR A 147 -15.46 -13.22 -59.49
N ALA A 148 -15.39 -12.50 -60.61
CA ALA A 148 -16.44 -11.49 -60.95
C ALA A 148 -17.82 -12.17 -60.92
N HIS A 149 -17.99 -13.25 -61.69
CA HIS A 149 -19.32 -13.91 -61.77
C HIS A 149 -19.70 -14.47 -60.39
N PHE A 150 -18.73 -14.99 -59.62
CA PHE A 150 -19.01 -15.51 -58.26
C PHE A 150 -19.61 -14.39 -57.40
N GLU A 151 -18.98 -13.22 -57.41
CA GLU A 151 -19.47 -12.06 -56.63
C GLU A 151 -20.85 -11.65 -57.14
N ASN A 152 -21.06 -11.66 -58.46
CA ASN A 152 -22.42 -11.37 -58.99
C ASN A 152 -23.43 -12.31 -58.33
N THR A 153 -23.17 -13.63 -58.39
CA THR A 153 -24.08 -14.64 -57.78
C THR A 153 -24.30 -14.33 -56.30
N MET A 154 -23.24 -14.04 -55.55
CA MET A 154 -23.35 -13.76 -54.10
C MET A 154 -24.29 -12.57 -53.88
N ASN A 155 -24.07 -11.47 -54.60
CA ASN A 155 -24.92 -10.25 -54.45
C ASN A 155 -26.37 -10.60 -54.79
N LEU A 156 -26.60 -11.36 -55.86
CA LEU A 156 -27.97 -11.78 -56.24
C LEU A 156 -28.62 -12.51 -55.06
N TYR A 157 -27.92 -13.52 -54.51
CA TYR A 157 -28.46 -14.30 -53.37
C TYR A 157 -28.78 -13.36 -52.20
N GLU A 158 -27.87 -12.42 -51.88
CA GLU A 158 -28.07 -11.51 -50.73
C GLU A 158 -29.31 -10.63 -50.96
N GLN A 159 -29.50 -10.14 -52.19
CA GLN A 159 -30.66 -9.25 -52.50
C GLN A 159 -31.96 -10.07 -52.46
N ALA A 160 -31.88 -11.37 -52.82
CA ALA A 160 -33.09 -12.23 -52.73
C ALA A 160 -33.40 -12.51 -51.25
N LEU A 161 -32.37 -12.59 -50.40
CA LEU A 161 -32.56 -12.92 -48.96
C LEU A 161 -33.32 -11.80 -48.23
N THR A 162 -33.58 -10.67 -48.89
CA THR A 162 -34.23 -9.55 -48.19
C THR A 162 -35.76 -9.66 -48.19
N GLU A 163 -36.37 -9.77 -49.36
CA GLU A 163 -37.82 -9.65 -49.47
C GLU A 163 -38.56 -10.85 -48.85
N VAL A 164 -37.86 -11.92 -48.49
CA VAL A 164 -38.48 -13.01 -47.74
C VAL A 164 -38.69 -12.64 -46.27
N LEU A 165 -38.08 -11.54 -45.82
CA LEU A 165 -38.35 -11.01 -44.48
C LEU A 165 -39.77 -10.47 -44.34
N LEU A 166 -40.50 -10.34 -45.45
CA LEU A 166 -41.82 -9.71 -45.45
C LEU A 166 -42.90 -10.52 -46.16
N GLY A 167 -42.63 -11.76 -46.56
CA GLY A 167 -43.69 -12.71 -46.87
C GLY A 167 -44.10 -12.85 -48.31
N LYS A 168 -43.54 -12.09 -49.24
CA LYS A 168 -44.04 -12.10 -50.61
C LYS A 168 -43.28 -13.09 -51.48
N THR A 169 -42.87 -14.20 -50.90
CA THR A 169 -42.17 -15.28 -51.60
C THR A 169 -43.00 -16.55 -51.53
N GLU A 170 -42.42 -17.62 -52.06
CA GLU A 170 -43.06 -18.93 -52.09
C GLU A 170 -42.69 -19.69 -50.81
N LEU A 171 -42.97 -20.99 -50.79
CA LEU A 171 -42.58 -21.87 -49.69
C LEU A 171 -41.42 -22.76 -50.08
N LEU A 172 -41.56 -23.56 -51.14
CA LEU A 172 -40.43 -24.31 -51.65
C LEU A 172 -39.33 -23.38 -52.14
N LYS A 173 -39.70 -22.28 -52.80
CA LYS A 173 -38.69 -21.34 -53.29
C LYS A 173 -37.93 -20.71 -52.15
N PHE A 174 -38.62 -20.37 -51.05
CA PHE A 174 -37.92 -19.85 -49.89
C PHE A 174 -36.99 -20.89 -49.29
N TYR A 175 -37.49 -22.13 -49.18
CA TYR A 175 -36.65 -23.21 -48.68
C TYR A 175 -35.38 -23.34 -49.51
N ASP A 176 -35.53 -23.31 -50.82
CA ASP A 176 -34.42 -23.51 -51.74
C ASP A 176 -33.51 -22.29 -51.81
N THR A 177 -34.04 -21.08 -51.61
CA THR A 177 -33.17 -19.90 -51.53
C THR A 177 -32.29 -19.98 -50.29
N LEU A 178 -32.87 -20.36 -49.15
CA LEU A 178 -32.06 -20.48 -47.94
C LEU A 178 -31.14 -21.69 -48.03
N LYS A 179 -31.53 -22.70 -48.81
CA LYS A 179 -30.64 -23.84 -49.06
C LYS A 179 -29.49 -23.46 -49.98
N GLY A 180 -29.74 -22.66 -51.01
CA GLY A 180 -28.67 -22.18 -51.85
C GLY A 180 -27.70 -21.31 -51.08
N LEU A 181 -28.24 -20.49 -50.18
CA LEU A 181 -27.42 -19.90 -49.12
C LEU A 181 -26.49 -20.93 -48.50
N TYR A 182 -27.07 -21.99 -47.95
CA TYR A 182 -26.26 -23.03 -47.32
C TYR A 182 -25.24 -23.64 -48.25
N ILE A 183 -25.58 -23.77 -49.53
CA ILE A 183 -24.70 -24.48 -50.45
C ILE A 183 -23.49 -23.64 -50.79
N LEU A 184 -23.71 -22.36 -51.12
CA LEU A 184 -22.61 -21.41 -51.20
C LEU A 184 -21.80 -21.53 -49.91
N LEU A 185 -22.51 -21.64 -48.80
CA LEU A 185 -21.87 -21.51 -47.51
C LEU A 185 -20.91 -22.67 -47.26
N TYR A 186 -21.39 -23.91 -47.39
CA TYR A 186 -20.53 -25.07 -47.16
C TYR A 186 -19.43 -25.13 -48.21
N TRP A 187 -19.76 -24.85 -49.47
CA TRP A 187 -18.74 -24.69 -50.49
C TRP A 187 -17.64 -23.77 -49.98
N PHE A 188 -18.00 -22.82 -49.14
CA PHE A 188 -17.02 -21.87 -48.65
C PHE A 188 -16.44 -22.20 -47.29
N THR A 189 -16.94 -23.23 -46.59
CA THR A 189 -16.51 -23.51 -45.23
C THR A 189 -15.52 -24.67 -45.11
N SER A 190 -14.58 -24.78 -46.05
CA SER A 190 -13.49 -25.73 -45.97
C SER A 190 -12.18 -24.99 -45.76
N GLU A 191 -11.08 -25.73 -45.62
CA GLU A 191 -9.79 -25.07 -45.49
C GLU A 191 -9.11 -24.98 -46.86
N TYR A 192 -7.86 -24.49 -46.87
CA TYR A 192 -7.24 -24.08 -48.12
C TYR A 192 -7.21 -25.21 -49.15
N SER A 193 -7.05 -26.46 -48.71
CA SER A 193 -6.82 -27.57 -49.61
C SER A 193 -7.98 -27.78 -50.57
N THR A 194 -9.01 -26.94 -50.45
CA THR A 194 -10.19 -27.06 -51.29
C THR A 194 -10.35 -25.97 -52.33
N PHE A 195 -9.65 -24.84 -52.18
CA PHE A 195 -9.70 -23.79 -53.19
C PHE A 195 -8.37 -23.05 -53.21
N GLY A 196 -8.37 -21.86 -53.80
CA GLY A 196 -7.22 -20.99 -53.83
C GLY A 196 -7.61 -19.59 -54.26
N ASN A 197 -6.81 -18.99 -55.14
CA ASN A 197 -7.09 -17.67 -55.68
C ASN A 197 -8.23 -17.68 -56.70
N SER A 198 -8.75 -18.85 -57.06
CA SER A 198 -9.87 -18.93 -58.00
C SER A 198 -11.03 -18.09 -57.53
N ILE A 199 -11.45 -18.31 -56.28
CA ILE A 199 -12.48 -17.52 -55.63
C ILE A 199 -11.78 -16.41 -54.86
N ALA A 200 -12.37 -15.21 -54.90
CA ALA A 200 -11.68 -14.06 -54.35
C ALA A 200 -11.34 -14.25 -52.88
N PHE A 201 -12.26 -14.86 -52.14
CA PHE A 201 -12.20 -14.80 -50.68
C PHE A 201 -11.57 -16.01 -50.00
N LEU A 202 -11.28 -17.09 -50.71
CA LEU A 202 -10.58 -18.23 -50.12
C LEU A 202 -9.12 -18.30 -50.55
N ASP A 203 -8.45 -17.15 -50.62
CA ASP A 203 -7.10 -17.06 -51.19
C ASP A 203 -6.00 -16.95 -50.15
N SER A 204 -6.23 -16.27 -49.03
CA SER A 204 -5.18 -16.15 -48.03
C SER A 204 -5.09 -17.40 -47.17
N SER A 205 -4.38 -17.32 -46.04
CA SER A 205 -4.36 -18.39 -45.05
C SER A 205 -3.84 -17.79 -43.74
N LEU A 206 -3.48 -18.65 -42.79
CA LEU A 206 -3.14 -18.25 -41.43
C LEU A 206 -4.29 -17.52 -40.75
N GLY A 207 -5.36 -18.29 -40.51
CA GLY A 207 -6.47 -17.78 -39.74
C GLY A 207 -7.38 -16.82 -40.48
N PHE A 208 -6.95 -16.30 -41.63
CA PHE A 208 -7.84 -15.51 -42.46
C PHE A 208 -7.54 -15.77 -43.91
N THR A 209 -8.60 -16.00 -44.68
CA THR A 209 -8.65 -15.75 -46.10
C THR A 209 -9.63 -14.60 -46.27
N LYS A 210 -9.64 -13.96 -47.44
CA LYS A 210 -10.60 -12.88 -47.69
C LYS A 210 -12.04 -13.32 -47.42
N PHE A 211 -12.25 -14.61 -47.17
CA PHE A 211 -13.57 -15.14 -46.80
C PHE A 211 -13.83 -15.03 -45.31
N ASP A 212 -13.00 -15.65 -44.48
CA ASP A 212 -13.34 -16.00 -43.10
C ASP A 212 -14.25 -15.00 -42.40
N PHE A 213 -13.97 -13.72 -42.52
CA PHE A 213 -14.80 -12.78 -41.79
C PHE A 213 -15.74 -11.98 -42.67
N ASN A 214 -15.54 -11.99 -44.00
CA ASN A 214 -16.67 -11.79 -44.89
C ASN A 214 -17.77 -12.79 -44.53
N PHE A 215 -17.36 -13.98 -44.12
CA PHE A 215 -18.21 -15.08 -43.68
C PHE A 215 -18.78 -14.88 -42.30
N GLN A 216 -17.97 -14.45 -41.34
CA GLN A 216 -18.56 -14.11 -40.05
C GLN A 216 -19.64 -13.06 -40.23
N ARG A 217 -19.38 -12.09 -41.11
CA ARG A 217 -20.40 -11.10 -41.45
C ARG A 217 -21.61 -11.76 -42.11
N LEU A 218 -21.37 -12.70 -43.02
CA LEU A 218 -22.45 -13.51 -43.59
C LEU A 218 -23.27 -14.18 -42.50
N ILE A 219 -22.61 -14.84 -41.56
CA ILE A 219 -23.30 -15.62 -40.54
C ILE A 219 -24.12 -14.71 -39.66
N ARG A 220 -23.58 -13.56 -39.30
CA ARG A 220 -24.30 -12.68 -38.40
C ARG A 220 -25.44 -11.97 -39.11
N ILE A 221 -25.25 -11.58 -40.37
CA ILE A 221 -26.37 -11.03 -41.13
C ILE A 221 -27.45 -12.08 -41.38
N VAL A 222 -27.07 -13.34 -41.54
CA VAL A 222 -28.12 -14.34 -41.74
C VAL A 222 -28.77 -14.75 -40.42
N LEU A 223 -28.09 -14.62 -39.29
CA LEU A 223 -28.79 -14.72 -38.01
C LEU A 223 -29.82 -13.61 -37.88
N TYR A 224 -29.44 -12.40 -38.28
CA TYR A 224 -30.39 -11.30 -38.42
C TYR A 224 -31.59 -11.71 -39.27
N VAL A 225 -31.34 -12.28 -40.45
CA VAL A 225 -32.40 -12.66 -41.37
C VAL A 225 -33.25 -13.79 -40.81
N PHE A 226 -32.67 -14.67 -40.01
CA PHE A 226 -33.43 -15.77 -39.41
C PHE A 226 -34.34 -15.26 -38.31
N ASP A 227 -33.80 -14.43 -37.42
CA ASP A 227 -34.64 -13.83 -36.39
C ASP A 227 -35.64 -12.85 -36.99
N SER A 228 -35.45 -12.48 -38.26
CA SER A 228 -36.41 -11.64 -38.96
C SER A 228 -37.53 -12.46 -39.62
N CYS A 229 -37.18 -13.53 -40.33
CA CYS A 229 -38.12 -14.33 -41.09
C CYS A 229 -37.94 -15.81 -40.77
N GLU A 230 -39.06 -16.52 -40.61
CA GLU A 230 -39.04 -17.93 -40.22
C GLU A 230 -40.28 -18.64 -40.76
N LEU A 231 -40.29 -19.95 -40.59
CA LEU A 231 -41.42 -20.81 -40.93
C LEU A 231 -41.26 -22.11 -40.16
N ALA A 232 -42.36 -22.82 -39.95
CA ALA A 232 -42.42 -23.94 -39.01
C ALA A 232 -42.41 -25.30 -39.69
N ALA A 233 -41.63 -25.48 -40.76
CA ALA A 233 -41.52 -26.76 -41.44
C ALA A 233 -40.28 -27.51 -40.99
N LEU A 234 -40.40 -28.84 -40.88
CA LEU A 234 -39.27 -29.63 -40.37
C LEU A 234 -38.10 -29.61 -41.34
N GLU A 235 -38.36 -29.45 -42.63
CA GLU A 235 -37.24 -29.25 -43.55
C GLU A 235 -36.50 -27.96 -43.23
N TYR A 236 -37.22 -26.91 -42.79
CA TYR A 236 -36.57 -25.68 -42.39
C TYR A 236 -35.80 -25.90 -41.10
N ALA A 237 -36.36 -26.70 -40.20
CA ALA A 237 -35.60 -27.17 -39.05
C ALA A 237 -34.28 -27.77 -39.50
N GLU A 238 -34.32 -28.59 -40.54
CA GLU A 238 -33.09 -29.21 -41.03
C GLU A 238 -32.13 -28.19 -41.61
N ILE A 239 -32.65 -27.22 -42.37
CA ILE A 239 -31.78 -26.29 -43.08
C ILE A 239 -31.37 -25.17 -42.10
N GLN A 240 -31.72 -25.33 -40.84
CA GLN A 240 -31.09 -24.53 -39.79
C GLN A 240 -30.12 -25.33 -38.92
N LEU A 241 -30.47 -26.58 -38.61
CA LEU A 241 -29.53 -27.41 -37.87
C LEU A 241 -28.30 -27.72 -38.69
N LYS A 242 -28.47 -27.85 -40.01
CA LYS A 242 -27.31 -27.89 -40.88
C LYS A 242 -26.50 -26.60 -40.78
N TYR A 243 -27.15 -25.48 -40.45
CA TYR A 243 -26.37 -24.25 -40.35
C TYR A 243 -25.52 -24.23 -39.10
N ILE A 244 -26.01 -24.81 -37.99
CA ILE A 244 -25.08 -24.91 -36.86
C ILE A 244 -23.99 -25.92 -37.18
N SER A 245 -24.34 -27.00 -37.90
CA SER A 245 -23.34 -27.93 -38.39
C SER A 245 -22.25 -27.21 -39.17
N LEU A 246 -22.64 -26.28 -40.05
CA LEU A 246 -21.66 -25.55 -40.83
C LEU A 246 -20.91 -24.51 -40.00
N VAL A 247 -21.56 -23.91 -39.00
CA VAL A 247 -20.83 -22.91 -38.24
C VAL A 247 -19.79 -23.59 -37.37
N VAL A 248 -19.88 -24.91 -37.19
CA VAL A 248 -18.72 -25.61 -36.63
C VAL A 248 -17.85 -26.23 -37.73
N ASP A 249 -18.39 -26.42 -38.94
CA ASP A 249 -17.54 -26.82 -40.07
C ASP A 249 -16.61 -25.68 -40.48
N TYR A 250 -17.02 -24.46 -40.16
CA TYR A 250 -16.18 -23.26 -40.14
C TYR A 250 -14.89 -23.44 -39.36
N VAL A 251 -14.95 -24.13 -38.22
CA VAL A 251 -13.80 -24.20 -37.33
C VAL A 251 -13.05 -25.51 -37.51
N CYS A 252 -13.74 -26.57 -37.91
CA CYS A 252 -13.07 -27.88 -37.99
C CYS A 252 -11.87 -27.82 -38.93
N ASN A 253 -12.02 -27.09 -40.04
CA ASN A 253 -10.90 -26.96 -41.02
C ASN A 253 -10.00 -25.82 -40.56
N ARG A 254 -10.54 -24.88 -39.78
CA ARG A 254 -9.72 -23.79 -39.20
C ARG A 254 -9.09 -24.32 -37.91
N THR A 255 -8.60 -25.56 -37.92
CA THR A 255 -7.88 -26.13 -36.75
C THR A 255 -6.48 -26.51 -37.22
N ILE A 256 -5.51 -26.56 -36.30
CA ILE A 256 -4.12 -26.98 -36.68
C ILE A 256 -4.10 -28.51 -36.85
N SER A 257 -5.28 -29.15 -36.94
CA SER A 257 -5.36 -30.64 -37.08
C SER A 257 -4.32 -31.29 -36.18
N THR A 258 -4.47 -31.14 -34.86
CA THR A 258 -3.46 -31.68 -33.91
C THR A 258 -3.52 -33.21 -33.90
N ALA A 259 -2.99 -33.86 -34.93
CA ALA A 259 -2.92 -35.34 -35.00
C ALA A 259 -4.24 -36.00 -34.61
N LEU A 260 -4.33 -36.49 -33.38
CA LEU A 260 -5.51 -37.24 -32.93
C LEU A 260 -6.19 -36.65 -31.73
N ASP A 261 -5.47 -35.94 -30.85
CA ASP A 261 -6.10 -35.07 -29.88
C ASP A 261 -7.06 -34.15 -30.60
N ALA A 262 -8.14 -33.80 -29.94
CA ALA A 262 -9.15 -32.99 -30.59
C ALA A 262 -8.48 -31.77 -31.17
N PRO A 263 -8.60 -31.52 -32.45
CA PRO A 263 -7.69 -30.58 -33.12
C PRO A 263 -7.78 -29.16 -32.59
N ALA A 264 -6.71 -28.70 -31.94
CA ALA A 264 -6.65 -27.32 -31.44
C ALA A 264 -6.94 -26.34 -32.58
N LEU A 265 -7.30 -25.13 -32.23
CA LEU A 265 -7.78 -24.16 -33.21
C LEU A 265 -6.63 -23.30 -33.70
N VAL A 266 -6.67 -22.98 -34.99
CA VAL A 266 -5.74 -21.98 -35.49
C VAL A 266 -6.10 -20.62 -34.93
N CYS A 267 -7.39 -20.35 -34.77
CA CYS A 267 -7.83 -18.99 -34.46
C CYS A 267 -8.97 -18.97 -33.44
N CYS A 268 -8.61 -18.52 -32.26
CA CYS A 268 -9.53 -18.42 -31.15
C CYS A 268 -10.63 -17.42 -31.52
N GLU A 269 -10.49 -16.73 -32.65
CA GLU A 269 -11.61 -15.90 -33.09
C GLU A 269 -12.69 -16.72 -33.77
N GLN A 270 -12.33 -17.72 -34.59
CA GLN A 270 -13.35 -18.74 -34.88
C GLN A 270 -13.91 -19.30 -33.59
N LEU A 271 -13.06 -19.48 -32.58
CA LEU A 271 -13.59 -20.08 -31.37
C LEU A 271 -14.68 -19.22 -30.73
N LYS A 272 -14.35 -17.97 -30.38
CA LYS A 272 -15.35 -17.04 -29.86
C LYS A 272 -16.52 -16.82 -30.80
N PHE A 273 -16.27 -16.75 -32.11
CA PHE A 273 -17.38 -16.51 -33.01
C PHE A 273 -18.39 -17.63 -32.94
N VAL A 274 -17.93 -18.87 -33.01
CA VAL A 274 -18.86 -20.00 -33.01
C VAL A 274 -19.51 -20.15 -31.64
N LEU A 275 -18.75 -19.89 -30.57
CA LEU A 275 -19.32 -19.82 -29.22
C LEU A 275 -20.53 -18.91 -29.20
N THR A 276 -20.31 -17.64 -29.56
CA THR A 276 -21.40 -16.69 -29.64
C THR A 276 -22.52 -17.18 -30.56
N THR A 277 -22.17 -17.83 -31.67
CA THR A 277 -23.17 -18.14 -32.69
C THR A 277 -24.10 -19.27 -32.26
N MET A 278 -23.55 -20.43 -31.88
CA MET A 278 -24.45 -21.46 -31.38
C MET A 278 -25.03 -21.14 -30.03
N HIS A 279 -24.46 -20.21 -29.26
CA HIS A 279 -25.12 -19.89 -28.01
C HIS A 279 -26.34 -19.01 -28.26
N HIS A 280 -26.21 -18.04 -29.16
CA HIS A 280 -27.40 -17.36 -29.67
C HIS A 280 -28.34 -18.31 -30.39
N PHE A 281 -27.87 -19.46 -30.87
CA PHE A 281 -28.82 -20.41 -31.44
C PHE A 281 -29.49 -21.29 -30.40
N LEU A 282 -28.82 -21.56 -29.27
CA LEU A 282 -29.54 -22.04 -28.11
C LEU A 282 -30.70 -21.11 -27.82
N ASP A 283 -30.44 -19.81 -27.93
CA ASP A 283 -31.50 -18.83 -27.76
C ASP A 283 -32.58 -18.96 -28.85
N ASN A 284 -32.18 -19.07 -30.11
CA ASN A 284 -33.16 -19.00 -31.19
C ASN A 284 -34.15 -20.16 -31.14
N LYS A 285 -33.65 -21.39 -31.10
CA LYS A 285 -34.47 -22.59 -31.11
C LYS A 285 -35.31 -22.71 -32.38
N TYR A 286 -35.06 -21.85 -33.38
CA TYR A 286 -35.83 -21.88 -34.61
C TYR A 286 -35.79 -23.26 -35.25
N GLY A 287 -36.96 -23.76 -35.65
CA GLY A 287 -37.02 -25.04 -36.31
C GLY A 287 -36.41 -26.19 -35.54
N LEU A 288 -37.06 -26.61 -34.47
CA LEU A 288 -36.71 -27.87 -33.80
C LEU A 288 -36.91 -29.03 -34.77
N LEU A 289 -36.06 -30.04 -34.65
CA LEU A 289 -36.20 -31.23 -35.51
C LEU A 289 -35.92 -32.47 -34.69
N ASP A 290 -36.72 -33.51 -34.91
CA ASP A 290 -36.60 -34.78 -34.18
C ASP A 290 -35.31 -35.49 -34.61
N ASN A 291 -35.07 -36.67 -34.03
CA ASN A 291 -34.06 -37.63 -34.49
C ASN A 291 -32.75 -36.99 -34.94
N ASP A 292 -32.36 -35.89 -34.30
CA ASP A 292 -31.27 -35.05 -34.79
C ASP A 292 -30.05 -35.11 -33.89
N PRO A 293 -29.02 -35.88 -34.24
CA PRO A 293 -27.74 -35.80 -33.53
C PRO A 293 -26.86 -34.64 -33.98
N THR A 294 -27.32 -33.82 -34.92
CA THR A 294 -26.52 -32.71 -35.41
C THR A 294 -26.25 -31.67 -34.33
N MET A 295 -27.25 -31.39 -33.51
CA MET A 295 -27.14 -30.38 -32.47
C MET A 295 -26.01 -30.71 -31.51
N ALA A 296 -26.20 -31.82 -30.77
CA ALA A 296 -25.17 -32.29 -29.85
C ALA A 296 -23.88 -32.60 -30.57
N LYS A 297 -23.96 -32.97 -31.85
CA LYS A 297 -22.75 -33.17 -32.62
C LYS A 297 -21.93 -31.89 -32.65
N GLY A 298 -22.55 -30.79 -33.03
CA GLY A 298 -21.83 -29.52 -33.07
C GLY A 298 -21.33 -29.12 -31.69
N ILE A 299 -22.18 -29.26 -30.68
CA ILE A 299 -21.78 -28.83 -29.34
C ILE A 299 -20.57 -29.63 -28.88
N LEU A 300 -20.55 -30.92 -29.17
CA LEU A 300 -19.42 -31.72 -28.73
C LEU A 300 -18.21 -31.56 -29.62
N ARG A 301 -18.39 -31.28 -30.92
CA ARG A 301 -17.25 -30.87 -31.74
C ARG A 301 -16.54 -29.72 -31.06
N LEU A 302 -17.29 -28.68 -30.73
CA LEU A 302 -16.70 -27.47 -30.19
C LEU A 302 -16.10 -27.70 -28.82
N TYR A 303 -16.80 -28.45 -27.97
CA TYR A 303 -16.21 -28.76 -26.67
C TYR A 303 -14.95 -29.60 -26.81
N SER A 304 -14.97 -30.58 -27.70
CA SER A 304 -13.76 -31.31 -28.03
C SER A 304 -12.65 -30.34 -28.37
N LEU A 305 -12.99 -29.33 -29.17
CA LEU A 305 -12.04 -28.25 -29.46
C LEU A 305 -11.67 -27.47 -28.20
N CYS A 306 -12.44 -27.58 -27.12
CA CYS A 306 -12.27 -26.72 -25.96
C CYS A 306 -12.09 -27.50 -24.65
N ILE A 307 -11.66 -28.75 -24.72
CA ILE A 307 -11.70 -29.66 -23.57
C ILE A 307 -11.05 -29.11 -22.31
N SER A 308 -9.73 -28.98 -22.34
CA SER A 308 -8.97 -28.53 -21.19
C SER A 308 -7.81 -27.64 -21.59
N ASN A 309 -7.65 -27.39 -22.88
CA ASN A 309 -6.66 -26.46 -23.40
C ASN A 309 -6.97 -25.04 -22.97
N ASP A 310 -6.06 -24.13 -23.30
CA ASP A 310 -6.15 -22.72 -22.91
C ASP A 310 -7.48 -22.09 -23.32
N PHE A 311 -8.24 -22.77 -24.15
CA PHE A 311 -9.53 -22.31 -24.63
C PHE A 311 -10.63 -22.59 -23.61
N SER A 312 -10.25 -22.95 -22.38
CA SER A 312 -11.19 -23.45 -21.39
C SER A 312 -12.15 -22.36 -20.92
N LYS A 313 -11.58 -21.32 -20.28
CA LYS A 313 -12.38 -20.16 -19.93
C LYS A 313 -13.03 -19.56 -21.16
N CYS A 314 -12.36 -19.63 -22.29
CA CYS A 314 -12.95 -19.18 -23.54
C CYS A 314 -14.32 -19.80 -23.76
N PHE A 315 -14.37 -21.12 -23.84
CA PHE A 315 -15.67 -21.75 -24.11
C PHE A 315 -16.66 -21.53 -22.97
N VAL A 316 -16.23 -21.76 -21.74
CA VAL A 316 -17.23 -21.70 -20.67
C VAL A 316 -17.80 -20.30 -20.56
N ASP A 317 -17.02 -19.28 -20.95
CA ASP A 317 -17.44 -17.90 -20.79
C ASP A 317 -18.22 -17.38 -22.00
N HIS A 318 -17.81 -17.73 -23.22
CA HIS A 318 -18.43 -17.19 -24.41
C HIS A 318 -19.47 -18.13 -25.01
N PHE A 319 -19.67 -19.29 -24.37
CA PHE A 319 -20.81 -20.16 -24.64
C PHE A 319 -21.16 -20.84 -23.34
N PRO A 320 -21.71 -20.08 -22.38
CA PRO A 320 -22.30 -20.73 -21.21
C PRO A 320 -23.71 -21.19 -21.48
N ILE A 321 -23.90 -22.48 -21.72
CA ILE A 321 -25.25 -23.03 -21.70
C ILE A 321 -25.73 -23.25 -20.28
N ASP A 322 -24.81 -23.31 -19.32
CA ASP A 322 -25.05 -23.80 -17.97
C ASP A 322 -26.36 -23.30 -17.36
N GLN A 323 -26.82 -22.14 -17.81
CA GLN A 323 -27.98 -21.51 -17.25
C GLN A 323 -29.29 -22.12 -17.75
N TRP A 324 -29.21 -23.31 -18.34
CA TRP A 324 -30.35 -24.16 -18.63
C TRP A 324 -30.26 -25.47 -17.83
N ALA A 325 -29.47 -25.47 -16.76
CA ALA A 325 -29.05 -26.70 -16.09
C ALA A 325 -30.18 -27.50 -15.45
N ASP A 326 -30.76 -26.99 -14.36
CA ASP A 326 -31.92 -27.57 -13.70
C ASP A 326 -31.70 -29.05 -13.35
N PHE A 327 -30.81 -29.26 -12.37
CA PHE A 327 -30.61 -30.61 -11.81
C PHE A 327 -31.90 -31.26 -11.34
N SER A 328 -32.88 -30.47 -10.94
CA SER A 328 -34.07 -31.06 -10.33
C SER A 328 -34.96 -31.84 -11.32
N GLN A 329 -34.52 -32.12 -12.55
CA GLN A 329 -35.33 -32.84 -13.51
C GLN A 329 -34.53 -33.97 -14.13
N SER A 330 -35.26 -34.89 -14.76
CA SER A 330 -34.67 -35.91 -15.64
C SER A 330 -34.79 -35.54 -17.11
N GLU A 331 -35.74 -34.67 -17.48
CA GLU A 331 -35.77 -34.02 -18.78
C GLU A 331 -35.00 -32.71 -18.63
N HIS A 332 -33.70 -32.75 -18.89
CA HIS A 332 -32.80 -31.77 -18.31
C HIS A 332 -32.79 -30.45 -19.07
N PHE A 333 -32.35 -30.46 -20.32
CA PHE A 333 -32.21 -29.22 -21.07
C PHE A 333 -33.31 -29.14 -22.14
N PRO A 334 -33.64 -27.95 -22.61
CA PRO A 334 -34.88 -27.77 -23.40
C PRO A 334 -34.77 -27.84 -24.92
N PHE A 335 -33.64 -28.30 -25.49
CA PHE A 335 -33.50 -28.13 -26.94
C PHE A 335 -34.05 -29.33 -27.73
N THR A 336 -33.43 -30.50 -27.60
CA THR A 336 -33.89 -31.76 -28.18
C THR A 336 -33.24 -32.91 -27.41
N GLN A 337 -33.95 -34.04 -27.35
CA GLN A 337 -33.61 -35.16 -26.47
C GLN A 337 -32.13 -35.53 -26.39
N LEU A 338 -31.55 -35.99 -27.49
CA LEU A 338 -30.17 -36.45 -27.46
C LEU A 338 -29.20 -35.27 -27.41
N THR A 339 -29.60 -34.13 -27.97
CA THR A 339 -28.85 -32.90 -27.76
C THR A 339 -28.65 -32.65 -26.27
N ASN A 340 -29.75 -32.37 -25.57
CA ASN A 340 -29.71 -32.09 -24.15
C ASN A 340 -29.00 -33.19 -23.38
N LYS A 341 -29.11 -34.43 -23.83
CA LYS A 341 -28.33 -35.49 -23.21
C LYS A 341 -26.83 -35.18 -23.27
N ALA A 342 -26.29 -35.09 -24.49
CA ALA A 342 -24.85 -34.84 -24.61
C ALA A 342 -24.46 -33.47 -24.05
N LEU A 343 -25.39 -32.53 -24.09
CA LEU A 343 -25.09 -31.20 -23.57
C LEU A 343 -25.03 -31.22 -22.05
N SER A 344 -25.89 -32.02 -21.41
CA SER A 344 -25.72 -32.24 -19.98
C SER A 344 -24.44 -33.00 -19.72
N ILE A 345 -24.03 -33.82 -20.67
CA ILE A 345 -22.74 -34.49 -20.54
C ILE A 345 -21.62 -33.46 -20.48
N VAL A 346 -21.63 -32.53 -21.43
CA VAL A 346 -20.57 -31.52 -21.51
C VAL A 346 -20.63 -30.60 -20.31
N TYR A 347 -21.82 -30.07 -20.02
CA TYR A 347 -22.14 -29.41 -18.77
C TYR A 347 -21.52 -30.12 -17.59
N PHE A 348 -21.80 -31.39 -17.48
CA PHE A 348 -21.53 -32.11 -16.26
C PHE A 348 -20.05 -32.37 -16.12
N ASP A 349 -19.36 -32.47 -17.25
CA ASP A 349 -17.89 -32.49 -17.25
C ASP A 349 -17.34 -31.12 -16.84
N LEU A 350 -18.00 -30.06 -17.28
CA LEU A 350 -17.62 -28.73 -16.88
C LEU A 350 -17.68 -28.60 -15.37
N LYS A 351 -18.83 -28.96 -14.79
CA LYS A 351 -18.97 -29.02 -13.35
C LYS A 351 -17.93 -29.94 -12.75
N ARG A 352 -17.65 -31.05 -13.44
CA ARG A 352 -16.68 -32.01 -12.94
C ARG A 352 -15.36 -31.35 -12.62
N ARG A 353 -14.67 -30.86 -13.63
CA ARG A 353 -13.38 -30.29 -13.25
C ARG A 353 -13.53 -28.90 -12.68
N SER A 354 -14.76 -28.40 -12.53
CA SER A 354 -14.95 -27.22 -11.71
C SER A 354 -14.75 -27.55 -10.24
N LEU A 355 -15.59 -28.45 -9.72
CA LEU A 355 -15.53 -28.83 -8.33
C LEU A 355 -14.29 -29.68 -8.08
N PRO A 356 -13.87 -29.80 -6.83
CA PRO A 356 -12.74 -30.69 -6.50
C PRO A 356 -12.94 -32.10 -7.03
N VAL A 357 -12.06 -32.49 -7.97
CA VAL A 357 -12.15 -33.81 -8.58
C VAL A 357 -11.86 -34.93 -7.59
N GLU A 358 -11.31 -34.63 -6.42
CA GLU A 358 -11.29 -35.63 -5.36
C GLU A 358 -12.70 -36.07 -5.01
N ALA A 359 -13.67 -35.14 -5.09
CA ALA A 359 -15.06 -35.50 -4.97
C ALA A 359 -15.51 -36.40 -6.11
N LEU A 360 -14.72 -36.51 -7.17
CA LEU A 360 -14.94 -37.50 -8.21
C LEU A 360 -14.10 -38.74 -7.95
N LYS A 361 -14.67 -39.89 -8.27
CA LYS A 361 -13.96 -41.15 -8.31
C LYS A 361 -14.47 -41.93 -9.52
N TYR A 362 -13.67 -42.87 -9.98
CA TYR A 362 -14.06 -43.70 -11.11
C TYR A 362 -15.01 -44.76 -10.57
N ASP A 363 -16.31 -44.55 -10.76
CA ASP A 363 -17.31 -45.46 -10.23
C ASP A 363 -17.41 -46.76 -11.03
N ASN A 364 -16.74 -46.83 -12.18
CA ASN A 364 -16.47 -48.07 -12.88
C ASN A 364 -17.69 -48.67 -13.57
N LYS A 365 -18.87 -48.10 -13.36
CA LYS A 365 -20.01 -48.53 -14.15
C LYS A 365 -19.79 -48.21 -15.63
N PHE A 366 -19.45 -46.95 -15.93
CA PHE A 366 -18.87 -46.56 -17.22
C PHE A 366 -17.49 -45.96 -17.06
N ASN A 367 -16.85 -46.16 -15.90
CA ASN A 367 -15.43 -45.98 -15.61
C ASN A 367 -14.93 -44.56 -15.81
N ILE A 368 -15.80 -43.63 -16.16
CA ILE A 368 -15.42 -42.21 -16.20
C ILE A 368 -15.43 -41.68 -14.78
N TRP A 369 -14.54 -40.73 -14.48
CA TRP A 369 -14.59 -40.06 -13.19
C TRP A 369 -15.95 -39.42 -13.01
N VAL A 370 -16.55 -39.59 -11.83
CA VAL A 370 -17.80 -38.93 -11.50
C VAL A 370 -17.67 -38.34 -10.11
N TYR A 371 -17.98 -37.05 -9.97
CA TYR A 371 -18.07 -36.47 -8.64
C TYR A 371 -19.45 -36.76 -8.06
N GLN A 372 -19.76 -36.15 -6.92
CA GLN A 372 -21.05 -36.42 -6.31
C GLN A 372 -22.14 -35.83 -7.18
N SER A 373 -22.76 -36.69 -8.00
CA SER A 373 -23.73 -36.22 -8.98
C SER A 373 -24.87 -35.48 -8.31
N GLU A 374 -25.48 -36.11 -7.31
CA GLU A 374 -26.46 -35.51 -6.39
C GLU A 374 -26.84 -36.58 -5.37
N PRO A 375 -27.36 -36.20 -4.19
CA PRO A 375 -27.86 -37.21 -3.25
C PRO A 375 -28.95 -38.06 -3.90
N ASP A 376 -30.02 -37.40 -4.36
CA ASP A 376 -30.96 -38.04 -5.25
C ASP A 376 -30.31 -38.25 -6.62
N SER A 377 -30.88 -39.17 -7.41
CA SER A 377 -30.27 -39.48 -8.69
C SER A 377 -30.22 -38.25 -9.59
N SER A 378 -31.39 -37.77 -10.03
CA SER A 378 -31.53 -36.53 -10.81
C SER A 378 -30.56 -36.46 -12.00
N LEU A 379 -30.02 -37.60 -12.41
CA LEU A 379 -28.96 -37.71 -13.41
C LEU A 379 -29.29 -38.82 -14.42
N LYS A 380 -30.48 -38.76 -15.02
CA LYS A 380 -30.88 -39.78 -15.99
C LYS A 380 -29.90 -39.87 -17.17
N ASN A 381 -29.17 -38.81 -17.47
CA ASN A 381 -28.18 -38.80 -18.53
C ASN A 381 -26.78 -38.53 -17.99
N VAL A 382 -26.48 -39.08 -16.82
CA VAL A 382 -25.17 -38.82 -16.20
C VAL A 382 -24.04 -39.39 -17.06
N THR A 383 -24.16 -40.66 -17.47
CA THR A 383 -23.12 -41.26 -18.31
C THR A 383 -23.65 -42.23 -19.36
N SER A 384 -24.95 -42.40 -19.51
CA SER A 384 -25.49 -43.46 -20.34
C SER A 384 -25.24 -43.20 -21.84
N PRO A 385 -25.18 -44.26 -22.64
CA PRO A 385 -25.11 -44.09 -24.09
C PRO A 385 -26.48 -44.11 -24.76
N PHE A 386 -26.55 -43.45 -25.91
CA PHE A 386 -27.80 -43.36 -26.64
C PHE A 386 -27.49 -43.03 -28.10
N ASP A 387 -27.87 -43.94 -28.99
CA ASP A 387 -27.69 -43.80 -30.43
C ASP A 387 -28.34 -44.98 -31.11
N ASP A 388 -28.77 -44.78 -32.36
CA ASP A 388 -29.24 -45.88 -33.20
C ASP A 388 -28.03 -46.50 -33.88
N ARG A 389 -27.14 -47.06 -33.05
CA ARG A 389 -25.86 -47.59 -33.49
C ARG A 389 -25.06 -46.53 -34.26
N TYR A 390 -24.93 -45.35 -33.64
CA TYR A 390 -24.20 -44.24 -34.23
C TYR A 390 -22.83 -44.15 -33.55
N LYS A 391 -21.82 -44.68 -34.24
CA LYS A 391 -20.47 -44.75 -33.70
C LYS A 391 -19.91 -43.36 -33.43
N GLN A 392 -20.19 -42.41 -34.32
CA GLN A 392 -19.75 -41.04 -34.09
C GLN A 392 -20.34 -40.47 -32.81
N LEU A 393 -21.65 -40.70 -32.60
CA LEU A 393 -22.30 -40.19 -31.40
C LEU A 393 -21.65 -40.77 -30.15
N GLU A 394 -21.56 -42.09 -30.09
CA GLU A 394 -21.00 -42.66 -28.87
C GLU A 394 -19.52 -42.38 -28.73
N LYS A 395 -18.81 -42.12 -29.83
CA LYS A 395 -17.39 -41.82 -29.69
C LYS A 395 -17.18 -40.39 -29.21
N LEU A 396 -18.00 -39.45 -29.68
CA LEU A 396 -18.08 -38.14 -29.03
C LEU A 396 -18.23 -38.31 -27.54
N ARG A 397 -19.30 -39.01 -27.15
CA ARG A 397 -19.54 -39.30 -25.75
C ARG A 397 -18.25 -39.75 -25.07
N LEU A 398 -17.66 -40.82 -25.59
CA LEU A 398 -16.58 -41.49 -24.88
C LEU A 398 -15.32 -40.62 -24.80
N LEU A 399 -14.91 -39.99 -25.91
CA LEU A 399 -13.73 -39.15 -25.85
C LEU A 399 -13.93 -38.03 -24.85
N VAL A 400 -15.04 -37.31 -24.96
CA VAL A 400 -15.21 -36.18 -24.06
C VAL A 400 -15.22 -36.66 -22.62
N LEU A 401 -15.93 -37.76 -22.35
CA LEU A 401 -16.07 -38.23 -20.98
C LEU A 401 -14.73 -38.68 -20.40
N LYS A 402 -14.02 -39.55 -21.12
CA LYS A 402 -12.78 -40.10 -20.64
C LYS A 402 -11.59 -39.21 -20.90
N LYS A 403 -11.82 -37.99 -21.40
CA LYS A 403 -10.72 -37.09 -21.69
C LYS A 403 -9.90 -36.77 -20.45
N PHE A 404 -10.46 -36.97 -19.26
CA PHE A 404 -9.74 -36.79 -18.01
C PHE A 404 -9.19 -38.13 -17.52
N ASN A 405 -8.72 -38.93 -18.47
CA ASN A 405 -8.14 -40.24 -18.20
C ASN A 405 -7.19 -40.22 -17.01
N LYS A 406 -6.42 -39.13 -16.86
CA LYS A 406 -5.41 -39.05 -15.79
C LYS A 406 -4.48 -40.26 -15.84
N THR A 407 -4.36 -40.88 -17.02
CA THR A 407 -3.52 -42.07 -17.17
C THR A 407 -2.84 -42.12 -18.55
N GLU A 408 -3.53 -42.69 -19.54
CA GLU A 408 -2.95 -42.80 -20.89
C GLU A 408 -3.56 -41.81 -21.87
N ARG A 409 -3.58 -40.53 -21.51
CA ARG A 409 -4.12 -39.51 -22.40
C ARG A 409 -3.01 -38.92 -23.24
N GLY A 410 -2.50 -39.70 -24.20
CA GLY A 410 -1.44 -39.22 -25.05
C GLY A 410 -1.34 -40.01 -26.34
N THR A 411 -0.20 -39.94 -27.04
CA THR A 411 0.04 -40.69 -28.29
C THR A 411 -0.73 -40.33 -29.56
N LEU A 412 -0.14 -40.64 -30.71
CA LEU A 412 -0.78 -40.37 -31.98
C LEU A 412 -0.24 -41.40 -32.96
N LEU A 413 1.08 -41.43 -33.11
CA LEU A 413 1.70 -42.41 -34.01
C LEU A 413 1.68 -43.77 -33.34
N LYS A 414 1.93 -43.80 -32.04
CA LYS A 414 1.88 -45.06 -31.32
C LYS A 414 0.43 -45.49 -31.16
N TYR A 415 -0.49 -44.53 -31.13
CA TYR A 415 -1.89 -44.85 -31.04
C TYR A 415 -2.38 -45.42 -32.37
N ARG A 416 -1.71 -45.07 -33.46
CA ARG A 416 -2.06 -45.61 -34.76
C ARG A 416 -1.51 -47.01 -34.91
N VAL A 417 -0.38 -47.28 -34.28
CA VAL A 417 0.19 -48.62 -34.32
C VAL A 417 -0.80 -49.55 -33.65
N ASN A 418 -1.77 -48.98 -32.94
CA ASN A 418 -2.79 -49.75 -32.23
C ASN A 418 -4.18 -49.62 -32.85
N GLN A 419 -4.42 -48.57 -33.62
CA GLN A 419 -5.74 -48.35 -34.20
C GLN A 419 -6.14 -49.41 -35.21
N LEU A 420 -5.23 -49.77 -36.12
CA LEU A 420 -5.56 -50.75 -37.16
C LEU A 420 -6.09 -52.03 -36.53
N SER A 421 -5.27 -52.72 -35.76
CA SER A 421 -5.69 -53.92 -35.04
C SER A 421 -6.27 -53.48 -33.71
N PRO A 422 -7.51 -53.00 -33.69
CA PRO A 422 -8.11 -52.56 -32.42
C PRO A 422 -8.21 -53.70 -31.42
N GLY A 423 -8.68 -53.40 -30.21
CA GLY A 423 -8.64 -54.39 -29.15
C GLY A 423 -7.25 -54.82 -28.77
N PHE A 424 -6.27 -53.93 -28.94
CA PHE A 424 -4.87 -54.33 -28.88
C PHE A 424 -4.18 -53.86 -27.60
N PHE A 425 -4.76 -52.89 -26.91
CA PHE A 425 -4.25 -52.42 -25.64
C PHE A 425 -4.92 -53.10 -24.46
N GLN A 426 -5.42 -54.32 -24.64
CA GLN A 426 -6.09 -55.10 -23.61
C GLN A 426 -5.16 -55.51 -22.47
N ARG A 427 -3.92 -55.06 -22.51
CA ARG A 427 -2.87 -55.49 -21.59
C ARG A 427 -2.13 -54.22 -21.19
N ALA A 428 -0.90 -54.37 -20.71
CA ALA A 428 -0.07 -53.22 -20.31
C ALA A 428 -0.30 -52.01 -21.20
N GLY A 429 -0.34 -52.21 -22.51
CA GLY A 429 -0.72 -51.16 -23.43
C GLY A 429 0.35 -50.11 -23.61
N ASN A 430 0.84 -49.60 -22.48
CA ASN A 430 2.02 -48.73 -22.48
C ASN A 430 3.26 -49.48 -22.92
N ASP A 431 3.31 -50.79 -22.68
CA ASP A 431 4.57 -51.53 -22.75
C ASP A 431 5.09 -51.64 -24.19
N PHE A 432 6.36 -51.30 -24.37
CA PHE A 432 7.05 -51.50 -25.63
C PHE A 432 7.11 -52.98 -26.00
N LYS A 433 7.40 -53.83 -25.03
CA LYS A 433 7.78 -55.19 -25.34
C LYS A 433 6.61 -56.01 -25.83
N LEU A 434 5.38 -55.64 -25.46
CA LEU A 434 4.22 -56.40 -25.93
C LEU A 434 4.07 -56.27 -27.44
N ILE A 435 4.12 -55.04 -27.96
CA ILE A 435 4.06 -54.85 -29.41
C ILE A 435 5.34 -55.37 -30.06
N LEU A 436 6.47 -55.21 -29.39
CA LEU A 436 7.70 -55.85 -29.84
C LEU A 436 7.44 -57.30 -30.20
N ASN A 437 7.02 -58.09 -29.21
CA ASN A 437 6.93 -59.52 -29.43
C ASN A 437 5.75 -59.86 -30.34
N GLU A 438 4.69 -59.06 -30.32
CA GLU A 438 3.54 -59.39 -31.18
C GLU A 438 3.87 -59.15 -32.64
N ALA A 439 4.58 -58.06 -32.96
CA ALA A 439 4.97 -57.86 -34.35
C ALA A 439 6.04 -58.85 -34.75
N SER A 440 6.92 -59.22 -33.81
CA SER A 440 7.85 -60.30 -34.06
C SER A 440 7.11 -61.55 -34.52
N VAL A 441 6.20 -62.06 -33.68
CA VAL A 441 5.51 -63.30 -34.01
C VAL A 441 4.64 -63.13 -35.24
N SER A 442 4.14 -61.91 -35.48
CA SER A 442 3.38 -61.64 -36.69
C SER A 442 4.21 -61.94 -37.93
N ILE A 443 5.33 -61.22 -38.08
CA ILE A 443 6.16 -61.48 -39.25
C ILE A 443 6.76 -62.88 -39.19
N GLN A 444 6.73 -63.52 -38.01
CA GLN A 444 7.17 -64.91 -37.96
C GLN A 444 6.15 -65.84 -38.59
N THR A 445 4.86 -65.56 -38.43
CA THR A 445 3.83 -66.45 -38.98
C THR A 445 2.75 -65.74 -39.80
N CYS A 446 2.36 -64.52 -39.42
CA CYS A 446 1.01 -64.03 -39.70
C CYS A 446 0.72 -63.82 -41.18
N PHE A 447 1.61 -64.17 -42.10
CA PHE A 447 1.32 -64.06 -43.53
C PHE A 447 1.27 -65.45 -44.15
N LYS A 448 0.43 -65.59 -45.17
CA LYS A 448 0.50 -66.74 -46.04
C LYS A 448 0.92 -66.34 -47.45
N THR A 449 0.13 -65.51 -48.13
CA THR A 449 0.60 -64.83 -49.33
C THR A 449 0.13 -63.39 -49.44
N ASN A 450 -0.81 -62.95 -48.60
CA ASN A 450 -1.48 -61.68 -48.80
C ASN A 450 -1.36 -60.72 -47.62
N ASN A 451 -0.65 -61.09 -46.55
CA ASN A 451 -0.55 -60.18 -45.42
C ASN A 451 0.36 -59.03 -45.81
N ILE A 452 -0.12 -58.23 -46.74
CA ILE A 452 0.55 -57.05 -47.25
C ILE A 452 -0.21 -55.78 -46.89
N THR A 453 -1.12 -55.88 -45.93
CA THR A 453 -1.79 -54.72 -45.33
C THR A 453 -1.47 -54.60 -43.85
N ARG A 454 -1.77 -55.64 -43.07
CA ARG A 454 -1.51 -55.59 -41.65
C ARG A 454 -0.02 -55.75 -41.35
N LEU A 455 0.68 -56.60 -42.10
CA LEU A 455 2.14 -56.64 -41.97
C LEU A 455 2.75 -55.29 -42.26
N THR A 456 2.18 -54.58 -43.24
CA THR A 456 2.67 -53.24 -43.54
C THR A 456 2.41 -52.30 -42.36
N SER A 457 1.25 -52.41 -41.74
CA SER A 457 1.10 -51.58 -40.55
C SER A 457 2.06 -52.02 -39.46
N TRP A 458 2.43 -53.30 -39.41
CA TRP A 458 3.46 -53.66 -38.44
C TRP A 458 4.81 -53.07 -38.82
N THR A 459 5.09 -52.84 -40.10
CA THR A 459 6.40 -52.25 -40.39
C THR A 459 6.41 -50.76 -40.06
N VAL A 460 5.30 -50.06 -40.27
CA VAL A 460 5.27 -48.66 -39.82
C VAL A 460 5.38 -48.60 -38.30
N ILE A 461 4.78 -49.57 -37.61
CA ILE A 461 4.99 -49.68 -36.17
C ILE A 461 6.44 -49.97 -35.85
N LEU A 462 7.10 -50.83 -36.63
CA LEU A 462 8.50 -51.12 -36.35
C LEU A 462 9.36 -49.87 -36.49
N GLY A 463 9.10 -49.07 -37.51
CA GLY A 463 9.83 -47.81 -37.65
C GLY A 463 9.55 -46.85 -36.51
N ARG A 464 8.27 -46.59 -36.23
CA ARG A 464 7.92 -45.69 -35.15
C ARG A 464 8.52 -46.17 -33.84
N LEU A 465 8.52 -47.48 -33.61
CA LEU A 465 9.00 -48.02 -32.35
C LEU A 465 10.52 -48.02 -32.27
N ALA A 466 11.20 -48.11 -33.39
CA ALA A 466 12.62 -47.79 -33.35
C ALA A 466 12.81 -46.36 -32.88
N CYS A 467 12.03 -45.45 -33.45
CA CYS A 467 12.15 -44.06 -33.02
C CYS A 467 11.74 -43.89 -31.57
N LEU A 468 10.95 -44.82 -31.04
CA LEU A 468 10.58 -44.74 -29.63
C LEU A 468 11.67 -45.29 -28.72
N GLU A 469 12.18 -46.48 -29.03
CA GLU A 469 13.35 -46.95 -28.30
C GLU A 469 14.54 -46.03 -28.53
N SER A 470 14.38 -45.04 -29.39
CA SER A 470 15.26 -43.89 -29.37
C SER A 470 14.79 -42.84 -28.39
N GLU A 471 13.47 -42.58 -28.34
CA GLU A 471 12.93 -41.60 -27.40
C GLU A 471 13.33 -41.93 -25.98
N LYS A 472 13.55 -43.20 -25.68
CA LYS A 472 13.97 -43.64 -24.36
C LYS A 472 15.45 -43.32 -24.18
N PHE A 473 16.06 -43.90 -23.14
CA PHE A 473 17.34 -43.48 -22.58
C PHE A 473 17.41 -41.95 -22.50
N SER A 474 16.27 -41.32 -22.18
CA SER A 474 16.19 -39.87 -22.05
C SER A 474 14.98 -39.48 -21.21
N SER A 480 13.02 -41.56 -19.14
CA SER A 480 12.49 -41.87 -17.83
C SER A 480 11.06 -42.38 -17.93
N THR A 481 10.33 -41.85 -18.90
CA THR A 481 8.95 -42.23 -19.13
C THR A 481 8.66 -42.41 -20.62
N LYS A 482 9.65 -42.24 -21.48
CA LYS A 482 9.40 -42.18 -22.92
C LYS A 482 9.04 -43.55 -23.49
N ASP A 483 7.76 -43.86 -23.47
CA ASP A 483 7.19 -45.08 -24.02
C ASP A 483 6.14 -44.66 -25.02
N MET A 484 5.27 -45.58 -25.45
CA MET A 484 4.15 -45.16 -26.30
C MET A 484 3.39 -43.98 -25.71
N ASP A 485 3.45 -43.79 -24.39
CA ASP A 485 2.64 -42.72 -23.73
C ASP A 485 2.83 -41.37 -24.42
N ASN A 486 4.04 -40.80 -24.35
CA ASN A 486 4.29 -39.45 -24.93
C ASN A 486 4.92 -39.63 -26.32
N TRP A 487 4.10 -39.62 -27.38
CA TRP A 487 4.62 -39.83 -28.75
C TRP A 487 3.69 -39.23 -29.80
N TYR A 488 3.88 -37.96 -30.17
CA TYR A 488 3.07 -37.46 -31.31
C TYR A 488 3.97 -37.73 -32.52
N VAL A 489 5.29 -37.58 -32.32
CA VAL A 489 6.32 -37.91 -33.36
C VAL A 489 7.67 -37.90 -32.63
N CYS A 490 8.72 -38.45 -33.24
CA CYS A 490 10.03 -38.54 -32.52
C CYS A 490 10.75 -37.19 -32.51
N HIS A 491 11.98 -37.17 -31.98
CA HIS A 491 12.78 -35.92 -31.97
C HIS A 491 13.93 -36.09 -32.97
N LEU A 492 14.93 -36.90 -32.63
CA LEU A 492 16.13 -37.04 -33.50
C LEU A 492 15.72 -37.34 -34.95
N CYS A 493 14.54 -37.93 -35.19
CA CYS A 493 14.18 -38.12 -36.59
C CYS A 493 13.11 -37.16 -37.07
N ASP A 494 12.24 -36.69 -36.17
CA ASP A 494 10.95 -36.21 -36.60
C ASP A 494 10.62 -34.75 -36.25
N ILE A 495 11.32 -34.12 -35.32
CA ILE A 495 11.16 -32.66 -35.19
C ILE A 495 11.92 -32.02 -36.35
N GLU A 496 11.18 -31.38 -37.28
CA GLU A 496 11.83 -30.86 -38.47
C GLU A 496 12.85 -29.80 -38.07
N LYS A 497 13.84 -29.60 -38.92
CA LYS A 497 14.97 -28.76 -38.55
C LYS A 497 15.37 -27.90 -39.74
N THR A 498 16.56 -27.33 -39.66
CA THR A 498 17.20 -26.68 -40.79
C THR A 498 18.70 -26.92 -40.71
N GLY A 499 19.44 -26.24 -41.57
CA GLY A 499 20.88 -26.45 -41.62
C GLY A 499 21.19 -27.80 -42.25
N ASN A 500 22.43 -28.25 -42.03
CA ASN A 500 22.77 -29.62 -42.33
C ASN A 500 21.98 -30.46 -41.36
N PRO A 501 20.89 -31.08 -41.78
CA PRO A 501 20.05 -31.80 -40.82
C PRO A 501 20.80 -32.94 -40.18
N PHE A 502 21.67 -33.57 -40.93
CA PHE A 502 22.41 -34.70 -40.44
C PHE A 502 23.49 -34.30 -39.44
N VAL A 503 23.51 -33.02 -39.07
CA VAL A 503 24.27 -32.59 -37.90
C VAL A 503 23.70 -33.26 -36.65
N ARG A 504 22.38 -33.41 -36.60
CA ARG A 504 21.75 -33.95 -35.39
C ARG A 504 22.13 -35.38 -35.10
N ILE A 505 22.46 -36.16 -36.13
CA ILE A 505 22.56 -37.61 -36.03
C ILE A 505 24.01 -37.92 -35.66
N ASN A 506 24.24 -38.21 -34.38
CA ASN A 506 25.61 -38.34 -33.91
C ASN A 506 26.04 -39.81 -33.78
N PRO A 507 27.27 -40.12 -34.19
CA PRO A 507 27.71 -41.53 -34.20
C PRO A 507 27.78 -42.19 -32.83
N ASN A 508 27.90 -41.43 -31.74
CA ASN A 508 28.02 -42.05 -30.41
C ASN A 508 26.76 -42.82 -30.06
N ARG A 509 25.82 -42.89 -30.99
CA ARG A 509 24.51 -43.55 -30.86
C ARG A 509 24.77 -45.03 -30.60
N PRO A 510 23.77 -45.82 -30.21
CA PRO A 510 24.00 -47.22 -29.91
C PRO A 510 23.90 -48.13 -31.13
N GLU A 511 24.58 -49.28 -31.02
CA GLU A 511 24.58 -50.26 -32.10
C GLU A 511 23.18 -50.82 -32.34
N ALA A 512 22.80 -50.89 -33.62
CA ALA A 512 21.43 -51.22 -33.97
C ALA A 512 21.02 -52.58 -33.41
N ALA A 513 21.64 -53.66 -33.91
CA ALA A 513 21.25 -54.99 -33.47
C ALA A 513 21.51 -55.18 -31.99
N GLY A 514 22.62 -54.62 -31.49
CA GLY A 514 22.96 -54.83 -30.10
C GLY A 514 21.92 -54.29 -29.15
N LYS A 515 21.39 -53.10 -29.45
CA LYS A 515 20.43 -52.46 -28.57
C LYS A 515 19.05 -52.36 -29.20
N SER A 516 18.73 -53.31 -30.09
CA SER A 516 17.38 -53.39 -30.64
C SER A 516 17.11 -54.82 -31.15
N GLU A 517 16.35 -55.58 -30.36
CA GLU A 517 15.82 -56.85 -30.82
C GLU A 517 14.85 -56.64 -31.97
N ILE A 518 14.20 -55.48 -32.02
CA ILE A 518 13.50 -55.07 -33.25
C ILE A 518 14.42 -55.26 -34.45
N PHE A 519 15.65 -54.75 -34.36
CA PHE A 519 16.61 -54.97 -35.43
C PHE A 519 16.95 -56.44 -35.59
N ARG A 520 17.18 -57.16 -34.49
CA ARG A 520 17.62 -58.54 -34.65
C ARG A 520 16.61 -59.36 -35.46
N ILE A 521 15.37 -59.41 -34.98
CA ILE A 521 14.37 -60.22 -35.67
C ILE A 521 13.88 -59.56 -36.97
N LEU A 522 14.00 -58.23 -37.11
CA LEU A 522 13.64 -57.59 -38.38
C LEU A 522 14.67 -57.91 -39.45
N HIS A 523 15.95 -57.83 -39.09
CA HIS A 523 17.03 -58.31 -39.94
C HIS A 523 16.81 -59.76 -40.32
N SER A 524 16.26 -60.55 -39.40
CA SER A 524 15.91 -61.92 -39.73
C SER A 524 14.78 -62.00 -40.76
N ASN A 525 13.72 -61.21 -40.57
CA ASN A 525 12.49 -61.40 -41.34
C ASN A 525 12.36 -60.49 -42.56
N PHE A 526 12.27 -59.17 -42.37
CA PHE A 526 12.08 -58.28 -43.51
C PHE A 526 13.34 -58.13 -44.35
N LEU A 527 14.48 -58.61 -43.87
CA LEU A 527 15.73 -58.46 -44.59
C LEU A 527 16.32 -59.78 -45.08
N SER A 528 16.04 -60.90 -44.42
CA SER A 528 16.40 -62.21 -44.93
C SER A 528 15.22 -62.88 -45.62
N HIS A 529 14.34 -62.07 -46.22
CA HIS A 529 13.13 -62.64 -46.86
C HIS A 529 13.51 -63.27 -48.20
N PRO A 530 13.01 -64.50 -48.53
CA PRO A 530 13.28 -65.10 -49.83
C PRO A 530 12.76 -64.22 -50.98
N ASN A 531 11.81 -63.32 -50.68
CA ASN A 531 11.21 -62.45 -51.73
C ASN A 531 11.48 -60.98 -51.40
N ILE A 532 12.40 -60.67 -50.48
CA ILE A 532 12.77 -59.26 -50.19
C ILE A 532 13.17 -58.57 -51.50
N ASP A 533 13.76 -59.32 -52.43
CA ASP A 533 14.13 -58.77 -53.77
C ASP A 533 12.92 -58.04 -54.36
N GLU A 534 11.75 -58.69 -54.37
CA GLU A 534 10.52 -58.07 -54.92
C GLU A 534 9.27 -58.86 -54.49
N PHE A 535 8.57 -58.40 -53.45
CA PHE A 535 7.27 -59.05 -53.07
C PHE A 535 6.18 -57.98 -53.17
N SER A 536 6.52 -56.72 -52.89
CA SER A 536 5.55 -55.59 -52.95
C SER A 536 6.34 -54.28 -52.95
N GLU A 537 6.71 -53.76 -54.13
CA GLU A 537 7.54 -52.53 -54.26
C GLU A 537 7.34 -51.56 -53.10
N SER A 538 6.10 -51.18 -52.80
CA SER A 538 5.78 -50.22 -51.75
C SER A 538 6.09 -50.76 -50.35
N LEU A 539 5.87 -52.05 -50.11
CA LEU A 539 6.30 -52.63 -48.83
C LEU A 539 7.81 -52.61 -48.70
N LEU A 540 8.51 -52.86 -49.80
CA LEU A 540 9.96 -52.74 -49.84
C LEU A 540 10.40 -51.37 -49.35
N SER A 541 9.82 -50.33 -49.96
CA SER A 541 10.10 -48.97 -49.52
C SER A 541 9.66 -48.72 -48.07
N GLY A 542 8.63 -49.43 -47.61
CA GLY A 542 8.26 -49.32 -46.21
C GLY A 542 9.35 -49.78 -45.27
N ILE A 543 9.80 -51.01 -45.45
CA ILE A 543 10.91 -51.48 -44.62
C ILE A 543 12.15 -50.64 -44.88
N LEU A 544 12.22 -50.01 -46.05
CA LEU A 544 13.33 -49.10 -46.34
C LEU A 544 13.34 -47.93 -45.36
N PHE A 545 12.20 -47.24 -45.23
CA PHE A 545 12.12 -46.16 -44.23
C PHE A 545 12.29 -46.68 -42.83
N SER A 546 11.86 -47.92 -42.59
CA SER A 546 12.16 -48.55 -41.31
C SER A 546 13.66 -48.49 -41.04
N LEU A 547 14.45 -49.02 -41.96
CA LEU A 547 15.90 -48.97 -41.81
C LEU A 547 16.39 -47.53 -41.67
N HIS A 548 15.84 -46.64 -42.48
CA HIS A 548 16.16 -45.21 -42.41
C HIS A 548 16.16 -44.73 -40.97
N ARG A 549 15.02 -44.90 -40.31
CA ARG A 549 14.86 -44.33 -38.99
C ARG A 549 15.62 -45.13 -37.94
N ILE A 550 15.60 -46.46 -38.03
CA ILE A 550 16.29 -47.24 -37.02
C ILE A 550 17.76 -46.91 -37.03
N PHE A 551 18.29 -46.55 -38.19
CA PHE A 551 19.70 -46.18 -38.29
C PHE A 551 19.93 -44.75 -37.83
N SER A 552 19.07 -43.83 -38.29
CA SER A 552 19.12 -42.45 -37.80
C SER A 552 19.22 -42.44 -36.29
N HIS A 553 18.63 -43.42 -35.63
CA HIS A 553 18.77 -43.48 -34.18
C HIS A 553 19.86 -44.42 -33.71
N PHE A 554 20.28 -45.38 -34.52
CA PHE A 554 21.10 -46.48 -34.03
C PHE A 554 22.30 -46.72 -34.92
N GLN A 555 23.39 -47.11 -34.28
CA GLN A 555 24.67 -47.24 -34.97
C GLN A 555 24.53 -48.26 -36.10
N PRO A 556 25.21 -48.05 -37.22
CA PRO A 556 25.00 -48.91 -38.37
C PRO A 556 25.84 -50.17 -38.27
N PRO A 557 25.23 -51.33 -38.47
CA PRO A 557 25.99 -52.53 -38.78
C PRO A 557 26.54 -52.43 -40.20
N LYS A 558 27.65 -53.11 -40.43
CA LYS A 558 28.33 -53.02 -41.70
C LYS A 558 27.39 -53.40 -42.84
N LEU A 559 27.39 -52.59 -43.90
CA LEU A 559 26.68 -52.98 -45.12
C LEU A 559 27.31 -54.24 -45.70
N THR A 560 28.63 -54.22 -45.86
CA THR A 560 29.39 -55.32 -46.43
C THR A 560 30.49 -55.70 -45.45
N ASP A 561 30.60 -56.99 -45.14
CA ASP A 561 31.57 -57.47 -44.17
C ASP A 561 32.92 -57.73 -44.78
N GLY A 562 33.22 -57.11 -45.91
CA GLY A 562 34.45 -57.35 -46.62
C GLY A 562 34.29 -58.46 -47.64
N ASN A 563 33.97 -59.66 -47.15
CA ASN A 563 33.78 -60.78 -48.07
C ASN A 563 32.37 -60.75 -48.67
N GLY A 564 31.97 -59.59 -49.19
CA GLY A 564 30.68 -59.47 -49.82
C GLY A 564 29.54 -59.34 -48.82
N GLN A 565 28.38 -59.88 -49.22
CA GLN A 565 27.13 -59.80 -48.47
C GLN A 565 26.86 -58.36 -47.99
N ILE A 566 26.59 -57.50 -48.98
CA ILE A 566 25.86 -56.26 -48.74
C ILE A 566 24.68 -56.63 -47.84
N ASN A 567 24.41 -55.81 -46.83
CA ASN A 567 23.70 -56.33 -45.65
C ASN A 567 22.22 -56.53 -45.87
N LYS A 568 21.81 -57.12 -47.01
CA LYS A 568 20.45 -57.58 -47.29
C LYS A 568 19.45 -56.47 -47.03
N SER A 569 19.97 -55.29 -46.72
CA SER A 569 19.26 -54.01 -46.58
C SER A 569 19.85 -52.97 -47.49
N PHE A 570 21.18 -52.82 -47.45
CA PHE A 570 21.84 -52.07 -48.50
C PHE A 570 21.63 -52.73 -49.84
N LYS A 571 21.48 -54.06 -49.86
CA LYS A 571 21.10 -54.72 -51.10
C LYS A 571 19.79 -54.16 -51.61
N LEU A 572 18.83 -53.97 -50.69
CA LEU A 572 17.58 -53.31 -51.06
C LEU A 572 17.83 -51.89 -51.54
N VAL A 573 18.74 -51.19 -50.85
CA VAL A 573 19.12 -49.85 -51.28
C VAL A 573 19.50 -49.87 -52.76
N GLN A 574 20.43 -50.75 -53.11
CA GLN A 574 20.91 -50.82 -54.48
C GLN A 574 19.79 -51.19 -55.45
N LYS A 575 19.09 -52.28 -55.16
CA LYS A 575 18.13 -52.83 -56.12
C LYS A 575 16.99 -51.84 -56.36
N CYS A 576 16.47 -51.24 -55.29
CA CYS A 576 15.45 -50.22 -55.47
C CYS A 576 16.02 -48.96 -56.06
N PHE A 577 17.28 -48.63 -55.74
CA PHE A 577 18.01 -47.60 -56.43
C PHE A 577 18.02 -47.85 -57.93
N MET A 578 17.77 -49.09 -58.34
CA MET A 578 17.53 -49.44 -59.74
C MET A 578 16.04 -49.56 -60.05
N ASN A 579 15.22 -48.67 -59.50
CA ASN A 579 13.79 -48.63 -59.78
C ASN A 579 13.55 -48.11 -61.20
N SER A 580 12.28 -47.91 -61.55
CA SER A 580 11.91 -47.33 -62.83
C SER A 580 11.26 -45.96 -62.69
N ASN A 581 10.99 -45.51 -61.47
CA ASN A 581 10.45 -44.18 -61.23
C ASN A 581 11.07 -43.64 -59.95
N ARG A 582 10.49 -42.57 -59.41
CA ARG A 582 11.01 -41.97 -58.20
C ARG A 582 10.90 -42.88 -56.99
N TYR A 583 9.91 -43.77 -56.98
CA TYR A 583 9.37 -44.29 -55.73
C TYR A 583 10.38 -45.05 -54.86
N LEU A 584 10.65 -46.30 -55.23
CA LEU A 584 11.54 -47.11 -54.41
C LEU A 584 12.94 -46.56 -54.47
N ARG A 585 13.27 -45.95 -55.59
CA ARG A 585 14.61 -45.47 -55.88
C ARG A 585 15.01 -44.38 -54.89
N LEU A 586 14.29 -43.26 -54.91
CA LEU A 586 14.55 -42.19 -53.96
C LEU A 586 14.31 -42.64 -52.54
N LEU A 587 13.32 -43.51 -52.30
CA LEU A 587 13.16 -43.98 -50.93
C LEU A 587 14.38 -44.74 -50.45
N SER A 588 15.10 -45.37 -51.38
CA SER A 588 16.39 -45.95 -51.03
C SER A 588 17.43 -44.88 -50.74
N THR A 589 17.50 -43.88 -51.62
CA THR A 589 18.69 -43.03 -51.64
C THR A 589 18.99 -42.42 -50.28
N ARG A 590 17.96 -42.16 -49.48
CA ARG A 590 18.10 -41.30 -48.32
C ARG A 590 19.03 -41.87 -47.25
N ILE A 591 19.33 -43.17 -47.31
CA ILE A 591 19.87 -43.86 -46.15
C ILE A 591 21.33 -44.24 -46.31
N ILE A 592 21.84 -44.24 -47.54
CA ILE A 592 23.27 -44.33 -47.82
C ILE A 592 24.03 -43.47 -46.83
N PRO A 593 23.73 -42.17 -46.72
CA PRO A 593 24.44 -41.37 -45.72
C PRO A 593 24.24 -41.90 -44.33
N LEU A 594 23.07 -42.45 -44.05
CA LEU A 594 22.79 -42.93 -42.71
C LEU A 594 23.79 -44.02 -42.34
N PHE A 595 24.06 -44.94 -43.26
CA PHE A 595 25.12 -45.90 -42.99
C PHE A 595 26.47 -45.19 -42.90
N ASN A 596 26.63 -44.06 -43.60
CA ASN A 596 27.93 -43.40 -43.57
C ASN A 596 28.19 -42.69 -42.25
N ILE A 597 27.20 -41.97 -41.72
CA ILE A 597 27.41 -41.36 -40.41
C ILE A 597 27.60 -42.46 -39.37
N SER A 598 28.80 -42.52 -38.81
CA SER A 598 29.16 -43.63 -37.93
C SER A 598 30.51 -43.35 -37.28
N ASP A 599 30.96 -44.34 -36.50
CA ASP A 599 32.35 -44.51 -36.10
C ASP A 599 32.55 -45.99 -35.78
N SER A 600 33.79 -46.46 -35.95
CA SER A 600 34.19 -47.87 -35.80
C SER A 600 33.65 -48.72 -36.94
N HIS A 601 32.78 -48.13 -37.77
CA HIS A 601 32.48 -48.62 -39.10
C HIS A 601 32.63 -47.52 -40.15
N ASN A 602 32.65 -46.26 -39.72
CA ASN A 602 33.20 -45.14 -40.47
C ASN A 602 34.57 -44.74 -39.94
N SER A 603 35.20 -45.61 -39.14
CA SER A 603 36.46 -45.27 -38.49
C SER A 603 37.55 -44.99 -39.52
N GLU A 604 37.93 -46.01 -40.29
CA GLU A 604 38.78 -45.81 -41.45
C GLU A 604 37.96 -45.44 -42.67
N ASP A 605 36.77 -44.90 -42.42
CA ASP A 605 35.89 -44.48 -43.52
C ASP A 605 35.81 -45.62 -44.53
N GLU A 606 35.91 -46.86 -44.05
CA GLU A 606 35.71 -48.01 -44.99
C GLU A 606 34.28 -47.87 -45.51
N HIS A 607 33.30 -47.64 -44.64
CA HIS A 607 31.91 -47.42 -45.08
C HIS A 607 31.88 -46.29 -46.11
N THR A 608 32.51 -45.16 -45.77
CA THR A 608 32.49 -43.98 -46.68
C THR A 608 32.99 -44.40 -48.07
N ALA A 609 34.19 -45.01 -48.15
CA ALA A 609 34.77 -45.38 -49.46
C ALA A 609 33.86 -46.36 -50.19
N THR A 610 33.31 -47.34 -49.47
CA THR A 610 32.42 -48.36 -50.08
C THR A 610 31.24 -47.65 -50.74
N LEU A 611 30.59 -46.73 -50.02
CA LEU A 611 29.37 -46.10 -50.57
C LEU A 611 29.76 -45.07 -51.65
N ILE A 612 30.99 -44.55 -51.60
CA ILE A 612 31.47 -43.64 -52.68
C ILE A 612 31.55 -44.50 -53.94
N LYS A 613 32.16 -45.68 -53.82
CA LYS A 613 32.29 -46.61 -54.97
C LYS A 613 30.88 -47.01 -55.43
N PHE A 614 29.92 -47.09 -54.49
CA PHE A 614 28.55 -47.52 -54.84
C PHE A 614 27.86 -46.43 -55.66
N LEU A 615 28.05 -45.17 -55.28
CA LEU A 615 27.44 -44.04 -56.01
C LEU A 615 28.13 -43.93 -57.38
N GLN A 616 29.33 -44.50 -57.50
CA GLN A 616 30.00 -44.64 -58.78
C GLN A 616 29.92 -46.07 -59.30
N SER A 617 29.14 -46.94 -58.66
CA SER A 617 28.90 -48.29 -59.15
C SER A 617 27.57 -48.41 -59.86
N GLN A 618 27.11 -47.34 -60.50
CA GLN A 618 25.85 -47.36 -61.23
C GLN A 618 25.78 -46.09 -62.07
N LYS A 619 25.27 -46.24 -63.29
CA LYS A 619 25.03 -45.11 -64.16
C LYS A 619 23.66 -45.21 -64.82
N LEU A 620 22.82 -46.11 -64.35
CA LEU A 620 21.59 -46.42 -65.07
C LEU A 620 20.74 -45.16 -65.14
N PRO A 621 20.15 -44.86 -66.29
CA PRO A 621 19.55 -43.52 -66.47
C PRO A 621 18.44 -43.19 -65.50
N VAL A 622 17.76 -44.19 -64.93
CA VAL A 622 16.60 -43.91 -64.10
C VAL A 622 17.00 -43.07 -62.89
N VAL A 623 18.26 -43.15 -62.48
CA VAL A 623 18.65 -42.89 -61.10
C VAL A 623 19.65 -41.75 -60.97
N LYS A 624 19.89 -40.99 -62.05
CA LYS A 624 20.84 -39.89 -61.92
C LYS A 624 20.41 -38.94 -60.81
N GLU A 625 19.11 -38.66 -60.73
CA GLU A 625 18.62 -37.70 -59.75
C GLU A 625 18.92 -38.19 -58.33
N ASN A 626 18.28 -39.26 -57.87
CA ASN A 626 18.53 -39.61 -56.48
C ASN A 626 19.97 -40.04 -56.27
N LEU A 627 20.71 -40.33 -57.34
CA LEU A 627 22.16 -40.42 -57.25
C LEU A 627 22.75 -39.11 -56.75
N VAL A 628 22.37 -37.99 -57.38
CA VAL A 628 22.93 -36.70 -56.98
C VAL A 628 22.46 -36.34 -55.58
N ILE A 629 21.21 -36.67 -55.26
CA ILE A 629 20.78 -36.61 -53.86
C ILE A 629 21.73 -37.37 -52.94
N ALA A 630 21.82 -38.69 -53.11
CA ALA A 630 22.62 -39.51 -52.19
C ALA A 630 24.02 -38.93 -52.03
N TRP A 631 24.63 -38.53 -53.13
CA TRP A 631 25.94 -37.90 -53.05
C TRP A 631 25.88 -36.65 -52.19
N THR A 632 24.85 -35.83 -52.40
CA THR A 632 24.74 -34.58 -51.67
C THR A 632 24.68 -34.82 -50.18
N GLN A 633 23.83 -35.74 -49.75
CA GLN A 633 23.70 -35.97 -48.30
C GLN A 633 24.95 -36.63 -47.74
N LEU A 634 25.60 -37.48 -48.53
CA LEU A 634 26.88 -37.99 -48.10
C LEU A 634 27.84 -36.84 -47.82
N THR A 635 27.87 -35.86 -48.71
CA THR A 635 28.66 -34.66 -48.44
C THR A 635 28.19 -33.99 -47.16
N LEU A 636 26.88 -33.87 -47.00
CA LEU A 636 26.32 -33.24 -45.81
C LEU A 636 26.79 -33.95 -44.55
N THR A 637 26.85 -35.28 -44.60
CA THR A 637 27.29 -36.05 -43.43
C THR A 637 28.79 -35.93 -43.22
N THR A 638 29.55 -36.01 -44.30
CA THR A 638 31.00 -35.97 -44.19
C THR A 638 31.46 -34.62 -43.64
N SER A 639 32.55 -34.63 -42.88
CA SER A 639 33.09 -33.37 -42.32
C SER A 639 34.38 -32.88 -43.04
N ASN A 640 34.75 -31.60 -42.85
CA ASN A 640 35.97 -30.97 -43.42
C ASN A 640 36.63 -31.71 -44.59
N ASP A 641 37.79 -32.35 -44.37
CA ASP A 641 38.57 -32.98 -45.47
C ASP A 641 37.71 -33.86 -46.40
N VAL A 642 37.08 -34.91 -45.84
CA VAL A 642 36.32 -35.85 -46.72
C VAL A 642 35.15 -35.09 -47.35
N PHE A 643 34.50 -34.20 -46.60
CA PHE A 643 33.41 -33.37 -47.19
C PHE A 643 33.90 -32.66 -48.44
N ASP A 644 35.05 -31.97 -48.37
CA ASP A 644 35.59 -31.20 -49.51
C ASP A 644 36.00 -32.13 -50.66
N THR A 645 36.58 -33.29 -50.34
CA THR A 645 36.91 -34.25 -51.43
C THR A 645 35.62 -34.63 -52.16
N LEU A 646 34.56 -34.90 -51.40
CA LEU A 646 33.29 -35.35 -52.01
C LEU A 646 32.64 -34.18 -52.78
N LEU A 647 32.87 -32.95 -52.33
CA LEU A 647 32.31 -31.74 -53.00
C LEU A 647 33.05 -31.56 -54.33
N LEU A 648 34.35 -31.89 -54.36
CA LEU A 648 35.09 -31.85 -55.64
C LEU A 648 34.54 -32.94 -56.54
N LYS A 649 34.26 -34.12 -55.97
CA LYS A 649 33.63 -35.20 -56.80
C LYS A 649 32.29 -34.68 -57.35
N LEU A 650 31.58 -33.84 -56.58
CA LEU A 650 30.25 -33.33 -56.97
C LEU A 650 30.42 -32.30 -58.09
N ILE A 651 31.43 -31.44 -58.01
CA ILE A 651 31.69 -30.45 -59.10
C ILE A 651 32.13 -31.24 -60.34
N ASP A 652 32.69 -32.44 -60.15
CA ASP A 652 33.03 -33.32 -61.31
C ASP A 652 31.73 -33.84 -61.91
N ILE A 653 30.81 -34.39 -61.11
CA ILE A 653 29.48 -34.81 -61.69
C ILE A 653 28.74 -33.58 -62.23
N PHE A 654 29.22 -32.37 -61.91
CA PHE A 654 28.62 -31.10 -62.43
C PHE A 654 29.15 -30.80 -63.83
N ASN A 655 30.46 -30.85 -64.08
CA ASN A 655 30.90 -30.53 -65.47
C ASN A 655 31.01 -31.81 -66.31
N SER A 656 30.16 -32.81 -66.01
CA SER A 656 30.33 -34.17 -66.61
C SER A 656 29.76 -34.20 -68.03
N ASP A 657 30.13 -33.22 -68.87
CA ASP A 657 29.73 -33.17 -70.31
C ASP A 657 28.28 -33.62 -70.56
N ASP A 658 27.34 -33.35 -69.64
CA ASP A 658 25.94 -33.64 -69.95
C ASP A 658 25.06 -32.66 -69.20
N TYR A 659 23.99 -32.23 -69.87
CA TYR A 659 23.06 -31.31 -69.24
C TYR A 659 22.38 -31.95 -68.02
N SER A 660 22.03 -33.23 -68.13
CA SER A 660 21.33 -33.89 -67.03
C SER A 660 22.19 -33.91 -65.77
N LEU A 661 23.42 -34.41 -65.87
CA LEU A 661 24.30 -34.47 -64.71
C LEU A 661 24.66 -33.07 -64.24
N ARG A 662 24.98 -32.20 -65.19
CA ARG A 662 25.16 -30.77 -64.96
C ARG A 662 24.10 -30.22 -64.02
N ILE A 663 22.84 -30.30 -64.44
CA ILE A 663 21.81 -29.55 -63.75
C ILE A 663 21.35 -30.27 -62.50
N MET A 664 21.43 -31.60 -62.44
CA MET A 664 21.11 -32.26 -61.19
C MET A 664 22.08 -31.81 -60.11
N MET A 665 23.35 -31.68 -60.47
CA MET A 665 24.31 -31.20 -59.50
C MET A 665 24.01 -29.75 -59.15
N THR A 666 23.59 -28.95 -60.14
CA THR A 666 23.30 -27.54 -59.88
C THR A 666 22.22 -27.39 -58.81
N LEU A 667 21.09 -28.06 -58.99
CA LEU A 667 20.04 -28.05 -57.99
C LEU A 667 20.53 -28.55 -56.65
N GLN A 668 21.13 -29.73 -56.61
CA GLN A 668 21.46 -30.25 -55.29
C GLN A 668 22.50 -29.40 -54.58
N ILE A 669 23.40 -28.76 -55.31
CA ILE A 669 24.36 -27.87 -54.65
C ILE A 669 23.69 -26.61 -54.15
N LYS A 670 22.80 -26.00 -54.95
CA LYS A 670 22.18 -24.76 -54.48
C LYS A 670 21.26 -25.02 -53.29
N ASN A 671 20.47 -26.09 -53.37
CA ASN A 671 19.70 -26.51 -52.21
C ASN A 671 20.62 -26.77 -51.02
N MET A 672 21.67 -27.56 -51.24
CA MET A 672 22.66 -27.83 -50.19
C MET A 672 23.22 -26.54 -49.61
N ALA A 673 23.41 -25.53 -50.44
CA ALA A 673 24.07 -24.31 -50.01
C ALA A 673 23.15 -23.49 -49.12
N LYS A 674 21.97 -23.13 -49.62
CA LYS A 674 21.09 -22.31 -48.79
C LYS A 674 20.10 -23.15 -47.98
N ILE A 675 20.42 -24.42 -47.74
CA ILE A 675 19.93 -25.14 -46.58
C ILE A 675 21.06 -25.62 -45.68
N LEU A 676 22.30 -25.35 -46.04
CA LEU A 676 23.41 -25.32 -45.09
C LEU A 676 23.56 -23.96 -44.45
N LYS A 677 22.70 -23.01 -44.81
CA LYS A 677 22.77 -21.64 -44.33
C LYS A 677 24.12 -21.02 -44.66
N LYS A 678 24.67 -21.41 -45.81
CA LYS A 678 25.87 -20.78 -46.37
C LYS A 678 25.57 -20.32 -47.78
N THR A 679 26.58 -19.87 -48.51
CA THR A 679 26.30 -19.50 -49.88
C THR A 679 27.11 -20.35 -50.83
N PRO A 680 26.60 -20.63 -52.04
CA PRO A 680 27.30 -21.56 -52.93
C PRO A 680 28.74 -21.17 -53.16
N TYR A 681 29.02 -19.88 -53.30
CA TYR A 681 30.41 -19.45 -53.39
C TYR A 681 31.16 -19.70 -52.10
N GLN A 682 30.48 -19.62 -50.96
CA GLN A 682 31.15 -19.82 -49.67
C GLN A 682 31.43 -21.30 -49.39
N LEU A 683 30.69 -22.20 -50.03
CA LEU A 683 30.94 -23.62 -49.91
C LEU A 683 31.80 -24.17 -51.04
N LEU A 684 31.90 -23.45 -52.15
CA LEU A 684 32.62 -23.91 -53.31
C LEU A 684 33.98 -23.26 -53.49
N SER A 685 34.15 -22.01 -53.07
CA SER A 685 35.46 -21.38 -52.92
C SER A 685 36.38 -22.19 -52.00
N PRO A 686 35.86 -23.04 -51.13
CA PRO A 686 36.71 -24.10 -50.56
C PRO A 686 37.31 -25.02 -51.61
N ILE A 687 36.57 -25.39 -52.65
CA ILE A 687 37.10 -26.41 -53.63
C ILE A 687 37.31 -25.78 -55.01
N LEU A 688 36.83 -24.56 -55.20
CA LEU A 688 36.93 -23.86 -56.51
C LEU A 688 38.39 -23.62 -56.90
N PRO A 689 39.36 -23.33 -56.00
CA PRO A 689 40.76 -23.22 -56.42
C PRO A 689 41.18 -24.52 -57.12
N VAL A 690 40.98 -25.68 -56.48
CA VAL A 690 41.30 -26.99 -57.11
C VAL A 690 40.57 -27.10 -58.45
N LEU A 691 39.29 -26.70 -58.47
CA LEU A 691 38.51 -26.86 -59.72
C LEU A 691 39.13 -26.02 -60.85
N LEU A 692 39.51 -24.77 -60.58
CA LEU A 692 40.07 -23.87 -61.65
C LEU A 692 41.49 -24.31 -61.96
N ARG A 693 42.15 -24.99 -61.02
CA ARG A 693 43.49 -25.57 -61.30
C ARG A 693 43.28 -26.63 -62.38
N GLN A 694 42.28 -27.49 -62.19
CA GLN A 694 41.98 -28.52 -63.24
C GLN A 694 41.43 -27.83 -64.50
N LEU A 695 40.82 -26.64 -64.39
CA LEU A 695 40.15 -25.99 -65.54
C LEU A 695 41.11 -25.09 -66.33
N GLY A 696 41.94 -24.29 -65.64
CA GLY A 696 42.78 -23.37 -66.37
C GLY A 696 43.58 -24.03 -67.47
N LYS A 697 43.82 -25.35 -67.36
CA LYS A 697 44.61 -26.03 -68.35
C LYS A 697 43.93 -26.04 -69.72
N ASN A 698 42.60 -25.97 -69.75
CA ASN A 698 41.87 -25.97 -71.02
C ASN A 698 40.72 -24.96 -70.98
N LEU A 699 40.99 -23.75 -70.50
CA LEU A 699 39.95 -22.75 -70.37
C LEU A 699 39.33 -22.38 -71.72
N VAL A 700 40.15 -22.21 -72.76
CA VAL A 700 39.66 -21.68 -74.02
C VAL A 700 38.53 -22.54 -74.57
N GLU A 701 38.70 -23.86 -74.52
CA GLU A 701 37.62 -24.75 -74.90
C GLU A 701 36.51 -24.77 -73.86
N ARG A 702 36.88 -24.69 -72.57
CA ARG A 702 35.90 -24.83 -71.50
C ARG A 702 35.36 -23.49 -71.01
N LYS A 703 34.99 -22.64 -71.96
CA LYS A 703 34.23 -21.45 -71.62
C LYS A 703 32.85 -21.83 -71.11
N VAL A 704 32.25 -22.86 -71.70
CA VAL A 704 30.94 -23.32 -71.24
C VAL A 704 31.01 -23.86 -69.82
N GLY A 705 32.05 -24.65 -69.51
CA GLY A 705 32.22 -25.15 -68.16
C GLY A 705 32.45 -24.02 -67.17
N PHE A 706 33.27 -23.05 -67.54
CA PHE A 706 33.50 -21.91 -66.64
C PHE A 706 32.24 -21.09 -66.42
N GLN A 707 31.45 -20.85 -67.47
CA GLN A 707 30.25 -20.05 -67.32
C GLN A 707 29.19 -20.76 -66.52
N ASN A 708 29.05 -22.07 -66.73
CA ASN A 708 28.18 -22.87 -65.87
C ASN A 708 28.61 -22.77 -64.42
N LEU A 709 29.91 -22.91 -64.18
CA LEU A 709 30.45 -22.74 -62.85
C LEU A 709 30.10 -21.38 -62.26
N ILE A 710 30.25 -20.30 -63.03
CA ILE A 710 30.05 -18.99 -62.42
C ILE A 710 28.58 -18.74 -62.19
N GLU A 711 27.70 -19.19 -63.09
CA GLU A 711 26.28 -19.01 -62.82
C GLU A 711 25.87 -19.76 -61.57
N LEU A 712 26.47 -20.92 -61.30
CA LEU A 712 26.14 -21.60 -60.07
C LEU A 712 26.75 -20.88 -58.87
N LEU A 713 27.98 -20.41 -59.00
CA LEU A 713 28.64 -19.68 -57.92
C LEU A 713 27.99 -18.34 -57.64
N GLY A 714 27.14 -17.85 -58.52
CA GLY A 714 26.43 -16.61 -58.31
C GLY A 714 27.30 -15.39 -58.48
N TYR A 715 28.61 -15.55 -58.36
CA TYR A 715 29.55 -14.47 -58.58
C TYR A 715 30.12 -14.48 -60.00
N SER A 716 30.73 -13.36 -60.35
CA SER A 716 31.31 -13.14 -61.67
C SER A 716 32.65 -13.86 -61.77
N SER A 717 33.22 -13.83 -62.97
CA SER A 717 34.55 -14.39 -63.18
C SER A 717 35.59 -13.68 -62.35
N LYS A 718 35.54 -12.34 -62.33
CA LYS A 718 36.63 -11.56 -61.76
C LYS A 718 36.75 -11.76 -60.26
N THR A 719 35.64 -11.62 -59.53
CA THR A 719 35.73 -11.59 -58.07
C THR A 719 36.31 -12.88 -57.51
N ILE A 720 36.25 -13.98 -58.27
CA ILE A 720 36.98 -15.17 -57.87
C ILE A 720 38.35 -15.21 -58.53
N LEU A 721 38.50 -14.60 -59.71
CA LEU A 721 39.80 -14.53 -60.35
C LEU A 721 40.82 -13.86 -59.44
N ASP A 722 40.49 -12.67 -58.94
CA ASP A 722 41.45 -11.91 -58.14
C ASP A 722 41.59 -12.50 -56.75
N ILE A 723 40.49 -12.95 -56.15
CA ILE A 723 40.57 -13.53 -54.81
C ILE A 723 41.29 -14.86 -54.81
N PHE A 724 41.43 -15.49 -55.97
CA PHE A 724 42.14 -16.76 -56.07
C PHE A 724 43.17 -16.76 -57.18
N GLN A 725 43.61 -15.59 -57.61
CA GLN A 725 44.73 -15.53 -58.53
C GLN A 725 45.89 -16.35 -57.99
N ARG A 726 46.11 -16.28 -56.68
CA ARG A 726 47.22 -17.00 -56.04
C ARG A 726 47.30 -18.45 -56.49
N TYR A 727 46.17 -19.04 -56.91
CA TYR A 727 46.19 -20.44 -57.30
C TYR A 727 45.38 -20.68 -58.58
N ILE A 728 45.26 -19.68 -59.46
CA ILE A 728 44.72 -19.95 -60.78
C ILE A 728 45.69 -19.48 -61.85
N ILE A 729 46.25 -18.28 -61.68
CA ILE A 729 47.26 -17.79 -62.62
C ILE A 729 48.50 -18.68 -62.64
N PRO A 730 49.07 -19.10 -61.50
CA PRO A 730 50.28 -19.92 -61.55
C PRO A 730 50.15 -21.15 -62.42
N TYR A 731 49.09 -21.92 -62.21
CA TYR A 731 48.84 -23.07 -63.08
C TYR A 731 48.50 -22.64 -64.49
N ALA A 732 48.05 -21.40 -64.68
CA ALA A 732 47.72 -20.92 -66.02
C ALA A 732 48.96 -20.58 -66.81
N ILE A 733 50.04 -20.14 -66.15
CA ILE A 733 51.21 -19.65 -66.89
C ILE A 733 51.93 -20.80 -67.61
N ILE A 734 51.95 -21.99 -67.00
CA ILE A 734 52.86 -23.04 -67.44
C ILE A 734 52.21 -24.05 -68.34
N GLN A 735 50.94 -23.87 -68.68
CA GLN A 735 50.31 -24.73 -69.66
C GLN A 735 50.95 -24.46 -71.02
N TYR A 736 50.44 -25.10 -72.07
CA TYR A 736 51.02 -24.97 -73.41
C TYR A 736 51.36 -23.52 -73.73
N LYS A 737 52.45 -23.33 -74.47
CA LYS A 737 52.96 -21.99 -74.74
C LYS A 737 51.90 -21.09 -75.37
N SER A 738 50.99 -21.67 -76.15
CA SER A 738 49.84 -20.92 -76.66
C SER A 738 48.88 -20.69 -75.51
N ASP A 739 49.31 -19.90 -74.53
CA ASP A 739 48.64 -19.82 -73.24
C ASP A 739 47.32 -19.07 -73.34
N VAL A 740 46.51 -19.21 -72.29
CA VAL A 740 45.21 -18.58 -72.20
C VAL A 740 45.29 -17.26 -71.43
N LEU A 741 46.50 -16.82 -71.08
CA LEU A 741 46.62 -15.56 -70.36
C LEU A 741 46.20 -14.37 -71.22
N SER A 742 46.39 -14.47 -72.55
CA SER A 742 45.83 -13.43 -73.42
C SER A 742 44.31 -13.42 -73.34
N GLU A 743 43.69 -14.60 -73.27
CA GLU A 743 42.25 -14.67 -73.15
C GLU A 743 41.79 -14.18 -71.77
N ILE A 744 42.56 -14.43 -70.72
CA ILE A 744 42.18 -13.91 -69.41
C ILE A 744 42.30 -12.40 -69.41
N ALA A 745 43.29 -11.86 -70.15
CA ALA A 745 43.40 -10.42 -70.30
C ALA A 745 42.22 -9.85 -71.08
N LYS A 746 41.77 -10.56 -72.12
CA LYS A 746 40.55 -10.18 -72.82
C LYS A 746 39.32 -10.31 -71.92
N ILE A 747 39.38 -11.17 -70.91
CA ILE A 747 38.34 -11.19 -69.89
C ILE A 747 38.39 -9.91 -69.07
N MET A 748 39.57 -9.49 -68.65
CA MET A 748 39.70 -8.21 -67.98
C MET A 748 39.32 -7.05 -68.89
N CYS A 749 39.36 -7.24 -70.21
CA CYS A 749 38.91 -6.21 -71.17
C CYS A 749 37.92 -6.86 -72.15
N ASP A 750 36.66 -6.94 -71.72
CA ASP A 750 35.60 -7.37 -72.62
C ASP A 750 34.91 -6.17 -73.26
N GLY A 751 34.75 -5.09 -72.50
CA GLY A 751 34.27 -3.82 -72.99
C GLY A 751 35.34 -2.89 -73.50
N ASP A 752 36.58 -3.37 -73.64
CA ASP A 752 37.66 -2.59 -74.21
C ASP A 752 38.75 -3.55 -74.70
N THR A 753 39.74 -2.97 -75.37
CA THR A 753 40.95 -3.69 -75.79
C THR A 753 42.15 -2.80 -75.50
N SER A 754 42.23 -2.31 -74.26
CA SER A 754 43.23 -1.31 -73.88
C SER A 754 44.65 -1.80 -74.16
N LEU A 755 45.09 -2.81 -73.41
CA LEU A 755 46.29 -3.55 -73.78
C LEU A 755 46.30 -4.87 -73.01
N ILE A 756 46.00 -5.95 -73.73
CA ILE A 756 46.14 -7.32 -73.23
C ILE A 756 47.47 -7.42 -72.51
N ASN A 757 48.51 -6.83 -73.11
CA ASN A 757 49.83 -6.85 -72.51
C ASN A 757 49.86 -6.18 -71.14
N GLN A 758 49.19 -5.03 -70.98
CA GLN A 758 49.34 -4.34 -69.70
C GLN A 758 48.51 -5.03 -68.63
N MET A 759 47.32 -5.53 -68.98
CA MET A 759 46.62 -6.35 -67.98
C MET A 759 47.48 -7.52 -67.56
N LYS A 760 48.09 -8.21 -68.53
CA LYS A 760 48.95 -9.33 -68.22
C LYS A 760 50.11 -8.92 -67.31
N VAL A 761 50.73 -7.77 -67.58
CA VAL A 761 51.93 -7.42 -66.82
C VAL A 761 51.58 -6.97 -65.41
N ASN A 762 50.54 -6.15 -65.23
CA ASN A 762 50.20 -5.80 -63.86
C ASN A 762 49.70 -7.03 -63.11
N LEU A 763 49.05 -7.98 -63.81
CA LEU A 763 48.63 -9.20 -63.15
C LEU A 763 49.83 -10.01 -62.67
N LEU A 764 50.81 -10.21 -63.55
CA LEU A 764 51.97 -10.99 -63.16
C LEU A 764 52.75 -10.30 -62.05
N LYS A 765 52.80 -8.97 -62.07
CA LYS A 765 53.41 -8.24 -60.95
C LYS A 765 52.64 -8.52 -59.67
N LYS A 766 51.31 -8.55 -59.75
CA LYS A 766 50.50 -8.88 -58.58
C LYS A 766 50.69 -10.32 -58.13
N ASN A 767 51.13 -11.21 -59.00
CA ASN A 767 51.30 -12.63 -58.68
C ASN A 767 52.63 -13.15 -59.21
N SER A 768 53.71 -12.44 -58.90
CA SER A 768 55.02 -12.77 -59.43
C SER A 768 55.75 -13.84 -58.62
N ARG A 769 55.05 -14.63 -57.80
CA ARG A 769 55.72 -15.51 -56.85
C ARG A 769 55.45 -16.99 -57.13
N GLN A 770 54.19 -17.41 -57.10
CA GLN A 770 53.95 -18.79 -57.51
C GLN A 770 54.17 -18.97 -59.00
N ILE A 771 54.29 -17.89 -59.78
CA ILE A 771 54.63 -18.09 -61.18
C ILE A 771 56.05 -18.63 -61.32
N PHE A 772 57.01 -18.03 -60.61
CA PHE A 772 58.34 -18.64 -60.53
C PHE A 772 58.27 -20.02 -59.93
N ALA A 773 57.51 -20.15 -58.85
CA ALA A 773 57.40 -21.46 -58.21
C ALA A 773 56.97 -22.52 -59.22
N VAL A 774 55.93 -22.24 -59.99
CA VAL A 774 55.44 -23.15 -61.02
C VAL A 774 56.49 -23.36 -62.09
N ALA A 775 57.13 -22.28 -62.56
CA ALA A 775 58.07 -22.38 -63.67
C ALA A 775 59.23 -23.30 -63.33
N LEU A 776 59.59 -23.40 -62.06
CA LEU A 776 60.54 -24.41 -61.61
C LEU A 776 59.83 -25.63 -60.99
N VAL A 777 58.50 -25.66 -61.00
CA VAL A 777 57.74 -26.74 -60.37
C VAL A 777 56.84 -27.47 -61.34
N LYS A 778 55.97 -26.76 -62.04
CA LYS A 778 55.11 -27.51 -62.94
C LYS A 778 55.84 -27.92 -64.22
N HIS A 779 57.07 -27.44 -64.45
CA HIS A 779 57.92 -28.03 -65.46
C HIS A 779 59.38 -28.18 -65.04
N GLY A 780 59.77 -27.68 -63.86
CA GLY A 780 61.00 -28.12 -63.22
C GLY A 780 62.31 -27.79 -63.89
N LEU A 781 62.71 -26.52 -63.88
CA LEU A 781 64.01 -26.13 -64.40
C LEU A 781 64.46 -24.84 -63.73
N PHE A 782 65.77 -24.70 -63.52
CA PHE A 782 66.30 -23.48 -62.95
C PHE A 782 67.42 -22.86 -63.77
N SER A 783 67.78 -23.45 -64.92
CA SER A 783 68.71 -22.78 -65.83
C SER A 783 68.08 -21.50 -66.35
N LEU A 784 68.85 -20.41 -66.31
CA LEU A 784 68.29 -19.09 -66.56
C LEU A 784 67.76 -18.93 -67.97
N ASP A 785 68.35 -19.61 -68.95
CA ASP A 785 67.93 -19.42 -70.34
C ASP A 785 66.46 -19.75 -70.53
N ILE A 786 66.10 -21.03 -70.41
CA ILE A 786 64.72 -21.44 -70.55
C ILE A 786 63.88 -20.98 -69.36
N LEU A 787 64.53 -20.66 -68.24
CA LEU A 787 63.84 -20.08 -67.10
C LEU A 787 63.19 -18.75 -67.48
N GLU A 788 64.01 -17.78 -67.91
CA GLU A 788 63.50 -16.52 -68.43
C GLU A 788 62.62 -16.73 -69.65
N THR A 789 62.94 -17.71 -70.49
CA THR A 789 62.11 -17.99 -71.65
C THR A 789 60.68 -18.29 -71.24
N LEU A 790 60.51 -19.16 -70.24
CA LEU A 790 59.17 -19.48 -69.77
C LEU A 790 58.55 -18.32 -69.03
N PHE A 791 59.36 -17.48 -68.39
CA PHE A 791 58.83 -16.25 -67.83
C PHE A 791 58.23 -15.37 -68.90
N LEU A 792 58.80 -15.39 -70.10
CA LEU A 792 58.37 -14.54 -71.20
C LEU A 792 57.69 -15.32 -72.32
N ASN A 793 57.14 -16.49 -72.01
CA ASN A 793 56.49 -17.32 -73.02
C ASN A 793 55.42 -16.53 -73.78
N ARG A 794 54.54 -15.86 -73.05
CA ARG A 794 53.66 -14.84 -73.60
C ARG A 794 53.65 -13.61 -72.71
N ALA A 795 54.68 -13.47 -71.87
CA ALA A 795 54.79 -12.38 -70.91
C ALA A 795 56.14 -11.70 -71.11
N PRO A 796 56.36 -11.06 -72.26
CA PRO A 796 57.64 -10.37 -72.47
C PRO A 796 57.83 -9.18 -71.56
N THR A 797 56.74 -8.59 -71.06
CA THR A 797 56.82 -7.35 -70.31
C THR A 797 57.43 -7.55 -68.93
N PHE A 798 57.65 -8.79 -68.51
CA PHE A 798 58.48 -9.10 -67.35
C PHE A 798 59.95 -9.00 -67.75
N ASP A 799 60.29 -7.84 -68.31
CA ASP A 799 61.51 -7.65 -69.07
C ASP A 799 62.64 -7.17 -68.16
N LYS A 800 63.71 -6.67 -68.78
CA LYS A 800 64.94 -6.29 -68.08
C LYS A 800 65.50 -7.48 -67.31
N GLY A 801 65.60 -8.61 -68.00
CA GLY A 801 65.96 -9.85 -67.35
C GLY A 801 64.90 -10.19 -66.32
N TYR A 802 65.24 -10.01 -65.05
CA TYR A 802 64.30 -10.15 -63.96
C TYR A 802 64.15 -8.80 -63.27
N ILE A 803 62.90 -8.37 -63.07
CA ILE A 803 62.62 -7.18 -62.29
C ILE A 803 63.03 -7.50 -60.86
N THR A 804 62.98 -6.50 -59.97
CA THR A 804 63.71 -6.49 -58.71
C THR A 804 63.89 -7.87 -58.09
N ALA A 805 65.13 -8.18 -57.71
CA ALA A 805 65.58 -9.55 -57.50
C ALA A 805 65.01 -10.15 -56.23
N TYR A 806 63.70 -10.39 -56.21
CA TYR A 806 63.05 -11.03 -55.07
C TYR A 806 62.52 -12.41 -55.43
N LEU A 807 63.29 -13.19 -56.16
CA LEU A 807 62.99 -14.62 -56.24
C LEU A 807 62.97 -15.25 -54.86
N PRO A 808 63.91 -14.94 -53.93
CA PRO A 808 63.70 -15.26 -52.51
C PRO A 808 62.90 -14.19 -51.78
N ASP A 809 61.81 -13.75 -52.40
CA ASP A 809 60.88 -12.90 -51.69
C ASP A 809 60.22 -13.71 -50.58
N TYR A 810 59.87 -13.01 -49.50
CA TYR A 810 59.04 -13.61 -48.48
C TYR A 810 57.80 -14.19 -49.14
N LYS A 811 57.22 -13.45 -50.08
CA LYS A 811 56.02 -13.91 -50.77
C LYS A 811 56.31 -15.06 -51.73
N THR A 812 57.47 -15.04 -52.38
CA THR A 812 57.81 -16.17 -53.26
C THR A 812 57.88 -17.46 -52.45
N LEU A 813 58.64 -17.44 -51.36
CA LEU A 813 58.83 -18.68 -50.65
C LEU A 813 57.60 -19.06 -49.86
N ALA A 814 56.75 -18.08 -49.53
CA ALA A 814 55.42 -18.40 -49.04
C ALA A 814 54.64 -19.16 -50.09
N GLU A 815 54.36 -18.51 -51.22
CA GLU A 815 53.48 -19.10 -52.21
C GLU A 815 54.01 -20.41 -52.78
N ILE A 816 55.31 -20.69 -52.64
CA ILE A 816 55.80 -22.03 -52.98
C ILE A 816 55.64 -23.00 -51.82
N THR A 817 55.93 -22.60 -50.58
CA THR A 817 55.67 -23.53 -49.49
C THR A 817 54.18 -23.81 -49.36
N LYS A 818 53.34 -22.88 -49.84
CA LYS A 818 51.90 -23.12 -49.92
C LYS A 818 51.59 -24.33 -50.78
N LEU A 819 52.33 -24.51 -51.87
CA LEU A 819 52.11 -25.61 -52.83
C LEU A 819 52.38 -26.97 -52.23
N TYR A 820 52.73 -27.05 -50.95
CA TYR A 820 53.03 -28.31 -50.31
C TYR A 820 51.76 -29.12 -50.11
N LYS A 821 51.16 -29.55 -51.22
CA LYS A 821 49.91 -30.30 -51.18
C LYS A 821 50.23 -31.71 -50.74
N ASN A 822 50.41 -31.87 -49.43
CA ASN A 822 50.65 -33.17 -48.82
C ASN A 822 49.33 -33.89 -48.59
N SER A 823 49.44 -35.13 -48.14
CA SER A 823 48.30 -35.94 -47.73
C SER A 823 48.73 -36.79 -46.55
N VAL A 824 47.90 -37.76 -46.18
CA VAL A 824 48.25 -38.67 -45.10
C VAL A 824 49.39 -39.60 -45.54
N THR A 825 49.29 -40.19 -46.72
CA THR A 825 50.27 -41.15 -47.19
C THR A 825 51.24 -40.49 -48.17
N LYS A 826 52.26 -41.26 -48.55
CA LYS A 826 53.37 -40.78 -49.37
C LYS A 826 53.26 -41.43 -50.76
N ASP A 827 52.47 -40.83 -51.63
CA ASP A 827 52.40 -41.25 -53.02
C ASP A 827 53.69 -40.87 -53.74
N ALA A 828 53.97 -41.59 -54.83
CA ALA A 828 55.17 -41.29 -55.62
C ALA A 828 55.08 -39.89 -56.22
N SER A 829 53.95 -39.57 -56.86
CA SER A 829 53.81 -38.29 -57.53
C SER A 829 53.76 -37.13 -56.54
N ASP A 830 53.05 -37.31 -55.43
CA ASP A 830 52.99 -36.27 -54.41
C ASP A 830 54.34 -36.07 -53.75
N SER A 831 55.05 -37.17 -53.44
CA SER A 831 56.37 -37.05 -52.84
C SER A 831 57.33 -36.34 -53.78
N GLU A 832 57.29 -36.70 -55.07
CA GLU A 832 58.22 -36.08 -56.01
C GLU A 832 57.88 -34.61 -56.24
N ASN A 833 56.59 -34.26 -56.24
CA ASN A 833 56.26 -32.85 -56.37
C ASN A 833 56.71 -32.07 -55.14
N ALA A 834 56.58 -32.65 -53.95
CA ALA A 834 57.10 -31.98 -52.76
C ALA A 834 58.61 -31.82 -52.82
N ASN A 835 59.32 -32.87 -53.23
CA ASN A 835 60.77 -32.78 -53.33
C ASN A 835 61.20 -31.77 -54.38
N MET A 836 60.45 -31.65 -55.46
CA MET A 836 60.83 -30.71 -56.51
C MET A 836 60.37 -29.29 -56.24
N ILE A 837 59.31 -29.10 -55.44
CA ILE A 837 59.01 -27.75 -54.97
C ILE A 837 60.04 -27.31 -53.94
N LEU A 838 60.57 -28.24 -53.14
CA LEU A 838 61.68 -27.83 -52.28
C LEU A 838 62.97 -27.63 -53.06
N CYS A 839 63.11 -28.28 -54.21
CA CYS A 839 64.17 -27.87 -55.14
C CYS A 839 63.95 -26.43 -55.61
N SER A 840 62.70 -26.08 -55.92
CA SER A 840 62.39 -24.69 -56.26
C SER A 840 62.71 -23.77 -55.08
N LEU A 841 62.51 -24.26 -53.86
CA LEU A 841 62.97 -23.56 -52.66
C LEU A 841 64.46 -23.31 -52.72
N ARG A 842 65.23 -24.37 -52.97
CA ARG A 842 66.68 -24.27 -52.88
C ARG A 842 67.31 -23.61 -54.10
N PHE A 843 66.53 -23.27 -55.13
CA PHE A 843 66.94 -22.27 -56.11
C PHE A 843 66.38 -20.92 -55.72
N LEU A 844 67.25 -19.96 -55.48
CA LEU A 844 66.84 -18.57 -55.28
C LEU A 844 67.87 -17.67 -55.96
N ILE A 845 67.70 -16.35 -55.80
CA ILE A 845 68.40 -15.37 -56.62
C ILE A 845 69.91 -15.58 -56.64
N THR A 846 70.46 -16.29 -55.65
CA THR A 846 71.89 -16.52 -55.58
C THR A 846 72.42 -17.10 -56.89
N ASN A 847 71.63 -17.96 -57.55
CA ASN A 847 72.03 -18.52 -58.83
C ASN A 847 71.14 -18.07 -59.98
N PHE A 848 70.28 -17.08 -59.76
CA PHE A 848 69.40 -16.61 -60.81
C PHE A 848 70.10 -15.70 -61.82
N GLU A 849 71.43 -15.62 -61.74
CA GLU A 849 72.20 -14.98 -62.79
C GLU A 849 73.45 -15.76 -63.17
N LYS A 850 73.85 -16.76 -62.38
CA LYS A 850 75.12 -17.45 -62.54
C LYS A 850 74.93 -18.96 -62.60
N ASP A 851 73.81 -19.42 -63.15
CA ASP A 851 73.50 -20.84 -63.17
C ASP A 851 74.55 -21.66 -63.91
N SER A 856 72.04 -27.22 -63.38
CA SER A 856 71.11 -28.30 -63.69
C SER A 856 69.71 -27.75 -63.92
N LYS A 857 68.71 -28.39 -63.31
CA LYS A 857 67.34 -27.91 -63.40
C LYS A 857 66.61 -27.97 -62.07
N TYR A 858 67.28 -28.39 -61.00
CA TYR A 858 66.68 -28.58 -59.68
C TYR A 858 65.39 -29.40 -59.79
N LYS A 859 65.56 -30.65 -60.22
CA LYS A 859 64.51 -31.66 -60.18
C LYS A 859 64.98 -32.91 -59.45
N ASN A 860 65.99 -32.78 -58.62
CA ASN A 860 66.57 -33.86 -57.82
C ASN A 860 67.48 -33.24 -56.78
N ILE A 861 68.22 -34.07 -56.05
CA ILE A 861 69.06 -33.60 -54.95
C ILE A 861 70.54 -33.55 -55.32
N ASN A 862 70.93 -34.18 -56.42
CA ASN A 862 72.34 -34.32 -56.80
C ASN A 862 72.98 -32.96 -57.05
N ASN A 863 72.23 -31.90 -56.83
CA ASN A 863 72.64 -30.53 -57.04
C ASN A 863 72.35 -29.67 -55.83
N TRP A 864 72.61 -30.20 -54.63
CA TRP A 864 72.55 -29.42 -53.41
C TRP A 864 73.75 -29.72 -52.52
N THR A 865 74.25 -28.68 -51.85
CA THR A 865 75.44 -28.77 -51.02
C THR A 865 75.07 -28.99 -49.56
N ASP A 866 75.85 -29.84 -48.89
CA ASP A 866 75.64 -30.10 -47.48
C ASP A 866 76.25 -29.04 -46.57
N ASP A 867 76.89 -28.02 -47.15
CA ASP A 867 77.57 -26.98 -46.38
C ASP A 867 76.84 -25.65 -46.37
N GLN A 868 76.19 -25.28 -47.47
CA GLN A 868 75.50 -24.00 -47.56
C GLN A 868 74.15 -24.04 -46.84
N GLU A 869 73.89 -25.08 -46.04
CA GLU A 869 72.54 -25.28 -45.50
C GLU A 869 72.25 -24.33 -44.35
N GLN A 870 73.25 -24.03 -43.51
CA GLN A 870 72.97 -23.21 -42.34
C GLN A 870 72.77 -21.75 -42.71
N ALA A 871 73.63 -21.20 -43.55
CA ALA A 871 73.37 -19.87 -44.10
C ALA A 871 72.14 -19.88 -45.00
N PHE A 872 71.88 -21.02 -45.64
CA PHE A 872 70.68 -21.14 -46.46
C PHE A 872 69.43 -20.96 -45.61
N GLN A 873 69.36 -21.65 -44.48
CA GLN A 873 68.23 -21.49 -43.57
C GLN A 873 68.28 -20.16 -42.85
N LYS A 874 69.46 -19.53 -42.73
CA LYS A 874 69.50 -18.15 -42.27
C LYS A 874 68.69 -17.26 -43.20
N LYS A 875 68.97 -17.33 -44.50
CA LYS A 875 68.21 -16.56 -45.48
C LYS A 875 66.74 -16.98 -45.47
N LEU A 876 66.47 -18.28 -45.43
CA LEU A 876 65.08 -18.74 -45.38
C LEU A 876 64.40 -18.39 -44.06
N GLN A 877 65.17 -18.06 -43.03
CA GLN A 877 64.60 -17.68 -41.74
C GLN A 877 64.30 -16.19 -41.71
N ASP A 878 65.06 -15.40 -42.46
CA ASP A 878 64.50 -14.12 -42.91
C ASP A 878 63.20 -14.37 -43.64
N ASN A 879 63.20 -15.35 -44.53
CA ASN A 879 62.05 -15.56 -45.42
C ASN A 879 60.79 -15.87 -44.64
N ILE A 880 60.87 -16.75 -43.65
CA ILE A 880 59.68 -17.35 -43.05
C ILE A 880 58.78 -16.30 -42.44
N LEU A 881 59.33 -15.25 -41.84
CA LEU A 881 58.48 -14.27 -41.17
C LEU A 881 57.54 -13.60 -42.17
N GLY A 882 58.09 -13.06 -43.26
CA GLY A 882 57.23 -12.57 -44.31
C GLY A 882 56.42 -13.65 -44.98
N ILE A 883 56.91 -14.89 -44.95
CA ILE A 883 56.15 -15.99 -45.52
C ILE A 883 54.83 -16.17 -44.78
N PHE A 884 54.88 -16.29 -43.46
CA PHE A 884 53.61 -16.44 -42.77
C PHE A 884 52.92 -15.11 -42.51
N GLN A 885 53.55 -13.97 -42.80
CA GLN A 885 52.73 -12.78 -42.88
C GLN A 885 51.89 -12.80 -44.15
N VAL A 886 52.43 -13.40 -45.23
CA VAL A 886 51.60 -13.67 -46.39
C VAL A 886 50.55 -14.74 -46.05
N PHE A 887 50.90 -15.67 -45.16
CA PHE A 887 49.90 -16.62 -44.65
C PHE A 887 48.72 -15.89 -44.03
N SER A 888 49.01 -14.95 -43.13
CA SER A 888 47.95 -14.15 -42.54
C SER A 888 47.28 -13.26 -43.58
N SER A 889 47.99 -12.92 -44.66
CA SER A 889 47.36 -12.20 -45.75
C SER A 889 46.27 -13.03 -46.40
N ASP A 890 46.54 -14.31 -46.63
CA ASP A 890 45.54 -15.18 -47.23
C ASP A 890 44.46 -15.60 -46.24
N ILE A 891 44.82 -15.75 -44.96
CA ILE A 891 43.87 -16.23 -43.95
C ILE A 891 43.03 -15.08 -43.41
N HIS A 892 43.67 -14.12 -42.76
CA HIS A 892 43.01 -12.91 -42.32
C HIS A 892 42.82 -12.02 -43.53
N ASP A 893 42.21 -12.57 -44.58
CA ASP A 893 42.05 -11.84 -45.83
C ASP A 893 40.78 -11.01 -45.71
N VAL A 894 40.98 -9.71 -45.49
CA VAL A 894 39.89 -8.79 -45.23
C VAL A 894 38.89 -8.72 -46.38
N GLU A 895 39.22 -9.29 -47.54
CA GLU A 895 38.39 -9.12 -48.72
C GLU A 895 36.99 -9.65 -48.50
N GLY A 896 36.87 -10.84 -47.89
CA GLY A 896 35.57 -11.43 -47.69
C GLY A 896 35.25 -12.48 -48.73
N ARG A 897 35.61 -12.19 -50.00
CA ARG A 897 35.51 -13.20 -51.04
C ARG A 897 36.48 -14.35 -50.79
N THR A 898 37.46 -14.15 -49.92
CA THR A 898 38.33 -15.25 -49.49
C THR A 898 37.51 -16.29 -48.76
N THR A 899 38.10 -17.47 -48.61
CA THR A 899 37.42 -18.56 -47.91
C THR A 899 38.52 -19.41 -47.26
N TYR A 900 38.21 -20.65 -46.89
CA TYR A 900 39.17 -21.43 -46.13
C TYR A 900 40.04 -22.33 -46.99
N TYR A 901 39.88 -22.28 -48.32
CA TYR A 901 40.85 -23.08 -49.10
C TYR A 901 42.22 -22.45 -48.87
N GLU A 902 42.30 -21.12 -48.93
CA GLU A 902 43.58 -20.43 -48.63
C GLU A 902 44.06 -20.81 -47.24
N LYS A 903 43.15 -21.05 -46.29
CA LYS A 903 43.56 -21.35 -44.89
C LYS A 903 44.20 -22.75 -44.81
N LEU A 904 43.63 -23.75 -45.50
CA LEU A 904 44.29 -25.08 -45.51
C LEU A 904 45.56 -25.01 -46.37
N ARG A 905 45.61 -24.05 -47.31
CA ARG A 905 46.84 -23.88 -48.11
C ARG A 905 47.93 -23.37 -47.18
N VAL A 906 47.57 -22.48 -46.26
CA VAL A 906 48.53 -21.93 -45.26
C VAL A 906 48.92 -23.08 -44.33
N ILE A 907 47.96 -23.96 -44.03
CA ILE A 907 48.31 -25.16 -43.23
C ILE A 907 49.45 -25.85 -43.98
N ASN A 908 49.22 -26.18 -45.26
CA ASN A 908 50.25 -26.85 -46.10
C ASN A 908 51.58 -26.09 -46.00
N GLY A 909 51.56 -24.77 -46.23
CA GLY A 909 52.77 -23.95 -46.15
C GLY A 909 53.54 -24.19 -44.86
N ILE A 910 52.90 -23.90 -43.72
CA ILE A 910 53.61 -24.03 -42.41
C ILE A 910 54.15 -25.47 -42.32
N SER A 911 53.32 -26.47 -42.65
CA SER A 911 53.78 -27.88 -42.64
C SER A 911 55.11 -27.98 -43.38
N PHE A 912 55.10 -27.80 -44.71
CA PHE A 912 56.31 -27.87 -45.54
C PHE A 912 57.49 -27.18 -44.88
N LEU A 913 57.32 -25.90 -44.54
CA LEU A 913 58.52 -25.19 -44.03
C LEU A 913 59.02 -25.91 -42.77
N ILE A 914 58.24 -26.00 -41.70
CA ILE A 914 58.82 -26.62 -40.46
C ILE A 914 59.38 -28.03 -40.76
N ILE A 915 58.79 -28.76 -41.72
CA ILE A 915 59.27 -30.13 -42.11
C ILE A 915 60.70 -30.05 -42.67
N TYR A 916 60.91 -29.43 -43.83
CA TYR A 916 62.29 -29.48 -44.38
C TYR A 916 63.17 -28.39 -43.77
N ALA A 917 62.66 -27.72 -42.73
CA ALA A 917 63.34 -26.58 -42.16
C ALA A 917 63.92 -27.00 -40.81
N PRO A 918 65.16 -26.66 -40.52
CA PRO A 918 65.76 -27.12 -39.28
C PRO A 918 65.39 -26.29 -38.07
N LYS A 919 66.13 -26.50 -36.98
CA LYS A 919 65.72 -25.98 -35.69
C LYS A 919 65.60 -24.46 -35.70
N LYS A 920 66.56 -23.77 -36.31
CA LYS A 920 66.52 -22.31 -36.29
C LYS A 920 65.32 -21.77 -37.04
N SER A 921 65.02 -22.33 -38.20
CA SER A 921 63.84 -21.88 -38.95
C SER A 921 62.56 -22.20 -38.18
N ILE A 922 62.46 -23.39 -37.59
CA ILE A 922 61.22 -23.77 -36.91
C ILE A 922 61.06 -23.08 -35.56
N ILE A 923 62.12 -22.51 -35.00
CA ILE A 923 61.95 -21.71 -33.79
C ILE A 923 61.65 -20.26 -34.15
N SER A 924 62.28 -19.70 -35.21
CA SER A 924 61.83 -18.39 -35.67
C SER A 924 60.42 -18.46 -36.21
N ALA A 925 59.94 -19.65 -36.51
CA ALA A 925 58.53 -19.87 -36.78
C ALA A 925 57.83 -20.27 -35.47
N LEU A 926 57.68 -19.29 -34.58
CA LEU A 926 56.78 -19.51 -33.44
C LEU A 926 55.78 -18.38 -33.22
N ALA A 927 56.17 -17.13 -33.47
CA ALA A 927 55.50 -15.99 -32.86
C ALA A 927 54.09 -15.76 -33.38
N GLN A 928 53.96 -15.40 -34.65
CA GLN A 928 52.66 -15.14 -35.26
C GLN A 928 52.07 -16.39 -35.89
N ILE A 929 52.82 -17.48 -35.88
CA ILE A 929 52.41 -18.69 -36.56
C ILE A 929 51.19 -19.29 -35.87
N SER A 930 51.25 -19.40 -34.53
CA SER A 930 50.11 -19.94 -33.80
C SER A 930 48.87 -19.13 -34.08
N ILE A 931 49.01 -17.83 -34.30
CA ILE A 931 47.87 -16.99 -34.63
C ILE A 931 47.36 -17.30 -36.03
N CYS A 932 48.26 -17.47 -37.00
CA CYS A 932 47.83 -17.82 -38.36
C CYS A 932 47.03 -19.12 -38.35
N LEU A 933 47.58 -20.17 -37.75
CA LEU A 933 46.82 -21.41 -37.83
C LEU A 933 45.74 -21.50 -36.76
N GLN A 934 45.73 -20.62 -35.76
CA GLN A 934 44.60 -20.60 -34.84
C GLN A 934 43.41 -19.90 -35.49
N THR A 935 43.70 -18.91 -36.34
CA THR A 935 42.66 -18.36 -37.21
C THR A 935 42.13 -19.43 -38.14
N GLY A 936 43.02 -20.27 -38.67
CA GLY A 936 42.57 -21.45 -39.37
C GLY A 936 41.71 -22.35 -38.49
N LEU A 937 42.14 -22.56 -37.25
CA LEU A 937 41.52 -23.55 -36.38
C LEU A 937 40.14 -23.12 -35.92
N GLY A 938 39.94 -21.82 -35.69
CA GLY A 938 38.62 -21.34 -35.33
C GLY A 938 37.60 -21.59 -36.42
N LEU A 939 38.04 -21.51 -37.68
CA LEU A 939 37.15 -21.82 -38.79
C LEU A 939 36.77 -23.29 -38.73
N LYS A 940 35.48 -23.56 -38.82
CA LYS A 940 34.99 -24.93 -38.63
C LYS A 940 35.60 -25.89 -39.63
N GLU A 941 35.65 -25.48 -40.90
CA GLU A 941 35.91 -26.39 -42.00
C GLU A 941 37.38 -26.54 -42.35
N VAL A 942 38.28 -25.95 -41.57
CA VAL A 942 39.70 -26.28 -41.67
C VAL A 942 40.23 -26.61 -40.29
N ARG A 943 39.33 -27.04 -39.40
CA ARG A 943 39.76 -27.57 -38.10
C ARG A 943 40.58 -28.84 -38.28
N TYR A 944 40.17 -29.72 -39.20
CA TYR A 944 40.90 -30.97 -39.40
C TYR A 944 42.33 -30.70 -39.87
N GLU A 945 42.46 -29.96 -40.96
CA GLU A 945 43.79 -29.59 -41.44
C GLU A 945 44.54 -28.82 -40.38
N ALA A 946 43.81 -28.02 -39.60
CA ALA A 946 44.44 -27.24 -38.54
C ALA A 946 45.08 -28.15 -37.51
N PHE A 947 44.39 -29.21 -37.12
CA PHE A 947 44.99 -30.14 -36.19
C PHE A 947 46.04 -31.00 -36.87
N ARG A 948 45.95 -31.16 -38.19
CA ARG A 948 47.03 -31.83 -38.91
C ARG A 948 48.34 -31.07 -38.75
N CYS A 949 48.32 -29.81 -39.13
CA CYS A 949 49.53 -29.01 -38.97
C CYS A 949 49.89 -28.86 -37.51
N TRP A 950 48.91 -28.72 -36.62
CA TRP A 950 49.22 -28.63 -35.20
C TRP A 950 49.95 -29.89 -34.73
N HIS A 951 49.53 -31.06 -35.19
CA HIS A 951 50.20 -32.30 -34.79
C HIS A 951 51.59 -32.41 -35.38
N LEU A 952 51.77 -31.96 -36.61
CA LEU A 952 53.11 -32.01 -37.18
C LEU A 952 54.03 -30.97 -36.55
N LEU A 953 53.48 -29.85 -36.06
CA LEU A 953 54.24 -28.95 -35.19
C LEU A 953 54.61 -29.64 -33.88
N VAL A 954 53.66 -30.37 -33.30
CA VAL A 954 53.95 -31.16 -32.09
C VAL A 954 55.14 -32.08 -32.34
N ARG A 955 55.14 -32.74 -33.50
CA ARG A 955 56.29 -33.53 -33.89
C ARG A 955 57.53 -32.67 -34.14
N HIS A 956 57.34 -31.39 -34.48
CA HIS A 956 58.44 -30.56 -34.96
C HIS A 956 58.99 -29.58 -33.94
N LEU A 957 58.60 -29.67 -32.67
CA LEU A 957 59.38 -28.98 -31.65
C LEU A 957 59.08 -29.61 -30.30
N ASN A 958 60.10 -30.24 -29.73
CA ASN A 958 59.96 -31.23 -28.67
C ASN A 958 59.71 -30.58 -27.30
N ASP A 959 59.82 -31.38 -26.23
CA ASP A 959 59.18 -31.08 -24.95
C ASP A 959 59.79 -29.89 -24.22
N GLU A 960 61.11 -29.69 -24.30
CA GLU A 960 61.74 -28.68 -23.48
C GLU A 960 61.22 -27.28 -23.82
N GLU A 961 60.77 -27.08 -25.05
CA GLU A 961 60.28 -25.79 -25.51
C GLU A 961 58.90 -25.93 -26.15
N LEU A 962 58.35 -24.81 -26.60
CA LEU A 962 57.03 -24.67 -27.20
C LEU A 962 55.90 -24.91 -26.20
N SER A 963 56.22 -25.14 -24.93
CA SER A 963 55.18 -25.30 -23.91
C SER A 963 54.35 -24.02 -23.76
N THR A 964 54.72 -22.99 -24.51
CA THR A 964 53.88 -21.79 -24.58
C THR A 964 52.54 -22.11 -25.22
N VAL A 965 52.55 -22.87 -26.31
CA VAL A 965 51.39 -22.90 -27.19
C VAL A 965 50.68 -24.25 -27.11
N ILE A 966 50.76 -24.91 -25.96
CA ILE A 966 49.80 -25.99 -25.71
C ILE A 966 48.55 -25.46 -25.03
N ASP A 967 48.59 -24.25 -24.47
CA ASP A 967 47.39 -23.69 -23.88
C ASP A 967 46.30 -23.51 -24.92
N SER A 968 46.65 -22.90 -26.06
CA SER A 968 45.66 -22.66 -27.10
C SER A 968 45.02 -23.96 -27.55
N LEU A 969 45.79 -25.03 -27.63
CA LEU A 969 45.26 -26.26 -28.19
C LEU A 969 44.50 -27.11 -27.19
N ILE A 970 45.04 -27.32 -25.99
CA ILE A 970 44.23 -28.01 -24.98
C ILE A 970 42.96 -27.22 -24.73
N ALA A 971 43.02 -25.89 -24.84
CA ALA A 971 41.82 -25.09 -24.69
C ALA A 971 40.84 -25.34 -25.82
N PHE A 972 41.32 -25.30 -27.07
CA PHE A 972 40.40 -25.45 -28.18
C PHE A 972 39.75 -26.81 -28.14
N ILE A 973 40.48 -27.83 -27.69
CA ILE A 973 39.95 -29.18 -27.75
C ILE A 973 39.05 -29.48 -26.55
N LEU A 974 39.46 -29.08 -25.33
CA LEU A 974 38.56 -29.19 -24.20
C LEU A 974 37.38 -28.25 -24.31
N GLN A 975 37.42 -27.29 -25.23
CA GLN A 975 36.38 -26.30 -25.38
C GLN A 975 35.39 -26.64 -26.48
N LYS A 976 35.81 -27.36 -27.52
CA LYS A 976 34.88 -27.76 -28.56
C LYS A 976 34.75 -29.26 -28.70
N TRP A 977 35.26 -30.03 -27.74
CA TRP A 977 35.14 -31.48 -27.84
C TRP A 977 33.69 -31.94 -27.81
N SER A 978 32.78 -31.09 -27.33
CA SER A 978 31.36 -31.36 -27.47
C SER A 978 30.89 -31.24 -28.91
N GLU A 979 31.74 -30.74 -29.81
CA GLU A 979 31.48 -30.76 -31.23
C GLU A 979 32.21 -31.88 -31.95
N PHE A 980 33.45 -32.15 -31.55
CA PHE A 980 34.40 -32.84 -32.41
C PHE A 980 33.90 -34.22 -32.84
N ASN A 981 34.01 -34.50 -34.13
CA ASN A 981 33.51 -35.73 -34.74
C ASN A 981 34.50 -36.87 -34.58
N GLY A 982 34.29 -37.95 -35.32
CA GLY A 982 35.23 -39.06 -35.27
C GLY A 982 36.63 -38.69 -35.73
N LYS A 983 36.73 -38.04 -36.88
CA LYS A 983 38.05 -37.79 -37.44
C LYS A 983 38.77 -36.66 -36.71
N LEU A 984 38.06 -35.59 -36.40
CA LEU A 984 38.62 -34.56 -35.54
C LEU A 984 39.02 -35.17 -34.20
N ARG A 985 38.20 -36.06 -33.68
CA ARG A 985 38.45 -36.60 -32.35
C ARG A 985 39.64 -37.55 -32.35
N ASN A 986 39.82 -38.35 -33.38
CA ASN A 986 40.96 -39.26 -33.29
C ASN A 986 42.25 -38.56 -33.71
N ILE A 987 42.18 -37.50 -34.52
CA ILE A 987 43.41 -36.76 -34.73
C ILE A 987 43.77 -35.96 -33.48
N VAL A 988 42.79 -35.48 -32.72
CA VAL A 988 43.17 -34.82 -31.47
C VAL A 988 43.64 -35.85 -30.46
N TYR A 989 43.06 -37.05 -30.48
CA TYR A 989 43.61 -38.12 -29.66
C TYR A 989 45.04 -38.41 -30.04
N SER A 990 45.36 -38.35 -31.33
CA SER A 990 46.73 -38.52 -31.78
C SER A 990 47.62 -37.40 -31.28
N ILE A 991 47.11 -36.16 -31.30
CA ILE A 991 47.81 -35.06 -30.67
C ILE A 991 48.19 -35.45 -29.25
N LEU A 992 47.19 -35.88 -28.48
CA LEU A 992 47.39 -36.18 -27.08
C LEU A 992 48.38 -37.32 -26.88
N ASP A 993 48.27 -38.37 -27.68
CA ASP A 993 49.12 -39.53 -27.42
C ASP A 993 50.55 -39.26 -27.85
N THR A 994 50.75 -38.46 -28.91
CA THR A 994 52.09 -37.97 -29.20
C THR A 994 52.61 -37.11 -28.07
N LEU A 995 51.73 -36.29 -27.48
CA LEU A 995 52.11 -35.47 -26.34
C LEU A 995 52.59 -36.35 -25.19
N ILE A 996 51.89 -37.45 -24.94
CA ILE A 996 52.26 -38.36 -23.87
C ILE A 996 53.55 -39.10 -24.20
N LYS A 997 53.72 -39.50 -25.46
CA LYS A 997 54.85 -40.33 -25.85
C LYS A 997 56.13 -39.54 -26.00
N GLU A 998 56.05 -38.22 -26.13
CA GLU A 998 57.27 -37.40 -26.19
C GLU A 998 57.39 -36.43 -25.02
N LYS A 999 56.34 -35.64 -24.76
CA LYS A 999 56.45 -34.47 -23.91
C LYS A 999 55.63 -34.56 -22.63
N SER A 1000 55.72 -35.70 -21.94
CA SER A 1000 55.21 -35.76 -20.57
C SER A 1000 55.92 -34.73 -19.70
N ASP A 1001 57.20 -34.48 -19.94
CA ASP A 1001 57.90 -33.41 -19.24
C ASP A 1001 57.28 -32.06 -19.54
N LEU A 1002 56.92 -31.82 -20.80
CA LEU A 1002 56.26 -30.56 -21.15
C LEU A 1002 54.92 -30.43 -20.42
N ILE A 1003 54.08 -31.47 -20.54
CA ILE A 1003 52.71 -31.37 -20.05
C ILE A 1003 52.69 -31.30 -18.53
N LEU A 1004 53.27 -32.30 -17.87
CA LEU A 1004 53.09 -32.42 -16.42
C LEU A 1004 54.14 -31.66 -15.61
N LYS A 1005 55.27 -31.28 -16.19
CA LYS A 1005 56.26 -30.51 -15.45
C LYS A 1005 56.24 -29.02 -15.77
N LEU A 1006 55.83 -28.64 -16.98
CA LEU A 1006 55.86 -27.23 -17.36
C LEU A 1006 54.49 -26.55 -17.30
N LYS A 1007 53.42 -27.22 -17.73
CA LYS A 1007 52.08 -26.66 -17.69
C LYS A 1007 51.13 -27.61 -16.96
N PRO A 1008 51.16 -27.59 -15.64
CA PRO A 1008 50.39 -28.59 -14.87
C PRO A 1008 48.89 -28.44 -15.00
N TYR A 1009 48.41 -27.21 -15.23
CA TYR A 1009 46.99 -27.03 -15.48
C TYR A 1009 46.56 -27.80 -16.72
N THR A 1010 47.49 -28.10 -17.63
CA THR A 1010 47.14 -28.94 -18.76
C THR A 1010 46.77 -30.35 -18.31
N THR A 1011 47.58 -30.96 -17.44
CA THR A 1011 47.23 -32.28 -16.92
C THR A 1011 45.92 -32.22 -16.14
N LEU A 1012 45.79 -31.22 -15.27
CA LEU A 1012 44.59 -31.14 -14.45
C LEU A 1012 43.35 -30.91 -15.30
N ALA A 1013 43.48 -30.13 -16.38
CA ALA A 1013 42.34 -29.92 -17.27
C ALA A 1013 42.04 -31.18 -18.07
N LEU A 1014 43.07 -31.81 -18.60
CA LEU A 1014 42.91 -33.01 -19.40
C LEU A 1014 42.55 -34.22 -18.56
N VAL A 1015 42.40 -34.07 -17.25
CA VAL A 1015 41.67 -35.06 -16.46
C VAL A 1015 40.49 -34.43 -15.72
N GLY A 1016 40.24 -33.15 -15.91
CA GLY A 1016 39.06 -32.50 -15.35
C GLY A 1016 37.99 -32.29 -16.39
N LYS A 1017 38.25 -32.73 -17.61
CA LYS A 1017 37.22 -32.91 -18.62
C LYS A 1017 37.40 -34.33 -19.14
N PRO A 1018 37.08 -35.34 -18.33
CA PRO A 1018 37.53 -36.71 -18.63
C PRO A 1018 36.71 -37.41 -19.68
N GLU A 1019 35.48 -36.95 -19.95
CA GLU A 1019 34.63 -37.59 -20.94
C GLU A 1019 35.30 -37.65 -22.30
N LEU A 1020 36.25 -36.75 -22.57
CA LEU A 1020 37.09 -36.85 -23.74
C LEU A 1020 37.81 -38.20 -23.81
N GLY A 1021 37.85 -38.94 -22.69
CA GLY A 1021 38.43 -40.26 -22.69
C GLY A 1021 39.93 -40.25 -22.55
N ILE A 1022 40.47 -39.29 -21.80
CA ILE A 1022 41.92 -39.14 -21.74
C ILE A 1022 42.55 -40.33 -21.06
N LEU A 1023 41.87 -40.88 -20.06
CA LEU A 1023 42.29 -42.16 -19.49
C LEU A 1023 42.24 -43.25 -20.55
N ALA A 1024 41.19 -43.27 -21.37
CA ALA A 1024 41.12 -44.23 -22.46
C ALA A 1024 42.21 -44.01 -23.49
N ARG A 1025 42.89 -42.87 -23.45
CA ARG A 1025 44.02 -42.65 -24.34
C ARG A 1025 45.34 -43.08 -23.72
N ASP A 1026 45.57 -42.79 -22.43
CA ASP A 1026 46.72 -43.35 -21.74
C ASP A 1026 46.35 -44.17 -20.53
N GLY A 1027 45.51 -43.66 -19.64
CA GLY A 1027 45.14 -44.41 -18.46
C GLY A 1027 46.15 -44.36 -17.34
N GLN A 1028 47.29 -45.04 -17.52
CA GLN A 1028 48.28 -45.11 -16.44
C GLN A 1028 48.88 -43.75 -16.12
N PHE A 1029 48.65 -42.76 -16.98
CA PHE A 1029 49.01 -41.38 -16.66
C PHE A 1029 48.12 -40.78 -15.59
N ALA A 1030 47.02 -41.45 -15.23
CA ALA A 1030 46.15 -40.91 -14.19
C ALA A 1030 46.89 -40.78 -12.87
N ARG A 1031 47.80 -41.72 -12.59
CA ARG A 1031 48.66 -41.57 -11.43
C ARG A 1031 49.53 -40.33 -11.54
N MET A 1032 50.04 -40.04 -12.75
CA MET A 1032 50.83 -38.83 -12.95
C MET A 1032 50.01 -37.56 -12.73
N VAL A 1033 48.78 -37.50 -13.26
CA VAL A 1033 47.98 -36.29 -13.07
C VAL A 1033 47.56 -36.15 -11.61
N ASN A 1034 47.31 -37.27 -10.92
CA ASN A 1034 47.10 -37.24 -9.48
C ASN A 1034 48.30 -36.64 -8.77
N LYS A 1035 49.50 -37.08 -9.15
CA LYS A 1035 50.72 -36.46 -8.63
C LYS A 1035 50.74 -34.97 -8.90
N ILE A 1036 50.30 -34.56 -10.10
CA ILE A 1036 50.41 -33.16 -10.50
C ILE A 1036 49.49 -32.30 -9.63
N ARG A 1037 48.26 -32.78 -9.40
CA ARG A 1037 47.36 -32.06 -8.52
C ARG A 1037 47.90 -32.00 -7.09
N SER A 1038 48.26 -33.16 -6.52
CA SER A 1038 48.51 -33.21 -5.09
C SER A 1038 49.85 -32.58 -4.72
N THR A 1039 50.89 -32.87 -5.50
CA THR A 1039 52.23 -32.41 -5.14
C THR A 1039 52.36 -30.89 -5.21
N THR A 1040 51.49 -30.22 -5.97
CA THR A 1040 51.60 -28.79 -6.22
C THR A 1040 50.46 -28.04 -5.55
N ASP A 1041 50.80 -27.01 -4.80
CA ASP A 1041 49.84 -25.95 -4.44
C ASP A 1041 49.76 -25.04 -5.66
N LEU A 1042 48.80 -25.33 -6.53
CA LEU A 1042 48.89 -24.94 -7.93
C LEU A 1042 48.05 -23.71 -8.25
N ILE A 1043 47.64 -22.97 -7.22
CA ILE A 1043 46.93 -21.69 -7.35
C ILE A 1043 47.68 -20.69 -8.22
N PRO A 1044 49.02 -20.52 -8.11
CA PRO A 1044 49.64 -19.48 -8.94
C PRO A 1044 49.64 -19.83 -10.41
N ILE A 1045 49.92 -21.09 -10.76
CA ILE A 1045 49.90 -21.47 -12.17
C ILE A 1045 48.49 -21.40 -12.71
N PHE A 1046 47.51 -21.79 -11.89
CA PHE A 1046 46.12 -21.58 -12.29
C PHE A 1046 45.85 -20.12 -12.60
N ALA A 1047 46.40 -19.21 -11.80
CA ALA A 1047 46.24 -17.79 -12.08
C ALA A 1047 46.91 -17.41 -13.39
N ASN A 1048 48.13 -17.89 -13.61
CA ASN A 1048 48.90 -17.44 -14.76
C ASN A 1048 48.27 -17.91 -16.06
N ASN A 1049 47.95 -19.20 -16.15
CA ASN A 1049 47.26 -19.67 -17.35
C ASN A 1049 45.85 -19.09 -17.42
N LEU A 1050 45.26 -18.78 -16.26
CA LEU A 1050 44.05 -17.96 -16.26
C LEU A 1050 44.35 -16.56 -16.78
N LYS A 1051 45.52 -16.00 -16.45
CA LYS A 1051 45.92 -14.70 -16.97
C LYS A 1051 46.08 -14.70 -18.51
N SER A 1052 45.90 -15.85 -19.17
CA SER A 1052 46.06 -15.91 -20.61
C SER A 1052 45.06 -15.00 -21.31
N SER A 1053 45.25 -14.85 -22.62
CA SER A 1053 44.72 -13.70 -23.34
C SER A 1053 43.26 -13.85 -23.76
N ASN A 1054 42.94 -14.89 -24.54
CA ASN A 1054 41.68 -14.88 -25.26
C ASN A 1054 40.68 -15.91 -24.74
N LYS A 1055 39.49 -15.87 -25.36
CA LYS A 1055 38.30 -16.45 -24.77
C LYS A 1055 38.42 -17.96 -24.60
N TYR A 1056 38.99 -18.66 -25.59
CA TYR A 1056 39.02 -20.11 -25.50
C TYR A 1056 39.94 -20.59 -24.37
N VAL A 1057 41.13 -20.00 -24.29
CA VAL A 1057 42.07 -20.44 -23.25
C VAL A 1057 41.53 -20.09 -21.87
N ILE A 1058 41.09 -18.85 -21.68
CA ILE A 1058 40.54 -18.53 -20.37
C ILE A 1058 39.25 -19.30 -20.15
N ASN A 1059 38.61 -19.75 -21.23
CA ASN A 1059 37.37 -20.48 -21.12
C ASN A 1059 37.60 -21.81 -20.44
N GLN A 1060 38.56 -22.59 -20.94
CA GLN A 1060 38.89 -23.81 -20.21
C GLN A 1060 39.45 -23.45 -18.84
N ASN A 1061 40.13 -22.30 -18.73
CA ASN A 1061 40.70 -21.89 -17.46
C ASN A 1061 39.61 -21.84 -16.41
N LEU A 1062 38.53 -21.14 -16.72
CA LEU A 1062 37.43 -20.97 -15.78
C LEU A 1062 36.58 -22.23 -15.63
N ASP A 1063 36.45 -23.04 -16.69
CA ASP A 1063 35.75 -24.31 -16.52
C ASP A 1063 36.43 -25.17 -15.45
N ASP A 1064 37.74 -25.38 -15.59
CA ASP A 1064 38.42 -26.14 -14.55
C ASP A 1064 38.50 -25.35 -13.25
N ILE A 1065 38.41 -24.03 -13.29
CA ILE A 1065 38.22 -23.29 -12.05
C ILE A 1065 36.97 -23.79 -11.34
N GLU A 1066 35.90 -24.00 -12.11
CA GLU A 1066 34.67 -24.48 -11.50
C GLU A 1066 34.88 -25.85 -10.88
N VAL A 1067 35.51 -26.76 -11.63
CA VAL A 1067 35.64 -28.12 -11.09
C VAL A 1067 36.56 -28.11 -9.87
N TYR A 1068 37.64 -27.32 -9.93
CA TYR A 1068 38.56 -27.21 -8.81
C TYR A 1068 37.86 -26.69 -7.57
N LEU A 1069 37.16 -25.57 -7.68
CA LEU A 1069 36.52 -25.03 -6.51
C LEU A 1069 35.40 -25.93 -6.01
N ARG A 1070 34.73 -26.65 -6.90
CA ARG A 1070 33.77 -27.63 -6.42
C ARG A 1070 34.46 -28.69 -5.57
N ARG A 1071 35.62 -29.18 -6.04
CA ARG A 1071 36.36 -30.18 -5.28
C ARG A 1071 36.79 -29.62 -3.94
N LYS A 1072 37.28 -28.39 -3.94
CA LYS A 1072 37.77 -27.79 -2.71
C LYS A 1072 36.64 -27.54 -1.72
N GLN A 1073 35.51 -27.00 -2.21
CA GLN A 1073 34.34 -26.77 -1.37
C GLN A 1073 33.84 -28.06 -0.76
N THR A 1074 33.60 -29.08 -1.59
CA THR A 1074 33.07 -30.35 -1.13
C THR A 1074 34.02 -31.10 -0.20
N GLU A 1075 35.32 -31.06 -0.47
CA GLU A 1075 36.32 -31.58 0.44
C GLU A 1075 36.99 -30.47 1.24
N ARG A 1076 36.20 -29.49 1.70
CA ARG A 1076 36.73 -28.48 2.66
C ARG A 1076 38.24 -28.31 2.47
N SER A 1077 38.70 -27.90 1.29
CA SER A 1077 40.17 -27.88 1.04
C SER A 1077 40.66 -26.54 0.51
N ILE A 1078 39.81 -25.71 -0.11
CA ILE A 1078 40.37 -24.45 -0.70
C ILE A 1078 41.09 -23.69 0.41
N ASP A 1079 42.42 -23.63 0.31
CA ASP A 1079 43.25 -22.98 1.38
C ASP A 1079 42.59 -21.65 1.76
N PHE A 1080 41.97 -21.58 2.94
CA PHE A 1080 41.24 -20.36 3.36
C PHE A 1080 40.90 -20.46 4.85
N THR A 1081 41.92 -20.63 5.72
CA THR A 1081 41.69 -20.71 7.18
C THR A 1081 43.00 -20.35 7.91
N ASP A 1090 48.01 -16.83 -5.92
CA ASP A 1090 47.18 -17.24 -4.80
C ASP A 1090 45.76 -17.55 -5.26
N ILE A 1091 44.95 -18.07 -4.33
CA ILE A 1091 43.50 -18.07 -4.50
C ILE A 1091 43.01 -16.66 -4.75
N THR A 1092 43.47 -15.72 -3.91
CA THR A 1092 43.10 -14.33 -4.07
C THR A 1092 43.62 -13.77 -5.40
N LEU A 1093 44.82 -14.18 -5.80
CA LEU A 1093 45.38 -13.64 -7.03
C LEU A 1093 44.75 -14.27 -8.27
N VAL A 1094 44.37 -15.54 -8.21
CA VAL A 1094 43.60 -16.10 -9.32
C VAL A 1094 42.22 -15.46 -9.35
N LEU A 1095 41.69 -15.09 -8.18
CA LEU A 1095 40.50 -14.26 -8.11
C LEU A 1095 40.66 -12.97 -8.90
N GLY A 1096 41.73 -12.24 -8.60
CA GLY A 1096 41.97 -10.98 -9.29
C GLY A 1096 42.19 -11.17 -10.78
N ALA A 1097 42.89 -12.23 -11.16
CA ALA A 1097 43.09 -12.51 -12.57
C ALA A 1097 41.76 -12.77 -13.26
N LEU A 1098 40.90 -13.54 -12.62
CA LEU A 1098 39.56 -13.77 -13.16
C LEU A 1098 38.82 -12.45 -13.37
N LEU A 1099 38.83 -11.59 -12.37
CA LEU A 1099 38.10 -10.32 -12.53
C LEU A 1099 38.74 -9.42 -13.56
N ASP A 1100 40.06 -9.51 -13.73
CA ASP A 1100 40.70 -8.73 -14.77
C ASP A 1100 40.29 -9.24 -16.15
N THR A 1101 40.08 -10.55 -16.28
CA THR A 1101 39.46 -11.07 -17.50
C THR A 1101 38.07 -10.46 -17.68
N SER A 1102 37.28 -10.48 -16.62
CA SER A 1102 35.94 -9.91 -16.65
C SER A 1102 35.98 -8.49 -17.18
N HIS A 1103 36.88 -7.68 -16.64
CA HIS A 1103 36.93 -6.27 -17.04
C HIS A 1103 37.53 -6.09 -18.44
N LYS A 1104 38.44 -6.97 -18.86
CA LYS A 1104 38.82 -6.93 -20.26
C LYS A 1104 37.64 -7.29 -21.14
N PHE A 1105 36.61 -7.88 -20.56
CA PHE A 1105 35.34 -8.10 -21.23
C PHE A 1105 34.26 -7.13 -20.79
N ARG A 1106 34.64 -5.97 -20.27
CA ARG A 1106 33.67 -5.08 -19.61
C ARG A 1106 32.50 -4.74 -20.50
N ASN A 1107 32.70 -4.69 -21.81
CA ASN A 1107 31.61 -4.63 -22.76
C ASN A 1107 31.68 -5.78 -23.76
N LEU A 1108 32.34 -6.87 -23.38
CA LEU A 1108 32.64 -7.94 -24.31
C LEU A 1108 32.25 -9.27 -23.71
N ASP A 1109 31.82 -10.19 -24.56
CA ASP A 1109 31.68 -11.61 -24.25
C ASP A 1109 30.99 -11.80 -22.89
N LYS A 1110 29.74 -11.36 -22.89
CA LYS A 1110 28.80 -11.56 -21.80
C LYS A 1110 28.87 -12.98 -21.24
N ASP A 1111 29.04 -13.97 -22.10
CA ASP A 1111 28.93 -15.35 -21.65
C ASP A 1111 30.12 -15.74 -20.77
N LEU A 1112 31.35 -15.47 -21.20
CA LEU A 1112 32.45 -15.73 -20.28
C LEU A 1112 32.47 -14.72 -19.15
N CYS A 1113 31.86 -13.57 -19.30
CA CYS A 1113 31.67 -12.72 -18.15
C CYS A 1113 30.82 -13.41 -17.10
N GLU A 1114 29.75 -14.08 -17.52
CA GLU A 1114 28.91 -14.76 -16.53
C GLU A 1114 29.62 -15.97 -15.96
N LYS A 1115 30.38 -16.68 -16.77
CA LYS A 1115 31.16 -17.80 -16.25
C LYS A 1115 32.18 -17.31 -15.22
N CYS A 1116 32.95 -16.30 -15.60
CA CYS A 1116 33.87 -15.57 -14.73
C CYS A 1116 33.19 -15.09 -13.45
N ALA A 1117 31.97 -14.59 -13.58
CA ALA A 1117 31.25 -14.04 -12.44
C ALA A 1117 30.75 -15.15 -11.52
N LYS A 1118 30.23 -16.23 -12.08
CA LYS A 1118 29.90 -17.32 -11.17
C LYS A 1118 31.15 -17.95 -10.60
N CYS A 1119 32.31 -17.72 -11.21
CA CYS A 1119 33.54 -18.27 -10.65
C CYS A 1119 34.07 -17.41 -9.50
N ILE A 1120 34.06 -16.08 -9.66
CA ILE A 1120 34.23 -15.22 -8.49
C ILE A 1120 33.21 -15.50 -7.42
N SER A 1121 32.01 -15.87 -7.84
CA SER A 1121 30.96 -16.12 -6.87
C SER A 1121 31.22 -17.43 -6.12
N MET A 1122 31.81 -18.41 -6.79
CA MET A 1122 32.04 -19.68 -6.17
C MET A 1122 33.35 -19.69 -5.42
N ILE A 1123 34.22 -18.73 -5.72
CA ILE A 1123 35.39 -18.53 -4.87
C ILE A 1123 35.02 -17.75 -3.62
N GLY A 1124 34.14 -16.76 -3.73
CA GLY A 1124 33.47 -16.17 -2.57
C GLY A 1124 33.67 -14.67 -2.45
N VAL A 1125 33.19 -14.15 -1.31
CA VAL A 1125 33.33 -12.73 -0.96
C VAL A 1125 34.80 -12.32 -1.01
N LEU A 1126 35.58 -12.83 -0.03
CA LEU A 1126 37.02 -12.47 0.14
C LEU A 1126 37.17 -11.01 0.58
N ASP A 1127 37.75 -10.79 1.77
CA ASP A 1127 38.00 -9.41 2.27
C ASP A 1127 39.41 -9.37 2.85
N VAL A 1128 40.42 -9.77 2.05
CA VAL A 1128 41.83 -9.87 2.55
C VAL A 1128 41.82 -10.82 3.76
N THR A 1129 41.83 -10.30 4.99
CA THR A 1129 41.72 -11.13 6.22
C THR A 1129 42.61 -12.38 6.13
N LYS A 1130 42.04 -13.53 5.78
CA LYS A 1130 42.81 -14.81 5.75
C LYS A 1130 44.00 -14.72 4.80
N HIS A 1131 43.84 -14.03 3.67
CA HIS A 1131 44.94 -13.92 2.66
C HIS A 1131 45.36 -12.46 2.50
N GLU A 1132 45.68 -12.05 1.26
CA GLU A 1132 46.09 -10.66 0.98
C GLU A 1132 45.75 -10.32 -0.49
N PHE A 1133 44.81 -9.42 -0.71
CA PHE A 1133 44.50 -8.98 -2.10
C PHE A 1133 45.63 -8.05 -2.58
N LYS A 1134 46.53 -8.58 -3.42
CA LYS A 1134 47.66 -7.77 -3.93
C LYS A 1134 47.26 -7.07 -5.23
N ARG A 1135 48.22 -6.40 -5.88
CA ARG A 1135 47.94 -5.70 -7.16
C ARG A 1135 47.79 -6.75 -8.28
N GLU A 1140 56.87 0.49 -12.56
CA GLU A 1140 57.32 0.58 -11.17
C GLU A 1140 57.70 -0.79 -10.63
N ASN A 1141 58.65 -1.45 -11.27
CA ASN A 1141 59.02 -2.81 -10.88
C ASN A 1141 60.48 -2.95 -10.45
N GLU A 1142 61.44 -2.60 -11.30
CA GLU A 1142 62.82 -2.96 -11.01
C GLU A 1142 63.72 -1.82 -11.49
N VAL A 1143 64.92 -1.74 -10.91
CA VAL A 1143 65.78 -0.56 -11.04
C VAL A 1143 66.17 -0.34 -12.49
N TYR A 1144 65.72 0.78 -13.06
CA TYR A 1144 65.82 1.04 -14.48
C TYR A 1144 66.31 2.46 -14.75
N ASP A 1145 66.86 2.64 -15.94
CA ASP A 1145 67.34 3.94 -16.40
C ASP A 1145 67.56 3.83 -17.90
N LEU A 1146 68.23 4.83 -18.47
CA LEU A 1146 68.62 4.86 -19.87
C LEU A 1146 70.11 5.19 -19.98
N ASN A 1147 70.88 4.83 -18.95
CA ASN A 1147 72.27 5.26 -18.84
C ASN A 1147 73.27 4.12 -18.94
N ASP A 1148 73.15 3.10 -18.10
CA ASP A 1148 74.18 2.09 -17.93
C ASP A 1148 73.84 0.79 -18.65
N SER A 1149 74.87 -0.02 -18.87
CA SER A 1149 74.77 -1.16 -19.78
C SER A 1149 73.75 -2.18 -19.31
N VAL A 1150 73.99 -2.80 -18.14
CA VAL A 1150 73.17 -3.92 -17.72
C VAL A 1150 71.76 -3.48 -17.37
N GLN A 1151 71.60 -2.28 -16.80
CA GLN A 1151 70.27 -1.84 -16.43
C GLN A 1151 69.46 -1.41 -17.65
N THR A 1152 70.10 -0.81 -18.66
CA THR A 1152 69.39 -0.62 -19.92
C THR A 1152 69.07 -1.95 -20.59
N ILE A 1153 69.93 -2.96 -20.43
CA ILE A 1153 69.63 -4.28 -20.99
C ILE A 1153 68.39 -4.88 -20.32
N LYS A 1154 68.27 -4.71 -19.00
CA LYS A 1154 67.07 -5.17 -18.31
C LYS A 1154 65.86 -4.31 -18.67
N PHE A 1155 66.07 -3.02 -18.89
CA PHE A 1155 64.98 -2.21 -19.44
C PHE A 1155 64.52 -2.76 -20.79
N LEU A 1156 65.46 -3.27 -21.58
CA LEU A 1156 65.11 -3.86 -22.86
C LEU A 1156 64.48 -5.24 -22.73
N ILE A 1157 64.82 -6.01 -21.70
CA ILE A 1157 64.07 -7.25 -21.46
C ILE A 1157 62.63 -6.89 -21.12
N TRP A 1158 62.44 -5.82 -20.36
CA TRP A 1158 61.11 -5.29 -20.12
C TRP A 1158 60.46 -4.88 -21.44
N VAL A 1159 61.23 -4.21 -22.30
CA VAL A 1159 60.73 -3.70 -23.57
C VAL A 1159 60.22 -4.86 -24.43
N ILE A 1160 61.03 -5.89 -24.61
CA ILE A 1160 60.65 -7.01 -25.45
C ILE A 1160 59.43 -7.72 -24.87
N ASN A 1161 59.48 -8.07 -23.57
CA ASN A 1161 58.39 -8.79 -22.95
C ASN A 1161 57.12 -7.95 -22.85
N ASP A 1162 57.19 -6.64 -23.08
CA ASP A 1162 56.02 -5.80 -22.95
C ASP A 1162 55.66 -5.03 -24.22
N ILE A 1163 56.31 -5.32 -25.35
CA ILE A 1163 55.82 -4.88 -26.65
C ILE A 1163 55.59 -6.05 -27.61
N LEU A 1164 56.53 -6.99 -27.68
CA LEU A 1164 56.39 -8.05 -28.68
C LEU A 1164 55.28 -9.01 -28.32
N VAL A 1165 55.43 -9.75 -27.22
CA VAL A 1165 54.44 -10.76 -26.87
C VAL A 1165 53.06 -10.17 -26.64
N PRO A 1166 52.88 -8.99 -25.99
CA PRO A 1166 51.51 -8.49 -25.85
C PRO A 1166 50.88 -8.12 -27.18
N ALA A 1167 51.52 -7.21 -27.91
CA ALA A 1167 50.92 -6.54 -29.04
C ALA A 1167 51.50 -6.96 -30.38
N PHE A 1168 52.50 -7.83 -30.40
CA PHE A 1168 53.08 -8.25 -31.67
C PHE A 1168 53.01 -9.75 -31.82
N TRP A 1169 53.08 -10.48 -30.70
CA TRP A 1169 52.48 -11.81 -30.74
C TRP A 1169 51.01 -11.69 -31.08
N GLN A 1170 50.39 -10.56 -30.76
CA GLN A 1170 49.03 -10.31 -31.21
C GLN A 1170 49.03 -9.05 -32.08
N SER A 1171 49.34 -9.24 -33.35
CA SER A 1171 49.18 -8.22 -34.38
C SER A 1171 48.85 -8.96 -35.66
N GLU A 1172 48.02 -8.35 -36.50
CA GLU A 1172 47.48 -9.07 -37.65
C GLU A 1172 47.78 -8.46 -39.01
N ASN A 1173 48.60 -7.42 -39.09
CA ASN A 1173 48.86 -6.79 -40.38
C ASN A 1173 50.28 -7.08 -40.85
N PRO A 1174 50.47 -7.77 -41.97
CA PRO A 1174 51.82 -8.16 -42.41
C PRO A 1174 52.83 -7.03 -42.40
N SER A 1175 52.43 -5.82 -42.79
CA SER A 1175 53.36 -4.71 -42.75
C SER A 1175 53.86 -4.48 -41.33
N LYS A 1176 52.98 -4.58 -40.35
CA LYS A 1176 53.44 -4.32 -38.99
C LYS A 1176 54.12 -5.54 -38.37
N GLN A 1177 53.93 -6.75 -38.90
CA GLN A 1177 54.89 -7.76 -38.42
C GLN A 1177 56.26 -7.60 -39.07
N LEU A 1178 56.33 -7.04 -40.28
CA LEU A 1178 57.64 -6.70 -40.80
C LEU A 1178 58.30 -5.62 -39.94
N PHE A 1179 57.51 -4.64 -39.49
CA PHE A 1179 58.03 -3.69 -38.52
C PHE A 1179 58.39 -4.37 -37.20
N VAL A 1180 57.64 -5.41 -36.83
CA VAL A 1180 58.04 -6.23 -35.69
C VAL A 1180 59.45 -6.75 -35.91
N ALA A 1181 59.68 -7.30 -37.09
CA ALA A 1181 61.01 -7.81 -37.42
C ALA A 1181 62.04 -6.71 -37.30
N LEU A 1182 61.74 -5.52 -37.82
CA LEU A 1182 62.68 -4.41 -37.78
C LEU A 1182 63.06 -4.06 -36.33
N VAL A 1183 62.06 -3.84 -35.49
CA VAL A 1183 62.33 -3.44 -34.13
C VAL A 1183 63.09 -4.53 -33.40
N ILE A 1184 62.87 -5.79 -33.78
CA ILE A 1184 63.59 -6.82 -33.06
C ILE A 1184 64.95 -7.18 -33.68
N GLN A 1185 65.26 -6.71 -34.90
CA GLN A 1185 66.68 -6.64 -35.23
C GLN A 1185 67.36 -5.56 -34.40
N GLU A 1186 66.67 -4.45 -34.16
CA GLU A 1186 67.23 -3.47 -33.23
C GLU A 1186 67.49 -4.12 -31.87
N SER A 1187 66.52 -4.91 -31.40
CA SER A 1187 66.67 -5.59 -30.12
C SER A 1187 67.87 -6.52 -30.14
N LEU A 1188 67.93 -7.40 -31.15
CA LEU A 1188 68.99 -8.40 -31.20
C LEU A 1188 70.34 -7.80 -31.55
N LYS A 1189 70.40 -6.53 -31.95
CA LYS A 1189 71.71 -5.91 -32.08
C LYS A 1189 72.13 -5.24 -30.78
N TYR A 1190 71.18 -4.74 -29.99
CA TYR A 1190 71.55 -4.26 -28.66
C TYR A 1190 71.96 -5.41 -27.76
N CYS A 1191 71.34 -6.57 -27.93
CA CYS A 1191 71.92 -7.85 -27.48
C CYS A 1191 72.59 -8.54 -28.66
N GLY A 1192 73.62 -7.88 -29.18
CA GLY A 1192 74.17 -8.16 -30.49
C GLY A 1192 74.88 -9.47 -30.66
N LEU A 1193 75.09 -10.22 -29.58
CA LEU A 1193 75.82 -11.47 -29.65
C LEU A 1193 74.87 -12.65 -29.57
N SER A 1194 75.41 -13.84 -29.84
CA SER A 1194 74.68 -15.05 -30.23
C SER A 1194 73.96 -14.86 -31.55
N SER A 1195 74.12 -13.71 -32.19
CA SER A 1195 73.58 -13.45 -33.52
C SER A 1195 74.60 -13.69 -34.62
N GLU A 1196 75.85 -13.98 -34.28
CA GLU A 1196 76.86 -14.28 -35.28
C GLU A 1196 77.41 -15.70 -35.16
N SER A 1197 77.94 -16.09 -34.00
CA SER A 1197 78.42 -17.46 -33.82
C SER A 1197 78.09 -18.06 -32.47
N TRP A 1198 77.69 -17.26 -31.48
CA TRP A 1198 77.55 -17.77 -30.13
C TRP A 1198 76.33 -18.66 -30.00
N ASP A 1199 76.52 -19.80 -29.36
CA ASP A 1199 75.51 -20.83 -29.18
C ASP A 1199 75.21 -21.00 -27.69
N MET A 1200 74.43 -22.03 -27.37
CA MET A 1200 74.14 -22.30 -25.97
C MET A 1200 75.41 -22.61 -25.20
N ASN A 1201 76.00 -23.79 -25.46
CA ASN A 1201 77.32 -24.14 -24.93
C ASN A 1201 78.12 -24.97 -25.90
N HIS A 1202 77.91 -24.79 -27.21
CA HIS A 1202 78.74 -25.50 -28.19
C HIS A 1202 80.22 -25.26 -27.94
N LYS A 1203 80.61 -24.01 -27.70
CA LYS A 1203 81.98 -23.70 -27.39
C LYS A 1203 82.18 -23.18 -25.96
N GLU A 1204 81.18 -22.49 -25.41
CA GLU A 1204 81.30 -21.85 -24.09
C GLU A 1204 82.46 -20.87 -24.04
N LEU A 1205 82.81 -20.29 -25.19
CA LEU A 1205 84.02 -19.50 -25.31
C LEU A 1205 83.90 -18.12 -24.67
N TYR A 1206 82.70 -17.70 -24.25
CA TYR A 1206 82.57 -16.44 -23.53
C TYR A 1206 81.25 -16.42 -22.78
N PRO A 1207 81.23 -16.00 -21.52
CA PRO A 1207 80.00 -16.00 -20.74
C PRO A 1207 79.10 -14.78 -20.95
N ASN A 1208 79.49 -13.80 -21.77
CA ASN A 1208 78.77 -12.53 -21.80
C ASN A 1208 77.32 -12.72 -22.25
N GLU A 1209 77.12 -13.15 -23.50
CA GLU A 1209 75.76 -13.30 -24.02
C GLU A 1209 75.06 -14.51 -23.42
N ALA A 1210 75.81 -15.51 -22.97
CA ALA A 1210 75.22 -16.59 -22.20
C ALA A 1210 74.56 -16.06 -20.94
N LYS A 1211 75.25 -15.19 -20.21
CA LYS A 1211 74.67 -14.58 -19.02
C LYS A 1211 73.60 -13.55 -19.38
N LEU A 1212 73.72 -12.92 -20.54
CA LEU A 1212 72.63 -12.08 -21.02
C LEU A 1212 71.35 -12.89 -21.15
N TRP A 1213 71.36 -13.89 -22.03
CA TRP A 1213 70.21 -14.71 -22.33
C TRP A 1213 69.82 -15.66 -21.20
N GLU A 1214 70.66 -15.77 -20.17
CA GLU A 1214 70.32 -16.52 -18.96
C GLU A 1214 69.76 -15.63 -17.86
N LYS A 1215 70.12 -14.34 -17.85
CA LYS A 1215 69.34 -13.37 -17.12
C LYS A 1215 67.98 -13.14 -17.76
N PHE A 1216 67.87 -13.47 -19.04
CA PHE A 1216 66.66 -13.17 -19.78
C PHE A 1216 65.62 -14.24 -19.49
N ASN A 1217 64.42 -13.82 -19.10
CA ASN A 1217 63.38 -14.76 -18.74
C ASN A 1217 63.05 -15.64 -19.93
N SER A 1218 62.70 -16.90 -19.64
CA SER A 1218 62.64 -17.91 -20.69
C SER A 1218 61.61 -17.56 -21.75
N VAL A 1219 60.50 -16.93 -21.35
CA VAL A 1219 59.52 -16.48 -22.34
C VAL A 1219 60.15 -15.48 -23.29
N SER A 1220 60.92 -14.53 -22.75
CA SER A 1220 61.58 -13.53 -23.59
C SER A 1220 62.59 -14.19 -24.54
N LYS A 1221 63.47 -15.02 -23.97
CA LYS A 1221 64.50 -15.66 -24.80
C LYS A 1221 63.89 -16.53 -25.87
N THR A 1222 62.78 -17.21 -25.57
CA THR A 1222 62.14 -18.06 -26.56
C THR A 1222 61.33 -17.26 -27.58
N THR A 1223 60.72 -16.15 -27.18
CA THR A 1223 59.90 -15.41 -28.13
C THR A 1223 60.75 -14.59 -29.09
N ILE A 1224 61.94 -14.15 -28.68
CA ILE A 1224 62.69 -13.27 -29.58
C ILE A 1224 64.06 -13.84 -29.95
N TYR A 1225 64.53 -14.83 -29.20
CA TYR A 1225 65.81 -15.45 -29.51
C TYR A 1225 65.94 -15.89 -30.96
N PRO A 1226 64.97 -16.58 -31.57
CA PRO A 1226 65.24 -17.17 -32.87
C PRO A 1226 65.60 -16.17 -33.94
N LEU A 1227 65.17 -14.92 -33.81
CA LEU A 1227 65.36 -13.99 -34.92
C LEU A 1227 66.83 -13.59 -35.05
N LEU A 1228 67.63 -13.83 -34.01
CA LEU A 1228 69.01 -13.37 -33.94
C LEU A 1228 69.80 -13.65 -35.21
N SER A 1229 69.40 -14.64 -36.00
CA SER A 1229 70.02 -14.94 -37.28
C SER A 1229 69.42 -14.13 -38.43
N SER A 1230 68.72 -13.04 -38.14
CA SER A 1230 68.21 -12.15 -39.17
C SER A 1230 68.96 -10.82 -39.12
N LEU A 1231 69.52 -10.44 -40.25
CA LEU A 1231 70.32 -9.23 -40.39
C LEU A 1231 69.57 -8.30 -41.36
N TYR A 1232 68.67 -7.49 -40.81
CA TYR A 1232 67.88 -6.54 -41.58
C TYR A 1232 68.11 -5.14 -41.03
N LEU A 1233 68.21 -4.17 -41.94
CA LEU A 1233 68.41 -2.77 -41.58
C LEU A 1233 67.34 -1.92 -42.27
N ALA A 1234 67.08 -0.75 -41.71
CA ALA A 1234 65.97 0.09 -42.15
C ALA A 1234 66.36 0.86 -43.43
N GLN A 1235 65.55 1.84 -43.80
CA GLN A 1235 65.70 2.59 -45.04
C GLN A 1235 66.00 4.05 -44.73
N SER A 1236 66.22 4.82 -45.79
CA SER A 1236 66.36 6.27 -45.66
C SER A 1236 65.03 6.86 -45.20
N TRP A 1237 65.08 7.68 -44.15
CA TRP A 1237 63.88 8.01 -43.41
C TRP A 1237 62.90 8.82 -44.25
N LYS A 1238 61.64 8.80 -43.81
CA LYS A 1238 60.54 9.42 -44.54
C LYS A 1238 60.52 10.93 -44.27
N GLU A 1239 59.43 11.58 -44.65
CA GLU A 1239 59.29 13.02 -44.50
C GLU A 1239 59.08 13.40 -43.03
N TYR A 1240 58.85 14.69 -42.80
CA TYR A 1240 58.69 15.22 -41.45
C TYR A 1240 57.27 15.68 -41.15
N VAL A 1241 56.74 16.64 -41.93
CA VAL A 1241 55.45 17.26 -41.63
C VAL A 1241 55.49 17.75 -40.18
N PRO A 1242 56.15 18.89 -39.91
CA PRO A 1242 56.55 19.25 -38.54
C PRO A 1242 55.43 19.32 -37.51
N LEU A 1243 55.80 19.63 -36.27
CA LEU A 1243 55.01 19.41 -35.07
C LEU A 1243 54.49 20.72 -34.50
N LYS A 1244 53.89 20.62 -33.31
CA LYS A 1244 53.54 21.73 -32.44
C LYS A 1244 52.33 22.49 -32.94
N TYR A 1245 51.44 21.85 -33.68
CA TYR A 1245 50.21 22.48 -34.13
C TYR A 1245 49.04 21.89 -33.36
N PRO A 1246 48.54 22.58 -32.34
CA PRO A 1246 47.36 22.09 -31.62
C PRO A 1246 46.10 21.98 -32.49
N SER A 1247 46.05 22.61 -33.65
CA SER A 1247 44.89 22.46 -34.53
C SER A 1247 44.76 21.02 -35.03
N ASN A 1248 45.83 20.48 -35.60
CA ASN A 1248 45.84 19.08 -35.93
C ASN A 1248 45.81 18.22 -34.69
N ASN A 1249 46.19 18.77 -33.53
CA ASN A 1249 46.12 18.03 -32.29
C ASN A 1249 44.68 17.89 -31.81
N PHE A 1250 43.81 18.83 -32.19
CA PHE A 1250 42.39 18.69 -31.89
C PHE A 1250 41.70 17.82 -32.93
N LYS A 1251 41.86 18.18 -34.21
CA LYS A 1251 41.20 17.41 -35.25
C LYS A 1251 41.87 16.07 -35.51
N GLU A 1252 42.88 15.69 -34.73
CA GLU A 1252 43.54 14.42 -34.94
C GLU A 1252 43.51 13.58 -33.67
N GLY A 1253 43.64 14.19 -32.50
CA GLY A 1253 43.65 13.40 -31.29
C GLY A 1253 44.86 12.49 -31.19
N TYR A 1254 44.64 11.19 -31.45
CA TYR A 1254 45.70 10.20 -31.35
C TYR A 1254 45.86 9.32 -32.58
N LYS A 1255 45.10 9.55 -33.66
CA LYS A 1255 45.19 8.66 -34.81
C LYS A 1255 46.57 8.76 -35.48
N ILE A 1256 47.00 9.98 -35.80
CA ILE A 1256 48.33 10.17 -36.36
C ILE A 1256 49.13 11.28 -35.71
N TRP A 1257 48.50 12.27 -35.05
CA TRP A 1257 49.23 13.45 -34.62
C TRP A 1257 50.30 13.11 -33.58
N VAL A 1258 49.88 12.59 -32.43
CA VAL A 1258 50.82 12.28 -31.36
C VAL A 1258 51.79 11.19 -31.79
N LYS A 1259 51.47 10.46 -32.86
CA LYS A 1259 52.35 9.38 -33.29
C LYS A 1259 53.50 9.91 -34.15
N ARG A 1260 53.20 10.81 -35.08
CA ARG A 1260 54.28 11.54 -35.76
C ARG A 1260 55.05 12.41 -34.77
N PHE A 1261 54.35 12.90 -33.75
CA PHE A 1261 54.93 13.65 -32.66
C PHE A 1261 56.00 12.82 -31.93
N THR A 1262 55.65 11.59 -31.58
CA THR A 1262 56.62 10.67 -30.98
C THR A 1262 57.73 10.34 -31.96
N LEU A 1263 57.39 10.20 -33.24
CA LEU A 1263 58.39 10.03 -34.31
C LEU A 1263 59.49 11.09 -34.20
N ASP A 1264 59.10 12.36 -34.26
CA ASP A 1264 60.08 13.44 -34.21
C ASP A 1264 60.87 13.43 -32.91
N LEU A 1265 60.18 13.27 -31.77
CA LEU A 1265 60.90 13.37 -30.51
C LEU A 1265 61.92 12.24 -30.36
N LEU A 1266 61.59 11.04 -30.82
CA LEU A 1266 62.57 9.96 -30.78
C LEU A 1266 63.72 10.23 -31.74
N LYS A 1267 63.40 10.60 -32.99
CA LYS A 1267 64.44 10.77 -34.00
C LYS A 1267 65.34 11.97 -33.72
N THR A 1268 64.95 12.82 -32.77
CA THR A 1268 65.82 13.89 -32.32
C THR A 1268 66.38 13.67 -30.92
N GLY A 1269 65.87 12.70 -30.17
CA GLY A 1269 66.34 12.48 -28.82
C GLY A 1269 67.26 11.29 -28.61
N THR A 1270 67.13 10.25 -29.44
CA THR A 1270 67.98 9.08 -29.31
C THR A 1270 68.90 8.84 -30.50
N THR A 1271 68.38 8.97 -31.73
CA THR A 1271 69.18 8.90 -32.96
C THR A 1271 70.12 7.69 -32.96
N GLU A 1272 69.53 6.50 -32.85
CA GLU A 1272 70.21 5.22 -33.00
C GLU A 1272 71.10 4.91 -31.81
N ASN A 1273 71.31 5.89 -30.93
CA ASN A 1273 72.11 5.66 -29.73
C ASN A 1273 71.43 4.72 -28.76
N HIS A 1274 70.16 4.41 -28.96
CA HIS A 1274 69.43 3.57 -28.04
C HIS A 1274 68.38 2.77 -28.80
N PRO A 1275 67.99 1.61 -28.27
CA PRO A 1275 66.96 0.79 -28.94
C PRO A 1275 65.62 1.50 -29.06
N LEU A 1276 65.58 2.74 -28.59
CA LEU A 1276 64.42 3.59 -28.81
C LEU A 1276 64.21 3.86 -30.30
N HIS A 1277 65.29 4.12 -31.04
CA HIS A 1277 65.19 4.88 -32.28
C HIS A 1277 64.31 4.24 -33.36
N VAL A 1278 64.71 3.10 -33.91
CA VAL A 1278 64.14 2.65 -35.17
C VAL A 1278 62.76 2.04 -34.93
N PHE A 1279 62.23 2.18 -33.72
CA PHE A 1279 60.81 1.88 -33.59
C PHE A 1279 59.95 2.98 -34.30
N SER A 1280 60.75 3.83 -34.94
CA SER A 1280 60.36 5.00 -35.69
C SER A 1280 59.24 4.71 -36.69
N SER A 1281 58.99 3.44 -36.96
CA SER A 1281 57.96 3.09 -37.93
C SER A 1281 56.82 2.33 -37.28
N LEU A 1282 56.33 2.82 -36.14
CA LEU A 1282 55.08 2.26 -35.62
C LEU A 1282 53.97 2.69 -36.57
N ILE A 1283 53.88 2.01 -37.71
CA ILE A 1283 52.99 2.40 -38.77
C ILE A 1283 51.71 1.58 -38.72
N GLY A 1288 48.01 1.91 -35.07
CA GLY A 1288 47.84 2.38 -33.71
C GLY A 1288 47.43 1.26 -32.78
N SER A 1289 48.41 0.49 -32.31
CA SER A 1289 48.14 -0.67 -31.48
C SER A 1289 48.68 -0.51 -30.06
N LEU A 1290 49.99 -0.34 -29.90
CA LEU A 1290 50.58 -0.14 -28.59
C LEU A 1290 50.77 1.35 -28.31
N SER A 1291 49.69 2.11 -28.51
CA SER A 1291 49.82 3.55 -28.57
C SER A 1291 50.10 4.13 -27.18
N ASN A 1292 49.12 4.03 -26.28
CA ASN A 1292 49.23 4.66 -24.96
C ASN A 1292 50.32 4.04 -24.09
N PHE A 1293 51.07 3.06 -24.62
CA PHE A 1293 52.24 2.52 -23.95
C PHE A 1293 53.50 3.19 -24.46
N LEU A 1294 53.66 3.26 -25.79
CA LEU A 1294 54.96 3.61 -26.34
C LEU A 1294 55.17 5.12 -26.44
N LEU A 1295 54.10 5.89 -26.61
CA LEU A 1295 54.24 7.34 -26.55
C LEU A 1295 54.93 7.79 -25.26
N PRO A 1296 54.58 7.26 -24.07
CA PRO A 1296 55.46 7.47 -22.91
C PRO A 1296 56.74 6.66 -22.96
N TYR A 1297 56.68 5.40 -23.39
CA TYR A 1297 57.85 4.53 -23.34
C TYR A 1297 59.04 5.10 -24.11
N ILE A 1298 58.82 6.11 -24.96
CA ILE A 1298 59.93 6.84 -25.58
C ILE A 1298 59.92 8.29 -25.11
N SER A 1299 59.49 8.52 -23.88
CA SER A 1299 59.40 9.87 -23.32
C SER A 1299 60.16 9.95 -22.01
N LEU A 1300 61.40 9.46 -22.03
CA LEU A 1300 62.30 9.56 -20.88
C LEU A 1300 63.65 10.18 -21.23
N ASP A 1301 63.83 10.66 -22.45
CA ASP A 1301 65.17 11.10 -22.82
C ASP A 1301 65.57 12.44 -22.18
N ILE A 1302 64.83 12.92 -21.18
CA ILE A 1302 64.99 14.28 -20.65
C ILE A 1302 66.38 14.56 -20.13
N ILE A 1303 67.11 13.54 -19.66
CA ILE A 1303 68.32 13.77 -18.87
C ILE A 1303 69.34 14.60 -19.63
N ILE A 1304 69.32 14.54 -20.97
CA ILE A 1304 70.33 15.25 -21.75
C ILE A 1304 70.14 16.76 -21.75
N LYS A 1305 69.12 17.28 -21.08
CA LYS A 1305 69.06 18.72 -20.79
C LYS A 1305 69.65 19.03 -19.42
N ALA A 1306 70.82 18.49 -19.11
CA ALA A 1306 71.57 18.96 -17.95
C ALA A 1306 72.20 20.30 -18.26
N GLU A 1307 73.08 20.33 -19.24
CA GLU A 1307 73.46 21.54 -19.95
C GLU A 1307 73.10 21.23 -21.41
N LYS A 1308 71.88 21.62 -21.80
CA LYS A 1308 71.32 21.14 -23.05
C LYS A 1308 72.21 21.45 -24.25
N GLY A 1309 72.37 22.73 -24.57
CA GLY A 1309 73.12 23.12 -25.76
C GLY A 1309 72.48 22.58 -27.03
N THR A 1310 71.24 22.13 -26.89
CA THR A 1310 70.47 21.47 -27.95
C THR A 1310 69.07 22.04 -27.96
N PRO A 1311 68.34 21.86 -29.05
CA PRO A 1311 66.89 22.10 -29.02
C PRO A 1311 66.10 21.00 -28.34
N TYR A 1312 66.76 20.09 -27.60
CA TYR A 1312 66.01 18.98 -27.00
C TYR A 1312 65.19 19.43 -25.81
N ALA A 1313 65.74 20.26 -24.92
CA ALA A 1313 64.90 20.80 -23.86
C ALA A 1313 63.87 21.76 -24.44
N ASP A 1314 64.21 22.42 -25.55
CA ASP A 1314 63.24 23.24 -26.26
C ASP A 1314 62.03 22.40 -26.67
N ILE A 1315 62.28 21.26 -27.32
CA ILE A 1315 61.17 20.40 -27.70
C ILE A 1315 60.59 19.66 -26.50
N LEU A 1316 61.32 19.54 -25.39
CA LEU A 1316 60.72 19.00 -24.17
C LEU A 1316 59.62 19.93 -23.66
N ASN A 1317 59.93 21.23 -23.57
CA ASN A 1317 58.91 22.19 -23.21
C ASN A 1317 57.81 22.21 -24.26
N GLY A 1318 58.19 22.10 -25.53
CA GLY A 1318 57.19 22.07 -26.60
C GLY A 1318 56.27 20.87 -26.53
N ILE A 1319 56.79 19.72 -26.13
CA ILE A 1319 55.95 18.54 -26.03
C ILE A 1319 55.07 18.63 -24.80
N ILE A 1320 55.58 19.18 -23.70
CA ILE A 1320 54.74 19.41 -22.53
C ILE A 1320 53.58 20.32 -22.89
N ILE A 1321 53.84 21.39 -23.66
CA ILE A 1321 52.75 22.28 -24.04
C ILE A 1321 51.90 21.71 -25.18
N GLU A 1322 52.41 20.75 -25.94
CA GLU A 1322 51.54 19.99 -26.82
C GLU A 1322 50.52 19.18 -26.02
N PHE A 1323 50.97 18.61 -24.90
CA PHE A 1323 50.05 17.93 -23.99
C PHE A 1323 49.03 18.93 -23.42
N ASP A 1324 49.51 20.09 -23.00
CA ASP A 1324 48.58 21.13 -22.56
C ASP A 1324 47.65 21.58 -23.68
N SER A 1325 48.07 21.43 -24.93
CA SER A 1325 47.16 21.67 -26.05
C SER A 1325 46.05 20.63 -26.06
N ILE A 1326 46.42 19.36 -25.91
CA ILE A 1326 45.42 18.30 -25.77
C ILE A 1326 44.46 18.63 -24.63
N PHE A 1327 45.00 19.20 -23.55
CA PHE A 1327 44.17 19.78 -22.50
C PHE A 1327 43.19 20.80 -23.06
N THR A 1328 43.73 21.88 -23.64
CA THR A 1328 42.89 22.94 -24.21
C THR A 1328 41.80 22.39 -25.11
N CYS A 1329 42.03 21.24 -25.74
CA CYS A 1329 40.91 20.56 -26.37
C CYS A 1329 40.07 20.02 -25.24
N ASN A 1330 39.06 20.78 -24.84
CA ASN A 1330 38.31 20.45 -23.63
C ASN A 1330 36.81 20.32 -23.97
N LEU A 1331 36.50 19.21 -24.62
CA LEU A 1331 35.16 18.72 -24.95
C LEU A 1331 34.41 19.66 -25.89
N GLU A 1332 34.80 20.93 -25.93
CA GLU A 1332 34.31 21.95 -26.88
C GLU A 1332 32.81 21.81 -27.13
N GLY A 1333 32.09 21.21 -26.21
CA GLY A 1333 30.71 20.82 -26.42
C GLY A 1333 30.48 19.78 -27.50
N MET A 1334 31.39 18.82 -27.67
CA MET A 1334 31.12 17.73 -28.60
C MET A 1334 30.91 16.40 -27.88
N ASN A 1335 30.62 15.40 -28.70
CA ASN A 1335 30.00 14.11 -28.42
C ASN A 1335 31.06 13.01 -28.19
N ASN A 1336 30.64 11.75 -28.35
CA ASN A 1336 31.50 10.58 -28.24
C ASN A 1336 32.84 10.79 -28.94
N LEU A 1337 32.83 11.48 -30.08
CA LEU A 1337 34.07 11.69 -30.83
C LEU A 1337 35.14 12.33 -29.94
N GLN A 1338 34.73 13.19 -29.02
CA GLN A 1338 35.66 13.66 -27.99
C GLN A 1338 35.76 12.68 -26.84
N VAL A 1339 34.63 12.17 -26.35
CA VAL A 1339 34.68 11.52 -25.05
C VAL A 1339 35.43 10.19 -25.16
N ASP A 1340 35.90 9.84 -26.37
CA ASP A 1340 36.71 8.65 -26.52
C ASP A 1340 38.15 8.98 -26.92
N SER A 1341 38.34 9.72 -28.01
CA SER A 1341 39.63 9.76 -28.67
C SER A 1341 40.65 10.58 -27.90
N LEU A 1342 40.38 11.88 -27.73
CA LEU A 1342 41.32 12.61 -26.91
C LEU A 1342 41.20 12.25 -25.43
N ARG A 1343 40.14 11.54 -25.04
CA ARG A 1343 40.14 10.93 -23.71
C ARG A 1343 41.28 9.93 -23.58
N MET A 1344 41.44 9.04 -24.56
CA MET A 1344 42.53 8.09 -24.44
C MET A 1344 43.87 8.79 -24.67
N CYS A 1345 43.86 9.91 -25.38
CA CYS A 1345 45.01 10.82 -25.31
C CYS A 1345 45.29 11.23 -23.87
N TYR A 1346 44.23 11.50 -23.10
CA TYR A 1346 44.41 11.90 -21.71
C TYR A 1346 45.13 10.81 -20.94
N GLU A 1347 44.68 9.57 -21.08
CA GLU A 1347 45.42 8.53 -20.38
C GLU A 1347 46.82 8.35 -20.96
N SER A 1348 47.01 8.63 -22.25
CA SER A 1348 48.34 8.59 -22.84
C SER A 1348 49.28 9.50 -22.07
N ILE A 1349 48.86 10.74 -21.89
CA ILE A 1349 49.71 11.75 -21.29
C ILE A 1349 49.82 11.55 -19.78
N PHE A 1350 48.78 11.02 -19.13
CA PHE A 1350 49.01 10.51 -17.79
C PHE A 1350 50.14 9.50 -17.74
N ARG A 1351 50.14 8.53 -18.63
CA ARG A 1351 51.20 7.55 -18.53
C ARG A 1351 52.55 8.20 -18.80
N VAL A 1352 52.60 9.22 -19.67
CA VAL A 1352 53.89 9.85 -19.93
C VAL A 1352 54.40 10.57 -18.68
N PHE A 1353 53.50 11.23 -17.95
CA PHE A 1353 53.91 11.94 -16.74
C PHE A 1353 54.24 10.96 -15.63
N GLU A 1354 53.40 9.95 -15.44
CA GLU A 1354 53.66 8.92 -14.44
C GLU A 1354 54.98 8.23 -14.75
N TYR A 1355 55.35 8.18 -16.04
CA TYR A 1355 56.55 7.52 -16.54
C TYR A 1355 57.80 8.34 -16.26
N CYS A 1356 57.76 9.63 -16.57
CA CYS A 1356 58.88 10.49 -16.20
C CYS A 1356 59.05 10.55 -14.68
N LYS A 1357 57.93 10.61 -13.96
CA LYS A 1357 57.99 10.62 -12.50
C LYS A 1357 58.64 9.35 -11.97
N LYS A 1358 58.26 8.20 -12.51
CA LYS A 1358 58.83 6.94 -12.02
C LYS A 1358 60.31 6.87 -12.36
N TRP A 1359 60.69 7.38 -13.54
CA TRP A 1359 62.11 7.41 -13.87
C TRP A 1359 62.87 8.24 -12.85
N ALA A 1360 62.33 9.40 -12.49
CA ALA A 1360 62.99 10.25 -11.50
C ALA A 1360 63.09 9.54 -10.15
N THR A 1361 62.00 8.91 -9.72
CA THR A 1361 61.98 8.31 -8.38
C THR A 1361 62.97 7.14 -8.29
N GLU A 1362 63.00 6.28 -9.30
CA GLU A 1362 64.00 5.22 -9.29
C GLU A 1362 65.41 5.80 -9.41
N PHE A 1363 65.58 6.81 -10.26
CA PHE A 1363 66.85 7.49 -10.40
C PHE A 1363 67.36 7.96 -9.05
N LYS A 1364 66.44 8.36 -8.18
CA LYS A 1364 66.81 8.73 -6.82
C LYS A 1364 67.15 7.50 -6.00
N GLN A 1365 66.23 6.53 -5.94
CA GLN A 1365 66.32 5.49 -4.92
C GLN A 1365 67.51 4.57 -5.18
N ASN A 1366 67.70 4.14 -6.44
CA ASN A 1366 68.78 3.19 -6.73
C ASN A 1366 70.15 3.82 -6.53
N TYR A 1367 70.31 5.10 -6.91
CA TYR A 1367 71.60 5.76 -6.89
C TYR A 1367 72.10 6.04 -5.48
N SER A 1368 71.22 6.23 -4.51
CA SER A 1368 71.61 6.60 -3.17
C SER A 1368 71.72 5.42 -2.22
N LYS A 1369 71.34 4.21 -2.64
CA LYS A 1369 71.20 3.11 -1.70
C LYS A 1369 72.52 2.77 -1.02
N LEU A 1370 73.65 3.03 -1.69
CA LEU A 1370 74.94 2.66 -1.14
C LEU A 1370 75.36 3.57 0.01
N HIS A 1371 75.12 4.88 -0.15
CA HIS A 1371 75.45 5.91 0.83
C HIS A 1371 74.93 7.24 0.29
N GLY A 1372 75.04 8.28 1.12
CA GLY A 1372 74.40 9.54 0.79
C GLY A 1372 75.28 10.77 0.85
N THR A 1373 76.52 10.66 0.37
CA THR A 1373 77.49 11.75 0.43
C THR A 1373 77.89 12.26 -0.95
N PHE A 1374 76.99 12.18 -1.93
CA PHE A 1374 77.25 12.63 -3.29
C PHE A 1374 76.04 13.33 -3.89
N ILE A 1375 75.35 14.15 -3.08
CA ILE A 1375 73.99 14.58 -3.43
C ILE A 1375 73.97 15.35 -4.74
N ILE A 1376 75.00 16.17 -5.00
CA ILE A 1376 75.05 16.90 -6.27
C ILE A 1376 75.56 15.99 -7.38
N LYS A 1377 76.79 15.53 -7.28
CA LYS A 1377 77.39 14.60 -8.24
C LYS A 1377 77.21 15.06 -9.68
N ASP A 1378 77.87 16.17 -10.02
CA ASP A 1378 78.05 16.62 -11.39
C ASP A 1378 76.71 16.86 -12.11
N THR A 1379 76.01 17.88 -11.62
CA THR A 1379 74.95 18.55 -12.39
C THR A 1379 73.68 17.70 -12.46
N LYS A 1380 73.76 16.47 -11.96
CA LYS A 1380 72.59 15.60 -11.98
C LYS A 1380 71.50 16.13 -11.05
N THR A 1381 71.90 16.70 -9.91
CA THR A 1381 70.91 17.32 -9.04
C THR A 1381 70.23 18.49 -9.74
N THR A 1382 71.01 19.28 -10.48
CA THR A 1382 70.41 20.40 -11.21
C THR A 1382 69.42 19.90 -12.26
N ASN A 1383 69.78 18.86 -13.01
CA ASN A 1383 68.86 18.34 -14.03
C ASN A 1383 67.58 17.79 -13.41
N MET A 1384 67.71 17.00 -12.35
CA MET A 1384 66.54 16.39 -11.73
C MET A 1384 65.62 17.46 -11.13
N LEU A 1385 66.20 18.45 -10.44
CA LEU A 1385 65.38 19.51 -9.88
C LEU A 1385 64.77 20.39 -10.95
N LEU A 1386 65.49 20.61 -12.06
CA LEU A 1386 64.94 21.42 -13.14
C LEU A 1386 63.74 20.73 -13.79
N ARG A 1387 63.85 19.42 -14.03
CA ARG A 1387 62.71 18.71 -14.59
C ARG A 1387 61.53 18.70 -13.62
N ILE A 1388 61.77 18.47 -12.32
CA ILE A 1388 60.65 18.50 -11.39
C ILE A 1388 60.13 19.91 -11.19
N ASP A 1389 60.94 20.94 -11.44
CA ASP A 1389 60.44 22.31 -11.47
C ASP A 1389 59.48 22.52 -12.62
N GLU A 1390 59.84 21.99 -13.81
CA GLU A 1390 58.90 22.04 -14.92
C GLU A 1390 57.61 21.32 -14.57
N PHE A 1391 57.71 20.24 -13.80
CA PHE A 1391 56.51 19.49 -13.43
C PHE A 1391 55.67 20.25 -12.40
N LEU A 1392 56.33 20.92 -11.45
CA LEU A 1392 55.64 21.82 -10.53
C LEU A 1392 55.00 22.99 -11.25
N ARG A 1393 55.53 23.37 -12.40
CA ARG A 1393 54.95 24.47 -13.19
C ARG A 1393 53.73 23.99 -13.98
N THR A 1394 53.92 23.00 -14.86
CA THR A 1394 52.85 22.57 -15.77
C THR A 1394 51.75 21.92 -14.96
N THR A 1395 50.66 22.66 -14.75
CA THR A 1395 49.47 22.10 -14.12
C THR A 1395 48.24 22.99 -14.28
N PRO A 1396 47.57 22.95 -15.44
CA PRO A 1396 46.27 23.61 -15.55
C PRO A 1396 45.24 22.85 -14.73
N SER A 1397 45.28 23.05 -13.41
CA SER A 1397 44.60 22.19 -12.45
C SER A 1397 43.13 22.01 -12.80
N ASP A 1398 42.45 23.10 -13.19
CA ASP A 1398 41.02 23.02 -13.44
C ASP A 1398 40.70 22.03 -14.56
N LEU A 1399 41.21 22.30 -15.76
CA LEU A 1399 40.93 21.43 -16.90
C LEU A 1399 41.47 20.03 -16.66
N LEU A 1400 42.66 19.96 -16.08
CA LEU A 1400 43.26 18.70 -15.64
C LEU A 1400 42.26 17.83 -14.89
N ALA A 1401 41.74 18.34 -13.77
CA ALA A 1401 40.81 17.58 -12.95
C ALA A 1401 39.52 17.29 -13.72
N GLN A 1402 39.02 18.29 -14.43
CA GLN A 1402 37.75 18.12 -15.13
C GLN A 1402 37.79 16.93 -16.07
N ARG A 1403 38.81 16.87 -16.91
CA ARG A 1403 38.88 15.77 -17.86
C ARG A 1403 39.36 14.49 -17.18
N SER A 1404 40.20 14.60 -16.15
CA SER A 1404 40.64 13.46 -15.36
C SER A 1404 39.46 12.67 -14.84
N LEU A 1405 38.44 13.38 -14.37
CA LEU A 1405 37.25 12.73 -13.87
C LEU A 1405 36.21 12.49 -14.95
N GLU A 1406 36.30 13.20 -16.09
CA GLU A 1406 35.52 12.82 -17.25
C GLU A 1406 35.82 11.39 -17.66
N THR A 1407 37.09 11.01 -17.63
CA THR A 1407 37.41 9.58 -17.89
C THR A 1407 37.07 8.75 -16.64
N ASP A 1408 36.72 7.48 -16.81
CA ASP A 1408 36.46 6.60 -15.64
C ASP A 1408 37.80 6.36 -14.93
N SER A 1409 38.23 7.30 -14.09
CA SER A 1409 39.54 7.19 -13.41
C SER A 1409 39.48 7.90 -12.04
N PHE A 1410 40.59 7.92 -11.31
CA PHE A 1410 40.62 8.62 -10.01
C PHE A 1410 42.02 9.09 -9.64
N GLU A 1411 43.06 8.29 -9.93
CA GLU A 1411 44.38 8.66 -9.45
C GLU A 1411 45.06 9.73 -10.30
N ARG A 1412 44.73 9.82 -11.59
CA ARG A 1412 45.36 10.85 -12.42
C ARG A 1412 45.10 12.24 -11.84
N SER A 1413 43.82 12.56 -11.66
CA SER A 1413 43.41 13.73 -10.89
C SER A 1413 44.06 13.75 -9.52
N ALA A 1414 43.93 12.64 -8.78
CA ALA A 1414 44.46 12.60 -7.41
C ALA A 1414 45.89 13.15 -7.34
N LEU A 1415 46.79 12.62 -8.17
CA LEU A 1415 48.22 12.89 -8.03
C LEU A 1415 48.61 14.23 -8.65
N TYR A 1416 48.13 14.51 -9.87
CA TYR A 1416 48.35 15.82 -10.46
C TYR A 1416 47.93 16.93 -9.49
N LEU A 1417 46.72 16.79 -8.97
CA LEU A 1417 46.14 17.77 -8.07
C LEU A 1417 46.87 17.78 -6.75
N GLU A 1418 47.37 16.63 -6.32
CA GLU A 1418 48.20 16.57 -5.12
C GLU A 1418 49.36 17.53 -5.23
N GLN A 1419 50.11 17.45 -6.33
CA GLN A 1419 51.25 18.36 -6.47
C GLN A 1419 50.79 19.81 -6.63
N CYS A 1420 49.82 20.05 -7.53
CA CYS A 1420 49.47 21.45 -7.78
C CYS A 1420 48.67 22.08 -6.65
N TYR A 1421 48.31 21.31 -5.62
CA TYR A 1421 47.79 21.90 -4.40
C TYR A 1421 48.80 21.81 -3.25
N ARG A 1422 49.88 21.05 -3.42
CA ARG A 1422 51.11 21.39 -2.70
C ARG A 1422 51.46 22.83 -2.99
N GLN A 1423 51.26 23.25 -4.24
CA GLN A 1423 51.29 24.68 -4.58
C GLN A 1423 49.87 25.24 -4.46
N ASN A 1424 49.45 25.46 -3.21
CA ASN A 1424 48.16 26.08 -2.94
C ASN A 1424 48.32 27.11 -1.82
N PRO A 1425 47.38 28.04 -1.70
CA PRO A 1425 47.35 28.89 -0.51
C PRO A 1425 47.07 28.07 0.74
N HIS A 1426 47.57 28.56 1.87
CA HIS A 1426 47.43 27.81 3.12
C HIS A 1426 45.96 27.63 3.48
N ASP A 1427 45.20 28.72 3.53
CA ASP A 1427 43.76 28.59 3.61
C ASP A 1427 43.22 27.97 2.33
N LYS A 1428 42.14 27.21 2.46
CA LYS A 1428 41.50 26.59 1.31
C LYS A 1428 40.51 27.59 0.73
N ASN A 1429 40.99 28.42 -0.19
CA ASN A 1429 40.14 29.37 -0.90
C ASN A 1429 40.12 29.16 -2.40
N GLN A 1430 41.10 28.46 -2.96
CA GLN A 1430 41.07 28.01 -4.34
C GLN A 1430 40.18 26.78 -4.52
N ASN A 1431 39.44 26.38 -3.50
CA ASN A 1431 38.80 25.07 -3.48
C ASN A 1431 37.36 25.10 -3.98
N GLY A 1432 36.77 26.29 -4.08
CA GLY A 1432 35.33 26.36 -4.32
C GLY A 1432 34.90 25.62 -5.57
N GLN A 1433 35.63 25.80 -6.66
CA GLN A 1433 35.26 25.16 -7.92
C GLN A 1433 35.52 23.67 -7.89
N LEU A 1434 36.59 23.21 -7.23
CA LEU A 1434 37.00 21.81 -7.27
C LEU A 1434 36.88 21.16 -5.89
N LEU A 1435 35.77 21.41 -5.20
CA LEU A 1435 35.34 20.61 -4.06
C LEU A 1435 34.02 19.91 -4.31
N LYS A 1436 33.42 20.12 -5.48
CA LYS A 1436 32.14 19.54 -5.86
C LYS A 1436 32.29 18.34 -6.78
N ASN A 1437 33.50 17.82 -6.92
CA ASN A 1437 33.89 16.87 -7.95
C ASN A 1437 34.44 15.57 -7.41
N LEU A 1438 35.22 15.61 -6.32
CA LEU A 1438 35.64 14.35 -5.72
C LEU A 1438 34.45 13.63 -5.09
N GLN A 1439 33.49 14.38 -4.53
CA GLN A 1439 32.21 13.84 -4.06
C GLN A 1439 31.26 13.42 -5.20
N ILE A 1440 31.67 13.42 -6.47
CA ILE A 1440 30.89 12.80 -7.53
C ILE A 1440 31.70 11.68 -8.17
N THR A 1441 33.03 11.81 -8.12
CA THR A 1441 33.84 10.72 -8.65
C THR A 1441 33.94 9.58 -7.66
N TYR A 1442 34.03 9.86 -6.36
CA TYR A 1442 34.09 8.79 -5.37
C TYR A 1442 32.86 7.91 -5.40
N GLU A 1443 31.69 8.48 -5.71
CA GLU A 1443 30.46 7.71 -5.62
C GLU A 1443 30.48 6.50 -6.56
N GLU A 1444 31.38 6.51 -7.54
CA GLU A 1444 31.70 5.36 -8.39
C GLU A 1444 33.04 4.71 -8.04
N ILE A 1445 34.07 5.51 -7.75
CA ILE A 1445 35.41 4.98 -7.53
C ILE A 1445 35.44 4.06 -6.32
N GLY A 1446 34.69 4.41 -5.29
CA GLY A 1446 34.60 3.61 -4.09
C GLY A 1446 35.39 4.16 -2.92
N ASP A 1447 36.41 4.96 -3.18
CA ASP A 1447 37.17 5.53 -2.08
C ASP A 1447 36.31 6.59 -1.39
N ILE A 1448 35.22 6.16 -0.78
CA ILE A 1448 34.24 7.07 -0.21
C ILE A 1448 34.78 7.73 1.05
N ASN A 1462 25.63 26.18 6.55
CA ASN A 1462 24.26 25.86 6.19
C ASN A 1462 23.78 24.64 6.97
N LEU A 1463 22.50 24.63 7.29
CA LEU A 1463 22.00 23.69 8.29
C LEU A 1463 22.13 22.26 7.83
N VAL A 1464 21.62 21.96 6.63
CA VAL A 1464 21.77 20.62 6.09
C VAL A 1464 23.24 20.25 6.00
N SER A 1465 24.10 21.22 5.71
CA SER A 1465 25.52 20.92 5.66
C SER A 1465 26.12 20.71 7.05
N LYS A 1466 25.40 21.08 8.11
CA LYS A 1466 25.85 20.82 9.47
C LYS A 1466 25.02 19.77 10.19
N ILE A 1467 24.19 19.02 9.47
CA ILE A 1467 23.55 17.86 10.09
C ILE A 1467 24.37 16.57 9.96
N GLU A 1468 25.03 16.34 8.82
CA GLU A 1468 25.66 15.04 8.62
C GLU A 1468 27.00 14.95 9.33
N GLU A 1469 27.19 15.76 10.36
CA GLU A 1469 28.36 15.73 11.22
C GLU A 1469 28.68 14.34 11.77
N LEU A 1470 27.65 13.59 12.16
CA LEU A 1470 27.81 12.28 12.75
C LEU A 1470 27.48 11.17 11.78
N GLN A 1471 27.16 11.52 10.53
CA GLN A 1471 26.38 10.67 9.64
C GLN A 1471 26.76 9.20 9.77
N TYR A 1472 28.02 8.87 9.53
CA TYR A 1472 28.49 7.50 9.62
C TYR A 1472 29.49 7.32 10.75
N SER A 1473 29.57 8.28 11.65
CA SER A 1473 30.62 8.32 12.66
C SER A 1473 30.37 7.34 13.80
N GLU A 1474 30.28 6.04 13.47
CA GLU A 1474 30.15 4.99 14.48
C GLU A 1474 28.77 5.01 15.13
N ASN A 1475 27.98 6.05 14.83
CA ASN A 1475 26.69 6.24 15.50
C ASN A 1475 25.72 6.77 14.44
N TRP A 1476 25.02 5.84 13.80
CA TRP A 1476 24.26 6.19 12.61
C TRP A 1476 22.88 6.69 12.97
N LYS A 1477 22.22 5.98 13.91
CA LYS A 1477 20.78 6.08 14.12
C LYS A 1477 20.29 7.51 13.99
N LEU A 1478 21.04 8.45 14.56
CA LEU A 1478 20.61 9.84 14.62
C LEU A 1478 20.62 10.50 13.24
N ALA A 1479 21.77 10.53 12.57
CA ALA A 1479 21.78 11.12 11.24
C ALA A 1479 21.04 10.24 10.25
N GLN A 1480 20.89 8.96 10.57
CA GLN A 1480 20.21 8.06 9.67
C GLN A 1480 18.72 8.38 9.63
N ASP A 1481 18.12 8.60 10.79
CA ASP A 1481 16.75 9.05 10.75
C ASP A 1481 16.64 10.55 10.51
N CYS A 1482 17.74 11.30 10.63
CA CYS A 1482 17.77 12.61 9.98
C CYS A 1482 17.38 12.45 8.51
N PHE A 1483 18.05 11.51 7.84
CA PHE A 1483 17.72 11.29 6.44
C PHE A 1483 16.32 10.72 6.25
N ASN A 1484 15.93 9.70 7.03
CA ASN A 1484 14.62 9.12 6.70
C ASN A 1484 13.53 10.17 6.91
N VAL A 1485 13.81 11.16 7.74
CA VAL A 1485 12.91 12.29 7.89
C VAL A 1485 12.98 13.20 6.67
N LEU A 1486 14.16 13.71 6.36
CA LEU A 1486 14.26 14.72 5.30
C LEU A 1486 13.88 14.11 3.96
N GLY A 1487 13.62 12.81 3.96
CA GLY A 1487 13.09 12.14 2.80
C GLY A 1487 11.70 11.59 2.97
N LYS A 1488 11.13 11.70 4.19
CA LYS A 1488 9.69 11.53 4.27
C LYS A 1488 9.00 12.58 3.42
N PHE A 1489 9.62 13.77 3.32
CA PHE A 1489 9.13 14.75 2.37
C PHE A 1489 9.08 14.19 0.96
N SER A 1490 9.89 13.16 0.69
CA SER A 1490 9.82 12.41 -0.56
C SER A 1490 9.75 13.33 -1.77
N ASP A 1491 10.45 14.46 -1.68
CA ASP A 1491 10.45 15.45 -2.75
C ASP A 1491 11.84 15.90 -3.17
N ASP A 1492 12.89 15.62 -2.40
CA ASP A 1492 14.24 16.00 -2.77
C ASP A 1492 15.03 14.75 -3.12
N PRO A 1493 15.37 14.52 -4.39
CA PRO A 1493 15.96 13.24 -4.77
C PRO A 1493 17.40 13.06 -4.35
N LYS A 1494 18.22 14.11 -4.36
CA LYS A 1494 19.60 13.97 -3.92
C LYS A 1494 19.66 13.47 -2.49
N THR A 1495 18.99 14.18 -1.58
CA THR A 1495 18.91 13.69 -0.21
C THR A 1495 18.16 12.38 -0.11
N THR A 1496 17.27 12.06 -1.06
CA THR A 1496 16.58 10.78 -1.04
C THR A 1496 17.54 9.62 -1.26
N THR A 1497 18.43 9.76 -2.25
CA THR A 1497 19.47 8.77 -2.43
C THR A 1497 20.41 8.75 -1.24
N ARG A 1498 20.71 9.94 -0.68
CA ARG A 1498 21.56 10.01 0.50
C ARG A 1498 20.98 9.16 1.63
N MET A 1499 19.71 9.37 1.94
CA MET A 1499 18.91 8.54 2.81
C MET A 1499 19.12 7.07 2.58
N LEU A 1500 18.74 6.64 1.38
CA LEU A 1500 18.65 5.22 1.12
C LEU A 1500 20.02 4.58 1.19
N LYS A 1501 21.01 5.19 0.53
CA LYS A 1501 22.38 4.70 0.60
C LYS A 1501 22.90 4.66 2.02
N SER A 1502 22.50 5.61 2.86
CA SER A 1502 22.99 5.64 4.23
C SER A 1502 22.40 4.50 5.06
N MET A 1503 21.08 4.48 5.19
CA MET A 1503 20.35 3.45 5.95
C MET A 1503 20.29 2.18 5.25
N TYR A 1504 21.13 2.20 4.22
CA TYR A 1504 21.50 1.06 3.42
C TYR A 1504 22.88 0.51 3.77
N ASP A 1505 23.87 1.39 3.98
CA ASP A 1505 25.22 0.90 4.21
C ASP A 1505 25.29 -0.02 5.42
N HIS A 1506 24.73 0.39 6.55
CA HIS A 1506 24.66 -0.50 7.71
C HIS A 1506 23.45 -1.40 7.63
N GLN A 1507 22.89 -1.57 6.43
CA GLN A 1507 22.02 -2.68 6.10
C GLN A 1507 20.76 -2.69 6.98
N LEU A 1508 19.98 -1.62 6.87
CA LEU A 1508 18.61 -1.61 7.39
C LEU A 1508 17.62 -1.80 6.24
N TYR A 1509 17.72 -2.99 5.67
CA TYR A 1509 17.16 -3.21 4.35
C TYR A 1509 15.64 -3.34 4.38
N SER A 1510 15.08 -3.94 5.43
CA SER A 1510 13.62 -3.99 5.44
C SER A 1510 12.97 -2.69 5.92
N GLN A 1511 13.68 -1.82 6.64
CA GLN A 1511 13.16 -0.46 6.66
C GLN A 1511 13.28 0.21 5.31
N ILE A 1512 14.27 -0.17 4.50
CA ILE A 1512 14.33 0.40 3.16
C ILE A 1512 13.10 -0.01 2.36
N ILE A 1513 12.74 -1.29 2.42
CA ILE A 1513 11.51 -1.71 1.74
C ILE A 1513 10.28 -1.21 2.47
N SER A 1514 10.42 -0.79 3.73
CA SER A 1514 9.32 -0.14 4.41
C SER A 1514 9.10 1.26 3.85
N ASN A 1515 10.17 2.02 3.69
CA ASN A 1515 10.10 3.35 3.12
C ASN A 1515 9.97 3.20 1.63
N SER A 1516 8.96 2.42 1.23
CA SER A 1516 8.69 2.11 -0.15
C SER A 1516 7.55 2.96 -0.63
N SER A 1517 7.77 3.67 -1.73
CA SER A 1517 6.71 4.44 -2.34
C SER A 1517 5.79 3.58 -3.20
N PHE A 1518 5.77 2.27 -3.03
CA PHE A 1518 5.02 1.43 -3.96
C PHE A 1518 3.86 0.67 -3.33
N HIS A 1519 4.10 -0.02 -2.21
CA HIS A 1519 3.00 -0.68 -1.51
C HIS A 1519 2.24 0.37 -0.70
N SER A 1520 1.72 1.34 -1.43
CA SER A 1520 1.22 2.59 -0.86
C SER A 1520 0.03 3.03 -1.70
N SER A 1521 -0.36 4.30 -1.54
CA SER A 1521 -1.51 4.81 -2.29
C SER A 1521 -1.36 4.58 -3.78
N ASP A 1522 -0.13 4.66 -4.29
CA ASP A 1522 0.19 4.31 -5.66
C ASP A 1522 1.38 3.36 -5.66
N GLY A 1523 1.67 2.79 -6.82
CA GLY A 1523 2.91 2.08 -6.99
C GLY A 1523 4.08 3.03 -6.83
N LYS A 1524 5.30 2.53 -7.01
CA LYS A 1524 6.47 3.39 -6.84
C LYS A 1524 6.58 4.30 -8.07
N ILE A 1525 7.73 4.93 -8.23
CA ILE A 1525 7.86 5.98 -9.23
C ILE A 1525 7.78 5.30 -10.58
N SER A 1526 6.59 5.28 -11.16
CA SER A 1526 6.25 4.33 -12.21
C SER A 1526 7.08 4.56 -13.47
N LEU A 1527 7.36 3.46 -14.16
CA LEU A 1527 8.27 3.42 -15.31
C LEU A 1527 9.46 4.31 -14.99
N SER A 1528 10.19 3.90 -13.97
CA SER A 1528 11.12 4.75 -13.24
C SER A 1528 12.14 5.41 -14.15
N PRO A 1529 12.00 6.69 -14.38
CA PRO A 1529 13.01 7.43 -15.15
C PRO A 1529 14.29 7.56 -14.34
N ASP A 1530 15.16 8.49 -14.71
CA ASP A 1530 16.49 8.65 -14.14
C ASP A 1530 16.48 8.66 -12.61
N VAL A 1531 15.29 8.60 -12.00
CA VAL A 1531 15.09 8.56 -10.56
C VAL A 1531 14.86 7.13 -10.06
N LYS A 1532 15.41 6.14 -10.78
CA LYS A 1532 15.28 4.73 -10.41
C LYS A 1532 16.32 4.27 -9.39
N GLU A 1533 17.30 5.10 -9.08
CA GLU A 1533 18.34 4.68 -8.14
C GLU A 1533 17.77 4.35 -6.77
N TRP A 1534 16.58 4.84 -6.45
CA TRP A 1534 15.97 4.43 -5.18
C TRP A 1534 15.56 2.97 -5.25
N TYR A 1535 15.01 2.53 -6.38
CA TYR A 1535 14.83 1.10 -6.60
C TYR A 1535 16.17 0.37 -6.50
N SER A 1536 17.19 0.93 -7.15
CA SER A 1536 18.52 0.32 -7.10
C SER A 1536 18.91 0.03 -5.67
N ILE A 1537 18.65 0.98 -4.78
CA ILE A 1537 19.03 0.81 -3.39
C ILE A 1537 18.10 -0.16 -2.67
N GLY A 1538 16.86 -0.26 -3.12
CA GLY A 1538 15.90 -1.02 -2.36
C GLY A 1538 15.71 -2.49 -2.72
N LEU A 1539 15.84 -2.84 -3.99
CA LEU A 1539 15.51 -4.21 -4.37
C LEU A 1539 16.38 -5.22 -3.66
N GLU A 1540 17.68 -4.97 -3.55
CA GLU A 1540 18.50 -5.84 -2.71
C GLU A 1540 17.99 -5.87 -1.28
N ALA A 1541 17.52 -4.73 -0.78
CA ALA A 1541 16.94 -4.71 0.55
C ALA A 1541 15.89 -5.80 0.67
N ALA A 1542 14.94 -5.79 -0.26
CA ALA A 1542 13.94 -6.86 -0.29
C ALA A 1542 14.60 -8.20 -0.56
N ASN A 1543 15.56 -8.21 -1.46
CA ASN A 1543 16.02 -9.40 -2.14
C ASN A 1543 16.78 -10.31 -1.21
N LEU A 1544 17.29 -9.79 -0.11
CA LEU A 1544 17.71 -10.70 0.95
C LEU A 1544 16.88 -10.60 2.22
N GLU A 1545 16.16 -9.51 2.43
CA GLU A 1545 15.21 -9.44 3.54
C GLU A 1545 13.83 -9.26 2.93
N GLY A 1546 13.25 -10.38 2.56
CA GLY A 1546 11.99 -10.37 1.86
C GLY A 1546 11.59 -11.77 1.50
N ASN A 1547 10.41 -11.94 0.90
CA ASN A 1547 9.92 -13.33 0.67
C ASN A 1547 9.00 -13.39 -0.55
N VAL A 1548 8.33 -14.53 -0.75
CA VAL A 1548 7.36 -14.68 -1.88
C VAL A 1548 6.57 -13.38 -2.00
N GLN A 1549 5.87 -12.99 -0.93
CA GLN A 1549 5.03 -11.75 -0.95
C GLN A 1549 5.91 -10.54 -1.23
N THR A 1550 6.93 -10.30 -0.39
CA THR A 1550 7.77 -9.07 -0.54
C THR A 1550 8.43 -9.03 -1.92
N LEU A 1551 9.33 -9.98 -2.20
CA LEU A 1551 10.06 -9.99 -3.49
C LEU A 1551 9.07 -9.77 -4.64
N LYS A 1552 7.97 -10.53 -4.67
CA LYS A 1552 7.00 -10.42 -5.79
C LYS A 1552 6.42 -9.00 -5.84
N ASN A 1553 5.83 -8.52 -4.74
CA ASN A 1553 5.16 -7.19 -4.80
C ASN A 1553 6.13 -6.12 -5.30
N TRP A 1554 7.44 -6.27 -5.04
CA TRP A 1554 8.40 -5.29 -5.63
C TRP A 1554 8.80 -5.74 -7.05
N VAL A 1555 8.96 -7.05 -7.30
CA VAL A 1555 9.41 -7.53 -8.63
C VAL A 1555 8.40 -7.05 -9.69
N GLU A 1556 7.11 -6.98 -9.35
CA GLU A 1556 6.08 -6.47 -10.29
C GLU A 1556 5.93 -4.96 -10.06
N GLN A 1557 6.97 -4.30 -9.54
CA GLN A 1557 6.94 -2.84 -9.32
C GLN A 1557 8.33 -2.27 -9.65
N ILE A 1558 9.24 -3.13 -10.12
CA ILE A 1558 10.59 -2.65 -10.53
C ILE A 1558 10.73 -2.71 -12.05
N GLU A 1559 10.45 -3.85 -12.70
CA GLU A 1559 10.47 -3.90 -14.20
C GLU A 1559 10.21 -2.47 -14.64
N SER A 1560 9.00 -1.97 -14.41
CA SER A 1560 8.64 -0.54 -14.59
C SER A 1560 9.12 0.21 -15.84
N LEU A 1561 10.43 0.31 -16.15
CA LEU A 1561 10.81 1.25 -17.20
C LEU A 1561 10.30 0.82 -18.57
N ARG A 1562 10.88 1.36 -19.64
CA ARG A 1562 10.62 0.86 -20.97
C ARG A 1562 11.87 0.34 -21.65
N ASN A 1563 13.03 0.88 -21.33
CA ASN A 1563 14.31 0.34 -21.74
C ASN A 1563 15.02 -0.25 -20.53
N ILE A 1564 16.08 -0.99 -20.81
CA ILE A 1564 16.74 -1.85 -19.84
C ILE A 1564 17.98 -1.14 -19.31
N ASP A 1565 17.95 0.20 -19.36
CA ASP A 1565 19.17 0.99 -19.21
C ASP A 1565 19.90 0.68 -17.92
N ASP A 1566 19.19 0.66 -16.79
CA ASP A 1566 19.91 0.61 -15.51
C ASP A 1566 20.63 -0.72 -15.36
N ARG A 1567 21.68 -0.70 -14.53
CA ARG A 1567 22.48 -1.87 -14.26
C ARG A 1567 22.35 -2.38 -12.83
N GLU A 1568 22.39 -1.52 -11.82
CA GLU A 1568 22.38 -2.02 -10.45
C GLU A 1568 21.01 -2.59 -10.11
N VAL A 1569 19.96 -1.82 -10.37
CA VAL A 1569 18.67 -2.32 -9.99
C VAL A 1569 18.25 -3.41 -10.93
N LEU A 1570 18.87 -3.50 -12.10
CA LEU A 1570 18.64 -4.65 -12.96
C LEU A 1570 19.31 -5.90 -12.43
N LEU A 1571 20.49 -5.78 -11.83
CA LEU A 1571 21.08 -6.90 -11.11
C LEU A 1571 20.14 -7.39 -10.04
N GLN A 1572 19.72 -6.45 -9.19
CA GLN A 1572 18.90 -6.86 -8.06
C GLN A 1572 17.54 -7.31 -8.54
N TYR A 1573 17.13 -6.83 -9.70
CA TYR A 1573 15.92 -7.32 -10.35
C TYR A 1573 16.08 -8.77 -10.76
N ASN A 1574 17.20 -9.09 -11.43
CA ASN A 1574 17.42 -10.47 -11.86
C ASN A 1574 17.37 -11.40 -10.67
N ILE A 1575 18.02 -11.03 -9.58
CA ILE A 1575 17.97 -11.98 -8.46
C ILE A 1575 16.66 -11.89 -7.68
N ALA A 1576 15.93 -10.78 -7.78
CA ALA A 1576 14.58 -10.78 -7.24
C ALA A 1576 13.68 -11.71 -8.04
N LYS A 1577 13.83 -11.72 -9.36
CA LYS A 1577 13.01 -12.60 -10.17
C LYS A 1577 13.52 -14.03 -10.12
N ALA A 1578 14.79 -14.24 -9.77
CA ALA A 1578 15.25 -15.57 -9.41
C ALA A 1578 14.53 -16.05 -8.16
N LEU A 1579 14.37 -15.16 -7.19
CA LEU A 1579 13.65 -15.57 -6.00
C LEU A 1579 12.18 -15.86 -6.32
N ILE A 1580 11.52 -15.00 -7.11
CA ILE A 1580 10.13 -15.36 -7.42
C ILE A 1580 10.10 -16.59 -8.30
N ALA A 1581 11.19 -16.86 -9.02
CA ALA A 1581 11.31 -18.06 -9.83
C ALA A 1581 11.31 -19.30 -8.97
N ILE A 1582 11.94 -19.23 -7.81
CA ILE A 1582 11.89 -20.41 -6.96
C ILE A 1582 10.78 -20.18 -5.92
N SER A 1583 9.93 -19.19 -6.17
CA SER A 1583 8.57 -19.22 -5.63
C SER A 1583 7.70 -20.10 -6.49
N ASN A 1584 7.76 -19.90 -7.80
CA ASN A 1584 7.21 -20.90 -8.71
C ASN A 1584 7.92 -22.25 -8.53
N GLU A 1585 9.15 -22.25 -8.01
CA GLU A 1585 9.93 -23.45 -7.77
C GLU A 1585 10.20 -24.23 -9.06
N ASP A 1586 10.98 -23.61 -9.96
CA ASP A 1586 11.62 -24.31 -11.07
C ASP A 1586 13.11 -24.05 -10.98
N PRO A 1587 13.85 -24.92 -10.28
CA PRO A 1587 15.25 -24.60 -9.95
C PRO A 1587 16.11 -24.31 -11.15
N LEU A 1588 15.93 -25.04 -12.25
CA LEU A 1588 16.84 -24.90 -13.38
C LEU A 1588 16.66 -23.56 -14.07
N ARG A 1589 15.44 -23.15 -14.32
CA ARG A 1589 15.31 -21.87 -14.96
C ARG A 1589 15.44 -20.71 -13.97
N THR A 1590 15.40 -21.00 -12.67
CA THR A 1590 15.97 -20.08 -11.71
C THR A 1590 17.46 -19.93 -11.93
N GLN A 1591 18.17 -21.03 -12.17
CA GLN A 1591 19.56 -20.91 -12.60
C GLN A 1591 19.66 -20.09 -13.87
N LYS A 1592 18.62 -20.11 -14.71
CA LYS A 1592 18.63 -19.26 -15.91
C LYS A 1592 18.60 -17.77 -15.53
N TYR A 1593 17.73 -17.40 -14.61
CA TYR A 1593 17.76 -16.01 -14.14
C TYR A 1593 19.05 -15.70 -13.41
N ILE A 1594 19.68 -16.71 -12.80
CA ILE A 1594 20.99 -16.51 -12.19
C ILE A 1594 22.05 -16.31 -13.27
N HIS A 1595 21.93 -16.99 -14.40
CA HIS A 1595 22.78 -16.68 -15.54
C HIS A 1595 22.63 -15.23 -15.96
N ASN A 1596 21.38 -14.76 -16.04
CA ASN A 1596 21.16 -13.37 -16.44
C ASN A 1596 21.81 -12.41 -15.45
N SER A 1597 21.64 -12.67 -14.15
CA SER A 1597 22.25 -11.82 -13.13
C SER A 1597 23.76 -11.86 -13.19
N PHE A 1598 24.34 -13.05 -13.40
CA PHE A 1598 25.78 -13.19 -13.39
C PHE A 1598 26.38 -12.47 -14.57
N ARG A 1599 25.81 -12.69 -15.76
CA ARG A 1599 26.18 -11.94 -16.95
C ARG A 1599 26.14 -10.45 -16.65
N LEU A 1600 25.05 -9.98 -16.05
CA LEU A 1600 24.92 -8.55 -15.81
C LEU A 1600 26.02 -8.02 -14.93
N ILE A 1601 26.28 -8.67 -13.80
CA ILE A 1601 27.27 -8.07 -12.91
C ILE A 1601 28.67 -8.18 -13.50
N GLY A 1602 29.02 -9.36 -14.02
CA GLY A 1602 30.36 -9.55 -14.55
C GLY A 1602 30.67 -8.72 -15.76
N THR A 1603 29.64 -8.27 -16.50
CA THR A 1603 29.88 -7.35 -17.60
C THR A 1603 29.88 -5.89 -17.16
N ASN A 1604 28.84 -5.48 -16.42
CA ASN A 1604 28.59 -4.06 -16.22
C ASN A 1604 28.84 -3.62 -14.78
N PHE A 1605 29.72 -4.30 -14.04
CA PHE A 1605 29.89 -3.94 -12.64
C PHE A 1605 31.30 -3.92 -12.08
N ILE A 1606 32.32 -4.25 -12.86
CA ILE A 1606 33.68 -4.26 -12.31
C ILE A 1606 34.62 -3.65 -13.34
N THR A 1607 35.72 -3.07 -12.85
CA THR A 1607 36.81 -2.56 -13.67
C THR A 1607 38.11 -3.26 -13.30
N SER A 1608 39.23 -2.78 -13.84
CA SER A 1608 40.50 -3.47 -13.74
C SER A 1608 41.18 -3.19 -12.41
N SER A 1609 42.32 -3.86 -12.19
CA SER A 1609 43.17 -3.58 -11.06
C SER A 1609 43.90 -2.26 -11.28
N LYS A 1610 44.76 -1.90 -10.33
CA LYS A 1610 45.56 -0.67 -10.26
C LYS A 1610 44.69 0.49 -9.74
N GLU A 1611 43.44 0.25 -9.38
CA GLU A 1611 42.55 1.28 -8.87
C GLU A 1611 42.06 1.02 -7.45
N THR A 1612 41.48 -0.16 -7.20
CA THR A 1612 40.49 -0.35 -6.16
C THR A 1612 40.69 -1.71 -5.49
N THR A 1613 41.29 -1.70 -4.31
CA THR A 1613 41.25 -2.90 -3.49
C THR A 1613 39.81 -3.19 -3.11
N LEU A 1614 39.47 -4.47 -3.07
CA LEU A 1614 38.08 -4.92 -3.10
C LEU A 1614 37.26 -4.48 -1.89
N LEU A 1615 37.83 -3.76 -0.93
CA LEU A 1615 37.03 -3.26 0.18
C LEU A 1615 35.86 -2.43 -0.33
N LYS A 1616 36.02 -1.79 -1.49
CA LYS A 1616 35.03 -0.91 -2.08
C LYS A 1616 34.44 -1.50 -3.36
N LYS A 1617 34.47 -2.83 -3.41
CA LYS A 1617 33.76 -3.58 -4.46
C LYS A 1617 32.88 -4.46 -3.59
N GLN A 1618 32.71 -4.05 -2.32
CA GLN A 1618 31.93 -4.82 -1.33
C GLN A 1618 30.59 -5.24 -1.92
N ASN A 1619 29.72 -4.27 -2.23
CA ASN A 1619 28.38 -4.60 -2.77
C ASN A 1619 28.57 -5.67 -3.86
N LEU A 1620 29.36 -5.40 -4.89
CA LEU A 1620 29.59 -6.36 -6.02
C LEU A 1620 29.91 -7.77 -5.51
N LEU A 1621 31.03 -7.98 -4.79
CA LEU A 1621 31.42 -9.37 -4.41
C LEU A 1621 30.41 -10.01 -3.44
N MET A 1622 29.78 -9.22 -2.56
CA MET A 1622 28.73 -9.80 -1.66
C MET A 1622 27.62 -10.34 -2.55
N LYS A 1623 27.12 -9.51 -3.47
CA LYS A 1623 26.08 -9.95 -4.42
C LYS A 1623 26.56 -11.22 -5.11
N LEU A 1624 27.82 -11.27 -5.56
CA LEU A 1624 28.37 -12.45 -6.30
C LEU A 1624 28.24 -13.71 -5.42
N HIS A 1625 28.78 -13.66 -4.21
CA HIS A 1625 28.68 -14.82 -3.28
C HIS A 1625 27.21 -15.23 -3.13
N SER A 1626 26.31 -14.29 -2.88
CA SER A 1626 24.88 -14.59 -2.76
C SER A 1626 24.29 -15.26 -4.00
N LEU A 1627 24.75 -14.88 -5.19
CA LEU A 1627 24.19 -15.42 -6.43
C LEU A 1627 24.52 -16.90 -6.62
N TYR A 1628 25.73 -17.29 -6.25
CA TYR A 1628 26.09 -18.68 -6.34
C TYR A 1628 25.18 -19.46 -5.41
N ASP A 1629 25.04 -18.98 -4.19
CA ASP A 1629 24.19 -19.65 -3.20
C ASP A 1629 22.73 -19.70 -3.62
N LEU A 1630 22.32 -18.76 -4.46
CA LEU A 1630 20.94 -18.77 -4.94
C LEU A 1630 20.74 -19.95 -5.87
N SER A 1631 21.56 -20.07 -6.91
CA SER A 1631 21.36 -21.15 -7.88
C SER A 1631 22.61 -21.68 -8.58
N PHE A 1632 23.24 -22.71 -8.04
CA PHE A 1632 24.38 -23.33 -8.70
C PHE A 1632 24.35 -24.81 -8.34
N LEU A 1633 24.37 -25.68 -9.35
CA LEU A 1633 24.26 -27.13 -9.08
C LEU A 1633 25.37 -27.98 -9.68
N SER A 1634 26.38 -28.30 -8.89
CA SER A 1634 27.47 -29.15 -9.36
C SER A 1634 27.99 -29.98 -8.20
N SER A 1635 28.53 -29.31 -7.20
CA SER A 1635 29.02 -30.02 -6.03
C SER A 1635 27.88 -30.32 -5.08
N ALA A 1636 26.86 -29.47 -5.07
CA ALA A 1636 25.70 -29.72 -4.22
C ALA A 1636 24.50 -30.08 -5.09
N LYS A 1637 24.77 -30.48 -6.33
CA LYS A 1637 23.69 -30.82 -7.25
C LYS A 1637 22.88 -32.04 -6.83
N ASP A 1638 23.56 -33.09 -6.35
CA ASP A 1638 22.88 -34.31 -5.95
C ASP A 1638 22.06 -34.15 -4.67
N LYS A 1639 21.09 -35.02 -4.46
CA LYS A 1639 20.26 -34.95 -3.25
C LYS A 1639 21.05 -35.50 -2.08
N PHE A 1640 21.88 -36.51 -2.33
CA PHE A 1640 22.73 -37.04 -1.28
C PHE A 1640 23.66 -35.93 -0.89
N GLU A 1641 24.20 -35.24 -1.88
CA GLU A 1641 25.06 -34.11 -1.60
C GLU A 1641 24.34 -33.11 -0.72
N TYR A 1642 23.09 -32.77 -1.06
CA TYR A 1642 22.33 -31.77 -0.30
C TYR A 1642 22.23 -31.96 1.23
N LYS A 1643 21.97 -33.18 1.68
CA LYS A 1643 21.89 -33.43 3.13
C LYS A 1643 23.24 -33.22 3.79
N SER A 1644 24.29 -33.77 3.21
CA SER A 1644 25.63 -33.56 3.75
C SER A 1644 26.16 -32.17 3.43
N ASN A 1645 25.42 -31.42 2.62
CA ASN A 1645 25.83 -30.06 2.31
C ASN A 1645 25.28 -29.14 3.36
N THR A 1646 24.53 -29.67 4.31
CA THR A 1646 24.10 -28.84 5.42
C THR A 1646 25.39 -28.74 6.20
N THR A 1647 26.08 -29.87 6.32
CA THR A 1647 27.38 -29.86 7.00
C THR A 1647 28.40 -29.10 6.16
N ILE A 1648 28.29 -29.20 4.85
CA ILE A 1648 29.22 -28.49 3.99
C ILE A 1648 28.85 -27.02 3.76
N LEU A 1649 27.70 -26.58 4.28
CA LEU A 1649 27.35 -25.15 4.18
C LEU A 1649 27.96 -24.52 5.39
N ASP A 1650 28.22 -25.30 6.43
CA ASP A 1650 28.90 -24.76 7.60
C ASP A 1650 30.29 -24.27 7.20
N TYR A 1651 30.73 -24.64 6.00
CA TYR A 1651 32.05 -24.25 5.52
C TYR A 1651 32.02 -23.13 4.49
N ARG A 1652 30.94 -22.36 4.47
CA ARG A 1652 30.85 -21.24 3.54
C ARG A 1652 31.62 -20.06 4.07
N MET A 1653 31.76 -19.98 5.39
CA MET A 1653 32.54 -18.90 6.01
C MET A 1653 34.01 -19.06 5.64
N GLU A 1654 34.47 -20.29 5.53
CA GLU A 1654 35.86 -20.52 5.16
C GLU A 1654 36.21 -19.77 3.89
N ARG A 1655 35.46 -20.01 2.82
CA ARG A 1655 35.72 -19.36 1.55
C ARG A 1655 35.46 -17.86 1.59
N ILE A 1656 34.32 -17.47 2.17
CA ILE A 1656 33.95 -16.05 2.21
C ILE A 1656 34.82 -15.27 3.19
N GLY A 1657 34.64 -15.51 4.49
CA GLY A 1657 35.45 -14.82 5.49
C GLY A 1657 34.80 -14.78 6.86
N ALA A 1658 35.04 -13.71 7.60
CA ALA A 1658 34.45 -13.58 8.93
C ALA A 1658 34.01 -12.14 9.21
N ASP A 1659 34.11 -11.27 8.22
CA ASP A 1659 33.71 -9.88 8.39
C ASP A 1659 32.20 -9.75 8.51
N PHE A 1660 31.73 -9.01 9.50
CA PHE A 1660 30.29 -8.83 9.71
C PHE A 1660 29.62 -8.16 8.52
N VAL A 1661 30.38 -7.45 7.70
CA VAL A 1661 29.83 -6.78 6.52
C VAL A 1661 29.03 -7.75 5.66
N PRO A 1662 29.70 -8.79 5.14
CA PRO A 1662 29.01 -9.79 4.31
C PRO A 1662 29.82 -11.07 4.21
N ASN A 1663 31.01 -11.09 4.80
CA ASN A 1663 31.87 -12.25 4.70
C ASN A 1663 31.51 -13.35 5.71
N HIS A 1664 30.92 -12.96 6.83
CA HIS A 1664 30.50 -13.94 7.82
C HIS A 1664 29.44 -14.85 7.22
N TYR A 1665 29.75 -16.13 7.06
CA TYR A 1665 28.81 -17.04 6.44
C TYR A 1665 28.78 -18.41 7.12
N ILE A 1666 28.91 -18.42 8.44
CA ILE A 1666 28.85 -19.68 9.18
C ILE A 1666 27.50 -20.33 8.95
N LEU A 1667 26.44 -19.68 9.40
CA LEU A 1667 25.10 -20.20 9.16
C LEU A 1667 24.24 -19.08 8.60
N SER A 1668 24.87 -17.95 8.29
CA SER A 1668 24.13 -16.84 7.68
C SER A 1668 23.80 -17.20 6.24
N MET A 1669 24.77 -17.79 5.54
CA MET A 1669 24.54 -18.21 4.17
C MET A 1669 23.76 -19.52 4.15
N ARG A 1670 23.75 -20.24 5.27
CA ARG A 1670 22.96 -21.46 5.35
C ARG A 1670 21.51 -21.08 5.51
N LYS A 1671 21.25 -19.93 6.13
CA LYS A 1671 19.88 -19.45 6.27
C LYS A 1671 19.37 -19.07 4.90
N SER A 1672 20.22 -19.22 3.88
CA SER A 1672 19.82 -18.91 2.53
C SER A 1672 19.81 -20.15 1.64
N PHE A 1673 20.58 -21.16 2.02
CA PHE A 1673 20.57 -22.40 1.27
C PHE A 1673 19.21 -23.05 1.40
N ASP A 1674 18.72 -23.16 2.63
CA ASP A 1674 17.41 -23.76 2.85
C ASP A 1674 16.28 -22.81 2.50
N GLN A 1675 16.59 -21.54 2.27
CA GLN A 1675 15.55 -20.60 1.85
C GLN A 1675 15.37 -20.76 0.35
N LEU A 1676 16.45 -21.05 -0.36
CA LEU A 1676 16.34 -21.28 -1.79
C LEU A 1676 15.75 -22.67 -2.00
N LYS A 1677 16.09 -23.59 -1.11
CA LYS A 1677 15.50 -24.93 -1.18
C LYS A 1677 14.36 -25.00 -0.20
N MET A 1678 13.23 -24.41 -0.53
CA MET A 1678 12.11 -24.38 0.41
C MET A 1678 10.87 -25.07 -0.15
N ASN A 1679 10.69 -26.34 0.21
CA ASN A 1679 9.52 -27.09 -0.25
C ASN A 1679 9.00 -28.01 0.85
N GLU A 1680 7.81 -27.73 1.37
CA GLU A 1680 7.21 -28.55 2.45
C GLU A 1680 8.11 -28.78 3.65
N GLN A 1681 8.78 -29.92 3.70
CA GLN A 1681 9.69 -30.22 4.80
C GLN A 1681 10.92 -29.32 4.75
N ALA A 1682 11.35 -28.98 3.55
CA ALA A 1682 12.50 -28.09 3.39
C ALA A 1682 12.09 -26.65 3.60
N ASP A 1683 10.79 -26.37 3.52
CA ASP A 1683 10.31 -25.02 3.81
C ASP A 1683 10.22 -24.86 5.30
N ALA A 1684 10.03 -25.97 6.00
CA ALA A 1684 10.03 -25.92 7.45
C ALA A 1684 11.46 -25.84 7.92
N ASP A 1685 12.39 -26.32 7.09
CA ASP A 1685 13.80 -26.26 7.44
C ASP A 1685 14.44 -24.93 7.05
N LEU A 1686 13.70 -24.07 6.35
CA LEU A 1686 14.23 -22.76 5.97
C LEU A 1686 14.58 -21.94 7.20
N GLY A 1687 13.65 -21.83 8.14
CA GLY A 1687 13.90 -21.09 9.36
C GLY A 1687 14.75 -21.86 10.34
N LYS A 1688 14.76 -23.18 10.23
CA LYS A 1688 15.58 -24.01 11.10
C LYS A 1688 17.05 -23.88 10.74
N THR A 1689 17.34 -23.52 9.49
CA THR A 1689 18.73 -23.35 9.06
C THR A 1689 19.27 -21.99 9.48
N PHE A 1690 18.41 -21.12 10.00
CA PHE A 1690 18.87 -19.84 10.53
C PHE A 1690 19.17 -19.97 12.00
N PHE A 1691 19.78 -21.09 12.39
CA PHE A 1691 20.08 -21.33 13.80
C PHE A 1691 21.16 -20.39 14.30
N THR A 1692 22.35 -20.48 13.71
CA THR A 1692 23.45 -19.61 14.11
C THR A 1692 23.67 -18.50 13.09
N LEU A 1693 22.58 -18.00 12.52
CA LEU A 1693 22.69 -16.91 11.55
C LEU A 1693 22.87 -15.59 12.27
N ALA A 1694 21.97 -15.28 13.21
CA ALA A 1694 22.06 -14.02 13.93
C ALA A 1694 23.21 -14.02 14.93
N GLN A 1695 23.98 -15.11 14.97
CA GLN A 1695 25.18 -15.14 15.79
C GLN A 1695 26.06 -13.93 15.53
N LEU A 1696 25.98 -13.37 14.32
CA LEU A 1696 26.79 -12.21 13.97
C LEU A 1696 26.26 -10.93 14.60
N ALA A 1697 24.94 -10.77 14.66
CA ALA A 1697 24.33 -9.54 15.14
C ALA A 1697 24.52 -9.37 16.64
N ALA A 1701 24.72 -3.96 16.89
CA ALA A 1701 24.16 -2.59 17.00
C ALA A 1701 23.19 -2.33 15.86
N ARG A 1702 23.63 -2.51 14.61
CA ARG A 1702 22.74 -2.34 13.43
C ARG A 1702 21.98 -3.65 13.21
N LEU A 1703 21.09 -4.01 14.14
CA LEU A 1703 20.43 -5.34 14.03
C LEU A 1703 18.94 -5.22 13.71
N ASP A 1704 18.43 -4.04 13.37
CA ASP A 1704 17.01 -3.95 12.92
C ASP A 1704 16.80 -5.02 11.85
N ILE A 1705 17.80 -5.19 10.98
CA ILE A 1705 17.73 -6.20 9.88
C ILE A 1705 17.73 -7.61 10.48
N ALA A 1706 18.66 -7.87 11.39
CA ALA A 1706 18.68 -9.16 12.09
C ALA A 1706 17.29 -9.31 12.72
N SER A 1707 16.77 -8.27 13.38
CA SER A 1707 15.41 -8.31 13.93
C SER A 1707 14.43 -8.88 12.89
N GLU A 1708 14.18 -8.18 11.78
CA GLU A 1708 13.15 -8.65 10.80
C GLU A 1708 13.40 -10.13 10.44
N SER A 1709 14.65 -10.45 10.07
CA SER A 1709 14.89 -11.84 9.61
C SER A 1709 14.52 -12.83 10.72
N LEU A 1710 15.01 -12.61 11.94
CA LEU A 1710 14.71 -13.46 13.12
C LEU A 1710 13.21 -13.53 13.41
N MET A 1711 12.43 -12.47 13.24
CA MET A 1711 10.95 -12.58 13.39
C MET A 1711 10.46 -13.62 12.39
N HIS A 1712 10.76 -13.34 11.12
CA HIS A 1712 10.44 -14.36 10.09
C HIS A 1712 10.77 -15.77 10.61
N CYS A 1713 11.98 -16.00 11.18
CA CYS A 1713 12.30 -17.41 11.57
C CYS A 1713 11.51 -17.87 12.79
N LEU A 1714 11.44 -17.09 13.86
CA LEU A 1714 10.62 -17.39 15.07
C LEU A 1714 9.25 -17.86 14.58
N GLU A 1715 8.79 -17.37 13.42
CA GLU A 1715 7.53 -17.95 12.90
C GLU A 1715 7.68 -19.48 12.70
N ARG A 1716 8.78 -20.12 13.15
CA ARG A 1716 8.90 -21.55 13.05
C ARG A 1716 9.21 -22.19 14.40
N ARG A 1717 9.44 -21.39 15.45
CA ARG A 1717 9.79 -21.88 16.78
C ARG A 1717 11.10 -22.68 16.74
N LEU A 1718 12.18 -21.98 16.39
CA LEU A 1718 13.50 -22.64 16.42
C LEU A 1718 14.18 -22.14 17.69
N PRO A 1719 14.54 -23.02 18.65
CA PRO A 1719 15.11 -22.54 19.91
C PRO A 1719 16.40 -21.74 19.68
N GLN A 1720 17.27 -22.18 18.77
CA GLN A 1720 18.52 -21.43 18.44
C GLN A 1720 18.19 -20.05 17.88
N ALA A 1721 17.19 -19.97 17.00
CA ALA A 1721 16.74 -18.68 16.44
C ALA A 1721 16.21 -17.77 17.56
N GLU A 1722 15.43 -18.32 18.50
CA GLU A 1722 14.89 -17.53 19.64
C GLU A 1722 16.06 -17.03 20.47
N LEU A 1723 17.07 -17.90 20.64
CA LEU A 1723 18.29 -17.59 21.41
C LEU A 1723 18.97 -16.39 20.76
N GLU A 1724 19.06 -16.38 19.43
CA GLU A 1724 19.80 -15.29 18.73
C GLU A 1724 18.92 -14.05 18.65
N PHE A 1725 17.61 -14.19 18.82
CA PHE A 1725 16.70 -13.02 18.92
C PHE A 1725 17.09 -12.35 20.24
N ALA A 1726 17.19 -13.18 21.28
CA ALA A 1726 17.67 -12.63 22.56
C ALA A 1726 19.02 -11.97 22.29
N GLU A 1727 19.88 -12.63 21.49
CA GLU A 1727 21.23 -12.11 21.17
C GLU A 1727 21.11 -10.68 20.65
N ILE A 1728 20.35 -10.47 19.57
CA ILE A 1728 20.22 -9.12 18.96
C ILE A 1728 19.70 -8.12 20.02
N LEU A 1729 18.64 -8.49 20.75
CA LEU A 1729 18.11 -7.48 21.72
C LEU A 1729 19.24 -7.07 22.67
N TRP A 1730 19.94 -8.05 23.23
CA TRP A 1730 21.06 -7.78 24.17
C TRP A 1730 22.09 -6.88 23.49
N LYS A 1731 22.63 -7.31 22.33
CA LYS A 1731 23.66 -6.55 21.58
C LYS A 1731 23.26 -5.08 21.43
N GLN A 1732 21.96 -4.78 21.23
CA GLN A 1732 21.60 -3.33 21.25
C GLN A 1732 22.37 -2.75 22.43
N GLY A 1733 22.16 -3.24 23.65
CA GLY A 1733 22.98 -2.91 24.80
C GLY A 1733 22.57 -3.52 26.14
N GLU A 1734 21.45 -4.23 26.18
CA GLU A 1734 20.77 -4.50 27.44
C GLU A 1734 21.38 -5.75 28.08
N ASN A 1735 21.41 -5.75 29.41
CA ASN A 1735 21.86 -6.92 30.15
C ASN A 1735 20.75 -7.92 30.44
N ASP A 1736 19.77 -7.49 31.23
CA ASP A 1736 19.01 -8.48 31.97
C ASP A 1736 17.68 -8.87 31.33
N ARG A 1737 17.13 -8.07 30.41
CA ARG A 1737 16.08 -8.56 29.53
C ARG A 1737 16.46 -9.91 28.95
N ALA A 1738 17.57 -9.90 28.20
CA ALA A 1738 18.06 -11.12 27.60
C ALA A 1738 18.61 -12.09 28.64
N LEU A 1739 19.23 -11.61 29.72
CA LEU A 1739 19.50 -12.48 30.85
C LEU A 1739 18.31 -13.37 31.17
N LYS A 1740 17.20 -12.73 31.50
CA LYS A 1740 16.03 -13.44 32.00
C LYS A 1740 15.51 -14.42 30.97
N ILE A 1741 15.35 -13.97 29.71
CA ILE A 1741 14.78 -14.84 28.69
C ILE A 1741 15.71 -16.02 28.39
N VAL A 1742 17.01 -15.78 28.23
CA VAL A 1742 17.86 -16.90 27.88
C VAL A 1742 18.02 -17.82 29.07
N GLN A 1743 17.94 -17.29 30.30
CA GLN A 1743 18.11 -18.15 31.47
C GLN A 1743 16.88 -19.02 31.70
N GLU A 1744 15.68 -18.47 31.48
CA GLU A 1744 14.50 -19.30 31.58
C GLU A 1744 14.48 -20.37 30.49
N ILE A 1745 14.85 -20.01 29.24
CA ILE A 1745 14.91 -21.04 28.21
C ILE A 1745 15.99 -22.05 28.53
N HIS A 1746 17.08 -21.58 29.14
CA HIS A 1746 18.21 -22.41 29.55
C HIS A 1746 17.77 -23.47 30.55
N GLU A 1747 16.99 -23.07 31.53
CA GLU A 1747 16.44 -24.01 32.50
C GLU A 1747 15.12 -24.63 32.03
N LYS A 1748 14.68 -24.32 30.81
CA LYS A 1748 13.46 -24.86 30.27
C LYS A 1748 13.69 -26.03 29.32
N TYR A 1749 14.32 -25.76 28.18
CA TYR A 1749 14.54 -26.82 27.16
C TYR A 1749 15.70 -27.73 27.60
N GLN A 1750 15.43 -28.65 28.54
CA GLN A 1750 16.45 -29.64 28.96
C GLN A 1750 16.15 -30.96 28.26
N GLU A 1751 14.93 -31.09 27.71
CA GLU A 1751 14.51 -32.34 27.01
C GLU A 1751 13.81 -31.97 25.71
N ASN A 1752 12.77 -31.13 25.78
CA ASN A 1752 12.00 -30.73 24.57
C ASN A 1752 12.95 -30.10 23.54
N SER A 1753 12.83 -30.50 22.26
CA SER A 1753 13.71 -29.99 21.18
C SER A 1753 15.17 -29.94 21.66
N SER A 1754 15.68 -28.75 22.00
CA SER A 1754 17.07 -28.58 22.50
C SER A 1754 18.04 -29.48 21.72
N VAL A 1755 18.25 -29.18 20.43
CA VAL A 1755 19.19 -29.97 19.58
C VAL A 1755 20.45 -30.27 20.39
N ASN A 1756 20.71 -31.57 20.65
CA ASN A 1756 21.88 -31.98 21.46
C ASN A 1756 23.16 -31.34 20.89
N ALA A 1757 23.29 -31.28 19.56
CA ALA A 1757 24.49 -30.70 18.92
C ALA A 1757 24.88 -29.37 19.57
N ARG A 1758 24.03 -28.33 19.44
CA ARG A 1758 24.42 -26.99 19.97
C ARG A 1758 23.20 -26.06 20.11
N ASP A 1759 22.17 -26.45 20.88
CA ASP A 1759 21.08 -25.51 21.11
C ASP A 1759 21.21 -24.83 22.46
N ARG A 1760 21.21 -25.61 23.54
CA ARG A 1760 21.39 -24.95 24.83
C ARG A 1760 22.84 -24.55 25.06
N ALA A 1761 23.79 -25.19 24.37
CA ALA A 1761 25.15 -24.69 24.43
C ALA A 1761 25.25 -23.27 23.90
N ALA A 1762 24.43 -22.91 22.90
CA ALA A 1762 24.45 -21.56 22.37
C ALA A 1762 23.61 -20.61 23.21
N VAL A 1763 22.47 -21.08 23.76
CA VAL A 1763 21.77 -20.24 24.72
C VAL A 1763 22.75 -19.89 25.83
N LEU A 1764 23.66 -20.80 26.16
CA LEU A 1764 24.54 -20.58 27.28
C LEU A 1764 25.78 -19.77 26.88
N LEU A 1765 26.25 -19.85 25.64
CA LEU A 1765 27.25 -18.89 25.19
C LEU A 1765 26.73 -17.47 25.34
N LYS A 1766 25.57 -17.21 24.76
CA LYS A 1766 25.00 -15.87 24.85
C LYS A 1766 24.78 -15.50 26.30
N PHE A 1767 24.25 -16.43 27.10
CA PHE A 1767 24.03 -16.21 28.52
C PHE A 1767 25.31 -15.81 29.24
N THR A 1768 26.42 -16.50 28.95
CA THR A 1768 27.66 -16.27 29.70
C THR A 1768 28.24 -14.90 29.39
N GLU A 1769 28.31 -14.51 28.11
CA GLU A 1769 28.81 -13.15 27.90
C GLU A 1769 27.79 -12.10 28.31
N TRP A 1770 26.50 -12.44 28.36
CA TRP A 1770 25.50 -11.51 28.88
C TRP A 1770 25.67 -11.32 30.37
N LEU A 1771 26.09 -12.35 31.09
CA LEU A 1771 26.47 -12.18 32.49
C LEU A 1771 27.71 -11.29 32.60
N ASP A 1772 28.73 -11.59 31.79
CA ASP A 1772 29.96 -10.80 31.81
C ASP A 1772 29.68 -9.33 31.69
N LEU A 1773 28.78 -8.95 30.79
CA LEU A 1773 28.44 -7.55 30.60
C LEU A 1773 27.12 -7.18 31.28
N SER A 1774 26.61 -8.06 32.14
CA SER A 1774 25.42 -7.82 32.94
C SER A 1774 25.72 -7.62 34.41
N ASN A 1775 26.96 -7.89 34.84
CA ASN A 1775 27.47 -7.40 36.13
C ASN A 1775 26.59 -7.85 37.31
N ASN A 1776 26.15 -9.10 37.27
CA ASN A 1776 25.25 -9.61 38.29
C ASN A 1776 25.53 -11.05 38.73
N SER A 1777 26.59 -11.68 38.22
CA SER A 1777 26.68 -13.14 38.18
C SER A 1777 27.98 -13.61 38.82
N ALA A 1778 28.21 -13.21 40.07
CA ALA A 1778 29.40 -13.59 40.83
C ALA A 1778 29.70 -15.08 40.72
N SER A 1779 30.97 -15.44 40.94
CA SER A 1779 31.56 -16.72 40.55
C SER A 1779 30.64 -17.93 40.68
N GLU A 1780 29.92 -18.06 41.79
CA GLU A 1780 29.04 -19.21 41.93
C GLU A 1780 27.95 -19.23 40.86
N GLN A 1781 27.41 -18.05 40.52
CA GLN A 1781 26.33 -17.99 39.52
C GLN A 1781 26.80 -18.51 38.16
N ILE A 1782 27.91 -17.99 37.66
CA ILE A 1782 28.45 -18.44 36.38
C ILE A 1782 28.90 -19.89 36.47
N ILE A 1783 29.49 -20.28 37.60
CA ILE A 1783 29.96 -21.65 37.74
C ILE A 1783 28.81 -22.65 37.78
N LYS A 1784 27.60 -22.21 38.13
CA LYS A 1784 26.46 -23.09 37.98
C LYS A 1784 26.32 -23.59 36.55
N GLN A 1785 26.29 -22.68 35.58
CA GLN A 1785 26.20 -23.16 34.20
C GLN A 1785 27.53 -23.63 33.63
N TYR A 1786 28.64 -23.30 34.28
CA TYR A 1786 29.89 -24.01 34.04
C TYR A 1786 29.67 -25.50 34.28
N GLN A 1787 29.11 -25.84 35.45
CA GLN A 1787 28.68 -27.20 35.75
C GLN A 1787 27.62 -27.68 34.76
N ASP A 1788 26.75 -26.77 34.33
CA ASP A 1788 25.69 -27.15 33.40
C ASP A 1788 26.30 -27.73 32.14
N ILE A 1789 27.31 -27.06 31.58
CA ILE A 1789 27.98 -27.62 30.42
C ILE A 1789 28.76 -28.88 30.80
N PHE A 1790 29.45 -28.86 31.96
CA PHE A 1790 30.06 -30.09 32.48
C PHE A 1790 29.11 -31.29 32.41
N GLN A 1791 27.80 -31.02 32.51
CA GLN A 1791 26.80 -32.08 32.52
C GLN A 1791 26.15 -32.32 31.16
N ILE A 1792 26.03 -31.31 30.31
CA ILE A 1792 25.18 -31.37 29.12
C ILE A 1792 26.00 -31.47 27.84
N ASP A 1793 27.16 -30.81 27.79
CA ASP A 1793 27.84 -30.64 26.51
C ASP A 1793 29.34 -30.55 26.74
N SER A 1794 30.11 -30.97 25.74
CA SER A 1794 31.56 -30.97 25.92
C SER A 1794 32.30 -30.35 24.75
N LYS A 1795 31.73 -30.41 23.55
CA LYS A 1795 32.47 -30.05 22.35
C LYS A 1795 32.64 -28.55 22.19
N TRP A 1796 32.35 -27.76 23.22
CA TRP A 1796 32.40 -26.31 23.09
C TRP A 1796 32.59 -25.73 24.50
N ASP A 1797 33.83 -25.35 24.84
CA ASP A 1797 34.10 -24.69 26.11
C ASP A 1797 34.54 -23.25 25.94
N LYS A 1798 34.50 -22.71 24.73
CA LYS A 1798 34.54 -21.26 24.58
C LYS A 1798 33.56 -20.58 25.52
N PRO A 1799 32.41 -21.18 25.86
CA PRO A 1799 31.72 -20.71 27.07
C PRO A 1799 32.59 -20.73 28.31
N TYR A 1800 33.40 -21.77 28.54
CA TYR A 1800 34.25 -21.77 29.73
C TYR A 1800 35.25 -20.63 29.69
N TYR A 1801 35.67 -20.22 28.50
CA TYR A 1801 36.50 -19.03 28.40
C TYR A 1801 35.68 -17.75 28.60
N SER A 1802 34.38 -17.78 28.32
CA SER A 1802 33.53 -16.64 28.65
C SER A 1802 33.40 -16.48 30.17
N ILE A 1803 33.18 -17.58 30.87
CA ILE A 1803 33.32 -17.55 32.33
C ILE A 1803 34.71 -17.08 32.73
N GLY A 1804 35.74 -17.48 31.98
CA GLY A 1804 37.08 -16.99 32.27
C GLY A 1804 37.17 -15.49 32.21
N LEU A 1805 36.62 -14.89 31.16
CA LEU A 1805 36.74 -13.45 30.98
C LEU A 1805 35.87 -12.68 31.96
N TYR A 1806 34.71 -13.23 32.33
CA TYR A 1806 33.95 -12.59 33.41
C TYR A 1806 34.71 -12.67 34.72
N TYR A 1807 35.36 -13.81 35.00
CA TYR A 1807 36.16 -13.89 36.20
C TYR A 1807 37.31 -12.91 36.14
N SER A 1808 37.86 -12.68 34.95
CA SER A 1808 38.88 -11.65 34.80
C SER A 1808 38.34 -10.29 35.20
N ARG A 1809 37.16 -9.95 34.69
CA ARG A 1809 36.50 -8.69 35.04
C ARG A 1809 36.37 -8.54 36.55
N LEU A 1810 35.79 -9.56 37.20
CA LEU A 1810 35.53 -9.45 38.63
C LEU A 1810 36.82 -9.48 39.43
N LEU A 1811 37.79 -10.32 39.05
CA LEU A 1811 39.03 -10.40 39.81
C LEU A 1811 39.80 -9.09 39.74
N GLU A 1812 39.83 -8.46 38.57
CA GLU A 1812 40.60 -7.23 38.49
C GLU A 1812 39.87 -6.07 39.16
N ARG A 1813 38.53 -6.00 39.00
CA ARG A 1813 37.76 -4.99 39.70
C ARG A 1813 37.70 -5.24 41.20
N LYS A 1814 38.05 -6.44 41.64
CA LYS A 1814 37.97 -6.89 43.02
C LYS A 1814 39.32 -6.85 43.73
N LYS A 1815 40.41 -6.92 42.97
CA LYS A 1815 41.77 -6.88 43.50
C LYS A 1815 42.59 -5.78 42.84
N ALA A 1816 41.94 -4.74 42.33
CA ALA A 1816 42.65 -3.59 41.80
C ALA A 1816 42.50 -2.39 42.73
N THR A 1821 46.30 -7.87 45.34
CA THR A 1821 46.55 -9.09 44.58
C THR A 1821 46.69 -10.30 45.50
N ASN A 1822 47.17 -11.39 44.92
CA ASN A 1822 47.38 -12.65 45.63
C ASN A 1822 46.08 -13.11 46.30
N GLY A 1823 45.10 -13.39 45.46
CA GLY A 1823 43.81 -13.83 45.95
C GLY A 1823 43.52 -15.29 45.72
N ARG A 1824 43.44 -16.07 46.80
CA ARG A 1824 43.19 -17.50 46.68
C ARG A 1824 41.90 -17.78 45.93
N PHE A 1825 40.95 -16.86 45.96
CA PHE A 1825 39.75 -16.98 45.15
C PHE A 1825 40.10 -17.05 43.67
N GLU A 1826 40.87 -16.08 43.18
CA GLU A 1826 41.19 -16.08 41.77
C GLU A 1826 42.20 -17.17 41.44
N TYR A 1827 42.95 -17.67 42.42
CA TYR A 1827 43.88 -18.77 42.14
C TYR A 1827 43.13 -20.09 41.99
N ARG A 1828 42.11 -20.33 42.81
CA ARG A 1828 41.23 -21.46 42.56
C ARG A 1828 40.50 -21.29 41.23
N ALA A 1829 40.14 -20.05 40.90
CA ALA A 1829 39.59 -19.76 39.58
C ALA A 1829 40.54 -20.22 38.49
N ILE A 1830 41.81 -19.81 38.60
CA ILE A 1830 42.83 -20.21 37.63
C ILE A 1830 42.92 -21.72 37.57
N SER A 1831 42.83 -22.38 38.72
CA SER A 1831 42.93 -23.83 38.75
C SER A 1831 41.84 -24.47 37.90
N TYR A 1832 40.58 -24.12 38.14
CA TYR A 1832 39.52 -24.79 37.38
C TYR A 1832 39.51 -24.33 35.92
N PHE A 1833 39.90 -23.09 35.65
CA PHE A 1833 40.02 -22.65 34.27
C PHE A 1833 41.10 -23.45 33.54
N LEU A 1834 42.28 -23.61 34.14
CA LEU A 1834 43.35 -24.33 33.48
C LEU A 1834 43.00 -25.80 33.31
N LEU A 1835 42.24 -26.36 34.25
CA LEU A 1835 41.73 -27.72 34.05
C LEU A 1835 40.81 -27.76 32.83
N ALA A 1836 39.96 -26.74 32.65
CA ALA A 1836 39.07 -26.70 31.49
C ALA A 1836 39.84 -26.44 30.20
N PHE A 1837 41.04 -25.86 30.30
CA PHE A 1837 41.80 -25.49 29.12
C PHE A 1837 42.45 -26.69 28.44
N GLU A 1838 42.39 -27.88 29.03
CA GLU A 1838 43.06 -29.03 28.43
C GLU A 1838 42.39 -29.44 27.13
N LYS A 1839 41.13 -29.85 27.21
CA LYS A 1839 40.56 -30.74 26.20
C LYS A 1839 39.96 -30.02 24.99
N ASN A 1840 38.94 -29.20 25.21
CA ASN A 1840 38.09 -28.78 24.11
C ASN A 1840 38.80 -27.88 23.11
N THR A 1841 40.00 -27.40 23.45
CA THR A 1841 40.97 -26.86 22.50
C THR A 1841 40.28 -26.05 21.39
N ALA A 1842 39.51 -25.06 21.82
CA ALA A 1842 38.91 -24.10 20.91
C ALA A 1842 39.70 -22.79 20.85
N LYS A 1843 40.07 -22.26 22.02
CA LYS A 1843 40.86 -21.02 22.08
C LYS A 1843 41.92 -21.07 23.18
N VAL A 1844 42.38 -22.28 23.55
CA VAL A 1844 43.30 -22.40 24.68
C VAL A 1844 44.54 -21.57 24.44
N ARG A 1845 45.18 -21.77 23.29
CA ARG A 1845 46.39 -21.02 22.96
C ARG A 1845 46.09 -19.53 22.94
N GLU A 1846 44.97 -19.16 22.34
CA GLU A 1846 44.65 -17.74 22.17
C GLU A 1846 44.52 -17.05 23.51
N ASN A 1847 43.50 -17.40 24.29
CA ASN A 1847 43.22 -16.64 25.50
C ASN A 1847 43.82 -17.28 26.76
N LEU A 1848 44.80 -18.17 26.60
CA LEU A 1848 45.63 -18.56 27.74
C LEU A 1848 46.47 -17.40 28.28
N PRO A 1849 47.11 -16.57 27.44
CA PRO A 1849 47.77 -15.38 27.99
C PRO A 1849 46.84 -14.50 28.78
N LYS A 1850 45.52 -14.56 28.53
CA LYS A 1850 44.58 -13.77 29.32
C LYS A 1850 44.81 -13.96 30.81
N VAL A 1851 45.04 -15.20 31.24
CA VAL A 1851 45.27 -15.48 32.65
C VAL A 1851 46.76 -15.49 32.98
N ILE A 1852 47.57 -16.11 32.13
CA ILE A 1852 48.96 -16.21 32.48
C ILE A 1852 49.63 -14.84 32.50
N THR A 1853 49.01 -13.82 31.89
CA THR A 1853 49.65 -12.51 31.86
C THR A 1853 49.65 -11.90 33.25
N PHE A 1854 48.51 -11.90 33.93
CA PHE A 1854 48.51 -11.35 35.28
C PHE A 1854 49.23 -12.29 36.23
N TRP A 1855 49.13 -13.60 36.01
CA TRP A 1855 49.85 -14.50 36.90
C TRP A 1855 51.36 -14.26 36.83
N LEU A 1856 51.90 -14.10 35.61
CA LEU A 1856 53.32 -13.86 35.45
C LEU A 1856 53.71 -12.44 35.83
N ASP A 1857 52.80 -11.47 35.66
CA ASP A 1857 53.11 -10.10 36.05
C ASP A 1857 53.17 -9.96 37.56
N ILE A 1858 52.28 -10.63 38.29
CA ILE A 1858 52.38 -10.63 39.74
C ILE A 1858 53.58 -11.44 40.19
N ALA A 1859 53.95 -12.49 39.45
CA ALA A 1859 55.21 -13.18 39.74
C ALA A 1859 56.39 -12.22 39.62
N ALA A 1860 56.41 -11.41 38.56
CA ALA A 1860 57.47 -10.42 38.38
C ALA A 1860 57.44 -9.38 39.50
N ALA A 1861 56.25 -8.94 39.88
CA ALA A 1861 56.12 -7.98 40.97
C ALA A 1861 56.67 -8.55 42.27
N SER A 1862 56.46 -9.86 42.48
CA SER A 1862 57.01 -10.50 43.68
C SER A 1862 58.53 -10.61 43.59
N ILE A 1863 59.07 -11.01 42.44
CA ILE A 1863 60.51 -11.20 42.32
C ILE A 1863 61.25 -9.87 42.33
N SER A 1864 60.55 -8.76 42.11
CA SER A 1864 61.09 -7.43 42.39
C SER A 1864 60.82 -6.97 43.82
N GLU A 1865 59.72 -7.42 44.41
CA GLU A 1865 59.26 -6.93 45.71
C GLU A 1865 58.35 -7.98 46.31
N ALA A 1866 58.83 -8.70 47.32
CA ALA A 1866 58.01 -9.71 47.98
C ALA A 1866 58.06 -9.57 49.50
N ARG A 1870 50.16 -9.06 52.89
CA ARG A 1870 51.41 -8.96 52.16
C ARG A 1870 51.53 -9.90 50.96
N LYS A 1871 52.62 -9.73 50.22
CA LYS A 1871 52.86 -10.41 48.96
C LYS A 1871 53.34 -11.84 49.13
N GLU A 1872 53.61 -12.29 50.36
CA GLU A 1872 53.97 -13.69 50.56
C GLU A 1872 52.71 -14.54 50.52
N MET A 1873 51.88 -14.33 49.52
CA MET A 1873 50.62 -15.04 49.35
C MET A 1873 50.44 -15.53 47.92
N LEU A 1874 51.15 -14.94 46.97
CA LEU A 1874 51.38 -15.55 45.66
C LEU A 1874 52.31 -16.77 45.75
N SER A 1875 52.89 -17.06 46.91
CA SER A 1875 53.80 -18.19 47.06
C SER A 1875 53.15 -19.51 46.65
N LYS A 1876 52.16 -19.95 47.42
CA LYS A 1876 51.47 -21.18 47.10
C LYS A 1876 50.69 -21.07 45.81
N ALA A 1877 50.25 -19.85 45.47
CA ALA A 1877 49.54 -19.63 44.22
C ALA A 1877 50.40 -20.00 43.03
N THR A 1878 51.60 -19.43 42.97
CA THR A 1878 52.52 -19.75 41.88
C THR A 1878 52.92 -21.22 41.94
N GLU A 1879 53.13 -21.77 43.14
CA GLU A 1879 53.53 -23.17 43.22
C GLU A 1879 52.47 -24.09 42.62
N ASP A 1880 51.22 -23.96 43.07
CA ASP A 1880 50.20 -24.90 42.61
C ASP A 1880 49.75 -24.62 41.18
N ILE A 1881 49.71 -23.35 40.77
CA ILE A 1881 49.36 -23.06 39.38
C ILE A 1881 50.46 -23.53 38.44
N CYS A 1882 51.72 -23.38 38.85
CA CYS A 1882 52.83 -23.92 38.05
C CYS A 1882 52.71 -25.43 37.94
N SER A 1883 52.44 -26.12 39.06
CA SER A 1883 52.31 -27.58 39.02
C SER A 1883 51.12 -28.02 38.16
N HIS A 1884 50.00 -27.33 38.25
CA HIS A 1884 48.82 -27.76 37.49
C HIS A 1884 48.89 -27.41 36.02
N VAL A 1885 49.49 -26.27 35.64
CA VAL A 1885 49.75 -26.08 34.23
C VAL A 1885 50.87 -27.02 33.77
N GLU A 1886 51.72 -27.50 34.67
CA GLU A 1886 52.68 -28.54 34.31
C GLU A 1886 51.97 -29.84 33.95
N GLU A 1887 51.02 -30.28 34.80
CA GLU A 1887 50.26 -31.46 34.42
C GLU A 1887 49.45 -31.21 33.17
N ALA A 1888 49.06 -29.96 32.93
CA ALA A 1888 48.46 -29.60 31.64
C ALA A 1888 49.41 -29.92 30.49
N LEU A 1889 50.55 -29.22 30.44
CA LEU A 1889 51.59 -29.50 29.45
C LEU A 1889 51.85 -30.99 29.29
N GLN A 1890 51.74 -31.75 30.37
CA GLN A 1890 51.91 -33.19 30.28
C GLN A 1890 50.68 -33.88 29.69
N HIS A 1891 49.50 -33.28 29.78
CA HIS A 1891 48.26 -33.94 29.40
C HIS A 1891 47.35 -32.98 28.58
N CYS A 1892 47.94 -32.30 27.61
CA CYS A 1892 47.21 -31.28 26.85
C CYS A 1892 47.74 -31.23 25.42
N PRO A 1893 47.10 -30.47 24.52
CA PRO A 1893 47.65 -30.35 23.16
C PRO A 1893 49.04 -29.75 23.17
N THR A 1894 49.87 -30.22 22.23
CA THR A 1894 51.27 -29.82 22.17
C THR A 1894 51.44 -28.39 21.67
N TYR A 1895 50.71 -28.04 20.61
CA TYR A 1895 50.92 -26.79 19.89
C TYR A 1895 50.56 -25.55 20.70
N ILE A 1896 50.13 -25.77 21.94
CA ILE A 1896 49.77 -24.63 22.79
C ILE A 1896 50.97 -23.72 23.00
N TRP A 1897 52.11 -24.31 23.32
CA TRP A 1897 53.35 -23.56 23.40
C TRP A 1897 54.22 -23.74 22.16
N TYR A 1898 53.91 -24.72 21.30
CA TYR A 1898 54.75 -24.96 20.13
C TYR A 1898 54.64 -23.83 19.12
N PHE A 1899 53.41 -23.43 18.79
CA PHE A 1899 53.15 -22.44 17.75
C PHE A 1899 53.96 -21.16 17.98
N VAL A 1900 54.48 -20.99 19.19
CA VAL A 1900 55.25 -19.83 19.60
C VAL A 1900 56.64 -20.25 20.09
N LEU A 1901 57.21 -21.31 19.48
CA LEU A 1901 58.42 -21.89 20.07
C LEU A 1901 59.59 -20.91 20.02
N THR A 1902 59.52 -19.83 19.23
CA THR A 1902 60.48 -18.75 19.40
C THR A 1902 60.27 -18.03 20.73
N GLN A 1903 59.01 -17.84 21.14
CA GLN A 1903 58.75 -17.43 22.53
C GLN A 1903 59.37 -18.42 23.50
N LEU A 1904 59.27 -19.70 23.19
CA LEU A 1904 59.86 -20.71 24.07
C LEU A 1904 61.38 -20.57 24.13
N LEU A 1905 61.99 -20.12 23.03
CA LEU A 1905 63.40 -19.72 23.08
C LEU A 1905 63.59 -18.56 24.03
N SER A 1906 62.72 -17.56 23.96
CA SER A 1906 62.86 -16.38 24.81
C SER A 1906 62.50 -16.72 26.25
N ARG A 1907 63.49 -17.00 27.09
CA ARG A 1907 63.25 -17.23 28.51
C ARG A 1907 64.54 -17.02 29.28
N LEU A 1908 64.47 -16.21 30.33
CA LEU A 1908 65.63 -15.95 31.17
C LEU A 1908 65.25 -15.88 32.65
N LEU A 1909 64.14 -16.46 33.05
CA LEU A 1909 63.55 -16.29 34.38
C LEU A 1909 64.28 -17.17 35.39
N HIS A 1910 65.47 -16.76 35.80
CA HIS A 1910 66.16 -17.41 36.90
C HIS A 1910 65.82 -16.71 38.21
N SER A 1911 66.17 -17.38 39.32
CA SER A 1911 65.78 -17.00 40.67
C SER A 1911 64.28 -17.10 40.90
N HIS A 1912 63.52 -17.57 39.91
CA HIS A 1912 62.08 -17.77 40.02
C HIS A 1912 61.68 -19.21 39.78
N GLN A 1913 62.19 -19.81 38.70
CA GLN A 1913 62.10 -21.23 38.39
C GLN A 1913 60.70 -21.66 37.95
N SER A 1914 59.71 -20.79 38.08
CA SER A 1914 58.33 -21.23 37.82
C SER A 1914 57.99 -21.20 36.35
N SER A 1915 57.99 -20.01 35.75
CA SER A 1915 57.76 -19.92 34.31
C SER A 1915 58.91 -20.56 33.55
N ALA A 1916 60.13 -20.41 34.05
CA ALA A 1916 61.27 -21.07 33.42
C ALA A 1916 61.10 -22.59 33.44
N GLN A 1917 60.70 -23.14 34.58
CA GLN A 1917 60.52 -24.59 34.68
C GLN A 1917 59.41 -25.08 33.76
N ILE A 1918 58.30 -24.32 33.68
CA ILE A 1918 57.16 -24.80 32.90
C ILE A 1918 57.45 -24.68 31.39
N ILE A 1919 58.10 -23.59 30.98
CA ILE A 1919 58.47 -23.45 29.57
C ILE A 1919 59.57 -24.45 29.23
N MET A 1920 60.43 -24.81 30.19
CA MET A 1920 61.44 -25.84 29.95
C MET A 1920 60.80 -27.21 29.87
N HIS A 1921 59.72 -27.44 30.59
CA HIS A 1921 59.00 -28.70 30.46
C HIS A 1921 58.35 -28.81 29.08
N ILE A 1922 57.73 -27.72 28.61
CA ILE A 1922 57.13 -27.79 27.28
C ILE A 1922 58.21 -27.91 26.21
N LEU A 1923 59.39 -27.29 26.41
CA LEU A 1923 60.49 -27.50 25.50
C LEU A 1923 61.08 -28.91 25.57
N LEU A 1924 61.10 -29.53 26.74
CA LEU A 1924 61.53 -30.92 26.82
C LEU A 1924 60.59 -31.81 26.01
N SER A 1925 59.28 -31.60 26.18
CA SER A 1925 58.30 -32.34 25.39
C SER A 1925 58.48 -32.09 23.90
N LEU A 1926 58.59 -30.82 23.51
CA LEU A 1926 58.66 -30.42 22.10
C LEU A 1926 59.99 -30.76 21.45
N ALA A 1927 61.04 -31.00 22.25
CA ALA A 1927 62.37 -31.28 21.72
C ALA A 1927 62.74 -32.74 21.76
N VAL A 1928 62.07 -33.55 22.60
CA VAL A 1928 62.16 -34.99 22.43
C VAL A 1928 61.18 -35.46 21.36
N GLU A 1929 59.99 -34.87 21.30
CA GLU A 1929 58.93 -35.28 20.40
C GLU A 1929 58.78 -34.28 19.25
N TYR A 1930 58.61 -34.81 18.03
CA TYR A 1930 58.54 -34.07 16.76
C TYR A 1930 59.85 -33.31 16.50
N PRO A 1931 60.98 -34.00 16.35
CA PRO A 1931 62.25 -33.27 16.24
C PRO A 1931 62.40 -32.45 14.98
N SER A 1932 61.72 -32.80 13.89
CA SER A 1932 62.00 -32.24 12.57
C SER A 1932 61.17 -30.98 12.28
N HIS A 1933 60.76 -30.24 13.30
CA HIS A 1933 59.92 -29.07 13.06
C HIS A 1933 60.29 -27.91 13.99
N ILE A 1934 61.36 -28.04 14.78
CA ILE A 1934 61.72 -27.07 15.80
C ILE A 1934 63.20 -26.67 15.72
N LEU A 1935 63.98 -27.31 14.85
CA LEU A 1935 65.42 -27.43 15.06
C LEU A 1935 66.11 -26.07 15.10
N TRP A 1936 65.79 -25.20 14.14
CA TRP A 1936 66.49 -23.92 14.07
C TRP A 1936 66.17 -23.06 15.28
N TYR A 1937 64.92 -23.10 15.73
CA TYR A 1937 64.55 -22.36 16.93
C TYR A 1937 65.31 -22.88 18.13
N ILE A 1938 65.27 -24.19 18.38
CA ILE A 1938 65.93 -24.72 19.56
C ILE A 1938 67.44 -24.50 19.49
N THR A 1939 68.00 -24.35 18.28
CA THR A 1939 69.40 -23.94 18.17
C THR A 1939 69.58 -22.49 18.62
N ALA A 1940 68.69 -21.60 18.17
CA ALA A 1940 68.75 -20.21 18.61
C ALA A 1940 68.44 -20.05 20.10
N LEU A 1941 67.90 -21.09 20.73
CA LEU A 1941 67.51 -21.03 22.13
C LEU A 1941 68.70 -20.79 23.06
N VAL A 1942 69.94 -21.05 22.61
CA VAL A 1942 71.13 -20.65 23.35
C VAL A 1942 72.27 -20.22 22.42
N ASN A 1943 72.47 -18.91 22.27
CA ASN A 1943 73.52 -18.38 21.41
C ASN A 1943 73.85 -16.96 21.89
N SER A 1944 74.98 -16.80 22.57
CA SER A 1944 75.32 -15.48 23.11
C SER A 1944 76.81 -15.39 23.36
N ASN A 1945 77.21 -14.36 24.11
CA ASN A 1945 78.57 -14.15 24.55
C ASN A 1945 78.48 -13.65 25.99
N SER A 1946 79.58 -13.10 26.50
CA SER A 1946 79.59 -12.46 27.82
C SER A 1946 78.95 -13.37 28.88
N SER A 1947 79.64 -14.50 29.10
CA SER A 1947 79.11 -15.56 29.94
C SER A 1947 78.81 -15.10 31.35
N LYS A 1948 77.52 -14.96 31.68
CA LYS A 1948 77.03 -14.93 33.05
C LYS A 1948 76.00 -16.02 33.28
N ARG A 1949 75.03 -16.16 32.37
CA ARG A 1949 73.88 -17.05 32.55
C ARG A 1949 74.28 -18.47 32.16
N VAL A 1950 75.36 -18.92 32.79
CA VAL A 1950 76.00 -20.17 32.40
C VAL A 1950 75.12 -21.35 32.76
N LEU A 1951 74.44 -21.29 33.91
CA LEU A 1951 73.59 -22.40 34.31
C LEU A 1951 72.51 -22.65 33.26
N ARG A 1952 71.77 -21.61 32.89
CA ARG A 1952 70.72 -21.76 31.89
C ARG A 1952 71.29 -22.19 30.55
N GLY A 1953 72.35 -21.52 30.09
CA GLY A 1953 72.89 -21.84 28.78
C GLY A 1953 73.43 -23.26 28.70
N LYS A 1954 74.21 -23.68 29.69
CA LYS A 1954 74.78 -25.01 29.68
C LYS A 1954 73.70 -26.08 29.84
N HIS A 1955 72.70 -25.84 30.70
CA HIS A 1955 71.67 -26.86 30.89
C HIS A 1955 70.81 -27.01 29.64
N ILE A 1956 70.49 -25.90 28.97
CA ILE A 1956 69.73 -26.01 27.72
C ILE A 1956 70.59 -26.63 26.63
N LEU A 1957 71.90 -26.35 26.60
CA LEU A 1957 72.79 -27.02 25.64
C LEU A 1957 72.84 -28.52 25.89
N GLU A 1958 72.92 -28.92 27.15
CA GLU A 1958 72.99 -30.35 27.46
C GLU A 1958 71.68 -31.05 27.12
N LYS A 1959 70.54 -30.41 27.40
CA LYS A 1959 69.29 -31.06 27.01
C LYS A 1959 69.10 -31.06 25.50
N TYR A 1960 69.64 -30.07 24.79
CA TYR A 1960 69.59 -30.13 23.33
C TYR A 1960 70.47 -31.25 22.79
N ARG A 1961 71.69 -31.41 23.32
CA ARG A 1961 72.51 -32.54 22.91
C ARG A 1961 71.83 -33.85 23.31
N GLN A 1962 71.00 -33.83 24.34
CA GLN A 1962 70.16 -34.98 24.67
C GLN A 1962 69.11 -35.22 23.60
N HIS A 1963 68.55 -34.14 23.04
CA HIS A 1963 67.55 -34.27 21.99
C HIS A 1963 68.18 -34.81 20.70
N SER A 1964 67.32 -35.35 19.84
CA SER A 1964 67.78 -36.26 18.79
C SER A 1964 68.50 -35.58 17.63
N GLN A 1965 68.28 -34.29 17.40
CA GLN A 1965 68.76 -33.64 16.17
C GLN A 1965 69.52 -32.35 16.46
N ASN A 1966 70.85 -32.47 16.58
CA ASN A 1966 71.76 -31.33 16.55
C ASN A 1966 73.05 -31.80 15.89
N PRO A 1967 73.06 -31.92 14.56
CA PRO A 1967 74.20 -32.55 13.88
C PRO A 1967 75.34 -31.59 13.53
N HIS A 1968 75.37 -30.41 14.14
CA HIS A 1968 76.41 -29.43 13.81
C HIS A 1968 76.60 -28.49 15.00
N ASP A 1969 77.73 -27.79 14.99
CA ASP A 1969 78.14 -26.93 16.10
C ASP A 1969 77.78 -25.48 15.84
N LEU A 1970 76.62 -25.26 15.23
CA LEU A 1970 76.11 -23.91 15.01
C LEU A 1970 75.97 -23.14 16.32
N VAL A 1971 75.77 -23.82 17.44
CA VAL A 1971 75.59 -23.15 18.72
C VAL A 1971 76.88 -22.44 19.15
N SER A 1972 77.98 -23.19 19.27
CA SER A 1972 79.24 -22.55 19.61
C SER A 1972 79.76 -21.69 18.47
N SER A 1973 79.31 -21.94 17.24
CA SER A 1973 79.59 -21.03 16.14
C SER A 1973 79.01 -19.64 16.44
N ALA A 1974 77.72 -19.59 16.78
CA ALA A 1974 77.11 -18.31 17.12
C ALA A 1974 77.70 -17.72 18.39
N LEU A 1975 78.13 -18.57 19.33
CA LEU A 1975 78.81 -18.06 20.51
C LEU A 1975 80.11 -17.35 20.14
N ASP A 1976 80.91 -17.98 19.27
CA ASP A 1976 82.16 -17.37 18.82
C ASP A 1976 81.90 -16.08 18.06
N LEU A 1977 80.91 -16.08 17.18
CA LEU A 1977 80.55 -14.86 16.46
C LEU A 1977 80.12 -13.76 17.43
N THR A 1978 79.30 -14.11 18.43
CA THR A 1978 78.76 -13.12 19.34
C THR A 1978 79.85 -12.54 20.22
N LYS A 1979 80.82 -13.36 20.64
CA LYS A 1979 81.93 -12.80 21.39
C LYS A 1979 82.84 -11.97 20.50
N ALA A 1980 82.97 -12.33 19.22
CA ALA A 1980 83.67 -11.45 18.30
C ALA A 1980 82.98 -10.09 18.19
N LEU A 1981 81.65 -10.10 18.15
CA LEU A 1981 80.85 -8.89 17.98
C LEU A 1981 80.78 -8.05 19.24
N THR A 1982 81.02 -8.64 20.41
CA THR A 1982 81.25 -7.82 21.60
C THR A 1982 82.72 -7.49 21.80
N ARG A 1983 83.62 -8.14 21.05
CA ARG A 1983 85.04 -7.81 21.07
C ARG A 1983 85.39 -6.67 20.13
N VAL A 1984 84.58 -6.42 19.10
CA VAL A 1984 84.84 -5.29 18.22
C VAL A 1984 84.74 -3.95 18.94
N CYS A 1985 84.07 -3.89 20.10
CA CYS A 1985 84.16 -2.70 20.93
C CYS A 1985 85.49 -2.63 21.63
N LEU A 1986 86.08 -3.78 21.96
CA LEU A 1986 87.43 -3.86 22.50
C LEU A 1986 88.43 -3.75 21.35
N GLN A 1987 88.32 -2.64 20.62
CA GLN A 1987 89.21 -2.27 19.53
C GLN A 1987 89.63 -0.81 19.68
N ASP A 1988 89.62 -0.31 20.91
CA ASP A 1988 89.82 1.10 21.22
C ASP A 1988 91.12 1.65 20.65
N VAL A 1989 91.00 2.59 19.71
CA VAL A 1989 92.16 3.14 19.01
C VAL A 1989 91.71 4.44 18.35
N LYS A 1990 92.67 5.30 18.04
CA LYS A 1990 92.36 6.57 17.38
C LYS A 1990 93.01 6.68 16.02
N PHE A 2004 85.95 -6.38 9.99
CA PHE A 2004 86.61 -6.58 11.27
C PHE A 2004 87.57 -7.74 11.22
N LYS A 2005 87.43 -8.61 10.22
CA LYS A 2005 88.28 -9.81 10.11
C LYS A 2005 88.45 -10.53 11.44
N PHE A 2006 87.34 -10.86 12.09
CA PHE A 2006 87.42 -11.51 13.39
C PHE A 2006 87.10 -13.00 13.30
N ASP A 2007 85.90 -13.38 13.69
CA ASP A 2007 85.52 -14.79 13.67
C ASP A 2007 85.46 -15.35 12.26
N MET A 2008 86.19 -16.44 12.02
CA MET A 2008 86.16 -17.07 10.70
C MET A 2008 84.78 -17.64 10.45
N ASN A 2009 84.23 -17.39 9.26
CA ASN A 2009 82.88 -17.86 8.92
C ASN A 2009 81.88 -17.56 10.02
N VAL A 2010 81.87 -16.32 10.50
CA VAL A 2010 80.94 -15.92 11.54
C VAL A 2010 79.52 -16.05 11.02
N ALA A 2011 79.28 -15.51 9.83
CA ALA A 2011 77.96 -15.61 9.24
C ALA A 2011 77.95 -16.72 8.20
N PRO A 2012 77.56 -17.93 8.61
CA PRO A 2012 77.50 -19.08 7.69
C PRO A 2012 76.60 -20.18 8.24
N SER A 2013 75.55 -19.82 8.96
CA SER A 2013 74.66 -20.81 9.59
C SER A 2013 74.13 -21.83 8.60
N ALA A 2014 74.43 -23.11 8.85
CA ALA A 2014 73.95 -24.16 7.97
C ALA A 2014 72.51 -24.54 8.28
N MET A 2015 72.25 -24.93 9.52
CA MET A 2015 70.89 -25.29 9.93
C MET A 2015 70.05 -24.05 10.20
N VAL A 2016 69.32 -23.58 9.19
CA VAL A 2016 68.51 -22.39 9.35
C VAL A 2016 67.06 -22.65 8.97
N LYS A 2021 61.82 -16.34 8.70
CA LYS A 2021 63.20 -16.86 8.86
C LYS A 2021 63.33 -17.58 10.21
N ASN A 2022 62.76 -16.99 11.27
CA ASN A 2022 62.87 -17.58 12.63
C ASN A 2022 61.63 -17.19 13.44
N LEU A 2023 60.85 -16.21 12.96
CA LEU A 2023 59.68 -15.70 13.74
C LEU A 2023 58.63 -15.14 12.79
N ASP A 2024 58.97 -14.99 11.50
CA ASP A 2024 58.04 -14.34 10.53
C ASP A 2024 56.92 -15.30 10.16
N ILE A 2025 55.74 -15.14 10.77
CA ILE A 2025 54.55 -16.00 10.44
C ILE A 2025 53.77 -15.31 9.32
N ILE A 2026 53.51 -16.01 8.22
CA ILE A 2026 52.82 -15.39 7.04
C ILE A 2026 51.30 -15.63 7.13
N SER A 2027 50.52 -15.02 6.24
CA SER A 2027 49.04 -15.16 6.25
C SER A 2027 48.62 -16.63 6.35
N PRO A 2028 47.78 -17.01 7.34
CA PRO A 2028 47.36 -18.40 7.53
C PRO A 2028 46.45 -18.91 6.40
N LEU A 2029 46.86 -19.99 5.73
CA LEU A 2029 46.03 -20.60 4.65
C LEU A 2029 45.78 -22.07 5.01
N GLU A 2030 44.52 -22.50 4.97
CA GLU A 2030 44.16 -23.90 5.35
C GLU A 2030 45.09 -24.88 4.63
N GLY A 2036 51.47 -23.21 -0.97
CA GLY A 2036 52.66 -22.91 -1.74
C GLY A 2036 53.58 -21.96 -0.99
N TYR A 2037 53.53 -22.01 0.33
CA TYR A 2037 54.28 -21.07 1.15
C TYR A 2037 54.91 -21.88 2.27
N GLN A 2038 55.33 -21.18 3.32
CA GLN A 2038 55.79 -21.73 4.56
C GLN A 2038 55.58 -20.67 5.63
N PRO A 2039 54.96 -20.99 6.76
CA PRO A 2039 54.72 -19.98 7.80
C PRO A 2039 55.99 -19.50 8.49
N PHE A 2040 57.15 -19.92 7.99
CA PHE A 2040 58.42 -19.29 8.34
C PHE A 2040 59.32 -19.34 7.12
N ARG A 2041 59.86 -18.18 6.71
CA ARG A 2041 60.65 -18.11 5.49
C ARG A 2041 61.93 -18.93 5.64
N PRO A 2042 62.53 -19.39 4.53
CA PRO A 2042 63.63 -20.34 4.64
C PRO A 2042 64.90 -19.74 5.21
N ILE A 2047 78.05 -16.24 2.60
CA ILE A 2047 79.29 -17.00 2.66
C ILE A 2047 80.34 -16.19 3.41
N ARG A 2048 80.20 -14.87 3.35
CA ARG A 2048 81.23 -13.98 3.87
C ARG A 2048 81.10 -13.79 5.38
N PHE A 2049 82.25 -13.58 6.01
CA PHE A 2049 82.32 -13.05 7.36
C PHE A 2049 82.80 -11.61 7.30
N GLY A 2050 82.38 -10.82 8.28
CA GLY A 2050 82.66 -9.40 8.27
C GLY A 2050 84.12 -9.05 8.10
N SER A 2051 84.48 -8.55 6.92
CA SER A 2051 85.82 -8.07 6.63
C SER A 2051 85.91 -6.55 6.63
N SER A 2052 84.90 -5.88 6.09
CA SER A 2052 84.72 -4.44 6.25
C SER A 2052 83.63 -4.23 7.28
N TYR A 2053 83.99 -3.63 8.41
CA TYR A 2053 83.07 -3.46 9.52
C TYR A 2053 82.38 -2.10 9.45
N LYS A 2054 81.33 -1.96 10.26
CA LYS A 2054 80.42 -0.81 10.18
C LYS A 2054 80.55 0.04 11.43
N VAL A 2055 81.80 0.30 11.83
CA VAL A 2055 82.08 0.84 13.15
C VAL A 2055 81.50 2.25 13.31
N PHE A 2056 81.11 2.56 14.54
CA PHE A 2056 80.86 3.91 15.03
C PHE A 2056 81.94 4.26 16.04
N SER A 2057 81.94 5.51 16.49
CA SER A 2057 83.01 5.97 17.37
C SER A 2057 82.56 6.33 18.77
N SER A 2058 81.45 7.06 18.92
CA SER A 2058 81.06 7.60 20.22
C SER A 2058 79.56 7.48 20.45
N LEU A 2059 78.98 6.33 20.14
CA LEU A 2059 77.56 6.10 20.40
C LEU A 2059 77.27 4.61 20.35
N LYS A 2060 75.99 4.27 20.34
CA LYS A 2060 75.47 2.91 20.29
C LYS A 2060 75.56 2.35 18.88
N LYS A 2061 74.69 1.39 18.56
CA LYS A 2061 74.74 0.57 17.36
C LYS A 2061 75.91 -0.41 17.45
N PRO A 2062 75.79 -1.45 18.28
CA PRO A 2062 76.60 -2.66 18.08
C PRO A 2062 76.30 -3.26 16.72
N LYS A 2063 77.15 -4.20 16.30
CA LYS A 2063 77.22 -4.62 14.91
C LYS A 2063 75.87 -5.09 14.41
N GLN A 2064 75.38 -4.47 13.34
CA GLN A 2064 74.18 -4.96 12.66
C GLN A 2064 74.48 -6.30 12.01
N LEU A 2065 73.60 -7.28 12.23
CA LEU A 2065 73.84 -8.64 11.76
C LEU A 2065 72.66 -9.10 10.90
N ASN A 2066 72.80 -8.96 9.59
CA ASN A 2066 72.00 -9.75 8.66
C ASN A 2066 72.66 -11.11 8.57
N ILE A 2067 72.15 -12.06 9.35
CA ILE A 2067 72.68 -13.42 9.41
C ILE A 2067 72.79 -13.98 8.01
N ILE A 2068 73.84 -14.74 7.74
CA ILE A 2068 73.95 -15.44 6.47
C ILE A 2068 73.62 -16.90 6.69
N GLY A 2069 72.77 -17.44 5.80
CA GLY A 2069 72.40 -18.84 5.82
C GLY A 2069 72.93 -19.58 4.61
N SER A 2070 72.50 -20.84 4.49
CA SER A 2070 72.98 -21.73 3.45
C SER A 2070 71.95 -21.89 2.34
N ASP A 2071 71.25 -20.80 2.01
CA ASP A 2071 70.21 -20.84 1.00
C ASP A 2071 70.40 -19.76 -0.07
N GLY A 2072 71.49 -19.02 -0.04
CA GLY A 2072 71.72 -17.92 -0.96
C GLY A 2072 71.00 -16.64 -0.60
N ASN A 2073 70.07 -16.69 0.35
CA ASN A 2073 69.31 -15.54 0.79
C ASN A 2073 70.01 -14.91 2.00
N ILE A 2074 69.33 -13.99 2.70
CA ILE A 2074 69.93 -13.26 3.80
C ILE A 2074 68.95 -13.20 4.96
N TYR A 2075 69.29 -13.82 6.08
CA TYR A 2075 68.50 -13.73 7.31
C TYR A 2075 68.86 -12.43 8.02
N GLY A 2076 68.47 -12.31 9.29
CA GLY A 2076 68.99 -11.26 10.15
C GLY A 2076 68.65 -11.42 11.62
N ILE A 2077 69.67 -11.40 12.48
CA ILE A 2077 69.53 -11.50 13.93
C ILE A 2077 70.65 -10.70 14.57
N MET A 2078 70.32 -9.67 15.32
CA MET A 2078 71.32 -8.74 15.82
C MET A 2078 71.77 -9.09 17.23
N CYS A 2079 72.96 -8.60 17.59
CA CYS A 2079 73.54 -8.85 18.90
C CYS A 2079 72.83 -8.03 19.97
N LYS A 2080 71.69 -8.53 20.46
CA LYS A 2080 70.91 -7.81 21.45
C LYS A 2080 71.72 -7.54 22.70
N LYS A 2081 71.56 -6.35 23.25
CA LYS A 2081 72.28 -5.93 24.44
C LYS A 2081 71.27 -5.63 25.56
N GLU A 2082 71.78 -5.05 26.64
CA GLU A 2082 71.00 -4.49 27.75
C GLU A 2082 69.96 -5.48 28.30
N ASP A 2083 70.37 -6.74 28.40
CA ASP A 2083 69.70 -7.77 29.21
C ASP A 2083 68.19 -7.70 29.10
N VAL A 2084 67.69 -8.00 27.90
CA VAL A 2084 66.26 -7.89 27.67
C VAL A 2084 65.55 -9.12 28.25
N ARG A 2085 65.25 -9.03 29.55
CA ARG A 2085 64.45 -10.01 30.27
C ARG A 2085 63.04 -9.49 30.51
N GLN A 2086 62.93 -8.22 30.86
CA GLN A 2086 61.57 -7.64 30.95
C GLN A 2086 61.08 -7.57 29.51
N ASP A 2087 61.98 -7.21 28.57
CA ASP A 2087 61.62 -7.21 27.13
C ASP A 2087 61.45 -8.65 26.67
N ASN A 2088 62.14 -9.61 27.31
CA ASN A 2088 61.91 -11.05 26.97
C ASN A 2088 60.45 -11.36 27.30
N GLN A 2089 60.01 -11.02 28.51
CA GLN A 2089 58.60 -11.25 28.91
C GLN A 2089 57.72 -10.54 27.88
N TYR A 2090 58.10 -9.31 27.51
CA TYR A 2090 57.30 -8.51 26.55
C TYR A 2090 57.10 -9.32 25.27
N MET A 2091 58.16 -9.79 24.61
CA MET A 2091 58.05 -10.50 23.31
C MET A 2091 57.35 -11.85 23.47
N GLN A 2092 57.52 -12.52 24.62
CA GLN A 2092 56.75 -13.77 24.85
C GLN A 2092 55.28 -13.42 24.76
N PHE A 2093 54.86 -12.47 25.61
CA PHE A 2093 53.44 -12.05 25.63
C PHE A 2093 53.04 -11.59 24.22
N ALA A 2094 53.96 -10.98 23.46
CA ALA A 2094 53.67 -10.40 22.12
C ALA A 2094 53.38 -11.51 21.10
N THR A 2095 54.14 -12.61 21.08
CA THR A 2095 53.75 -13.68 20.11
C THR A 2095 52.52 -14.41 20.66
N THR A 2096 52.34 -14.43 21.99
CA THR A 2096 51.07 -15.06 22.45
C THR A 2096 49.91 -14.17 21.99
N MET A 2097 50.14 -12.87 21.83
CA MET A 2097 49.08 -11.90 21.46
C MET A 2097 48.96 -11.86 19.93
N ASP A 2098 49.99 -12.33 19.23
CA ASP A 2098 49.89 -12.49 17.77
C ASP A 2098 48.97 -13.71 17.59
N PHE A 2099 49.05 -14.68 18.51
CA PHE A 2099 48.04 -15.77 18.39
C PHE A 2099 46.68 -15.26 18.91
N LEU A 2100 46.70 -14.25 19.79
CA LEU A 2100 45.43 -13.64 20.25
C LEU A 2100 44.80 -12.94 19.05
N LEU A 2101 45.64 -12.47 18.11
CA LEU A 2101 45.15 -11.81 16.87
C LEU A 2101 44.64 -12.92 15.96
N SER A 2102 45.40 -14.02 15.82
CA SER A 2102 44.85 -15.17 15.06
C SER A 2102 43.43 -15.46 15.59
N LYS A 2103 43.18 -15.16 16.88
CA LYS A 2103 41.81 -15.33 17.44
C LYS A 2103 40.83 -14.21 17.07
N ASP A 2104 41.08 -12.94 17.46
CA ASP A 2104 40.05 -11.86 17.30
C ASP A 2104 39.38 -11.80 15.92
N ILE A 2105 38.22 -12.44 15.79
CA ILE A 2105 37.66 -12.58 14.46
C ILE A 2105 37.55 -11.23 13.74
N ALA A 2106 37.55 -10.13 14.48
CA ALA A 2106 37.53 -8.81 13.87
C ALA A 2106 38.92 -8.28 13.57
N SER A 2107 39.89 -8.52 14.46
CA SER A 2107 41.23 -8.00 14.26
C SER A 2107 41.84 -8.53 12.97
N ARG A 2108 41.71 -9.83 12.72
CA ARG A 2108 42.07 -10.36 11.41
C ARG A 2108 41.22 -9.71 10.32
N LYS A 2109 39.92 -9.54 10.59
CA LYS A 2109 38.99 -9.07 9.57
C LYS A 2109 39.36 -7.69 9.05
N ARG A 2110 40.08 -6.90 9.84
CA ARG A 2110 40.86 -5.78 9.31
C ARG A 2110 42.35 -5.98 9.57
N SER A 2111 42.77 -7.21 9.87
CA SER A 2111 44.18 -7.60 9.77
C SER A 2111 45.08 -6.69 10.60
N LEU A 2112 44.90 -6.79 11.91
CA LEU A 2112 45.76 -6.07 12.83
C LEU A 2112 47.21 -6.53 12.74
N GLY A 2113 48.05 -5.70 12.17
CA GLY A 2113 49.47 -5.87 12.31
C GLY A 2113 49.96 -5.12 13.53
N ILE A 2114 51.05 -5.61 14.11
CA ILE A 2114 51.71 -4.95 15.22
C ILE A 2114 53.21 -4.90 14.90
N ASN A 2115 53.77 -3.70 14.94
CA ASN A 2115 55.18 -3.52 14.65
C ASN A 2115 55.98 -4.02 15.84
N ILE A 2116 56.38 -5.28 15.78
CA ILE A 2116 57.10 -5.90 16.88
C ILE A 2116 58.28 -6.68 16.31
N TYR A 2117 59.27 -6.93 17.16
CA TYR A 2117 60.46 -7.66 16.77
C TYR A 2117 60.81 -8.63 17.89
N SER A 2118 61.37 -9.78 17.53
CA SER A 2118 61.74 -10.77 18.53
C SER A 2118 63.02 -10.35 19.23
N VAL A 2119 63.07 -10.57 20.54
CA VAL A 2119 64.26 -10.20 21.30
C VAL A 2119 64.36 -11.07 22.55
N LEU A 2120 65.60 -11.43 22.89
CA LEU A 2120 65.97 -12.11 24.11
C LEU A 2120 67.47 -11.96 24.32
N SER A 2121 67.89 -11.63 25.53
CA SER A 2121 69.31 -11.62 25.88
C SER A 2121 69.66 -13.01 26.34
N LEU A 2122 70.20 -13.81 25.42
CA LEU A 2122 70.47 -15.22 25.71
C LEU A 2122 71.32 -15.36 26.96
N ARG A 2123 72.25 -14.44 27.16
CA ARG A 2123 72.88 -14.18 28.44
C ARG A 2123 72.76 -12.69 28.72
N GLU A 2124 73.06 -12.30 29.94
CA GLU A 2124 72.94 -10.90 30.35
C GLU A 2124 73.61 -9.98 29.34
N ASP A 2125 72.80 -9.10 28.74
CA ASP A 2125 73.24 -8.04 27.85
C ASP A 2125 73.80 -8.54 26.53
N CYS A 2126 73.59 -9.81 26.17
CA CYS A 2126 73.89 -10.29 24.83
C CYS A 2126 72.99 -11.45 24.45
N GLY A 2127 72.28 -11.27 23.35
CA GLY A 2127 71.34 -12.26 22.85
C GLY A 2127 70.76 -11.97 21.48
N ILE A 2128 69.50 -12.36 21.27
CA ILE A 2128 68.84 -12.22 19.97
C ILE A 2128 68.10 -10.89 19.90
N LEU A 2129 68.35 -10.14 18.84
CA LEU A 2129 67.43 -9.13 18.30
C LEU A 2129 66.86 -9.65 17.00
N GLU A 2130 65.94 -8.87 16.43
CA GLU A 2130 65.48 -9.13 15.09
C GLU A 2130 65.52 -7.84 14.31
N MET A 2131 66.05 -7.90 13.10
CA MET A 2131 66.02 -6.80 12.15
C MET A 2131 64.68 -6.89 11.43
N VAL A 2132 63.72 -6.07 11.86
CA VAL A 2132 62.47 -5.98 11.11
C VAL A 2132 62.80 -5.58 9.68
N PRO A 2133 62.05 -6.00 8.68
CA PRO A 2133 62.38 -5.61 7.30
C PRO A 2133 62.42 -4.09 7.17
N ASN A 2134 63.37 -3.62 6.38
CA ASN A 2134 63.47 -2.20 6.03
C ASN A 2134 63.62 -1.33 7.29
N VAL A 2135 64.77 -1.52 7.95
CA VAL A 2135 65.14 -0.69 9.09
C VAL A 2135 65.68 0.64 8.57
N VAL A 2136 64.79 1.63 8.43
CA VAL A 2136 65.14 2.97 7.96
C VAL A 2136 64.62 4.00 8.96
N THR A 2137 65.47 4.96 9.33
CA THR A 2137 65.31 5.71 10.56
C THR A 2137 64.68 7.09 10.39
N LEU A 2138 63.80 7.40 11.34
CA LEU A 2138 63.01 8.63 11.29
C LEU A 2138 63.89 9.88 11.30
N ARG A 2139 64.92 9.90 12.15
CA ARG A 2139 65.72 11.11 12.27
C ARG A 2139 66.41 11.43 10.95
N SER A 2140 67.04 10.44 10.33
CA SER A 2140 67.73 10.67 9.07
C SER A 2140 66.73 11.07 7.97
N ILE A 2141 65.63 10.32 7.86
CA ILE A 2141 64.67 10.63 6.80
C ILE A 2141 64.09 12.03 6.98
N LEU A 2142 63.66 12.36 8.19
CA LEU A 2142 63.06 13.65 8.46
C LEU A 2142 64.04 14.78 8.20
N SER A 2143 65.25 14.68 8.73
CA SER A 2143 66.17 15.80 8.58
C SER A 2143 66.64 15.93 7.13
N THR A 2144 66.74 14.81 6.39
CA THR A 2144 67.15 14.95 5.00
C THR A 2144 66.05 15.56 4.16
N LYS A 2145 64.78 15.26 4.46
CA LYS A 2145 63.71 15.97 3.77
C LYS A 2145 63.71 17.45 4.13
N TYR A 2146 63.96 17.77 5.40
CA TYR A 2146 64.06 19.17 5.81
C TYR A 2146 65.12 19.89 5.00
N GLU A 2147 66.32 19.33 4.94
CA GLU A 2147 67.40 19.98 4.18
C GLU A 2147 67.18 19.87 2.69
N SER A 2148 66.28 19.00 2.24
CA SER A 2148 65.92 18.92 0.84
C SER A 2148 64.84 19.93 0.45
N LEU A 2149 64.15 20.51 1.43
CA LEU A 2149 63.32 21.69 1.20
C LEU A 2149 64.05 22.97 1.56
N LYS A 2150 65.36 22.88 1.79
CA LYS A 2150 66.19 24.00 2.22
C LYS A 2150 65.70 24.54 3.57
N ILE A 2151 65.58 23.62 4.52
CA ILE A 2151 65.07 23.94 5.85
C ILE A 2151 66.09 23.46 6.86
N LYS A 2152 66.99 24.36 7.26
CA LYS A 2152 68.03 24.04 8.22
C LYS A 2152 67.47 23.90 9.64
N TYR A 2153 68.36 23.58 10.57
CA TYR A 2153 68.02 23.51 11.98
C TYR A 2153 69.33 23.49 12.77
N SER A 2154 69.21 23.66 14.09
CA SER A 2154 70.38 23.67 14.96
C SER A 2154 71.06 22.31 14.98
N LEU A 2155 72.23 22.22 14.34
CA LEU A 2155 72.88 20.92 14.13
C LEU A 2155 73.31 20.29 15.45
N LYS A 2156 73.98 21.06 16.31
CA LYS A 2156 74.41 20.57 17.62
C LYS A 2156 74.16 21.57 18.74
N SER A 2157 73.56 22.72 18.44
CA SER A 2157 73.04 23.60 19.47
C SER A 2157 71.58 23.31 19.80
N LEU A 2158 71.02 22.24 19.24
CA LEU A 2158 69.61 21.92 19.45
C LEU A 2158 69.35 21.45 20.87
N HIS A 2159 70.18 20.56 21.38
CA HIS A 2159 69.96 20.01 22.72
C HIS A 2159 69.89 21.11 23.76
N ASP A 2160 70.91 21.95 23.81
CA ASP A 2160 70.91 23.04 24.77
C ASP A 2160 69.97 24.16 24.33
N ARG A 2161 69.60 24.20 23.05
CA ARG A 2161 68.68 25.23 22.59
C ARG A 2161 67.26 24.96 23.06
N TRP A 2162 66.93 23.69 23.31
CA TRP A 2162 65.65 23.35 23.92
C TRP A 2162 65.77 23.23 25.44
N GLN A 2163 66.92 22.79 25.94
CA GLN A 2163 67.11 22.69 27.40
C GLN A 2163 67.16 24.06 28.04
N HIS A 2164 67.94 24.98 27.49
CA HIS A 2164 68.02 26.35 27.98
C HIS A 2164 66.66 27.04 27.88
N THR A 2165 66.05 27.00 26.70
CA THR A 2165 64.79 27.69 26.46
C THR A 2165 63.70 27.00 27.26
N ALA A 2166 63.33 27.61 28.40
CA ALA A 2166 62.39 26.99 29.33
C ALA A 2166 61.01 26.89 28.69
N VAL A 2167 60.09 26.28 29.44
CA VAL A 2167 58.74 26.03 28.93
C VAL A 2167 58.07 27.32 28.49
N ASP A 2168 58.38 28.44 29.15
CA ASP A 2168 57.83 29.72 28.71
C ASP A 2168 58.31 30.06 27.31
N GLY A 2169 59.62 30.02 27.09
CA GLY A 2169 60.16 30.37 25.78
C GLY A 2169 60.05 29.28 24.75
N LYS A 2170 59.92 28.03 25.19
CA LYS A 2170 59.84 26.91 24.26
C LYS A 2170 58.61 27.02 23.37
N LEU A 2171 57.51 27.57 23.91
CA LEU A 2171 56.30 27.71 23.12
C LEU A 2171 56.53 28.56 21.88
N GLU A 2172 57.07 29.77 22.07
CA GLU A 2172 57.26 30.69 20.95
C GLU A 2172 58.40 30.24 20.06
N PHE A 2173 59.50 29.76 20.65
CA PHE A 2173 60.60 29.25 19.85
C PHE A 2173 60.14 28.08 18.98
N TYR A 2174 59.29 27.20 19.54
CA TYR A 2174 58.85 26.01 18.82
C TYR A 2174 57.82 26.37 17.76
N MET A 2175 56.95 27.34 18.03
CA MET A 2175 55.99 27.75 17.00
C MET A 2175 56.70 28.38 15.82
N GLU A 2176 57.70 29.23 16.07
CA GLU A 2176 58.49 29.74 14.95
C GLU A 2176 59.24 28.61 14.25
N GLN A 2177 59.87 27.72 15.04
CA GLN A 2177 60.52 26.54 14.48
C GLN A 2177 59.62 25.87 13.47
N VAL A 2178 58.47 25.39 13.91
CA VAL A 2178 57.63 24.55 13.06
C VAL A 2178 56.96 25.36 11.95
N ASP A 2179 56.66 26.65 12.18
CA ASP A 2179 56.18 27.47 11.07
C ASP A 2179 57.21 27.54 9.96
N LYS A 2180 58.49 27.49 10.31
CA LYS A 2180 59.53 27.29 9.31
C LYS A 2180 59.73 25.82 8.96
N PHE A 2181 59.20 24.90 9.77
CA PHE A 2181 59.54 23.47 9.75
C PHE A 2181 58.27 22.64 9.62
N PRO A 2182 57.63 22.65 8.44
CA PRO A 2182 56.39 21.89 8.30
C PRO A 2182 56.61 20.41 8.52
N PRO A 2183 55.67 19.73 9.20
CA PRO A 2183 55.76 18.26 9.30
C PRO A 2183 55.45 17.63 7.94
N ILE A 2184 56.42 16.89 7.41
CA ILE A 2184 56.43 16.58 5.98
C ILE A 2184 56.63 15.09 5.65
N LEU A 2185 56.10 14.19 6.49
CA LEU A 2185 56.25 12.75 6.22
C LEU A 2185 55.53 12.35 4.93
N TYR A 2186 54.50 13.12 4.57
CA TYR A 2186 53.72 12.81 3.38
C TYR A 2186 54.54 12.87 2.10
N GLN A 2187 55.41 13.89 1.97
CA GLN A 2187 56.17 14.05 0.74
C GLN A 2187 57.20 12.94 0.60
N TRP A 2188 57.80 12.53 1.71
CA TRP A 2188 58.66 11.36 1.68
C TRP A 2188 57.88 10.16 1.17
N PHE A 2189 56.64 9.97 1.62
CA PHE A 2189 55.85 8.88 1.06
C PHE A 2189 55.57 9.04 -0.43
N LEU A 2190 55.28 10.25 -0.87
CA LEU A 2190 54.98 10.45 -2.29
C LEU A 2190 56.19 10.11 -3.14
N GLU A 2191 57.38 10.51 -2.70
CA GLU A 2191 58.57 10.05 -3.39
C GLU A 2191 58.95 8.61 -3.05
N ASN A 2192 58.28 7.99 -2.07
CA ASN A 2192 58.39 6.55 -1.90
C ASN A 2192 57.71 5.84 -3.07
N PHE A 2193 56.49 6.24 -3.39
CA PHE A 2193 55.73 5.61 -4.48
C PHE A 2193 54.83 6.65 -5.14
N PRO A 2194 55.03 6.93 -6.42
CA PRO A 2194 53.98 7.60 -7.20
C PRO A 2194 52.92 6.62 -7.70
N ASP A 2195 52.95 5.41 -7.16
CA ASP A 2195 51.93 4.42 -7.50
C ASP A 2195 50.62 4.78 -6.81
N PRO A 2196 49.50 4.86 -7.54
CA PRO A 2196 48.19 4.87 -6.86
C PRO A 2196 48.07 3.80 -5.81
N ILE A 2197 48.30 2.55 -6.21
CA ILE A 2197 48.16 1.40 -5.32
C ILE A 2197 49.02 1.61 -4.08
N ASN A 2198 50.33 1.71 -4.27
CA ASN A 2198 51.25 1.76 -3.16
C ASN A 2198 50.97 2.95 -2.26
N TRP A 2199 50.90 4.14 -2.83
CA TRP A 2199 50.61 5.32 -2.02
C TRP A 2199 49.37 5.10 -1.19
N PHE A 2200 48.23 4.92 -1.86
CA PHE A 2200 46.94 4.83 -1.20
C PHE A 2200 47.00 3.83 -0.06
N ASN A 2201 47.28 2.57 -0.40
CA ASN A 2201 47.13 1.50 0.56
C ASN A 2201 48.19 1.57 1.64
N ALA A 2202 49.46 1.64 1.25
CA ALA A 2202 50.52 1.58 2.24
C ALA A 2202 50.50 2.79 3.15
N ARG A 2203 50.07 3.97 2.67
CA ARG A 2203 49.92 5.09 3.58
C ARG A 2203 48.78 4.86 4.56
N ASN A 2204 47.71 4.18 4.12
CA ASN A 2204 46.68 3.83 5.09
C ASN A 2204 47.20 2.84 6.12
N THR A 2205 48.07 1.91 5.70
CA THR A 2205 48.67 0.98 6.64
C THR A 2205 49.62 1.69 7.60
N TYR A 2206 50.38 2.66 7.08
CA TYR A 2206 51.16 3.54 7.94
C TYR A 2206 50.30 4.23 8.98
N ALA A 2207 49.17 4.80 8.56
CA ALA A 2207 48.30 5.47 9.52
C ALA A 2207 47.82 4.50 10.58
N ARG A 2208 47.40 3.31 10.17
CA ARG A 2208 47.14 2.22 11.10
C ARG A 2208 48.24 2.10 12.14
N SER A 2209 49.45 1.79 11.66
CA SER A 2209 50.50 1.29 12.54
C SER A 2209 51.20 2.41 13.31
N TYR A 2210 51.03 3.66 12.92
CA TYR A 2210 51.50 4.76 13.75
C TYR A 2210 50.47 5.14 14.80
N ALA A 2211 49.22 5.40 14.38
CA ALA A 2211 48.21 5.80 15.35
C ALA A 2211 48.07 4.74 16.44
N VAL A 2212 47.88 3.49 16.05
CA VAL A 2212 47.53 2.48 17.04
C VAL A 2212 48.71 2.21 17.96
N MET A 2213 49.92 2.10 17.42
CA MET A 2213 51.05 1.89 18.31
C MET A 2213 51.34 3.10 19.17
N ALA A 2214 50.99 4.31 18.71
CA ALA A 2214 51.19 5.50 19.54
C ALA A 2214 50.25 5.47 20.74
N MET A 2215 48.99 5.11 20.52
CA MET A 2215 48.11 4.93 21.67
C MET A 2215 48.60 3.77 22.55
N VAL A 2216 49.09 2.70 21.93
CA VAL A 2216 49.68 1.59 22.69
C VAL A 2216 50.68 2.13 23.71
N GLY A 2217 51.71 2.81 23.20
CA GLY A 2217 52.78 3.31 24.02
C GLY A 2217 52.35 4.32 25.06
N HIS A 2218 51.71 5.40 24.63
CA HIS A 2218 51.36 6.46 25.55
C HIS A 2218 50.09 6.17 26.34
N ILE A 2219 49.60 4.93 26.31
CA ILE A 2219 48.64 4.46 27.29
C ILE A 2219 49.25 3.45 28.26
N LEU A 2220 50.28 2.71 27.86
CA LEU A 2220 51.09 2.08 28.92
C LEU A 2220 52.11 3.03 29.51
N GLY A 2221 52.10 4.30 29.11
CA GLY A 2221 52.77 5.34 29.86
C GLY A 2221 54.28 5.33 29.86
N LEU A 2222 54.89 5.61 28.71
CA LEU A 2222 56.33 5.82 28.62
C LEU A 2222 56.69 7.30 28.69
N GLY A 2223 56.15 8.09 27.76
CA GLY A 2223 56.51 9.49 27.68
C GLY A 2223 57.82 9.71 26.97
N ASP A 2224 57.84 10.66 26.03
CA ASP A 2224 59.07 11.07 25.34
C ASP A 2224 59.74 9.88 24.65
N ARG A 2225 59.04 9.34 23.65
CA ARG A 2225 59.59 8.25 22.86
C ARG A 2225 60.76 8.77 22.02
N HIS A 2226 61.93 8.16 22.19
CA HIS A 2226 63.12 8.63 21.50
C HIS A 2226 62.94 8.47 20.00
N CYS A 2227 63.27 9.53 19.25
CA CYS A 2227 63.22 9.43 17.79
C CYS A 2227 64.15 8.34 17.29
N GLU A 2228 65.22 8.04 18.04
CA GLU A 2228 66.15 6.99 17.63
C GLU A 2228 65.47 5.63 17.57
N ASN A 2229 64.46 5.40 18.41
CA ASN A 2229 63.83 4.10 18.48
C ASN A 2229 62.92 3.81 17.29
N ILE A 2230 62.33 4.83 16.68
CA ILE A 2230 61.30 4.62 15.66
C ILE A 2230 61.95 4.16 14.36
N LEU A 2231 61.47 3.04 13.83
CA LEU A 2231 61.87 2.56 12.51
C LEU A 2231 60.61 2.32 11.69
N LEU A 2232 60.67 2.67 10.41
CA LEU A 2232 59.49 2.86 9.58
C LEU A 2232 59.66 2.11 8.26
N ASP A 2233 59.31 0.83 8.24
CA ASP A 2233 59.61 0.00 7.06
C ASP A 2233 58.89 0.53 5.83
N ILE A 2234 59.59 0.47 4.69
CA ILE A 2234 58.99 0.93 3.44
C ILE A 2234 57.98 -0.07 2.91
N GLN A 2235 58.09 -1.34 3.31
CA GLN A 2235 57.20 -2.37 2.79
C GLN A 2235 55.75 -2.09 3.20
N THR A 2236 55.49 -1.91 4.49
CA THR A 2236 54.11 -1.86 4.95
C THR A 2236 53.83 -0.58 5.74
N GLY A 2237 54.82 -0.08 6.46
CA GLY A 2237 54.66 1.10 7.25
C GLY A 2237 54.60 0.88 8.73
N LYS A 2238 55.13 -0.23 9.22
CA LYS A 2238 55.07 -0.56 10.64
C LYS A 2238 55.81 0.47 11.48
N VAL A 2239 55.26 0.79 12.64
CA VAL A 2239 55.78 1.82 13.54
C VAL A 2239 55.98 1.17 14.91
N LEU A 2240 57.23 0.87 15.27
CA LEU A 2240 57.51 0.04 16.43
C LEU A 2240 58.12 0.86 17.55
N HIS A 2241 57.85 0.41 18.78
CA HIS A 2241 58.57 0.83 19.97
C HIS A 2241 59.50 -0.31 20.35
N VAL A 2242 60.79 -0.01 20.46
CA VAL A 2242 61.78 -1.07 20.67
C VAL A 2242 61.94 -1.40 22.15
N ASP A 2243 62.11 -0.37 22.97
CA ASP A 2243 62.28 -0.58 24.40
C ASP A 2243 61.00 -0.17 25.10
N PHE A 2244 60.61 1.10 24.95
CA PHE A 2244 59.41 1.61 25.61
C PHE A 2244 59.36 1.27 27.09
N ASP A 2245 60.36 1.72 27.85
CA ASP A 2245 60.35 1.50 29.29
C ASP A 2245 59.14 2.20 29.83
N CYS A 2246 58.19 1.45 30.39
CA CYS A 2246 56.95 2.07 30.81
C CYS A 2246 56.27 1.45 32.03
N LEU A 2247 56.83 0.38 32.58
CA LEU A 2247 56.26 -0.22 33.78
C LEU A 2247 56.32 0.77 34.93
N PHE A 2248 55.27 0.81 35.75
CA PHE A 2248 55.19 1.79 36.84
C PHE A 2248 55.45 3.20 36.32
N GLU A 2249 54.79 3.57 35.22
CA GLU A 2249 54.97 4.90 34.61
C GLU A 2249 56.43 5.32 34.51
N LYS A 2250 57.26 4.45 33.93
CA LYS A 2250 58.68 4.75 33.82
C LYS A 2250 58.93 5.88 32.85
N GLY A 2251 59.39 7.02 33.37
CA GLY A 2251 59.69 8.15 32.50
C GLY A 2251 58.50 9.01 32.15
N LYS A 2252 57.31 8.60 32.56
CA LYS A 2252 56.11 9.38 32.26
C LYS A 2252 56.10 10.63 33.11
N ARG A 2253 56.52 10.49 34.36
CA ARG A 2253 56.59 11.65 35.25
C ARG A 2253 57.72 12.57 34.83
N LEU A 2254 58.80 11.99 34.31
CA LEU A 2254 59.94 12.78 33.87
C LEU A 2254 59.58 13.65 32.68
N PRO A 2255 58.80 13.10 31.71
CA PRO A 2255 58.39 13.83 30.50
C PRO A 2255 59.47 14.75 29.94
N VAL A 2256 60.62 14.19 29.58
CA VAL A 2256 61.73 14.99 29.06
C VAL A 2256 61.31 15.84 27.88
N PRO A 2257 60.88 15.19 26.80
CA PRO A 2257 60.39 16.03 25.70
C PRO A 2257 58.95 16.43 25.98
N GLU A 2258 58.73 17.70 26.28
CA GLU A 2258 57.39 18.18 26.55
C GLU A 2258 56.88 18.96 25.35
N ILE A 2259 57.03 18.39 24.16
CA ILE A 2259 56.58 19.08 22.95
C ILE A 2259 55.07 19.03 22.81
N LEU A 2264 52.78 15.17 8.51
CA LEU A 2264 51.50 15.02 7.82
C LEU A 2264 50.66 16.28 7.99
N THR A 2265 51.03 17.34 7.28
CA THR A 2265 50.31 18.60 7.42
C THR A 2265 49.31 18.81 6.29
N PRO A 2266 49.39 19.97 5.63
CA PRO A 2266 48.50 20.22 4.48
C PRO A 2266 48.96 19.42 3.29
N ASN A 2267 50.19 18.92 3.31
CA ASN A 2267 50.67 18.08 2.22
C ASN A 2267 49.86 16.79 2.23
N LEU A 2268 49.56 16.28 3.42
CA LEU A 2268 48.74 15.08 3.51
C LEU A 2268 47.34 15.34 3.00
N LEU A 2269 46.80 16.52 3.28
CA LEU A 2269 45.46 16.87 2.82
C LEU A 2269 45.42 17.06 1.31
N ASP A 2270 46.48 17.60 0.73
CA ASP A 2270 46.55 17.77 -0.71
C ASP A 2270 46.53 16.40 -1.35
N ALA A 2271 47.25 15.45 -0.77
CA ALA A 2271 47.29 14.11 -1.31
C ALA A 2271 46.02 13.32 -0.99
N LEU A 2272 45.28 13.76 0.03
CA LEU A 2272 44.06 13.07 0.42
C LEU A 2272 43.03 13.14 -0.70
N GLY A 2273 42.90 14.29 -1.34
CA GLY A 2273 41.99 14.36 -2.47
C GLY A 2273 41.48 15.74 -2.83
N ILE A 2274 40.59 15.81 -3.80
CA ILE A 2274 40.01 17.08 -4.18
C ILE A 2274 39.09 17.55 -3.08
N ILE A 2275 38.35 16.65 -2.46
CA ILE A 2275 37.54 17.06 -1.32
C ILE A 2275 38.37 17.06 -0.04
N GLY A 2276 39.70 17.07 -0.15
CA GLY A 2276 40.51 16.98 1.04
C GLY A 2276 40.24 15.67 1.75
N THR A 2277 40.19 15.73 3.08
CA THR A 2277 39.91 14.53 3.85
C THR A 2277 38.47 14.08 3.72
N GLU A 2278 37.59 14.88 3.12
CA GLU A 2278 36.14 14.65 3.15
C GLU A 2278 35.80 13.21 2.82
N GLY A 2279 35.23 12.50 3.78
CA GLY A 2279 34.80 11.15 3.52
C GLY A 2279 35.87 10.10 3.76
N THR A 2280 36.55 9.72 2.68
CA THR A 2280 37.42 8.55 2.63
C THR A 2280 38.20 8.32 3.91
N PHE A 2281 38.91 9.36 4.37
CA PHE A 2281 39.80 9.17 5.49
C PHE A 2281 39.05 8.60 6.67
N LYS A 2282 38.07 9.34 7.18
CA LYS A 2282 37.42 8.91 8.42
C LYS A 2282 36.41 7.79 8.19
N LYS A 2283 35.84 7.67 6.99
CA LYS A 2283 35.00 6.50 6.73
C LYS A 2283 35.81 5.22 6.86
N SER A 2284 36.94 5.15 6.15
CA SER A 2284 37.88 4.06 6.35
C SER A 2284 38.27 3.96 7.82
N SER A 2285 38.71 5.07 8.41
CA SER A 2285 39.19 5.04 9.79
C SER A 2285 38.11 4.73 10.78
N GLU A 2286 36.83 4.81 10.41
CA GLU A 2286 35.75 4.60 11.36
C GLU A 2286 35.10 3.24 11.23
N VAL A 2287 35.12 2.65 10.03
CA VAL A 2287 35.09 1.19 10.01
C VAL A 2287 36.27 0.66 10.80
N THR A 2288 37.41 1.34 10.71
CA THR A 2288 38.56 0.99 11.55
C THR A 2288 38.28 1.25 13.03
N LEU A 2289 37.46 2.25 13.36
CA LEU A 2289 37.02 2.43 14.73
C LEU A 2289 36.17 1.26 15.22
N ALA A 2290 35.22 0.82 14.39
CA ALA A 2290 34.47 -0.40 14.69
C ALA A 2290 35.43 -1.56 14.93
N LEU A 2291 36.55 -1.55 14.22
CA LEU A 2291 37.60 -2.54 14.44
C LEU A 2291 38.32 -2.34 15.78
N MET A 2292 38.73 -1.10 16.10
CA MET A 2292 39.61 -0.83 17.23
C MET A 2292 38.84 -0.54 18.50
N ARG A 2293 37.54 -0.82 18.54
CA ARG A 2293 36.82 -0.88 19.80
C ARG A 2293 36.22 -2.23 20.11
N LYS A 2294 35.88 -3.04 19.09
CA LYS A 2294 35.38 -4.38 19.35
C LYS A 2294 36.42 -5.22 20.08
N ASN A 2295 37.68 -5.12 19.69
CA ASN A 2295 38.77 -5.89 20.29
C ASN A 2295 39.71 -4.98 21.07
N GLU A 2296 39.15 -4.03 21.81
CA GLU A 2296 39.96 -3.14 22.62
C GLU A 2296 40.86 -3.94 23.55
N VAL A 2297 40.30 -4.94 24.22
CA VAL A 2297 41.08 -5.70 25.20
C VAL A 2297 42.15 -6.56 24.53
N ALA A 2298 41.87 -7.07 23.32
CA ALA A 2298 42.87 -7.85 22.61
C ALA A 2298 44.03 -6.98 22.17
N LEU A 2299 43.73 -5.84 21.56
CA LEU A 2299 44.81 -4.90 21.25
C LEU A 2299 45.45 -4.34 22.50
N MET A 2300 44.76 -4.38 23.63
CA MET A 2300 45.35 -3.93 24.89
C MET A 2300 46.38 -4.93 25.40
N ASN A 2301 46.05 -6.21 25.37
CA ASN A 2301 47.08 -7.19 25.72
C ASN A 2301 48.19 -7.21 24.67
N VAL A 2302 47.90 -6.75 23.45
CA VAL A 2302 48.98 -6.44 22.52
C VAL A 2302 49.82 -5.29 23.07
N ILE A 2303 49.16 -4.28 23.63
CA ILE A 2303 49.88 -3.16 24.24
C ILE A 2303 50.80 -3.66 25.35
N GLU A 2304 50.35 -4.69 26.07
CA GLU A 2304 50.92 -5.10 27.36
C GLU A 2304 52.44 -5.26 27.30
N THR A 2305 53.00 -5.26 26.10
CA THR A 2305 54.40 -5.53 25.85
C THR A 2305 55.31 -4.31 26.07
N ILE A 2306 54.88 -3.32 26.84
CA ILE A 2306 55.67 -2.13 27.10
C ILE A 2306 56.21 -2.11 28.53
N MET A 2307 56.42 -3.28 29.14
CA MET A 2307 56.89 -3.33 30.51
C MET A 2307 58.29 -2.75 30.66
N TYR A 2308 59.29 -3.46 30.13
CA TYR A 2308 60.69 -3.06 30.06
C TYR A 2308 61.20 -2.27 31.27
N ASP A 2309 61.13 -2.86 32.46
CA ASP A 2309 61.71 -2.21 33.64
C ASP A 2309 62.73 -3.12 34.32
N ILE A 2316 51.30 2.79 35.20
CA ILE A 2316 51.24 1.91 34.04
C ILE A 2316 49.85 1.29 33.89
N GLN A 2317 49.48 0.44 34.83
CA GLN A 2317 48.22 -0.30 34.72
C GLN A 2317 47.01 0.63 34.80
N LYS A 2318 46.99 1.53 35.79
CA LYS A 2318 45.83 2.39 35.98
C LYS A 2318 45.66 3.36 34.82
N ALA A 2319 46.74 4.00 34.39
CA ALA A 2319 46.67 4.87 33.22
C ALA A 2319 46.25 4.08 31.99
N LEU A 2320 46.75 2.86 31.87
CA LEU A 2320 46.35 1.99 30.78
C LEU A 2320 44.85 1.76 30.79
N LYS A 2321 44.27 1.57 31.98
CA LYS A 2321 42.84 1.33 32.10
C LYS A 2321 42.03 2.56 31.72
N VAL A 2322 42.41 3.72 32.25
CA VAL A 2322 41.66 4.94 31.96
C VAL A 2322 41.73 5.25 30.46
N LEU A 2323 42.91 5.13 29.87
CA LEU A 2323 43.02 5.50 28.46
C LEU A 2323 42.58 4.39 27.52
N ARG A 2324 42.43 3.15 27.97
CA ARG A 2324 41.73 2.20 27.13
C ARG A 2324 40.23 2.41 27.21
N ASN A 2325 39.72 2.92 28.33
CA ASN A 2325 38.38 3.47 28.32
C ASN A 2325 38.26 4.56 27.27
N LYS A 2326 39.27 5.42 27.20
CA LYS A 2326 39.37 6.38 26.11
C LYS A 2326 39.28 5.68 24.76
N ILE A 2327 40.03 4.59 24.60
CA ILE A 2327 39.98 3.83 23.35
C ILE A 2327 38.54 3.43 23.03
N ARG A 2328 37.84 2.92 24.04
CA ARG A 2328 36.43 2.61 23.86
C ARG A 2328 35.58 3.84 23.53
N GLY A 2329 36.03 5.04 23.88
CA GLY A 2329 35.29 6.20 23.44
C GLY A 2329 35.23 7.39 24.37
N ILE A 2330 35.74 7.23 25.60
CA ILE A 2330 35.78 8.37 26.58
C ILE A 2330 36.66 9.49 26.00
N ASP A 2331 36.26 10.75 26.22
CA ASP A 2331 37.03 11.91 25.68
C ASP A 2331 37.70 12.66 26.84
N PRO A 2332 38.84 13.36 26.61
CA PRO A 2332 39.55 14.08 27.68
C PRO A 2332 38.65 15.08 28.41
N GLN A 2333 38.57 14.98 29.74
CA GLN A 2333 37.73 15.89 30.56
C GLN A 2333 36.33 16.00 29.93
N ASP A 2334 35.75 14.86 29.53
CA ASP A 2334 34.40 14.85 28.89
C ASP A 2334 33.77 13.47 29.06
N GLY A 2335 32.59 13.40 29.69
CA GLY A 2335 31.87 12.12 29.82
C GLY A 2335 31.46 11.57 28.47
N LEU A 2336 31.44 12.43 27.43
CA LEU A 2336 31.12 12.01 26.04
C LEU A 2336 31.79 10.66 25.74
N VAL A 2337 30.99 9.64 25.41
CA VAL A 2337 31.54 8.29 25.04
C VAL A 2337 31.28 8.05 23.55
N THR A 2344 30.36 20.99 2.91
CA THR A 2344 31.72 20.51 3.16
C THR A 2344 32.26 21.06 4.47
N GLU A 2345 32.02 20.29 5.54
CA GLU A 2345 32.54 20.59 6.87
C GLU A 2345 33.26 19.40 7.50
N THR A 2346 32.97 18.17 7.09
CA THR A 2346 33.78 17.06 7.56
C THR A 2346 35.22 17.22 7.08
N LEU A 2347 35.44 18.00 6.02
CA LEU A 2347 36.79 18.43 5.66
C LEU A 2347 37.51 19.05 6.84
N ILE A 2348 36.81 19.85 7.63
CA ILE A 2348 37.40 20.47 8.81
C ILE A 2348 37.25 19.60 10.05
N GLN A 2349 36.31 18.66 10.07
CA GLN A 2349 36.14 17.80 11.24
C GLN A 2349 37.14 16.64 11.25
N GLU A 2350 37.01 15.74 10.28
CA GLU A 2350 37.73 14.47 10.38
C GLU A 2350 39.22 14.65 10.22
N ALA A 2351 39.64 15.72 9.53
CA ALA A 2351 41.05 16.07 9.54
C ALA A 2351 41.54 16.32 10.95
N THR A 2352 40.63 16.69 11.86
CA THR A 2352 40.94 16.94 13.26
C THR A 2352 40.55 15.79 14.17
N SER A 2353 40.31 14.61 13.60
CA SER A 2353 40.03 13.44 14.41
C SER A 2353 41.19 13.16 15.35
N GLU A 2354 40.87 12.90 16.63
CA GLU A 2354 41.94 12.71 17.60
C GLU A 2354 42.81 11.51 17.24
N ASP A 2355 42.19 10.42 16.76
CA ASP A 2355 42.90 9.22 16.32
C ASP A 2355 43.84 9.52 15.17
N ASN A 2356 43.88 10.79 14.75
CA ASN A 2356 44.75 11.25 13.68
C ASN A 2356 45.66 12.39 14.10
N LEU A 2357 45.23 13.25 15.03
CA LEU A 2357 45.95 14.47 15.35
C LEU A 2357 46.40 14.60 16.80
N SER A 2358 46.17 13.58 17.64
CA SER A 2358 46.41 13.74 19.07
C SER A 2358 47.87 14.03 19.37
N LYS A 2359 48.78 13.33 18.70
CA LYS A 2359 50.21 13.50 18.97
C LYS A 2359 51.03 13.13 17.74
N ASN B 189 -51.99 8.67 -47.91
CA ASN B 189 -52.99 8.18 -46.97
C ASN B 189 -52.40 7.14 -46.01
N MET B 190 -52.18 5.93 -46.53
CA MET B 190 -51.87 4.78 -45.70
C MET B 190 -50.63 5.04 -44.84
N VAL B 191 -50.63 4.44 -43.65
CA VAL B 191 -49.49 4.52 -42.73
C VAL B 191 -48.27 3.85 -43.37
N PRO B 192 -47.09 4.46 -43.32
CA PRO B 192 -45.94 3.90 -44.04
C PRO B 192 -45.12 2.96 -43.17
N LEU B 193 -44.12 2.35 -43.80
CA LEU B 193 -43.31 1.29 -43.23
C LEU B 193 -41.84 1.70 -43.22
N ASN B 194 -40.98 0.74 -42.86
CA ASN B 194 -39.57 0.97 -42.59
C ASN B 194 -38.76 -0.18 -43.18
N PRO B 195 -37.67 0.09 -43.88
CA PRO B 195 -36.83 -1.01 -44.36
C PRO B 195 -36.06 -1.72 -43.26
N ASN B 196 -35.49 -0.98 -42.32
CA ASN B 196 -34.51 -1.49 -41.36
C ASN B 196 -34.92 -1.16 -39.93
N ARG B 197 -36.13 -1.54 -39.54
CA ARG B 197 -36.60 -1.19 -38.20
C ARG B 197 -35.57 -1.67 -37.19
N ILE B 198 -34.84 -0.72 -36.62
CA ILE B 198 -33.72 -1.03 -35.74
C ILE B 198 -34.20 -0.78 -34.32
N ILE B 199 -34.76 -1.83 -33.72
CA ILE B 199 -35.24 -1.78 -32.35
C ILE B 199 -34.11 -2.26 -31.46
N PRO B 200 -33.58 -1.42 -30.56
CA PRO B 200 -32.72 -1.95 -29.51
C PRO B 200 -33.49 -2.95 -28.67
N ASP B 201 -32.82 -4.03 -28.31
CA ASP B 201 -33.48 -5.08 -27.56
C ASP B 201 -33.87 -4.56 -26.18
N GLU B 202 -34.93 -5.14 -25.62
CA GLU B 202 -35.33 -4.75 -24.28
C GLU B 202 -34.19 -5.00 -23.30
N THR B 203 -33.51 -6.14 -23.42
CA THR B 203 -32.36 -6.42 -22.57
C THR B 203 -31.16 -5.58 -22.98
N SER B 204 -31.09 -5.16 -24.25
CA SER B 204 -30.05 -4.24 -24.66
C SER B 204 -30.14 -2.95 -23.86
N LEU B 205 -31.29 -2.30 -23.95
CA LEU B 205 -31.50 -1.07 -23.18
C LEU B 205 -31.48 -1.38 -21.69
N PHE B 206 -31.77 -2.63 -21.32
CA PHE B 206 -31.60 -3.04 -19.94
C PHE B 206 -30.17 -2.87 -19.49
N LEU B 207 -29.25 -3.50 -20.20
CA LEU B 207 -27.85 -3.33 -19.85
C LEU B 207 -27.43 -1.89 -19.97
N GLU B 208 -27.99 -1.13 -20.91
CA GLU B 208 -27.77 0.31 -20.88
C GLU B 208 -27.98 0.84 -19.48
N SER B 209 -29.22 0.76 -19.01
CA SER B 209 -29.57 1.34 -17.73
C SER B 209 -28.74 0.72 -16.61
N ILE B 210 -28.49 -0.59 -16.71
CA ILE B 210 -27.88 -1.32 -15.61
C ILE B 210 -26.41 -0.96 -15.49
N LEU B 211 -25.67 -1.08 -16.59
CA LEU B 211 -24.25 -0.79 -16.56
C LEU B 211 -24.02 0.66 -16.17
N LEU B 212 -24.75 1.59 -16.78
CA LEU B 212 -24.66 2.99 -16.35
C LEU B 212 -25.57 3.28 -15.18
N HIS B 213 -25.79 2.29 -14.32
CA HIS B 213 -26.53 2.53 -13.10
C HIS B 213 -25.89 3.68 -12.36
N GLN B 214 -26.70 4.56 -11.81
CA GLN B 214 -26.15 5.69 -11.07
C GLN B 214 -27.21 6.12 -10.07
N ILE B 215 -26.77 6.58 -8.92
CA ILE B 215 -27.65 7.15 -7.91
C ILE B 215 -27.16 8.57 -7.63
N ILE B 216 -28.11 9.48 -7.41
CA ILE B 216 -27.77 10.88 -7.30
C ILE B 216 -26.62 11.07 -6.33
N GLY B 217 -25.54 11.66 -6.84
CA GLY B 217 -24.35 11.85 -6.07
C GLY B 217 -23.35 10.71 -6.18
N ALA B 218 -23.82 9.47 -6.34
CA ALA B 218 -22.95 8.35 -6.65
C ALA B 218 -22.50 8.54 -8.09
N ASP B 219 -21.40 9.28 -8.25
CA ASP B 219 -21.10 9.95 -9.52
C ASP B 219 -20.89 8.98 -10.67
N LEU B 220 -21.02 7.68 -10.44
CA LEU B 220 -20.42 6.67 -11.31
C LEU B 220 -21.46 5.91 -12.11
N SER B 221 -20.95 5.06 -12.98
CA SER B 221 -21.66 3.86 -13.38
C SER B 221 -21.67 2.93 -12.19
N THR B 222 -22.81 2.81 -11.52
CA THR B 222 -22.80 2.11 -10.24
C THR B 222 -22.33 0.68 -10.40
N ILE B 223 -22.37 0.14 -11.61
CA ILE B 223 -21.70 -1.12 -11.84
C ILE B 223 -20.21 -0.96 -11.54
N GLU B 224 -19.62 0.15 -11.95
CA GLU B 224 -18.24 0.44 -11.59
C GLU B 224 -18.12 0.63 -10.08
N ILE B 225 -19.10 1.33 -9.50
CA ILE B 225 -19.16 1.45 -8.04
C ILE B 225 -18.91 0.09 -7.43
N LEU B 226 -19.76 -0.87 -7.81
CA LEU B 226 -19.59 -2.25 -7.40
C LEU B 226 -18.19 -2.74 -7.70
N ASN B 227 -17.67 -2.43 -8.89
CA ASN B 227 -16.30 -2.83 -9.23
C ASN B 227 -15.29 -2.37 -8.20
N ARG B 228 -15.66 -1.42 -7.34
N ARG B 228 -15.66 -1.43 -7.33
CA ARG B 228 -14.77 -0.99 -6.27
CA ARG B 228 -14.77 -0.99 -6.27
C ARG B 228 -15.11 -1.61 -4.91
C ARG B 228 -15.10 -1.62 -4.92
N LEU B 229 -15.45 -2.91 -4.89
CA LEU B 229 -15.84 -3.61 -3.67
C LEU B 229 -15.15 -4.98 -3.53
N LYS B 230 -13.94 -5.00 -2.97
CA LYS B 230 -13.25 -6.29 -2.74
C LYS B 230 -13.57 -6.80 -1.33
N LEU B 231 -13.51 -8.13 -1.12
CA LEU B 231 -13.88 -8.73 0.19
C LEU B 231 -12.89 -9.85 0.54
N ASP B 232 -11.87 -9.55 1.35
CA ASP B 232 -10.81 -10.56 1.61
C ASP B 232 -11.37 -11.79 2.33
N TYR B 233 -11.95 -11.64 3.54
CA TYR B 233 -12.41 -12.80 4.34
C TYR B 233 -13.06 -13.86 3.45
N ILE B 234 -14.14 -13.49 2.75
CA ILE B 234 -14.87 -14.46 1.86
C ILE B 234 -14.03 -14.71 0.62
N THR B 235 -13.33 -15.84 0.57
CA THR B 235 -12.53 -16.20 -0.63
C THR B 235 -13.28 -17.30 -1.41
N GLU B 236 -14.49 -17.63 -0.97
CA GLU B 236 -15.29 -18.70 -1.65
C GLU B 236 -16.74 -18.22 -1.82
N PHE B 237 -17.20 -18.09 -3.06
CA PHE B 237 -18.60 -17.66 -3.33
C PHE B 237 -19.04 -18.25 -4.66
N LYS B 238 -20.28 -18.76 -4.74
CA LYS B 238 -20.83 -19.32 -6.00
C LYS B 238 -22.28 -19.75 -5.83
N PHE B 239 -23.23 -18.94 -6.32
CA PHE B 239 -24.65 -19.38 -6.30
C PHE B 239 -24.98 -19.84 -7.72
N LYS B 240 -25.27 -18.90 -8.62
CA LYS B 240 -25.49 -19.25 -10.05
C LYS B 240 -24.21 -18.82 -10.77
N ASN B 241 -23.07 -19.41 -10.41
CA ASN B 241 -21.75 -19.01 -10.99
C ASN B 241 -21.42 -17.60 -10.48
N PHE B 242 -20.91 -17.49 -9.25
CA PHE B 242 -20.63 -16.17 -8.65
C PHE B 242 -19.24 -16.15 -8.03
N VAL B 243 -18.21 -16.49 -8.81
CA VAL B 243 -16.82 -16.61 -8.26
C VAL B 243 -16.38 -15.32 -7.57
N ILE B 244 -15.95 -15.40 -6.31
CA ILE B 244 -15.44 -14.22 -5.55
C ILE B 244 -14.31 -14.70 -4.64
N ALA B 245 -13.30 -13.87 -4.39
CA ALA B 245 -12.14 -14.28 -3.56
C ALA B 245 -11.65 -13.11 -2.69
N LYS B 246 -10.37 -13.12 -2.30
CA LYS B 246 -9.80 -12.06 -1.41
C LYS B 246 -9.89 -10.68 -2.06
N GLY B 247 -8.88 -10.29 -2.84
CA GLY B 247 -8.91 -8.99 -3.54
C GLY B 247 -9.76 -9.07 -4.80
N ALA B 248 -10.86 -9.82 -4.75
CA ALA B 248 -11.71 -10.01 -5.94
C ALA B 248 -13.00 -9.20 -5.77
N PRO B 249 -13.16 -8.06 -6.49
CA PRO B 249 -14.30 -7.16 -6.29
C PRO B 249 -15.68 -7.73 -6.59
N ILE B 250 -16.59 -7.45 -5.65
CA ILE B 250 -18.01 -7.69 -5.86
C ILE B 250 -18.40 -7.26 -7.25
N GLY B 251 -17.95 -6.08 -7.64
CA GLY B 251 -18.27 -5.62 -8.97
C GLY B 251 -17.63 -6.43 -10.07
N LYS B 252 -16.45 -6.99 -9.83
CA LYS B 252 -15.90 -7.82 -10.90
C LYS B 252 -16.86 -8.96 -11.18
N SER B 253 -17.43 -9.53 -10.13
CA SER B 253 -18.39 -10.59 -10.40
C SER B 253 -19.72 -10.04 -10.88
N ILE B 254 -20.05 -8.80 -10.50
CA ILE B 254 -21.28 -8.18 -10.98
C ILE B 254 -21.24 -8.01 -12.48
N VAL B 255 -20.15 -7.44 -12.97
CA VAL B 255 -19.99 -7.30 -14.41
C VAL B 255 -19.99 -8.67 -15.06
N SER B 256 -19.27 -9.63 -14.45
CA SER B 256 -19.31 -11.00 -14.95
C SER B 256 -20.74 -11.44 -15.25
N LEU B 257 -21.58 -11.40 -14.21
CA LEU B 257 -22.96 -11.80 -14.36
C LEU B 257 -23.58 -10.99 -15.47
N LEU B 258 -23.74 -9.69 -15.25
CA LEU B 258 -24.45 -8.82 -16.19
C LEU B 258 -24.18 -9.24 -17.61
N LEU B 259 -22.91 -9.30 -17.95
CA LEU B 259 -22.53 -9.60 -19.31
C LEU B 259 -23.05 -10.97 -19.71
N ARG B 260 -22.53 -12.08 -19.17
CA ARG B 260 -22.92 -13.30 -19.89
C ARG B 260 -24.37 -13.64 -19.63
N CYS B 261 -24.91 -13.17 -18.51
CA CYS B 261 -26.32 -13.31 -18.21
C CYS B 261 -27.19 -12.62 -19.25
N LYS B 262 -26.70 -11.60 -19.94
CA LYS B 262 -27.51 -11.02 -21.01
C LYS B 262 -27.83 -12.05 -22.08
N LYS B 263 -26.81 -12.75 -22.58
CA LYS B 263 -27.06 -13.71 -23.64
C LYS B 263 -27.72 -14.97 -23.08
N THR B 264 -27.45 -15.31 -21.82
CA THR B 264 -28.09 -16.50 -21.26
C THR B 264 -29.57 -16.23 -20.99
N LEU B 265 -29.86 -15.31 -20.07
CA LEU B 265 -31.21 -15.09 -19.58
C LEU B 265 -32.00 -14.20 -20.52
N THR B 266 -33.32 -14.20 -20.31
CA THR B 266 -34.23 -13.28 -20.98
C THR B 266 -34.40 -12.04 -20.11
N LEU B 267 -35.41 -11.24 -20.42
CA LEU B 267 -35.67 -10.00 -19.70
C LEU B 267 -35.94 -10.28 -18.21
N ASP B 268 -37.05 -10.96 -17.96
CA ASP B 268 -37.48 -11.17 -16.58
C ASP B 268 -36.64 -12.23 -15.90
N ARG B 269 -36.19 -13.24 -16.63
CA ARG B 269 -35.29 -14.20 -16.01
C ARG B 269 -33.95 -13.56 -15.69
N PHE B 270 -33.51 -12.59 -16.50
CA PHE B 270 -32.36 -11.78 -16.12
C PHE B 270 -32.62 -11.09 -14.80
N ILE B 271 -33.77 -10.40 -14.71
CA ILE B 271 -34.16 -9.77 -13.46
C ILE B 271 -34.02 -10.76 -12.31
N ASP B 272 -34.80 -11.85 -12.39
CA ASP B 272 -34.82 -12.84 -11.32
C ASP B 272 -33.44 -13.34 -10.97
N THR B 273 -32.60 -13.61 -11.97
CA THR B 273 -31.28 -14.12 -11.70
C THR B 273 -30.45 -13.11 -10.94
N LEU B 274 -30.53 -11.84 -11.33
CA LEU B 274 -29.85 -10.81 -10.56
C LEU B 274 -30.39 -10.77 -9.15
N LEU B 275 -31.70 -10.74 -9.02
CA LEU B 275 -32.33 -10.67 -7.71
C LEU B 275 -31.77 -11.76 -6.82
N GLU B 276 -31.83 -13.00 -7.29
CA GLU B 276 -31.50 -14.11 -6.42
C GLU B 276 -30.00 -14.21 -6.19
N ASP B 277 -29.19 -14.03 -7.23
CA ASP B 277 -27.74 -14.15 -7.06
C ASP B 277 -27.20 -13.02 -6.20
N ILE B 278 -27.39 -11.78 -6.65
CA ILE B 278 -26.94 -10.66 -5.87
C ILE B 278 -27.65 -10.64 -4.52
N ALA B 279 -28.76 -11.37 -4.39
CA ALA B 279 -29.39 -11.52 -3.09
C ALA B 279 -28.61 -12.50 -2.23
N VAL B 280 -28.14 -13.60 -2.81
CA VAL B 280 -27.23 -14.48 -2.07
C VAL B 280 -26.03 -13.67 -1.61
N LEU B 281 -25.62 -12.72 -2.43
CA LEU B 281 -24.55 -11.82 -2.02
C LEU B 281 -24.99 -10.96 -0.85
N ILE B 282 -26.14 -10.33 -0.98
CA ILE B 282 -26.81 -9.55 0.05
C ILE B 282 -26.69 -10.33 1.35
N LYS B 283 -27.15 -11.57 1.33
CA LYS B 283 -27.12 -12.41 2.50
C LYS B 283 -25.70 -12.62 2.96
N GLU B 284 -24.90 -13.34 2.18
CA GLU B 284 -23.71 -13.93 2.76
C GLU B 284 -22.74 -12.85 3.19
N ILE B 285 -22.87 -11.62 2.67
CA ILE B 285 -22.17 -10.51 3.29
C ILE B 285 -22.92 -10.00 4.53
N SER B 286 -24.26 -10.05 4.52
CA SER B 286 -25.04 -9.58 5.67
C SER B 286 -24.86 -10.51 6.86
N VAL B 287 -25.05 -11.81 6.63
CA VAL B 287 -24.54 -12.83 7.52
C VAL B 287 -23.09 -13.03 7.11
N HIS B 288 -22.26 -12.08 7.49
CA HIS B 288 -20.83 -12.17 7.60
C HIS B 288 -20.41 -10.95 8.38
N PRO B 289 -20.82 -10.86 9.65
CA PRO B 289 -20.62 -9.61 10.40
C PRO B 289 -19.17 -9.15 10.41
N ASN B 290 -18.23 -10.07 10.23
CA ASN B 290 -16.82 -9.71 10.23
C ASN B 290 -16.50 -8.77 9.08
N GLU B 291 -17.02 -9.03 7.89
CA GLU B 291 -16.79 -8.06 6.83
C GLU B 291 -17.74 -6.87 6.98
N SER B 292 -17.43 -5.82 6.22
CA SER B 292 -18.32 -4.68 6.09
C SER B 292 -19.12 -4.83 4.81
N LYS B 293 -20.27 -4.17 4.77
CA LYS B 293 -21.33 -4.50 3.82
C LYS B 293 -21.50 -3.47 2.71
N LEU B 294 -20.45 -2.70 2.39
CA LEU B 294 -20.57 -1.69 1.34
C LEU B 294 -21.26 -2.26 0.11
N ALA B 295 -21.18 -3.58 -0.07
CA ALA B 295 -21.88 -4.22 -1.17
C ALA B 295 -23.36 -3.86 -1.15
N VAL B 296 -24.04 -4.24 -0.08
CA VAL B 296 -25.51 -4.30 -0.12
C VAL B 296 -26.15 -2.98 -0.52
N PRO B 297 -25.68 -1.79 -0.10
CA PRO B 297 -26.37 -0.58 -0.58
C PRO B 297 -26.47 -0.49 -2.09
N PHE B 298 -25.35 -0.52 -2.80
CA PHE B 298 -25.40 -0.39 -4.25
C PHE B 298 -25.85 -1.67 -4.92
N LEU B 299 -25.62 -2.82 -4.30
CA LEU B 299 -26.25 -4.01 -4.80
C LEU B 299 -27.74 -3.79 -4.87
N VAL B 300 -28.30 -3.23 -3.81
CA VAL B 300 -29.72 -2.95 -3.76
C VAL B 300 -30.09 -1.83 -4.70
N ALA B 301 -29.17 -0.89 -4.92
CA ALA B 301 -29.42 0.13 -5.94
C ALA B 301 -29.54 -0.53 -7.31
N LEU B 302 -28.66 -1.48 -7.60
CA LEU B 302 -28.78 -2.30 -8.79
C LEU B 302 -30.11 -3.01 -8.79
N MET B 303 -30.48 -3.57 -7.65
CA MET B 303 -31.78 -4.20 -7.50
C MET B 303 -32.87 -3.23 -7.91
N TYR B 304 -32.69 -1.95 -7.61
CA TYR B 304 -33.73 -1.01 -8.00
C TYR B 304 -33.73 -0.74 -9.49
N GLN B 305 -32.59 -0.52 -10.11
CA GLN B 305 -32.61 -0.33 -11.56
C GLN B 305 -33.28 -1.51 -12.23
N ILE B 306 -32.95 -2.70 -11.75
CA ILE B 306 -33.66 -3.91 -12.13
C ILE B 306 -35.15 -3.70 -11.98
N VAL B 307 -35.57 -3.44 -10.74
CA VAL B 307 -36.97 -3.43 -10.37
C VAL B 307 -37.74 -2.43 -11.21
N GLN B 308 -37.22 -1.22 -11.27
CA GLN B 308 -37.83 -0.16 -12.04
C GLN B 308 -37.91 -0.49 -13.51
N PHE B 309 -36.99 -1.32 -14.02
CA PHE B 309 -36.74 -1.29 -15.46
C PHE B 309 -38.03 -1.40 -16.27
N ARG B 310 -38.90 -2.35 -15.92
CA ARG B 310 -40.28 -2.24 -16.40
C ARG B 310 -41.17 -2.80 -15.31
N PRO B 311 -42.40 -2.29 -15.16
CA PRO B 311 -43.43 -3.03 -14.42
C PRO B 311 -43.84 -4.33 -15.09
N SER B 312 -44.31 -4.24 -16.35
CA SER B 312 -44.87 -5.41 -17.01
C SER B 312 -43.81 -6.47 -17.23
N ALA B 313 -42.61 -6.06 -17.65
CA ALA B 313 -41.54 -7.03 -17.85
C ALA B 313 -41.19 -7.73 -16.54
N THR B 314 -40.93 -6.96 -15.49
CA THR B 314 -40.58 -7.56 -14.20
C THR B 314 -41.73 -8.46 -13.75
N HIS B 315 -41.39 -9.61 -13.17
CA HIS B 315 -42.36 -10.63 -12.87
C HIS B 315 -42.57 -10.73 -11.37
N ASN B 316 -43.83 -10.93 -10.96
CA ASN B 316 -44.17 -10.89 -9.55
C ASN B 316 -43.49 -11.99 -8.76
N LEU B 317 -43.20 -13.15 -9.37
CA LEU B 317 -42.45 -14.18 -8.66
C LEU B 317 -41.09 -13.66 -8.23
N ALA B 318 -40.35 -13.07 -9.17
CA ALA B 318 -39.07 -12.49 -8.84
C ALA B 318 -39.23 -11.42 -7.78
N LEU B 319 -40.29 -10.63 -7.88
CA LEU B 319 -40.47 -9.52 -6.95
C LEU B 319 -40.76 -10.03 -5.54
N LYS B 320 -41.66 -11.01 -5.43
CA LYS B 320 -41.88 -11.84 -4.26
C LYS B 320 -40.58 -12.24 -3.60
N ASP B 321 -39.73 -12.95 -4.35
CA ASP B 321 -38.48 -13.47 -3.80
C ASP B 321 -37.49 -12.39 -3.36
N CYS B 322 -37.48 -11.27 -4.05
CA CYS B 322 -36.54 -10.20 -3.71
C CYS B 322 -36.82 -9.70 -2.30
N PHE B 323 -38.08 -9.47 -1.98
CA PHE B 323 -38.44 -9.00 -0.64
C PHE B 323 -38.14 -10.05 0.42
N LEU B 324 -38.34 -11.32 0.10
CA LEU B 324 -38.06 -12.38 1.05
C LEU B 324 -36.56 -12.48 1.33
N PHE B 325 -35.75 -12.27 0.30
CA PHE B 325 -34.30 -12.32 0.47
C PHE B 325 -33.83 -11.11 1.26
N ILE B 326 -34.51 -9.98 1.12
CA ILE B 326 -34.15 -8.80 1.89
C ILE B 326 -34.47 -9.04 3.36
N CYS B 327 -35.56 -9.77 3.62
CA CYS B 327 -35.92 -10.09 5.00
C CYS B 327 -34.89 -11.04 5.60
N ASP B 328 -34.36 -11.95 4.78
CA ASP B 328 -33.34 -12.87 5.27
C ASP B 328 -32.05 -12.14 5.57
N LEU B 329 -31.74 -11.10 4.80
CA LEU B 329 -30.55 -10.31 5.05
C LEU B 329 -30.70 -9.51 6.33
N ILE B 330 -31.93 -9.07 6.63
CA ILE B 330 -32.17 -8.33 7.85
C ILE B 330 -32.08 -9.25 9.06
N ARG B 331 -32.42 -10.53 8.87
CA ARG B 331 -32.30 -11.48 9.95
C ARG B 331 -30.84 -11.80 10.18
N ILE B 332 -30.06 -11.81 9.11
CA ILE B 332 -28.63 -12.06 9.22
C ILE B 332 -27.97 -10.89 9.94
N TYR B 333 -28.48 -9.69 9.71
CA TYR B 333 -27.96 -8.52 10.41
C TYR B 333 -28.85 -8.21 11.59
N HIS B 334 -29.03 -9.18 12.48
CA HIS B 334 -29.91 -8.99 13.63
C HIS B 334 -29.38 -7.91 14.56
N HIS B 335 -28.06 -7.84 14.72
CA HIS B 335 -27.46 -6.82 15.58
C HIS B 335 -27.83 -5.43 15.10
N VAL B 336 -27.68 -5.17 13.81
CA VAL B 336 -28.02 -3.86 13.27
C VAL B 336 -29.32 -3.91 12.48
N LEU B 337 -30.37 -4.45 13.08
CA LEU B 337 -31.67 -4.52 12.40
C LEU B 337 -32.32 -3.15 12.36
N LYS B 338 -32.50 -2.54 13.53
CA LYS B 338 -33.12 -1.21 13.58
C LYS B 338 -32.13 -0.18 14.06
N VAL B 339 -32.56 1.07 14.18
CA VAL B 339 -31.69 2.14 14.63
C VAL B 339 -31.94 2.46 16.10
N PRO B 340 -31.33 1.68 17.00
CA PRO B 340 -31.52 1.92 18.45
C PRO B 340 -31.05 3.31 18.84
N ILE B 341 -31.92 4.08 19.49
CA ILE B 341 -31.56 5.43 19.91
C ILE B 341 -30.40 5.41 20.90
N HIS B 349 -23.05 7.41 24.61
CA HIS B 349 -23.13 8.06 23.32
C HIS B 349 -22.00 7.57 22.41
N VAL B 350 -22.00 6.28 22.11
CA VAL B 350 -20.98 5.72 21.22
C VAL B 350 -21.06 6.37 19.85
N GLU B 351 -22.21 6.97 19.54
CA GLU B 351 -22.38 7.61 18.23
C GLU B 351 -22.02 9.10 18.28
N PRO B 352 -20.73 9.41 18.05
CA PRO B 352 -20.31 10.81 18.03
C PRO B 352 -19.59 11.14 16.74
N GLN B 353 -20.35 11.50 15.69
CA GLN B 353 -19.76 11.81 14.38
C GLN B 353 -18.82 10.72 13.89
N ILE B 354 -19.22 9.46 14.05
CA ILE B 354 -18.39 8.34 13.60
C ILE B 354 -19.18 7.46 12.66
N PHE B 355 -18.92 7.57 11.36
CA PHE B 355 -19.66 6.79 10.39
C PHE B 355 -19.02 5.44 10.09
N GLN B 356 -18.99 4.55 11.08
CA GLN B 356 -18.43 3.22 10.88
C GLN B 356 -19.47 2.35 10.22
N TYR B 357 -20.47 1.93 10.99
CA TYR B 357 -21.55 1.14 10.42
C TYR B 357 -22.68 2.07 10.01
N GLU B 358 -22.56 3.35 10.36
CA GLU B 358 -23.57 4.32 9.98
C GLU B 358 -23.49 4.57 8.47
N LEU B 359 -22.29 4.52 7.91
CA LEU B 359 -22.14 4.69 6.47
C LEU B 359 -22.11 3.34 5.78
N ILE B 360 -22.25 2.27 6.56
CA ILE B 360 -22.24 0.93 5.98
C ILE B 360 -23.59 0.24 6.17
N ASP B 361 -23.77 -0.42 7.30
CA ASP B 361 -25.02 -1.13 7.56
C ASP B 361 -26.24 -0.22 7.54
N TYR B 362 -26.15 0.94 8.18
CA TYR B 362 -27.28 1.86 8.22
C TYR B 362 -27.57 2.48 6.86
N LEU B 363 -26.53 2.74 6.09
CA LEU B 363 -26.73 3.27 4.74
C LEU B 363 -27.40 2.20 3.90
N ILE B 364 -26.97 0.95 4.08
CA ILE B 364 -27.57 -0.15 3.35
C ILE B 364 -29.00 -0.37 3.81
N ILE B 365 -29.31 -0.01 5.05
CA ILE B 365 -30.67 -0.15 5.56
C ILE B 365 -31.62 0.81 4.85
N SER B 366 -31.21 2.06 4.71
CA SER B 366 -32.04 3.03 3.98
C SER B 366 -32.22 2.53 2.56
N TYR B 367 -31.13 2.19 1.89
CA TYR B 367 -31.19 1.62 0.52
C TYR B 367 -32.16 0.44 0.49
N SER B 368 -32.01 -0.54 1.39
CA SER B 368 -32.86 -1.75 1.40
C SER B 368 -34.34 -1.38 1.63
N PHE B 369 -34.58 -0.35 2.43
CA PHE B 369 -35.97 0.07 2.74
C PHE B 369 -36.58 0.73 1.50
N ASP B 370 -35.79 1.57 0.84
CA ASP B 370 -36.27 2.19 -0.43
C ASP B 370 -36.51 1.06 -1.42
N LEU B 371 -35.73 -0.03 -1.31
CA LEU B 371 -35.94 -1.19 -2.20
C LEU B 371 -37.29 -1.79 -1.87
N LEU B 372 -37.57 -2.17 -0.62
CA LEU B 372 -38.94 -2.65 -0.30
C LEU B 372 -39.94 -1.71 -1.00
N GLU B 373 -39.79 -0.41 -0.78
CA GLU B 373 -40.77 0.57 -1.33
C GLU B 373 -40.96 0.37 -2.84
N GLY B 374 -39.91 0.54 -3.65
CA GLY B 374 -40.02 0.41 -5.12
C GLY B 374 -40.41 -0.98 -5.57
N ILE B 375 -40.04 -2.03 -4.84
CA ILE B 375 -40.44 -3.43 -5.13
C ILE B 375 -41.95 -3.43 -5.12
N LEU B 376 -42.51 -2.97 -4.01
CA LEU B 376 -43.99 -3.05 -3.90
C LEU B 376 -44.63 -2.03 -4.84
N ARG B 377 -43.89 -0.99 -5.25
CA ARG B 377 -44.44 0.00 -6.22
C ARG B 377 -44.55 -0.65 -7.62
N VAL B 378 -43.56 -1.44 -8.00
CA VAL B 378 -43.64 -2.16 -9.31
C VAL B 378 -44.68 -3.26 -9.15
N LEU B 379 -44.89 -3.77 -7.93
CA LEU B 379 -45.97 -4.76 -7.75
C LEU B 379 -47.28 -4.03 -8.04
N GLN B 380 -47.42 -2.82 -7.49
CA GLN B 380 -48.61 -1.97 -7.71
C GLN B 380 -48.81 -1.82 -9.21
N SER B 381 -47.72 -1.50 -9.92
CA SER B 381 -47.87 -1.23 -11.37
C SER B 381 -48.19 -2.51 -12.13
N HIS B 382 -47.85 -3.67 -11.54
CA HIS B 382 -48.26 -4.87 -12.25
C HIS B 382 -49.78 -4.85 -12.44
N PRO B 383 -50.28 -5.36 -13.59
CA PRO B 383 -51.71 -5.20 -13.92
C PRO B 383 -52.66 -5.66 -12.83
N LYS B 384 -53.89 -5.16 -12.85
CA LYS B 384 -54.82 -5.39 -11.75
C LYS B 384 -55.30 -6.83 -11.67
N GLN B 385 -54.79 -7.73 -12.49
CA GLN B 385 -55.33 -9.08 -12.49
C GLN B 385 -54.48 -10.11 -11.77
N THR B 386 -53.17 -9.93 -11.66
CA THR B 386 -52.31 -11.04 -11.30
C THR B 386 -51.46 -10.71 -10.06
N TYR B 387 -52.10 -10.08 -9.08
CA TYR B 387 -51.43 -9.86 -7.80
C TYR B 387 -51.38 -11.08 -6.90
N MET B 388 -52.43 -11.91 -6.90
CA MET B 388 -52.70 -12.80 -5.77
C MET B 388 -51.50 -13.67 -5.43
N GLU B 389 -50.74 -14.09 -6.44
CA GLU B 389 -49.52 -14.85 -6.17
C GLU B 389 -48.60 -14.06 -5.26
N PHE B 390 -48.49 -12.75 -5.48
CA PHE B 390 -47.75 -11.92 -4.54
C PHE B 390 -48.40 -11.96 -3.17
N PHE B 391 -49.72 -11.95 -3.12
CA PHE B 391 -50.39 -11.93 -1.83
C PHE B 391 -50.13 -13.27 -1.18
N ASP B 392 -49.07 -13.32 -0.39
CA ASP B 392 -48.74 -14.48 0.44
C ASP B 392 -48.45 -13.97 1.84
N GLU B 393 -49.02 -14.65 2.83
CA GLU B 393 -48.81 -14.18 4.19
C GLU B 393 -47.35 -14.27 4.60
N ASN B 394 -46.54 -15.05 3.90
CA ASN B 394 -45.10 -14.90 4.05
C ASN B 394 -44.69 -13.47 3.76
N ILE B 395 -45.11 -12.95 2.61
CA ILE B 395 -44.81 -11.58 2.21
C ILE B 395 -45.32 -10.60 3.26
N LEU B 396 -46.59 -10.76 3.64
CA LEU B 396 -47.23 -9.71 4.43
C LEU B 396 -46.79 -9.77 5.88
N LYS B 397 -46.49 -10.96 6.40
CA LYS B 397 -45.92 -11.05 7.74
C LYS B 397 -44.51 -10.49 7.78
N SER B 398 -43.67 -10.83 6.80
CA SER B 398 -42.35 -10.26 6.76
C SER B 398 -42.42 -8.74 6.70
N PHE B 399 -43.33 -8.21 5.87
CA PHE B 399 -43.49 -6.76 5.85
C PHE B 399 -43.99 -6.24 7.18
N GLU B 400 -44.96 -6.93 7.79
CA GLU B 400 -45.46 -6.45 9.07
C GLU B 400 -44.31 -6.31 10.05
N PHE B 401 -43.36 -7.25 10.00
CA PHE B 401 -42.22 -7.14 10.89
C PHE B 401 -41.34 -5.97 10.51
N VAL B 402 -41.09 -5.78 9.22
CA VAL B 402 -40.15 -4.72 8.84
C VAL B 402 -40.74 -3.35 9.12
N TYR B 403 -42.06 -3.22 8.97
CA TYR B 403 -42.74 -2.00 9.38
C TYR B 403 -42.60 -1.78 10.87
N LYS B 404 -42.79 -2.85 11.67
CA LYS B 404 -42.59 -2.76 13.11
C LYS B 404 -41.17 -2.33 13.46
N LEU B 405 -40.21 -2.63 12.61
CA LEU B 405 -38.84 -2.20 12.82
C LEU B 405 -38.58 -0.78 12.30
N ALA B 406 -39.33 -0.34 11.30
CA ALA B 406 -39.11 0.97 10.71
C ALA B 406 -39.78 2.07 11.51
N LEU B 407 -41.11 2.00 11.66
CA LEU B 407 -41.80 3.02 12.44
C LEU B 407 -41.51 2.79 13.91
N THR B 408 -40.23 2.84 14.25
CA THR B 408 -39.77 2.46 15.58
C THR B 408 -40.26 3.52 16.54
N ILE B 409 -41.34 3.24 17.24
CA ILE B 409 -41.89 4.19 18.19
C ILE B 409 -40.96 4.34 19.39
N SER B 410 -40.25 3.27 19.76
CA SER B 410 -39.42 3.29 20.96
C SER B 410 -37.97 3.65 20.70
N TYR B 411 -37.49 3.56 19.46
CA TYR B 411 -36.15 3.99 19.11
C TYR B 411 -36.24 4.98 17.95
N LYS B 412 -35.32 5.95 17.93
CA LYS B 412 -35.41 7.07 16.99
C LYS B 412 -35.48 6.55 15.57
N PRO B 413 -36.63 6.65 14.92
CA PRO B 413 -36.79 6.02 13.62
C PRO B 413 -36.25 6.91 12.51
N MET B 414 -35.22 6.41 11.84
CA MET B 414 -34.63 7.10 10.71
C MET B 414 -35.71 7.44 9.70
N VAL B 415 -35.80 8.74 9.37
CA VAL B 415 -36.93 9.23 8.54
C VAL B 415 -36.81 8.77 7.09
N ASN B 416 -35.62 8.56 6.55
CA ASN B 416 -35.56 7.96 5.19
C ASN B 416 -36.33 6.64 5.31
N VAL B 417 -35.98 5.85 6.33
CA VAL B 417 -36.65 4.55 6.58
C VAL B 417 -38.15 4.75 6.82
N ILE B 418 -38.54 5.73 7.63
CA ILE B 418 -39.98 6.01 7.89
C ILE B 418 -40.68 6.18 6.54
N PHE B 419 -40.17 7.07 5.70
CA PHE B 419 -40.76 7.33 4.36
C PHE B 419 -40.88 6.00 3.62
N SER B 420 -39.77 5.29 3.47
CA SER B 420 -39.78 3.98 2.75
C SER B 420 -40.94 3.13 3.25
N ALA B 421 -41.04 2.88 4.56
CA ALA B 421 -42.07 1.98 5.14
C ALA B 421 -43.49 2.49 4.88
N VAL B 422 -43.73 3.80 5.09
CA VAL B 422 -45.13 4.31 4.92
C VAL B 422 -45.49 4.18 3.44
N GLU B 423 -44.50 4.35 2.56
CA GLU B 423 -44.74 4.23 1.10
C GLU B 423 -45.04 2.77 0.77
N VAL B 424 -44.32 1.84 1.42
CA VAL B 424 -44.60 0.39 1.27
C VAL B 424 -46.06 0.13 1.65
N VAL B 425 -46.51 0.72 2.77
CA VAL B 425 -47.93 0.53 3.20
C VAL B 425 -48.86 1.09 2.12
N ASN B 426 -48.55 2.30 1.61
CA ASN B 426 -49.37 2.90 0.53
C ASN B 426 -49.46 1.92 -0.64
N ILE B 427 -48.34 1.33 -1.05
CA ILE B 427 -48.28 0.36 -2.17
C ILE B 427 -49.18 -0.83 -1.87
N ILE B 428 -49.06 -1.42 -0.68
CA ILE B 428 -49.99 -2.53 -0.32
C ILE B 428 -51.44 -2.06 -0.49
N THR B 429 -51.83 -0.95 0.14
CA THR B 429 -53.26 -0.54 0.09
C THR B 429 -53.69 -0.31 -1.37
N SER B 430 -52.78 0.17 -2.22
CA SER B 430 -53.11 0.46 -3.64
C SER B 430 -53.31 -0.85 -4.41
N ILE B 431 -52.37 -1.79 -4.25
CA ILE B 431 -52.56 -3.12 -4.91
C ILE B 431 -53.89 -3.68 -4.40
N ILE B 432 -54.27 -3.35 -3.15
CA ILE B 432 -55.58 -3.79 -2.59
C ILE B 432 -56.68 -3.18 -3.46
N LEU B 433 -56.81 -1.85 -3.47
CA LEU B 433 -57.81 -1.15 -4.31
C LEU B 433 -57.81 -1.73 -5.73
N ASN B 434 -56.68 -2.26 -6.21
CA ASN B 434 -56.57 -2.71 -7.63
C ASN B 434 -57.04 -4.15 -7.89
N MET B 435 -56.67 -5.15 -7.08
CA MET B 435 -57.00 -6.57 -7.49
C MET B 435 -58.51 -6.87 -7.48
N ASP B 436 -59.22 -6.62 -8.60
CA ASP B 436 -60.67 -6.77 -8.68
C ASP B 436 -61.21 -7.80 -7.71
N ASN B 437 -60.53 -8.93 -7.57
CA ASN B 437 -60.94 -9.94 -6.60
C ASN B 437 -60.42 -9.53 -5.23
N SER B 438 -60.72 -8.28 -4.83
CA SER B 438 -60.11 -7.73 -3.62
C SER B 438 -60.47 -8.54 -2.39
N SER B 439 -61.52 -9.35 -2.45
CA SER B 439 -61.89 -10.17 -1.30
C SER B 439 -60.77 -11.12 -0.92
N ASP B 440 -60.06 -11.67 -1.91
CA ASP B 440 -58.99 -12.61 -1.61
C ASP B 440 -57.83 -11.91 -0.91
N LEU B 441 -57.37 -10.79 -1.47
CA LEU B 441 -56.28 -10.07 -0.84
C LEU B 441 -56.68 -9.57 0.54
N LYS B 442 -57.92 -9.10 0.69
CA LYS B 442 -58.37 -8.63 1.99
C LYS B 442 -58.50 -9.78 2.98
N SER B 443 -58.77 -10.99 2.48
CA SER B 443 -58.74 -12.16 3.33
C SER B 443 -57.32 -12.44 3.82
N LEU B 444 -56.34 -12.29 2.93
CA LEU B 444 -54.96 -12.51 3.34
C LEU B 444 -54.51 -11.46 4.35
N ILE B 445 -54.72 -10.19 4.04
CA ILE B 445 -54.35 -9.14 4.98
C ILE B 445 -55.21 -9.32 6.22
N SER B 446 -54.57 -9.70 7.32
CA SER B 446 -55.33 -9.94 8.53
C SER B 446 -55.85 -8.61 9.08
N GLY B 447 -57.02 -8.65 9.71
CA GLY B 447 -57.44 -7.49 10.47
C GLY B 447 -56.41 -7.10 11.49
N SER B 448 -55.67 -8.09 12.02
CA SER B 448 -54.52 -7.80 12.85
C SER B 448 -53.45 -7.05 12.06
N TRP B 449 -53.28 -7.39 10.78
CA TRP B 449 -52.33 -6.64 9.95
C TRP B 449 -52.78 -5.19 9.80
N TRP B 450 -54.03 -4.99 9.38
CA TRP B 450 -54.62 -3.67 9.29
C TRP B 450 -54.32 -2.86 10.54
N ARG B 451 -54.74 -3.38 11.69
CA ARG B 451 -54.62 -2.63 12.94
C ARG B 451 -53.16 -2.39 13.29
N ASP B 452 -52.35 -3.45 13.29
CA ASP B 452 -50.96 -3.31 13.73
C ASP B 452 -50.20 -2.35 12.84
N CYS B 453 -50.70 -2.07 11.64
CA CYS B 453 -50.05 -1.07 10.81
C CYS B 453 -50.66 0.32 10.98
N ILE B 454 -51.98 0.44 10.84
CA ILE B 454 -52.65 1.74 10.88
C ILE B 454 -52.46 2.41 12.23
N THR B 455 -52.26 1.64 13.31
CA THR B 455 -52.03 2.29 14.60
C THR B 455 -50.68 3.02 14.62
N ARG B 456 -49.63 2.39 14.09
CA ARG B 456 -48.39 3.13 13.98
C ARG B 456 -48.46 4.21 12.91
N LEU B 457 -49.35 4.07 11.93
CA LEU B 457 -49.60 5.18 11.00
C LEU B 457 -50.25 6.36 11.71
N TYR B 458 -51.11 6.10 12.69
CA TYR B 458 -51.59 7.16 13.54
C TYR B 458 -50.43 7.81 14.29
N ALA B 459 -49.60 6.97 14.94
CA ALA B 459 -48.44 7.50 15.65
C ALA B 459 -47.50 8.27 14.74
N LEU B 460 -47.56 8.01 13.44
CA LEU B 460 -46.83 8.80 12.44
C LEU B 460 -47.53 10.12 12.14
N LEU B 461 -48.74 10.04 11.59
CA LEU B 461 -49.50 11.22 11.20
C LEU B 461 -49.58 12.21 12.36
N GLU B 462 -49.37 11.75 13.59
CA GLU B 462 -49.36 12.63 14.73
C GLU B 462 -47.96 12.84 15.31
N LYS B 463 -46.93 12.59 14.52
CA LYS B 463 -45.63 13.18 14.78
C LYS B 463 -45.54 14.45 13.95
N GLU B 464 -44.88 15.47 14.49
CA GLU B 464 -45.04 16.81 13.97
C GLU B 464 -44.12 17.07 12.77
N ILE B 465 -44.55 18.02 11.95
CA ILE B 465 -43.80 18.52 10.80
C ILE B 465 -43.38 19.94 11.11
N LYS B 466 -42.08 20.14 11.38
CA LYS B 466 -41.56 21.42 11.85
C LYS B 466 -40.26 21.72 11.12
N SER B 467 -40.38 22.47 10.02
CA SER B 467 -39.23 22.79 9.18
C SER B 467 -38.09 23.35 10.01
N GLY B 468 -38.39 24.33 10.86
CA GLY B 468 -37.34 25.01 11.61
C GLY B 468 -36.46 24.08 12.41
N ASP B 469 -36.86 22.82 12.55
CA ASP B 469 -36.03 21.85 13.26
C ASP B 469 -36.06 20.48 12.60
N VAL B 470 -36.49 20.38 11.33
CA VAL B 470 -36.58 19.06 10.72
C VAL B 470 -35.23 18.38 10.83
N TYR B 471 -34.23 18.95 10.17
CA TYR B 471 -32.85 18.39 10.29
C TYR B 471 -32.28 18.78 11.66
N ASN B 472 -32.87 18.24 12.73
CA ASN B 472 -32.37 18.51 14.11
C ASN B 472 -32.79 17.34 15.02
N GLU B 473 -31.80 16.64 15.60
CA GLU B 473 -32.10 15.50 16.51
C GLU B 473 -32.38 16.05 17.91
N ASN B 474 -33.53 16.69 18.09
CA ASN B 474 -33.87 17.29 19.41
C ASN B 474 -35.00 16.49 20.06
N VAL B 475 -36.18 17.09 20.21
CA VAL B 475 -37.36 16.38 20.81
C VAL B 475 -37.77 15.25 19.86
N ASP B 476 -37.38 14.01 20.17
CA ASP B 476 -37.68 12.86 19.26
C ASP B 476 -39.14 12.44 19.42
N THR B 477 -39.57 11.40 18.69
CA THR B 477 -40.99 10.94 18.72
C THR B 477 -41.94 12.08 18.35
N THR B 478 -41.42 13.12 17.68
CA THR B 478 -42.25 14.28 17.23
C THR B 478 -41.55 14.92 16.03
N THR B 479 -40.45 15.63 16.28
CA THR B 479 -39.66 16.23 15.16
C THR B 479 -39.06 15.10 14.32
N LEU B 480 -39.29 15.13 13.00
CA LEU B 480 -38.70 14.11 12.11
C LEU B 480 -37.21 14.44 11.93
N HIS B 481 -36.35 13.87 12.78
CA HIS B 481 -34.88 14.17 12.81
C HIS B 481 -34.17 14.08 11.44
N MET B 482 -33.77 12.88 11.00
CA MET B 482 -32.97 12.73 9.75
C MET B 482 -32.03 13.92 9.59
N SER B 483 -31.24 14.24 10.63
CA SER B 483 -30.36 15.44 10.61
C SER B 483 -28.95 15.06 10.19
N LYS B 484 -27.95 15.56 10.93
CA LYS B 484 -26.54 15.19 10.64
C LYS B 484 -26.45 13.67 10.63
N TYR B 485 -26.99 13.01 11.66
CA TYR B 485 -26.92 11.53 11.78
C TYR B 485 -27.07 10.84 10.42
N HIS B 486 -28.14 11.13 9.67
CA HIS B 486 -28.36 10.36 8.42
C HIS B 486 -29.36 10.98 7.47
N ASP B 487 -28.90 11.69 6.43
CA ASP B 487 -29.91 12.13 5.45
C ASP B 487 -29.39 11.96 4.04
N PHE B 488 -30.14 11.28 3.19
CA PHE B 488 -29.91 11.32 1.76
C PHE B 488 -31.05 10.64 1.01
N PHE B 489 -30.83 10.34 -0.26
CA PHE B 489 -31.91 9.87 -1.10
C PHE B 489 -32.30 8.43 -0.80
N GLY B 490 -31.43 7.48 -1.07
CA GLY B 490 -31.89 6.11 -1.16
C GLY B 490 -32.07 5.65 -2.60
N LEU B 491 -33.30 5.26 -2.98
CA LEU B 491 -33.53 4.69 -4.31
C LEU B 491 -34.63 5.36 -5.11
N ILE B 492 -35.56 6.08 -4.47
CA ILE B 492 -36.40 6.99 -5.24
C ILE B 492 -36.23 8.37 -4.62
N ARG B 493 -36.32 8.41 -3.30
CA ARG B 493 -36.43 9.65 -2.53
C ARG B 493 -35.52 10.71 -3.10
N ASN B 494 -36.09 11.85 -3.47
CA ASN B 494 -35.30 13.07 -3.60
C ASN B 494 -35.54 13.85 -2.33
N ILE B 495 -34.86 13.39 -1.27
CA ILE B 495 -35.02 13.88 0.08
C ILE B 495 -34.71 15.36 0.17
N GLY B 496 -34.25 15.95 -0.92
CA GLY B 496 -33.93 17.36 -0.94
C GLY B 496 -32.55 17.62 -1.48
N ASP B 497 -31.67 18.09 -0.59
CA ASP B 497 -30.28 18.31 -0.96
C ASP B 497 -29.64 17.04 -1.53
N ASN B 498 -30.07 15.88 -1.05
CA ASN B 498 -29.29 14.66 -1.14
C ASN B 498 -27.90 14.91 -0.62
N GLU B 499 -27.81 15.34 0.62
CA GLU B 499 -26.50 15.74 1.13
C GLU B 499 -25.53 14.59 1.00
N LEU B 500 -25.90 13.42 1.51
CA LEU B 500 -24.96 12.32 1.40
C LEU B 500 -24.82 11.81 -0.03
N GLY B 501 -25.58 12.37 -0.97
CA GLY B 501 -25.52 11.96 -2.36
C GLY B 501 -24.13 11.89 -2.94
N GLY B 502 -23.46 13.02 -3.08
CA GLY B 502 -22.08 12.99 -3.55
C GLY B 502 -21.19 12.13 -2.68
N LEU B 503 -21.57 11.94 -1.42
CA LEU B 503 -20.80 11.05 -0.58
C LEU B 503 -20.99 9.59 -0.99
N ILE B 504 -22.14 9.26 -1.59
CA ILE B 504 -22.32 7.90 -2.12
C ILE B 504 -21.20 7.56 -3.10
N SER B 505 -20.87 8.51 -3.98
CA SER B 505 -19.63 8.39 -4.74
C SER B 505 -18.43 8.39 -3.81
N LYS B 506 -18.45 9.26 -2.81
CA LYS B 506 -17.33 9.25 -1.86
C LYS B 506 -17.31 8.00 -0.99
N LEU B 507 -18.30 7.10 -1.15
CA LEU B 507 -18.25 5.81 -0.41
C LEU B 507 -17.27 4.87 -1.08
N ILE B 508 -17.28 4.81 -2.42
CA ILE B 508 -16.29 3.98 -3.15
C ILE B 508 -15.11 4.88 -3.48
N TYR B 509 -13.89 4.42 -3.20
CA TYR B 509 -12.70 5.30 -3.40
C TYR B 509 -12.78 5.97 -4.77
N THR B 510 -13.13 5.24 -5.83
CA THR B 510 -13.13 5.81 -7.21
C THR B 510 -11.71 6.32 -7.50
N ASP B 511 -10.69 5.74 -6.84
CA ASP B 511 -9.28 6.15 -7.01
C ASP B 511 -8.38 5.10 -6.37
N ARG B 512 -8.97 4.09 -5.71
CA ARG B 512 -8.20 3.03 -5.03
C ARG B 512 -9.08 1.79 -4.83
N LEU B 513 -8.48 0.60 -4.80
CA LEU B 513 -9.28 -0.62 -4.50
C LEU B 513 -9.52 -0.63 -2.99
N GLN B 514 -10.78 -0.72 -2.56
CA GLN B 514 -11.06 -0.61 -1.10
C GLN B 514 -11.72 -1.89 -0.57
N SER B 515 -11.18 -2.44 0.51
CA SER B 515 -11.82 -3.62 1.15
C SER B 515 -12.94 -3.09 2.05
N VAL B 516 -12.71 -1.94 2.66
CA VAL B 516 -13.74 -1.31 3.53
C VAL B 516 -14.16 0.03 2.92
N PRO B 517 -15.42 0.47 3.12
CA PRO B 517 -15.90 1.75 2.58
C PRO B 517 -15.03 2.99 2.74
N ARG B 518 -14.92 3.83 1.70
CA ARG B 518 -14.22 5.13 1.86
C ARG B 518 -15.12 5.99 2.73
N VAL B 519 -14.57 6.70 3.71
CA VAL B 519 -15.44 7.42 4.70
C VAL B 519 -16.48 8.33 4.04
N ILE B 520 -17.76 8.08 4.33
CA ILE B 520 -18.81 9.05 3.92
C ILE B 520 -18.95 9.87 5.19
N SER B 521 -18.55 11.13 5.19
CA SER B 521 -18.57 11.88 6.47
C SER B 521 -20.01 12.17 6.91
N LYS B 522 -20.30 12.04 8.21
CA LYS B 522 -21.66 12.21 8.67
C LYS B 522 -22.04 13.68 8.84
N GLU B 523 -21.11 14.53 9.30
CA GLU B 523 -21.49 15.93 9.37
C GLU B 523 -20.44 16.81 8.71
N ASP B 524 -19.66 16.27 7.78
CA ASP B 524 -18.98 17.09 6.79
C ASP B 524 -19.96 17.64 5.78
N ILE B 525 -21.20 17.33 6.14
CA ILE B 525 -22.38 17.50 5.32
C ILE B 525 -22.79 18.95 5.25
N GLY B 526 -23.75 19.24 4.38
CA GLY B 526 -24.42 20.51 4.37
C GLY B 526 -25.49 20.58 5.46
N PHE B 532 -26.58 23.90 2.94
CA PHE B 532 -26.92 24.49 4.23
C PHE B 532 -27.13 25.99 4.10
N THR B 533 -27.23 26.45 2.84
CA THR B 533 -27.27 27.88 2.56
C THR B 533 -28.52 28.54 3.13
N ALA B 534 -29.68 27.93 2.94
CA ALA B 534 -30.94 28.52 3.37
C ALA B 534 -32.01 27.44 3.36
N PRO B 535 -32.85 27.29 4.44
CA PRO B 535 -33.81 26.17 4.54
C PRO B 535 -34.87 25.98 3.44
N ILE B 536 -34.49 26.10 2.17
CA ILE B 536 -35.42 25.74 1.07
C ILE B 536 -35.44 24.21 1.13
N ILE B 537 -34.37 23.60 1.65
CA ILE B 537 -34.31 22.14 1.86
C ILE B 537 -35.28 21.79 3.00
N GLY B 538 -35.29 22.60 4.06
CA GLY B 538 -36.26 22.39 5.15
C GLY B 538 -37.67 22.65 4.67
N TYR B 539 -37.85 23.63 3.78
CA TYR B 539 -39.19 23.92 3.19
C TYR B 539 -39.64 22.72 2.36
N LYS B 540 -38.74 22.20 1.53
CA LYS B 540 -39.08 21.04 0.68
C LYS B 540 -39.20 19.79 1.54
N MET B 541 -38.49 19.75 2.69
CA MET B 541 -38.65 18.61 3.62
C MET B 541 -40.03 18.71 4.26
N GLU B 542 -40.45 19.92 4.63
CA GLU B 542 -41.83 20.09 5.14
C GLU B 542 -42.77 19.53 4.09
N LYS B 543 -42.65 19.99 2.83
CA LYS B 543 -43.50 19.48 1.71
C LYS B 543 -43.33 17.96 1.59
N TRP B 544 -42.13 17.45 1.84
CA TRP B 544 -41.86 15.99 1.70
C TRP B 544 -42.58 15.21 2.80
N LEU B 545 -42.37 15.59 4.06
CA LEU B 545 -43.08 14.92 5.20
C LEU B 545 -44.59 15.20 5.07
N LEU B 546 -44.97 16.31 4.43
CA LEU B 546 -46.40 16.63 4.21
C LEU B 546 -46.96 15.68 3.15
N LYS B 547 -46.13 15.28 2.18
CA LYS B 547 -46.57 14.26 1.20
C LYS B 547 -46.57 12.90 1.90
N LEU B 548 -45.75 12.74 2.94
CA LEU B 548 -45.75 11.49 3.74
C LEU B 548 -47.07 11.44 4.50
N LYS B 549 -47.41 12.53 5.21
CA LYS B 549 -48.71 12.61 5.93
C LYS B 549 -49.85 12.47 4.91
N ASP B 550 -49.65 13.01 3.71
CA ASP B 550 -50.67 12.86 2.63
C ASP B 550 -50.84 11.37 2.33
N GLU B 551 -49.75 10.66 2.05
CA GLU B 551 -49.82 9.20 1.79
C GLU B 551 -50.58 8.50 2.92
N VAL B 552 -50.26 8.83 4.18
CA VAL B 552 -50.96 8.22 5.35
C VAL B 552 -52.47 8.43 5.18
N LEU B 553 -52.93 9.68 5.16
CA LEU B 553 -54.39 9.97 5.09
C LEU B 553 -54.95 9.52 3.74
N ASN B 554 -54.11 9.35 2.72
CA ASN B 554 -54.57 8.92 1.38
C ASN B 554 -55.03 7.46 1.45
N ILE B 555 -54.16 6.57 1.94
CA ILE B 555 -54.57 5.14 2.11
C ILE B 555 -55.69 5.08 3.15
N PHE B 556 -55.75 6.04 4.08
CA PHE B 556 -56.85 6.07 5.07
C PHE B 556 -58.17 6.34 4.34
N GLU B 557 -58.22 7.41 3.55
CA GLU B 557 -59.46 7.74 2.79
C GLU B 557 -59.72 6.65 1.76
N ASN B 558 -58.68 5.95 1.31
CA ASN B 558 -58.83 4.91 0.26
C ASN B 558 -59.43 3.65 0.87
N LEU B 559 -59.04 3.29 2.10
CA LEU B 559 -59.68 2.13 2.77
C LEU B 559 -61.09 2.53 3.21
N LEU B 560 -61.33 3.82 3.46
CA LEU B 560 -62.70 4.30 3.79
C LEU B 560 -63.58 4.15 2.54
N MET B 561 -62.98 4.25 1.35
CA MET B 561 -63.75 4.06 0.08
C MET B 561 -64.08 2.58 -0.09
N ILE B 562 -63.07 1.73 -0.32
CA ILE B 562 -63.33 0.28 -0.59
C ILE B 562 -64.15 -0.34 0.55
N TYR B 563 -63.70 -0.17 1.81
CA TYR B 563 -64.45 -0.72 2.98
C TYR B 563 -65.59 0.23 3.33
N GLY B 564 -66.40 0.61 2.33
CA GLY B 564 -67.53 1.49 2.54
C GLY B 564 -68.55 0.92 3.50
N ASP B 565 -68.79 -0.38 3.42
CA ASP B 565 -69.74 -1.04 4.29
C ASP B 565 -69.10 -1.30 5.65
N ASP B 566 -69.75 -2.13 6.47
CA ASP B 566 -69.22 -2.46 7.78
C ASP B 566 -67.83 -3.08 7.64
N ALA B 567 -66.92 -2.64 8.50
CA ALA B 567 -65.53 -3.06 8.40
C ALA B 567 -64.89 -3.01 9.77
N THR B 568 -64.17 -4.07 10.13
CA THR B 568 -63.43 -4.05 11.39
C THR B 568 -62.32 -3.03 11.35
N ILE B 569 -62.00 -2.52 10.16
CA ILE B 569 -61.00 -1.46 10.01
C ILE B 569 -61.62 -0.08 9.86
N VAL B 570 -62.86 0.02 9.37
CA VAL B 570 -63.64 1.26 9.52
C VAL B 570 -64.36 1.13 10.86
N ASN B 571 -63.62 1.43 11.93
CA ASN B 571 -64.09 1.29 13.29
C ASN B 571 -64.51 2.62 13.90
N GLY B 572 -64.25 3.71 13.19
CA GLY B 572 -64.54 5.01 13.81
C GLY B 572 -63.42 5.43 14.71
N GLU B 573 -62.54 4.52 15.11
CA GLU B 573 -61.31 4.99 15.79
C GLU B 573 -60.67 5.74 14.63
N MET B 574 -60.86 5.19 13.41
CA MET B 574 -60.45 5.93 12.20
C MET B 574 -61.07 7.30 12.31
N LEU B 575 -62.42 7.40 12.34
CA LEU B 575 -63.10 8.71 12.55
C LEU B 575 -62.27 9.52 13.54
N ILE B 576 -62.20 9.12 14.81
CA ILE B 576 -61.50 9.90 15.87
C ILE B 576 -60.19 10.45 15.31
N HIS B 577 -59.18 9.59 15.11
CA HIS B 577 -57.83 10.11 14.74
C HIS B 577 -57.85 10.95 13.46
N SER B 578 -58.57 10.54 12.41
CA SER B 578 -58.52 11.27 11.11
C SER B 578 -59.18 12.65 11.23
N SER B 579 -60.28 12.74 12.00
CA SER B 579 -60.98 14.03 12.18
C SER B 579 -60.10 14.89 13.07
N LYS B 580 -59.40 14.25 14.01
CA LYS B 580 -58.42 15.00 14.83
C LYS B 580 -57.48 15.63 13.82
N PHE B 581 -56.85 14.83 12.95
CA PHE B 581 -55.94 15.36 11.90
C PHE B 581 -56.60 16.56 11.22
N LEU B 582 -57.79 16.36 10.64
CA LEU B 582 -58.51 17.45 9.91
C LEU B 582 -58.48 18.73 10.75
N SER B 583 -59.22 18.74 11.87
CA SER B 583 -59.35 19.99 12.67
C SER B 583 -57.97 20.53 13.07
N ARG B 584 -57.05 19.66 13.49
CA ARG B 584 -55.72 20.06 14.00
C ARG B 584 -54.96 20.82 12.91
N GLU B 585 -54.90 20.27 11.70
CA GLU B 585 -54.10 20.93 10.64
C GLU B 585 -54.88 22.17 10.19
N GLN B 586 -56.20 22.13 10.22
CA GLN B 586 -56.98 23.35 9.90
C GLN B 586 -56.48 24.46 10.83
N ALA B 587 -56.51 24.18 12.13
CA ALA B 587 -56.05 25.16 13.14
C ALA B 587 -54.65 25.60 12.76
N LEU B 588 -53.70 24.67 12.66
CA LEU B 588 -52.28 25.05 12.40
C LEU B 588 -52.22 26.03 11.23
N MET B 589 -52.85 25.69 10.10
CA MET B 589 -52.79 26.55 8.89
C MET B 589 -53.36 27.93 9.23
N ILE B 590 -54.65 28.02 9.58
CA ILE B 590 -55.28 29.36 9.79
C ILE B 590 -54.57 30.14 10.91
N GLU B 591 -53.75 29.47 11.74
CA GLU B 591 -53.15 30.13 12.92
C GLU B 591 -51.66 30.34 12.69
N ARG B 592 -51.00 29.41 11.98
CA ARG B 592 -49.56 29.65 11.88
C ARG B 592 -49.06 29.60 10.45
N TYR B 593 -49.64 28.74 9.63
CA TYR B 593 -49.24 28.61 8.23
C TYR B 593 -49.90 29.65 7.36
N VAL B 594 -50.29 30.77 7.96
CA VAL B 594 -50.76 31.94 7.23
C VAL B 594 -49.74 33.05 7.43
N GLY B 595 -49.29 33.62 6.31
CA GLY B 595 -48.25 34.64 6.31
C GLY B 595 -46.88 34.04 6.14
N GLN B 596 -46.80 32.74 6.45
CA GLN B 596 -45.53 32.01 6.47
C GLN B 596 -44.90 31.92 5.09
N ASP B 597 -45.65 32.24 4.04
CA ASP B 597 -45.24 32.20 2.64
C ASP B 597 -44.39 30.97 2.33
N SER B 598 -45.00 29.80 2.39
CA SER B 598 -44.32 28.58 1.98
C SER B 598 -45.06 27.91 0.83
N PRO B 599 -44.37 27.05 0.07
CA PRO B 599 -45.10 26.10 -0.78
C PRO B 599 -45.86 25.08 0.03
N ASN B 600 -45.42 24.84 1.28
CA ASN B 600 -46.03 23.76 2.11
C ASN B 600 -47.44 24.17 2.55
N LEU B 601 -47.80 25.45 2.41
CA LEU B 601 -49.19 25.87 2.73
C LEU B 601 -50.12 25.07 1.82
N ASP B 602 -49.81 25.03 0.51
CA ASP B 602 -50.62 24.23 -0.45
C ASP B 602 -50.76 22.79 0.02
N LEU B 603 -49.68 22.17 0.47
CA LEU B 603 -49.75 20.73 0.83
C LEU B 603 -50.54 20.54 2.13
N ARG B 604 -50.44 21.46 3.09
CA ARG B 604 -51.29 21.34 4.30
C ARG B 604 -52.75 21.50 3.87
N CYS B 605 -53.00 22.38 2.91
CA CYS B 605 -54.38 22.51 2.36
C CYS B 605 -54.81 21.15 1.80
N HIS B 606 -53.98 20.54 0.96
CA HIS B 606 -54.30 19.18 0.44
C HIS B 606 -54.67 18.29 1.62
N LEU B 607 -53.78 18.18 2.62
CA LEU B 607 -54.06 17.35 3.83
C LEU B 607 -55.48 17.60 4.31
N ILE B 608 -55.77 18.83 4.75
CA ILE B 608 -57.10 19.13 5.36
C ILE B 608 -58.22 18.73 4.39
N GLU B 609 -58.20 19.16 3.12
CA GLU B 609 -59.35 18.89 2.21
C GLU B 609 -59.53 17.36 2.01
N HIS B 610 -58.44 16.60 1.92
CA HIS B 610 -58.55 15.14 1.70
C HIS B 610 -59.04 14.43 2.98
N THR B 611 -58.60 14.88 4.17
CA THR B 611 -59.16 14.22 5.38
C THR B 611 -60.64 14.63 5.48
N LEU B 612 -60.98 15.81 4.94
CA LEU B 612 -62.40 16.22 4.90
C LEU B 612 -63.12 15.18 4.06
N THR B 613 -62.69 14.94 2.82
CA THR B 613 -63.30 13.86 2.00
C THR B 613 -63.47 12.60 2.84
N ILE B 614 -62.39 12.15 3.51
CA ILE B 614 -62.44 10.88 4.31
C ILE B 614 -63.59 10.92 5.32
N ILE B 615 -63.54 11.86 6.28
CA ILE B 615 -64.56 11.90 7.37
C ILE B 615 -65.95 12.11 6.79
N TYR B 616 -66.05 12.77 5.64
CA TYR B 616 -67.35 13.07 4.99
C TYR B 616 -67.97 11.77 4.49
N ARG B 617 -67.19 11.00 3.73
CA ARG B 617 -67.71 9.68 3.28
C ARG B 617 -68.03 8.87 4.55
N LEU B 618 -67.21 8.99 5.60
CA LEU B 618 -67.54 8.29 6.88
C LEU B 618 -68.91 8.78 7.34
N TRP B 619 -69.12 10.10 7.36
CA TRP B 619 -70.39 10.67 7.78
C TRP B 619 -71.53 10.14 6.93
N LYS B 620 -71.41 10.26 5.61
CA LYS B 620 -72.56 10.06 4.76
C LYS B 620 -73.10 8.65 4.86
N ASP B 621 -72.22 7.66 4.86
CA ASP B 621 -72.71 6.29 4.72
C ASP B 621 -72.37 5.39 5.88
N HIS B 622 -71.22 5.56 6.52
CA HIS B 622 -70.62 4.49 7.29
C HIS B 622 -70.75 4.72 8.79
N PHE B 623 -71.90 5.20 9.23
CA PHE B 623 -72.17 5.31 10.65
C PHE B 623 -72.41 3.96 11.31
N LYS B 624 -72.53 2.87 10.53
CA LYS B 624 -72.83 1.57 11.11
C LYS B 624 -71.75 1.11 12.08
N GLN B 625 -70.57 1.71 12.03
CA GLN B 625 -69.58 1.53 13.08
C GLN B 625 -69.73 2.54 14.22
N LEU B 626 -70.30 3.71 13.94
CA LEU B 626 -70.26 4.83 14.87
C LEU B 626 -71.19 4.60 16.05
N ARG B 627 -70.73 5.05 17.22
CA ARG B 627 -71.56 5.12 18.42
C ARG B 627 -71.31 6.44 19.13
N GLU B 628 -72.15 6.71 20.13
CA GLU B 628 -72.10 7.99 20.84
C GLU B 628 -70.74 8.20 21.50
N GLU B 629 -70.04 7.12 21.83
CA GLU B 629 -68.67 7.24 22.33
C GLU B 629 -67.85 8.13 21.41
N GLN B 630 -67.69 7.70 20.15
CA GLN B 630 -66.93 8.52 19.20
C GLN B 630 -67.66 9.81 18.85
N ILE B 631 -68.99 9.80 18.87
CA ILE B 631 -69.75 11.01 18.55
C ILE B 631 -69.33 12.16 19.46
N LYS B 632 -69.52 12.00 20.77
CA LYS B 632 -69.15 13.06 21.68
C LYS B 632 -67.64 13.14 21.89
N GLN B 633 -66.92 12.03 21.76
CA GLN B 633 -65.49 12.06 21.93
C GLN B 633 -64.84 12.98 20.90
N VAL B 634 -65.31 12.88 19.65
CA VAL B 634 -64.96 13.86 18.61
C VAL B 634 -66.28 14.32 17.98
N GLU B 635 -66.87 15.35 18.57
CA GLU B 635 -67.96 16.12 17.97
C GLU B 635 -67.48 17.51 17.59
N SER B 636 -66.59 18.07 18.40
CA SER B 636 -65.99 19.37 18.10
C SER B 636 -65.28 19.36 16.75
N GLN B 637 -64.37 18.41 16.55
CA GLN B 637 -63.66 18.32 15.27
C GLN B 637 -64.63 18.25 14.10
N LEU B 638 -65.54 17.27 14.10
CA LEU B 638 -66.43 17.14 12.96
C LEU B 638 -67.25 18.40 12.73
N ILE B 639 -67.92 18.88 13.78
CA ILE B 639 -68.83 20.00 13.61
C ILE B 639 -68.08 21.26 13.16
N MET B 640 -66.83 21.40 13.56
CA MET B 640 -66.17 22.64 13.17
C MET B 640 -65.48 22.45 11.82
N SER B 641 -65.10 21.24 11.49
CA SER B 641 -64.74 20.91 10.12
C SER B 641 -65.89 21.35 9.23
N LEU B 642 -67.09 21.26 9.78
CA LEU B 642 -68.26 21.61 9.01
C LEU B 642 -68.34 23.12 8.87
N TRP B 643 -68.31 23.82 10.01
CA TRP B 643 -68.49 25.26 10.01
C TRP B 643 -67.40 25.98 9.23
N ARG B 644 -66.16 25.47 9.27
CA ARG B 644 -65.04 26.14 8.63
C ARG B 644 -65.32 26.32 7.14
N PHE B 645 -66.00 25.34 6.54
CA PHE B 645 -66.36 25.44 5.13
C PHE B 645 -67.71 26.14 4.96
N LEU B 646 -68.59 26.03 5.93
CA LEU B 646 -69.84 26.80 5.92
C LEU B 646 -69.58 28.29 5.78
N VAL B 647 -68.93 28.87 6.77
CA VAL B 647 -68.68 30.30 6.86
C VAL B 647 -68.03 30.84 5.59
N CYS B 648 -67.37 29.95 4.83
CA CYS B 648 -66.81 30.37 3.56
C CYS B 648 -67.89 30.76 2.56
N GLN B 649 -69.16 30.43 2.84
CA GLN B 649 -70.23 30.62 1.88
C GLN B 649 -70.56 32.09 1.61
N THR B 650 -69.82 33.03 2.20
CA THR B 650 -70.14 34.44 2.01
C THR B 650 -70.07 34.82 0.53
N GLU B 651 -68.98 34.46 -0.14
CA GLU B 651 -68.69 34.81 -1.54
C GLU B 651 -68.47 36.31 -1.73
N THR B 652 -68.62 37.10 -0.67
CA THR B 652 -68.30 38.53 -0.71
C THR B 652 -66.84 38.80 -0.40
N VAL B 653 -66.05 37.77 -0.09
CA VAL B 653 -64.64 37.93 0.23
C VAL B 653 -63.95 38.54 -0.98
N THR B 654 -63.90 37.81 -2.09
CA THR B 654 -63.22 38.31 -3.28
C THR B 654 -64.15 39.20 -4.09
N ALA B 655 -65.14 38.58 -4.75
CA ALA B 655 -66.17 39.27 -5.52
C ALA B 655 -65.60 40.14 -6.64
N ASN B 656 -64.27 40.15 -6.79
CA ASN B 656 -63.63 41.20 -7.57
C ASN B 656 -62.26 40.72 -8.04
N GLU B 657 -61.44 41.67 -8.48
CA GLU B 657 -60.12 41.41 -9.05
C GLU B 657 -59.00 42.25 -8.44
N ARG B 658 -59.30 43.15 -7.50
CA ARG B 658 -58.30 44.06 -6.94
C ARG B 658 -57.76 43.61 -5.59
N GLU B 659 -58.27 42.53 -5.02
CA GLU B 659 -57.95 42.21 -3.64
C GLU B 659 -57.26 40.87 -3.47
N MET B 660 -57.79 39.80 -4.04
CA MET B 660 -57.15 38.51 -3.80
C MET B 660 -55.81 38.40 -4.51
N ARG B 661 -55.66 39.10 -5.64
CA ARG B 661 -54.34 39.23 -6.25
C ARG B 661 -53.36 39.83 -5.25
N ASP B 662 -53.80 40.83 -4.49
CA ASP B 662 -52.89 41.42 -3.51
C ASP B 662 -52.69 40.48 -2.33
N HIS B 663 -53.72 39.73 -1.96
CA HIS B 663 -53.59 38.76 -0.88
C HIS B 663 -52.50 37.74 -1.19
N ARG B 664 -52.50 37.23 -2.42
CA ARG B 664 -51.42 36.32 -2.80
C ARG B 664 -50.10 37.05 -2.84
N HIS B 665 -50.09 38.31 -3.29
CA HIS B 665 -48.88 39.11 -3.18
C HIS B 665 -48.37 39.16 -1.75
N LEU B 666 -49.28 39.02 -0.78
CA LEU B 666 -48.93 39.06 0.64
C LEU B 666 -48.33 37.74 1.10
N VAL B 667 -49.14 36.68 1.06
CA VAL B 667 -48.74 35.40 1.61
C VAL B 667 -48.33 34.42 0.53
N ASP B 668 -49.09 34.33 -0.55
CA ASP B 668 -48.86 33.27 -1.51
C ASP B 668 -47.69 33.56 -2.42
N SER B 669 -46.89 34.60 -2.12
CA SER B 669 -45.73 34.98 -2.91
C SER B 669 -44.93 33.80 -3.41
N LEU B 670 -44.79 32.76 -2.59
CA LEU B 670 -44.11 31.55 -3.02
C LEU B 670 -44.80 30.91 -4.21
N HIS B 671 -46.03 30.44 -4.02
CA HIS B 671 -46.72 29.80 -5.13
C HIS B 671 -47.01 30.78 -6.25
N ASP B 672 -46.94 32.08 -5.98
CA ASP B 672 -47.05 33.07 -7.05
C ASP B 672 -45.80 33.03 -7.92
N LEU B 673 -44.63 33.06 -7.28
CA LEU B 673 -43.38 32.89 -8.00
C LEU B 673 -43.37 31.55 -8.72
N THR B 674 -44.09 30.58 -8.21
CA THR B 674 -44.19 29.31 -8.92
C THR B 674 -45.18 29.36 -10.09
N ILE B 675 -46.28 30.14 -9.98
CA ILE B 675 -47.13 30.28 -11.16
C ILE B 675 -46.40 31.08 -12.22
N LYS B 676 -45.48 31.96 -11.81
CA LYS B 676 -44.67 32.68 -12.77
C LYS B 676 -43.60 31.77 -13.37
N ASP B 677 -42.98 30.91 -12.55
CA ASP B 677 -42.14 29.86 -13.08
C ASP B 677 -42.92 28.99 -14.06
N GLN B 678 -44.23 28.85 -13.85
CA GLN B 678 -45.06 28.12 -14.78
C GLN B 678 -45.27 28.88 -16.09
N ALA B 679 -45.68 30.15 -15.97
CA ALA B 679 -45.90 30.99 -17.15
C ALA B 679 -44.64 31.19 -17.96
N SER B 680 -43.48 30.96 -17.35
CA SER B 680 -42.19 31.18 -18.00
C SER B 680 -41.54 29.88 -18.49
N TYR B 681 -41.62 28.80 -17.73
CA TYR B 681 -40.86 27.59 -18.02
C TYR B 681 -41.77 26.43 -18.39
N TYR B 682 -42.69 26.08 -17.49
CA TYR B 682 -43.19 24.72 -17.37
C TYR B 682 -44.43 24.44 -18.19
N GLU B 683 -44.85 25.34 -19.06
CA GLU B 683 -45.91 25.01 -19.99
C GLU B 683 -45.69 25.82 -21.27
N ASP B 684 -46.64 25.72 -22.20
CA ASP B 684 -46.38 25.86 -23.62
C ASP B 684 -47.04 27.07 -24.26
N ALA B 685 -48.36 27.27 -24.07
CA ALA B 685 -49.08 28.38 -24.69
C ALA B 685 -49.11 29.62 -23.80
N PHE B 686 -48.09 29.83 -22.98
CA PHE B 686 -47.98 31.05 -22.19
C PHE B 686 -47.44 32.18 -23.05
N GLU B 687 -48.04 32.36 -24.23
CA GLU B 687 -47.59 33.33 -25.22
C GLU B 687 -48.68 33.56 -26.26
N ASP B 688 -49.14 34.80 -26.41
CA ASP B 688 -50.20 35.15 -27.36
C ASP B 688 -51.47 34.32 -27.10
N LEU B 689 -52.04 34.52 -25.90
CA LEU B 689 -53.10 33.79 -25.24
C LEU B 689 -54.48 34.11 -25.81
N PRO B 690 -55.38 33.12 -25.80
CA PRO B 690 -56.73 33.33 -26.35
C PRO B 690 -57.68 34.06 -25.42
N GLU B 691 -57.16 34.78 -24.43
CA GLU B 691 -57.92 35.61 -23.50
C GLU B 691 -58.81 34.77 -22.56
N TYR B 692 -58.49 33.49 -22.40
CA TYR B 692 -59.19 32.68 -21.43
C TYR B 692 -58.17 31.98 -20.54
N ILE B 693 -56.99 31.72 -21.09
CA ILE B 693 -55.97 30.96 -20.37
C ILE B 693 -55.43 31.75 -19.19
N GLU B 694 -55.05 33.01 -19.42
CA GLU B 694 -54.54 33.83 -18.32
C GLU B 694 -55.65 34.15 -17.34
N GLU B 695 -56.88 34.33 -17.83
CA GLU B 695 -57.99 34.54 -16.92
C GLU B 695 -58.18 33.33 -16.02
N GLU B 696 -58.09 32.13 -16.59
CA GLU B 696 -58.15 30.93 -15.77
C GLU B 696 -56.99 30.88 -14.78
N LEU B 697 -55.80 31.30 -15.23
CA LEU B 697 -54.67 31.38 -14.33
C LEU B 697 -54.99 32.22 -13.12
N LYS B 698 -55.60 33.38 -13.34
CA LYS B 698 -55.82 34.30 -12.23
C LYS B 698 -57.00 33.86 -11.35
N MET B 699 -58.10 33.37 -11.93
CA MET B 699 -59.12 32.78 -11.06
C MET B 699 -58.54 31.66 -10.22
N GLN B 700 -57.79 30.76 -10.85
CA GLN B 700 -57.27 29.60 -10.14
C GLN B 700 -56.31 30.01 -9.04
N LEU B 701 -55.39 30.93 -9.35
CA LEU B 701 -54.47 31.39 -8.31
C LEU B 701 -55.19 32.09 -7.19
N ASN B 702 -56.19 32.92 -7.52
CA ASN B 702 -56.91 33.67 -6.50
C ASN B 702 -57.66 32.74 -5.56
N LYS B 703 -58.48 31.86 -6.12
CA LYS B 703 -59.15 30.86 -5.32
C LYS B 703 -58.13 29.97 -4.60
N ARG B 704 -56.93 29.83 -5.17
CA ARG B 704 -55.91 28.99 -4.57
C ARG B 704 -55.40 29.61 -3.27
N THR B 705 -54.96 30.85 -3.32
CA THR B 705 -54.48 31.48 -2.11
C THR B 705 -55.60 31.66 -1.10
N GLY B 706 -56.84 31.88 -1.59
CA GLY B 706 -57.97 31.82 -0.69
C GLY B 706 -58.05 30.48 0.01
N ARG B 707 -57.88 29.40 -0.75
CA ARG B 707 -57.85 28.06 -0.18
C ARG B 707 -56.69 27.89 0.80
N ILE B 708 -55.64 28.69 0.65
CA ILE B 708 -54.60 28.73 1.66
C ILE B 708 -55.12 29.42 2.91
N MET B 709 -56.03 30.37 2.74
CA MET B 709 -56.56 31.18 3.84
C MET B 709 -57.73 30.52 4.58
N GLN B 710 -58.08 29.29 4.24
CA GLN B 710 -59.27 28.62 4.79
C GLN B 710 -60.54 29.40 4.50
N VAL B 711 -60.51 30.30 3.51
CA VAL B 711 -61.67 31.07 3.12
C VAL B 711 -61.83 30.95 1.61
N LYS B 712 -63.06 31.10 1.14
CA LYS B 712 -63.39 30.95 -0.28
C LYS B 712 -62.99 29.56 -0.78
N TYR B 713 -63.10 28.56 0.10
CA TYR B 713 -62.91 27.17 -0.30
C TYR B 713 -63.82 26.79 -1.46
N ASP B 714 -63.34 25.80 -2.22
CA ASP B 714 -64.12 25.15 -3.27
C ASP B 714 -65.53 24.91 -2.77
N GLU B 715 -66.51 25.47 -3.47
CA GLU B 715 -67.88 25.43 -2.99
C GLU B 715 -68.39 24.01 -2.87
N LYS B 716 -67.85 23.09 -3.67
CA LYS B 716 -68.07 21.67 -3.43
C LYS B 716 -67.65 21.29 -2.03
N PHE B 717 -66.46 21.71 -1.61
CA PHE B 717 -65.96 21.44 -0.27
C PHE B 717 -66.79 22.15 0.79
N GLN B 718 -67.27 23.35 0.48
CA GLN B 718 -68.18 24.02 1.41
C GLN B 718 -69.43 23.19 1.63
N GLU B 719 -70.02 22.67 0.56
CA GLU B 719 -71.17 21.79 0.74
C GLU B 719 -70.78 20.49 1.41
N MET B 720 -69.61 19.99 1.12
CA MET B 720 -69.16 18.69 1.57
C MET B 720 -68.59 18.79 2.97
N ALA B 721 -68.70 19.97 3.57
CA ALA B 721 -68.75 20.13 5.02
C ALA B 721 -70.08 20.68 5.53
N ARG B 722 -70.94 21.22 4.68
CA ARG B 722 -72.27 21.62 5.16
C ARG B 722 -73.14 20.41 5.44
N THR B 723 -73.12 19.45 4.53
CA THR B 723 -74.11 18.39 4.52
C THR B 723 -73.99 17.48 5.72
N ILE B 724 -72.79 17.35 6.31
CA ILE B 724 -72.65 16.52 7.49
C ILE B 724 -73.51 17.07 8.62
N LEU B 725 -73.53 18.39 8.77
CA LEU B 725 -74.45 19.00 9.74
C LEU B 725 -75.88 18.91 9.26
N GLU B 726 -76.18 19.55 8.11
CA GLU B 726 -77.59 19.82 7.80
C GLU B 726 -78.31 18.55 7.34
N SER B 727 -77.67 17.68 6.58
CA SER B 727 -78.29 16.40 6.29
C SER B 727 -78.25 15.54 7.54
N LYS B 728 -79.41 14.98 7.89
CA LYS B 728 -79.64 14.38 9.19
C LYS B 728 -79.18 12.94 9.31
N SER B 729 -78.24 12.48 8.48
CA SER B 729 -77.67 11.15 8.71
C SER B 729 -77.10 11.06 10.12
N PHE B 730 -76.46 12.12 10.58
CA PHE B 730 -76.27 12.35 12.01
C PHE B 730 -76.59 13.82 12.30
N ASP B 731 -77.63 14.04 13.11
CA ASP B 731 -77.94 15.37 13.61
C ASP B 731 -76.99 15.64 14.79
N LEU B 732 -75.80 16.12 14.46
CA LEU B 732 -74.83 16.46 15.49
C LEU B 732 -75.44 17.39 16.52
N THR B 733 -75.99 18.50 16.05
CA THR B 733 -76.43 19.59 16.90
C THR B 733 -77.94 19.55 17.04
N THR B 734 -78.43 19.67 18.26
CA THR B 734 -79.86 19.82 18.49
C THR B 734 -80.33 21.16 17.94
N LEU B 735 -81.62 21.42 18.01
CA LEU B 735 -82.12 22.72 17.58
C LEU B 735 -81.64 23.85 18.49
N GLU B 736 -81.18 23.53 19.69
CA GLU B 736 -80.62 24.52 20.60
C GLU B 736 -79.11 24.64 20.47
N GLU B 737 -78.52 24.02 19.45
CA GLU B 737 -77.07 24.12 19.24
C GLU B 737 -76.73 24.43 17.78
N ALA B 738 -77.62 24.05 16.85
CA ALA B 738 -77.36 24.30 15.44
C ALA B 738 -77.33 25.78 15.13
N ASP B 739 -78.30 26.53 15.67
CA ASP B 739 -78.33 27.97 15.48
C ASP B 739 -77.12 28.64 16.14
N SER B 740 -76.54 27.99 17.15
CA SER B 740 -75.36 28.53 17.83
C SER B 740 -74.16 28.63 16.90
N LEU B 741 -74.10 27.78 15.86
CA LEU B 741 -73.11 27.97 14.81
C LEU B 741 -73.67 28.73 13.62
N TYR B 742 -74.98 28.61 13.38
CA TYR B 742 -75.58 29.38 12.30
C TYR B 742 -75.35 30.88 12.49
N ILE B 743 -75.29 31.33 13.74
CA ILE B 743 -75.13 32.76 13.99
C ILE B 743 -73.78 33.25 13.49
N SER B 744 -72.77 32.37 13.49
CA SER B 744 -71.39 32.80 13.24
C SER B 744 -71.14 33.19 11.78
N MET B 745 -72.18 33.19 10.93
CA MET B 745 -72.05 33.77 9.60
C MET B 745 -73.27 34.58 9.21
N GLY B 746 -74.21 34.81 10.12
CA GLY B 746 -75.51 35.33 9.77
C GLY B 746 -76.59 34.36 10.17
N LEU B 747 -77.33 33.84 9.18
CA LEU B 747 -78.28 32.75 9.36
C LEU B 747 -79.13 32.86 10.63
N ASN C 189 -47.98 -20.40 -48.97
CA ASN C 189 -46.52 -20.32 -49.06
C ASN C 189 -46.00 -19.07 -48.36
N MET C 190 -46.81 -18.55 -47.44
CA MET C 190 -46.42 -17.37 -46.68
C MET C 190 -45.24 -17.66 -45.78
N VAL C 191 -44.26 -16.75 -45.77
CA VAL C 191 -43.23 -16.73 -44.74
C VAL C 191 -43.54 -15.55 -43.82
N PRO C 192 -44.14 -15.78 -42.66
CA PRO C 192 -44.85 -14.69 -41.97
C PRO C 192 -43.91 -13.66 -41.34
N LEU C 193 -44.32 -12.40 -41.43
CA LEU C 193 -43.78 -11.39 -40.54
C LEU C 193 -44.06 -11.81 -39.12
N ASN C 194 -43.02 -11.74 -38.28
CA ASN C 194 -43.20 -12.15 -36.89
C ASN C 194 -43.46 -10.88 -36.08
N PRO C 195 -44.73 -10.51 -35.86
CA PRO C 195 -45.03 -9.13 -35.43
C PRO C 195 -44.44 -8.77 -34.07
N ASN C 196 -43.65 -9.67 -33.49
CA ASN C 196 -42.96 -9.43 -32.23
C ASN C 196 -41.50 -9.89 -32.32
N ARG C 197 -40.79 -9.44 -33.37
CA ARG C 197 -39.37 -9.74 -33.51
C ARG C 197 -38.61 -9.45 -32.22
N ILE C 198 -37.53 -10.20 -32.01
CA ILE C 198 -36.54 -9.89 -30.98
C ILE C 198 -35.20 -9.90 -31.69
N ILE C 199 -34.78 -8.74 -32.20
CA ILE C 199 -33.61 -8.60 -33.06
C ILE C 199 -32.54 -7.87 -32.26
N PRO C 200 -31.31 -8.39 -32.19
CA PRO C 200 -30.34 -7.86 -31.24
C PRO C 200 -29.92 -6.44 -31.55
N ASP C 201 -29.52 -5.73 -30.50
CA ASP C 201 -28.86 -4.44 -30.63
C ASP C 201 -27.37 -4.74 -30.62
N GLU C 202 -26.79 -4.82 -31.83
CA GLU C 202 -25.44 -5.34 -31.98
C GLU C 202 -24.43 -4.43 -31.28
N THR C 203 -24.73 -3.14 -31.16
CA THR C 203 -23.89 -2.31 -30.31
C THR C 203 -23.97 -2.74 -28.86
N SER C 204 -25.12 -3.28 -28.42
CA SER C 204 -25.22 -3.77 -27.06
C SER C 204 -24.45 -5.07 -26.87
N LEU C 205 -24.60 -5.98 -27.83
CA LEU C 205 -23.77 -7.18 -27.85
C LEU C 205 -22.30 -6.82 -27.86
N PHE C 206 -21.97 -5.72 -28.54
CA PHE C 206 -20.60 -5.22 -28.53
C PHE C 206 -20.18 -4.71 -27.17
N LEU C 207 -21.01 -3.86 -26.56
CA LEU C 207 -20.72 -3.39 -25.21
C LEU C 207 -20.41 -4.57 -24.31
N GLU C 208 -21.21 -5.61 -24.40
CA GLU C 208 -20.96 -6.84 -23.68
C GLU C 208 -19.59 -7.40 -24.04
N SER C 209 -19.41 -7.78 -25.31
CA SER C 209 -18.21 -8.45 -25.76
C SER C 209 -16.97 -7.61 -25.50
N ILE C 210 -17.17 -6.37 -25.08
CA ILE C 210 -16.06 -5.55 -24.58
C ILE C 210 -15.91 -5.84 -23.10
N LEU C 211 -16.93 -5.48 -22.32
CA LEU C 211 -16.78 -5.53 -20.87
C LEU C 211 -16.35 -6.91 -20.40
N LEU C 212 -16.77 -7.96 -21.12
CA LEU C 212 -16.36 -9.31 -20.79
C LEU C 212 -15.07 -9.72 -21.49
N HIS C 213 -14.49 -8.87 -22.33
CA HIS C 213 -13.52 -9.37 -23.28
C HIS C 213 -12.25 -9.74 -22.55
N GLN C 214 -11.82 -10.99 -22.74
CA GLN C 214 -10.68 -11.54 -22.02
C GLN C 214 -9.70 -12.11 -23.02
N ILE C 215 -8.43 -11.73 -22.89
CA ILE C 215 -7.41 -12.23 -23.80
C ILE C 215 -7.07 -13.66 -23.38
N ILE C 216 -6.39 -14.39 -24.25
CA ILE C 216 -6.23 -15.82 -24.10
C ILE C 216 -5.27 -16.10 -22.97
N GLY C 217 -5.82 -16.48 -21.81
CA GLY C 217 -5.02 -16.80 -20.64
C GLY C 217 -5.09 -15.79 -19.51
N ALA C 218 -5.97 -14.79 -19.58
CA ALA C 218 -5.96 -13.72 -18.59
C ALA C 218 -6.82 -14.09 -17.38
N ASP C 219 -6.43 -13.56 -16.21
CA ASP C 219 -7.26 -13.70 -15.02
C ASP C 219 -8.60 -13.00 -15.21
N LEU C 220 -8.58 -11.82 -15.81
CA LEU C 220 -9.74 -10.95 -15.92
C LEU C 220 -10.13 -10.83 -17.38
N SER C 221 -11.36 -10.37 -17.60
CA SER C 221 -11.62 -9.70 -18.86
C SER C 221 -10.59 -8.60 -19.02
N THR C 222 -9.90 -8.60 -20.16
CA THR C 222 -8.81 -7.66 -20.33
C THR C 222 -9.27 -6.22 -20.12
N ILE C 223 -10.54 -5.96 -20.41
CA ILE C 223 -11.15 -4.68 -20.04
C ILE C 223 -11.01 -4.45 -18.55
N GLU C 224 -11.24 -5.47 -17.74
CA GLU C 224 -11.13 -5.21 -16.31
C GLU C 224 -9.66 -5.09 -15.89
N ILE C 225 -8.78 -5.79 -16.61
CA ILE C 225 -7.34 -5.60 -16.41
C ILE C 225 -6.99 -4.13 -16.55
N LEU C 226 -7.57 -3.49 -17.57
CA LEU C 226 -7.57 -2.03 -17.62
C LEU C 226 -8.19 -1.48 -16.34
N ASN C 227 -9.34 -2.02 -15.94
CA ASN C 227 -10.15 -1.48 -14.86
C ASN C 227 -9.50 -1.50 -13.49
N ARG C 228 -8.27 -1.98 -13.40
N ARG C 228 -8.27 -2.00 -13.37
CA ARG C 228 -7.51 -1.92 -12.16
CA ARG C 228 -7.53 -1.87 -12.12
C ARG C 228 -6.15 -1.25 -12.39
C ARG C 228 -6.17 -1.23 -12.35
N LEU C 229 -6.15 -0.10 -13.05
CA LEU C 229 -4.89 0.58 -13.41
C LEU C 229 -5.00 2.09 -13.29
N LYS C 230 -4.42 2.69 -12.26
CA LYS C 230 -4.28 4.15 -12.23
C LYS C 230 -2.82 4.52 -12.51
N LEU C 231 -2.64 5.64 -13.22
CA LEU C 231 -1.33 6.03 -13.72
C LEU C 231 -1.06 7.47 -13.32
N ASP C 232 0.16 7.73 -12.86
CA ASP C 232 0.51 9.01 -12.23
C ASP C 232 1.33 9.94 -13.13
N TYR C 233 1.53 9.60 -14.40
CA TYR C 233 2.15 10.52 -15.35
C TYR C 233 1.19 10.93 -16.46
N ILE C 234 -0.10 10.65 -16.30
CA ILE C 234 -1.16 11.36 -17.01
C ILE C 234 -2.22 11.77 -16.00
N THR C 235 -2.12 13.01 -15.51
CA THR C 235 -3.07 13.47 -14.51
C THR C 235 -4.49 13.45 -15.06
N GLU C 236 -4.69 13.87 -16.30
CA GLU C 236 -6.06 14.04 -16.76
C GLU C 236 -6.05 14.07 -18.29
N PHE C 237 -6.62 13.04 -18.89
CA PHE C 237 -6.82 12.97 -20.31
C PHE C 237 -8.26 13.26 -20.70
N LYS C 238 -8.44 13.88 -21.84
CA LYS C 238 -9.73 13.98 -22.50
C LYS C 238 -9.51 13.98 -23.99
N PHE C 239 -10.38 13.32 -24.73
CA PHE C 239 -10.58 13.64 -26.13
C PHE C 239 -11.99 14.14 -26.36
N LYS C 240 -12.98 13.32 -26.03
CA LYS C 240 -14.38 13.74 -25.98
C LYS C 240 -14.99 12.98 -24.80
N ASN C 241 -14.91 13.60 -23.62
CA ASN C 241 -15.43 13.02 -22.39
C ASN C 241 -14.86 11.63 -22.16
N PHE C 242 -13.55 11.61 -21.90
CA PHE C 242 -12.85 10.37 -21.58
C PHE C 242 -11.87 10.61 -20.43
N VAL C 243 -12.35 11.26 -19.37
CA VAL C 243 -11.42 11.73 -18.34
C VAL C 243 -10.80 10.54 -17.64
N ILE C 244 -9.55 10.24 -17.95
CA ILE C 244 -8.75 9.33 -17.12
C ILE C 244 -8.13 10.21 -16.05
N ALA C 245 -8.88 10.43 -14.99
CA ALA C 245 -8.40 11.36 -13.99
C ALA C 245 -7.13 10.83 -13.32
N LYS C 246 -6.49 11.73 -12.56
CA LYS C 246 -5.32 11.39 -11.75
C LYS C 246 -5.59 10.20 -10.85
N GLY C 247 -6.85 9.90 -10.60
CA GLY C 247 -7.27 8.76 -9.80
C GLY C 247 -8.21 7.85 -10.55
N ALA C 248 -7.91 7.56 -11.82
CA ALA C 248 -8.80 6.72 -12.60
C ALA C 248 -8.09 5.44 -13.02
N PRO C 249 -8.66 4.27 -12.77
CA PRO C 249 -8.29 3.10 -13.56
C PRO C 249 -8.53 3.37 -15.03
N ILE C 250 -7.49 3.20 -15.85
CA ILE C 250 -7.66 3.40 -17.29
C ILE C 250 -8.85 2.59 -17.78
N GLY C 251 -9.05 1.41 -17.21
CA GLY C 251 -10.32 0.77 -17.30
C GLY C 251 -11.45 1.67 -16.88
N LYS C 252 -11.51 2.07 -15.60
CA LYS C 252 -12.64 2.82 -15.07
C LYS C 252 -13.12 3.79 -16.12
N SER C 253 -12.15 4.49 -16.69
CA SER C 253 -12.46 5.50 -17.68
C SER C 253 -12.92 4.87 -19.00
N ILE C 254 -12.27 3.80 -19.44
CA ILE C 254 -12.63 3.24 -20.75
C ILE C 254 -13.99 2.58 -20.71
N VAL C 255 -14.27 1.83 -19.66
CA VAL C 255 -15.59 1.26 -19.52
C VAL C 255 -16.63 2.36 -19.41
N SER C 256 -16.32 3.43 -18.67
CA SER C 256 -17.26 4.54 -18.61
C SER C 256 -17.47 5.12 -19.99
N LEU C 257 -16.41 5.21 -20.79
CA LEU C 257 -16.54 5.65 -22.18
C LEU C 257 -17.46 4.75 -22.96
N LEU C 258 -17.29 3.44 -22.82
CA LEU C 258 -18.20 2.51 -23.45
C LEU C 258 -19.63 2.89 -23.11
N LEU C 259 -19.87 3.22 -21.86
CA LEU C 259 -21.23 3.57 -21.45
C LEU C 259 -21.69 4.88 -22.08
N ARG C 260 -20.86 5.92 -22.01
CA ARG C 260 -21.25 7.23 -22.54
C ARG C 260 -21.55 7.12 -24.03
N CYS C 261 -20.53 6.77 -24.81
CA CYS C 261 -20.74 6.69 -26.24
C CYS C 261 -21.69 5.57 -26.63
N LYS C 262 -21.98 4.64 -25.71
CA LYS C 262 -23.09 3.73 -25.90
C LYS C 262 -24.40 4.49 -25.90
N LYS C 263 -24.56 5.40 -24.96
CA LYS C 263 -25.76 6.22 -24.98
C LYS C 263 -25.79 7.16 -26.17
N THR C 264 -24.62 7.59 -26.65
CA THR C 264 -24.56 8.58 -27.71
C THR C 264 -24.78 7.98 -29.09
N LEU C 265 -23.88 7.11 -29.52
CA LEU C 265 -23.73 6.83 -30.93
C LEU C 265 -24.75 5.81 -31.42
N THR C 266 -24.72 5.56 -32.73
CA THR C 266 -25.21 4.34 -33.34
C THR C 266 -23.99 3.55 -33.82
N LEU C 267 -24.23 2.31 -34.25
CA LEU C 267 -23.19 1.29 -34.24
C LEU C 267 -21.92 1.75 -34.95
N ASP C 268 -22.06 2.21 -36.20
CA ASP C 268 -20.88 2.68 -36.94
C ASP C 268 -20.21 3.83 -36.22
N ARG C 269 -21.00 4.78 -35.70
CA ARG C 269 -20.46 5.93 -34.99
C ARG C 269 -19.68 5.48 -33.78
N PHE C 270 -20.19 4.48 -33.06
CA PHE C 270 -19.53 3.99 -31.86
C PHE C 270 -18.23 3.30 -32.20
N ILE C 271 -18.21 2.53 -33.28
CA ILE C 271 -16.95 1.95 -33.73
C ILE C 271 -15.94 3.06 -33.97
N ASP C 272 -16.33 4.06 -34.77
CA ASP C 272 -15.42 5.16 -35.08
C ASP C 272 -14.97 5.86 -33.81
N THR C 273 -15.87 6.03 -32.86
CA THR C 273 -15.58 6.85 -31.70
C THR C 273 -14.69 6.14 -30.70
N LEU C 274 -14.92 4.84 -30.49
CA LEU C 274 -13.94 4.10 -29.69
C LEU C 274 -12.60 4.08 -30.38
N LEU C 275 -12.59 3.94 -31.71
CA LEU C 275 -11.32 3.98 -32.43
C LEU C 275 -10.58 5.26 -32.11
N GLU C 276 -11.19 6.41 -32.39
CA GLU C 276 -10.52 7.69 -32.16
C GLU C 276 -10.12 7.86 -30.70
N ASP C 277 -11.04 7.60 -29.77
CA ASP C 277 -10.80 7.90 -28.36
C ASP C 277 -9.75 6.96 -27.76
N ILE C 278 -9.97 5.67 -27.90
CA ILE C 278 -9.06 4.71 -27.32
C ILE C 278 -7.69 4.90 -27.94
N ALA C 279 -7.65 5.29 -29.22
CA ALA C 279 -6.39 5.58 -29.87
C ALA C 279 -5.71 6.74 -29.16
N VAL C 280 -6.32 7.93 -29.23
CA VAL C 280 -5.65 9.11 -28.71
C VAL C 280 -5.20 8.84 -27.28
N LEU C 281 -5.91 7.96 -26.57
CA LEU C 281 -5.41 7.45 -25.30
C LEU C 281 -4.12 6.67 -25.47
N ILE C 282 -4.10 5.74 -26.42
CA ILE C 282 -2.90 4.94 -26.65
C ILE C 282 -1.71 5.84 -26.91
N LYS C 283 -1.89 6.86 -27.74
CA LYS C 283 -0.84 7.86 -27.85
C LYS C 283 -0.50 8.45 -26.49
N GLU C 284 -1.45 9.13 -25.85
CA GLU C 284 -1.04 9.99 -24.75
C GLU C 284 -0.42 9.19 -23.61
N ILE C 285 -0.64 7.88 -23.57
CA ILE C 285 0.10 7.00 -22.67
C ILE C 285 1.10 6.14 -23.45
N SER C 286 1.44 6.53 -24.66
CA SER C 286 2.55 5.91 -25.37
C SER C 286 3.67 6.89 -25.66
N VAL C 287 3.33 8.05 -26.20
CA VAL C 287 4.24 9.18 -26.20
C VAL C 287 4.06 9.88 -24.87
N HIS C 288 4.54 9.24 -23.83
CA HIS C 288 4.73 9.84 -22.52
C HIS C 288 5.67 8.89 -21.80
N PRO C 289 6.95 9.08 -21.97
CA PRO C 289 7.89 7.97 -21.82
C PRO C 289 8.24 7.63 -20.39
N ASN C 290 7.41 8.02 -19.43
CA ASN C 290 7.75 7.77 -18.04
C ASN C 290 6.60 7.14 -17.25
N GLU C 291 5.59 6.61 -17.92
CA GLU C 291 4.41 6.12 -17.22
C GLU C 291 4.16 4.66 -17.59
N SER C 292 3.34 3.99 -16.78
CA SER C 292 3.00 2.58 -17.00
C SER C 292 2.07 2.39 -18.19
N LYS C 293 2.61 2.09 -19.36
CA LYS C 293 1.84 2.02 -20.59
C LYS C 293 1.24 0.65 -20.83
N LEU C 294 0.99 -0.13 -19.77
CA LEU C 294 0.41 -1.45 -19.96
C LEU C 294 -1.07 -1.43 -20.25
N ALA C 295 -1.75 -0.31 -20.02
CA ALA C 295 -3.06 -0.15 -20.64
C ALA C 295 -2.95 -0.36 -22.14
N VAL C 296 -1.88 0.16 -22.74
CA VAL C 296 -1.78 0.23 -24.19
C VAL C 296 -1.99 -1.12 -24.85
N PRO C 297 -1.36 -2.22 -24.42
CA PRO C 297 -1.57 -3.49 -25.12
C PRO C 297 -3.02 -3.88 -25.24
N PHE C 298 -3.74 -3.83 -24.13
CA PHE C 298 -5.14 -4.24 -24.15
C PHE C 298 -6.01 -3.19 -24.78
N LEU C 299 -5.57 -1.93 -24.77
CA LEU C 299 -6.24 -0.90 -25.55
C LEU C 299 -6.18 -1.24 -27.03
N VAL C 300 -5.01 -1.67 -27.49
CA VAL C 300 -4.87 -2.16 -28.84
C VAL C 300 -5.74 -3.39 -29.04
N ALA C 301 -5.72 -4.29 -28.07
CA ALA C 301 -6.58 -5.45 -28.11
C ALA C 301 -8.03 -5.03 -28.23
N LEU C 302 -8.36 -3.89 -27.63
CA LEU C 302 -9.71 -3.38 -27.69
C LEU C 302 -10.02 -2.83 -29.06
N MET C 303 -9.09 -2.07 -29.64
CA MET C 303 -9.14 -1.82 -31.07
C MET C 303 -9.52 -3.08 -31.82
N TYR C 304 -8.85 -4.17 -31.50
CA TYR C 304 -9.06 -5.41 -32.22
C TYR C 304 -10.49 -5.91 -32.04
N GLN C 305 -10.91 -6.03 -30.79
CA GLN C 305 -12.24 -6.56 -30.51
C GLN C 305 -13.30 -5.64 -31.08
N ILE C 306 -12.99 -4.36 -31.24
CA ILE C 306 -13.90 -3.40 -31.84
C ILE C 306 -13.98 -3.68 -33.32
N VAL C 307 -12.85 -3.50 -34.00
CA VAL C 307 -12.85 -3.54 -35.46
C VAL C 307 -13.33 -4.88 -35.93
N GLN C 308 -13.07 -5.94 -35.16
CA GLN C 308 -13.46 -7.27 -35.57
C GLN C 308 -14.67 -7.75 -34.78
N PHE C 309 -15.29 -6.86 -34.02
CA PHE C 309 -16.65 -7.16 -33.60
C PHE C 309 -17.63 -6.67 -34.65
N ARG C 310 -17.42 -5.49 -35.18
CA ARG C 310 -18.23 -4.97 -36.28
C ARG C 310 -17.33 -4.46 -37.39
N PRO C 311 -16.65 -5.36 -38.09
CA PRO C 311 -16.00 -4.95 -39.34
C PRO C 311 -17.01 -4.61 -40.42
N SER C 312 -18.31 -4.81 -40.17
CA SER C 312 -19.31 -4.49 -41.17
C SER C 312 -19.38 -2.99 -41.42
N ALA C 313 -19.50 -2.20 -40.35
CA ALA C 313 -19.71 -0.76 -40.47
C ALA C 313 -18.47 0.09 -40.22
N THR C 314 -17.36 -0.52 -39.78
CA THR C 314 -16.16 0.24 -39.53
C THR C 314 -15.68 0.87 -40.83
N HIS C 315 -15.14 2.08 -40.75
CA HIS C 315 -15.09 2.95 -41.91
C HIS C 315 -13.71 3.60 -42.05
N ASN C 316 -13.41 4.03 -43.28
CA ASN C 316 -12.03 4.20 -43.74
C ASN C 316 -11.25 5.17 -42.86
N LEU C 317 -11.88 6.27 -42.43
CA LEU C 317 -11.12 7.32 -41.77
C LEU C 317 -10.51 6.82 -40.47
N ALA C 318 -11.33 6.24 -39.60
CA ALA C 318 -10.80 5.68 -38.36
C ALA C 318 -9.98 4.43 -38.61
N LEU C 319 -10.31 3.69 -39.67
CA LEU C 319 -9.44 2.60 -40.07
C LEU C 319 -8.00 3.07 -40.18
N LYS C 320 -7.77 3.99 -41.11
CA LYS C 320 -6.42 4.57 -41.29
C LYS C 320 -5.91 5.16 -39.99
N ASP C 321 -6.81 5.78 -39.21
CA ASP C 321 -6.40 6.38 -37.96
C ASP C 321 -5.66 5.38 -37.09
N CYS C 322 -6.36 4.32 -36.68
CA CYS C 322 -5.74 3.33 -35.82
C CYS C 322 -4.57 2.64 -36.52
N PHE C 323 -4.66 2.48 -37.83
CA PHE C 323 -3.62 1.82 -38.61
C PHE C 323 -2.31 2.55 -38.39
N LEU C 324 -2.28 3.77 -38.94
CA LEU C 324 -1.13 4.65 -38.85
C LEU C 324 -0.76 4.91 -37.41
N PHE C 325 -1.75 4.86 -36.54
CA PHE C 325 -1.61 5.18 -35.16
C PHE C 325 -0.66 4.20 -34.50
N ILE C 326 -1.05 2.93 -34.45
CA ILE C 326 -0.15 2.00 -33.80
C ILE C 326 1.07 1.78 -34.68
N CYS C 327 1.03 2.15 -35.96
CA CYS C 327 2.27 2.19 -36.73
C CYS C 327 3.27 3.14 -36.09
N ASP C 328 2.83 4.36 -35.77
CA ASP C 328 3.76 5.30 -35.16
C ASP C 328 4.09 4.85 -33.75
N LEU C 329 3.18 4.11 -33.13
CA LEU C 329 3.50 3.52 -31.84
C LEU C 329 4.63 2.51 -31.97
N ILE C 330 4.64 1.76 -33.05
CA ILE C 330 5.69 0.77 -33.21
C ILE C 330 7.00 1.46 -33.52
N ARG C 331 6.95 2.57 -34.25
CA ARG C 331 8.13 3.42 -34.33
C ARG C 331 8.48 4.00 -32.96
N ILE C 332 7.51 4.13 -32.06
CA ILE C 332 7.80 4.49 -30.69
C ILE C 332 8.63 3.40 -30.04
N TYR C 333 8.25 2.13 -30.27
CA TYR C 333 8.97 1.02 -29.59
C TYR C 333 10.05 0.44 -30.51
N HIS C 334 10.89 1.31 -31.08
CA HIS C 334 12.00 0.87 -31.96
C HIS C 334 12.87 -0.16 -31.23
N HIS C 335 13.12 0.03 -29.93
CA HIS C 335 14.04 -0.84 -29.16
C HIS C 335 13.82 -2.34 -29.40
N VAL C 336 12.68 -2.91 -28.97
CA VAL C 336 12.49 -4.39 -29.03
C VAL C 336 12.44 -4.92 -30.47
N LEU C 337 11.76 -4.24 -31.39
CA LEU C 337 11.62 -4.82 -32.76
C LEU C 337 13.00 -4.86 -33.43
N LYS C 338 13.90 -3.97 -33.00
CA LYS C 338 15.27 -3.94 -33.57
C LYS C 338 16.29 -4.14 -32.45
N VAL C 339 16.36 -5.36 -31.88
CA VAL C 339 17.40 -5.67 -30.85
C VAL C 339 18.50 -6.49 -31.53
N PRO C 340 19.79 -6.11 -31.42
CA PRO C 340 20.89 -6.82 -32.12
C PRO C 340 20.72 -8.32 -32.35
N ILE C 341 20.99 -8.78 -33.58
CA ILE C 341 20.79 -10.21 -33.96
C ILE C 341 21.25 -11.16 -32.84
N HIS C 342 22.39 -10.88 -32.21
CA HIS C 342 22.93 -11.78 -31.16
C HIS C 342 23.48 -10.92 -30.01
N GLU C 343 23.08 -9.65 -29.97
CA GLU C 343 23.64 -8.71 -28.94
C GLU C 343 25.16 -8.72 -29.10
N SER C 344 25.65 -8.12 -30.19
CA SER C 344 27.10 -8.12 -30.48
C SER C 344 27.89 -7.55 -29.29
N ASN C 345 28.73 -8.38 -28.65
CA ASN C 345 29.59 -7.95 -27.50
C ASN C 345 29.05 -6.70 -26.80
N MET C 346 29.41 -5.50 -27.26
CA MET C 346 28.97 -4.22 -26.62
C MET C 346 27.52 -4.33 -26.16
N ASN C 347 26.59 -4.61 -27.08
CA ASN C 347 25.17 -4.81 -26.70
C ASN C 347 25.04 -6.14 -25.95
N LEU C 348 24.35 -6.14 -24.81
CA LEU C 348 24.24 -7.37 -23.98
C LEU C 348 22.77 -7.74 -23.80
N HIS C 349 22.45 -9.04 -23.84
CA HIS C 349 21.06 -9.51 -23.61
C HIS C 349 20.80 -9.59 -22.10
N VAL C 350 21.48 -8.74 -21.32
CA VAL C 350 21.32 -8.74 -19.83
C VAL C 350 19.97 -8.11 -19.46
N GLU C 351 18.99 -8.20 -20.36
CA GLU C 351 17.63 -7.67 -20.12
C GLU C 351 17.13 -8.14 -18.75
N PRO C 352 16.27 -7.36 -18.06
CA PRO C 352 15.68 -7.82 -16.80
C PRO C 352 14.79 -9.05 -16.99
N GLN C 353 15.12 -9.98 -17.90
CA GLN C 353 14.23 -11.13 -18.18
C GLN C 353 12.80 -10.62 -18.06
N ILE C 354 12.37 -9.81 -19.04
CA ILE C 354 11.05 -9.13 -18.86
C ILE C 354 10.06 -9.25 -20.00
N PHE C 355 9.33 -10.35 -20.01
CA PHE C 355 8.21 -10.29 -20.94
C PHE C 355 7.28 -9.31 -20.21
N GLN C 356 7.70 -8.67 -19.12
CA GLN C 356 6.74 -7.70 -18.54
C GLN C 356 6.50 -6.63 -19.61
N TYR C 357 7.46 -5.71 -19.73
CA TYR C 357 7.25 -4.77 -20.84
C TYR C 357 7.54 -5.49 -22.15
N GLU C 358 7.99 -6.77 -22.11
CA GLU C 358 8.29 -7.32 -23.47
C GLU C 358 6.88 -7.52 -24.00
N LEU C 359 6.03 -8.13 -23.19
CA LEU C 359 4.59 -8.27 -23.49
C LEU C 359 4.17 -6.87 -23.86
N ILE C 360 4.19 -5.89 -22.96
CA ILE C 360 3.66 -4.58 -23.43
C ILE C 360 4.01 -4.35 -24.92
N ASP C 361 5.29 -4.11 -25.25
CA ASP C 361 5.63 -3.76 -26.67
C ASP C 361 5.11 -4.82 -27.65
N TYR C 362 5.64 -6.04 -27.62
CA TYR C 362 5.27 -7.13 -28.57
C TYR C 362 3.75 -7.25 -28.71
N LEU C 363 3.03 -7.25 -27.59
CA LEU C 363 1.57 -7.44 -27.58
C LEU C 363 0.99 -6.32 -28.41
N ILE C 364 1.18 -5.07 -27.97
CA ILE C 364 0.73 -3.94 -28.82
C ILE C 364 1.04 -4.27 -30.28
N ILE C 365 2.32 -4.43 -30.65
CA ILE C 365 2.69 -4.63 -32.10
C ILE C 365 1.80 -5.70 -32.76
N SER C 366 1.85 -6.96 -32.31
CA SER C 366 1.12 -8.09 -32.96
C SER C 366 -0.38 -7.84 -32.98
N TYR C 367 -0.95 -7.37 -31.87
CA TYR C 367 -2.40 -7.12 -31.75
C TYR C 367 -2.79 -6.09 -32.80
N SER C 368 -1.99 -5.05 -32.94
CA SER C 368 -2.29 -3.94 -33.86
C SER C 368 -2.06 -4.36 -35.29
N PHE C 369 -1.15 -5.31 -35.52
CA PHE C 369 -0.90 -5.83 -36.89
C PHE C 369 -2.11 -6.70 -37.25
N ASP C 370 -2.68 -7.36 -36.25
CA ASP C 370 -3.90 -8.18 -36.49
C ASP C 370 -5.04 -7.19 -36.74
N LEU C 371 -4.96 -6.01 -36.11
CA LEU C 371 -6.00 -4.97 -36.28
C LEU C 371 -5.83 -4.40 -37.70
N LEU C 372 -4.59 -4.35 -38.20
CA LEU C 372 -4.33 -3.85 -39.56
C LEU C 372 -4.95 -4.89 -40.49
N GLU C 373 -4.78 -6.17 -40.16
CA GLU C 373 -5.38 -7.25 -40.99
C GLU C 373 -6.90 -7.06 -41.00
N GLY C 374 -7.51 -6.80 -39.84
CA GLY C 374 -8.97 -6.68 -39.74
C GLY C 374 -9.48 -5.43 -40.42
N ILE C 375 -8.65 -4.39 -40.52
CA ILE C 375 -9.04 -3.09 -41.17
C ILE C 375 -9.02 -3.38 -42.66
N LEU C 376 -7.95 -4.07 -43.07
CA LEU C 376 -7.84 -4.47 -44.47
C LEU C 376 -9.10 -5.29 -44.75
N ARG C 377 -9.59 -6.09 -43.79
CA ARG C 377 -10.77 -6.98 -43.97
C ARG C 377 -12.05 -6.16 -44.11
N VAL C 378 -12.26 -5.17 -43.22
CA VAL C 378 -13.45 -4.28 -43.40
C VAL C 378 -13.38 -3.73 -44.83
N LEU C 379 -12.23 -3.26 -45.31
CA LEU C 379 -12.18 -2.81 -46.73
C LEU C 379 -12.12 -4.02 -47.69
N GLN C 380 -11.58 -5.15 -47.21
CA GLN C 380 -11.36 -6.32 -48.03
C GLN C 380 -12.68 -6.95 -48.45
N SER C 381 -13.64 -7.02 -47.53
CA SER C 381 -15.02 -7.32 -47.89
C SER C 381 -15.86 -6.08 -48.13
N HIS C 382 -15.29 -4.89 -48.01
CA HIS C 382 -16.01 -3.67 -48.35
C HIS C 382 -16.19 -3.58 -49.86
N PRO C 383 -17.26 -2.95 -50.34
CA PRO C 383 -17.46 -2.83 -51.79
C PRO C 383 -16.27 -2.19 -52.49
N LYS C 384 -15.81 -2.85 -53.55
CA LYS C 384 -14.68 -2.38 -54.34
C LYS C 384 -15.04 -1.27 -55.31
N GLN C 385 -16.22 -0.69 -55.17
CA GLN C 385 -16.49 0.60 -55.77
C GLN C 385 -15.84 1.73 -54.99
N THR C 386 -15.44 1.46 -53.74
CA THR C 386 -14.98 2.46 -52.78
C THR C 386 -13.60 2.12 -52.26
N TYR C 387 -12.66 1.81 -53.16
CA TYR C 387 -11.35 1.36 -52.73
C TYR C 387 -10.26 2.41 -52.90
N MET C 388 -10.62 3.66 -53.17
CA MET C 388 -9.65 4.73 -53.39
C MET C 388 -9.35 5.53 -52.12
N GLU C 389 -9.79 5.04 -50.96
CA GLU C 389 -9.78 5.87 -49.75
C GLU C 389 -8.82 5.37 -48.68
N PHE C 390 -8.97 4.14 -48.20
CA PHE C 390 -8.10 3.64 -47.14
C PHE C 390 -6.69 3.34 -47.65
N PHE C 391 -6.50 3.37 -48.97
CA PHE C 391 -5.17 3.35 -49.54
C PHE C 391 -4.62 4.78 -49.62
N ASP C 392 -3.51 5.05 -48.95
CA ASP C 392 -2.79 6.27 -49.25
C ASP C 392 -1.31 6.08 -48.97
N GLU C 393 -0.52 7.02 -49.47
CA GLU C 393 0.91 6.99 -49.24
C GLU C 393 1.22 6.97 -47.75
N ASN C 394 0.31 7.47 -46.91
CA ASN C 394 0.57 7.45 -45.47
C ASN C 394 0.45 6.04 -44.92
N ILE C 395 -0.62 5.32 -45.30
CA ILE C 395 -0.69 3.88 -45.03
C ILE C 395 0.62 3.23 -45.43
N LEU C 396 1.02 3.44 -46.68
CA LEU C 396 2.19 2.76 -47.22
C LEU C 396 3.44 3.09 -46.43
N LYS C 397 3.65 4.36 -46.10
CA LYS C 397 4.91 4.80 -45.50
C LYS C 397 5.01 4.39 -44.04
N SER C 398 3.92 4.58 -43.29
CA SER C 398 3.89 4.04 -41.93
C SER C 398 4.23 2.57 -41.97
N PHE C 399 3.61 1.84 -42.90
CA PHE C 399 3.89 0.42 -42.98
C PHE C 399 5.31 0.16 -43.42
N GLU C 400 5.87 1.02 -44.26
CA GLU C 400 7.29 0.97 -44.56
C GLU C 400 8.08 0.87 -43.29
N PHE C 401 7.92 1.88 -42.44
CA PHE C 401 8.78 1.98 -41.26
C PHE C 401 8.55 0.79 -40.33
N VAL C 402 7.29 0.38 -40.15
CA VAL C 402 7.00 -0.66 -39.17
C VAL C 402 7.39 -2.04 -39.69
N TYR C 403 7.03 -2.34 -40.94
CA TYR C 403 7.49 -3.52 -41.66
C TYR C 403 9.00 -3.67 -41.60
N LYS C 404 9.73 -2.58 -41.82
CA LYS C 404 11.18 -2.66 -41.79
C LYS C 404 11.70 -2.83 -40.37
N LEU C 405 10.99 -2.27 -39.39
CA LEU C 405 11.39 -2.46 -38.00
C LEU C 405 11.18 -3.89 -37.54
N ALA C 406 10.14 -4.55 -38.05
CA ALA C 406 9.82 -5.91 -37.65
C ALA C 406 10.68 -6.93 -38.39
N LEU C 407 10.67 -6.89 -39.73
CA LEU C 407 11.49 -7.81 -40.52
C LEU C 407 12.95 -7.34 -40.49
N THR C 408 13.48 -7.27 -39.27
CA THR C 408 14.79 -6.65 -39.07
C THR C 408 15.91 -7.54 -39.58
N ILE C 409 16.24 -7.38 -40.85
CA ILE C 409 17.25 -8.22 -41.47
C ILE C 409 18.57 -8.17 -40.73
N SER C 410 18.80 -7.11 -39.95
CA SER C 410 20.06 -6.91 -39.25
C SER C 410 20.02 -7.27 -37.78
N TYR C 411 18.84 -7.28 -37.17
CA TYR C 411 18.67 -7.52 -35.75
C TYR C 411 17.80 -8.75 -35.55
N LYS C 412 17.51 -9.05 -34.28
CA LYS C 412 16.82 -10.29 -33.94
C LYS C 412 15.32 -10.05 -33.80
N PRO C 413 14.54 -10.33 -34.86
CA PRO C 413 13.11 -10.05 -34.80
C PRO C 413 12.40 -11.06 -33.92
N MET C 414 11.06 -11.02 -33.91
CA MET C 414 10.33 -12.04 -33.20
C MET C 414 9.21 -12.51 -34.13
N VAL C 415 8.77 -13.75 -33.93
CA VAL C 415 8.00 -14.36 -34.99
C VAL C 415 6.54 -13.94 -34.96
N ASN C 416 6.00 -13.51 -33.82
CA ASN C 416 4.66 -12.93 -33.87
C ASN C 416 4.65 -11.71 -34.78
N VAL C 417 5.64 -10.82 -34.62
CA VAL C 417 5.64 -9.64 -35.47
C VAL C 417 5.95 -10.02 -36.90
N ILE C 418 6.80 -11.02 -37.13
CA ILE C 418 7.09 -11.39 -38.50
C ILE C 418 5.86 -11.96 -39.19
N PHE C 419 5.19 -12.93 -38.55
CA PHE C 419 3.85 -13.35 -38.97
C PHE C 419 2.99 -12.17 -39.31
N SER C 420 2.85 -11.28 -38.36
CA SER C 420 1.84 -10.26 -38.49
C SER C 420 2.15 -9.32 -39.63
N ALA C 421 3.40 -8.90 -39.75
CA ALA C 421 3.80 -8.02 -40.84
C ALA C 421 3.57 -8.70 -42.19
N VAL C 422 3.97 -9.96 -42.30
CA VAL C 422 3.84 -10.61 -43.59
C VAL C 422 2.37 -10.84 -43.91
N GLU C 423 1.55 -11.06 -42.88
CA GLU C 423 0.12 -11.15 -43.06
C GLU C 423 -0.43 -9.83 -43.59
N VAL C 424 0.07 -8.73 -43.05
CA VAL C 424 -0.39 -7.44 -43.52
C VAL C 424 -0.02 -7.26 -44.98
N VAL C 425 1.20 -7.64 -45.33
CA VAL C 425 1.63 -7.65 -46.73
C VAL C 425 0.65 -8.46 -47.57
N ASN C 426 0.27 -9.62 -47.03
CA ASN C 426 -0.59 -10.54 -47.73
C ASN C 426 -1.93 -9.93 -48.05
N ILE C 427 -2.60 -9.40 -47.04
CA ILE C 427 -3.92 -8.82 -47.26
C ILE C 427 -3.80 -7.58 -48.13
N ILE C 428 -2.71 -6.83 -47.96
CA ILE C 428 -2.44 -5.70 -48.83
C ILE C 428 -2.48 -6.15 -50.28
N THR C 429 -1.76 -7.23 -50.59
CA THR C 429 -1.73 -7.73 -51.96
C THR C 429 -3.09 -8.24 -52.38
N SER C 430 -3.78 -8.92 -51.48
CA SER C 430 -5.12 -9.41 -51.78
C SER C 430 -5.97 -8.27 -52.30
N ILE C 431 -5.87 -7.10 -51.68
CA ILE C 431 -6.69 -5.99 -52.11
C ILE C 431 -6.06 -5.30 -53.31
N ILE C 432 -4.75 -5.43 -53.48
CA ILE C 432 -4.12 -4.92 -54.69
C ILE C 432 -4.72 -5.61 -55.90
N LEU C 433 -5.12 -6.87 -55.74
CA LEU C 433 -5.87 -7.56 -56.79
C LEU C 433 -7.35 -7.15 -56.76
N ASN C 434 -7.98 -7.26 -55.60
CA ASN C 434 -9.42 -7.11 -55.50
C ASN C 434 -9.89 -5.66 -55.59
N MET C 435 -9.00 -4.74 -55.94
CA MET C 435 -9.39 -3.37 -56.30
C MET C 435 -9.64 -3.34 -57.80
N ASP C 436 -10.81 -2.86 -58.19
CA ASP C 436 -11.21 -2.94 -59.59
C ASP C 436 -10.40 -1.98 -60.46
N ASN C 437 -10.47 -0.69 -60.15
CA ASN C 437 -9.66 0.31 -60.86
C ASN C 437 -8.24 0.21 -60.30
N SER C 438 -7.51 -0.79 -60.80
CA SER C 438 -6.30 -1.25 -60.14
C SER C 438 -5.06 -0.48 -60.57
N SER C 439 -5.04 0.04 -61.80
CA SER C 439 -3.84 0.69 -62.31
C SER C 439 -3.48 1.93 -61.50
N ASP C 440 -4.49 2.71 -61.12
CA ASP C 440 -4.22 3.95 -60.37
C ASP C 440 -3.53 3.65 -59.05
N LEU C 441 -4.11 2.76 -58.25
CA LEU C 441 -3.52 2.49 -56.94
C LEU C 441 -2.28 1.64 -57.03
N LYS C 442 -2.10 0.88 -58.11
CA LYS C 442 -0.83 0.22 -58.33
C LYS C 442 0.25 1.23 -58.70
N SER C 443 -0.12 2.34 -59.34
CA SER C 443 0.80 3.45 -59.48
C SER C 443 1.08 4.09 -58.14
N LEU C 444 0.04 4.21 -57.29
CA LEU C 444 0.21 4.84 -55.99
C LEU C 444 1.21 4.08 -55.12
N ILE C 445 0.98 2.78 -54.93
CA ILE C 445 1.96 1.96 -54.25
C ILE C 445 3.22 1.93 -55.11
N SER C 446 4.34 2.34 -54.54
CA SER C 446 5.57 2.44 -55.32
C SER C 446 6.15 1.07 -55.65
N GLY C 447 6.68 0.96 -56.87
CA GLY C 447 7.32 -0.28 -57.27
C GLY C 447 8.50 -0.61 -56.38
N SER C 448 9.32 0.39 -56.10
CA SER C 448 10.39 0.21 -55.13
C SER C 448 9.85 -0.12 -53.75
N TRP C 449 8.62 0.27 -53.45
CA TRP C 449 8.06 -0.07 -52.16
C TRP C 449 7.62 -1.53 -52.07
N TRP C 450 6.93 -2.07 -53.09
CA TRP C 450 6.78 -3.53 -53.09
C TRP C 450 8.14 -4.20 -53.07
N ARG C 451 9.13 -3.60 -53.72
CA ARG C 451 10.45 -4.20 -53.77
C ARG C 451 11.05 -4.29 -52.38
N ASP C 452 10.86 -3.26 -51.56
CA ASP C 452 11.35 -3.31 -50.19
C ASP C 452 10.49 -4.18 -49.31
N CYS C 453 9.26 -4.46 -49.73
CA CYS C 453 8.52 -5.55 -49.12
C CYS C 453 9.21 -6.88 -49.41
N ILE C 454 9.48 -7.14 -50.69
CA ILE C 454 9.81 -8.49 -51.12
C ILE C 454 11.27 -8.81 -50.96
N THR C 455 12.14 -7.82 -50.85
CA THR C 455 13.50 -8.11 -50.38
C THR C 455 13.46 -8.75 -49.00
N ARG C 456 12.67 -8.17 -48.10
CA ARG C 456 12.53 -8.74 -46.76
C ARG C 456 11.68 -9.99 -46.76
N LEU C 457 10.80 -10.17 -47.73
CA LEU C 457 9.97 -11.36 -47.73
C LEU C 457 10.67 -12.57 -48.35
N TYR C 458 11.46 -12.36 -49.40
CA TYR C 458 12.44 -13.36 -49.81
C TYR C 458 13.40 -13.67 -48.67
N ALA C 459 13.84 -12.63 -47.97
CA ALA C 459 14.65 -12.85 -46.78
C ALA C 459 13.96 -13.83 -45.84
N LEU C 460 12.68 -13.60 -45.57
CA LEU C 460 11.89 -14.53 -44.77
C LEU C 460 11.94 -15.96 -45.32
N LEU C 461 11.50 -16.12 -46.57
CA LEU C 461 11.39 -17.46 -47.14
C LEU C 461 12.71 -18.20 -47.06
N GLU C 462 13.82 -17.47 -47.18
CA GLU C 462 15.15 -18.04 -46.98
C GLU C 462 15.57 -18.10 -45.51
N LYS C 463 14.80 -17.54 -44.59
CA LYS C 463 15.00 -17.87 -43.19
C LYS C 463 14.31 -19.19 -42.90
N GLU C 464 14.81 -19.92 -41.90
CA GLU C 464 14.41 -21.31 -41.76
C GLU C 464 13.93 -21.57 -40.33
N ILE C 465 13.74 -22.84 -40.01
CA ILE C 465 12.92 -23.30 -38.90
C ILE C 465 13.68 -24.40 -38.18
N LYS C 466 14.14 -24.11 -36.96
CA LYS C 466 14.96 -25.07 -36.20
C LYS C 466 14.21 -25.45 -34.93
N SER C 467 13.32 -26.45 -35.07
CA SER C 467 12.39 -26.79 -34.00
C SER C 467 13.11 -27.08 -32.70
N GLY C 468 14.12 -27.94 -32.76
CA GLY C 468 14.80 -28.36 -31.55
C GLY C 468 15.26 -27.18 -30.71
N ASP C 469 15.54 -26.04 -31.34
CA ASP C 469 15.97 -24.86 -30.61
C ASP C 469 15.11 -23.63 -30.92
N VAL C 470 13.87 -23.86 -31.38
CA VAL C 470 12.94 -22.73 -31.68
C VAL C 470 12.66 -21.95 -30.40
N TYR C 471 12.72 -22.60 -29.24
CA TYR C 471 12.54 -21.84 -27.96
C TYR C 471 13.91 -21.61 -27.32
N ASN C 472 14.85 -21.06 -28.11
CA ASN C 472 16.22 -20.77 -27.62
C ASN C 472 16.86 -19.77 -28.59
N GLU C 473 17.66 -18.83 -28.07
CA GLU C 473 18.39 -17.89 -28.98
C GLU C 473 19.19 -18.73 -29.98
N ASN C 474 18.82 -18.70 -31.25
CA ASN C 474 19.49 -19.58 -32.26
C ASN C 474 20.44 -18.77 -33.16
N VAL C 475 20.41 -19.01 -34.47
CA VAL C 475 21.36 -18.34 -35.40
C VAL C 475 20.83 -16.97 -35.84
N ASP C 476 21.60 -16.22 -36.63
CA ASP C 476 21.22 -14.84 -37.05
C ASP C 476 19.93 -14.83 -37.88
N THR C 477 18.75 -14.75 -37.24
CA THR C 477 17.42 -14.64 -37.92
C THR C 477 17.15 -15.71 -39.00
N THR C 478 18.13 -16.54 -39.38
CA THR C 478 17.89 -17.63 -40.34
C THR C 478 17.22 -18.80 -39.61
N THR C 479 16.72 -18.54 -38.40
CA THR C 479 16.05 -19.60 -37.58
C THR C 479 14.81 -18.99 -36.92
N LEU C 480 13.73 -18.79 -37.68
CA LEU C 480 12.45 -18.30 -37.10
C LEU C 480 12.23 -19.03 -35.77
N HIS C 481 12.15 -18.30 -34.66
CA HIS C 481 12.10 -18.98 -33.35
C HIS C 481 10.84 -18.66 -32.53
N MET C 482 10.40 -17.40 -32.48
CA MET C 482 9.27 -17.01 -31.57
C MET C 482 9.66 -17.48 -30.17
N SER C 483 10.87 -17.12 -29.74
CA SER C 483 11.40 -17.61 -28.45
C SER C 483 10.42 -17.40 -27.29
N LYS C 484 10.24 -18.41 -26.45
CA LYS C 484 9.48 -18.34 -25.20
C LYS C 484 9.68 -17.01 -24.50
N TYR C 485 10.83 -16.38 -24.70
CA TYR C 485 11.07 -15.06 -24.13
C TYR C 485 10.10 -14.02 -24.68
N HIS C 486 9.47 -14.31 -25.82
CA HIS C 486 8.45 -13.44 -26.43
C HIS C 486 7.44 -14.34 -27.16
N ASP C 487 6.41 -14.74 -26.42
CA ASP C 487 5.68 -15.96 -26.78
C ASP C 487 4.22 -15.87 -26.30
N PHE C 488 3.34 -15.51 -27.21
CA PHE C 488 1.92 -15.69 -27.00
C PHE C 488 1.29 -15.99 -28.36
N PHE C 489 -0.02 -16.14 -28.41
CA PHE C 489 -0.67 -16.52 -29.66
C PHE C 489 -0.66 -15.40 -30.69
N GLY C 490 -1.38 -14.32 -30.41
CA GLY C 490 -1.87 -13.47 -31.46
C GLY C 490 -3.35 -13.68 -31.65
N LEU C 491 -3.93 -12.89 -32.54
CA LEU C 491 -5.37 -12.62 -32.44
C LEU C 491 -6.21 -13.34 -33.49
N ILE C 492 -5.83 -13.30 -34.77
CA ILE C 492 -6.61 -14.11 -35.70
C ILE C 492 -5.86 -15.42 -35.85
N ARG C 493 -5.02 -15.74 -34.87
CA ARG C 493 -4.16 -16.91 -35.01
C ARG C 493 -3.37 -17.15 -33.74
N ASN C 494 -3.12 -18.43 -33.47
CA ASN C 494 -2.56 -18.90 -32.21
C ASN C 494 -1.38 -19.81 -32.53
N ILE C 495 -0.20 -19.22 -32.60
CA ILE C 495 0.97 -19.92 -33.13
C ILE C 495 1.83 -20.48 -32.02
N GLY C 496 2.04 -19.72 -30.96
CA GLY C 496 2.86 -20.16 -29.87
C GLY C 496 2.12 -21.16 -29.00
N ASP C 497 2.67 -21.38 -27.81
CA ASP C 497 1.89 -22.05 -26.78
C ASP C 497 1.01 -21.07 -26.04
N ASN C 498 1.26 -19.77 -26.21
CA ASN C 498 0.67 -18.74 -25.39
C ASN C 498 0.92 -19.01 -23.92
N GLU C 499 2.04 -19.67 -23.63
CA GLU C 499 2.38 -19.89 -22.24
C GLU C 499 2.33 -18.59 -21.46
N LEU C 500 2.87 -17.52 -22.06
CA LEU C 500 2.85 -16.21 -21.42
C LEU C 500 1.44 -15.63 -21.32
N GLY C 501 0.46 -16.22 -22.00
CA GLY C 501 -0.92 -15.93 -21.67
C GLY C 501 -1.25 -16.37 -20.26
N GLY C 502 -0.70 -17.50 -19.82
CA GLY C 502 -0.82 -17.87 -18.43
C GLY C 502 -0.21 -16.82 -17.52
N LEU C 503 0.95 -16.32 -17.90
CA LEU C 503 1.45 -15.26 -17.05
C LEU C 503 0.66 -13.96 -17.24
N ILE C 504 -0.20 -13.86 -18.26
CA ILE C 504 -1.24 -12.84 -18.22
C ILE C 504 -2.29 -13.20 -17.19
N SER C 505 -2.50 -14.50 -16.96
CA SER C 505 -3.17 -14.93 -15.73
C SER C 505 -2.32 -14.68 -14.50
N LYS C 506 -1.17 -14.02 -14.68
CA LYS C 506 -0.57 -13.20 -13.61
C LYS C 506 -0.05 -11.89 -14.18
N LEU C 507 -0.86 -11.22 -15.02
CA LEU C 507 -0.42 -9.98 -15.66
C LEU C 507 -0.56 -8.76 -14.75
N ILE C 508 -1.65 -8.70 -13.99
CA ILE C 508 -1.82 -7.67 -12.99
C ILE C 508 -1.96 -8.36 -11.65
N TYR C 509 -1.95 -7.56 -10.58
CA TYR C 509 -2.14 -8.13 -9.25
C TYR C 509 -3.43 -8.91 -9.15
N THR C 510 -4.47 -8.48 -9.87
CA THR C 510 -5.81 -9.06 -9.83
C THR C 510 -6.40 -8.98 -8.43
N ASP C 511 -5.68 -8.36 -7.50
CA ASP C 511 -6.18 -8.05 -6.18
C ASP C 511 -5.79 -6.64 -5.76
N ARG C 512 -5.27 -5.84 -6.67
CA ARG C 512 -4.69 -4.55 -6.33
C ARG C 512 -4.84 -3.60 -7.50
N LEU C 513 -5.07 -2.33 -7.16
CA LEU C 513 -4.95 -1.25 -8.13
C LEU C 513 -3.46 -1.02 -8.36
N GLN C 514 -2.90 -1.86 -9.23
CA GLN C 514 -1.50 -1.70 -9.61
C GLN C 514 -1.30 -0.41 -10.40
N SER C 515 -0.21 0.28 -10.10
CA SER C 515 0.23 1.39 -10.94
C SER C 515 1.08 0.88 -12.10
N VAL C 516 2.11 0.10 -11.80
CA VAL C 516 2.80 -0.70 -12.80
C VAL C 516 2.37 -2.15 -12.60
N PRO C 517 2.32 -2.95 -13.65
CA PRO C 517 1.59 -4.23 -13.56
C PRO C 517 2.39 -5.40 -13.04
N ARG C 518 1.74 -6.55 -12.93
CA ARG C 518 2.38 -7.76 -12.46
C ARG C 518 3.27 -8.34 -13.55
N VAL C 519 4.43 -8.86 -13.13
CA VAL C 519 5.41 -9.34 -14.09
C VAL C 519 4.80 -10.40 -14.99
N ILE C 520 5.42 -10.60 -16.15
CA ILE C 520 4.99 -11.68 -17.04
C ILE C 520 6.22 -12.56 -17.19
N SER C 521 7.42 -11.98 -17.08
CA SER C 521 8.70 -12.74 -17.13
C SER C 521 9.11 -13.48 -18.41
N LYS C 522 10.31 -13.20 -18.89
CA LYS C 522 10.79 -13.87 -20.10
C LYS C 522 11.43 -15.21 -19.74
N GLU C 523 11.94 -15.31 -18.53
CA GLU C 523 12.62 -16.52 -18.07
C GLU C 523 11.63 -17.58 -17.62
N ASP C 524 10.67 -17.19 -16.78
CA ASP C 524 9.66 -18.14 -16.30
C ASP C 524 8.89 -18.72 -17.47
N ILE C 525 8.52 -17.88 -18.43
CA ILE C 525 7.84 -18.39 -19.63
C ILE C 525 8.80 -19.30 -20.37
N GLY C 526 8.47 -20.59 -20.44
CA GLY C 526 9.34 -21.54 -21.09
C GLY C 526 10.65 -21.74 -20.33
N PHE C 532 10.70 -31.90 -23.48
CA PHE C 532 10.48 -32.99 -22.54
C PHE C 532 9.07 -32.94 -21.98
N THR C 533 8.30 -31.96 -22.42
CA THR C 533 6.95 -31.74 -21.91
C THR C 533 5.88 -32.01 -22.96
N ALA C 534 5.91 -31.32 -24.09
CA ALA C 534 4.99 -31.57 -25.18
C ALA C 534 5.51 -30.91 -26.44
N PRO C 535 6.56 -31.42 -27.08
CA PRO C 535 7.06 -30.79 -28.30
C PRO C 535 5.98 -30.63 -29.38
N ILE C 536 4.79 -31.16 -29.12
CA ILE C 536 3.61 -30.76 -29.88
C ILE C 536 3.51 -29.25 -29.90
N ILE C 537 4.03 -28.58 -28.88
CA ILE C 537 4.14 -27.12 -28.89
C ILE C 537 4.88 -26.68 -30.15
N GLY C 538 6.13 -27.14 -30.28
CA GLY C 538 6.92 -26.79 -31.44
C GLY C 538 6.26 -27.25 -32.73
N TYR C 539 5.57 -28.39 -32.70
CA TYR C 539 4.99 -28.94 -33.91
C TYR C 539 3.83 -28.10 -34.41
N LYS C 540 2.94 -27.69 -33.52
CA LYS C 540 1.85 -26.84 -33.97
C LYS C 540 2.35 -25.48 -34.41
N MET C 541 3.33 -24.93 -33.68
CA MET C 541 3.90 -23.64 -34.10
C MET C 541 4.57 -23.74 -35.45
N GLU C 542 5.24 -24.86 -35.72
CA GLU C 542 5.83 -25.09 -37.03
C GLU C 542 4.77 -25.36 -38.07
N LYS C 543 3.65 -25.96 -37.69
CA LYS C 543 2.57 -26.12 -38.66
C LYS C 543 2.07 -24.75 -39.06
N TRP C 544 2.05 -23.82 -38.12
CA TRP C 544 1.93 -22.42 -38.49
C TRP C 544 3.01 -21.96 -39.45
N LEU C 545 4.26 -21.87 -39.02
CA LEU C 545 5.31 -21.34 -39.88
C LEU C 545 5.20 -21.93 -41.28
N LEU C 546 4.83 -23.20 -41.37
CA LEU C 546 4.48 -23.84 -42.64
C LEU C 546 3.33 -23.11 -43.33
N LYS C 547 2.24 -22.86 -42.60
CA LYS C 547 1.12 -22.15 -43.20
C LYS C 547 1.48 -20.71 -43.49
N LEU C 548 2.39 -20.15 -42.71
CA LEU C 548 2.99 -18.85 -42.99
C LEU C 548 3.64 -18.85 -44.35
N LYS C 549 4.45 -19.87 -44.63
CA LYS C 549 5.08 -19.90 -45.93
C LYS C 549 4.10 -20.30 -47.01
N ASP C 550 2.98 -20.91 -46.66
CA ASP C 550 1.87 -20.96 -47.61
C ASP C 550 1.35 -19.56 -47.91
N GLU C 551 1.16 -18.76 -46.87
CA GLU C 551 0.77 -17.37 -47.07
C GLU C 551 1.78 -16.68 -47.97
N VAL C 552 3.06 -16.84 -47.66
CA VAL C 552 4.13 -16.18 -48.40
C VAL C 552 4.12 -16.61 -49.85
N LEU C 553 4.02 -17.91 -50.10
CA LEU C 553 4.00 -18.38 -51.47
C LEU C 553 2.76 -17.87 -52.18
N ASN C 554 1.61 -17.89 -51.51
CA ASN C 554 0.38 -17.47 -52.17
C ASN C 554 0.35 -15.97 -52.41
N ILE C 555 1.10 -15.20 -51.63
CA ILE C 555 1.05 -13.76 -51.85
C ILE C 555 2.17 -13.33 -52.77
N PHE C 556 3.29 -14.03 -52.77
CA PHE C 556 4.18 -13.96 -53.91
C PHE C 556 3.40 -14.25 -55.18
N GLU C 557 2.55 -15.28 -55.12
CA GLU C 557 1.67 -15.62 -56.21
C GLU C 557 0.69 -14.50 -56.50
N ASN C 558 0.18 -13.87 -55.45
CA ASN C 558 -0.74 -12.77 -55.64
C ASN C 558 -0.05 -11.59 -56.30
N LEU C 559 1.22 -11.38 -55.99
CA LEU C 559 2.03 -10.39 -56.70
C LEU C 559 2.11 -10.75 -58.17
N LEU C 560 2.47 -12.00 -58.43
CA LEU C 560 2.40 -12.58 -59.76
C LEU C 560 1.12 -12.18 -60.48
N MET C 561 -0.01 -12.18 -59.77
CA MET C 561 -1.21 -11.68 -60.44
C MET C 561 -1.31 -10.16 -60.47
N ILE C 562 -0.81 -9.43 -59.46
CA ILE C 562 -1.06 -7.99 -59.45
C ILE C 562 -0.45 -7.37 -60.69
N TYR C 563 0.63 -7.95 -61.19
CA TYR C 563 1.16 -7.57 -62.49
C TYR C 563 1.11 -8.72 -63.50
N GLY C 564 0.44 -8.46 -64.62
CA GLY C 564 0.52 -9.31 -65.79
C GLY C 564 1.62 -8.80 -66.70
N ASP C 565 1.68 -7.48 -66.84
CA ASP C 565 2.90 -6.78 -67.24
C ASP C 565 3.44 -6.11 -65.98
N ASP C 566 4.73 -6.29 -65.71
CA ASP C 566 5.24 -6.21 -64.36
C ASP C 566 6.37 -5.21 -64.21
N ALA C 567 7.01 -5.22 -63.04
CA ALA C 567 8.03 -4.26 -62.70
C ALA C 567 9.05 -4.92 -61.77
N THR C 568 9.86 -4.08 -61.12
CA THR C 568 11.11 -4.52 -60.50
C THR C 568 10.93 -5.58 -59.44
N ILE C 569 9.73 -5.72 -58.89
CA ILE C 569 9.52 -6.69 -57.83
C ILE C 569 9.61 -8.11 -58.38
N VAL C 570 8.97 -8.36 -59.52
CA VAL C 570 9.16 -9.60 -60.26
C VAL C 570 9.94 -9.32 -61.54
N ASN C 571 11.23 -9.64 -61.53
CA ASN C 571 12.13 -9.42 -62.65
C ASN C 571 12.87 -10.70 -62.98
N GLY C 572 12.16 -11.81 -62.91
CA GLY C 572 12.79 -13.09 -62.83
C GLY C 572 13.19 -13.49 -61.44
N GLU C 573 13.17 -12.53 -60.51
CA GLU C 573 13.45 -12.83 -59.11
C GLU C 573 12.35 -13.66 -58.48
N MET C 574 11.11 -13.51 -58.94
CA MET C 574 10.05 -14.39 -58.49
C MET C 574 10.07 -15.73 -59.20
N LEU C 575 11.05 -15.95 -60.06
CA LEU C 575 11.43 -17.31 -60.35
C LEU C 575 12.62 -17.74 -59.53
N ILE C 576 13.62 -16.86 -59.40
CA ILE C 576 14.83 -17.20 -58.65
C ILE C 576 14.45 -17.65 -57.25
N HIS C 577 13.90 -16.73 -56.46
CA HIS C 577 13.63 -17.00 -55.06
C HIS C 577 12.50 -18.01 -54.89
N SER C 578 11.46 -17.90 -55.73
CA SER C 578 10.33 -18.82 -55.62
C SER C 578 10.75 -20.25 -55.87
N SER C 579 11.35 -20.53 -57.03
CA SER C 579 11.84 -21.85 -57.30
C SER C 579 12.95 -22.25 -56.34
N LYS C 580 13.72 -21.30 -55.82
CA LYS C 580 14.70 -21.64 -54.79
C LYS C 580 14.01 -22.22 -53.57
N PHE C 581 12.90 -21.61 -53.15
CA PHE C 581 12.11 -22.21 -52.07
C PHE C 581 11.53 -23.55 -52.50
N LEU C 582 11.00 -23.62 -53.72
CA LEU C 582 10.36 -24.84 -54.18
C LEU C 582 11.33 -26.00 -54.14
N SER C 583 12.54 -25.78 -54.64
CA SER C 583 13.54 -26.83 -54.63
C SER C 583 14.14 -27.04 -53.25
N ARG C 584 14.25 -25.99 -52.43
CA ARG C 584 14.71 -26.21 -51.08
C ARG C 584 13.72 -27.09 -50.33
N GLU C 585 12.43 -26.95 -50.62
CA GLU C 585 11.45 -27.78 -49.93
C GLU C 585 11.38 -29.17 -50.54
N GLN C 586 11.60 -29.33 -51.84
CA GLN C 586 11.78 -30.67 -52.37
C GLN C 586 12.94 -31.36 -51.68
N ALA C 587 14.08 -30.68 -51.60
CA ALA C 587 15.26 -31.28 -51.03
C ALA C 587 15.07 -31.57 -49.55
N LEU C 588 14.43 -30.67 -48.80
CA LEU C 588 14.23 -30.93 -47.39
C LEU C 588 13.18 -32.02 -47.15
N MET C 589 12.04 -31.97 -47.87
CA MET C 589 11.04 -33.01 -47.70
C MET C 589 11.62 -34.38 -47.97
N ILE C 590 12.42 -34.51 -49.04
CA ILE C 590 13.07 -35.77 -49.34
C ILE C 590 14.11 -36.11 -48.30
N GLU C 591 15.15 -35.29 -48.20
CA GLU C 591 16.30 -35.66 -47.41
C GLU C 591 15.92 -35.93 -45.96
N ARG C 592 14.97 -35.18 -45.41
CA ARG C 592 14.55 -35.47 -44.04
C ARG C 592 13.06 -35.72 -43.86
N TYR C 593 12.21 -34.83 -44.38
CA TYR C 593 10.90 -34.63 -43.77
C TYR C 593 10.01 -35.85 -43.95
N VAL C 594 10.06 -36.48 -45.12
CA VAL C 594 9.50 -37.81 -45.24
C VAL C 594 10.49 -38.77 -44.60
N GLY C 595 10.02 -39.59 -43.67
CA GLY C 595 10.90 -40.27 -42.74
C GLY C 595 11.00 -39.50 -41.43
N GLN C 596 11.18 -38.18 -41.52
CA GLN C 596 10.83 -37.32 -40.40
C GLN C 596 9.34 -37.36 -40.12
N ASP C 597 8.54 -37.72 -41.14
CA ASP C 597 7.17 -38.24 -41.05
C ASP C 597 6.36 -37.66 -39.89
N SER C 598 6.15 -36.35 -39.93
CA SER C 598 5.62 -35.53 -38.84
C SER C 598 4.34 -34.82 -39.28
N PRO C 599 3.69 -34.02 -38.42
CA PRO C 599 2.45 -33.35 -38.86
C PRO C 599 2.63 -32.48 -40.09
N ASN C 600 3.83 -31.94 -40.28
CA ASN C 600 4.08 -30.98 -41.35
C ASN C 600 3.87 -31.56 -42.74
N LEU C 601 4.20 -32.85 -42.91
CA LEU C 601 4.39 -33.45 -44.23
C LEU C 601 3.36 -33.02 -45.26
N ASP C 602 2.09 -33.35 -45.02
CA ASP C 602 1.11 -33.21 -46.09
C ASP C 602 0.82 -31.75 -46.37
N LEU C 603 0.69 -30.93 -45.33
CA LEU C 603 0.47 -29.52 -45.56
C LEU C 603 1.61 -28.94 -46.38
N ARG C 604 2.85 -29.24 -45.98
CA ARG C 604 4.00 -28.74 -46.72
C ARG C 604 4.00 -29.23 -48.17
N CYS C 605 3.68 -30.49 -48.39
CA CYS C 605 3.81 -31.01 -49.75
C CYS C 605 2.72 -30.45 -50.65
N HIS C 606 1.49 -30.31 -50.14
CA HIS C 606 0.43 -29.66 -50.89
C HIS C 606 0.85 -28.24 -51.26
N LEU C 607 1.38 -27.50 -50.29
CA LEU C 607 1.67 -26.09 -50.55
C LEU C 607 2.91 -25.90 -51.41
N ILE C 608 3.88 -26.81 -51.35
CA ILE C 608 5.04 -26.63 -52.22
C ILE C 608 4.77 -27.18 -53.62
N GLU C 609 3.91 -28.19 -53.77
CA GLU C 609 3.43 -28.47 -55.11
C GLU C 609 2.63 -27.29 -55.65
N HIS C 610 1.95 -26.55 -54.77
CA HIS C 610 1.29 -25.34 -55.23
C HIS C 610 2.30 -24.27 -55.63
N THR C 611 3.40 -24.13 -54.89
CA THR C 611 4.41 -23.18 -55.33
C THR C 611 5.05 -23.64 -56.63
N LEU C 612 5.11 -24.96 -56.85
CA LEU C 612 5.41 -25.47 -58.18
C LEU C 612 4.44 -24.91 -59.20
N THR C 613 3.16 -24.93 -58.89
CA THR C 613 2.17 -24.40 -59.83
C THR C 613 2.37 -22.91 -60.04
N ILE C 614 2.82 -22.21 -59.00
CA ILE C 614 3.16 -20.80 -59.14
C ILE C 614 4.29 -20.64 -60.14
N ILE C 615 5.34 -21.46 -59.99
CA ILE C 615 6.43 -21.49 -60.95
C ILE C 615 5.88 -21.74 -62.36
N TYR C 616 4.92 -22.65 -62.46
CA TYR C 616 4.34 -23.01 -63.74
C TYR C 616 3.69 -21.80 -64.41
N ARG C 617 2.79 -21.12 -63.71
CA ARG C 617 2.06 -20.06 -64.38
C ARG C 617 2.96 -18.87 -64.64
N LEU C 618 3.93 -18.64 -63.76
CA LEU C 618 4.96 -17.65 -64.06
C LEU C 618 5.68 -17.98 -65.35
N TRP C 619 6.18 -19.21 -65.47
CA TRP C 619 6.96 -19.65 -66.61
C TRP C 619 6.15 -19.80 -67.89
N LYS C 620 4.82 -19.76 -67.80
CA LYS C 620 3.99 -19.81 -69.00
C LYS C 620 3.50 -18.42 -69.41
N ASP C 621 2.75 -17.75 -68.53
CA ASP C 621 2.21 -16.43 -68.86
C ASP C 621 3.24 -15.33 -68.61
N HIS C 622 3.81 -15.29 -67.42
CA HIS C 622 4.88 -14.33 -67.12
C HIS C 622 6.20 -14.76 -67.73
N PHE C 623 6.16 -15.70 -68.67
CA PHE C 623 7.32 -16.07 -69.47
C PHE C 623 7.87 -14.90 -70.26
N LYS C 624 7.09 -13.82 -70.40
CA LYS C 624 7.54 -12.66 -71.15
C LYS C 624 8.75 -11.99 -70.49
N GLN C 625 8.75 -11.89 -69.16
CA GLN C 625 9.77 -11.10 -68.48
C GLN C 625 11.12 -11.82 -68.43
N LEU C 626 11.12 -13.06 -67.96
CA LEU C 626 12.35 -13.78 -67.65
C LEU C 626 13.37 -13.68 -68.77
N ARG C 627 14.51 -13.06 -68.46
CA ARG C 627 15.59 -12.86 -69.41
C ARG C 627 16.75 -13.79 -69.12
N GLU C 628 17.74 -13.75 -70.01
CA GLU C 628 18.82 -14.73 -69.98
C GLU C 628 19.61 -14.66 -68.67
N GLU C 629 19.87 -13.46 -68.17
CA GLU C 629 20.76 -13.33 -67.02
C GLU C 629 20.21 -14.08 -65.82
N GLN C 630 18.91 -14.00 -65.59
CA GLN C 630 18.33 -14.64 -64.41
C GLN C 630 17.88 -16.07 -64.69
N ILE C 631 17.47 -16.40 -65.93
CA ILE C 631 17.26 -17.81 -66.24
C ILE C 631 18.58 -18.56 -66.26
N LYS C 632 19.71 -17.85 -66.28
CA LYS C 632 21.02 -18.45 -66.13
C LYS C 632 21.47 -18.45 -64.68
N GLN C 633 21.15 -17.40 -63.92
CA GLN C 633 21.35 -17.43 -62.48
C GLN C 633 20.65 -18.63 -61.87
N VAL C 634 19.49 -19.06 -62.41
CA VAL C 634 18.74 -20.19 -61.73
C VAL C 634 18.29 -21.30 -62.69
N GLU C 635 18.87 -21.38 -63.90
CA GLU C 635 18.58 -22.53 -64.80
C GLU C 635 18.58 -23.76 -63.90
N SER C 636 19.65 -23.96 -63.16
CA SER C 636 19.76 -25.04 -62.14
C SER C 636 18.41 -25.37 -61.51
N GLN C 637 18.08 -24.63 -60.45
CA GLN C 637 16.82 -24.83 -59.71
C GLN C 637 15.72 -25.18 -60.70
N LEU C 638 15.40 -24.25 -61.60
CA LEU C 638 14.23 -24.51 -62.50
C LEU C 638 14.26 -25.95 -63.03
N ILE C 639 15.20 -26.20 -63.95
CA ILE C 639 15.24 -27.52 -64.64
C ILE C 639 15.17 -28.67 -63.65
N MET C 640 16.04 -28.69 -62.64
CA MET C 640 16.05 -29.95 -61.85
C MET C 640 14.86 -30.10 -60.89
N SER C 641 14.23 -29.02 -60.43
CA SER C 641 13.01 -29.17 -59.61
C SER C 641 11.95 -29.78 -60.53
N LEU C 642 11.84 -29.23 -61.74
CA LEU C 642 10.87 -29.86 -62.68
C LEU C 642 11.22 -31.33 -62.85
N TRP C 643 12.50 -31.68 -63.03
CA TRP C 643 12.94 -33.09 -63.26
C TRP C 643 12.55 -33.99 -62.10
N ARG C 644 12.80 -33.53 -60.88
CA ARG C 644 12.45 -34.29 -59.66
C ARG C 644 10.97 -34.57 -59.71
N PHE C 645 10.14 -33.54 -59.87
CA PHE C 645 8.69 -33.89 -59.83
C PHE C 645 8.41 -34.88 -60.97
N LEU C 646 8.97 -34.65 -62.16
CA LEU C 646 8.76 -35.51 -63.36
C LEU C 646 9.06 -37.00 -63.10
N VAL C 647 10.13 -37.38 -62.39
CA VAL C 647 10.42 -38.86 -62.31
C VAL C 647 9.36 -39.66 -61.54
N CYS C 648 8.08 -39.68 -61.94
CA CYS C 648 6.99 -40.26 -61.17
C CYS C 648 5.81 -40.85 -61.98
N GLN C 649 5.40 -40.24 -63.09
CA GLN C 649 4.03 -40.42 -63.59
C GLN C 649 3.67 -41.89 -63.79
N THR C 650 4.55 -42.66 -64.42
CA THR C 650 4.20 -44.03 -64.77
C THR C 650 3.84 -44.84 -63.54
N GLU C 651 4.65 -44.72 -62.48
CA GLU C 651 4.31 -45.24 -61.16
C GLU C 651 3.87 -46.70 -61.22
N THR C 652 4.81 -47.55 -61.63
CA THR C 652 4.57 -48.98 -61.73
C THR C 652 4.54 -49.67 -60.37
N VAL C 653 4.61 -48.90 -59.29
CA VAL C 653 4.76 -49.46 -57.95
C VAL C 653 3.43 -50.04 -57.47
N THR C 654 2.44 -49.18 -57.25
CA THR C 654 1.12 -49.62 -56.84
C THR C 654 0.04 -49.24 -57.84
N ALA C 655 -0.08 -47.95 -58.17
CA ALA C 655 -1.22 -47.40 -58.91
C ALA C 655 -2.55 -47.74 -58.22
N ASN C 656 -2.48 -48.11 -56.96
CA ASN C 656 -3.65 -48.58 -56.22
C ASN C 656 -3.35 -48.48 -54.72
N GLU C 657 -4.18 -49.14 -53.91
CA GLU C 657 -4.18 -49.00 -52.47
C GLU C 657 -3.58 -50.21 -51.76
N ARG C 658 -2.66 -50.92 -52.40
CA ARG C 658 -2.12 -52.12 -51.77
C ARG C 658 -1.23 -51.78 -50.59
N GLU C 659 -0.08 -51.14 -50.86
CA GLU C 659 0.86 -50.78 -49.83
C GLU C 659 1.34 -49.34 -49.96
N MET C 660 0.97 -48.64 -51.03
CA MET C 660 1.08 -47.19 -50.93
C MET C 660 0.25 -46.70 -49.77
N ARG C 661 -0.71 -47.52 -49.31
CA ARG C 661 -1.34 -47.30 -48.01
C ARG C 661 -0.41 -47.62 -46.84
N ASP C 662 0.50 -48.61 -46.98
CA ASP C 662 1.61 -48.64 -46.03
C ASP C 662 2.33 -47.33 -45.94
N HIS C 663 2.52 -46.69 -47.07
CA HIS C 663 3.17 -45.38 -47.04
C HIS C 663 2.29 -44.35 -46.37
N ARG C 664 1.00 -44.37 -46.72
CA ARG C 664 0.00 -43.58 -46.01
C ARG C 664 0.04 -43.82 -44.51
N HIS C 665 0.63 -44.93 -44.08
CA HIS C 665 0.80 -45.20 -42.65
C HIS C 665 2.16 -44.75 -42.12
N LEU C 666 3.21 -44.89 -42.93
CA LEU C 666 4.55 -44.53 -42.46
C LEU C 666 4.76 -43.02 -42.38
N VAL C 667 4.06 -42.24 -43.20
CA VAL C 667 4.16 -40.79 -43.15
C VAL C 667 2.78 -40.15 -42.91
N ASP C 668 1.83 -40.46 -43.75
CA ASP C 668 0.48 -39.94 -43.68
C ASP C 668 -0.25 -40.48 -42.51
N SER C 669 0.43 -41.14 -41.57
CA SER C 669 -0.24 -41.58 -40.35
C SER C 669 -0.96 -40.44 -39.67
N LEU C 670 -0.43 -39.22 -39.78
CA LEU C 670 -1.11 -38.07 -39.23
C LEU C 670 -2.47 -37.86 -39.91
N HIS C 671 -2.48 -37.88 -41.24
CA HIS C 671 -3.76 -37.77 -41.93
C HIS C 671 -4.62 -39.03 -41.80
N ASP C 672 -4.04 -40.15 -41.39
CA ASP C 672 -4.86 -41.30 -41.02
C ASP C 672 -5.58 -41.03 -39.72
N LEU C 673 -4.87 -40.46 -38.75
CA LEU C 673 -5.55 -39.98 -37.56
C LEU C 673 -6.62 -38.99 -37.94
N THR C 674 -6.39 -38.22 -39.01
CA THR C 674 -7.41 -37.26 -39.43
C THR C 674 -8.60 -37.93 -40.13
N ILE C 675 -8.38 -38.97 -40.93
CA ILE C 675 -9.55 -39.68 -41.49
C ILE C 675 -10.36 -40.32 -40.37
N LYS C 676 -9.67 -40.96 -39.41
CA LYS C 676 -10.34 -41.49 -38.23
C LYS C 676 -11.13 -40.42 -37.51
N ASP C 677 -10.50 -39.27 -37.25
CA ASP C 677 -11.14 -38.22 -36.49
C ASP C 677 -12.29 -37.59 -37.25
N GLN C 678 -12.18 -37.43 -38.56
CA GLN C 678 -13.28 -36.83 -39.31
C GLN C 678 -14.45 -37.78 -39.44
N ALA C 679 -14.19 -39.08 -39.42
CA ALA C 679 -15.29 -40.02 -39.53
C ALA C 679 -15.93 -40.35 -38.20
N SER C 680 -15.17 -40.22 -37.11
CA SER C 680 -15.66 -40.59 -35.78
C SER C 680 -16.03 -39.40 -34.93
N TYR C 681 -15.53 -38.21 -35.25
CA TYR C 681 -15.70 -37.02 -34.44
C TYR C 681 -16.15 -35.82 -35.22
N TYR C 682 -15.84 -35.74 -36.52
CA TYR C 682 -15.81 -34.47 -37.21
C TYR C 682 -16.42 -34.59 -38.60
N GLU C 683 -17.55 -35.27 -38.69
CA GLU C 683 -18.51 -35.04 -39.77
C GLU C 683 -19.84 -35.69 -39.47
N ASP C 684 -20.92 -34.89 -39.52
CA ASP C 684 -22.25 -35.39 -39.17
C ASP C 684 -22.64 -36.58 -40.04
N ALA C 685 -22.13 -36.63 -41.27
CA ALA C 685 -22.50 -37.67 -42.21
C ALA C 685 -21.41 -38.72 -42.43
N PHE C 686 -20.14 -38.40 -42.18
CA PHE C 686 -19.11 -39.42 -42.39
C PHE C 686 -18.98 -40.37 -41.22
N GLU C 687 -20.10 -40.85 -40.72
CA GLU C 687 -20.16 -42.10 -39.98
C GLU C 687 -21.11 -42.99 -40.75
N ASP C 688 -20.83 -44.30 -40.74
CA ASP C 688 -21.60 -45.25 -41.53
C ASP C 688 -21.51 -44.88 -43.02
N LEU C 689 -20.28 -45.02 -43.52
CA LEU C 689 -19.95 -44.57 -44.88
C LEU C 689 -20.87 -45.24 -45.90
N PRO C 690 -21.30 -44.51 -46.93
CA PRO C 690 -22.31 -45.05 -47.85
C PRO C 690 -21.75 -45.82 -49.05
N GLU C 691 -20.51 -46.28 -48.94
CA GLU C 691 -19.91 -47.25 -49.87
C GLU C 691 -19.51 -46.65 -51.22
N TYR C 692 -19.92 -45.43 -51.52
CA TYR C 692 -19.40 -44.76 -52.70
C TYR C 692 -18.26 -43.82 -52.37
N ILE C 693 -17.86 -43.75 -51.11
CA ILE C 693 -16.83 -42.80 -50.69
C ILE C 693 -15.53 -43.48 -50.31
N GLU C 694 -15.57 -44.68 -49.70
CA GLU C 694 -14.32 -45.36 -49.36
C GLU C 694 -13.64 -45.96 -50.58
N GLU C 695 -14.42 -46.38 -51.59
CA GLU C 695 -13.84 -46.73 -52.88
C GLU C 695 -12.94 -45.60 -53.38
N GLU C 696 -13.39 -44.36 -53.19
CA GLU C 696 -12.58 -43.19 -53.51
C GLU C 696 -11.47 -42.95 -52.50
N LEU C 697 -11.73 -43.23 -51.21
CA LEU C 697 -10.74 -42.96 -50.16
C LEU C 697 -9.47 -43.75 -50.41
N LYS C 698 -9.63 -45.04 -50.73
CA LYS C 698 -8.50 -45.95 -50.85
C LYS C 698 -7.44 -45.42 -51.81
N MET C 699 -7.86 -44.70 -52.86
CA MET C 699 -6.92 -44.14 -53.81
C MET C 699 -6.62 -42.66 -53.54
N GLN C 700 -7.61 -41.90 -53.05
CA GLN C 700 -7.40 -40.46 -52.88
C GLN C 700 -6.44 -40.17 -51.74
N LEU C 701 -6.68 -40.74 -50.55
CA LEU C 701 -5.74 -40.55 -49.47
C LEU C 701 -4.39 -41.17 -49.82
N ASN C 702 -4.43 -42.15 -50.72
CA ASN C 702 -3.20 -42.82 -51.13
C ASN C 702 -2.35 -41.89 -51.99
N LYS C 703 -2.95 -41.19 -52.94
CA LYS C 703 -2.17 -40.22 -53.69
C LYS C 703 -1.85 -38.99 -52.86
N ARG C 704 -2.62 -38.73 -51.79
CA ARG C 704 -2.21 -37.75 -50.80
C ARG C 704 -0.86 -38.12 -50.19
N THR C 705 -0.74 -39.35 -49.70
CA THR C 705 0.54 -39.75 -49.12
C THR C 705 1.60 -39.93 -50.19
N GLY C 706 1.20 -40.15 -51.44
CA GLY C 706 2.17 -40.18 -52.51
C GLY C 706 2.78 -38.82 -52.76
N ARG C 707 1.93 -37.80 -52.82
CA ARG C 707 2.41 -36.41 -52.84
C ARG C 707 3.26 -36.09 -51.63
N ILE C 708 2.98 -36.74 -50.50
CA ILE C 708 3.90 -36.66 -49.36
C ILE C 708 5.25 -37.24 -49.73
N MET C 709 5.26 -38.41 -50.37
CA MET C 709 6.46 -39.23 -50.57
C MET C 709 6.97 -39.11 -52.00
N GLN C 710 6.85 -37.91 -52.55
CA GLN C 710 7.55 -37.46 -53.74
C GLN C 710 6.99 -38.05 -55.01
N VAL C 711 5.96 -38.89 -54.97
CA VAL C 711 5.49 -39.56 -56.17
C VAL C 711 3.99 -39.31 -56.33
N LYS C 712 3.44 -39.83 -57.43
CA LYS C 712 2.00 -39.90 -57.66
C LYS C 712 1.30 -38.57 -57.36
N TYR C 713 1.95 -37.46 -57.67
CA TYR C 713 1.26 -36.17 -57.64
C TYR C 713 0.17 -36.18 -58.71
N ASP C 714 -0.94 -35.50 -58.42
CA ASP C 714 -2.07 -35.48 -59.34
C ASP C 714 -1.59 -35.21 -60.76
N GLU C 715 -2.18 -35.96 -61.72
CA GLU C 715 -1.83 -35.78 -63.13
C GLU C 715 -1.76 -34.31 -63.49
N LYS C 716 -2.65 -33.51 -62.90
CA LYS C 716 -2.54 -32.06 -62.92
C LYS C 716 -1.11 -31.65 -62.56
N PHE C 717 -0.68 -32.04 -61.36
CA PHE C 717 0.62 -31.62 -60.85
C PHE C 717 1.75 -32.10 -61.74
N GLN C 718 1.69 -33.38 -62.12
CA GLN C 718 2.78 -33.98 -62.86
C GLN C 718 2.94 -33.34 -64.23
N GLU C 719 1.84 -33.10 -64.94
CA GLU C 719 2.02 -32.46 -66.23
C GLU C 719 2.29 -30.97 -66.10
N MET C 720 1.86 -30.32 -65.02
CA MET C 720 2.37 -29.00 -64.72
C MET C 720 3.88 -29.01 -64.69
N ALA C 721 4.45 -29.91 -63.89
CA ALA C 721 5.90 -29.97 -63.74
C ALA C 721 6.58 -30.33 -65.05
N ARG C 722 5.98 -31.26 -65.81
CA ARG C 722 6.57 -31.65 -67.10
C ARG C 722 6.57 -30.48 -68.06
N THR C 723 5.41 -29.85 -68.26
CA THR C 723 5.29 -28.77 -69.21
C THR C 723 6.11 -27.55 -68.82
N ILE C 724 6.49 -27.44 -67.55
CA ILE C 724 7.39 -26.34 -67.18
C ILE C 724 8.74 -26.53 -67.86
N LEU C 725 9.18 -27.79 -68.00
CA LEU C 725 10.51 -28.11 -68.51
C LEU C 725 10.51 -28.41 -70.01
N GLU C 726 9.62 -29.29 -70.46
CA GLU C 726 9.50 -29.69 -71.85
C GLU C 726 8.94 -28.59 -72.73
N SER C 727 8.80 -27.38 -72.18
CA SER C 727 8.49 -26.20 -72.98
C SER C 727 9.74 -25.84 -73.78
N LYS C 728 9.91 -26.54 -74.90
CA LYS C 728 11.06 -26.33 -75.77
C LYS C 728 11.02 -24.97 -76.46
N SER C 729 9.92 -24.24 -76.37
CA SER C 729 9.85 -22.90 -76.95
C SER C 729 10.98 -22.02 -76.43
N PHE C 730 11.42 -22.26 -75.20
CA PHE C 730 12.66 -21.68 -74.68
C PHE C 730 13.62 -22.78 -74.32
N ASP C 731 14.88 -22.65 -74.75
CA ASP C 731 15.87 -23.70 -74.57
C ASP C 731 16.37 -23.73 -73.12
N LEU C 732 15.42 -23.94 -72.20
CA LEU C 732 15.81 -24.24 -70.83
C LEU C 732 16.56 -25.57 -70.78
N THR C 733 16.08 -26.55 -71.54
CA THR C 733 16.77 -27.82 -71.75
C THR C 733 17.51 -27.79 -73.08
N THR C 734 18.68 -28.44 -73.11
CA THR C 734 19.41 -28.64 -74.34
C THR C 734 18.80 -29.84 -75.06
N LEU C 735 18.33 -29.62 -76.29
CA LEU C 735 17.54 -30.65 -76.98
C LEU C 735 18.30 -31.96 -77.09
N GLU C 736 19.62 -31.90 -77.22
CA GLU C 736 20.43 -33.11 -77.34
C GLU C 736 20.64 -33.82 -76.01
N GLU C 737 20.19 -33.24 -74.91
CA GLU C 737 20.33 -33.85 -73.60
C GLU C 737 19.02 -33.94 -72.82
N ALA C 738 17.93 -33.40 -73.37
CA ALA C 738 16.62 -33.67 -72.78
C ALA C 738 16.34 -35.16 -72.77
N ASP C 739 16.91 -35.90 -73.72
CA ASP C 739 16.78 -37.35 -73.72
C ASP C 739 17.46 -37.94 -72.49
N SER C 740 18.69 -37.49 -72.20
CA SER C 740 19.38 -37.96 -71.01
C SER C 740 18.65 -37.53 -69.74
N LEU C 741 17.97 -36.40 -69.78
CA LEU C 741 17.10 -35.98 -68.70
C LEU C 741 15.96 -36.98 -68.50
N TYR C 742 15.10 -37.06 -69.52
CA TYR C 742 13.85 -37.78 -69.41
C TYR C 742 14.08 -39.26 -69.15
N ILE C 743 15.13 -39.84 -69.75
CA ILE C 743 15.40 -41.27 -69.68
C ILE C 743 15.52 -41.76 -68.23
N SER C 744 15.60 -40.85 -67.27
CA SER C 744 15.40 -41.20 -65.87
C SER C 744 13.98 -41.70 -65.61
N MET C 745 13.06 -41.38 -66.50
CA MET C 745 11.69 -41.85 -66.51
C MET C 745 11.27 -42.47 -67.83
N GLY C 746 11.71 -41.89 -68.95
CA GLY C 746 11.28 -42.34 -70.26
C GLY C 746 11.40 -41.23 -71.28
N LEU C 747 10.33 -41.00 -72.05
CA LEU C 747 10.29 -39.96 -73.07
C LEU C 747 11.46 -40.06 -74.03
N GLU D 2 -73.40 34.83 -29.82
CA GLU D 2 -74.52 34.25 -30.56
C GLU D 2 -75.65 33.87 -29.62
N SER D 3 -76.15 32.64 -29.76
CA SER D 3 -77.20 32.13 -28.91
C SER D 3 -76.68 31.40 -27.68
N HIS D 4 -75.37 31.16 -27.59
CA HIS D 4 -74.80 30.42 -26.47
C HIS D 4 -73.96 31.25 -25.51
N VAL D 5 -73.47 32.42 -25.95
CA VAL D 5 -72.84 33.34 -25.01
C VAL D 5 -73.82 33.67 -23.89
N LYS D 6 -75.06 34.01 -24.25
CA LYS D 6 -76.09 34.22 -23.27
C LYS D 6 -76.46 32.92 -22.57
N TYR D 7 -76.26 31.78 -23.23
CA TYR D 7 -76.54 30.50 -22.57
C TYR D 7 -75.64 30.32 -21.36
N LEU D 8 -74.34 30.60 -21.51
CA LEU D 8 -73.43 30.48 -20.38
C LEU D 8 -73.67 31.59 -19.35
N ASP D 9 -73.92 32.82 -19.81
CA ASP D 9 -74.17 33.91 -18.88
C ASP D 9 -75.41 33.63 -18.02
N GLU D 10 -76.53 33.26 -18.66
CA GLU D 10 -77.73 32.90 -17.93
C GLU D 10 -77.56 31.60 -17.17
N LEU D 11 -76.63 30.73 -17.58
CA LEU D 11 -76.35 29.53 -16.79
C LEU D 11 -75.78 29.90 -15.44
N ILE D 12 -74.76 30.77 -15.42
CA ILE D 12 -74.23 31.19 -14.12
C ILE D 12 -75.25 32.04 -13.37
N LEU D 13 -76.05 32.83 -14.10
CA LEU D 13 -77.09 33.63 -13.44
C LEU D 13 -78.11 32.75 -12.73
N ALA D 14 -78.57 31.68 -13.40
CA ALA D 14 -79.55 30.80 -12.78
C ALA D 14 -78.92 29.91 -11.73
N ILE D 15 -77.64 29.60 -11.86
CA ILE D 15 -76.91 28.95 -10.78
C ILE D 15 -76.95 29.83 -9.53
N LYS D 16 -76.76 31.14 -9.70
CA LYS D 16 -76.91 32.05 -8.57
C LYS D 16 -78.36 32.10 -8.09
N ASP D 17 -79.32 32.07 -9.02
CA ASP D 17 -80.72 32.31 -8.69
C ASP D 17 -81.34 31.12 -7.95
N LEU D 18 -81.43 29.98 -8.62
CA LEU D 18 -81.92 28.75 -7.99
C LEU D 18 -80.78 28.06 -7.25
N ASN D 19 -80.20 28.79 -6.30
CA ASN D 19 -79.09 28.26 -5.50
C ASN D 19 -79.59 27.44 -4.32
N SER D 20 -80.23 28.10 -3.36
CA SER D 20 -80.77 27.48 -2.14
C SER D 20 -81.41 28.60 -1.33
N GLY D 21 -82.07 28.21 -0.24
CA GLY D 21 -82.51 29.19 0.75
C GLY D 21 -81.39 29.68 1.65
N SER D 44 -88.64 21.86 -8.84
CA SER D 44 -87.65 22.73 -9.46
C SER D 44 -86.59 21.90 -10.15
N LEU D 45 -85.34 22.17 -9.81
CA LEU D 45 -84.18 21.34 -10.18
C LEU D 45 -84.15 21.03 -11.67
N LYS D 46 -84.49 22.03 -12.48
CA LYS D 46 -84.35 21.91 -13.93
C LYS D 46 -82.91 22.09 -14.38
N ILE D 47 -81.98 22.00 -13.42
CA ILE D 47 -80.55 22.03 -13.68
C ILE D 47 -80.11 20.80 -14.46
N LEU D 48 -80.88 19.71 -14.40
CA LEU D 48 -80.50 18.48 -15.09
C LEU D 48 -80.72 18.60 -16.59
N ASN D 49 -81.79 19.29 -17.01
CA ASN D 49 -81.98 19.57 -18.43
C ASN D 49 -80.85 20.45 -18.95
N THR D 50 -80.40 21.41 -18.14
CA THR D 50 -79.29 22.27 -18.56
C THR D 50 -77.99 21.48 -18.63
N LEU D 51 -77.80 20.51 -17.73
CA LEU D 51 -76.61 19.66 -17.84
C LEU D 51 -76.67 18.80 -19.09
N ILE D 52 -77.86 18.29 -19.45
CA ILE D 52 -78.01 17.56 -20.70
C ILE D 52 -77.69 18.46 -21.89
N ARG D 53 -78.21 19.70 -21.87
CA ARG D 53 -77.96 20.63 -22.96
C ARG D 53 -76.48 20.97 -23.07
N ASN D 54 -75.80 21.14 -21.93
CA ASN D 54 -74.39 21.50 -21.92
C ASN D 54 -73.47 20.29 -22.01
N LEU D 55 -74.02 19.08 -22.06
CA LEU D 55 -73.25 17.94 -22.55
C LEU D 55 -73.44 17.74 -24.04
N LYS D 56 -74.63 18.07 -24.55
CA LYS D 56 -74.96 17.88 -25.96
C LYS D 56 -74.83 19.16 -26.78
N ASP D 57 -74.17 20.18 -26.24
CA ASP D 57 -74.08 21.49 -26.89
C ASP D 57 -72.64 21.99 -27.05
N GLN D 58 -71.67 21.07 -27.16
CA GLN D 58 -70.28 21.47 -27.39
C GLN D 58 -69.57 20.74 -28.51
N ARG D 59 -70.18 19.70 -29.10
CA ARG D 59 -69.51 18.93 -30.15
C ARG D 59 -69.74 19.59 -31.51
N ARG D 60 -69.05 20.71 -31.71
CA ARG D 60 -69.18 21.48 -32.94
C ARG D 60 -67.86 22.14 -33.29
N ASN D 61 -67.72 22.48 -34.57
CA ASN D 61 -66.63 23.33 -35.03
C ASN D 61 -67.14 24.67 -35.54
N ASN D 62 -68.42 24.99 -35.27
CA ASN D 62 -69.03 26.19 -35.82
C ASN D 62 -68.30 27.45 -35.36
N ILE D 63 -67.99 27.55 -34.06
CA ILE D 63 -67.23 28.67 -33.53
C ILE D 63 -66.03 28.15 -32.75
N MET D 64 -65.49 27.01 -33.18
CA MET D 64 -64.41 26.33 -32.45
C MET D 64 -63.22 27.25 -32.19
N LYS D 65 -62.87 28.10 -33.16
CA LYS D 65 -61.74 29.00 -32.98
C LYS D 65 -61.99 30.05 -31.90
N ASN D 66 -63.24 30.22 -31.46
CA ASN D 66 -63.56 31.08 -30.33
C ASN D 66 -63.51 30.21 -29.07
N ASP D 67 -62.29 29.92 -28.63
CA ASP D 67 -62.08 29.16 -27.40
C ASP D 67 -62.69 29.86 -26.19
N THR D 68 -62.92 31.18 -26.27
CA THR D 68 -63.37 31.94 -25.13
C THR D 68 -64.76 31.49 -24.67
N ILE D 69 -65.72 31.46 -25.59
CA ILE D 69 -67.09 31.14 -25.21
C ILE D 69 -67.21 29.68 -24.79
N PHE D 70 -66.55 28.79 -25.51
CA PHE D 70 -66.53 27.38 -25.10
C PHE D 70 -65.94 27.25 -23.71
N SER D 71 -64.84 27.96 -23.44
CA SER D 71 -64.21 27.90 -22.12
C SER D 71 -65.16 28.41 -21.05
N LYS D 72 -65.84 29.52 -21.30
CA LYS D 72 -66.74 30.07 -20.29
C LYS D 72 -67.90 29.13 -20.03
N THR D 73 -68.44 28.50 -21.08
CA THR D 73 -69.57 27.60 -20.88
C THR D 73 -69.16 26.32 -20.18
N VAL D 74 -68.03 25.72 -20.57
CA VAL D 74 -67.60 24.48 -19.94
C VAL D 74 -67.10 24.73 -18.53
N SER D 75 -66.52 25.90 -18.25
CA SER D 75 -66.11 26.20 -16.88
C SER D 75 -67.30 26.57 -16.00
N ALA D 76 -68.34 27.17 -16.59
CA ALA D 76 -69.60 27.31 -15.89
C ALA D 76 -70.19 25.93 -15.58
N LEU D 77 -70.01 24.98 -16.49
CA LEU D 77 -70.40 23.59 -16.19
C LEU D 77 -69.54 23.01 -15.08
N ALA D 78 -68.26 23.40 -15.04
CA ALA D 78 -67.38 22.98 -13.96
C ALA D 78 -67.91 23.43 -12.61
N LEU D 79 -68.17 24.73 -12.49
CA LEU D 79 -68.76 25.27 -11.27
C LEU D 79 -70.15 24.70 -11.02
N LEU D 80 -70.88 24.38 -12.09
CA LEU D 80 -72.20 23.77 -11.98
C LEU D 80 -72.11 22.45 -11.23
N LEU D 81 -71.40 21.49 -11.81
CA LEU D 81 -71.30 20.18 -11.16
C LEU D 81 -70.51 20.27 -9.87
N GLU D 82 -69.71 21.32 -9.69
CA GLU D 82 -69.16 21.61 -8.37
C GLU D 82 -70.27 21.89 -7.38
N TYR D 83 -71.31 22.60 -7.82
CA TYR D 83 -72.54 22.78 -7.06
C TYR D 83 -73.47 21.58 -7.19
N ASN D 84 -73.09 20.54 -7.93
CA ASN D 84 -73.95 19.37 -8.14
C ASN D 84 -73.15 18.09 -8.17
N PRO D 85 -72.44 17.75 -7.07
CA PRO D 85 -71.95 16.38 -6.94
C PRO D 85 -73.09 15.38 -6.85
N PHE D 86 -74.20 15.79 -6.25
CA PHE D 86 -75.34 14.89 -6.10
C PHE D 86 -75.91 14.48 -7.44
N LEU D 87 -75.80 15.34 -8.46
CA LEU D 87 -76.22 14.95 -9.80
C LEU D 87 -75.48 13.72 -10.29
N LEU D 88 -74.25 13.52 -9.83
CA LEU D 88 -73.47 12.35 -10.23
C LEU D 88 -73.82 11.11 -9.42
N VAL D 89 -74.71 11.23 -8.43
CA VAL D 89 -75.15 10.02 -7.69
C VAL D 89 -76.62 9.75 -8.03
N MET D 90 -77.04 10.12 -9.24
CA MET D 90 -78.44 9.89 -9.68
C MET D 90 -78.54 8.57 -10.45
N LYS D 91 -77.42 7.85 -10.59
CA LYS D 91 -77.41 6.52 -11.28
C LYS D 91 -78.00 6.64 -12.68
N ASP D 92 -77.29 7.29 -13.60
CA ASP D 92 -77.75 7.39 -15.01
C ASP D 92 -77.94 5.98 -15.57
N SER D 93 -79.15 5.65 -16.02
CA SER D 93 -79.47 4.27 -16.51
C SER D 93 -78.41 3.77 -17.49
N ASN D 94 -77.48 2.92 -17.03
CA ASN D 94 -76.43 2.32 -17.89
C ASN D 94 -75.62 1.32 -17.07
N GLY D 95 -76.12 0.95 -15.87
CA GLY D 95 -75.39 0.04 -14.98
C GLY D 95 -74.39 0.79 -14.11
N ASN D 96 -74.49 2.13 -14.06
CA ASN D 96 -73.56 2.96 -13.26
C ASN D 96 -74.24 4.28 -12.87
N PHE D 97 -73.48 5.20 -12.27
CA PHE D 97 -74.04 6.52 -11.86
C PHE D 97 -73.95 7.51 -13.03
N GLU D 98 -74.14 8.80 -12.75
CA GLU D 98 -73.97 9.81 -13.80
C GLU D 98 -72.51 10.13 -14.06
N ILE D 99 -71.62 9.69 -13.16
CA ILE D 99 -70.24 10.17 -13.16
C ILE D 99 -69.52 9.78 -14.45
N GLN D 100 -69.63 8.52 -14.86
CA GLN D 100 -68.81 8.06 -15.95
C GLN D 100 -69.43 8.37 -17.31
N ARG D 101 -70.76 8.33 -17.42
CA ARG D 101 -71.40 8.84 -18.62
C ARG D 101 -71.20 10.34 -18.76
N LEU D 102 -70.85 11.01 -17.67
CA LEU D 102 -70.32 12.37 -17.77
C LEU D 102 -68.92 12.37 -18.36
N ILE D 103 -68.00 11.65 -17.72
CA ILE D 103 -66.58 11.84 -18.00
C ILE D 103 -66.18 11.30 -19.37
N ASP D 104 -66.87 10.29 -19.89
CA ASP D 104 -66.47 9.82 -21.22
C ASP D 104 -66.91 10.79 -22.32
N ASP D 105 -68.09 11.39 -22.18
CA ASP D 105 -68.47 12.46 -23.09
C ASP D 105 -67.53 13.64 -22.97
N PHE D 106 -67.16 13.99 -21.74
CA PHE D 106 -66.03 14.88 -21.49
C PHE D 106 -64.84 14.54 -22.37
N LEU D 107 -64.34 13.31 -22.24
CA LEU D 107 -63.13 12.89 -22.94
C LEU D 107 -63.28 13.03 -24.44
N ASN D 108 -64.46 12.72 -24.97
CA ASN D 108 -64.61 12.77 -26.42
C ASN D 108 -64.77 14.19 -26.93
N ILE D 109 -65.34 15.10 -26.13
CA ILE D 109 -65.28 16.52 -26.50
C ILE D 109 -63.82 16.99 -26.51
N SER D 110 -63.03 16.51 -25.54
CA SER D 110 -61.62 16.84 -25.53
C SER D 110 -60.92 16.33 -26.79
N VAL D 111 -61.20 15.09 -27.19
CA VAL D 111 -60.53 14.56 -28.37
C VAL D 111 -61.03 15.25 -29.63
N LEU D 112 -62.21 15.88 -29.57
CA LEU D 112 -62.53 16.90 -30.56
C LEU D 112 -61.52 18.04 -30.51
N ASN D 113 -61.14 18.45 -29.29
CA ASN D 113 -60.36 19.67 -29.14
C ASN D 113 -58.98 19.38 -28.53
N TYR D 114 -58.27 18.39 -29.07
CA TYR D 114 -57.21 17.71 -28.33
C TYR D 114 -56.02 18.61 -28.03
N ASP D 115 -55.58 19.42 -29.00
CA ASP D 115 -54.23 19.98 -28.93
C ASP D 115 -54.07 20.97 -27.78
N ASN D 116 -55.02 21.92 -27.66
CA ASN D 116 -54.86 23.09 -26.81
C ASN D 116 -54.40 22.76 -25.40
N TYR D 117 -53.18 23.21 -25.07
CA TYR D 117 -52.52 22.76 -23.84
C TYR D 117 -53.27 23.20 -22.61
N HIS D 118 -53.53 24.51 -22.49
CA HIS D 118 -54.20 24.99 -21.29
C HIS D 118 -55.68 24.67 -21.31
N ARG D 119 -56.25 24.51 -22.51
CA ARG D 119 -57.64 24.04 -22.57
C ARG D 119 -57.76 22.67 -21.93
N ILE D 120 -56.93 21.72 -22.35
CA ILE D 120 -56.97 20.40 -21.72
C ILE D 120 -56.46 20.44 -20.29
N TRP D 121 -55.61 21.41 -19.95
CA TRP D 121 -55.14 21.60 -18.59
C TRP D 121 -56.30 21.89 -17.65
N PHE D 122 -56.96 23.04 -17.84
CA PHE D 122 -58.15 23.33 -17.06
C PHE D 122 -59.23 22.30 -17.27
N MET D 123 -59.23 21.61 -18.41
CA MET D 123 -60.28 20.63 -18.70
C MET D 123 -60.12 19.39 -17.84
N ARG D 124 -58.90 18.88 -17.71
CA ARG D 124 -58.64 17.80 -16.77
C ARG D 124 -58.85 18.25 -15.34
N ARG D 125 -58.51 19.50 -15.03
CA ARG D 125 -58.77 20.03 -13.69
C ARG D 125 -60.26 20.06 -13.40
N LYS D 126 -61.06 20.27 -14.45
CA LYS D 126 -62.51 20.32 -14.28
C LYS D 126 -63.06 18.93 -14.01
N LEU D 127 -62.45 17.92 -14.62
CA LEU D 127 -62.86 16.54 -14.35
C LEU D 127 -62.42 16.16 -12.96
N GLY D 128 -61.33 16.77 -12.49
CA GLY D 128 -60.86 16.51 -11.14
C GLY D 128 -61.69 17.27 -10.12
N SER D 129 -62.61 18.10 -10.60
CA SER D 129 -63.50 18.81 -9.70
C SER D 129 -64.92 18.30 -9.87
N TRP D 130 -65.10 17.33 -10.75
CA TRP D 130 -66.43 16.77 -10.99
C TRP D 130 -66.46 15.27 -10.73
N CYS D 131 -65.72 14.51 -11.51
CA CYS D 131 -65.70 13.05 -11.34
C CYS D 131 -65.03 12.67 -10.02
N LYS D 132 -63.97 13.39 -9.65
CA LYS D 132 -63.30 13.11 -8.39
C LYS D 132 -64.21 13.46 -7.22
N ALA D 133 -64.97 14.54 -7.36
CA ALA D 133 -65.90 14.93 -6.31
C ALA D 133 -66.96 13.85 -6.09
N CYS D 134 -67.39 13.23 -7.19
CA CYS D 134 -68.39 12.16 -7.08
C CYS D 134 -67.84 10.96 -6.32
N VAL D 135 -66.61 10.56 -6.64
CA VAL D 135 -65.99 9.43 -5.96
C VAL D 135 -65.80 9.72 -4.48
N GLU D 136 -65.35 10.92 -4.16
CA GLU D 136 -65.13 11.30 -2.76
C GLU D 136 -66.44 11.34 -1.99
N PHE D 137 -67.50 11.82 -2.63
CA PHE D 137 -68.80 11.88 -1.96
C PHE D 137 -69.31 10.48 -1.65
N TYR D 138 -69.15 9.55 -2.58
CA TYR D 138 -69.61 8.19 -2.36
C TYR D 138 -68.50 7.31 -1.79
N GLY D 139 -68.50 6.04 -2.15
CA GLY D 139 -67.50 5.12 -1.64
C GLY D 139 -66.95 4.19 -2.69
N LYS D 140 -66.99 2.89 -2.41
CA LYS D 140 -66.45 1.91 -3.36
C LYS D 140 -67.14 1.95 -4.70
N PRO D 141 -68.48 2.05 -4.72
CA PRO D 141 -69.22 2.05 -5.98
C PRO D 141 -68.68 3.05 -6.99
N ALA D 142 -68.72 4.34 -6.66
CA ALA D 142 -68.25 5.37 -7.59
C ALA D 142 -66.78 5.18 -7.94
N LYS D 143 -65.96 4.89 -6.94
CA LYS D 143 -64.53 4.70 -7.17
C LYS D 143 -64.30 3.58 -8.18
N PHE D 144 -64.97 2.44 -7.98
CA PHE D 144 -64.80 1.30 -8.89
C PHE D 144 -65.28 1.64 -10.29
N GLN D 145 -66.41 2.33 -10.40
CA GLN D 145 -66.94 2.69 -11.71
C GLN D 145 -65.91 3.49 -12.49
N LEU D 146 -65.26 4.44 -11.83
CA LEU D 146 -64.25 5.26 -12.50
C LEU D 146 -63.01 4.43 -12.82
N THR D 147 -62.56 3.63 -11.86
CA THR D 147 -61.35 2.83 -12.06
C THR D 147 -61.50 1.87 -13.24
N ALA D 148 -62.55 1.06 -13.24
CA ALA D 148 -62.77 0.10 -14.32
C ALA D 148 -62.66 0.79 -15.66
N HIS D 149 -63.40 1.88 -15.86
CA HIS D 149 -63.41 2.49 -17.19
C HIS D 149 -62.03 3.03 -17.56
N PHE D 150 -61.37 3.75 -16.65
CA PHE D 150 -60.09 4.30 -17.10
C PHE D 150 -58.94 3.29 -17.14
N GLU D 151 -58.84 2.34 -16.21
CA GLU D 151 -57.82 1.31 -16.38
C GLU D 151 -58.07 0.50 -17.64
N ASN D 152 -59.33 0.15 -17.91
CA ASN D 152 -59.66 -0.61 -19.09
C ASN D 152 -59.52 0.20 -20.38
N THR D 153 -59.64 1.52 -20.34
CA THR D 153 -59.39 2.31 -21.54
C THR D 153 -57.89 2.53 -21.76
N MET D 154 -57.12 2.58 -20.66
CA MET D 154 -55.66 2.51 -20.79
C MET D 154 -55.25 1.22 -21.50
N ASN D 155 -55.76 0.09 -21.02
CA ASN D 155 -55.53 -1.18 -21.71
C ASN D 155 -56.12 -1.19 -23.12
N LEU D 156 -57.24 -0.50 -23.32
CA LEU D 156 -57.88 -0.44 -24.63
C LEU D 156 -56.98 0.23 -25.65
N TYR D 157 -56.41 1.38 -25.27
CA TYR D 157 -55.53 2.10 -26.19
C TYR D 157 -54.21 1.37 -26.40
N GLU D 158 -53.66 0.77 -25.34
CA GLU D 158 -52.44 -0.01 -25.54
C GLU D 158 -52.71 -1.40 -26.12
N GLN D 159 -53.98 -1.75 -26.35
CA GLN D 159 -54.36 -2.96 -27.07
C GLN D 159 -54.65 -2.70 -28.54
N ALA D 160 -55.35 -1.60 -28.85
CA ALA D 160 -55.39 -1.10 -30.21
C ALA D 160 -54.01 -0.65 -30.67
N LEU D 161 -53.08 -0.50 -29.72
CA LEU D 161 -51.67 -0.29 -30.03
C LEU D 161 -51.08 -1.41 -30.86
N THR D 162 -51.65 -2.63 -30.77
CA THR D 162 -51.14 -3.74 -31.56
C THR D 162 -51.32 -3.48 -33.06
N GLU D 163 -52.51 -3.00 -33.43
CA GLU D 163 -52.78 -2.65 -34.83
C GLU D 163 -51.85 -1.54 -35.29
N VAL D 164 -51.25 -0.79 -34.36
CA VAL D 164 -50.25 0.20 -34.68
C VAL D 164 -48.87 -0.17 -34.14
N LEU D 165 -48.76 -1.29 -33.43
CA LEU D 165 -47.43 -1.87 -33.18
C LEU D 165 -46.80 -2.32 -34.49
N LEU D 166 -47.63 -2.59 -35.49
CA LEU D 166 -47.23 -3.16 -36.77
C LEU D 166 -47.25 -2.16 -37.92
N GLY D 167 -48.24 -1.27 -37.97
CA GLY D 167 -48.25 -0.20 -38.94
C GLY D 167 -48.96 -0.53 -40.25
N LYS D 168 -50.14 -1.11 -40.16
CA LYS D 168 -51.02 -1.32 -41.30
C LYS D 168 -52.39 -0.74 -41.00
N THR D 169 -52.40 0.35 -40.23
CA THR D 169 -53.61 0.90 -39.64
C THR D 169 -54.23 1.96 -40.53
N GLU D 170 -55.54 2.13 -40.36
CA GLU D 170 -56.28 3.19 -41.04
C GLU D 170 -55.87 4.54 -40.46
N LEU D 171 -55.88 5.56 -41.30
CA LEU D 171 -55.29 6.85 -40.98
C LEU D 171 -55.85 7.47 -39.70
N LEU D 172 -57.13 7.81 -39.75
CA LEU D 172 -57.70 8.67 -38.71
C LEU D 172 -57.83 7.95 -37.39
N LYS D 173 -58.05 6.63 -37.39
CA LYS D 173 -58.13 5.92 -36.13
C LYS D 173 -56.78 5.93 -35.43
N PHE D 174 -55.70 5.73 -36.19
CA PHE D 174 -54.37 6.00 -35.63
C PHE D 174 -54.25 7.40 -35.10
N TYR D 175 -54.65 8.40 -35.90
CA TYR D 175 -54.40 9.78 -35.52
C TYR D 175 -55.05 10.09 -34.18
N ASP D 176 -56.36 9.85 -34.08
CA ASP D 176 -57.09 10.21 -32.86
C ASP D 176 -56.82 9.24 -31.73
N THR D 177 -56.49 7.97 -32.01
CA THR D 177 -56.14 7.04 -30.95
C THR D 177 -54.80 7.40 -30.31
N LEU D 178 -53.80 7.77 -31.11
CA LEU D 178 -52.52 8.18 -30.53
C LEU D 178 -52.63 9.53 -29.84
N LYS D 179 -53.44 10.43 -30.40
CA LYS D 179 -53.73 11.68 -29.71
C LYS D 179 -54.34 11.40 -28.35
N GLY D 180 -55.30 10.48 -28.30
CA GLY D 180 -55.89 10.09 -27.03
C GLY D 180 -54.91 9.40 -26.10
N LEU D 181 -53.98 8.64 -26.68
CA LEU D 181 -52.93 8.00 -25.88
C LEU D 181 -52.10 9.04 -25.15
N TYR D 182 -51.60 10.03 -25.88
CA TYR D 182 -50.81 11.07 -25.23
C TYR D 182 -51.67 11.87 -24.25
N ILE D 183 -52.94 12.11 -24.60
CA ILE D 183 -53.83 12.88 -23.74
C ILE D 183 -54.06 12.17 -22.41
N LEU D 184 -54.26 10.85 -22.47
CA LEU D 184 -54.45 10.07 -21.24
C LEU D 184 -53.13 9.82 -20.54
N LEU D 185 -52.01 10.04 -21.22
CA LEU D 185 -50.77 10.21 -20.46
C LEU D 185 -50.86 11.50 -19.64
N TYR D 186 -51.17 12.61 -20.30
CA TYR D 186 -51.06 13.92 -19.67
C TYR D 186 -52.01 14.05 -18.49
N TRP D 187 -53.32 14.00 -18.78
CA TRP D 187 -54.37 14.33 -17.81
C TRP D 187 -54.10 13.75 -16.43
N PHE D 188 -53.91 12.43 -16.41
CA PHE D 188 -53.54 11.76 -15.19
C PHE D 188 -52.17 12.22 -14.70
N THR D 189 -51.17 12.24 -15.59
CA THR D 189 -49.79 12.47 -15.13
C THR D 189 -49.56 13.83 -14.63
N SER D 190 -50.60 14.65 -14.46
CA SER D 190 -50.44 15.83 -13.63
C SER D 190 -50.06 15.38 -12.22
N GLU D 191 -49.17 16.12 -11.59
CA GLU D 191 -48.57 15.70 -10.33
C GLU D 191 -49.63 15.66 -9.22
N TYR D 192 -49.21 15.23 -8.03
CA TYR D 192 -50.16 14.89 -6.97
C TYR D 192 -50.94 16.10 -6.48
N SER D 193 -50.26 17.23 -6.27
CA SER D 193 -50.95 18.39 -5.72
C SER D 193 -52.14 18.77 -6.59
N THR D 194 -51.97 18.75 -7.91
CA THR D 194 -53.11 18.97 -8.79
C THR D 194 -54.16 17.88 -8.59
N PHE D 195 -53.82 16.63 -8.87
CA PHE D 195 -54.76 15.54 -8.76
C PHE D 195 -54.30 14.50 -7.77
N GLY D 196 -55.23 14.12 -6.91
CA GLY D 196 -54.97 13.23 -5.80
C GLY D 196 -55.40 11.82 -6.07
N ASN D 197 -56.58 11.44 -5.58
CA ASN D 197 -56.87 10.03 -5.39
C ASN D 197 -58.22 9.66 -5.97
N SER D 198 -58.60 10.30 -7.08
CA SER D 198 -59.82 9.91 -7.77
C SER D 198 -59.77 8.48 -8.26
N ILE D 199 -58.65 8.10 -8.86
CA ILE D 199 -58.54 6.86 -9.57
C ILE D 199 -57.74 5.89 -8.70
N ALA D 200 -57.69 4.63 -9.11
CA ALA D 200 -56.87 3.66 -8.39
C ALA D 200 -55.42 4.09 -8.37
N PHE D 201 -54.86 4.42 -9.54
CA PHE D 201 -53.41 4.46 -9.66
C PHE D 201 -52.76 5.70 -9.05
N LEU D 202 -53.42 6.84 -9.11
CA LEU D 202 -52.85 8.06 -8.57
C LEU D 202 -52.84 8.09 -7.04
N ASP D 203 -53.22 6.99 -6.40
CA ASP D 203 -53.50 7.01 -4.97
C ASP D 203 -52.27 7.39 -4.15
N SER D 204 -51.15 6.69 -4.36
CA SER D 204 -50.01 6.83 -3.46
C SER D 204 -49.41 8.22 -3.58
N SER D 205 -49.10 8.80 -2.43
CA SER D 205 -48.39 10.05 -2.39
C SER D 205 -46.90 9.78 -2.19
N LEU D 206 -46.15 10.82 -1.85
CA LEU D 206 -44.70 10.87 -1.97
C LEU D 206 -44.29 10.96 -3.44
N GLY D 207 -45.14 11.60 -4.24
CA GLY D 207 -44.83 11.96 -5.61
C GLY D 207 -44.64 10.80 -6.56
N PHE D 208 -44.65 9.57 -6.03
CA PHE D 208 -44.13 8.41 -6.76
C PHE D 208 -45.11 7.26 -6.51
N THR D 209 -46.11 7.14 -7.37
CA THR D 209 -47.27 6.29 -7.10
C THR D 209 -47.32 5.10 -8.04
N LYS D 210 -48.41 4.33 -7.87
CA LYS D 210 -48.59 3.13 -8.68
C LYS D 210 -48.52 3.51 -10.14
N PHE D 211 -49.14 4.63 -10.51
CA PHE D 211 -49.08 5.02 -11.90
C PHE D 211 -47.84 5.83 -12.21
N ASP D 212 -47.06 6.22 -11.23
CA ASP D 212 -45.69 6.64 -11.55
C ASP D 212 -44.92 5.48 -12.18
N PHE D 213 -44.95 4.31 -11.53
CA PHE D 213 -44.33 3.15 -12.19
C PHE D 213 -45.14 2.66 -13.39
N ASN D 214 -46.47 2.65 -13.30
CA ASN D 214 -47.30 2.19 -14.41
C ASN D 214 -47.07 3.05 -15.64
N PHE D 215 -46.90 4.35 -15.44
CA PHE D 215 -46.60 5.23 -16.54
C PHE D 215 -45.14 5.12 -16.97
N GLN D 216 -44.24 4.76 -16.08
CA GLN D 216 -42.92 4.35 -16.57
C GLN D 216 -43.08 3.21 -17.56
N ARG D 217 -43.87 2.20 -17.18
CA ARG D 217 -44.17 1.08 -18.06
C ARG D 217 -44.69 1.57 -19.39
N LEU D 218 -45.71 2.41 -19.35
CA LEU D 218 -46.40 2.77 -20.58
C LEU D 218 -45.62 3.78 -21.40
N ILE D 219 -44.83 4.65 -20.78
CA ILE D 219 -44.00 5.55 -21.56
C ILE D 219 -42.89 4.79 -22.25
N ARG D 220 -42.28 3.81 -21.57
CA ARG D 220 -41.27 3.01 -22.24
C ARG D 220 -41.89 2.06 -23.25
N ILE D 221 -43.16 1.70 -23.08
CA ILE D 221 -43.81 0.84 -24.05
C ILE D 221 -44.30 1.65 -25.26
N VAL D 222 -44.76 2.88 -25.06
CA VAL D 222 -45.00 3.73 -26.22
C VAL D 222 -43.66 4.11 -26.87
N LEU D 223 -42.59 4.20 -26.09
CA LEU D 223 -41.24 4.33 -26.65
C LEU D 223 -40.93 3.15 -27.56
N TYR D 224 -41.20 1.95 -27.07
CA TYR D 224 -41.18 0.73 -27.89
C TYR D 224 -41.96 0.91 -29.18
N VAL D 225 -43.23 1.26 -29.06
CA VAL D 225 -44.12 1.34 -30.22
C VAL D 225 -43.76 2.49 -31.14
N PHE D 226 -43.01 3.48 -30.67
CA PHE D 226 -42.62 4.59 -31.52
C PHE D 226 -41.29 4.34 -32.21
N ASP D 227 -40.37 3.64 -31.54
CA ASP D 227 -39.26 3.03 -32.26
C ASP D 227 -39.75 2.05 -33.31
N SER D 228 -40.95 1.51 -33.11
CA SER D 228 -41.60 0.68 -34.12
C SER D 228 -42.22 1.52 -35.23
N CYS D 229 -42.98 2.55 -34.86
CA CYS D 229 -43.85 3.21 -35.82
C CYS D 229 -43.06 4.03 -36.80
N GLU D 230 -43.64 4.21 -37.99
CA GLU D 230 -42.94 4.75 -39.14
C GLU D 230 -43.74 5.93 -39.68
N LEU D 231 -43.17 7.13 -39.61
CA LEU D 231 -43.76 8.30 -40.25
C LEU D 231 -42.81 9.47 -40.04
N ALA D 232 -43.01 10.53 -40.83
CA ALA D 232 -42.26 11.77 -40.69
C ALA D 232 -43.17 12.98 -40.84
N ALA D 233 -44.43 12.85 -40.43
CA ALA D 233 -45.41 13.90 -40.66
C ALA D 233 -45.14 15.12 -39.80
N LEU D 234 -45.63 16.26 -40.26
CA LEU D 234 -45.68 17.45 -39.43
C LEU D 234 -46.34 17.12 -38.10
N GLU D 235 -47.48 16.43 -38.16
CA GLU D 235 -48.17 16.03 -36.95
C GLU D 235 -47.36 15.03 -36.15
N TYR D 236 -46.61 14.16 -36.83
CA TYR D 236 -45.77 13.19 -36.12
C TYR D 236 -44.72 13.92 -35.28
N ALA D 237 -44.10 14.94 -35.87
CA ALA D 237 -43.15 15.76 -35.12
C ALA D 237 -43.84 16.49 -33.98
N GLU D 238 -45.03 17.04 -34.23
CA GLU D 238 -45.73 17.78 -33.18
C GLU D 238 -46.14 16.88 -32.02
N ILE D 239 -46.60 15.67 -32.31
CA ILE D 239 -47.00 14.76 -31.25
C ILE D 239 -45.79 14.24 -30.48
N GLN D 240 -44.68 13.99 -31.17
CA GLN D 240 -43.46 13.65 -30.45
C GLN D 240 -42.98 14.81 -29.60
N LEU D 241 -43.18 16.03 -30.10
CA LEU D 241 -42.81 17.22 -29.35
C LEU D 241 -43.63 17.30 -28.07
N LYS D 242 -44.93 17.01 -28.18
CA LYS D 242 -45.79 16.94 -27.01
C LYS D 242 -45.34 15.84 -26.05
N TYR D 243 -44.95 14.69 -26.59
CA TYR D 243 -44.49 13.57 -25.77
C TYR D 243 -43.27 13.96 -24.97
N ILE D 244 -42.29 14.58 -25.63
CA ILE D 244 -41.09 14.98 -24.91
C ILE D 244 -41.43 16.06 -23.89
N SER D 245 -42.40 16.92 -24.22
CA SER D 245 -42.92 17.85 -23.21
C SER D 245 -43.37 17.11 -21.97
N LEU D 246 -44.19 16.08 -22.16
CA LEU D 246 -44.69 15.34 -21.01
C LEU D 246 -43.55 14.69 -20.25
N VAL D 247 -42.58 14.11 -20.96
CA VAL D 247 -41.55 13.34 -20.26
C VAL D 247 -40.65 14.25 -19.44
N VAL D 248 -40.35 15.44 -19.96
CA VAL D 248 -39.57 16.36 -19.14
C VAL D 248 -40.43 16.87 -17.99
N ASP D 249 -41.74 17.08 -18.25
CA ASP D 249 -42.67 17.40 -17.19
C ASP D 249 -42.58 16.38 -16.07
N TYR D 250 -42.33 15.12 -16.44
CA TYR D 250 -42.47 13.99 -15.53
C TYR D 250 -41.65 14.16 -14.27
N VAL D 251 -40.52 14.86 -14.33
CA VAL D 251 -39.81 15.09 -13.08
C VAL D 251 -39.41 16.55 -12.99
N CYS D 252 -39.96 17.40 -13.86
CA CYS D 252 -39.83 18.80 -13.51
C CYS D 252 -40.95 19.24 -12.56
N ASN D 253 -42.16 18.68 -12.72
CA ASN D 253 -43.29 19.17 -11.95
C ASN D 253 -43.69 18.28 -10.78
N ARG D 254 -43.40 16.97 -10.82
CA ARG D 254 -43.52 16.18 -9.60
C ARG D 254 -42.69 16.77 -8.48
N THR D 255 -41.76 17.66 -8.84
CA THR D 255 -40.81 18.26 -7.92
C THR D 255 -41.53 18.98 -6.78
N ILE D 256 -40.73 19.38 -5.80
CA ILE D 256 -41.18 20.32 -4.79
C ILE D 256 -41.66 21.62 -5.44
N SER D 257 -41.10 21.95 -6.60
CA SER D 257 -41.31 23.24 -7.25
C SER D 257 -41.10 24.38 -6.26
N THR D 258 -39.87 24.48 -5.77
CA THR D 258 -39.57 25.32 -4.62
C THR D 258 -39.54 26.80 -5.01
N ALA D 259 -39.02 27.63 -4.12
CA ALA D 259 -39.25 29.06 -4.12
C ALA D 259 -38.87 29.76 -5.41
N LEU D 260 -37.56 29.84 -5.67
CA LEU D 260 -37.00 30.45 -6.86
C LEU D 260 -35.87 29.64 -7.44
N ASP D 261 -35.20 28.84 -6.63
CA ASP D 261 -33.92 28.22 -6.92
C ASP D 261 -34.17 27.00 -7.80
N ALA D 262 -33.15 26.16 -7.93
CA ALA D 262 -33.29 24.86 -8.55
C ALA D 262 -34.55 24.18 -8.02
N PRO D 263 -35.53 23.93 -8.86
CA PRO D 263 -36.75 23.26 -8.40
C PRO D 263 -36.53 21.80 -8.03
N ALA D 264 -35.84 21.55 -6.90
CA ALA D 264 -35.38 20.21 -6.54
C ALA D 264 -36.51 19.18 -6.60
N LEU D 265 -36.14 17.92 -6.73
CA LEU D 265 -37.06 16.93 -7.27
C LEU D 265 -37.65 16.07 -6.15
N VAL D 266 -38.39 15.03 -6.56
CA VAL D 266 -38.96 14.08 -5.63
C VAL D 266 -38.51 12.66 -5.88
N CYS D 267 -37.88 12.37 -7.03
CA CYS D 267 -37.64 10.99 -7.40
C CYS D 267 -36.30 10.86 -8.12
N CYS D 268 -35.32 10.26 -7.44
CA CYS D 268 -34.02 9.95 -8.00
C CYS D 268 -34.13 9.06 -9.24
N GLU D 269 -34.75 7.89 -9.05
CA GLU D 269 -34.95 6.97 -10.16
C GLU D 269 -35.65 7.67 -11.31
N GLN D 270 -36.57 8.59 -11.01
CA GLN D 270 -37.33 9.27 -12.05
C GLN D 270 -36.51 10.34 -12.76
N LEU D 271 -35.62 11.04 -12.04
CA LEU D 271 -34.72 11.97 -12.72
C LEU D 271 -33.84 11.23 -13.70
N LYS D 272 -33.23 10.13 -13.27
CA LYS D 272 -32.43 9.35 -14.21
C LYS D 272 -33.29 8.79 -15.32
N PHE D 273 -34.52 8.38 -14.98
CA PHE D 273 -35.44 7.90 -16.00
C PHE D 273 -35.65 8.95 -17.09
N VAL D 274 -35.92 10.19 -16.69
CA VAL D 274 -36.22 11.21 -17.69
C VAL D 274 -34.99 11.55 -18.48
N LEU D 275 -33.82 11.63 -17.84
CA LEU D 275 -32.57 11.79 -18.59
C LEU D 275 -32.49 10.73 -19.68
N THR D 276 -32.66 9.47 -19.28
CA THR D 276 -32.55 8.36 -20.22
C THR D 276 -33.58 8.44 -21.34
N THR D 277 -34.82 8.81 -21.02
CA THR D 277 -35.89 8.74 -22.02
C THR D 277 -35.90 9.94 -22.95
N MET D 278 -35.68 11.15 -22.44
CA MET D 278 -35.52 12.23 -23.40
C MET D 278 -34.26 12.03 -24.22
N HIS D 279 -33.28 11.31 -23.66
CA HIS D 279 -32.02 11.07 -24.35
C HIS D 279 -32.21 10.08 -25.50
N HIS D 280 -32.94 8.99 -25.24
CA HIS D 280 -33.41 8.08 -26.28
C HIS D 280 -34.41 8.75 -27.22
N PHE D 281 -35.04 9.84 -26.79
CA PHE D 281 -35.88 10.62 -27.70
C PHE D 281 -35.03 11.38 -28.70
N LEU D 282 -33.99 12.08 -28.20
CA LEU D 282 -33.08 12.76 -29.10
C LEU D 282 -32.44 11.79 -30.07
N ASP D 283 -31.97 10.66 -29.56
CA ASP D 283 -31.00 9.85 -30.27
C ASP D 283 -31.62 9.04 -31.39
N ASN D 284 -32.81 9.39 -31.86
CA ASN D 284 -33.38 8.65 -32.97
C ASN D 284 -34.12 9.52 -33.99
N LYS D 285 -33.78 10.81 -34.11
CA LYS D 285 -34.42 11.69 -35.08
C LYS D 285 -35.95 11.70 -34.84
N TYR D 286 -36.32 12.22 -33.68
CA TYR D 286 -37.69 12.19 -33.22
C TYR D 286 -38.20 13.60 -32.95
N GLY D 287 -39.38 13.92 -33.49
CA GLY D 287 -40.10 15.13 -33.16
C GLY D 287 -39.45 16.43 -33.56
N LEU D 288 -39.27 16.64 -34.86
CA LEU D 288 -38.47 17.75 -35.38
C LEU D 288 -39.30 18.55 -36.38
N LEU D 289 -39.35 19.86 -36.20
CA LEU D 289 -40.33 20.70 -36.88
C LEU D 289 -39.86 22.16 -36.82
N ASP D 290 -40.65 23.05 -37.42
CA ASP D 290 -40.37 24.48 -37.39
C ASP D 290 -40.73 25.08 -36.04
N ASN D 291 -39.96 26.10 -35.64
CA ASN D 291 -40.12 26.84 -34.38
C ASN D 291 -40.43 25.95 -33.17
N ASP D 292 -39.81 24.76 -33.10
CA ASP D 292 -40.12 23.81 -32.05
C ASP D 292 -39.26 24.07 -30.81
N PRO D 293 -39.84 24.56 -29.70
CA PRO D 293 -39.04 24.94 -28.54
C PRO D 293 -39.00 23.93 -27.39
N THR D 294 -39.80 22.87 -27.47
CA THR D 294 -40.10 22.11 -26.26
C THR D 294 -38.91 21.30 -25.79
N MET D 295 -38.11 20.76 -26.71
CA MET D 295 -36.87 20.11 -26.28
C MET D 295 -36.05 21.09 -25.46
N ALA D 296 -35.74 22.24 -26.05
CA ALA D 296 -35.06 23.32 -25.35
C ALA D 296 -35.58 23.47 -23.94
N LYS D 297 -36.89 23.68 -23.83
CA LYS D 297 -37.57 23.72 -22.55
C LYS D 297 -37.06 22.61 -21.65
N GLY D 298 -37.21 21.36 -22.11
CA GLY D 298 -36.97 20.23 -21.22
C GLY D 298 -35.52 20.10 -20.80
N ILE D 299 -34.60 20.13 -21.76
CA ILE D 299 -33.20 19.90 -21.42
C ILE D 299 -32.69 21.01 -20.53
N LEU D 300 -32.98 22.26 -20.91
CA LEU D 300 -32.65 23.36 -20.02
C LEU D 300 -33.24 23.12 -18.65
N ARG D 301 -34.47 22.61 -18.60
CA ARG D 301 -35.15 22.44 -17.34
C ARG D 301 -34.38 21.49 -16.44
N LEU D 302 -34.05 20.33 -16.98
CA LEU D 302 -33.41 19.33 -16.14
C LEU D 302 -32.02 19.77 -15.74
N TYR D 303 -31.32 20.51 -16.60
CA TYR D 303 -30.04 21.01 -16.12
C TYR D 303 -30.24 22.01 -15.01
N SER D 304 -31.24 22.88 -15.15
CA SER D 304 -31.55 23.82 -14.07
C SER D 304 -31.87 23.07 -12.79
N LEU D 305 -32.36 21.85 -12.93
CA LEU D 305 -32.52 20.97 -11.78
C LEU D 305 -31.20 20.40 -11.31
N CYS D 306 -30.19 20.39 -12.18
CA CYS D 306 -28.92 19.73 -11.93
C CYS D 306 -27.77 20.71 -12.09
N ILE D 307 -27.85 21.85 -11.43
CA ILE D 307 -26.84 22.89 -11.61
C ILE D 307 -25.54 22.54 -10.91
N SER D 308 -25.55 22.55 -9.58
CA SER D 308 -24.43 22.13 -8.77
C SER D 308 -24.88 21.30 -7.59
N ASN D 309 -26.19 21.28 -7.31
CA ASN D 309 -26.79 20.24 -6.52
C ASN D 309 -26.31 18.88 -7.01
N ASP D 310 -26.37 17.88 -6.12
CA ASP D 310 -25.84 16.55 -6.40
C ASP D 310 -26.51 15.89 -7.61
N PHE D 311 -27.46 16.58 -8.23
CA PHE D 311 -28.04 16.12 -9.48
C PHE D 311 -27.12 16.36 -10.68
N SER D 312 -26.11 17.22 -10.54
CA SER D 312 -25.35 17.68 -11.71
C SER D 312 -24.54 16.55 -12.32
N LYS D 313 -23.81 15.81 -11.48
CA LYS D 313 -23.06 14.68 -11.99
C LYS D 313 -23.99 13.65 -12.60
N CYS D 314 -25.16 13.45 -11.99
CA CYS D 314 -26.19 12.61 -12.59
C CYS D 314 -26.52 13.08 -13.99
N PHE D 315 -26.63 14.38 -14.20
CA PHE D 315 -26.91 14.88 -15.52
C PHE D 315 -25.77 14.58 -16.49
N VAL D 316 -24.54 14.92 -16.09
CA VAL D 316 -23.41 14.77 -17.00
C VAL D 316 -23.14 13.29 -17.27
N ASP D 317 -23.70 12.40 -16.46
CA ASP D 317 -23.43 10.98 -16.66
C ASP D 317 -24.57 10.26 -17.37
N HIS D 318 -25.81 10.41 -16.90
CA HIS D 318 -26.94 9.76 -17.55
C HIS D 318 -27.39 10.47 -18.81
N PHE D 319 -26.94 11.70 -19.06
CA PHE D 319 -27.36 12.46 -20.24
C PHE D 319 -26.17 13.04 -20.98
N PRO D 320 -25.28 12.21 -21.51
CA PRO D 320 -24.29 12.74 -22.44
C PRO D 320 -24.82 12.73 -23.85
N ILE D 321 -25.10 13.92 -24.40
CA ILE D 321 -25.19 14.09 -25.84
C ILE D 321 -23.91 14.74 -26.38
N ASP D 322 -22.97 15.05 -25.49
CA ASP D 322 -21.87 15.96 -25.75
C ASP D 322 -21.04 15.60 -26.98
N GLN D 323 -21.17 14.37 -27.47
CA GLN D 323 -20.44 13.94 -28.67
C GLN D 323 -21.32 14.02 -29.90
N TRP D 324 -22.19 15.03 -29.94
CA TRP D 324 -23.11 15.28 -31.06
C TRP D 324 -22.93 16.69 -31.58
N ALA D 325 -21.75 17.27 -31.36
CA ALA D 325 -21.51 18.69 -31.54
C ALA D 325 -21.70 19.17 -32.97
N ASP D 326 -20.85 18.69 -33.88
CA ASP D 326 -20.82 19.18 -35.26
C ASP D 326 -20.77 20.71 -35.30
N PHE D 327 -19.64 21.23 -34.82
CA PHE D 327 -19.41 22.68 -34.94
C PHE D 327 -19.13 23.12 -36.33
N SER D 328 -19.36 22.27 -37.32
CA SER D 328 -19.05 22.63 -38.70
C SER D 328 -20.18 23.43 -39.35
N GLN D 329 -21.43 23.15 -39.01
CA GLN D 329 -22.56 23.49 -39.85
C GLN D 329 -23.56 24.37 -39.11
N SER D 330 -24.15 25.32 -39.82
CA SER D 330 -25.25 26.10 -39.28
C SER D 330 -26.42 25.21 -38.89
N GLU D 331 -26.51 24.01 -39.45
CA GLU D 331 -27.29 22.93 -38.87
C GLU D 331 -26.31 22.13 -38.02
N HIS D 332 -26.15 22.54 -36.76
CA HIS D 332 -25.16 21.92 -35.89
C HIS D 332 -25.66 20.56 -35.40
N PHE D 333 -26.71 20.56 -34.66
CA PHE D 333 -27.20 19.30 -34.14
C PHE D 333 -28.28 18.74 -35.06
N PRO D 334 -28.44 17.42 -35.09
CA PRO D 334 -29.30 16.80 -36.10
C PRO D 334 -30.79 17.10 -35.95
N PHE D 335 -31.22 17.82 -34.92
CA PHE D 335 -32.65 17.91 -34.62
C PHE D 335 -33.37 18.97 -35.44
N THR D 336 -33.13 20.25 -35.12
CA THR D 336 -33.83 21.40 -35.69
C THR D 336 -33.11 22.69 -35.31
N GLN D 337 -33.62 23.84 -35.76
CA GLN D 337 -32.87 25.08 -35.68
C GLN D 337 -32.79 25.61 -34.25
N LEU D 338 -33.93 25.98 -33.67
CA LEU D 338 -33.93 26.58 -32.33
C LEU D 338 -33.71 25.55 -31.23
N THR D 339 -34.26 24.35 -31.39
CA THR D 339 -33.91 23.26 -30.50
C THR D 339 -32.41 22.99 -30.53
N ASN D 340 -31.84 22.95 -31.73
CA ASN D 340 -30.39 22.85 -31.89
C ASN D 340 -29.69 23.95 -31.11
N LYS D 341 -30.15 25.19 -31.30
CA LYS D 341 -29.56 26.33 -30.59
C LYS D 341 -29.52 26.05 -29.09
N ALA D 342 -30.65 25.64 -28.54
CA ALA D 342 -30.75 25.57 -27.09
C ALA D 342 -30.00 24.36 -26.54
N LEU D 343 -30.02 23.23 -27.25
CA LEU D 343 -29.16 22.13 -26.82
C LEU D 343 -27.70 22.49 -26.94
N SER D 344 -27.34 23.34 -27.90
CA SER D 344 -25.96 23.84 -27.92
C SER D 344 -25.69 24.69 -26.70
N ILE D 345 -26.68 25.48 -26.30
CA ILE D 345 -26.58 26.23 -25.05
C ILE D 345 -26.33 25.27 -23.91
N VAL D 346 -27.02 24.14 -23.95
CA VAL D 346 -26.85 23.11 -22.93
C VAL D 346 -25.42 22.60 -22.95
N TYR D 347 -24.91 22.29 -24.14
CA TYR D 347 -23.56 21.75 -24.23
C TYR D 347 -22.57 22.75 -23.65
N PHE D 348 -22.72 24.02 -24.02
CA PHE D 348 -22.00 25.07 -23.32
C PHE D 348 -22.09 24.93 -21.83
N ASP D 349 -23.29 25.08 -21.29
CA ASP D 349 -23.47 25.17 -19.86
C ASP D 349 -22.79 24.00 -19.18
N LEU D 350 -22.90 22.83 -19.79
CA LEU D 350 -22.16 21.67 -19.33
C LEU D 350 -20.67 21.95 -19.28
N LYS D 351 -20.09 22.43 -20.37
CA LYS D 351 -18.65 22.62 -20.38
C LYS D 351 -18.24 23.74 -19.44
N ARG D 352 -19.02 24.81 -19.39
CA ARG D 352 -18.73 25.94 -18.51
C ARG D 352 -18.76 25.52 -17.06
N ARG D 353 -19.63 24.59 -16.70
CA ARG D 353 -19.55 24.06 -15.35
C ARG D 353 -18.42 23.07 -15.18
N SER D 354 -18.07 22.35 -16.25
CA SER D 354 -16.97 21.40 -16.18
C SER D 354 -15.67 22.11 -15.85
N LEU D 355 -15.21 22.96 -16.75
CA LEU D 355 -14.03 23.75 -16.48
C LEU D 355 -14.38 24.93 -15.59
N PRO D 356 -13.45 25.38 -14.77
CA PRO D 356 -13.74 26.50 -13.87
C PRO D 356 -13.65 27.85 -14.57
N VAL D 357 -13.76 28.95 -13.81
CA VAL D 357 -13.59 30.28 -14.38
C VAL D 357 -12.22 30.46 -14.99
N GLU D 358 -11.28 29.55 -14.73
CA GLU D 358 -9.92 29.69 -15.23
C GLU D 358 -9.86 29.67 -16.74
N ALA D 359 -10.91 29.19 -17.40
CA ALA D 359 -11.09 29.41 -18.83
C ALA D 359 -12.31 30.27 -19.13
N LEU D 360 -13.28 30.32 -18.23
CA LEU D 360 -14.43 31.20 -18.40
C LEU D 360 -13.99 32.66 -18.35
N LYS D 361 -14.64 33.49 -19.15
CA LYS D 361 -14.33 34.91 -19.26
C LYS D 361 -15.56 35.61 -19.79
N TYR D 362 -16.29 36.32 -18.91
CA TYR D 362 -17.57 36.90 -19.29
C TYR D 362 -17.38 37.85 -20.46
N ASP D 363 -18.10 37.61 -21.55
CA ASP D 363 -17.92 38.39 -22.76
C ASP D 363 -18.73 39.67 -22.78
N ASN D 364 -19.52 39.93 -21.74
CA ASN D 364 -20.44 41.06 -21.67
C ASN D 364 -21.52 41.00 -22.74
N LYS D 365 -21.58 39.90 -23.50
CA LYS D 365 -22.67 39.75 -24.44
C LYS D 365 -23.96 39.73 -23.64
N PHE D 366 -24.17 38.66 -22.89
CA PHE D 366 -25.18 38.58 -21.84
C PHE D 366 -24.53 38.26 -20.50
N ASN D 367 -23.27 38.66 -20.33
CA ASN D 367 -22.49 38.58 -19.09
C ASN D 367 -22.24 37.15 -18.64
N ILE D 368 -22.67 36.14 -19.40
CA ILE D 368 -22.38 34.75 -19.07
C ILE D 368 -20.88 34.57 -18.90
N TRP D 369 -20.50 33.74 -17.92
CA TRP D 369 -19.08 33.46 -17.75
C TRP D 369 -18.57 32.57 -18.88
N VAL D 370 -18.58 33.07 -20.11
CA VAL D 370 -18.31 32.24 -21.28
C VAL D 370 -16.82 32.03 -21.48
N TYR D 371 -16.41 30.77 -21.57
CA TYR D 371 -15.00 30.45 -21.77
C TYR D 371 -14.63 30.71 -23.24
N GLN D 372 -13.43 30.29 -23.62
CA GLN D 372 -12.92 30.52 -24.96
C GLN D 372 -13.88 30.00 -26.00
N SER D 373 -14.19 30.83 -26.99
CA SER D 373 -15.30 30.51 -27.89
C SER D 373 -15.07 29.23 -28.67
N GLU D 374 -14.16 29.28 -29.64
CA GLU D 374 -13.75 28.11 -30.41
C GLU D 374 -12.72 28.53 -31.43
N PRO D 375 -12.06 27.60 -32.10
CA PRO D 375 -11.50 27.92 -33.42
C PRO D 375 -12.57 28.46 -34.37
N ASP D 376 -13.81 27.99 -34.22
CA ASP D 376 -14.98 28.61 -34.84
C ASP D 376 -15.59 29.60 -33.84
N SER D 377 -16.82 30.04 -34.10
CA SER D 377 -17.51 30.88 -33.13
C SER D 377 -18.07 30.04 -31.98
N SER D 378 -19.03 29.17 -32.30
CA SER D 378 -19.52 28.14 -31.39
C SER D 378 -20.16 28.71 -30.12
N LEU D 379 -20.14 30.04 -29.98
CA LEU D 379 -20.83 30.71 -28.88
C LEU D 379 -21.83 31.72 -29.39
N LYS D 380 -22.08 31.73 -30.70
CA LYS D 380 -23.15 32.51 -31.30
C LYS D 380 -24.50 31.82 -31.17
N ASN D 381 -24.62 30.86 -30.27
CA ASN D 381 -25.88 30.16 -30.06
C ASN D 381 -26.25 30.21 -28.59
N VAL D 382 -25.25 30.31 -27.72
CA VAL D 382 -25.49 30.34 -26.29
C VAL D 382 -26.20 31.63 -25.91
N THR D 383 -26.04 32.68 -26.72
CA THR D 383 -26.46 34.02 -26.33
C THR D 383 -27.38 34.63 -27.36
N SER D 384 -27.14 34.35 -28.63
CA SER D 384 -27.90 35.00 -29.71
C SER D 384 -29.34 34.52 -29.71
N PRO D 385 -30.32 35.43 -29.63
CA PRO D 385 -31.72 35.01 -29.72
C PRO D 385 -32.23 34.93 -31.15
N PHE D 386 -32.63 33.74 -31.57
CA PHE D 386 -33.26 33.53 -32.87
C PHE D 386 -34.66 32.99 -32.60
N ASP D 387 -35.61 33.91 -32.40
CA ASP D 387 -36.96 33.55 -32.02
C ASP D 387 -37.94 34.64 -32.45
N ASP D 388 -39.21 34.26 -32.50
CA ASP D 388 -40.31 35.18 -32.81
C ASP D 388 -41.24 35.16 -31.59
N ARG D 389 -40.95 36.04 -30.62
CA ARG D 389 -41.68 36.11 -29.36
C ARG D 389 -41.59 34.81 -28.56
N TYR D 390 -40.42 34.17 -28.59
CA TYR D 390 -40.15 33.03 -27.72
C TYR D 390 -39.37 33.46 -26.48
N LYS D 391 -39.98 34.45 -25.80
CA LYS D 391 -39.36 35.01 -24.61
C LYS D 391 -39.26 34.00 -23.50
N GLN D 392 -40.22 33.07 -23.41
CA GLN D 392 -40.15 32.05 -22.37
C GLN D 392 -38.90 31.19 -22.55
N LEU D 393 -38.64 30.78 -23.79
CA LEU D 393 -37.42 30.04 -24.09
C LEU D 393 -36.19 30.86 -23.73
N GLU D 394 -36.20 32.14 -24.12
CA GLU D 394 -35.03 32.96 -23.87
C GLU D 394 -34.79 33.13 -22.37
N LYS D 395 -35.84 33.29 -21.58
CA LYS D 395 -35.63 33.52 -20.16
C LYS D 395 -35.24 32.24 -19.44
N LEU D 396 -35.72 31.09 -19.92
CA LEU D 396 -35.08 29.84 -19.57
C LEU D 396 -33.58 30.00 -19.71
N ARG D 397 -33.15 30.27 -20.93
CA ARG D 397 -31.73 30.34 -21.25
C ARG D 397 -31.00 31.31 -20.33
N LEU D 398 -31.59 32.47 -20.08
CA LEU D 398 -30.94 33.48 -19.27
C LEU D 398 -30.71 32.99 -17.84
N LEU D 399 -31.73 32.43 -17.20
CA LEU D 399 -31.50 31.91 -15.85
C LEU D 399 -30.47 30.81 -15.88
N VAL D 400 -30.57 29.90 -16.87
CA VAL D 400 -29.63 28.80 -16.96
C VAL D 400 -28.21 29.35 -16.96
N LEU D 401 -27.95 30.30 -17.85
CA LEU D 401 -26.66 30.94 -17.98
C LEU D 401 -26.25 31.57 -16.65
N LYS D 402 -27.15 32.35 -16.07
CA LYS D 402 -26.80 33.16 -14.93
C LYS D 402 -26.58 32.34 -13.67
N LYS D 403 -27.00 31.08 -13.68
CA LYS D 403 -27.06 30.31 -12.44
C LYS D 403 -25.69 29.87 -11.93
N PHE D 404 -24.62 30.49 -12.42
CA PHE D 404 -23.29 30.29 -11.88
C PHE D 404 -22.67 31.59 -11.40
N ASN D 405 -23.29 32.74 -11.67
CA ASN D 405 -22.66 34.03 -11.45
C ASN D 405 -22.24 34.26 -10.00
N LYS D 406 -22.63 33.39 -9.07
CA LYS D 406 -22.52 33.64 -7.64
C LYS D 406 -23.35 34.86 -7.21
N THR D 407 -24.07 35.45 -8.16
CA THR D 407 -24.97 36.57 -7.93
C THR D 407 -26.39 36.14 -8.18
N GLU D 408 -27.30 36.53 -7.29
CA GLU D 408 -28.68 36.04 -7.32
C GLU D 408 -29.42 36.72 -8.48
N ARG D 409 -29.16 36.22 -9.69
CA ARG D 409 -29.97 36.55 -10.86
C ARG D 409 -31.13 35.55 -10.86
N GLY D 410 -32.25 35.96 -10.29
CA GLY D 410 -33.32 35.03 -9.97
C GLY D 410 -33.57 35.01 -8.46
N THR D 411 -34.69 35.58 -8.03
CA THR D 411 -34.91 35.92 -6.64
C THR D 411 -36.37 35.74 -6.26
N LEU D 412 -36.67 35.92 -4.97
CA LEU D 412 -38.04 35.84 -4.47
C LEU D 412 -38.53 37.14 -3.86
N LEU D 413 -37.94 37.59 -2.75
CA LEU D 413 -38.40 38.88 -2.25
C LEU D 413 -37.81 39.97 -3.10
N LYS D 414 -36.61 39.74 -3.63
CA LYS D 414 -36.11 40.62 -4.66
C LYS D 414 -36.96 40.50 -5.92
N TYR D 415 -37.48 39.30 -6.19
CA TYR D 415 -38.45 39.18 -7.28
C TYR D 415 -39.62 40.10 -7.06
N ARG D 416 -40.14 40.13 -5.84
CA ARG D 416 -41.32 40.96 -5.59
C ARG D 416 -40.98 42.43 -5.57
N VAL D 417 -39.80 42.82 -5.06
CA VAL D 417 -39.44 44.23 -5.11
C VAL D 417 -39.29 44.67 -6.57
N ASN D 418 -38.78 43.77 -7.42
CA ASN D 418 -38.69 44.12 -8.84
C ASN D 418 -40.08 44.16 -9.47
N GLN D 419 -40.97 43.23 -9.08
CA GLN D 419 -42.35 43.28 -9.56
C GLN D 419 -43.01 44.58 -9.15
N LEU D 420 -42.58 45.15 -8.04
CA LEU D 420 -43.09 46.42 -7.54
C LEU D 420 -42.32 47.61 -8.10
N SER D 421 -41.19 47.37 -8.76
CA SER D 421 -40.29 48.45 -9.13
C SER D 421 -39.50 48.13 -10.40
N PRO D 422 -39.77 48.83 -11.49
CA PRO D 422 -38.93 48.69 -12.69
C PRO D 422 -37.68 49.54 -12.55
N GLY D 423 -36.54 48.94 -12.90
CA GLY D 423 -35.27 49.63 -12.71
C GLY D 423 -34.93 49.87 -11.25
N PHE D 424 -35.08 48.84 -10.41
CA PHE D 424 -34.72 48.97 -9.00
C PHE D 424 -33.23 48.75 -8.79
N PHE D 425 -32.76 47.54 -9.07
CA PHE D 425 -31.38 47.17 -8.77
C PHE D 425 -30.38 47.75 -9.76
N GLN D 426 -30.81 48.64 -10.66
CA GLN D 426 -29.82 49.41 -11.40
C GLN D 426 -29.00 50.27 -10.45
N ARG D 427 -29.60 50.66 -9.33
CA ARG D 427 -28.88 51.28 -8.23
C ARG D 427 -28.40 50.18 -7.29
N ALA D 428 -27.97 50.55 -6.08
CA ALA D 428 -27.52 49.56 -5.11
C ALA D 428 -28.60 48.52 -4.86
N GLY D 429 -29.71 48.93 -4.26
CA GLY D 429 -30.80 48.01 -4.03
C GLY D 429 -30.46 46.99 -2.97
N ASN D 430 -29.38 46.23 -3.22
CA ASN D 430 -28.79 45.34 -2.22
C ASN D 430 -28.20 46.11 -1.04
N ASP D 431 -28.24 47.44 -1.09
CA ASP D 431 -27.96 48.26 0.08
C ASP D 431 -29.04 48.06 1.12
N PHE D 432 -29.16 49.01 2.07
CA PHE D 432 -30.28 48.92 3.05
C PHE D 432 -31.07 50.25 3.17
N LYS D 433 -30.41 51.28 3.70
CA LYS D 433 -31.10 52.58 3.98
C LYS D 433 -31.80 53.16 2.74
N LEU D 434 -31.17 53.11 1.56
CA LEU D 434 -31.77 53.76 0.37
C LEU D 434 -33.08 53.03 0.00
N ILE D 435 -33.09 51.69 0.05
CA ILE D 435 -34.34 50.92 -0.23
C ILE D 435 -35.38 51.25 0.86
N LEU D 436 -34.93 51.39 2.11
CA LEU D 436 -35.90 51.81 3.17
C LEU D 436 -36.55 53.15 2.77
N ASN D 437 -35.73 54.13 2.37
CA ASN D 437 -36.26 55.47 1.97
C ASN D 437 -37.22 55.33 0.79
N GLU D 438 -36.87 54.48 -0.19
CA GLU D 438 -37.77 54.22 -1.34
C GLU D 438 -39.12 53.77 -0.80
N ALA D 439 -39.14 52.70 0.00
CA ALA D 439 -40.41 52.22 0.62
C ALA D 439 -41.15 53.43 1.22
N SER D 440 -40.47 54.18 2.09
CA SER D 440 -41.11 55.36 2.75
C SER D 440 -41.80 56.26 1.73
N VAL D 441 -41.06 56.84 0.78
CA VAL D 441 -41.67 57.83 -0.17
C VAL D 441 -42.79 57.17 -0.99
N SER D 442 -42.64 55.89 -1.35
CA SER D 442 -43.69 55.17 -2.11
C SER D 442 -44.99 55.15 -1.31
N ILE D 443 -44.94 54.65 -0.06
CA ILE D 443 -46.22 54.54 0.72
C ILE D 443 -46.70 55.96 1.03
N GLN D 444 -45.79 56.93 1.01
CA GLN D 444 -46.16 58.34 1.27
C GLN D 444 -46.98 58.95 0.12
N THR D 445 -46.66 58.64 -1.15
CA THR D 445 -47.41 59.40 -2.21
C THR D 445 -47.96 58.66 -3.44
N CYS D 446 -47.72 57.36 -3.66
CA CYS D 446 -48.13 56.79 -4.93
C CYS D 446 -49.45 56.02 -4.88
N PHE D 447 -50.25 56.20 -3.84
CA PHE D 447 -51.57 55.57 -3.74
C PHE D 447 -52.63 56.65 -3.90
N LYS D 448 -53.35 56.62 -5.03
CA LYS D 448 -54.34 57.65 -5.31
C LYS D 448 -55.77 57.12 -5.29
N THR D 449 -56.11 56.20 -6.19
CA THR D 449 -57.42 55.56 -6.16
C THR D 449 -57.39 54.09 -6.51
N ASN D 450 -56.32 53.61 -7.15
CA ASN D 450 -56.32 52.28 -7.76
C ASN D 450 -55.09 51.46 -7.38
N ASN D 451 -54.02 52.12 -6.97
CA ASN D 451 -52.76 51.42 -6.73
C ASN D 451 -52.79 50.69 -5.40
N ILE D 452 -53.83 49.88 -5.19
CA ILE D 452 -53.87 48.99 -4.03
C ILE D 452 -52.82 47.90 -4.16
N THR D 453 -52.54 47.45 -5.38
CA THR D 453 -51.54 46.40 -5.59
C THR D 453 -50.16 46.86 -5.16
N ARG D 454 -49.73 48.01 -5.68
CA ARG D 454 -48.40 48.52 -5.37
C ARG D 454 -48.19 48.62 -3.87
N LEU D 455 -49.19 49.15 -3.17
CA LEU D 455 -48.97 49.49 -1.78
C LEU D 455 -49.12 48.26 -0.90
N THR D 456 -49.99 47.34 -1.29
CA THR D 456 -50.11 46.07 -0.57
C THR D 456 -48.82 45.26 -0.69
N SER D 457 -48.26 45.21 -1.89
CA SER D 457 -46.96 44.58 -2.07
C SER D 457 -45.91 45.31 -1.24
N TRP D 458 -46.03 46.63 -1.15
CA TRP D 458 -45.09 47.35 -0.29
C TRP D 458 -45.24 46.93 1.15
N THR D 459 -46.46 46.63 1.58
CA THR D 459 -46.66 46.12 2.93
C THR D 459 -45.93 44.81 3.13
N VAL D 460 -46.13 43.86 2.20
CA VAL D 460 -45.55 42.54 2.42
C VAL D 460 -44.03 42.61 2.39
N ILE D 461 -43.48 43.39 1.45
CA ILE D 461 -42.03 43.55 1.42
C ILE D 461 -41.56 44.25 2.69
N LEU D 462 -42.35 45.18 3.20
CA LEU D 462 -42.00 45.87 4.42
C LEU D 462 -41.87 44.89 5.58
N GLY D 463 -42.85 44.00 5.70
CA GLY D 463 -42.81 43.02 6.77
C GLY D 463 -41.61 42.11 6.62
N ARG D 464 -41.41 41.58 5.40
CA ARG D 464 -40.30 40.67 5.20
C ARG D 464 -38.95 41.36 5.42
N LEU D 465 -38.85 42.65 5.09
CA LEU D 465 -37.61 43.38 5.35
C LEU D 465 -37.43 43.65 6.83
N ALA D 466 -38.52 43.85 7.55
CA ALA D 466 -38.44 43.85 9.00
C ALA D 466 -37.82 42.55 9.48
N CYS D 467 -38.35 41.44 8.97
CA CYS D 467 -37.75 40.15 9.23
C CYS D 467 -36.27 40.16 8.90
N LEU D 468 -35.91 40.82 7.80
CA LEU D 468 -34.55 40.71 7.29
C LEU D 468 -33.57 41.54 8.11
N GLU D 469 -34.03 42.65 8.69
CA GLU D 469 -33.10 43.41 9.51
C GLU D 469 -33.07 42.85 10.92
N SER D 470 -34.15 42.18 11.32
CA SER D 470 -34.03 41.28 12.46
C SER D 470 -33.08 40.13 12.15
N GLU D 471 -32.93 39.82 10.87
CA GLU D 471 -31.97 38.84 10.37
C GLU D 471 -30.55 39.39 10.35
N LYS D 472 -30.39 40.70 10.51
CA LYS D 472 -29.12 41.15 11.04
C LYS D 472 -29.28 41.26 12.56
N PHE D 473 -28.15 41.43 13.25
CA PHE D 473 -28.03 41.22 14.69
C PHE D 473 -28.63 39.89 15.13
N SER D 474 -28.68 38.90 14.25
CA SER D 474 -29.15 37.58 14.64
C SER D 474 -28.00 36.77 15.22
N SER D 480 -25.06 39.74 11.40
CA SER D 480 -25.49 40.90 10.64
C SER D 480 -24.87 40.91 9.26
N THR D 481 -24.23 39.80 8.91
CA THR D 481 -23.56 39.68 7.62
C THR D 481 -24.54 39.59 6.47
N LYS D 482 -25.69 38.96 6.68
CA LYS D 482 -26.49 38.41 5.59
C LYS D 482 -26.97 39.48 4.63
N ASP D 483 -26.85 39.19 3.34
CA ASP D 483 -27.37 40.07 2.32
C ASP D 483 -28.88 39.92 2.24
N MET D 484 -29.49 40.68 1.33
CA MET D 484 -30.92 40.63 1.14
C MET D 484 -31.33 39.69 0.01
N ASP D 485 -30.58 39.71 -1.10
CA ASP D 485 -30.97 38.93 -2.26
C ASP D 485 -30.92 37.43 -2.00
N ASN D 486 -29.90 36.96 -1.29
CA ASN D 486 -29.75 35.52 -1.08
C ASN D 486 -30.61 35.07 0.10
N TRP D 487 -31.88 35.45 0.09
CA TRP D 487 -32.85 35.01 1.09
C TRP D 487 -34.19 34.73 0.45
N TYR D 488 -34.86 33.69 0.93
CA TYR D 488 -36.15 33.28 0.40
C TYR D 488 -37.27 33.69 1.34
N VAL D 489 -37.23 33.21 2.58
CA VAL D 489 -38.35 33.27 3.50
C VAL D 489 -37.81 33.34 4.92
N CYS D 490 -38.42 34.20 5.74
CA CYS D 490 -37.85 34.49 7.05
C CYS D 490 -37.75 33.25 7.93
N HIS D 491 -36.58 33.05 8.51
CA HIS D 491 -36.37 31.85 9.33
C HIS D 491 -37.27 31.85 10.56
N LEU D 492 -37.42 32.99 11.21
CA LEU D 492 -38.13 33.06 12.47
C LEU D 492 -39.62 33.37 12.27
N CYS D 493 -40.07 33.41 11.02
CA CYS D 493 -41.48 33.61 10.71
C CYS D 493 -42.00 32.69 9.60
N ASP D 494 -41.13 31.99 8.88
CA ASP D 494 -41.59 31.24 7.71
C ASP D 494 -41.22 29.76 7.78
N ILE D 495 -40.25 29.39 8.59
CA ILE D 495 -39.95 27.99 8.86
C ILE D 495 -40.11 27.78 10.36
N GLU D 496 -41.02 26.90 10.74
CA GLU D 496 -41.48 26.80 12.12
C GLU D 496 -40.65 25.82 12.93
N LYS D 497 -40.28 26.23 14.14
CA LYS D 497 -39.71 25.32 15.12
C LYS D 497 -40.81 24.44 15.68
N THR D 498 -40.43 23.54 16.58
CA THR D 498 -41.35 22.50 17.02
C THR D 498 -42.52 23.09 17.79
N GLY D 499 -43.73 22.67 17.43
CA GLY D 499 -44.93 23.00 18.19
C GLY D 499 -45.19 24.47 18.37
N ASN D 500 -45.10 24.94 19.60
CA ASN D 500 -45.64 26.25 19.96
C ASN D 500 -44.88 27.36 19.27
N PRO D 501 -45.46 28.00 18.25
CA PRO D 501 -44.72 29.01 17.49
C PRO D 501 -44.23 30.16 18.33
N PHE D 502 -44.93 30.46 19.43
CA PHE D 502 -44.61 31.59 20.27
C PHE D 502 -43.58 31.25 21.33
N VAL D 503 -43.08 30.02 21.35
CA VAL D 503 -41.80 29.78 22.00
C VAL D 503 -40.67 30.05 21.02
N ARG D 504 -40.99 30.14 19.73
CA ARG D 504 -39.97 30.38 18.71
C ARG D 504 -39.25 31.70 18.93
N ILE D 505 -39.98 32.76 19.25
CA ILE D 505 -39.43 34.10 19.30
C ILE D 505 -38.45 34.21 20.46
N ASN D 506 -37.68 35.29 20.46
CA ASN D 506 -36.89 35.73 21.59
C ASN D 506 -37.64 36.80 22.36
N PRO D 507 -38.40 36.44 23.39
CA PRO D 507 -39.29 37.42 24.02
C PRO D 507 -38.60 38.70 24.42
N ASN D 508 -37.38 38.59 24.96
CA ASN D 508 -36.56 39.76 25.23
C ASN D 508 -35.93 40.28 23.95
N ARG D 509 -36.77 40.70 22.98
CA ARG D 509 -36.24 41.10 21.70
C ARG D 509 -36.14 42.62 21.60
N PRO D 510 -35.30 43.12 20.70
CA PRO D 510 -35.26 44.56 20.45
C PRO D 510 -36.61 45.09 19.96
N GLU D 511 -36.93 46.30 20.41
CA GLU D 511 -38.26 46.87 20.20
C GLU D 511 -38.46 47.32 18.77
N ALA D 512 -39.66 47.08 18.25
CA ALA D 512 -40.00 47.48 16.89
C ALA D 512 -39.91 48.99 16.74
N ALA D 513 -40.74 49.72 17.49
CA ALA D 513 -40.71 51.18 17.40
C ALA D 513 -39.36 51.73 17.83
N GLY D 514 -38.80 51.19 18.91
CA GLY D 514 -37.55 51.72 19.41
C GLY D 514 -36.41 51.65 18.42
N LYS D 515 -36.31 50.54 17.69
CA LYS D 515 -35.12 50.27 16.88
C LYS D 515 -35.37 50.24 15.38
N SER D 516 -36.37 49.51 14.92
CA SER D 516 -36.42 49.17 13.50
C SER D 516 -36.91 50.35 12.68
N GLU D 517 -36.06 50.82 11.77
CA GLU D 517 -36.46 51.81 10.78
C GLU D 517 -37.65 51.34 9.96
N ILE D 518 -37.82 50.02 9.85
CA ILE D 518 -39.00 49.48 9.18
C ILE D 518 -40.26 49.79 10.00
N PHE D 519 -40.16 49.71 11.32
CA PHE D 519 -41.30 50.14 12.11
C PHE D 519 -41.42 51.66 12.09
N ARG D 520 -40.34 52.38 11.86
CA ARG D 520 -40.48 53.81 11.63
C ARG D 520 -41.30 54.05 10.38
N ILE D 521 -41.08 53.26 9.34
CA ILE D 521 -41.91 53.36 8.14
C ILE D 521 -43.37 53.09 8.47
N LEU D 522 -43.60 52.05 9.28
CA LEU D 522 -44.97 51.77 9.74
C LEU D 522 -45.56 52.98 10.46
N HIS D 523 -44.96 53.37 11.58
CA HIS D 523 -45.44 54.47 12.39
C HIS D 523 -45.51 55.77 11.59
N SER D 524 -44.84 55.83 10.44
CA SER D 524 -44.93 56.99 9.57
C SER D 524 -46.20 56.95 8.73
N ASN D 525 -46.47 55.83 8.07
CA ASN D 525 -47.62 55.77 7.17
C ASN D 525 -48.68 54.76 7.60
N PHE D 526 -48.30 53.49 7.75
CA PHE D 526 -49.26 52.43 8.01
C PHE D 526 -49.90 52.55 9.39
N LEU D 527 -49.20 53.17 10.35
CA LEU D 527 -49.77 53.48 11.65
C LEU D 527 -50.21 54.92 11.75
N SER D 528 -50.35 55.61 10.63
CA SER D 528 -50.74 57.02 10.64
C SER D 528 -51.75 57.39 9.56
N HIS D 529 -52.15 56.46 8.71
CA HIS D 529 -53.06 56.82 7.64
C HIS D 529 -54.38 57.31 8.23
N PRO D 530 -54.98 58.36 7.68
CA PRO D 530 -56.35 58.70 8.07
C PRO D 530 -57.35 57.79 7.39
N ASN D 531 -57.05 57.44 6.15
CA ASN D 531 -57.83 56.51 5.36
C ASN D 531 -57.60 55.06 5.77
N ILE D 532 -56.79 54.80 6.81
CA ILE D 532 -56.52 53.44 7.26
C ILE D 532 -57.80 52.70 7.55
N ASP D 533 -58.87 53.43 7.87
CA ASP D 533 -60.18 52.82 8.11
C ASP D 533 -60.47 51.72 7.12
N GLU D 534 -60.40 52.02 5.83
CA GLU D 534 -60.47 50.98 4.81
C GLU D 534 -59.85 51.50 3.53
N PHE D 535 -58.66 51.00 3.18
CA PHE D 535 -58.27 51.11 1.78
C PHE D 535 -58.98 50.01 1.01
N SER D 536 -58.67 48.76 1.36
CA SER D 536 -59.52 47.62 1.08
C SER D 536 -58.96 46.40 1.81
N GLU D 537 -59.63 45.27 1.59
CA GLU D 537 -59.46 44.08 2.42
C GLU D 537 -58.02 43.57 2.37
N SER D 538 -57.45 43.49 1.17
CA SER D 538 -56.13 42.88 1.04
C SER D 538 -55.05 43.73 1.67
N LEU D 539 -55.11 45.05 1.47
CA LEU D 539 -54.11 45.91 2.09
C LEU D 539 -54.20 45.85 3.60
N LEU D 540 -55.43 45.83 4.14
CA LEU D 540 -55.56 45.66 5.58
C LEU D 540 -54.89 44.38 6.04
N SER D 541 -55.24 43.27 5.37
CA SER D 541 -54.64 41.99 5.71
C SER D 541 -53.14 42.02 5.60
N GLY D 542 -52.61 42.73 4.60
CA GLY D 542 -51.17 42.72 4.39
C GLY D 542 -50.43 43.52 5.43
N ILE D 543 -50.98 44.66 5.82
CA ILE D 543 -50.35 45.36 6.91
C ILE D 543 -50.41 44.51 8.16
N LEU D 544 -51.46 43.73 8.32
CA LEU D 544 -51.49 42.78 9.41
C LEU D 544 -50.34 41.80 9.32
N PHE D 545 -50.14 41.21 8.13
CA PHE D 545 -49.02 40.30 7.91
C PHE D 545 -47.71 40.93 8.34
N SER D 546 -47.47 42.14 7.85
CA SER D 546 -46.23 42.84 8.13
C SER D 546 -46.05 42.99 9.63
N LEU D 547 -46.98 43.68 10.27
CA LEU D 547 -46.83 43.92 11.70
C LEU D 547 -46.72 42.61 12.45
N HIS D 548 -47.33 41.54 11.92
CA HIS D 548 -47.17 40.23 12.52
C HIS D 548 -45.70 39.83 12.56
N ARG D 549 -45.07 39.76 11.39
CA ARG D 549 -43.67 39.37 11.36
C ARG D 549 -42.85 40.32 12.23
N ILE D 550 -43.20 41.59 12.19
CA ILE D 550 -42.47 42.61 12.93
C ILE D 550 -42.48 42.32 14.42
N PHE D 551 -43.66 42.12 14.96
CA PHE D 551 -43.77 41.89 16.39
C PHE D 551 -43.28 40.52 16.77
N SER D 552 -43.33 39.55 15.85
CA SER D 552 -42.76 38.25 16.16
C SER D 552 -41.26 38.39 16.35
N HIS D 553 -40.63 39.25 15.58
CA HIS D 553 -39.21 39.52 15.77
C HIS D 553 -38.94 40.53 16.89
N PHE D 554 -39.95 41.29 17.30
CA PHE D 554 -39.73 42.55 18.00
C PHE D 554 -40.62 42.64 19.23
N GLN D 555 -40.27 43.53 20.13
CA GLN D 555 -41.23 43.98 21.11
C GLN D 555 -42.28 44.84 20.41
N PRO D 556 -43.55 44.48 20.49
CA PRO D 556 -44.58 45.23 19.79
C PRO D 556 -44.71 46.64 20.33
N PRO D 557 -45.25 47.57 19.56
CA PRO D 557 -45.42 48.93 20.05
C PRO D 557 -46.41 48.97 21.19
N LYS D 558 -46.30 50.02 22.01
CA LYS D 558 -47.19 50.16 23.15
C LYS D 558 -48.63 50.12 22.66
N LEU D 559 -49.34 49.05 22.99
CA LEU D 559 -50.73 48.90 22.57
C LEU D 559 -51.53 50.13 22.96
N THR D 560 -51.45 50.51 24.24
CA THR D 560 -51.97 51.76 24.74
C THR D 560 -50.95 52.32 25.70
N ASP D 561 -50.73 53.63 25.65
CA ASP D 561 -49.79 54.26 26.57
C ASP D 561 -50.28 54.22 28.01
N GLY D 562 -51.55 53.84 28.22
CA GLY D 562 -52.20 53.92 29.52
C GLY D 562 -53.25 55.01 29.57
N ASN D 563 -53.01 56.12 28.89
CA ASN D 563 -54.00 57.19 28.75
C ASN D 563 -54.71 57.07 27.40
N GLY D 564 -55.43 55.95 27.25
CA GLY D 564 -56.09 55.67 25.99
C GLY D 564 -55.07 55.46 24.88
N GLN D 565 -55.30 56.12 23.75
CA GLN D 565 -54.33 56.21 22.67
C GLN D 565 -53.82 54.83 22.24
N ILE D 566 -54.74 54.05 21.68
CA ILE D 566 -54.35 52.79 21.05
C ILE D 566 -53.38 53.09 19.91
N ASN D 567 -52.43 52.18 19.69
CA ASN D 567 -51.35 52.46 18.75
C ASN D 567 -51.73 52.11 17.32
N LYS D 568 -52.91 52.53 16.87
CA LYS D 568 -53.36 52.41 15.49
C LYS D 568 -53.36 50.94 15.04
N SER D 569 -52.97 50.04 15.93
CA SER D 569 -53.00 48.60 15.68
C SER D 569 -54.28 48.00 16.24
N PHE D 570 -54.66 48.41 17.45
CA PHE D 570 -55.99 48.10 17.93
C PHE D 570 -57.06 48.81 17.11
N LYS D 571 -56.70 49.88 16.41
CA LYS D 571 -57.58 50.38 15.36
C LYS D 571 -57.77 49.31 14.29
N LEU D 572 -56.69 48.62 13.91
CA LEU D 572 -56.79 47.55 12.93
C LEU D 572 -57.65 46.41 13.48
N VAL D 573 -57.48 46.10 14.76
CA VAL D 573 -58.42 45.22 15.46
C VAL D 573 -59.85 45.67 15.21
N GLN D 574 -60.12 46.95 15.50
CA GLN D 574 -61.49 47.46 15.45
C GLN D 574 -62.08 47.29 14.06
N LYS D 575 -61.29 47.57 13.03
CA LYS D 575 -61.82 47.56 11.67
C LYS D 575 -61.58 46.24 10.94
N CYS D 576 -61.02 45.24 11.61
CA CYS D 576 -60.91 43.91 11.03
C CYS D 576 -61.84 42.91 11.67
N PHE D 577 -62.08 43.02 12.97
CA PHE D 577 -62.98 42.07 13.63
C PHE D 577 -64.41 42.18 13.13
N MET D 578 -64.75 43.24 12.40
CA MET D 578 -66.13 43.48 11.95
C MET D 578 -66.17 43.86 10.47
N ASN D 579 -65.39 43.16 9.65
CA ASN D 579 -65.45 43.36 8.21
C ASN D 579 -66.56 42.50 7.61
N SER D 580 -66.71 42.58 6.28
CA SER D 580 -67.70 41.78 5.60
C SER D 580 -67.29 40.32 5.55
N ASN D 581 -66.00 40.06 5.39
CA ASN D 581 -65.48 38.72 5.14
C ASN D 581 -64.70 38.17 6.33
N ARG D 582 -64.82 36.86 6.54
CA ARG D 582 -64.20 36.18 7.67
C ARG D 582 -62.68 36.18 7.60
N TYR D 583 -62.11 36.31 6.39
CA TYR D 583 -60.67 36.20 6.26
C TYR D 583 -59.95 37.29 7.03
N LEU D 584 -60.42 38.53 6.95
CA LEU D 584 -59.76 39.61 7.67
C LEU D 584 -59.81 39.38 9.17
N ARG D 585 -60.97 38.96 9.68
CA ARG D 585 -61.07 38.64 11.10
C ARG D 585 -60.02 37.61 11.48
N LEU D 586 -60.00 36.51 10.74
CA LEU D 586 -59.13 35.40 11.12
C LEU D 586 -57.67 35.78 11.01
N LEU D 587 -57.31 36.53 9.96
CA LEU D 587 -55.93 36.98 9.86
C LEU D 587 -55.58 37.94 11.00
N SER D 588 -56.51 38.83 11.33
CA SER D 588 -56.27 39.78 12.39
C SER D 588 -56.04 39.09 13.72
N THR D 589 -56.77 38.00 13.96
CA THR D 589 -56.73 37.39 15.28
C THR D 589 -55.31 36.97 15.66
N ARG D 590 -54.46 36.70 14.68
CA ARG D 590 -53.11 36.27 15.03
C ARG D 590 -52.28 37.38 15.60
N ILE D 591 -52.69 38.63 15.46
CA ILE D 591 -51.85 39.71 15.98
C ILE D 591 -51.82 39.65 17.49
N ILE D 592 -52.95 39.30 18.11
CA ILE D 592 -53.07 39.40 19.56
C ILE D 592 -52.02 38.61 20.31
N PRO D 593 -51.75 37.34 19.99
CA PRO D 593 -50.66 36.66 20.68
C PRO D 593 -49.36 37.41 20.55
N LEU D 594 -49.13 37.98 19.38
CA LEU D 594 -47.88 38.69 19.15
C LEU D 594 -47.81 39.97 19.95
N PHE D 595 -48.95 40.63 20.19
CA PHE D 595 -48.97 41.74 21.13
C PHE D 595 -48.58 41.26 22.52
N ASN D 596 -49.17 40.14 22.96
CA ASN D 596 -48.91 39.67 24.30
C ASN D 596 -47.44 39.35 24.50
N ILE D 597 -46.85 38.65 23.53
CA ILE D 597 -45.45 38.25 23.62
C ILE D 597 -44.57 39.50 23.53
N SER D 598 -43.90 39.84 24.64
CA SER D 598 -43.01 41.00 24.67
C SER D 598 -42.34 41.09 26.02
N ASP D 599 -41.47 42.09 26.13
CA ASP D 599 -41.05 42.71 27.39
C ASP D 599 -41.06 44.23 27.20
N SER D 600 -40.94 44.95 28.31
CA SER D 600 -40.91 46.41 28.30
C SER D 600 -42.24 46.98 27.84
N HIS D 601 -43.14 46.08 27.41
CA HIS D 601 -44.53 46.38 27.10
C HIS D 601 -45.48 45.36 27.67
N ASN D 602 -44.99 44.23 28.18
CA ASN D 602 -45.83 43.24 28.84
C ASN D 602 -45.12 42.59 30.03
N SER D 603 -44.22 43.32 30.69
CA SER D 603 -43.45 42.77 31.81
C SER D 603 -44.23 42.74 33.11
N GLU D 604 -45.42 43.33 33.15
CA GLU D 604 -46.31 43.29 34.31
C GLU D 604 -47.73 43.03 33.86
N ASP D 605 -47.88 42.19 32.84
CA ASP D 605 -49.16 41.81 32.22
C ASP D 605 -50.04 43.03 31.91
N GLU D 606 -49.41 44.16 31.56
CA GLU D 606 -50.18 45.33 31.14
C GLU D 606 -50.88 45.06 29.82
N HIS D 607 -50.11 44.75 28.78
CA HIS D 607 -50.70 44.43 27.49
C HIS D 607 -51.43 43.10 27.53
N THR D 608 -51.02 42.19 28.41
CA THR D 608 -51.80 41.00 28.67
C THR D 608 -53.22 41.37 29.07
N ALA D 609 -53.34 42.27 30.04
CA ALA D 609 -54.66 42.70 30.49
C ALA D 609 -55.40 43.41 29.38
N THR D 610 -54.73 44.30 28.65
CA THR D 610 -55.44 45.03 27.60
C THR D 610 -56.02 44.06 26.58
N LEU D 611 -55.21 43.09 26.14
CA LEU D 611 -55.68 42.11 25.18
C LEU D 611 -56.83 41.29 25.74
N ILE D 612 -56.68 40.81 26.98
CA ILE D 612 -57.67 39.88 27.51
C ILE D 612 -58.99 40.59 27.77
N LYS D 613 -58.94 41.84 28.26
CA LYS D 613 -60.15 42.61 28.47
C LYS D 613 -60.74 43.06 27.15
N PHE D 614 -59.94 43.15 26.10
CA PHE D 614 -60.52 43.19 24.76
C PHE D 614 -61.26 41.90 24.47
N LEU D 615 -60.66 40.78 24.83
CA LEU D 615 -61.17 39.48 24.41
C LEU D 615 -62.56 39.22 24.98
N GLN D 616 -62.74 39.40 26.29
CA GLN D 616 -63.99 38.94 26.89
C GLN D 616 -65.19 39.62 26.28
N SER D 617 -65.00 40.83 25.74
CA SER D 617 -66.12 41.67 25.37
C SER D 617 -66.94 41.10 24.22
N GLN D 618 -66.37 40.20 23.43
CA GLN D 618 -67.06 39.69 22.24
C GLN D 618 -67.60 38.30 22.53
N LYS D 619 -68.82 38.25 23.03
CA LYS D 619 -69.68 37.10 22.91
C LYS D 619 -70.33 37.03 21.53
N LEU D 620 -69.82 37.83 20.59
CA LEU D 620 -70.44 38.10 19.30
C LEU D 620 -70.39 36.87 18.40
N PRO D 621 -71.40 36.69 17.55
CA PRO D 621 -71.55 35.42 16.83
C PRO D 621 -70.49 35.16 15.76
N VAL D 622 -70.32 36.09 14.81
CA VAL D 622 -69.30 35.88 13.78
C VAL D 622 -67.93 36.13 14.37
N VAL D 623 -67.83 37.06 15.32
CA VAL D 623 -66.58 37.38 16.01
C VAL D 623 -66.15 36.24 16.92
N LYS D 624 -66.95 35.18 17.00
CA LYS D 624 -66.64 34.08 17.90
C LYS D 624 -65.39 33.32 17.45
N GLU D 625 -65.19 33.14 16.14
CA GLU D 625 -64.03 32.36 15.70
C GLU D 625 -62.73 33.07 16.02
N ASN D 626 -62.56 34.29 15.52
CA ASN D 626 -61.31 34.97 15.81
C ASN D 626 -61.16 35.23 17.31
N LEU D 627 -62.28 35.38 18.05
CA LEU D 627 -62.15 35.54 19.49
C LEU D 627 -61.62 34.30 20.17
N VAL D 628 -62.22 33.14 19.90
CA VAL D 628 -61.71 31.93 20.53
C VAL D 628 -60.28 31.65 20.10
N ILE D 629 -59.99 31.84 18.82
CA ILE D 629 -58.66 31.54 18.32
C ILE D 629 -57.64 32.45 18.99
N ALA D 630 -57.97 33.74 19.10
CA ALA D 630 -57.09 34.68 19.78
C ALA D 630 -56.89 34.28 21.22
N TRP D 631 -57.96 33.85 21.89
CA TRP D 631 -57.81 33.28 23.21
C TRP D 631 -56.77 32.19 23.20
N THR D 632 -56.90 31.27 22.26
CA THR D 632 -56.04 30.10 22.22
C THR D 632 -54.58 30.51 22.14
N GLN D 633 -54.26 31.34 21.15
CA GLN D 633 -52.87 31.70 20.99
C GLN D 633 -52.38 32.59 22.12
N LEU D 634 -53.26 33.42 22.68
CA LEU D 634 -52.81 34.26 23.78
C LEU D 634 -52.45 33.39 24.98
N THR D 635 -53.21 32.32 25.19
CA THR D 635 -52.73 31.28 26.08
C THR D 635 -51.35 30.82 25.64
N LEU D 636 -51.22 30.37 24.38
CA LEU D 636 -49.91 29.83 23.90
C LEU D 636 -48.79 30.80 24.24
N THR D 637 -49.10 32.09 24.44
CA THR D 637 -48.06 33.10 24.68
C THR D 637 -47.95 33.49 26.15
N THR D 638 -48.33 32.59 27.06
CA THR D 638 -48.36 33.03 28.48
C THR D 638 -47.64 32.05 29.43
N SER D 639 -47.19 32.56 30.57
CA SER D 639 -46.51 31.72 31.60
C SER D 639 -47.50 30.87 32.38
N ASN D 640 -47.05 30.19 33.44
CA ASN D 640 -47.83 29.22 34.19
C ASN D 640 -49.22 29.71 34.58
N ASP D 641 -49.31 30.72 35.45
CA ASP D 641 -50.61 31.03 36.02
C ASP D 641 -51.43 31.87 35.08
N VAL D 642 -50.80 32.77 34.33
CA VAL D 642 -51.55 33.46 33.28
C VAL D 642 -52.11 32.45 32.29
N PHE D 643 -51.36 31.39 32.01
CA PHE D 643 -51.79 30.39 31.05
C PHE D 643 -52.90 29.50 31.59
N ASP D 644 -52.80 29.05 32.84
CA ASP D 644 -53.88 28.22 33.36
C ASP D 644 -55.11 29.07 33.57
N THR D 645 -54.93 30.35 33.93
CA THR D 645 -56.06 31.26 34.06
C THR D 645 -56.75 31.45 32.73
N LEU D 646 -55.98 31.54 31.64
CA LEU D 646 -56.57 31.65 30.32
C LEU D 646 -57.33 30.39 29.92
N LEU D 647 -56.69 29.23 30.09
CA LEU D 647 -57.41 28.00 29.80
C LEU D 647 -58.61 27.83 30.71
N LEU D 648 -58.52 28.35 31.93
CA LEU D 648 -59.67 28.39 32.82
C LEU D 648 -60.74 29.31 32.26
N LYS D 649 -60.33 30.43 31.67
CA LYS D 649 -61.25 31.36 31.02
C LYS D 649 -61.78 30.81 29.72
N LEU D 650 -61.25 29.68 29.27
CA LEU D 650 -61.89 28.94 28.20
C LEU D 650 -62.88 27.93 28.75
N ILE D 651 -62.46 27.11 29.72
CA ILE D 651 -63.35 26.08 30.22
C ILE D 651 -64.50 26.65 31.05
N ASP D 652 -64.38 27.88 31.54
CA ASP D 652 -65.47 28.46 32.31
C ASP D 652 -66.58 28.93 31.39
N ILE D 653 -66.24 29.66 30.32
CA ILE D 653 -67.21 29.97 29.29
C ILE D 653 -67.70 28.70 28.65
N PHE D 654 -66.95 27.61 28.79
CA PHE D 654 -67.52 26.31 28.44
C PHE D 654 -68.64 25.95 29.40
N ASN D 655 -68.40 26.16 30.70
CA ASN D 655 -69.47 25.97 31.68
C ASN D 655 -70.61 26.96 31.44
N SER D 656 -70.36 28.03 30.69
CA SER D 656 -71.40 29.00 30.40
C SER D 656 -72.49 28.44 29.50
N ASP D 657 -72.29 27.26 28.90
CA ASP D 657 -73.24 26.58 28.04
C ASP D 657 -73.49 27.32 26.73
N ASP D 658 -72.72 28.37 26.45
CA ASP D 658 -72.82 29.07 25.17
C ASP D 658 -72.17 28.18 24.11
N TYR D 659 -73.00 27.37 23.46
CA TYR D 659 -72.51 26.21 22.71
C TYR D 659 -71.51 26.61 21.64
N SER D 660 -71.67 27.78 21.05
CA SER D 660 -70.81 28.21 19.95
C SER D 660 -69.35 28.29 20.39
N LEU D 661 -69.08 29.26 21.28
CA LEU D 661 -67.77 29.38 21.88
C LEU D 661 -67.36 28.06 22.50
N ARG D 662 -68.29 27.41 23.20
CA ARG D 662 -68.06 26.13 23.83
C ARG D 662 -67.29 25.21 22.90
N ILE D 663 -67.92 24.84 21.80
CA ILE D 663 -67.36 23.81 20.93
C ILE D 663 -66.13 24.33 20.21
N MET D 664 -66.17 25.57 19.72
CA MET D 664 -65.02 26.03 18.94
C MET D 664 -63.77 26.05 19.79
N MET D 665 -63.88 26.48 21.03
CA MET D 665 -62.71 26.42 21.90
C MET D 665 -62.42 25.04 22.39
N THR D 666 -63.37 24.11 22.41
CA THR D 666 -63.00 22.72 22.65
C THR D 666 -62.01 22.24 21.59
N LEU D 667 -62.37 22.48 20.34
CA LEU D 667 -61.48 22.16 19.23
C LEU D 667 -60.14 22.85 19.37
N GLN D 668 -60.16 24.14 19.68
CA GLN D 668 -58.90 24.85 19.81
C GLN D 668 -58.10 24.36 21.00
N ILE D 669 -58.75 23.97 22.10
CA ILE D 669 -58.04 23.32 23.20
C ILE D 669 -57.29 22.12 22.67
N LYS D 670 -57.98 21.27 21.91
CA LYS D 670 -57.37 20.04 21.45
C LYS D 670 -56.17 20.32 20.54
N ASN D 671 -56.32 21.28 19.63
CA ASN D 671 -55.23 21.56 18.70
C ASN D 671 -54.05 22.20 19.40
N MET D 672 -54.29 23.22 20.22
CA MET D 672 -53.15 23.82 20.90
C MET D 672 -52.54 22.83 21.88
N ALA D 673 -53.33 21.89 22.38
CA ALA D 673 -52.77 20.80 23.18
C ALA D 673 -51.75 20.02 22.37
N LYS D 674 -52.14 19.58 21.17
CA LYS D 674 -51.22 18.76 20.39
C LYS D 674 -49.96 19.56 20.08
N ILE D 675 -50.08 20.87 19.89
CA ILE D 675 -48.89 21.61 19.49
C ILE D 675 -48.01 21.95 20.70
N LEU D 676 -48.59 22.02 21.90
CA LEU D 676 -47.76 21.97 23.09
C LEU D 676 -47.16 20.59 23.34
N LYS D 677 -47.37 19.64 22.44
CA LYS D 677 -46.91 18.25 22.59
C LYS D 677 -47.59 17.59 23.79
N LYS D 678 -48.92 17.66 23.79
CA LYS D 678 -49.68 16.99 24.84
C LYS D 678 -51.13 16.78 24.44
N THR D 679 -51.72 15.70 24.94
CA THR D 679 -53.10 15.42 24.66
C THR D 679 -53.96 16.50 25.31
N PRO D 680 -55.21 16.68 24.84
CA PRO D 680 -56.10 17.62 25.52
C PRO D 680 -56.26 17.32 26.99
N TYR D 681 -56.23 16.06 27.38
CA TYR D 681 -56.32 15.72 28.79
C TYR D 681 -55.04 16.10 29.54
N GLN D 682 -53.88 15.79 28.95
CA GLN D 682 -52.63 16.24 29.54
C GLN D 682 -52.50 17.76 29.53
N LEU D 683 -53.33 18.43 28.74
CA LEU D 683 -53.37 19.89 28.66
C LEU D 683 -54.25 20.50 29.73
N LEU D 684 -55.45 19.98 29.89
CA LEU D 684 -56.43 20.58 30.77
C LEU D 684 -56.36 20.05 32.19
N SER D 685 -55.67 18.93 32.42
CA SER D 685 -55.52 18.43 33.78
C SER D 685 -54.91 19.47 34.72
N PRO D 686 -54.22 20.50 34.22
CA PRO D 686 -53.89 21.64 35.08
C PRO D 686 -54.95 22.72 35.17
N ILE D 687 -56.13 22.56 34.57
CA ILE D 687 -57.22 23.49 34.77
C ILE D 687 -58.51 22.82 35.21
N LEU D 688 -58.68 21.52 34.99
CA LEU D 688 -59.80 20.81 35.59
C LEU D 688 -59.86 20.97 37.11
N PRO D 689 -58.79 20.80 37.87
CA PRO D 689 -58.98 20.85 39.33
C PRO D 689 -59.23 22.28 39.81
N VAL D 690 -59.58 23.15 38.87
CA VAL D 690 -60.35 24.34 39.16
C VAL D 690 -61.76 24.27 38.57
N LEU D 691 -61.90 23.82 37.32
CA LEU D 691 -63.23 23.81 36.72
C LEU D 691 -64.16 22.83 37.41
N LEU D 692 -63.71 21.58 37.57
CA LEU D 692 -64.53 20.57 38.23
C LEU D 692 -64.76 20.88 39.71
N ARG D 693 -63.89 21.66 40.36
CA ARG D 693 -64.20 22.04 41.72
C ARG D 693 -65.19 23.20 41.76
N GLN D 694 -65.20 24.04 40.72
CA GLN D 694 -66.30 24.98 40.56
C GLN D 694 -67.61 24.25 40.33
N LEU D 695 -67.57 23.19 39.51
CA LEU D 695 -68.77 22.44 39.17
C LEU D 695 -69.29 21.66 40.38
N GLY D 696 -68.39 21.01 41.10
CA GLY D 696 -68.76 20.18 42.25
C GLY D 696 -69.53 20.92 43.31
N LYS D 697 -69.46 22.25 43.32
CA LYS D 697 -70.34 23.02 44.19
C LYS D 697 -71.80 22.88 43.77
N ASN D 698 -72.08 22.87 42.46
CA ASN D 698 -73.44 22.80 41.96
C ASN D 698 -73.53 21.92 40.73
N LEU D 699 -72.89 20.74 40.77
CA LEU D 699 -73.03 19.79 39.66
C LEU D 699 -74.45 19.34 39.43
N VAL D 700 -75.35 19.52 40.41
CA VAL D 700 -76.70 18.98 40.32
C VAL D 700 -77.34 19.30 38.97
N GLU D 701 -77.09 20.51 38.45
CA GLU D 701 -77.53 20.87 37.12
C GLU D 701 -76.37 21.33 36.25
N ARG D 702 -75.15 20.92 36.58
CA ARG D 702 -73.97 21.18 35.76
C ARG D 702 -73.23 19.90 35.41
N LYS D 703 -73.83 18.74 35.70
CA LYS D 703 -73.36 17.49 35.13
C LYS D 703 -73.35 17.54 33.61
N VAL D 704 -74.22 18.35 33.01
CA VAL D 704 -74.18 18.55 31.57
C VAL D 704 -72.84 19.16 31.16
N GLY D 705 -72.42 20.21 31.86
CA GLY D 705 -71.12 20.80 31.58
C GLY D 705 -69.99 19.82 31.82
N PHE D 706 -70.13 19.00 32.86
CA PHE D 706 -69.06 18.05 33.16
C PHE D 706 -68.95 16.95 32.10
N GLN D 707 -70.08 16.43 31.64
CA GLN D 707 -70.02 15.43 30.57
C GLN D 707 -69.49 16.04 29.28
N ASN D 708 -69.79 17.31 29.04
CA ASN D 708 -69.13 18.00 27.93
C ASN D 708 -67.62 18.02 28.13
N LEU D 709 -67.18 18.35 29.34
CA LEU D 709 -65.75 18.37 29.63
C LEU D 709 -65.09 17.01 29.41
N ILE D 710 -65.78 15.93 29.80
CA ILE D 710 -65.16 14.61 29.69
C ILE D 710 -65.09 14.17 28.23
N GLU D 711 -66.15 14.43 27.45
CA GLU D 711 -66.05 14.16 26.02
C GLU D 711 -64.98 15.01 25.38
N LEU D 712 -64.58 16.10 26.04
CA LEU D 712 -63.42 16.84 25.55
C LEU D 712 -62.13 16.10 25.89
N LEU D 713 -61.86 15.93 27.18
CA LEU D 713 -60.59 15.37 27.60
C LEU D 713 -60.33 14.01 26.99
N GLY D 714 -61.38 13.26 26.66
CA GLY D 714 -61.15 12.07 25.87
C GLY D 714 -61.90 10.85 26.37
N TYR D 715 -62.56 10.96 27.51
CA TYR D 715 -63.09 9.78 28.18
C TYR D 715 -64.39 10.17 28.89
N SER D 716 -64.82 9.34 29.82
CA SER D 716 -65.96 9.66 30.65
C SER D 716 -65.49 10.28 31.97
N SER D 717 -66.45 10.67 32.81
CA SER D 717 -66.12 11.36 34.06
C SER D 717 -65.27 10.48 34.96
N LYS D 718 -65.57 9.19 34.98
CA LYS D 718 -64.88 8.24 35.86
C LYS D 718 -63.38 8.39 35.73
N THR D 719 -62.89 8.45 34.49
CA THR D 719 -61.46 8.38 34.23
C THR D 719 -60.69 9.53 34.88
N ILE D 720 -61.35 10.63 35.22
CA ILE D 720 -60.70 11.76 35.85
C ILE D 720 -61.09 11.87 37.33
N LEU D 721 -62.37 11.71 37.64
CA LEU D 721 -62.79 11.82 39.02
C LEU D 721 -62.30 10.67 39.89
N ASP D 722 -61.79 9.60 39.27
CA ASP D 722 -61.05 8.61 40.03
C ASP D 722 -59.85 9.24 40.71
N ILE D 723 -59.30 10.29 40.11
CA ILE D 723 -58.05 10.87 40.58
C ILE D 723 -58.17 12.36 40.90
N PHE D 724 -59.10 13.09 40.28
CA PHE D 724 -59.37 14.47 40.69
C PHE D 724 -60.23 14.55 41.94
N GLN D 725 -60.71 13.41 42.44
CA GLN D 725 -61.50 13.36 43.66
C GLN D 725 -60.69 13.89 44.83
N ARG D 726 -59.45 14.28 44.57
CA ARG D 726 -58.68 15.00 45.57
C ARG D 726 -59.40 16.27 45.98
N TYR D 727 -59.87 17.06 45.02
CA TYR D 727 -60.46 18.37 45.35
C TYR D 727 -61.84 18.51 44.71
N ILE D 728 -62.67 17.51 44.90
CA ILE D 728 -64.13 17.69 44.90
C ILE D 728 -64.70 17.50 46.30
N ILE D 729 -64.14 16.54 47.04
CA ILE D 729 -64.68 16.20 48.35
C ILE D 729 -64.62 17.38 49.33
N PRO D 730 -63.53 18.15 49.43
CA PRO D 730 -63.41 19.16 50.50
C PRO D 730 -64.65 20.00 50.73
N TYR D 731 -65.13 20.67 49.70
CA TYR D 731 -66.34 21.48 49.82
C TYR D 731 -67.60 20.68 49.48
N ALA D 732 -67.46 19.38 49.19
CA ALA D 732 -68.61 18.52 48.94
C ALA D 732 -69.20 17.95 50.21
N ILE D 733 -68.37 17.70 51.23
CA ILE D 733 -68.88 17.15 52.47
C ILE D 733 -69.75 18.16 53.21
N ILE D 734 -69.25 19.39 53.36
CA ILE D 734 -69.86 20.35 54.28
C ILE D 734 -71.19 20.87 53.77
N GLN D 735 -71.32 21.08 52.46
CA GLN D 735 -72.35 21.94 51.91
C GLN D 735 -73.71 21.26 52.00
N TYR D 736 -74.70 21.85 51.30
CA TYR D 736 -76.10 21.44 51.35
C TYR D 736 -76.25 19.93 51.43
N LYS D 737 -77.11 19.48 52.36
CA LYS D 737 -77.20 18.06 52.67
C LYS D 737 -77.60 17.21 51.47
N SER D 738 -77.93 17.83 50.34
CA SER D 738 -78.01 17.11 49.06
C SER D 738 -76.63 17.14 48.40
N ASP D 739 -75.64 16.66 49.15
CA ASP D 739 -74.24 16.83 48.79
C ASP D 739 -73.90 16.10 47.49
N VAL D 740 -72.88 16.60 46.81
CA VAL D 740 -72.47 16.02 45.52
C VAL D 740 -71.58 14.79 45.69
N LEU D 741 -71.19 14.45 46.92
CA LEU D 741 -70.59 13.13 47.12
C LEU D 741 -71.58 12.04 46.73
N SER D 742 -72.87 12.31 46.87
CA SER D 742 -73.89 11.41 46.33
C SER D 742 -73.74 11.27 44.82
N GLU D 743 -73.52 12.38 44.12
CA GLU D 743 -73.38 12.32 42.67
C GLU D 743 -72.09 11.65 42.24
N ILE D 744 -71.01 11.83 43.00
CA ILE D 744 -69.76 11.16 42.64
C ILE D 744 -69.87 9.66 42.90
N ALA D 745 -70.48 9.27 44.03
CA ALA D 745 -70.78 7.88 44.26
C ALA D 745 -71.66 7.34 43.14
N LYS D 746 -72.59 8.16 42.65
CA LYS D 746 -73.46 7.75 41.56
C LYS D 746 -72.66 7.50 40.28
N ILE D 747 -71.73 8.41 39.97
CA ILE D 747 -70.97 8.24 38.74
C ILE D 747 -70.09 7.01 38.86
N MET D 748 -69.69 6.64 40.09
CA MET D 748 -69.06 5.34 40.30
C MET D 748 -70.06 4.19 40.27
N CYS D 749 -71.37 4.46 40.45
CA CYS D 749 -72.38 3.39 40.48
C CYS D 749 -73.53 3.74 39.54
N ASP D 750 -73.37 3.40 38.27
CA ASP D 750 -74.49 3.30 37.34
C ASP D 750 -74.62 1.90 36.78
N GLY D 751 -73.55 1.35 36.21
CA GLY D 751 -73.55 -0.05 35.80
C GLY D 751 -73.47 -1.01 36.95
N ASP D 752 -72.95 -0.56 38.10
CA ASP D 752 -73.10 -1.25 39.37
C ASP D 752 -73.87 -0.33 40.31
N THR D 753 -74.46 -0.93 41.34
CA THR D 753 -75.16 -0.16 42.36
C THR D 753 -74.87 -0.78 43.73
N SER D 754 -73.59 -1.04 44.00
CA SER D 754 -73.20 -1.84 45.17
C SER D 754 -73.78 -1.24 46.45
N LEU D 755 -73.40 0.00 46.76
CA LEU D 755 -73.97 0.71 47.93
C LEU D 755 -73.48 2.16 47.86
N ILE D 756 -74.34 3.08 47.41
CA ILE D 756 -73.98 4.52 47.32
C ILE D 756 -73.23 4.90 48.61
N ASN D 757 -73.77 4.53 49.77
CA ASN D 757 -73.12 4.82 51.07
C ASN D 757 -71.71 4.22 51.09
N GLN D 758 -71.56 2.92 50.79
CA GLN D 758 -70.23 2.25 50.89
C GLN D 758 -69.22 2.96 49.99
N MET D 759 -69.54 3.23 48.72
CA MET D 759 -68.53 3.83 47.79
C MET D 759 -68.26 5.27 48.23
N LYS D 760 -69.28 5.95 48.78
CA LYS D 760 -69.06 7.32 49.32
C LYS D 760 -68.00 7.25 50.42
N VAL D 761 -68.22 6.40 51.43
CA VAL D 761 -67.27 6.27 52.57
C VAL D 761 -65.93 5.71 52.07
N ASN D 762 -65.94 4.97 50.95
CA ASN D 762 -64.68 4.43 50.38
C ASN D 762 -63.75 5.58 49.99
N LEU D 763 -64.21 6.45 49.08
CA LEU D 763 -63.37 7.60 48.62
C LEU D 763 -63.30 8.65 49.75
N LEU D 764 -64.25 8.61 50.70
CA LEU D 764 -64.22 9.53 51.87
C LEU D 764 -63.07 9.10 52.78
N LYS D 765 -62.88 7.79 52.96
CA LYS D 765 -61.77 7.25 53.80
C LYS D 765 -60.44 7.51 53.09
N LYS D 766 -60.44 7.51 51.75
CA LYS D 766 -59.20 7.84 51.00
C LYS D 766 -58.68 9.18 51.50
N ASN D 767 -59.59 10.15 51.73
CA ASN D 767 -59.18 11.46 52.28
C ASN D 767 -59.85 11.66 53.65
N SER D 768 -59.55 10.80 54.63
CA SER D 768 -60.22 10.87 55.93
C SER D 768 -60.33 12.26 56.57
N ARG D 769 -59.23 12.84 57.04
CA ARG D 769 -59.36 14.06 57.84
C ARG D 769 -59.58 15.31 56.99
N GLN D 770 -59.21 15.30 55.72
CA GLN D 770 -59.25 16.53 54.94
C GLN D 770 -60.67 17.05 54.82
N ILE D 771 -61.63 16.15 54.75
CA ILE D 771 -63.01 16.59 54.62
C ILE D 771 -63.44 17.34 55.87
N PHE D 772 -63.02 16.85 57.05
CA PHE D 772 -63.30 17.54 58.30
C PHE D 772 -62.60 18.90 58.34
N ALA D 773 -61.34 18.92 57.91
CA ALA D 773 -60.57 20.16 57.96
C ALA D 773 -61.16 21.22 57.06
N VAL D 774 -61.58 20.84 55.84
CA VAL D 774 -62.14 21.82 54.92
C VAL D 774 -63.54 22.22 55.34
N ALA D 775 -64.32 21.31 55.91
CA ALA D 775 -65.61 21.69 56.48
C ALA D 775 -65.43 22.75 57.55
N LEU D 776 -64.44 22.57 58.42
CA LEU D 776 -64.00 23.67 59.28
C LEU D 776 -63.67 24.90 58.45
N VAL D 777 -62.86 24.73 57.40
CA VAL D 777 -62.48 25.82 56.51
C VAL D 777 -63.71 26.41 55.84
N LYS D 778 -64.40 25.57 55.05
CA LYS D 778 -65.24 25.97 53.94
C LYS D 778 -66.06 27.23 54.20
N HIS D 779 -66.60 27.36 55.41
CA HIS D 779 -67.45 28.50 55.69
C HIS D 779 -67.28 29.08 57.10
N GLY D 780 -66.31 28.62 57.88
CA GLY D 780 -65.95 29.27 59.12
C GLY D 780 -66.57 28.71 60.38
N LEU D 781 -67.19 27.54 60.34
CA LEU D 781 -67.85 26.98 61.52
C LEU D 781 -66.81 26.62 62.57
N PHE D 782 -67.29 26.39 63.80
CA PHE D 782 -66.41 26.08 64.91
C PHE D 782 -66.86 24.87 65.73
N SER D 783 -68.17 24.65 65.81
CA SER D 783 -68.71 23.81 66.86
C SER D 783 -68.52 22.33 66.55
N LEU D 784 -68.14 21.57 67.59
CA LEU D 784 -67.94 20.14 67.44
C LEU D 784 -69.22 19.46 66.98
N ASP D 785 -70.32 19.73 67.68
CA ASP D 785 -71.60 19.10 67.36
C ASP D 785 -71.90 19.19 65.88
N ILE D 786 -71.74 20.38 65.29
CA ILE D 786 -72.00 20.51 63.88
C ILE D 786 -70.90 19.83 63.07
N LEU D 787 -69.67 19.77 63.59
CA LEU D 787 -68.63 19.01 62.88
C LEU D 787 -69.09 17.59 62.63
N GLU D 788 -69.33 16.83 63.70
CA GLU D 788 -69.80 15.45 63.55
C GLU D 788 -71.11 15.39 62.77
N THR D 789 -72.04 16.31 63.02
CA THR D 789 -73.35 16.22 62.39
C THR D 789 -73.25 16.39 60.87
N LEU D 790 -72.47 17.36 60.39
CA LEU D 790 -72.33 17.51 58.96
C LEU D 790 -71.34 16.53 58.36
N PHE D 791 -70.55 15.83 59.18
CA PHE D 791 -69.93 14.62 58.65
C PHE D 791 -70.99 13.55 58.45
N LEU D 792 -72.05 13.59 59.24
CA LEU D 792 -73.20 12.71 59.07
C LEU D 792 -74.26 13.28 58.12
N ASN D 793 -74.01 14.44 57.52
CA ASN D 793 -75.03 15.05 56.65
C ASN D 793 -75.34 14.16 55.46
N ARG D 794 -74.33 13.49 54.91
CA ARG D 794 -74.52 12.51 53.86
C ARG D 794 -73.78 11.21 54.08
N ALA D 795 -72.80 11.16 54.98
CA ALA D 795 -71.97 9.99 55.16
C ALA D 795 -72.45 9.22 56.39
N PRO D 796 -73.14 8.08 56.22
CA PRO D 796 -73.70 7.39 57.40
C PRO D 796 -72.76 6.36 58.02
N THR D 797 -71.72 5.91 57.33
CA THR D 797 -70.80 4.94 57.93
C THR D 797 -69.54 5.60 58.48
N PHE D 798 -69.50 6.92 58.60
CA PHE D 798 -68.59 7.55 59.55
C PHE D 798 -69.20 7.37 60.93
N ASP D 799 -68.70 6.41 61.70
CA ASP D 799 -69.33 6.07 62.96
C ASP D 799 -68.30 5.77 64.04
N LYS D 800 -68.77 5.24 65.17
CA LYS D 800 -67.94 5.01 66.36
C LYS D 800 -67.22 6.29 66.79
N GLY D 801 -67.96 7.40 66.74
CA GLY D 801 -67.32 8.68 66.92
C GLY D 801 -66.36 8.92 65.78
N TYR D 802 -65.09 9.13 66.12
CA TYR D 802 -64.02 9.22 65.12
C TYR D 802 -62.88 8.32 65.56
N ILE D 803 -62.12 7.83 64.58
CA ILE D 803 -60.94 7.05 64.92
C ILE D 803 -59.97 7.90 65.73
N THR D 804 -59.02 7.22 66.39
CA THR D 804 -58.24 7.78 67.48
C THR D 804 -57.55 9.08 67.05
N ALA D 805 -57.17 9.88 68.04
CA ALA D 805 -56.78 11.27 67.84
C ALA D 805 -55.45 11.42 67.13
N TYR D 806 -55.41 11.07 65.83
CA TYR D 806 -54.30 11.44 64.97
C TYR D 806 -54.50 12.82 64.37
N LEU D 807 -55.26 13.66 65.07
CA LEU D 807 -55.82 14.87 64.48
C LEU D 807 -54.81 15.74 63.75
N PRO D 808 -53.58 15.96 64.25
CA PRO D 808 -52.59 16.61 63.39
C PRO D 808 -52.27 15.69 62.22
N ASP D 809 -52.76 16.03 61.04
CA ASP D 809 -52.62 15.18 59.87
C ASP D 809 -51.74 15.86 58.83
N TYR D 810 -50.68 15.17 58.45
CA TYR D 810 -49.81 15.62 57.38
C TYR D 810 -50.55 15.80 56.05
N LYS D 811 -51.26 14.76 55.60
CA LYS D 811 -51.89 14.84 54.29
C LYS D 811 -53.06 15.81 54.30
N THR D 812 -53.82 15.83 55.38
CA THR D 812 -54.92 16.77 55.49
C THR D 812 -54.44 18.21 55.62
N LEU D 813 -53.34 18.46 56.31
CA LEU D 813 -52.94 19.85 56.45
C LEU D 813 -52.27 20.35 55.18
N ALA D 814 -51.54 19.47 54.47
CA ALA D 814 -51.11 19.80 53.13
C ALA D 814 -52.29 19.96 52.18
N GLU D 815 -53.41 19.32 52.48
CA GLU D 815 -54.63 19.54 51.73
C GLU D 815 -55.27 20.87 52.07
N ILE D 816 -55.19 21.30 53.33
CA ILE D 816 -55.77 22.58 53.73
C ILE D 816 -54.96 23.71 53.11
N THR D 817 -53.65 23.53 52.95
CA THR D 817 -52.84 24.65 52.48
C THR D 817 -52.98 24.85 50.97
N LYS D 818 -53.20 23.79 50.21
CA LYS D 818 -53.42 23.97 48.77
C LYS D 818 -54.69 24.75 48.49
N LEU D 819 -55.61 24.80 49.46
CA LEU D 819 -56.82 25.59 49.29
C LEU D 819 -56.52 27.07 49.07
N TYR D 820 -55.32 27.51 49.45
CA TYR D 820 -54.88 28.87 49.15
C TYR D 820 -54.97 29.13 47.64
N LYS D 821 -55.38 30.35 47.30
CA LYS D 821 -55.60 30.73 45.91
C LYS D 821 -55.20 32.20 45.76
N ASN D 822 -54.42 32.50 44.73
CA ASN D 822 -53.94 33.86 44.56
C ASN D 822 -53.81 34.18 43.08
N SER D 823 -53.27 35.37 42.80
CA SER D 823 -53.14 35.89 41.45
C SER D 823 -51.91 36.79 41.43
N VAL D 824 -51.83 37.67 40.44
CA VAL D 824 -50.72 38.63 40.38
C VAL D 824 -50.75 39.55 41.60
N THR D 825 -51.92 40.05 41.98
CA THR D 825 -52.05 40.97 43.10
C THR D 825 -52.45 40.25 44.37
N LYS D 826 -52.33 40.96 45.49
CA LYS D 826 -52.75 40.48 46.79
C LYS D 826 -54.01 41.23 47.19
N ASP D 827 -55.07 40.50 47.56
CA ASP D 827 -56.37 41.10 47.79
C ASP D 827 -56.88 40.75 49.18
N ALA D 828 -57.92 41.48 49.59
CA ALA D 828 -58.50 41.28 50.91
C ALA D 828 -59.19 39.92 51.02
N SER D 829 -59.77 39.42 49.93
CA SER D 829 -60.36 38.09 49.97
C SER D 829 -59.32 37.05 50.34
N ASP D 830 -58.11 37.19 49.78
CA ASP D 830 -57.04 36.28 50.15
C ASP D 830 -56.46 36.58 51.53
N SER D 831 -56.45 37.84 51.95
CA SER D 831 -56.09 38.13 53.33
C SER D 831 -56.99 37.35 54.28
N GLU D 832 -58.29 37.40 54.04
CA GLU D 832 -59.22 36.75 54.96
C GLU D 832 -59.21 35.24 54.80
N ASN D 833 -59.00 34.71 53.58
CA ASN D 833 -58.97 33.25 53.50
C ASN D 833 -57.70 32.73 54.13
N ALA D 834 -56.62 33.52 54.08
CA ALA D 834 -55.43 33.18 54.85
C ALA D 834 -55.73 33.18 56.35
N ASN D 835 -56.47 34.18 56.82
CA ASN D 835 -56.79 34.23 58.24
C ASN D 835 -57.60 33.00 58.66
N MET D 836 -58.68 32.71 57.94
CA MET D 836 -59.54 31.61 58.34
C MET D 836 -58.88 30.26 58.06
N ILE D 837 -58.04 30.16 57.04
CA ILE D 837 -57.34 28.91 56.79
C ILE D 837 -56.32 28.68 57.89
N LEU D 838 -55.73 29.75 58.44
CA LEU D 838 -54.89 29.59 59.62
C LEU D 838 -55.74 29.17 60.82
N CYS D 839 -56.94 29.73 60.94
CA CYS D 839 -57.81 29.35 62.04
C CYS D 839 -58.25 27.90 61.93
N SER D 840 -58.30 27.35 60.73
CA SER D 840 -58.58 25.93 60.53
C SER D 840 -57.33 25.07 60.60
N LEU D 841 -56.18 25.68 60.37
CA LEU D 841 -54.91 25.06 60.70
C LEU D 841 -54.79 24.84 62.19
N ARG D 842 -55.29 25.79 62.97
CA ARG D 842 -55.12 25.78 64.42
C ARG D 842 -56.26 25.13 65.17
N PHE D 843 -57.49 25.10 64.63
CA PHE D 843 -58.56 24.42 65.35
C PHE D 843 -58.28 22.92 65.33
N LEU D 844 -57.77 22.41 66.44
CA LEU D 844 -57.32 21.02 66.57
C LEU D 844 -57.57 20.59 68.01
N ILE D 845 -56.85 19.55 68.46
CA ILE D 845 -57.21 18.78 69.64
C ILE D 845 -57.60 19.66 70.83
N THR D 846 -57.04 20.87 70.93
CA THR D 846 -57.28 21.70 72.10
C THR D 846 -58.76 21.97 72.30
N ASN D 847 -59.55 21.95 71.24
CA ASN D 847 -61.00 22.01 71.32
C ASN D 847 -61.60 20.99 70.37
N PHE D 848 -61.10 19.75 70.42
CA PHE D 848 -61.70 18.69 69.62
C PHE D 848 -62.14 17.48 70.42
N GLU D 849 -61.76 17.35 71.69
CA GLU D 849 -62.28 16.28 72.52
C GLU D 849 -62.60 16.70 73.95
N LYS D 850 -62.48 17.98 74.29
CA LYS D 850 -62.89 18.49 75.60
C LYS D 850 -64.29 19.08 75.58
N ASP D 851 -65.20 18.52 74.78
CA ASP D 851 -66.55 19.07 74.59
C ASP D 851 -67.26 19.42 75.89
N SER D 856 -64.58 26.67 70.71
CA SER D 856 -64.74 28.08 71.06
C SER D 856 -65.15 28.90 69.84
N LYS D 857 -64.84 30.19 69.86
CA LYS D 857 -65.27 31.09 68.79
C LYS D 857 -64.71 30.65 67.44
N TYR D 858 -63.40 30.47 67.37
CA TYR D 858 -62.72 29.88 66.22
C TYR D 858 -63.10 30.56 64.91
N LYS D 859 -62.83 31.86 64.86
CA LYS D 859 -63.02 32.64 63.64
C LYS D 859 -61.88 33.60 63.34
N ASN D 860 -60.95 33.84 64.27
CA ASN D 860 -59.99 34.92 64.10
C ASN D 860 -58.75 34.57 64.92
N ILE D 861 -57.89 35.56 65.14
CA ILE D 861 -56.65 35.40 65.88
C ILE D 861 -56.95 35.19 67.35
N ASN D 862 -58.22 35.38 67.73
CA ASN D 862 -58.61 35.38 69.14
C ASN D 862 -58.08 34.14 69.89
N ASN D 863 -58.48 32.95 69.45
CA ASN D 863 -57.92 31.72 70.00
C ASN D 863 -56.81 31.14 69.13
N TRP D 864 -56.20 31.99 68.29
CA TRP D 864 -54.83 31.81 67.82
C TRP D 864 -53.92 32.38 68.91
N THR D 865 -53.96 31.72 70.07
CA THR D 865 -53.45 32.30 71.30
C THR D 865 -51.93 32.27 71.34
N ASP D 866 -51.39 32.98 72.34
CA ASP D 866 -49.96 33.01 72.60
C ASP D 866 -49.53 31.96 73.61
N ASP D 867 -50.46 31.14 74.10
CA ASP D 867 -50.12 30.00 74.93
C ASP D 867 -50.05 28.70 74.16
N GLN D 868 -50.63 28.65 72.97
CA GLN D 868 -50.52 27.48 72.11
C GLN D 868 -49.45 27.65 71.05
N GLU D 869 -48.59 28.66 71.17
CA GLU D 869 -47.58 28.89 70.15
C GLU D 869 -46.61 27.72 70.07
N GLN D 870 -46.15 27.19 71.21
CA GLN D 870 -45.12 26.16 71.19
C GLN D 870 -45.68 24.75 71.02
N ALA D 871 -46.79 24.41 71.68
CA ALA D 871 -47.45 23.14 71.38
C ALA D 871 -47.93 23.11 69.93
N PHE D 872 -48.52 24.21 69.47
CA PHE D 872 -48.83 24.35 68.06
C PHE D 872 -47.60 24.19 67.19
N GLN D 873 -46.47 24.75 67.61
CA GLN D 873 -45.31 24.72 66.72
C GLN D 873 -44.71 23.32 66.68
N LYS D 874 -44.79 22.56 67.76
CA LYS D 874 -44.31 21.18 67.67
C LYS D 874 -45.27 20.33 66.83
N LYS D 875 -46.58 20.60 66.94
CA LYS D 875 -47.54 19.94 66.07
C LYS D 875 -47.27 20.27 64.60
N LEU D 876 -47.06 21.56 64.29
CA LEU D 876 -46.79 21.98 62.92
C LEU D 876 -45.44 21.45 62.44
N GLN D 877 -44.45 21.44 63.33
CA GLN D 877 -43.12 20.97 63.02
C GLN D 877 -43.10 19.48 62.72
N ASP D 878 -44.02 18.73 63.33
CA ASP D 878 -44.32 17.38 62.85
C ASP D 878 -44.95 17.41 61.47
N ASN D 879 -46.12 18.05 61.37
CA ASN D 879 -47.00 17.80 60.23
C ASN D 879 -46.44 18.33 58.91
N ILE D 880 -45.69 19.45 58.95
CA ILE D 880 -45.15 20.05 57.74
C ILE D 880 -44.34 19.07 56.94
N LEU D 881 -43.75 18.08 57.61
CA LEU D 881 -43.00 17.03 56.93
C LEU D 881 -43.89 16.35 55.91
N GLY D 882 -44.92 15.65 56.39
CA GLY D 882 -45.83 15.02 55.47
C GLY D 882 -46.59 16.02 54.62
N ILE D 883 -46.65 17.28 55.05
CA ILE D 883 -47.24 18.31 54.20
C ILE D 883 -46.47 18.39 52.89
N PHE D 884 -45.16 18.61 52.98
CA PHE D 884 -44.45 18.67 51.71
C PHE D 884 -44.25 17.31 51.09
N GLN D 885 -44.46 16.20 51.82
CA GLN D 885 -44.64 14.96 51.07
C GLN D 885 -45.94 14.90 50.27
N VAL D 886 -47.03 15.49 50.74
CA VAL D 886 -48.20 15.53 49.87
C VAL D 886 -47.94 16.49 48.73
N PHE D 887 -47.16 17.52 49.00
CA PHE D 887 -46.66 18.36 47.92
C PHE D 887 -45.97 17.52 46.86
N SER D 888 -45.02 16.69 47.28
CA SER D 888 -44.30 15.82 46.35
C SER D 888 -45.23 14.80 45.72
N SER D 889 -46.28 14.40 46.43
CA SER D 889 -47.28 13.51 45.85
C SER D 889 -47.95 14.16 44.67
N ASP D 890 -48.33 15.42 44.82
CA ASP D 890 -49.09 16.07 43.77
C ASP D 890 -48.21 16.84 42.79
N ILE D 891 -46.89 16.81 42.95
CA ILE D 891 -46.00 17.43 41.97
C ILE D 891 -45.11 16.40 41.28
N HIS D 892 -44.54 15.45 42.02
CA HIS D 892 -43.84 14.31 41.44
C HIS D 892 -44.87 13.30 40.93
N ASP D 893 -45.76 13.75 40.06
CA ASP D 893 -46.86 12.87 39.59
C ASP D 893 -46.29 11.70 38.79
N VAL D 894 -46.09 10.54 39.44
CA VAL D 894 -45.58 9.33 38.74
C VAL D 894 -46.73 8.72 37.93
N GLU D 895 -47.97 9.03 38.29
CA GLU D 895 -49.16 8.50 37.55
C GLU D 895 -49.14 9.04 36.12
N GLY D 896 -48.97 10.36 35.97
CA GLY D 896 -48.97 10.98 34.63
C GLY D 896 -50.38 11.35 34.17
N ARG D 897 -51.40 10.87 34.89
CA ARG D 897 -52.82 11.15 34.53
C ARG D 897 -53.09 12.64 34.78
N THR D 898 -53.36 13.02 36.04
CA THR D 898 -53.53 14.47 36.37
C THR D 898 -52.22 15.18 36.09
N THR D 899 -52.25 16.44 35.62
CA THR D 899 -50.94 17.13 35.48
C THR D 899 -50.82 18.33 36.40
N TYR D 900 -50.18 19.43 36.00
CA TYR D 900 -49.62 20.40 36.92
C TYR D 900 -50.57 21.46 37.50
N TYR D 901 -51.90 21.33 37.55
CA TYR D 901 -52.58 22.17 38.53
C TYR D 901 -52.30 21.68 39.93
N GLU D 902 -52.25 20.36 40.12
CA GLU D 902 -51.79 19.83 41.39
C GLU D 902 -50.46 20.45 41.76
N LYS D 903 -49.54 20.50 40.80
CA LYS D 903 -48.22 21.05 41.08
C LYS D 903 -48.29 22.54 41.39
N LEU D 904 -49.02 23.30 40.57
CA LEU D 904 -49.11 24.74 40.82
C LEU D 904 -49.79 25.05 42.13
N ARG D 905 -50.85 24.33 42.46
CA ARG D 905 -51.52 24.55 43.73
C ARG D 905 -50.62 24.11 44.89
N VAL D 906 -49.83 23.06 44.69
CA VAL D 906 -48.79 22.71 45.65
C VAL D 906 -47.87 23.89 45.88
N ILE D 907 -47.45 24.55 44.81
CA ILE D 907 -46.55 25.68 44.97
C ILE D 907 -47.26 26.83 45.68
N ASN D 908 -48.55 27.03 45.38
CA ASN D 908 -49.35 27.98 46.13
C ASN D 908 -49.24 27.69 47.62
N GLY D 909 -49.42 26.42 47.98
CA GLY D 909 -49.36 26.03 49.38
C GLY D 909 -47.98 26.20 49.97
N ILE D 910 -46.94 25.88 49.20
CA ILE D 910 -45.57 26.08 49.65
C ILE D 910 -45.37 27.54 50.03
N SER D 911 -45.58 28.42 49.07
CA SER D 911 -45.46 29.85 49.29
C SER D 911 -46.28 30.29 50.49
N PHE D 912 -47.52 29.82 50.58
CA PHE D 912 -48.43 30.33 51.58
C PHE D 912 -48.05 29.85 52.98
N LEU D 913 -47.68 28.58 53.11
CA LEU D 913 -47.21 28.05 54.39
C LEU D 913 -45.94 28.75 54.83
N ILE D 914 -45.01 28.99 53.90
CA ILE D 914 -43.76 29.61 54.29
C ILE D 914 -43.97 31.06 54.71
N ILE D 915 -44.83 31.79 53.99
CA ILE D 915 -45.08 33.17 54.39
C ILE D 915 -45.85 33.22 55.69
N TYR D 916 -46.81 32.32 55.89
CA TYR D 916 -47.57 32.25 57.13
C TYR D 916 -47.28 30.90 57.80
N ALA D 917 -46.19 30.89 58.57
CA ALA D 917 -45.91 29.87 59.58
C ALA D 917 -44.67 30.34 60.33
N PRO D 918 -44.52 29.95 61.61
CA PRO D 918 -43.32 30.31 62.37
C PRO D 918 -42.02 30.08 61.60
N LYS D 919 -40.97 30.81 61.99
CA LYS D 919 -39.69 30.71 61.29
C LYS D 919 -39.15 29.28 61.37
N LYS D 920 -39.20 28.68 62.55
CA LYS D 920 -38.71 27.31 62.71
C LYS D 920 -39.46 26.37 61.77
N SER D 921 -40.78 26.48 61.71
CA SER D 921 -41.57 25.59 60.87
C SER D 921 -41.29 25.81 59.40
N ILE D 922 -41.18 27.07 58.97
CA ILE D 922 -40.98 27.31 57.55
C ILE D 922 -39.60 26.85 57.10
N ILE D 923 -38.57 27.02 57.94
CA ILE D 923 -37.28 26.46 57.59
C ILE D 923 -37.36 24.94 57.56
N SER D 924 -38.07 24.36 58.52
CA SER D 924 -38.23 22.91 58.55
C SER D 924 -38.97 22.40 57.33
N ALA D 925 -39.76 23.25 56.68
CA ALA D 925 -40.08 23.01 55.29
C ALA D 925 -38.79 23.26 54.56
N LEU D 926 -38.02 22.21 54.34
CA LEU D 926 -36.59 22.37 54.11
C LEU D 926 -36.13 21.81 52.77
N ALA D 927 -36.45 20.55 52.46
CA ALA D 927 -35.81 19.91 51.29
C ALA D 927 -36.81 19.33 50.30
N GLN D 928 -37.89 18.74 50.79
CA GLN D 928 -38.82 18.09 49.83
C GLN D 928 -39.56 19.22 49.12
N ILE D 929 -39.92 20.31 49.84
CA ILE D 929 -40.51 21.49 49.15
C ILE D 929 -39.52 21.91 48.06
N SER D 930 -38.23 21.96 48.40
CA SER D 930 -37.17 22.31 47.41
C SER D 930 -37.32 21.43 46.17
N ILE D 931 -37.15 20.10 46.30
CA ILE D 931 -37.19 19.25 45.06
C ILE D 931 -38.50 19.54 44.32
N CYS D 932 -39.61 19.62 45.05
CA CYS D 932 -40.95 19.83 44.44
C CYS D 932 -40.97 21.08 43.54
N LEU D 933 -40.62 22.25 44.09
CA LEU D 933 -40.75 23.49 43.27
C LEU D 933 -39.61 23.54 42.24
N GLN D 934 -38.52 22.79 42.46
CA GLN D 934 -37.43 22.71 41.44
C GLN D 934 -37.98 21.96 40.23
N THR D 935 -38.73 20.87 40.45
CA THR D 935 -39.39 20.14 39.34
C THR D 935 -40.46 21.05 38.74
N GLY D 936 -41.12 21.87 39.58
CA GLY D 936 -42.08 22.85 39.05
C GLY D 936 -41.38 23.68 37.99
N LEU D 937 -40.21 24.24 38.32
CA LEU D 937 -39.40 24.98 37.30
C LEU D 937 -39.16 24.05 36.12
N GLY D 938 -38.46 22.92 36.34
CA GLY D 938 -38.16 21.93 35.29
C GLY D 938 -39.27 21.74 34.27
N LEU D 939 -40.55 21.92 34.66
CA LEU D 939 -41.65 21.85 33.63
C LEU D 939 -41.61 23.02 32.62
N LYS D 940 -42.76 23.45 32.13
CA LYS D 940 -42.81 24.63 31.26
C LYS D 940 -43.87 25.61 31.70
N GLU D 941 -45.07 25.12 32.02
CA GLU D 941 -46.18 25.96 32.43
C GLU D 941 -46.40 25.94 33.93
N VAL D 942 -45.32 25.82 34.71
CA VAL D 942 -45.35 25.97 36.16
C VAL D 942 -44.29 27.01 36.50
N ARG D 943 -44.15 28.01 35.64
CA ARG D 943 -42.97 28.86 35.60
C ARG D 943 -43.10 30.10 36.49
N TYR D 944 -44.13 30.91 36.24
CA TYR D 944 -44.18 32.27 36.80
C TYR D 944 -44.39 32.25 38.31
N GLU D 945 -45.44 31.58 38.77
CA GLU D 945 -45.61 31.40 40.20
C GLU D 945 -44.50 30.59 40.83
N ALA D 946 -43.82 29.74 40.07
CA ALA D 946 -42.66 29.06 40.63
C ALA D 946 -41.59 30.05 41.03
N PHE D 947 -41.20 30.93 40.12
CA PHE D 947 -40.22 31.90 40.59
C PHE D 947 -40.82 32.96 41.51
N ARG D 948 -42.14 33.21 41.51
CA ARG D 948 -42.60 34.21 42.46
C ARG D 948 -42.65 33.63 43.86
N CYS D 949 -42.93 32.34 43.99
CA CYS D 949 -42.78 31.71 45.29
C CYS D 949 -41.31 31.59 45.64
N TRP D 950 -40.44 31.47 44.64
CA TRP D 950 -39.02 31.59 44.93
C TRP D 950 -38.71 32.95 45.52
N HIS D 951 -39.29 34.00 44.95
CA HIS D 951 -39.16 35.34 45.51
C HIS D 951 -39.62 35.38 46.96
N LEU D 952 -40.80 34.83 47.22
CA LEU D 952 -41.35 34.88 48.57
C LEU D 952 -40.48 34.11 49.54
N LEU D 953 -39.99 32.94 49.11
CA LEU D 953 -39.11 32.11 49.94
C LEU D 953 -37.80 32.83 50.23
N VAL D 954 -37.25 33.51 49.24
CA VAL D 954 -36.08 34.35 49.46
C VAL D 954 -36.39 35.41 50.51
N ARG D 955 -37.51 36.11 50.33
CA ARG D 955 -37.84 37.23 51.21
C ARG D 955 -38.04 36.77 52.64
N HIS D 956 -38.61 35.59 52.84
CA HIS D 956 -39.15 35.16 54.13
C HIS D 956 -38.16 34.27 54.88
N LEU D 957 -36.87 34.57 54.80
CA LEU D 957 -35.85 33.61 55.22
C LEU D 957 -34.52 34.36 55.41
N ASN D 958 -33.56 33.68 56.06
CA ASN D 958 -32.34 34.29 56.54
C ASN D 958 -31.15 33.96 55.63
N ASP D 959 -29.99 34.55 55.96
CA ASP D 959 -28.81 34.46 55.10
C ASP D 959 -27.98 33.21 55.30
N GLU D 960 -28.19 32.47 56.40
CA GLU D 960 -27.44 31.24 56.60
C GLU D 960 -28.15 30.01 56.05
N GLU D 961 -29.30 30.19 55.40
CA GLU D 961 -29.96 29.11 54.67
C GLU D 961 -30.52 29.68 53.38
N LEU D 962 -31.09 28.79 52.55
CA LEU D 962 -31.49 29.01 51.16
C LEU D 962 -30.29 29.02 50.23
N SER D 963 -29.09 29.11 50.81
CA SER D 963 -27.87 29.03 50.00
C SER D 963 -27.82 27.71 49.26
N THR D 964 -28.54 26.72 49.75
CA THR D 964 -28.53 25.37 49.21
C THR D 964 -29.84 25.03 48.52
N VAL D 965 -30.57 26.05 48.03
CA VAL D 965 -31.75 25.76 47.23
C VAL D 965 -31.75 26.61 45.96
N ILE D 966 -30.92 27.65 45.92
CA ILE D 966 -30.99 28.61 44.83
C ILE D 966 -30.00 28.35 43.71
N ASP D 967 -28.91 27.63 43.97
CA ASP D 967 -28.04 27.19 42.89
C ASP D 967 -28.86 26.67 41.72
N SER D 968 -29.98 26.00 42.03
CA SER D 968 -30.92 25.59 40.99
C SER D 968 -31.49 26.79 40.23
N LEU D 969 -31.82 27.86 40.94
CA LEU D 969 -32.39 29.04 40.28
C LEU D 969 -31.39 29.67 39.33
N ILE D 970 -30.20 29.97 39.84
CA ILE D 970 -29.18 30.56 39.00
C ILE D 970 -28.90 29.66 37.82
N ALA D 971 -28.84 28.36 38.06
CA ALA D 971 -28.56 27.42 36.98
C ALA D 971 -29.65 27.43 35.93
N PHE D 972 -30.92 27.42 36.36
CA PHE D 972 -31.98 27.37 35.38
C PHE D 972 -32.05 28.66 34.57
N ILE D 973 -31.87 29.80 35.23
CA ILE D 973 -31.91 31.05 34.48
C ILE D 973 -30.75 31.11 33.50
N LEU D 974 -29.56 30.68 33.92
CA LEU D 974 -28.43 30.66 33.01
C LEU D 974 -28.37 29.43 32.13
N GLN D 975 -29.42 28.62 32.08
CA GLN D 975 -29.49 27.59 31.05
C GLN D 975 -30.75 27.66 30.21
N LYS D 976 -31.71 28.52 30.56
CA LYS D 976 -32.92 28.71 29.76
C LYS D 976 -33.29 30.18 29.67
N TRP D 977 -32.31 31.07 29.79
CA TRP D 977 -32.62 32.49 29.87
C TRP D 977 -33.19 33.04 28.57
N SER D 978 -33.14 32.27 27.47
CA SER D 978 -33.69 32.75 26.21
C SER D 978 -35.20 32.70 26.18
N GLU D 979 -35.80 31.69 26.82
CA GLU D 979 -37.25 31.52 26.81
C GLU D 979 -37.93 32.26 27.97
N PHE D 980 -37.31 33.32 28.47
CA PHE D 980 -37.83 34.06 29.63
C PHE D 980 -38.33 35.42 29.20
N ASN D 981 -39.62 35.68 29.44
CA ASN D 981 -40.25 36.92 29.02
C ASN D 981 -39.88 38.05 29.98
N GLY D 982 -40.47 39.22 29.77
CA GLY D 982 -40.16 40.36 30.63
C GLY D 982 -40.59 40.16 32.06
N LYS D 983 -41.75 39.53 32.27
CA LYS D 983 -42.23 39.33 33.64
C LYS D 983 -41.33 38.37 34.40
N LEU D 984 -40.91 37.27 33.77
CA LEU D 984 -39.98 36.38 34.46
C LEU D 984 -38.65 37.07 34.66
N ARG D 985 -38.21 37.83 33.66
CA ARG D 985 -36.94 38.53 33.78
C ARG D 985 -36.97 39.51 34.94
N ASN D 986 -38.08 40.23 35.11
CA ASN D 986 -38.17 41.17 36.21
C ASN D 986 -38.31 40.46 37.55
N ILE D 987 -39.03 39.34 37.60
CA ILE D 987 -39.14 38.66 38.88
C ILE D 987 -37.78 38.10 39.29
N VAL D 988 -37.00 37.58 38.33
CA VAL D 988 -35.68 37.10 38.69
C VAL D 988 -34.75 38.28 38.94
N TYR D 989 -35.01 39.43 38.30
CA TYR D 989 -34.31 40.65 38.66
C TYR D 989 -34.46 40.91 40.15
N SER D 990 -35.71 40.90 40.61
CA SER D 990 -35.99 41.13 42.01
C SER D 990 -35.35 40.05 42.88
N ILE D 991 -35.41 38.81 42.42
CA ILE D 991 -34.81 37.72 43.17
C ILE D 991 -33.33 38.01 43.39
N LEU D 992 -32.62 38.33 42.32
CA LEU D 992 -31.19 38.56 42.44
C LEU D 992 -30.89 39.80 43.28
N ASP D 993 -31.65 40.87 43.10
CA ASP D 993 -31.30 42.09 43.83
C ASP D 993 -31.58 41.92 45.33
N THR D 994 -32.72 41.33 45.68
CA THR D 994 -33.01 41.08 47.08
C THR D 994 -32.01 40.07 47.67
N LEU D 995 -31.66 39.07 46.88
CA LEU D 995 -30.69 38.06 47.29
C LEU D 995 -29.33 38.69 47.60
N ILE D 996 -28.84 39.52 46.69
CA ILE D 996 -27.56 40.17 46.93
C ILE D 996 -27.68 41.20 48.05
N LYS D 997 -28.88 41.75 48.26
CA LYS D 997 -29.05 42.85 49.20
C LYS D 997 -29.08 42.36 50.65
N GLU D 998 -30.08 41.56 51.00
CA GLU D 998 -30.10 41.04 52.37
C GLU D 998 -29.21 39.82 52.52
N LYS D 999 -29.00 39.08 51.43
CA LYS D 999 -28.21 37.87 51.42
C LYS D 999 -26.78 38.18 51.03
N SER D 1000 -26.28 39.34 51.44
CA SER D 1000 -24.91 39.70 51.11
C SER D 1000 -23.91 38.71 51.69
N ASP D 1001 -24.15 38.27 52.94
CA ASP D 1001 -23.30 37.24 53.53
C ASP D 1001 -23.45 35.93 52.78
N LEU D 1002 -24.68 35.56 52.44
CA LEU D 1002 -24.94 34.29 51.77
C LEU D 1002 -24.23 34.23 50.42
N ILE D 1003 -24.45 35.23 49.59
CA ILE D 1003 -23.91 35.25 48.24
C ILE D 1003 -22.44 35.63 48.28
N LEU D 1004 -22.17 36.86 48.70
CA LEU D 1004 -20.88 37.48 48.52
C LEU D 1004 -19.90 37.16 49.64
N LYS D 1005 -20.31 36.34 50.62
CA LYS D 1005 -19.42 35.96 51.69
C LYS D 1005 -19.52 34.48 52.06
N LEU D 1006 -20.41 33.71 51.43
CA LEU D 1006 -20.48 32.28 51.71
C LEU D 1006 -20.41 31.43 50.44
N LYS D 1007 -20.99 31.92 49.34
CA LYS D 1007 -20.98 31.19 48.08
C LYS D 1007 -21.22 32.15 46.92
N PRO D 1008 -20.17 32.79 46.40
CA PRO D 1008 -20.36 33.81 45.36
C PRO D 1008 -20.74 33.22 44.04
N TYR D 1009 -20.62 31.90 43.88
CA TYR D 1009 -20.74 31.25 42.59
C TYR D 1009 -21.98 31.71 41.82
N THR D 1010 -23.07 31.98 42.52
CA THR D 1010 -24.29 32.42 41.87
C THR D 1010 -24.06 33.73 41.11
N THR D 1011 -23.63 34.76 41.83
CA THR D 1011 -23.38 36.04 41.18
C THR D 1011 -22.18 35.99 40.25
N LEU D 1012 -21.24 35.07 40.48
CA LEU D 1012 -20.22 34.80 39.48
C LEU D 1012 -20.85 34.35 38.18
N ALA D 1013 -21.83 33.45 38.26
CA ALA D 1013 -22.54 33.03 37.06
C ALA D 1013 -23.21 34.22 36.40
N LEU D 1014 -23.90 35.04 37.18
CA LEU D 1014 -24.62 36.16 36.58
C LEU D 1014 -23.66 37.16 35.93
N VAL D 1015 -22.53 37.47 36.57
CA VAL D 1015 -21.55 38.38 35.98
C VAL D 1015 -20.75 37.71 34.88
N GLY D 1016 -20.83 36.39 34.78
CA GLY D 1016 -20.38 35.68 33.60
C GLY D 1016 -21.46 35.58 32.55
N LYS D 1017 -22.65 36.07 32.86
CA LYS D 1017 -23.73 36.21 31.90
C LYS D 1017 -24.25 37.64 31.93
N PRO D 1018 -23.45 38.61 31.48
CA PRO D 1018 -23.98 39.95 31.27
C PRO D 1018 -24.96 40.00 30.12
N GLU D 1019 -25.24 38.84 29.52
CA GLU D 1019 -26.30 38.66 28.55
C GLU D 1019 -27.66 39.05 29.12
N LEU D 1020 -27.74 39.36 30.41
CA LEU D 1020 -28.91 39.96 31.04
C LEU D 1020 -28.87 41.48 30.98
N GLY D 1021 -27.86 42.09 31.59
CA GLY D 1021 -27.87 43.53 31.77
C GLY D 1021 -27.74 43.91 33.23
N ILE D 1022 -27.09 43.05 34.02
CA ILE D 1022 -26.90 43.33 35.43
C ILE D 1022 -26.14 44.62 35.63
N LEU D 1023 -25.29 44.99 34.66
CA LEU D 1023 -24.64 46.30 34.73
C LEU D 1023 -25.68 47.42 34.73
N ALA D 1024 -26.71 47.30 33.89
CA ALA D 1024 -27.78 48.28 33.91
C ALA D 1024 -28.61 48.18 35.19
N ARG D 1025 -28.69 46.98 35.76
CA ARG D 1025 -29.52 46.79 36.95
C ARG D 1025 -28.89 47.43 38.19
N ASP D 1026 -27.60 47.21 38.41
CA ASP D 1026 -26.97 47.74 39.61
C ASP D 1026 -25.81 48.68 39.33
N GLY D 1027 -24.96 48.36 38.35
CA GLY D 1027 -23.85 49.23 38.02
C GLY D 1027 -22.74 49.16 39.05
N GLN D 1028 -23.02 49.65 40.26
CA GLN D 1028 -22.03 49.66 41.34
C GLN D 1028 -21.72 48.26 41.87
N PHE D 1029 -22.46 47.24 41.46
CA PHE D 1029 -22.14 45.87 41.86
C PHE D 1029 -20.80 45.43 41.31
N ALA D 1030 -20.24 46.15 40.33
CA ALA D 1030 -18.93 45.83 39.82
C ALA D 1030 -17.89 45.81 40.93
N ARG D 1031 -17.97 46.78 41.85
CA ARG D 1031 -17.04 46.80 43.00
C ARG D 1031 -17.19 45.50 43.82
N MET D 1032 -18.41 45.17 44.23
CA MET D 1032 -18.65 43.98 45.09
C MET D 1032 -18.14 42.69 44.43
N VAL D 1033 -18.62 42.37 43.22
CA VAL D 1033 -18.24 41.07 42.59
C VAL D 1033 -16.72 40.99 42.41
N ASN D 1034 -16.08 42.06 41.91
CA ASN D 1034 -14.62 42.01 41.65
C ASN D 1034 -13.87 41.68 42.94
N LYS D 1035 -14.28 42.28 44.06
CA LYS D 1035 -13.61 42.03 45.36
C LYS D 1035 -13.64 40.53 45.68
N ILE D 1036 -14.81 39.89 45.62
CA ILE D 1036 -14.91 38.44 46.03
C ILE D 1036 -14.13 37.56 45.04
N ARG D 1037 -14.15 37.91 43.74
CA ARG D 1037 -13.40 37.13 42.72
C ARG D 1037 -11.91 37.12 43.09
N SER D 1038 -11.34 38.29 43.40
CA SER D 1038 -9.90 38.40 43.69
C SER D 1038 -9.55 37.72 45.02
N THR D 1039 -10.48 37.73 45.99
CA THR D 1039 -10.16 37.17 47.33
C THR D 1039 -10.36 35.65 47.34
N THR D 1040 -11.58 35.18 47.59
CA THR D 1040 -11.83 33.72 47.71
C THR D 1040 -11.51 33.01 46.40
N ASP D 1041 -10.80 31.88 46.47
CA ASP D 1041 -10.50 31.07 45.25
C ASP D 1041 -11.82 30.58 44.66
N LEU D 1042 -11.99 30.67 43.34
CA LEU D 1042 -13.29 30.33 42.71
C LEU D 1042 -13.46 28.81 42.55
N ILE D 1043 -12.40 28.09 42.18
CA ILE D 1043 -12.55 26.63 41.88
C ILE D 1043 -12.95 25.81 43.13
N PRO D 1044 -12.39 26.00 44.35
CA PRO D 1044 -12.87 25.27 45.52
C PRO D 1044 -14.40 25.22 45.49
N ILE D 1045 -15.04 26.39 45.33
CA ILE D 1045 -16.53 26.46 45.28
C ILE D 1045 -17.04 25.84 43.96
N PHE D 1046 -16.29 26.00 42.87
CA PHE D 1046 -16.71 25.48 41.54
C PHE D 1046 -16.96 23.96 41.61
N ALA D 1047 -16.21 23.25 42.45
CA ALA D 1047 -16.41 21.79 42.62
C ALA D 1047 -17.61 21.54 43.56
N ASN D 1048 -17.76 22.35 44.60
CA ASN D 1048 -18.83 22.20 45.58
C ASN D 1048 -20.20 22.36 44.93
N ASN D 1049 -20.34 23.33 44.03
CA ASN D 1049 -21.60 23.45 43.31
C ASN D 1049 -21.73 22.38 42.23
N LEU D 1050 -20.61 21.93 41.65
CA LEU D 1050 -20.67 20.95 40.58
C LEU D 1050 -21.20 19.62 41.09
N LYS D 1051 -20.89 19.25 42.33
CA LYS D 1051 -21.23 17.90 42.79
C LYS D 1051 -22.73 17.71 43.04
N SER D 1052 -23.57 18.62 42.56
CA SER D 1052 -25.02 18.50 42.70
C SER D 1052 -25.57 17.49 41.71
N SER D 1053 -26.89 17.47 41.53
CA SER D 1053 -27.56 16.32 40.94
C SER D 1053 -28.12 16.56 39.54
N ASN D 1054 -28.99 17.56 39.35
CA ASN D 1054 -29.89 17.51 38.20
C ASN D 1054 -29.16 17.93 36.93
N LYS D 1055 -29.93 18.16 35.86
CA LYS D 1055 -29.34 18.61 34.61
C LYS D 1055 -28.81 20.04 34.72
N TYR D 1056 -29.69 20.98 35.03
CA TYR D 1056 -29.36 22.39 34.86
C TYR D 1056 -28.29 22.84 35.84
N VAL D 1057 -28.30 22.33 37.07
CA VAL D 1057 -27.35 22.85 38.04
C VAL D 1057 -25.93 22.54 37.62
N ILE D 1058 -25.65 21.30 37.20
CA ILE D 1058 -24.30 20.98 36.76
C ILE D 1058 -23.98 21.62 35.43
N ASN D 1059 -24.95 21.68 34.50
CA ASN D 1059 -24.69 22.42 33.27
C ASN D 1059 -24.15 23.80 33.57
N GLN D 1060 -24.81 24.53 34.47
CA GLN D 1060 -24.32 25.85 34.83
C GLN D 1060 -23.01 25.77 35.58
N ASN D 1061 -22.84 24.80 36.48
CA ASN D 1061 -21.63 24.69 37.28
C ASN D 1061 -20.40 24.63 36.39
N LEU D 1062 -20.36 23.61 35.56
CA LEU D 1062 -19.20 23.47 34.69
C LEU D 1062 -19.23 24.40 33.48
N ASP D 1063 -20.36 24.96 33.09
CA ASP D 1063 -20.33 26.03 32.11
C ASP D 1063 -19.57 27.22 32.67
N ASP D 1064 -19.82 27.54 33.94
CA ASP D 1064 -19.06 28.58 34.60
C ASP D 1064 -17.61 28.19 34.72
N ILE D 1065 -17.31 26.92 35.02
CA ILE D 1065 -15.92 26.50 35.10
C ILE D 1065 -15.22 26.67 33.75
N GLU D 1066 -15.89 26.28 32.67
CA GLU D 1066 -15.34 26.36 31.33
C GLU D 1066 -15.09 27.80 30.91
N VAL D 1067 -16.11 28.65 31.02
CA VAL D 1067 -15.92 30.04 30.65
C VAL D 1067 -14.91 30.69 31.58
N TYR D 1068 -14.92 30.29 32.85
CA TYR D 1068 -13.91 30.66 33.82
C TYR D 1068 -12.51 30.46 33.28
N LEU D 1069 -12.17 29.23 32.90
CA LEU D 1069 -10.78 28.98 32.54
C LEU D 1069 -10.44 29.43 31.12
N ARG D 1070 -11.43 29.52 30.22
CA ARG D 1070 -11.18 30.19 28.95
C ARG D 1070 -10.80 31.64 29.18
N ARG D 1071 -11.55 32.33 30.04
CA ARG D 1071 -11.21 33.70 30.40
C ARG D 1071 -9.85 33.78 31.08
N LYS D 1072 -9.56 32.83 31.98
CA LYS D 1072 -8.28 32.85 32.70
C LYS D 1072 -7.11 32.68 31.76
N GLN D 1073 -7.18 31.67 30.87
CA GLN D 1073 -6.09 31.43 29.93
C GLN D 1073 -5.91 32.60 28.98
N THR D 1074 -7.01 33.18 28.50
CA THR D 1074 -6.86 34.40 27.72
C THR D 1074 -6.23 35.50 28.56
N GLU D 1075 -6.47 35.49 29.88
CA GLU D 1075 -5.77 36.40 30.76
C GLU D 1075 -4.36 35.90 31.09
N ARG D 1076 -4.12 34.61 30.93
CA ARG D 1076 -2.89 33.94 31.36
C ARG D 1076 -2.45 34.42 32.74
N SER D 1077 -3.34 34.22 33.72
CA SER D 1077 -3.03 34.51 35.10
C SER D 1077 -3.50 33.41 36.04
N ILE D 1078 -3.98 32.29 35.51
CA ILE D 1078 -4.32 31.13 36.33
C ILE D 1078 -3.08 30.68 37.09
N ASP D 1079 -3.24 30.46 38.40
CA ASP D 1079 -2.15 30.09 39.30
C ASP D 1079 -2.32 28.63 39.71
N PHE D 1080 -1.22 27.86 39.65
CA PHE D 1080 -1.21 26.46 40.05
C PHE D 1080 -0.13 26.23 41.11
N THR D 1081 -0.53 26.05 42.38
CA THR D 1081 0.37 25.73 43.47
C THR D 1081 -0.38 25.29 44.73
N PRO D 1082 0.22 24.46 45.59
CA PRO D 1082 -0.36 24.22 46.91
C PRO D 1082 -0.30 25.46 47.78
N ASP D 1090 -7.79 24.55 45.76
CA ASP D 1090 -7.01 24.53 44.52
C ASP D 1090 -7.92 24.32 43.32
N ILE D 1091 -7.39 23.68 42.29
CA ILE D 1091 -8.16 23.33 41.09
C ILE D 1091 -8.11 21.84 40.78
N THR D 1092 -7.17 21.13 41.41
CA THR D 1092 -7.15 19.67 41.36
C THR D 1092 -8.49 19.07 41.75
N LEU D 1093 -9.18 19.70 42.70
CA LEU D 1093 -10.47 19.19 43.14
C LEU D 1093 -11.47 19.19 42.00
N VAL D 1094 -11.51 20.28 41.21
CA VAL D 1094 -12.50 20.25 40.13
C VAL D 1094 -12.08 19.28 39.07
N LEU D 1095 -10.77 19.09 38.81
CA LEU D 1095 -10.48 18.08 37.80
C LEU D 1095 -11.01 16.74 38.27
N GLY D 1096 -10.77 16.43 39.55
CA GLY D 1096 -11.24 15.16 40.09
C GLY D 1096 -12.73 15.02 39.97
N ALA D 1097 -13.48 16.07 40.28
CA ALA D 1097 -14.94 15.96 40.25
C ALA D 1097 -15.47 15.95 38.82
N LEU D 1098 -14.80 16.60 37.87
CA LEU D 1098 -15.15 16.41 36.47
C LEU D 1098 -15.00 14.95 36.09
N LEU D 1099 -13.91 14.32 36.56
CA LEU D 1099 -13.74 12.89 36.35
C LEU D 1099 -14.82 12.08 37.06
N ASP D 1100 -15.29 12.54 38.22
CA ASP D 1100 -16.31 11.79 38.95
C ASP D 1100 -17.65 11.84 38.23
N THR D 1101 -18.09 13.03 37.82
CA THR D 1101 -19.31 13.11 37.02
C THR D 1101 -19.11 12.43 35.67
N SER D 1102 -17.86 12.36 35.21
CA SER D 1102 -17.59 11.63 33.98
C SER D 1102 -17.79 10.13 34.17
N HIS D 1103 -17.36 9.60 35.31
CA HIS D 1103 -17.77 8.26 35.70
C HIS D 1103 -19.27 8.18 35.93
N LYS D 1104 -19.92 9.33 36.11
CA LYS D 1104 -21.38 9.41 36.13
C LYS D 1104 -21.96 9.71 34.75
N PHE D 1105 -21.15 9.56 33.69
CA PHE D 1105 -21.61 9.65 32.29
C PHE D 1105 -21.48 8.28 31.63
N ARG D 1106 -22.56 7.50 31.58
CA ARG D 1106 -22.46 6.24 30.84
C ARG D 1106 -23.65 5.84 29.98
N ASN D 1107 -24.83 6.41 30.13
CA ASN D 1107 -25.95 5.93 29.33
C ASN D 1107 -26.59 7.01 28.47
N LEU D 1108 -26.92 8.14 29.06
CA LEU D 1108 -27.50 9.28 28.37
C LEU D 1108 -27.04 10.52 29.11
N ASP D 1109 -27.76 11.63 28.95
CA ASP D 1109 -27.36 12.89 29.53
C ASP D 1109 -26.13 13.36 28.76
N LYS D 1110 -26.06 12.95 27.48
CA LYS D 1110 -24.87 13.09 26.67
C LYS D 1110 -24.41 14.53 26.57
N ASP D 1111 -25.35 15.48 26.57
CA ASP D 1111 -24.96 16.87 26.45
C ASP D 1111 -24.26 17.37 27.70
N LEU D 1112 -24.77 17.01 28.88
CA LEU D 1112 -24.03 17.31 30.10
C LEU D 1112 -22.68 16.62 30.09
N CYS D 1113 -22.66 15.36 29.67
CA CYS D 1113 -21.40 14.64 29.53
C CYS D 1113 -20.42 15.43 28.69
N GLU D 1114 -20.89 15.88 27.53
CA GLU D 1114 -20.05 16.55 26.56
C GLU D 1114 -19.58 17.91 27.09
N LYS D 1115 -20.44 18.61 27.80
CA LYS D 1115 -20.03 19.88 28.40
C LYS D 1115 -18.92 19.64 29.41
N CYS D 1116 -19.07 18.62 30.25
CA CYS D 1116 -17.98 18.29 31.15
C CYS D 1116 -16.73 17.90 30.39
N ALA D 1117 -16.92 17.31 29.21
CA ALA D 1117 -15.78 16.97 28.35
C ALA D 1117 -15.02 18.22 27.93
N LYS D 1118 -15.75 19.21 27.39
CA LYS D 1118 -15.19 20.54 27.20
C LYS D 1118 -14.36 20.96 28.39
N CYS D 1119 -15.01 21.05 29.55
CA CYS D 1119 -14.39 21.70 30.71
C CYS D 1119 -13.13 21.00 31.13
N ILE D 1120 -13.16 19.66 31.17
CA ILE D 1120 -11.97 18.92 31.58
C ILE D 1120 -10.86 19.04 30.55
N SER D 1121 -11.21 19.12 29.26
CA SER D 1121 -10.20 19.35 28.23
C SER D 1121 -9.54 20.71 28.40
N MET D 1122 -10.36 21.77 28.49
CA MET D 1122 -9.84 23.11 28.69
C MET D 1122 -8.90 23.13 29.89
N ILE D 1123 -9.31 22.43 30.96
CA ILE D 1123 -8.55 22.47 32.19
C ILE D 1123 -7.35 21.54 32.14
N GLY D 1124 -7.29 20.70 31.11
CA GLY D 1124 -6.08 19.99 30.75
C GLY D 1124 -5.55 19.11 31.86
N VAL D 1125 -4.22 18.92 31.84
CA VAL D 1125 -3.57 18.11 32.86
C VAL D 1125 -3.95 18.62 34.23
N LEU D 1126 -3.88 19.94 34.40
CA LEU D 1126 -4.04 20.56 35.70
C LEU D 1126 -3.03 19.93 36.66
N ASP D 1127 -1.77 20.27 36.40
CA ASP D 1127 -0.61 19.47 36.78
C ASP D 1127 -0.72 18.73 38.11
N VAL D 1128 -0.27 17.48 38.05
CA VAL D 1128 -0.23 16.53 39.16
C VAL D 1128 1.23 16.45 39.55
N THR D 1129 1.96 17.56 39.36
CA THR D 1129 3.40 17.48 39.29
C THR D 1129 4.14 18.44 40.24
N LYS D 1130 3.66 19.67 40.40
CA LYS D 1130 4.17 20.48 41.50
C LYS D 1130 3.02 21.14 42.26
N HIS D 1131 2.02 21.61 41.51
CA HIS D 1131 0.76 22.05 42.08
C HIS D 1131 0.06 20.79 42.52
N GLU D 1132 0.46 20.28 43.68
CA GLU D 1132 0.23 18.89 44.03
C GLU D 1132 -1.23 18.55 43.87
N PHE D 1133 -1.47 17.45 43.18
CA PHE D 1133 -2.83 17.00 42.90
C PHE D 1133 -3.33 16.26 44.15
N LYS D 1134 -3.21 16.97 45.27
CA LYS D 1134 -3.47 16.43 46.58
C LYS D 1134 -4.91 15.93 46.67
N ARG D 1135 -5.15 15.12 47.67
CA ARG D 1135 -6.44 14.46 47.79
C ARG D 1135 -6.96 14.45 49.21
N GLU D 1140 -17.67 6.33 53.12
CA GLU D 1140 -17.01 7.15 52.11
C GLU D 1140 -15.55 7.41 52.45
N ASN D 1141 -15.30 8.39 53.30
CA ASN D 1141 -13.93 8.85 53.54
C ASN D 1141 -13.50 8.81 55.00
N GLU D 1142 -14.33 9.28 55.92
CA GLU D 1142 -13.90 9.49 57.30
C GLU D 1142 -13.85 8.14 58.02
N VAL D 1143 -13.30 8.14 59.25
CA VAL D 1143 -13.05 6.91 59.99
C VAL D 1143 -14.27 6.55 60.83
N TYR D 1144 -14.62 5.27 60.86
CA TYR D 1144 -15.93 4.86 61.32
C TYR D 1144 -15.87 4.03 62.60
N ASP D 1145 -16.90 4.19 63.44
CA ASP D 1145 -17.17 3.32 64.58
C ASP D 1145 -18.58 3.64 65.09
N LEU D 1146 -19.28 2.63 65.59
CA LEU D 1146 -20.67 2.79 66.00
C LEU D 1146 -20.94 2.43 67.46
N ASN D 1147 -19.90 2.11 68.24
CA ASN D 1147 -20.09 1.81 69.65
C ASN D 1147 -19.90 3.03 70.54
N ASP D 1148 -19.77 4.21 69.95
CA ASP D 1148 -19.59 5.45 70.69
C ASP D 1148 -20.59 6.49 70.20
N SER D 1149 -21.15 7.23 71.15
CA SER D 1149 -22.21 8.19 70.83
C SER D 1149 -21.73 9.23 69.82
N VAL D 1150 -20.52 9.76 70.03
CA VAL D 1150 -20.03 10.84 69.17
C VAL D 1150 -19.94 10.37 67.73
N GLN D 1151 -19.36 9.20 67.51
CA GLN D 1151 -19.16 8.74 66.14
C GLN D 1151 -20.47 8.30 65.51
N THR D 1152 -21.36 7.68 66.30
CA THR D 1152 -22.70 7.40 65.80
C THR D 1152 -23.33 8.68 65.26
N ILE D 1153 -23.53 9.67 66.14
CA ILE D 1153 -24.25 10.87 65.74
C ILE D 1153 -23.53 11.58 64.61
N LYS D 1154 -22.21 11.49 64.56
CA LYS D 1154 -21.48 12.06 63.43
C LYS D 1154 -21.90 11.39 62.13
N PHE D 1155 -22.02 10.07 62.15
CA PHE D 1155 -22.44 9.38 60.94
C PHE D 1155 -23.90 9.68 60.63
N LEU D 1156 -24.72 9.81 61.67
CA LEU D 1156 -26.11 10.19 61.44
C LEU D 1156 -26.19 11.50 60.67
N ILE D 1157 -25.51 12.54 61.16
CA ILE D 1157 -25.62 13.84 60.51
C ILE D 1157 -25.03 13.79 59.11
N TRP D 1158 -23.88 13.12 58.96
CA TRP D 1158 -23.26 13.08 57.65
C TRP D 1158 -24.14 12.33 56.66
N VAL D 1159 -24.77 11.24 57.11
CA VAL D 1159 -25.68 10.51 56.24
C VAL D 1159 -26.90 11.36 55.92
N ILE D 1160 -27.36 12.15 56.88
CA ILE D 1160 -28.45 13.07 56.59
C ILE D 1160 -28.07 13.98 55.43
N ASN D 1161 -26.83 14.47 55.46
CA ASN D 1161 -26.36 15.30 54.35
C ASN D 1161 -26.30 14.49 53.06
N ASP D 1162 -25.76 13.28 53.11
CA ASP D 1162 -25.55 12.50 51.89
C ASP D 1162 -26.87 12.12 51.24
N ILE D 1163 -27.79 11.58 52.04
CA ILE D 1163 -29.15 11.36 51.54
C ILE D 1163 -29.73 12.68 51.04
N LEU D 1164 -29.35 13.75 51.71
CA LEU D 1164 -30.06 15.01 51.54
C LEU D 1164 -29.77 15.63 50.19
N VAL D 1165 -28.48 15.80 49.86
CA VAL D 1165 -28.12 16.49 48.59
C VAL D 1165 -28.13 15.53 47.39
N PRO D 1166 -27.15 14.63 47.15
CA PRO D 1166 -27.12 13.81 45.93
C PRO D 1166 -27.95 12.51 46.01
N ALA D 1167 -29.17 12.58 46.56
CA ALA D 1167 -30.05 11.39 46.63
C ALA D 1167 -31.50 11.83 46.83
N PHE D 1168 -31.81 12.42 47.99
CA PHE D 1168 -33.20 12.83 48.31
C PHE D 1168 -33.43 14.29 47.95
N TRP D 1169 -32.57 14.89 47.12
CA TRP D 1169 -32.86 16.26 46.62
C TRP D 1169 -33.25 16.10 45.14
N GLN D 1170 -33.53 14.86 44.73
CA GLN D 1170 -33.99 14.57 43.35
C GLN D 1170 -34.97 13.40 43.46
N SER D 1171 -35.43 13.11 44.69
CA SER D 1171 -36.37 11.98 44.94
C SER D 1171 -37.77 12.32 44.42
N GLU D 1172 -38.68 11.34 44.37
CA GLU D 1172 -40.01 11.59 43.77
C GLU D 1172 -41.16 11.15 44.68
N ASN D 1173 -41.24 9.86 45.02
CA ASN D 1173 -42.41 9.35 45.78
C ASN D 1173 -42.60 10.02 47.14
N PRO D 1174 -43.79 10.57 47.45
CA PRO D 1174 -44.11 11.14 48.78
C PRO D 1174 -43.70 10.25 49.92
N SER D 1175 -43.83 8.93 49.78
CA SER D 1175 -43.36 8.04 50.82
C SER D 1175 -41.85 8.14 51.00
N LYS D 1176 -41.12 8.28 49.89
CA LYS D 1176 -39.66 8.42 49.98
C LYS D 1176 -39.29 9.68 50.75
N GLN D 1177 -39.94 10.80 50.44
CA GLN D 1177 -39.64 12.01 51.18
C GLN D 1177 -40.11 11.89 52.63
N LEU D 1178 -41.17 11.11 52.88
CA LEU D 1178 -41.59 10.85 54.24
C LEU D 1178 -40.49 10.14 55.00
N PHE D 1179 -39.81 9.21 54.33
CA PHE D 1179 -38.70 8.53 55.00
C PHE D 1179 -37.52 9.46 55.18
N VAL D 1180 -37.36 10.45 54.29
CA VAL D 1180 -36.41 11.52 54.59
C VAL D 1180 -36.76 12.14 55.93
N ALA D 1181 -38.03 12.47 56.10
CA ALA D 1181 -38.49 13.10 57.33
C ALA D 1181 -38.20 12.19 58.52
N LEU D 1182 -38.47 10.90 58.39
CA LEU D 1182 -38.28 9.99 59.52
C LEU D 1182 -36.82 9.85 59.88
N VAL D 1183 -35.96 9.64 58.88
CA VAL D 1183 -34.56 9.44 59.17
C VAL D 1183 -33.95 10.70 59.79
N ILE D 1184 -34.27 11.87 59.27
CA ILE D 1184 -33.74 13.07 59.89
C ILE D 1184 -34.30 13.19 61.29
N GLN D 1185 -35.59 12.85 61.46
CA GLN D 1185 -36.23 12.89 62.78
C GLN D 1185 -35.44 12.09 63.79
N GLU D 1186 -35.10 10.85 63.47
CA GLU D 1186 -34.45 10.02 64.47
C GLU D 1186 -33.02 10.47 64.70
N SER D 1187 -32.36 10.99 63.66
CA SER D 1187 -31.03 11.57 63.88
C SER D 1187 -31.10 12.72 64.87
N LEU D 1188 -32.03 13.65 64.64
CA LEU D 1188 -32.20 14.79 65.50
C LEU D 1188 -32.98 14.48 66.76
N LYS D 1189 -33.39 13.23 66.94
CA LYS D 1189 -33.96 12.77 68.20
C LYS D 1189 -32.96 12.00 69.04
N TYR D 1190 -31.92 11.47 68.41
CA TYR D 1190 -30.72 11.13 69.17
C TYR D 1190 -29.97 12.39 69.57
N CYS D 1191 -30.01 13.43 68.75
CA CYS D 1191 -29.76 14.80 69.19
C CYS D 1191 -31.07 15.54 69.48
N GLY D 1192 -31.87 14.98 70.40
CA GLY D 1192 -33.29 15.25 70.43
C GLY D 1192 -33.84 16.38 71.28
N LEU D 1193 -33.57 17.62 70.90
CA LEU D 1193 -34.10 18.79 71.59
C LEU D 1193 -34.28 19.90 70.55
N SER D 1194 -34.39 21.14 71.03
CA SER D 1194 -34.56 22.34 70.18
C SER D 1194 -35.91 22.37 69.48
N SER D 1195 -36.95 21.86 70.15
CA SER D 1195 -38.31 22.11 69.73
C SER D 1195 -38.95 23.26 70.50
N GLU D 1196 -38.58 23.44 71.77
CA GLU D 1196 -38.94 24.63 72.52
C GLU D 1196 -37.83 25.15 73.42
N SER D 1197 -36.66 24.50 73.47
CA SER D 1197 -35.61 24.88 74.41
C SER D 1197 -34.37 25.41 73.71
N TRP D 1198 -33.74 24.61 72.84
CA TRP D 1198 -32.56 25.08 72.12
C TRP D 1198 -33.02 25.95 70.95
N ASP D 1199 -33.45 27.16 71.31
CA ASP D 1199 -34.04 28.09 70.35
C ASP D 1199 -32.94 28.61 69.42
N MET D 1200 -33.32 29.55 68.57
CA MET D 1200 -32.49 29.98 67.44
C MET D 1200 -31.14 30.48 67.92
N ASN D 1201 -31.13 31.58 68.68
CA ASN D 1201 -29.91 32.11 69.28
C ASN D 1201 -30.01 32.24 70.78
N HIS D 1202 -31.20 32.22 71.36
CA HIS D 1202 -31.37 32.35 72.80
C HIS D 1202 -31.30 31.01 73.52
N LYS D 1203 -30.68 30.00 72.90
CA LYS D 1203 -30.68 28.66 73.49
C LYS D 1203 -29.67 28.58 74.62
N GLU D 1204 -28.38 28.61 74.28
CA GLU D 1204 -27.26 28.88 75.17
C GLU D 1204 -27.42 28.33 76.58
N LEU D 1205 -27.93 27.11 76.72
CA LEU D 1205 -28.13 26.53 78.05
C LEU D 1205 -27.33 25.26 78.26
N TYR D 1206 -27.37 24.31 77.33
CA TYR D 1206 -26.47 23.16 77.40
C TYR D 1206 -25.51 23.23 76.22
N PRO D 1207 -24.24 23.63 76.44
CA PRO D 1207 -23.34 23.90 75.31
C PRO D 1207 -22.91 22.69 74.51
N ASN D 1208 -23.27 21.47 74.91
CA ASN D 1208 -22.89 20.32 74.09
C ASN D 1208 -23.67 20.30 72.78
N GLU D 1209 -24.89 20.84 72.78
CA GLU D 1209 -25.63 21.01 71.53
C GLU D 1209 -24.89 21.93 70.58
N ALA D 1210 -24.37 23.04 71.09
CA ALA D 1210 -23.56 23.92 70.25
C ALA D 1210 -22.27 23.24 69.82
N LYS D 1211 -21.71 22.38 70.67
CA LYS D 1211 -20.52 21.64 70.30
C LYS D 1211 -20.79 20.75 69.08
N LEU D 1212 -21.85 19.94 69.15
CA LEU D 1212 -22.19 19.10 68.01
C LEU D 1212 -22.67 19.94 66.83
N TRP D 1213 -23.24 21.12 67.08
CA TRP D 1213 -23.66 22.01 66.02
C TRP D 1213 -22.48 22.69 65.35
N GLU D 1214 -21.31 22.68 65.99
CA GLU D 1214 -20.07 23.02 65.32
C GLU D 1214 -19.36 21.80 64.77
N LYS D 1215 -19.82 20.61 65.14
CA LYS D 1215 -19.53 19.40 64.39
C LYS D 1215 -20.59 19.15 63.32
N PHE D 1216 -21.67 19.92 63.35
CA PHE D 1216 -22.74 19.91 62.36
C PHE D 1216 -22.20 20.27 60.99
N ASN D 1217 -23.05 20.15 59.97
CA ASN D 1217 -22.68 20.43 58.60
C ASN D 1217 -23.34 21.72 58.12
N SER D 1218 -22.69 22.37 57.15
CA SER D 1218 -23.15 23.70 56.71
C SER D 1218 -24.46 23.60 55.94
N VAL D 1219 -24.53 22.70 54.96
CA VAL D 1219 -25.80 22.53 54.25
C VAL D 1219 -26.88 22.02 55.20
N SER D 1220 -26.48 21.26 56.22
CA SER D 1220 -27.44 20.87 57.24
C SER D 1220 -27.96 22.08 58.00
N LYS D 1221 -27.09 23.03 58.34
CA LYS D 1221 -27.59 24.28 58.89
C LYS D 1221 -28.49 25.00 57.90
N THR D 1222 -28.27 24.79 56.60
CA THR D 1222 -29.11 25.47 55.63
C THR D 1222 -30.49 24.82 55.53
N THR D 1223 -30.59 23.53 55.80
CA THR D 1223 -31.88 22.88 55.58
C THR D 1223 -32.48 22.28 56.85
N ILE D 1224 -31.75 21.45 57.59
CA ILE D 1224 -32.28 20.76 58.76
C ILE D 1224 -32.02 21.60 60.00
N TYR D 1225 -31.68 22.87 59.82
CA TYR D 1225 -31.42 23.77 60.95
C TYR D 1225 -32.47 23.71 62.05
N PRO D 1226 -33.78 23.78 61.78
CA PRO D 1226 -34.74 23.73 62.88
C PRO D 1226 -35.32 22.34 63.07
N LEU D 1227 -34.98 21.40 62.17
CA LEU D 1227 -35.67 20.12 62.14
C LEU D 1227 -35.54 19.36 63.45
N LEU D 1228 -34.47 19.66 64.20
CA LEU D 1228 -34.23 18.94 65.47
C LEU D 1228 -35.50 19.00 66.36
N SER D 1229 -36.51 19.77 65.96
CA SER D 1229 -37.79 19.85 66.70
C SER D 1229 -38.84 18.86 66.16
N SER D 1230 -38.66 18.35 64.93
CA SER D 1230 -39.68 17.47 64.29
C SER D 1230 -39.97 16.21 65.11
N LEU D 1231 -41.21 15.70 65.05
CA LEU D 1231 -41.59 14.46 65.77
C LEU D 1231 -42.59 13.67 64.92
N TYR D 1232 -42.18 13.19 63.73
CA TYR D 1232 -43.10 12.47 62.82
C TYR D 1232 -43.43 11.06 63.36
N LEU D 1233 -44.58 10.52 62.96
CA LEU D 1233 -44.94 9.14 63.38
C LEU D 1233 -44.06 8.14 62.61
N ALA D 1234 -43.19 7.41 63.32
CA ALA D 1234 -42.32 6.42 62.68
C ALA D 1234 -43.17 5.32 62.03
N GLN D 1235 -42.96 5.06 60.74
CA GLN D 1235 -43.71 3.98 60.03
C GLN D 1235 -43.50 2.65 60.78
N SER D 1236 -44.57 1.97 61.15
CA SER D 1236 -44.47 0.71 61.92
C SER D 1236 -43.68 -0.35 61.13
N TRP D 1237 -42.82 -1.11 61.81
CA TRP D 1237 -42.04 -2.18 61.14
C TRP D 1237 -42.95 -3.35 60.78
N LYS D 1238 -42.68 -4.02 59.66
CA LYS D 1238 -43.58 -5.12 59.21
C LYS D 1238 -43.04 -6.49 59.66
N GLU D 1239 -43.11 -7.49 58.78
CA GLU D 1239 -42.66 -8.87 59.13
C GLU D 1239 -41.20 -9.06 58.73
N TYR D 1240 -40.73 -10.32 58.68
CA TYR D 1240 -39.32 -10.57 58.38
C TYR D 1240 -38.99 -10.25 56.93
N VAL D 1241 -39.88 -10.63 56.01
CA VAL D 1241 -39.65 -10.46 54.57
C VAL D 1241 -38.31 -11.11 54.26
N PRO D 1242 -38.24 -12.44 54.23
CA PRO D 1242 -36.94 -13.12 54.29
C PRO D 1242 -36.13 -12.97 53.01
N LEU D 1243 -34.84 -13.23 53.16
CA LEU D 1243 -33.87 -13.12 52.07
C LEU D 1243 -33.12 -14.44 51.93
N LYS D 1244 -31.99 -14.39 51.23
CA LYS D 1244 -31.13 -15.50 50.83
C LYS D 1244 -31.72 -16.18 49.60
N TYR D 1245 -32.76 -15.59 49.03
CA TYR D 1245 -33.40 -16.16 47.85
C TYR D 1245 -32.47 -16.05 46.66
N PRO D 1246 -32.10 -17.16 46.01
CA PRO D 1246 -31.32 -17.07 44.78
C PRO D 1246 -32.11 -16.54 43.59
N SER D 1247 -33.43 -16.37 43.70
CA SER D 1247 -34.22 -16.00 42.54
C SER D 1247 -34.17 -14.51 42.27
N ASN D 1248 -34.65 -13.70 43.22
CA ASN D 1248 -34.51 -12.25 43.08
C ASN D 1248 -33.05 -11.86 43.00
N ASN D 1249 -32.20 -12.54 43.76
CA ASN D 1249 -30.77 -12.31 43.71
C ASN D 1249 -30.21 -12.54 42.31
N PHE D 1250 -30.50 -13.71 41.75
CA PHE D 1250 -29.95 -14.15 40.48
C PHE D 1250 -30.47 -13.38 39.29
N LYS D 1251 -31.76 -13.01 39.29
CA LYS D 1251 -32.34 -12.39 38.11
C LYS D 1251 -32.62 -10.91 38.27
N GLU D 1252 -32.98 -10.43 39.45
CA GLU D 1252 -33.32 -9.02 39.64
C GLU D 1252 -32.35 -8.31 40.58
N GLY D 1253 -32.21 -8.78 41.80
CA GLY D 1253 -31.36 -8.08 42.75
C GLY D 1253 -32.10 -6.96 43.45
N TYR D 1254 -31.46 -5.78 43.50
CA TYR D 1254 -31.85 -4.69 44.39
C TYR D 1254 -33.29 -4.23 44.24
N LYS D 1255 -34.04 -4.75 43.26
CA LYS D 1255 -35.45 -4.43 43.16
C LYS D 1255 -36.15 -4.71 44.50
N ILE D 1256 -35.93 -5.90 45.06
CA ILE D 1256 -36.27 -6.17 46.46
C ILE D 1256 -35.07 -6.76 47.17
N TRP D 1257 -34.22 -7.50 46.42
CA TRP D 1257 -33.21 -8.35 47.05
C TRP D 1257 -32.19 -7.54 47.82
N VAL D 1258 -31.44 -6.69 47.13
CA VAL D 1258 -30.26 -6.08 47.72
C VAL D 1258 -30.66 -5.13 48.85
N LYS D 1259 -31.68 -4.31 48.62
CA LYS D 1259 -32.08 -3.38 49.67
C LYS D 1259 -32.70 -4.11 50.87
N ARG D 1260 -33.67 -5.00 50.62
CA ARG D 1260 -34.32 -5.67 51.74
C ARG D 1260 -33.36 -6.60 52.44
N PHE D 1261 -32.39 -7.13 51.70
CA PHE D 1261 -31.16 -7.72 52.21
C PHE D 1261 -30.58 -6.88 53.33
N THR D 1262 -30.19 -5.65 52.98
CA THR D 1262 -29.69 -4.73 54.00
C THR D 1262 -30.67 -4.63 55.16
N LEU D 1263 -31.94 -4.37 54.85
CA LEU D 1263 -32.89 -3.99 55.89
C LEU D 1263 -33.08 -5.12 56.89
N ASP D 1264 -33.26 -6.35 56.41
CA ASP D 1264 -33.53 -7.45 57.33
C ASP D 1264 -32.26 -7.91 58.04
N LEU D 1265 -31.08 -7.78 57.41
CA LEU D 1265 -29.87 -8.07 58.17
C LEU D 1265 -29.74 -7.10 59.34
N LEU D 1266 -30.05 -5.83 59.11
CA LEU D 1266 -30.09 -4.88 60.22
C LEU D 1266 -31.17 -5.25 61.24
N LYS D 1267 -32.34 -5.67 60.75
CA LYS D 1267 -33.43 -6.04 61.65
C LYS D 1267 -32.97 -7.12 62.62
N THR D 1268 -32.23 -8.09 62.10
CA THR D 1268 -31.70 -9.15 62.95
C THR D 1268 -30.55 -8.66 63.83
N GLY D 1269 -29.80 -7.66 63.36
CA GLY D 1269 -28.60 -7.24 64.09
C GLY D 1269 -28.76 -6.17 65.15
N THR D 1270 -29.31 -5.01 64.77
CA THR D 1270 -29.27 -3.82 65.62
C THR D 1270 -30.57 -3.57 66.38
N THR D 1271 -31.67 -3.33 65.68
CA THR D 1271 -33.01 -3.23 66.28
C THR D 1271 -33.03 -2.26 67.47
N GLU D 1272 -32.87 -0.98 67.15
CA GLU D 1272 -33.02 0.19 68.02
C GLU D 1272 -31.79 0.43 68.90
N ASN D 1273 -30.79 -0.45 68.87
CA ASN D 1273 -29.57 -0.18 69.62
C ASN D 1273 -28.75 0.91 68.97
N HIS D 1274 -28.89 1.09 67.66
CA HIS D 1274 -28.12 2.08 66.91
C HIS D 1274 -29.04 2.75 65.88
N PRO D 1275 -28.82 4.04 65.63
CA PRO D 1275 -29.78 4.80 64.79
C PRO D 1275 -29.87 4.30 63.35
N LEU D 1276 -28.83 3.67 62.82
CA LEU D 1276 -28.92 3.01 61.51
C LEU D 1276 -30.19 2.17 61.41
N HIS D 1277 -30.68 1.70 62.56
CA HIS D 1277 -31.87 0.88 62.70
C HIS D 1277 -33.02 1.43 61.88
N VAL D 1278 -32.95 2.72 61.54
CA VAL D 1278 -34.09 3.40 60.94
C VAL D 1278 -34.08 3.42 59.42
N PHE D 1279 -33.15 2.74 58.77
CA PHE D 1279 -33.18 2.78 57.31
C PHE D 1279 -34.37 2.04 56.71
N SER D 1280 -35.18 1.39 57.55
CA SER D 1280 -36.06 0.31 57.11
C SER D 1280 -36.86 0.61 55.84
N SER D 1281 -37.75 1.59 55.89
CA SER D 1281 -38.55 1.90 54.72
C SER D 1281 -37.86 2.92 53.83
N LEU D 1282 -36.64 2.59 53.43
CA LEU D 1282 -35.80 3.42 52.56
C LEU D 1282 -36.56 4.02 51.39
N ILE D 1283 -37.59 3.33 50.91
CA ILE D 1283 -38.47 3.86 49.88
C ILE D 1283 -39.34 4.95 50.49
N GLY D 1288 -34.79 1.94 41.71
CA GLY D 1288 -33.56 1.23 42.03
C GLY D 1288 -32.40 2.13 42.36
N SER D 1289 -32.63 3.45 42.28
CA SER D 1289 -31.59 4.40 42.66
C SER D 1289 -31.25 4.29 44.13
N LEU D 1290 -32.23 3.97 44.97
CA LEU D 1290 -32.03 3.99 46.41
C LEU D 1290 -31.12 2.85 46.79
N SER D 1291 -29.85 2.95 46.44
CA SER D 1291 -28.91 1.87 46.69
C SER D 1291 -27.61 2.38 47.29
N ASN D 1292 -27.21 3.61 46.95
CA ASN D 1292 -25.81 4.01 47.04
C ASN D 1292 -25.23 3.82 48.44
N PHE D 1293 -25.73 4.57 49.42
CA PHE D 1293 -25.15 4.51 50.76
C PHE D 1293 -25.69 3.35 51.58
N LEU D 1294 -26.86 2.83 51.21
CA LEU D 1294 -27.54 1.85 52.05
C LEU D 1294 -26.70 0.60 52.21
N LEU D 1295 -26.46 -0.09 51.10
CA LEU D 1295 -25.69 -1.33 51.06
C LEU D 1295 -24.42 -1.23 51.87
N PRO D 1296 -23.51 -0.31 51.57
CA PRO D 1296 -22.30 -0.24 52.38
C PRO D 1296 -22.65 0.03 53.82
N TYR D 1297 -23.25 1.19 54.08
CA TYR D 1297 -23.26 1.73 55.43
C TYR D 1297 -24.11 0.92 56.39
N ILE D 1298 -24.83 -0.09 55.93
CA ILE D 1298 -25.69 -0.80 56.88
C ILE D 1298 -24.96 -1.95 57.57
N SER D 1299 -24.11 -2.70 56.88
CA SER D 1299 -23.47 -3.87 57.48
C SER D 1299 -22.29 -3.44 58.34
N LEU D 1300 -22.63 -2.84 59.48
CA LEU D 1300 -21.69 -2.56 60.56
C LEU D 1300 -22.11 -3.29 61.82
N ASP D 1301 -22.67 -4.48 61.66
CA ASP D 1301 -23.33 -5.19 62.74
C ASP D 1301 -22.64 -6.52 62.99
N ILE D 1302 -21.32 -6.52 63.07
CA ILE D 1302 -20.53 -7.73 63.13
C ILE D 1302 -19.86 -7.90 64.48
N ILE D 1303 -19.30 -6.82 65.04
CA ILE D 1303 -18.56 -6.93 66.29
C ILE D 1303 -19.47 -6.80 67.52
N ILE D 1304 -20.76 -6.51 67.33
CA ILE D 1304 -21.66 -6.18 68.42
C ILE D 1304 -22.02 -7.38 69.27
N LYS D 1305 -21.49 -8.55 68.95
CA LYS D 1305 -21.78 -9.77 69.68
C LYS D 1305 -20.49 -10.39 70.20
N ALA D 1306 -20.64 -11.47 70.97
CA ALA D 1306 -19.54 -12.37 71.25
C ALA D 1306 -19.81 -13.75 70.68
N GLU D 1307 -20.90 -14.38 71.10
CA GLU D 1307 -21.49 -15.56 70.49
C GLU D 1307 -22.80 -15.13 69.84
N LYS D 1308 -23.19 -15.84 68.78
CA LYS D 1308 -24.36 -15.41 68.03
C LYS D 1308 -25.58 -15.33 68.94
N GLY D 1309 -26.06 -16.46 69.45
CA GLY D 1309 -27.18 -16.48 70.37
C GLY D 1309 -28.46 -15.89 69.81
N THR D 1310 -28.37 -15.39 68.59
CA THR D 1310 -29.45 -14.73 67.88
C THR D 1310 -29.18 -14.93 66.39
N PRO D 1311 -30.08 -14.48 65.52
CA PRO D 1311 -29.78 -14.57 64.09
C PRO D 1311 -28.76 -13.55 63.64
N TYR D 1312 -28.01 -12.93 64.56
CA TYR D 1312 -26.88 -12.08 64.17
C TYR D 1312 -26.04 -12.81 63.13
N ALA D 1313 -25.40 -13.89 63.55
CA ALA D 1313 -24.53 -14.62 62.66
C ALA D 1313 -25.30 -15.55 61.74
N ASP D 1314 -26.55 -15.88 62.07
CA ASP D 1314 -27.35 -16.64 61.12
C ASP D 1314 -27.58 -15.84 59.85
N ILE D 1315 -28.02 -14.59 59.99
CA ILE D 1315 -28.14 -13.73 58.83
C ILE D 1315 -26.77 -13.35 58.28
N LEU D 1316 -25.74 -13.25 59.13
CA LEU D 1316 -24.41 -12.95 58.60
C LEU D 1316 -23.95 -14.04 57.64
N ASN D 1317 -23.99 -15.30 58.07
CA ASN D 1317 -23.63 -16.40 57.19
C ASN D 1317 -24.55 -16.45 55.98
N GLY D 1318 -25.86 -16.31 56.19
CA GLY D 1318 -26.78 -16.37 55.07
C GLY D 1318 -26.48 -15.32 54.01
N ILE D 1319 -26.30 -14.07 54.44
CA ILE D 1319 -26.10 -12.98 53.49
C ILE D 1319 -24.73 -13.07 52.83
N ILE D 1320 -23.70 -13.47 53.57
CA ILE D 1320 -22.38 -13.57 52.98
C ILE D 1320 -22.33 -14.70 51.97
N ILE D 1321 -22.93 -15.85 52.30
CA ILE D 1321 -23.00 -16.90 51.30
C ILE D 1321 -23.93 -16.49 50.17
N GLU D 1322 -24.81 -15.51 50.38
CA GLU D 1322 -25.58 -15.03 49.23
C GLU D 1322 -24.81 -14.09 48.33
N PHE D 1323 -23.94 -13.24 48.86
CA PHE D 1323 -22.99 -12.56 47.98
C PHE D 1323 -22.09 -13.56 47.28
N ASP D 1324 -21.68 -14.61 47.99
CA ASP D 1324 -21.03 -15.72 47.32
C ASP D 1324 -21.97 -16.44 46.36
N SER D 1325 -23.28 -16.23 46.50
CA SER D 1325 -24.24 -16.79 45.55
C SER D 1325 -24.34 -15.95 44.29
N ILE D 1326 -24.29 -14.62 44.42
CA ILE D 1326 -24.11 -13.80 43.22
C ILE D 1326 -22.80 -14.17 42.56
N PHE D 1327 -21.80 -14.48 43.37
CA PHE D 1327 -20.55 -14.99 42.83
C PHE D 1327 -20.80 -16.25 42.00
N THR D 1328 -21.31 -17.29 42.66
CA THR D 1328 -21.50 -18.58 41.98
C THR D 1328 -22.47 -18.46 40.80
N CYS D 1329 -23.27 -17.41 40.75
CA CYS D 1329 -23.99 -17.03 39.53
C CYS D 1329 -22.96 -16.96 38.42
N ASN D 1330 -23.01 -17.89 37.47
CA ASN D 1330 -21.89 -18.07 36.55
C ASN D 1330 -22.32 -17.71 35.14
N LEU D 1331 -22.44 -16.41 34.90
CA LEU D 1331 -22.28 -15.73 33.64
C LEU D 1331 -23.38 -16.00 32.62
N GLU D 1332 -24.14 -17.08 32.82
CA GLU D 1332 -25.45 -17.28 32.21
C GLU D 1332 -25.50 -17.03 30.71
N GLY D 1333 -24.34 -16.93 30.06
CA GLY D 1333 -24.25 -16.45 28.69
C GLY D 1333 -25.15 -15.26 28.42
N MET D 1334 -25.25 -14.37 29.40
CA MET D 1334 -26.41 -13.51 29.51
C MET D 1334 -26.11 -12.08 29.07
N ASN D 1335 -27.17 -11.38 28.65
CA ASN D 1335 -27.16 -10.24 27.74
C ASN D 1335 -26.84 -8.90 28.39
N ASN D 1336 -27.24 -7.83 27.69
CA ASN D 1336 -27.17 -6.45 28.16
C ASN D 1336 -27.47 -6.29 29.65
N LEU D 1337 -28.41 -7.07 30.17
CA LEU D 1337 -28.64 -7.06 31.61
C LEU D 1337 -27.44 -7.55 32.39
N GLN D 1338 -26.68 -8.50 31.84
CA GLN D 1338 -25.45 -8.91 32.52
C GLN D 1338 -24.35 -7.89 32.31
N VAL D 1339 -24.26 -7.31 31.11
CA VAL D 1339 -23.13 -6.43 30.83
C VAL D 1339 -23.33 -5.02 31.38
N ASP D 1340 -24.56 -4.65 31.75
CA ASP D 1340 -24.84 -3.38 32.41
C ASP D 1340 -25.55 -3.53 33.75
N SER D 1341 -26.65 -4.29 33.79
CA SER D 1341 -27.49 -4.30 34.98
C SER D 1341 -26.88 -5.15 36.08
N LEU D 1342 -26.63 -6.43 35.81
CA LEU D 1342 -25.90 -7.20 36.82
C LEU D 1342 -24.48 -6.71 36.96
N ARG D 1343 -23.98 -5.96 35.98
CA ARG D 1343 -22.70 -5.28 36.17
C ARG D 1343 -22.77 -4.29 37.33
N MET D 1344 -23.76 -3.40 37.32
CA MET D 1344 -23.88 -2.50 38.46
C MET D 1344 -24.34 -3.24 39.71
N CYS D 1345 -24.96 -4.41 39.55
CA CYS D 1345 -25.15 -5.28 40.69
C CYS D 1345 -23.82 -5.65 41.31
N TYR D 1346 -22.90 -6.18 40.49
CA TYR D 1346 -21.55 -6.48 40.97
C TYR D 1346 -20.86 -5.24 41.49
N GLU D 1347 -21.24 -4.07 41.00
CA GLU D 1347 -20.67 -2.84 41.51
C GLU D 1347 -21.11 -2.61 42.95
N SER D 1348 -22.42 -2.64 43.19
CA SER D 1348 -22.93 -2.54 44.55
C SER D 1348 -22.29 -3.60 45.43
N ILE D 1349 -22.11 -4.79 44.87
CA ILE D 1349 -21.52 -5.90 45.60
C ILE D 1349 -20.10 -5.55 46.03
N PHE D 1350 -19.19 -5.47 45.08
CA PHE D 1350 -17.83 -5.34 45.55
C PHE D 1350 -17.59 -4.00 46.22
N ARG D 1351 -18.43 -2.99 45.98
CA ARG D 1351 -18.28 -1.78 46.76
C ARG D 1351 -18.79 -1.95 48.19
N VAL D 1352 -19.77 -2.83 48.43
CA VAL D 1352 -20.05 -3.07 49.83
C VAL D 1352 -18.89 -3.82 50.45
N PHE D 1353 -18.14 -4.59 49.67
CA PHE D 1353 -16.96 -5.23 50.27
C PHE D 1353 -15.81 -4.24 50.51
N GLU D 1354 -15.51 -3.35 49.56
CA GLU D 1354 -14.55 -2.33 49.96
C GLU D 1354 -15.10 -1.55 51.14
N TYR D 1355 -16.42 -1.43 51.26
CA TYR D 1355 -16.96 -0.72 52.39
C TYR D 1355 -16.67 -1.46 53.69
N CYS D 1356 -16.91 -2.75 53.71
CA CYS D 1356 -16.71 -3.48 54.95
C CYS D 1356 -15.25 -3.46 55.34
N LYS D 1357 -14.37 -3.60 54.35
CA LYS D 1357 -12.94 -3.59 54.65
C LYS D 1357 -12.45 -2.20 55.06
N LYS D 1358 -12.93 -1.15 54.40
CA LYS D 1358 -12.56 0.19 54.79
C LYS D 1358 -13.10 0.51 56.18
N TRP D 1359 -14.30 0.01 56.50
CA TRP D 1359 -14.77 0.15 57.86
C TRP D 1359 -13.85 -0.58 58.82
N ALA D 1360 -13.46 -1.80 58.47
CA ALA D 1360 -12.62 -2.59 59.34
C ALA D 1360 -11.36 -1.83 59.69
N THR D 1361 -10.71 -1.26 58.67
CA THR D 1361 -9.48 -0.53 58.90
C THR D 1361 -9.69 0.79 59.62
N GLU D 1362 -10.75 1.53 59.30
CA GLU D 1362 -10.93 2.79 60.01
C GLU D 1362 -11.34 2.55 61.45
N PHE D 1363 -12.02 1.44 61.72
CA PHE D 1363 -12.20 0.99 63.08
C PHE D 1363 -10.86 0.64 63.71
N LYS D 1364 -9.98 -0.01 62.95
CA LYS D 1364 -8.63 -0.28 63.43
C LYS D 1364 -7.98 1.00 63.92
N GLN D 1365 -8.13 2.07 63.14
CA GLN D 1365 -7.52 3.33 63.53
C GLN D 1365 -8.22 3.95 64.74
N ASN D 1366 -9.55 3.87 64.79
CA ASN D 1366 -10.27 4.65 65.80
C ASN D 1366 -10.46 3.92 67.13
N TYR D 1367 -10.11 2.65 67.25
CA TYR D 1367 -9.92 2.11 68.59
C TYR D 1367 -8.46 2.17 68.98
N SER D 1368 -7.59 2.50 68.04
CA SER D 1368 -6.17 2.72 68.28
C SER D 1368 -5.88 4.16 68.65
N LYS D 1369 -6.90 4.95 68.97
CA LYS D 1369 -6.69 6.34 69.34
C LYS D 1369 -5.84 6.44 70.60
N LEU D 1370 -6.36 5.93 71.72
CA LEU D 1370 -5.63 5.96 72.98
C LEU D 1370 -5.10 4.59 73.38
N HIS D 1371 -5.97 3.59 73.47
CA HIS D 1371 -5.55 2.25 73.85
C HIS D 1371 -6.03 1.25 72.82
N GLY D 1372 -5.08 0.58 72.16
CA GLY D 1372 -5.35 -0.59 71.35
C GLY D 1372 -4.43 -1.70 71.81
N THR D 1373 -3.36 -1.31 72.51
CA THR D 1373 -2.43 -2.23 73.17
C THR D 1373 -3.03 -2.87 74.40
N PHE D 1374 -4.27 -2.51 74.73
CA PHE D 1374 -5.09 -3.21 75.72
C PHE D 1374 -5.98 -4.22 75.03
N ILE D 1375 -5.39 -4.89 74.05
CA ILE D 1375 -6.01 -5.47 72.86
C ILE D 1375 -7.37 -6.10 73.11
N ILE D 1376 -7.46 -7.00 74.09
CA ILE D 1376 -8.65 -7.86 74.18
C ILE D 1376 -9.90 -7.02 74.42
N LYS D 1377 -9.83 -6.04 75.32
CA LYS D 1377 -10.95 -5.15 75.62
C LYS D 1377 -12.23 -5.94 75.90
N ASP D 1378 -12.10 -7.04 76.65
CA ASP D 1378 -13.22 -7.84 77.11
C ASP D 1378 -14.05 -8.38 75.94
N THR D 1379 -13.42 -9.30 75.21
CA THR D 1379 -14.00 -10.12 74.14
C THR D 1379 -14.15 -9.29 72.84
N LYS D 1380 -13.93 -7.97 72.90
CA LYS D 1380 -14.08 -7.15 71.71
C LYS D 1380 -13.05 -7.52 70.65
N THR D 1381 -11.83 -7.89 71.04
CA THR D 1381 -10.86 -8.35 70.07
C THR D 1381 -11.28 -9.66 69.43
N THR D 1382 -11.91 -10.55 70.21
CA THR D 1382 -12.38 -11.79 69.61
C THR D 1382 -13.44 -11.52 68.55
N ASN D 1383 -14.35 -10.57 68.80
CA ASN D 1383 -15.27 -10.28 67.70
C ASN D 1383 -14.63 -9.43 66.61
N MET D 1384 -13.55 -8.72 66.90
CA MET D 1384 -12.73 -8.17 65.83
C MET D 1384 -12.28 -9.28 64.89
N LEU D 1385 -11.74 -10.35 65.46
CA LEU D 1385 -11.33 -11.49 64.67
C LEU D 1385 -12.51 -12.14 63.98
N LEU D 1386 -13.69 -12.12 64.61
CA LEU D 1386 -14.89 -12.60 63.94
C LEU D 1386 -15.18 -11.78 62.68
N ARG D 1387 -15.10 -10.46 62.80
CA ARG D 1387 -15.29 -9.57 61.66
C ARG D 1387 -14.32 -9.94 60.55
N ILE D 1388 -13.03 -10.02 60.89
CA ILE D 1388 -12.02 -10.24 59.87
C ILE D 1388 -12.10 -11.66 59.33
N ASP D 1389 -12.66 -12.60 60.09
CA ASP D 1389 -12.84 -13.95 59.57
C ASP D 1389 -13.98 -14.00 58.57
N GLU D 1390 -15.08 -13.31 58.84
CA GLU D 1390 -16.10 -13.15 57.80
C GLU D 1390 -15.49 -12.55 56.55
N PHE D 1391 -14.81 -11.43 56.71
CA PHE D 1391 -14.25 -10.72 55.55
C PHE D 1391 -13.26 -11.59 54.80
N LEU D 1392 -12.42 -12.33 55.54
CA LEU D 1392 -11.45 -13.22 54.91
C LEU D 1392 -12.15 -14.34 54.15
N ARG D 1393 -13.05 -15.06 54.82
CA ARG D 1393 -13.71 -16.20 54.19
C ARG D 1393 -14.53 -15.79 52.99
N THR D 1394 -14.83 -14.50 52.84
CA THR D 1394 -15.34 -14.03 51.55
C THR D 1394 -14.15 -13.87 50.60
N THR D 1395 -13.63 -15.01 50.13
CA THR D 1395 -12.55 -14.92 49.15
C THR D 1395 -12.58 -15.97 48.03
N PRO D 1396 -13.70 -16.21 47.28
CA PRO D 1396 -13.79 -17.36 46.29
C PRO D 1396 -12.88 -17.36 45.04
N SER D 1397 -11.57 -17.20 45.25
CA SER D 1397 -10.55 -17.17 44.16
C SER D 1397 -11.05 -17.71 42.82
N ASP D 1398 -11.08 -19.02 42.61
CA ASP D 1398 -11.59 -19.61 41.36
C ASP D 1398 -12.52 -18.71 40.55
N LEU D 1399 -13.71 -18.45 41.08
CA LEU D 1399 -14.69 -17.60 40.39
C LEU D 1399 -14.13 -16.24 40.07
N LEU D 1400 -13.81 -15.45 41.09
CA LEU D 1400 -13.30 -14.11 40.86
C LEU D 1400 -12.11 -14.06 39.91
N ALA D 1401 -11.10 -14.89 40.17
CA ALA D 1401 -9.90 -14.89 39.34
C ALA D 1401 -10.21 -14.96 37.86
N GLN D 1402 -11.17 -15.79 37.49
CA GLN D 1402 -11.55 -15.91 36.09
C GLN D 1402 -12.71 -14.99 35.70
N ARG D 1403 -13.88 -15.23 36.25
CA ARG D 1403 -15.08 -14.45 35.90
C ARG D 1403 -14.93 -12.94 35.99
N SER D 1404 -14.48 -12.42 37.13
CA SER D 1404 -14.38 -10.99 37.29
C SER D 1404 -13.39 -10.34 36.34
N LEU D 1405 -12.33 -11.06 35.99
CA LEU D 1405 -11.35 -10.53 35.03
C LEU D 1405 -12.01 -10.32 33.68
N GLU D 1406 -12.77 -11.32 33.23
CA GLU D 1406 -13.46 -11.20 31.95
C GLU D 1406 -14.55 -10.14 32.02
N THR D 1407 -15.12 -9.93 33.20
CA THR D 1407 -16.17 -8.92 33.37
C THR D 1407 -15.60 -7.51 33.53
N ASP D 1408 -16.49 -6.53 33.64
CA ASP D 1408 -16.04 -5.16 33.79
C ASP D 1408 -15.25 -4.97 35.07
N SER D 1409 -15.81 -5.41 36.21
CA SER D 1409 -15.13 -5.25 37.49
C SER D 1409 -13.97 -6.21 37.68
N PHE D 1410 -12.81 -5.87 37.16
CA PHE D 1410 -11.63 -6.71 37.30
C PHE D 1410 -10.91 -6.42 38.61
N GLU D 1411 -11.46 -5.53 39.42
CA GLU D 1411 -10.87 -5.24 40.72
C GLU D 1411 -10.87 -6.50 41.55
N ARG D 1412 -12.01 -7.17 41.58
CA ARG D 1412 -12.12 -8.40 42.35
C ARG D 1412 -11.12 -9.44 41.88
N SER D 1413 -10.96 -9.58 40.58
CA SER D 1413 -10.03 -10.54 40.02
C SER D 1413 -8.60 -10.27 40.44
N ALA D 1414 -8.19 -9.00 40.37
CA ALA D 1414 -6.83 -8.63 40.75
C ALA D 1414 -6.54 -9.05 42.18
N LEU D 1415 -7.44 -8.72 43.09
CA LEU D 1415 -7.26 -9.11 44.49
C LEU D 1415 -7.17 -10.61 44.66
N TYR D 1416 -8.06 -11.36 43.99
CA TYR D 1416 -8.06 -12.82 44.11
C TYR D 1416 -6.87 -13.50 43.46
N LEU D 1417 -6.30 -12.88 42.43
CA LEU D 1417 -5.13 -13.45 41.79
C LEU D 1417 -3.92 -13.21 42.67
N GLU D 1418 -3.86 -12.03 43.27
CA GLU D 1418 -2.76 -11.73 44.19
C GLU D 1418 -2.91 -12.64 45.40
N GLN D 1419 -4.13 -13.06 45.69
CA GLN D 1419 -4.37 -13.94 46.84
C GLN D 1419 -3.93 -15.36 46.54
N CYS D 1420 -4.16 -15.83 45.32
CA CYS D 1420 -3.69 -17.17 44.95
C CYS D 1420 -2.29 -17.17 44.34
N TYR D 1421 -1.63 -16.01 44.27
CA TYR D 1421 -0.16 -16.01 44.33
C TYR D 1421 0.32 -16.15 45.77
N ARG D 1422 -0.46 -15.60 46.71
CA ARG D 1422 -0.14 -15.68 48.13
C ARG D 1422 -0.05 -17.13 48.58
N GLN D 1423 -1.15 -17.85 48.48
CA GLN D 1423 -1.15 -19.21 49.02
C GLN D 1423 -0.64 -20.24 48.01
N ASN D 1424 0.51 -19.96 47.42
CA ASN D 1424 1.22 -20.89 46.55
C ASN D 1424 2.59 -20.28 46.21
N PRO D 1425 3.52 -21.09 45.67
CA PRO D 1425 4.88 -20.58 45.42
C PRO D 1425 4.99 -19.39 44.48
N HIS D 1426 6.23 -18.90 44.33
CA HIS D 1426 6.49 -17.65 43.62
C HIS D 1426 6.13 -17.75 42.14
N ASP D 1427 6.67 -18.74 41.45
CA ASP D 1427 6.51 -18.87 40.00
C ASP D 1427 6.12 -20.29 39.65
N LYS D 1428 4.90 -20.47 39.16
CA LYS D 1428 4.43 -21.76 38.63
C LYS D 1428 3.07 -21.53 37.97
N ASN D 1429 2.44 -22.62 37.50
CA ASN D 1429 1.19 -22.57 36.77
C ASN D 1429 0.00 -22.40 37.72
N GLN D 1430 0.15 -22.71 39.01
CA GLN D 1430 -0.81 -22.21 39.98
C GLN D 1430 -0.68 -20.72 40.21
N ASN D 1431 0.13 -20.05 39.39
CA ASN D 1431 0.21 -18.61 39.33
C ASN D 1431 0.18 -18.05 37.92
N GLY D 1432 0.55 -18.86 36.92
CA GLY D 1432 0.65 -18.38 35.53
C GLY D 1432 -0.64 -18.44 34.74
N GLN D 1433 -1.40 -19.53 34.87
CA GLN D 1433 -2.65 -19.70 34.06
C GLN D 1433 -3.58 -18.49 34.30
N LEU D 1434 -3.79 -18.14 35.57
CA LEU D 1434 -4.68 -17.01 35.93
C LEU D 1434 -4.13 -15.72 35.31
N LEU D 1435 -2.83 -15.46 35.50
CA LEU D 1435 -2.20 -14.25 34.91
C LEU D 1435 -2.48 -14.21 33.40
N LYS D 1436 -2.33 -15.33 32.69
CA LYS D 1436 -2.52 -15.40 31.21
C LYS D 1436 -3.99 -15.17 30.81
N ASN D 1437 -4.95 -15.73 31.55
CA ASN D 1437 -6.35 -15.41 31.15
C ASN D 1437 -6.60 -13.92 31.42
N LEU D 1438 -6.01 -13.36 32.49
CA LEU D 1438 -6.19 -11.90 32.68
C LEU D 1438 -5.59 -11.19 31.46
N GLN D 1439 -4.40 -11.60 31.03
CA GLN D 1439 -3.78 -11.04 29.81
C GLN D 1439 -4.84 -11.03 28.70
N ILE D 1440 -5.35 -12.20 28.31
CA ILE D 1440 -6.34 -12.27 27.20
C ILE D 1440 -7.46 -11.24 27.44
N THR D 1441 -8.11 -11.28 28.61
CA THR D 1441 -9.29 -10.38 28.85
C THR D 1441 -8.93 -8.88 28.76
N TYR D 1442 -7.81 -8.44 29.35
CA TYR D 1442 -7.53 -6.98 29.33
C TYR D 1442 -7.03 -6.59 27.93
N GLU D 1443 -6.45 -7.53 27.19
CA GLU D 1443 -6.07 -7.24 25.78
C GLU D 1443 -7.38 -6.97 25.04
N GLU D 1444 -8.40 -7.81 25.32
CA GLU D 1444 -9.73 -7.51 24.74
C GLU D 1444 -10.11 -6.08 25.14
N ILE D 1445 -10.10 -5.77 26.44
CA ILE D 1445 -10.41 -4.38 26.91
C ILE D 1445 -9.55 -3.39 26.10
N GLY D 1446 -8.25 -3.31 26.40
CA GLY D 1446 -7.36 -2.50 25.58
C GLY D 1446 -6.66 -1.31 26.22
N ASP D 1447 -6.18 -1.43 27.46
CA ASP D 1447 -5.40 -0.32 28.10
C ASP D 1447 -3.90 -0.50 27.82
N ILE D 1448 -3.27 0.38 27.02
CA ILE D 1448 -1.85 0.22 26.58
C ILE D 1448 -0.82 0.03 27.71
N ASP D 1449 -0.87 0.84 28.78
CA ASP D 1449 0.20 0.69 29.82
C ASP D 1449 -0.02 -0.63 30.58
N SER D 1450 -1.29 -0.96 30.86
CA SER D 1450 -1.56 -2.28 31.48
C SER D 1450 -0.94 -3.31 30.55
N LEU D 1451 -1.18 -3.16 29.25
CA LEU D 1451 -0.61 -4.07 28.22
C LEU D 1451 0.88 -4.23 28.51
N ASP D 1452 1.64 -3.14 28.41
CA ASP D 1452 3.10 -3.19 28.67
C ASP D 1452 3.36 -4.03 29.93
N GLY D 1453 2.91 -3.54 31.09
CA GLY D 1453 3.21 -4.24 32.34
C GLY D 1453 2.98 -5.75 32.26
N VAL D 1454 1.76 -6.17 31.90
CA VAL D 1454 1.43 -7.63 31.92
C VAL D 1454 2.30 -8.37 30.90
N LEU D 1455 2.36 -7.93 29.64
CA LEU D 1455 3.12 -8.70 28.63
C LEU D 1455 4.57 -8.84 29.11
N ARG D 1456 5.07 -7.87 29.86
CA ARG D 1456 6.43 -8.00 30.45
C ARG D 1456 6.43 -9.08 31.54
N THR D 1457 5.73 -8.84 32.67
CA THR D 1457 5.77 -9.73 33.87
C THR D 1457 6.30 -11.17 33.67
N PHE D 1458 7.61 -11.37 33.47
CA PHE D 1458 8.12 -12.74 33.44
C PHE D 1458 7.21 -13.76 32.77
N ALA D 1459 6.70 -13.44 31.59
CA ALA D 1459 6.02 -14.45 30.77
C ALA D 1459 7.06 -15.41 30.22
N THR D 1460 6.93 -16.69 30.54
CA THR D 1460 7.93 -17.71 30.19
C THR D 1460 7.48 -18.56 29.01
N GLY D 1461 6.88 -17.94 27.99
CA GLY D 1461 6.41 -18.66 26.83
C GLY D 1461 7.51 -18.80 25.80
N ASN D 1462 7.23 -18.31 24.58
CA ASN D 1462 8.20 -18.38 23.46
C ASN D 1462 9.05 -17.11 23.48
N LEU D 1463 10.28 -17.19 22.97
CA LEU D 1463 11.21 -16.04 23.11
C LEU D 1463 10.55 -14.71 22.73
N VAL D 1464 9.90 -14.58 21.57
CA VAL D 1464 9.36 -13.23 21.20
C VAL D 1464 8.40 -12.74 22.31
N SER D 1465 7.33 -13.47 22.57
CA SER D 1465 6.30 -13.09 23.58
C SER D 1465 6.90 -12.88 24.98
N LYS D 1466 8.07 -13.45 25.27
CA LYS D 1466 8.72 -13.20 26.59
C LYS D 1466 9.63 -11.98 26.59
N ILE D 1467 10.46 -11.80 25.55
CA ILE D 1467 11.51 -10.74 25.48
C ILE D 1467 11.11 -9.38 26.06
N GLU D 1468 9.85 -8.96 26.17
CA GLU D 1468 9.54 -7.58 26.55
C GLU D 1468 10.03 -7.20 27.95
N GLU D 1469 11.05 -7.87 28.50
CA GLU D 1469 11.42 -7.68 29.91
C GLU D 1469 11.82 -6.24 30.21
N LEU D 1470 12.60 -5.62 29.33
CA LEU D 1470 12.81 -4.18 29.43
C LEU D 1470 12.30 -3.59 28.12
N GLN D 1471 11.11 -4.04 27.72
CA GLN D 1471 10.47 -3.75 26.44
C GLN D 1471 10.70 -2.33 25.96
N TYR D 1472 10.64 -1.39 26.89
CA TYR D 1472 10.91 0.00 26.54
C TYR D 1472 12.01 0.64 27.36
N SER D 1473 12.19 0.22 28.62
CA SER D 1473 13.26 0.78 29.43
C SER D 1473 14.61 0.27 28.94
N GLU D 1474 15.50 1.21 28.63
CA GLU D 1474 16.91 0.97 28.38
C GLU D 1474 17.20 0.22 27.08
N ASN D 1475 16.16 -0.36 26.44
CA ASN D 1475 16.09 -0.70 25.01
C ASN D 1475 14.66 -0.92 24.57
N TRP D 1476 14.31 -0.06 23.61
CA TRP D 1476 12.90 0.03 23.20
C TRP D 1476 12.80 -0.08 21.67
N LYS D 1477 13.49 0.78 20.92
CA LYS D 1477 13.35 0.84 19.43
C LYS D 1477 13.58 -0.51 18.75
N LEU D 1478 14.60 -1.25 19.18
CA LEU D 1478 14.91 -2.52 18.48
C LEU D 1478 13.80 -3.53 18.78
N ALA D 1479 13.39 -3.67 20.04
CA ALA D 1479 12.26 -4.57 20.39
C ALA D 1479 11.01 -4.12 19.62
N GLN D 1480 10.91 -2.82 19.35
CA GLN D 1480 9.75 -2.25 18.63
C GLN D 1480 9.75 -2.73 17.18
N ASP D 1481 10.86 -2.56 16.46
CA ASP D 1481 10.88 -3.10 15.07
C ASP D 1481 10.75 -4.62 15.13
N CYS D 1482 11.12 -5.24 16.26
CA CYS D 1482 10.93 -6.70 16.42
C CYS D 1482 9.43 -7.00 16.34
N PHE D 1483 8.67 -6.43 17.27
CA PHE D 1483 7.20 -6.60 17.21
C PHE D 1483 6.71 -6.28 15.80
N ASN D 1484 7.26 -5.22 15.17
CA ASN D 1484 6.84 -4.78 13.81
C ASN D 1484 6.92 -5.94 12.83
N VAL D 1485 8.11 -6.50 12.58
CA VAL D 1485 8.15 -7.56 11.51
C VAL D 1485 7.57 -8.87 12.05
N LEU D 1486 7.35 -8.98 13.36
CA LEU D 1486 6.66 -10.16 13.94
C LEU D 1486 5.20 -10.14 13.47
N GLY D 1487 4.56 -8.97 13.53
CA GLY D 1487 3.19 -8.91 13.00
C GLY D 1487 3.14 -8.59 11.52
N LYS D 1488 4.27 -8.79 10.82
CA LYS D 1488 4.29 -8.35 9.43
C LYS D 1488 3.30 -9.17 8.60
N PHE D 1489 3.18 -10.46 8.88
CA PHE D 1489 2.10 -11.24 8.28
C PHE D 1489 0.75 -10.87 8.87
N SER D 1490 0.73 -10.22 10.04
CA SER D 1490 -0.46 -9.67 10.68
C SER D 1490 -1.49 -10.73 11.07
N ASP D 1491 -1.15 -12.00 10.89
CA ASP D 1491 -2.06 -13.10 11.18
C ASP D 1491 -1.95 -13.58 12.64
N ASP D 1492 -1.14 -12.92 13.45
CA ASP D 1492 -1.31 -13.00 14.89
C ASP D 1492 -1.80 -11.63 15.32
N PRO D 1493 -3.11 -11.37 15.21
CA PRO D 1493 -3.62 -10.03 15.55
C PRO D 1493 -3.30 -9.62 16.98
N LYS D 1494 -3.19 -10.58 17.91
CA LYS D 1494 -2.59 -10.28 19.21
C LYS D 1494 -1.21 -9.66 19.03
N THR D 1495 -0.38 -10.28 18.20
CA THR D 1495 0.98 -9.79 17.99
C THR D 1495 1.00 -8.45 17.27
N THR D 1496 -0.02 -8.14 16.48
CA THR D 1496 0.00 -6.87 15.77
C THR D 1496 -0.59 -5.72 16.57
N THR D 1497 -1.59 -5.99 17.40
CA THR D 1497 -1.94 -4.97 18.36
C THR D 1497 -0.84 -4.76 19.39
N ARG D 1498 -0.02 -5.77 19.68
CA ARG D 1498 1.14 -5.52 20.54
C ARG D 1498 2.29 -4.85 19.76
N MET D 1499 2.35 -5.07 18.45
CA MET D 1499 3.10 -4.22 17.55
C MET D 1499 2.77 -2.76 17.84
N LEU D 1500 1.51 -2.42 17.60
CA LEU D 1500 1.11 -1.03 17.70
C LEU D 1500 1.16 -0.54 19.14
N LYS D 1501 0.97 -1.45 20.10
CA LYS D 1501 1.40 -1.22 21.48
C LYS D 1501 2.76 -0.59 21.57
N SER D 1502 3.79 -1.38 21.25
CA SER D 1502 5.15 -0.89 21.42
C SER D 1502 5.34 0.40 20.65
N MET D 1503 4.68 0.52 19.49
CA MET D 1503 4.77 1.74 18.70
C MET D 1503 4.29 2.95 19.48
N TYR D 1504 3.16 2.79 20.17
CA TYR D 1504 2.66 3.82 21.07
C TYR D 1504 3.60 4.05 22.24
N ASP D 1505 3.88 3.00 23.01
CA ASP D 1505 4.45 3.15 24.34
C ASP D 1505 5.70 4.02 24.33
N HIS D 1506 6.56 3.88 23.33
CA HIS D 1506 7.57 4.89 23.16
C HIS D 1506 7.64 5.35 21.71
N GLN D 1507 6.48 5.59 21.11
CA GLN D 1507 6.44 6.51 19.97
C GLN D 1507 7.23 6.14 18.73
N LEU D 1508 6.98 5.00 18.09
CA LEU D 1508 7.44 4.83 16.70
C LEU D 1508 6.25 5.01 15.75
N TYR D 1509 5.70 6.23 15.80
CA TYR D 1509 4.52 6.54 15.02
C TYR D 1509 4.84 6.63 13.54
N SER D 1510 6.12 6.74 13.19
CA SER D 1510 6.52 6.70 11.79
C SER D 1510 6.30 5.31 11.21
N GLN D 1511 6.77 4.28 11.88
CA GLN D 1511 6.40 2.96 11.38
C GLN D 1511 4.94 2.65 11.64
N ILE D 1512 4.26 3.39 12.53
CA ILE D 1512 2.80 3.28 12.56
C ILE D 1512 2.22 3.69 11.21
N ILE D 1513 2.60 4.87 10.73
CA ILE D 1513 2.09 5.32 9.44
C ILE D 1513 2.71 4.56 8.28
N SER D 1514 3.74 3.74 8.53
CA SER D 1514 4.30 2.88 7.50
C SER D 1514 4.07 1.40 7.79
N ASN D 1515 3.06 1.07 8.60
CA ASN D 1515 2.68 -0.32 8.88
C ASN D 1515 1.69 -0.74 7.80
N SER D 1516 2.19 -1.39 6.75
CA SER D 1516 1.51 -1.47 5.45
C SER D 1516 0.37 -2.49 5.46
N SER D 1517 -0.60 -2.23 6.32
CA SER D 1517 -1.90 -2.86 6.18
C SER D 1517 -2.93 -1.89 5.60
N PHE D 1518 -2.64 -0.60 5.63
CA PHE D 1518 -3.59 0.48 5.35
C PHE D 1518 -3.02 1.47 4.37
N HIS D 1519 -1.72 1.72 4.46
CA HIS D 1519 -0.98 2.65 3.61
C HIS D 1519 -0.51 1.94 2.34
N SER D 1520 -1.47 1.29 1.69
CA SER D 1520 -1.24 0.48 0.51
C SER D 1520 -2.32 0.75 -0.52
N SER D 1521 -2.35 -0.05 -1.59
CA SER D 1521 -3.40 0.10 -2.59
C SER D 1521 -4.77 -0.16 -1.98
N ASP D 1522 -4.87 -1.19 -1.13
CA ASP D 1522 -6.05 -1.42 -0.32
C ASP D 1522 -5.67 -1.31 1.14
N GLY D 1523 -6.64 -0.95 1.96
CA GLY D 1523 -6.35 -0.76 3.37
C GLY D 1523 -6.90 -1.85 4.26
N LYS D 1524 -7.94 -1.51 5.02
CA LYS D 1524 -8.35 -2.31 6.15
C LYS D 1524 -8.76 -3.72 5.74
N ILE D 1525 -8.59 -4.64 6.70
CA ILE D 1525 -9.23 -5.95 6.65
C ILE D 1525 -10.52 -5.81 7.45
N SER D 1526 -11.65 -6.02 6.78
CA SER D 1526 -12.90 -5.37 7.18
C SER D 1526 -13.29 -5.68 8.61
N LEU D 1527 -13.78 -4.65 9.30
CA LEU D 1527 -14.09 -4.72 10.72
C LEU D 1527 -12.93 -5.36 11.48
N SER D 1528 -11.85 -4.60 11.58
CA SER D 1528 -10.93 -4.95 12.65
C SER D 1528 -11.81 -5.07 13.89
N PRO D 1529 -12.02 -6.28 14.38
CA PRO D 1529 -12.96 -6.48 15.50
C PRO D 1529 -12.34 -5.96 16.77
N ASP D 1530 -12.87 -6.33 17.93
CA ASP D 1530 -12.41 -5.78 19.20
C ASP D 1530 -10.88 -5.91 19.34
N VAL D 1531 -10.28 -6.62 18.38
CA VAL D 1531 -8.86 -6.53 17.99
C VAL D 1531 -8.49 -5.08 17.65
N LYS D 1532 -9.45 -4.15 17.80
CA LYS D 1532 -9.26 -2.72 17.41
C LYS D 1532 -8.21 -1.97 18.22
N GLU D 1533 -7.40 -2.65 19.04
CA GLU D 1533 -6.27 -1.94 19.69
C GLU D 1533 -5.48 -1.39 18.50
N TRP D 1534 -5.28 -2.24 17.48
CA TRP D 1534 -4.67 -1.80 16.20
C TRP D 1534 -5.15 -0.39 15.91
N TYR D 1535 -6.41 -0.30 15.51
CA TYR D 1535 -7.01 1.01 15.13
C TYR D 1535 -6.69 2.07 16.17
N SER D 1536 -7.14 1.93 17.43
CA SER D 1536 -6.88 3.03 18.40
C SER D 1536 -5.44 3.56 18.28
N ILE D 1537 -4.46 2.67 18.47
CA ILE D 1537 -3.05 3.17 18.50
C ILE D 1537 -2.69 3.83 17.16
N GLY D 1538 -2.85 3.10 16.06
CA GLY D 1538 -2.54 3.67 14.74
C GLY D 1538 -3.11 5.07 14.66
N LEU D 1539 -4.40 5.22 14.96
CA LEU D 1539 -5.10 6.52 14.88
C LEU D 1539 -4.38 7.57 15.72
N GLU D 1540 -4.30 7.42 17.06
CA GLU D 1540 -3.61 8.53 17.80
C GLU D 1540 -2.26 8.84 17.14
N ALA D 1541 -1.48 7.80 16.83
CA ALA D 1541 -0.12 8.01 16.28
C ALA D 1541 -0.12 8.90 15.02
N ALA D 1542 -0.88 8.53 13.98
CA ALA D 1542 -0.77 9.34 12.74
C ALA D 1542 -1.63 10.60 12.85
N ASN D 1543 -2.53 10.67 13.81
CA ASN D 1543 -3.28 11.94 14.04
C ASN D 1543 -2.25 12.94 14.53
N LEU D 1544 -1.26 12.45 15.28
CA LEU D 1544 -0.17 13.40 15.66
C LEU D 1544 0.92 13.51 14.57
N GLU D 1545 1.10 12.54 13.66
CA GLU D 1545 2.17 12.76 12.62
C GLU D 1545 1.64 12.73 11.18
N GLY D 1546 0.46 13.33 10.92
CA GLY D 1546 -0.23 13.03 9.69
C GLY D 1546 -0.53 14.22 8.81
N ASN D 1547 -1.52 14.08 7.94
CA ASN D 1547 -1.76 15.06 6.88
C ASN D 1547 -3.09 14.71 6.22
N VAL D 1548 -3.41 15.40 5.14
CA VAL D 1548 -4.60 15.04 4.35
C VAL D 1548 -4.42 13.66 3.74
N GLN D 1549 -3.23 13.37 3.22
CA GLN D 1549 -2.97 12.04 2.70
C GLN D 1549 -3.25 11.01 3.78
N THR D 1550 -2.45 11.06 4.85
CA THR D 1550 -2.58 10.10 5.94
C THR D 1550 -3.99 10.09 6.53
N LEU D 1551 -4.40 11.19 7.15
CA LEU D 1551 -5.63 11.16 7.91
C LEU D 1551 -6.81 10.93 7.00
N LYS D 1552 -6.86 11.63 5.87
CA LYS D 1552 -7.96 11.44 4.94
C LYS D 1552 -8.08 9.99 4.52
N ASN D 1553 -7.11 9.45 3.77
CA ASN D 1553 -7.30 8.13 3.18
C ASN D 1553 -7.40 7.05 4.26
N TRP D 1554 -6.76 7.26 5.40
CA TRP D 1554 -6.65 6.20 6.36
C TRP D 1554 -7.70 6.22 7.46
N VAL D 1555 -8.36 7.34 7.72
CA VAL D 1555 -9.68 7.19 8.30
C VAL D 1555 -10.61 6.58 7.26
N GLU D 1556 -10.46 6.97 6.00
CA GLU D 1556 -11.27 6.38 4.93
C GLU D 1556 -11.15 4.87 4.93
N GLN D 1557 -10.09 4.32 5.52
CA GLN D 1557 -10.02 2.89 5.78
C GLN D 1557 -10.32 2.47 7.21
N ILE D 1558 -10.10 3.33 8.21
CA ILE D 1558 -10.07 2.91 9.61
C ILE D 1558 -11.40 3.13 10.32
N GLU D 1559 -12.25 4.00 9.81
CA GLU D 1559 -13.62 4.09 10.31
C GLU D 1559 -14.45 2.87 9.92
N SER D 1560 -14.40 2.44 8.66
CA SER D 1560 -15.44 1.60 8.09
C SER D 1560 -15.46 0.18 8.66
N LEU D 1561 -16.16 -0.01 9.78
CA LEU D 1561 -16.23 -1.28 10.48
C LEU D 1561 -17.68 -1.60 10.82
N ARG D 1562 -17.95 -2.85 11.25
CA ARG D 1562 -19.31 -3.32 11.39
C ARG D 1562 -19.82 -3.38 12.82
N ASN D 1563 -19.13 -4.06 13.73
CA ASN D 1563 -19.62 -4.23 15.10
C ASN D 1563 -19.23 -3.05 15.96
N ILE D 1564 -20.24 -2.29 16.42
CA ILE D 1564 -20.09 -1.03 17.15
C ILE D 1564 -19.38 -1.27 18.49
N ASP D 1565 -18.97 -2.51 18.73
CA ASP D 1565 -18.50 -2.96 20.04
C ASP D 1565 -17.45 -2.05 20.68
N ASP D 1566 -16.62 -1.36 19.90
CA ASP D 1566 -15.54 -0.58 20.48
C ASP D 1566 -15.57 0.86 19.95
N ARG D 1567 -14.99 1.76 20.74
CA ARG D 1567 -15.18 3.21 20.61
C ARG D 1567 -13.89 4.01 20.64
N GLU D 1568 -12.75 3.38 20.95
CA GLU D 1568 -11.46 4.02 20.74
C GLU D 1568 -11.41 4.65 19.36
N VAL D 1569 -11.76 3.85 18.36
CA VAL D 1569 -11.71 4.30 16.98
C VAL D 1569 -12.79 5.34 16.70
N LEU D 1570 -13.90 5.34 17.43
CA LEU D 1570 -14.88 6.43 17.29
C LEU D 1570 -14.26 7.76 17.72
N LEU D 1571 -13.68 7.78 18.92
CA LEU D 1571 -12.90 8.93 19.37
C LEU D 1571 -11.95 9.41 18.30
N GLN D 1572 -10.96 8.58 18.00
CA GLN D 1572 -9.86 9.04 17.18
C GLN D 1572 -10.30 9.28 15.76
N TYR D 1573 -11.34 8.61 15.30
CA TYR D 1573 -11.89 8.89 13.99
C TYR D 1573 -12.50 10.27 13.96
N ASN D 1574 -13.12 10.72 15.05
CA ASN D 1574 -13.64 12.08 14.97
C ASN D 1574 -12.56 13.13 15.22
N ILE D 1575 -11.52 12.83 16.00
CA ILE D 1575 -10.42 13.78 16.08
C ILE D 1575 -9.80 13.96 14.69
N ALA D 1576 -9.63 12.85 13.98
CA ALA D 1576 -9.06 12.92 12.64
C ALA D 1576 -10.04 13.54 11.66
N LYS D 1577 -11.34 13.37 11.87
CA LYS D 1577 -12.30 14.03 11.00
C LYS D 1577 -12.30 15.54 11.24
N ALA D 1578 -12.02 15.95 12.46
CA ALA D 1578 -11.72 17.36 12.70
C ALA D 1578 -10.54 17.82 11.88
N LEU D 1579 -9.48 17.01 11.86
CA LEU D 1579 -8.30 17.40 11.08
C LEU D 1579 -8.61 17.51 9.59
N ILE D 1580 -9.31 16.53 9.03
CA ILE D 1580 -9.65 16.63 7.61
C ILE D 1580 -10.52 17.84 7.37
N ALA D 1581 -11.38 18.19 8.33
CA ALA D 1581 -12.23 19.38 8.15
C ALA D 1581 -11.40 20.67 8.19
N ILE D 1582 -10.39 20.76 9.06
CA ILE D 1582 -9.56 21.96 9.05
C ILE D 1582 -8.84 22.07 7.72
N SER D 1583 -8.40 20.93 7.19
CA SER D 1583 -7.83 20.94 5.86
C SER D 1583 -8.85 21.36 4.82
N ASN D 1584 -10.12 21.11 5.09
CA ASN D 1584 -11.21 21.61 4.27
C ASN D 1584 -11.60 23.03 4.64
N GLU D 1585 -10.83 23.67 5.53
CA GLU D 1585 -11.01 25.07 5.91
C GLU D 1585 -12.41 25.32 6.48
N ASP D 1586 -12.73 24.66 7.60
CA ASP D 1586 -14.12 24.80 8.10
C ASP D 1586 -14.14 24.98 9.61
N PRO D 1587 -14.02 26.22 10.13
CA PRO D 1587 -14.09 26.46 11.58
C PRO D 1587 -15.26 25.66 12.17
N LEU D 1588 -16.48 25.92 11.70
CA LEU D 1588 -17.69 25.24 12.24
C LEU D 1588 -17.49 23.72 12.27
N ARG D 1589 -17.23 23.09 11.12
CA ARG D 1589 -17.12 21.60 11.07
C ARG D 1589 -16.06 21.13 12.08
N THR D 1590 -14.89 21.76 12.08
CA THR D 1590 -13.79 21.33 12.99
C THR D 1590 -14.28 21.42 14.43
N GLN D 1591 -14.80 22.59 14.83
CA GLN D 1591 -15.33 22.76 16.20
C GLN D 1591 -16.25 21.57 16.49
N LYS D 1592 -17.27 21.34 15.66
CA LYS D 1592 -18.26 20.26 15.92
C LYS D 1592 -17.54 18.93 16.12
N TYR D 1593 -16.68 18.52 15.20
CA TYR D 1593 -16.00 17.19 15.27
C TYR D 1593 -15.19 17.10 16.57
N ILE D 1594 -14.42 18.14 16.91
CA ILE D 1594 -13.56 18.11 18.13
C ILE D 1594 -14.46 18.02 19.37
N HIS D 1595 -15.58 18.72 19.36
CA HIS D 1595 -16.51 18.75 20.53
C HIS D 1595 -17.17 17.38 20.66
N ASN D 1596 -17.39 16.69 19.54
CA ASN D 1596 -17.97 15.33 19.60
C ASN D 1596 -16.91 14.38 20.13
N SER D 1597 -15.66 14.56 19.72
CA SER D 1597 -14.58 13.76 20.32
C SER D 1597 -14.68 14.00 21.83
N PHE D 1598 -14.81 15.26 22.23
CA PHE D 1598 -14.95 15.61 23.68
C PHE D 1598 -16.05 14.72 24.25
N ARG D 1599 -17.29 14.89 23.79
CA ARG D 1599 -18.44 14.08 24.26
C ARG D 1599 -17.96 12.64 24.47
N LEU D 1600 -17.62 11.95 23.39
CA LEU D 1600 -17.26 10.50 23.52
C LEU D 1600 -16.24 10.29 24.63
N ILE D 1601 -15.03 10.85 24.54
CA ILE D 1601 -14.00 10.52 25.57
C ILE D 1601 -14.51 10.85 26.99
N GLY D 1602 -15.11 12.02 27.20
CA GLY D 1602 -15.61 12.43 28.53
C GLY D 1602 -16.60 11.42 29.09
N THR D 1603 -17.53 10.95 28.25
CA THR D 1603 -18.55 9.97 28.69
C THR D 1603 -17.97 8.59 29.03
N ASN D 1604 -17.33 7.89 28.11
CA ASN D 1604 -17.05 6.48 28.30
C ASN D 1604 -15.57 6.16 28.49
N PHE D 1605 -14.69 7.15 28.37
CA PHE D 1605 -13.28 6.88 28.68
C PHE D 1605 -12.89 7.23 30.11
N ILE D 1606 -13.63 8.10 30.79
CA ILE D 1606 -13.16 8.64 32.05
C ILE D 1606 -13.62 7.76 33.20
N THR D 1607 -12.93 7.86 34.33
CA THR D 1607 -13.10 7.03 35.51
C THR D 1607 -13.39 7.91 36.74
N SER D 1608 -13.52 7.27 37.89
CA SER D 1608 -14.16 7.87 39.06
C SER D 1608 -13.13 8.55 39.98
N SER D 1609 -13.56 8.83 41.22
CA SER D 1609 -12.72 9.12 42.37
C SER D 1609 -12.66 7.90 43.29
N LYS D 1610 -12.13 8.12 44.50
CA LYS D 1610 -11.66 7.10 45.45
C LYS D 1610 -10.35 6.55 44.88
N GLU D 1611 -10.04 7.04 43.68
CA GLU D 1611 -9.05 6.45 42.81
C GLU D 1611 -8.21 7.51 42.11
N THR D 1612 -8.38 8.78 42.44
CA THR D 1612 -8.13 9.80 41.43
C THR D 1612 -6.62 9.93 41.25
N THR D 1613 -5.87 8.94 41.73
CA THR D 1613 -4.51 8.72 41.26
C THR D 1613 -4.66 8.22 39.83
N LEU D 1614 -4.77 9.16 38.89
CA LEU D 1614 -5.51 8.93 37.64
C LEU D 1614 -4.65 8.61 36.44
N LEU D 1615 -3.32 8.73 36.56
CA LEU D 1615 -2.48 9.05 35.41
C LEU D 1615 -2.72 8.20 34.19
N LYS D 1616 -3.26 6.99 34.36
CA LYS D 1616 -3.81 6.29 33.21
C LYS D 1616 -4.75 7.20 32.45
N LYS D 1617 -5.79 7.68 33.16
CA LYS D 1617 -6.81 8.59 32.54
C LYS D 1617 -6.11 9.84 32.02
N GLN D 1618 -4.89 10.11 32.49
CA GLN D 1618 -4.20 11.36 32.07
C GLN D 1618 -4.01 11.30 30.55
N ASN D 1619 -3.63 10.14 29.99
CA ASN D 1619 -3.49 10.02 28.52
C ASN D 1619 -4.74 10.55 27.83
N LEU D 1620 -5.90 10.01 28.18
CA LEU D 1620 -7.18 10.40 27.55
C LEU D 1620 -7.53 11.88 27.80
N LEU D 1621 -7.27 12.40 28.99
CA LEU D 1621 -7.69 13.82 29.19
C LEU D 1621 -6.71 14.75 28.48
N MET D 1622 -5.48 14.29 28.22
CA MET D 1622 -4.50 15.08 27.43
C MET D 1622 -4.94 15.03 25.98
N LYS D 1623 -5.50 13.89 25.56
CA LYS D 1623 -6.11 13.85 24.21
C LYS D 1623 -7.18 14.95 24.20
N LEU D 1624 -8.04 15.00 25.24
CA LEU D 1624 -9.10 16.05 25.31
C LEU D 1624 -8.46 17.43 25.19
N HIS D 1625 -7.36 17.68 25.91
CA HIS D 1625 -6.65 18.99 25.91
C HIS D 1625 -6.21 19.35 24.50
N SER D 1626 -5.54 18.43 23.80
CA SER D 1626 -5.11 18.68 22.40
C SER D 1626 -6.31 18.94 21.49
N LEU D 1627 -7.42 18.22 21.70
CA LEU D 1627 -8.65 18.50 20.92
C LEU D 1627 -9.10 19.95 21.15
N TYR D 1628 -9.17 20.40 22.41
CA TYR D 1628 -9.55 21.81 22.72
C TYR D 1628 -8.57 22.75 22.00
N ASP D 1629 -7.28 22.42 22.05
CA ASP D 1629 -6.26 23.24 21.34
C ASP D 1629 -6.68 23.38 19.88
N LEU D 1630 -6.83 22.26 19.15
CA LEU D 1630 -7.19 22.30 17.71
C LEU D 1630 -8.48 23.11 17.50
N SER D 1631 -9.49 22.92 18.35
CA SER D 1631 -10.76 23.67 18.24
C SER D 1631 -10.50 25.18 18.24
N PHE D 1632 -9.82 25.71 19.25
CA PHE D 1632 -9.66 27.19 19.17
C PHE D 1632 -8.60 27.59 18.14
N LEU D 1633 -7.70 26.68 17.72
CA LEU D 1633 -6.73 27.00 16.64
C LEU D 1633 -7.52 27.20 15.35
N SER D 1634 -8.63 26.49 15.20
CA SER D 1634 -9.51 26.67 14.02
C SER D 1634 -10.42 27.90 14.22
N SER D 1635 -10.84 28.21 15.45
CA SER D 1635 -11.64 29.46 15.63
C SER D 1635 -10.73 30.69 15.60
N ALA D 1636 -9.42 30.50 15.46
CA ALA D 1636 -8.42 31.56 15.55
C ALA D 1636 -8.69 32.54 14.42
N LYS D 1637 -8.99 33.79 14.77
CA LYS D 1637 -9.49 34.73 13.78
C LYS D 1637 -8.46 34.98 12.67
N ASP D 1638 -7.25 35.35 13.06
CA ASP D 1638 -6.17 35.68 12.12
C ASP D 1638 -4.84 35.47 12.86
N LYS D 1639 -3.77 36.05 12.32
CA LYS D 1639 -2.44 35.80 12.88
C LYS D 1639 -2.27 36.45 14.23
N PHE D 1640 -2.93 37.59 14.48
CA PHE D 1640 -2.86 38.21 15.80
C PHE D 1640 -3.63 37.44 16.86
N GLU D 1641 -4.86 37.02 16.55
CA GLU D 1641 -5.58 36.13 17.46
C GLU D 1641 -4.80 34.84 17.66
N TYR D 1642 -4.15 34.35 16.62
CA TYR D 1642 -3.41 33.10 16.73
C TYR D 1642 -2.10 33.31 17.47
N LYS D 1643 -1.54 34.51 17.42
CA LYS D 1643 -0.40 34.82 18.27
C LYS D 1643 -0.81 34.80 19.73
N SER D 1644 -1.97 35.39 20.04
CA SER D 1644 -2.53 35.24 21.37
C SER D 1644 -2.73 33.76 21.69
N ASN D 1645 -3.13 32.97 20.69
CA ASN D 1645 -3.30 31.54 20.87
C ASN D 1645 -1.97 30.87 21.22
N THR D 1646 -0.91 31.24 20.54
CA THR D 1646 0.39 30.70 20.85
C THR D 1646 0.84 31.14 22.24
N THR D 1647 0.49 32.36 22.63
CA THR D 1647 0.83 32.83 23.97
C THR D 1647 0.10 32.02 25.04
N ILE D 1648 -1.19 31.74 24.81
CA ILE D 1648 -1.94 30.98 25.80
C ILE D 1648 -1.48 29.53 25.83
N LEU D 1649 -1.02 29.01 24.71
CA LEU D 1649 -0.45 27.66 24.77
C LEU D 1649 0.95 27.66 25.37
N ASP D 1650 1.71 28.74 25.23
CA ASP D 1650 2.92 28.86 26.02
C ASP D 1650 2.60 28.94 27.50
N TYR D 1651 1.48 29.57 27.85
CA TYR D 1651 1.09 29.62 29.25
C TYR D 1651 0.68 28.23 29.73
N ARG D 1652 0.04 27.45 28.86
CA ARG D 1652 -0.09 26.02 29.10
C ARG D 1652 1.29 25.43 29.39
N MET D 1653 2.24 25.69 28.49
CA MET D 1653 3.59 25.15 28.60
C MET D 1653 4.23 25.64 29.89
N GLU D 1654 3.65 26.67 30.49
CA GLU D 1654 4.16 27.23 31.72
C GLU D 1654 3.51 26.64 32.97
N ARG D 1655 2.29 26.11 32.85
CA ARG D 1655 1.62 25.55 34.03
C ARG D 1655 0.72 24.34 33.73
N ILE D 1656 1.18 23.37 32.92
CA ILE D 1656 0.36 22.21 32.63
C ILE D 1656 0.78 20.93 33.35
N GLY D 1657 2.05 20.55 33.38
CA GLY D 1657 2.39 19.28 33.96
C GLY D 1657 3.79 18.84 33.60
N ALA D 1658 4.11 17.57 33.87
CA ALA D 1658 5.48 17.06 33.73
C ALA D 1658 5.51 15.78 32.91
N ASP D 1659 5.52 15.91 31.58
CA ASP D 1659 5.94 14.82 30.72
C ASP D 1659 6.09 15.13 29.23
N PHE D 1660 7.22 14.63 28.74
CA PHE D 1660 7.49 14.36 27.34
C PHE D 1660 6.31 13.85 26.54
N VAL D 1661 5.65 12.80 27.02
CA VAL D 1661 4.66 12.10 26.20
C VAL D 1661 3.51 13.04 25.87
N PRO D 1662 2.94 13.78 26.83
CA PRO D 1662 1.87 14.71 26.48
C PRO D 1662 2.37 15.92 25.75
N ASN D 1663 3.58 16.41 26.04
CA ASN D 1663 4.13 17.41 25.13
C ASN D 1663 3.99 16.91 23.72
N HIS D 1664 4.38 15.66 23.52
CA HIS D 1664 4.44 15.05 22.21
C HIS D 1664 3.06 15.05 21.57
N TYR D 1665 2.10 14.42 22.24
CA TYR D 1665 0.78 14.32 21.64
C TYR D 1665 0.19 15.70 21.40
N ILE D 1666 0.32 16.60 22.37
CA ILE D 1666 -0.41 17.86 22.31
C ILE D 1666 0.13 18.71 21.16
N LEU D 1667 1.46 18.91 21.14
CA LEU D 1667 1.99 19.81 20.12
C LEU D 1667 2.16 19.12 18.78
N SER D 1668 2.16 17.79 18.74
CA SER D 1668 2.17 17.08 17.47
C SER D 1668 0.80 17.11 16.82
N MET D 1669 -0.26 16.96 17.61
CA MET D 1669 -1.59 17.24 17.13
C MET D 1669 -1.66 18.65 16.58
N ARG D 1670 -1.05 19.60 17.30
CA ARG D 1670 -0.94 20.97 16.79
C ARG D 1670 -0.18 21.00 15.47
N LYS D 1671 0.84 20.16 15.35
CA LYS D 1671 1.63 20.09 14.12
C LYS D 1671 0.77 19.62 12.96
N SER D 1672 -0.01 18.58 13.18
CA SER D 1672 -0.98 18.13 12.19
C SER D 1672 -1.90 19.26 11.81
N PHE D 1673 -2.36 20.02 12.81
CA PHE D 1673 -3.18 21.18 12.50
C PHE D 1673 -2.45 22.06 11.48
N ASP D 1674 -1.32 22.62 11.88
CA ASP D 1674 -0.58 23.54 10.99
C ASP D 1674 -0.15 22.94 9.66
N GLN D 1675 -0.18 21.62 9.54
CA GLN D 1675 0.20 20.97 8.28
C GLN D 1675 -1.01 20.76 7.38
N LEU D 1676 -2.09 20.24 7.94
CA LEU D 1676 -3.32 20.03 7.17
C LEU D 1676 -3.79 21.36 6.65
N LYS D 1677 -4.02 22.30 7.55
CA LYS D 1677 -4.39 23.64 7.13
C LYS D 1677 -3.12 24.44 7.01
N MET D 1678 -2.56 24.51 5.80
CA MET D 1678 -1.30 25.22 5.60
C MET D 1678 -1.38 26.32 4.55
N ASN D 1679 -1.17 27.56 4.98
CA ASN D 1679 -0.88 28.67 4.10
C ASN D 1679 0.58 29.05 4.26
N GLU D 1680 0.92 30.30 3.96
CA GLU D 1680 2.28 30.77 4.14
C GLU D 1680 2.48 31.11 5.60
N GLN D 1681 1.47 31.73 6.21
CA GLN D 1681 1.56 32.05 7.63
C GLN D 1681 1.47 30.75 8.42
N ALA D 1682 0.72 29.79 7.91
CA ALA D 1682 0.61 28.51 8.58
C ALA D 1682 1.78 27.58 8.25
N ASP D 1683 2.71 28.03 7.41
CA ASP D 1683 3.91 27.24 7.16
C ASP D 1683 4.88 27.68 8.23
N ALA D 1684 4.85 28.95 8.59
CA ALA D 1684 5.69 29.42 9.68
C ALA D 1684 5.16 28.75 10.92
N ASP D 1685 3.84 28.62 11.02
CA ASP D 1685 3.22 27.92 12.13
C ASP D 1685 3.77 26.51 12.24
N LEU D 1686 3.80 25.78 11.12
CA LEU D 1686 4.28 24.40 11.16
C LEU D 1686 5.75 24.35 11.55
N GLY D 1687 6.54 25.28 11.03
CA GLY D 1687 7.93 25.33 11.44
C GLY D 1687 8.06 25.52 12.93
N LYS D 1688 7.31 26.46 13.51
CA LYS D 1688 7.48 26.74 14.92
C LYS D 1688 6.97 25.60 15.78
N THR D 1689 5.89 24.94 15.36
CA THR D 1689 5.42 23.81 16.14
C THR D 1689 6.43 22.68 16.11
N PHE D 1690 7.04 22.42 14.94
CA PHE D 1690 8.09 21.41 14.90
C PHE D 1690 9.26 21.78 15.78
N PHE D 1691 9.65 23.05 15.78
CA PHE D 1691 10.75 23.47 16.64
C PHE D 1691 10.42 23.22 18.10
N THR D 1692 9.18 23.54 18.51
CA THR D 1692 8.76 23.29 19.87
C THR D 1692 8.84 21.81 20.22
N LEU D 1693 8.07 20.98 19.49
CA LEU D 1693 8.06 19.55 19.75
C LEU D 1693 9.48 18.98 19.67
N ALA D 1694 10.29 19.51 18.77
CA ALA D 1694 11.67 19.06 18.63
C ALA D 1694 12.43 19.28 19.92
N GLN D 1695 12.57 20.54 20.32
CA GLN D 1695 13.43 20.85 21.44
C GLN D 1695 12.89 20.32 22.75
N LEU D 1696 11.56 20.21 22.86
CA LEU D 1696 11.01 19.64 24.09
C LEU D 1696 11.24 18.14 24.14
N ALA D 1697 10.89 17.42 23.06
CA ALA D 1697 11.15 16.00 22.98
C ALA D 1697 12.62 15.68 23.16
N ARG D 1698 13.48 16.62 22.80
CA ARG D 1698 14.89 16.47 23.11
C ARG D 1698 15.06 16.58 24.62
N ASN D 1699 14.75 17.77 25.17
CA ASN D 1699 15.09 18.10 26.56
C ASN D 1699 14.55 17.08 27.53
N ASN D 1700 13.61 16.25 27.09
CA ASN D 1700 13.18 15.11 27.90
C ASN D 1700 13.69 13.79 27.33
N ALA D 1701 15.03 13.71 27.28
CA ALA D 1701 15.80 12.52 26.84
C ALA D 1701 15.04 11.53 25.96
N ARG D 1702 14.67 11.97 24.77
CA ARG D 1702 14.11 11.02 23.78
C ARG D 1702 14.65 11.53 22.45
N LEU D 1703 15.97 11.72 22.37
CA LEU D 1703 16.62 12.26 21.14
C LEU D 1703 16.45 11.25 20.01
N ASP D 1704 15.25 10.68 19.84
CA ASP D 1704 14.95 9.75 18.71
C ASP D 1704 13.83 10.33 17.84
N ILE D 1705 12.56 10.21 18.27
CA ILE D 1705 11.43 10.84 17.53
C ILE D 1705 11.61 12.36 17.66
N ALA D 1706 12.19 12.79 18.79
CA ALA D 1706 12.53 14.22 18.96
C ALA D 1706 13.36 14.58 17.75
N SER D 1707 14.52 13.93 17.59
CA SER D 1707 15.41 14.18 16.44
C SER D 1707 14.60 14.14 15.14
N GLU D 1708 13.79 13.11 14.91
CA GLU D 1708 12.98 12.99 13.67
C GLU D 1708 12.23 14.30 13.35
N SER D 1709 11.37 14.77 14.27
CA SER D 1709 10.56 15.96 13.92
C SER D 1709 11.42 17.23 13.96
N LEU D 1710 12.50 17.20 14.73
CA LEU D 1710 13.48 18.31 14.75
C LEU D 1710 14.05 18.46 13.33
N MET D 1711 14.34 17.36 12.62
CA MET D 1711 14.85 17.35 11.21
C MET D 1711 13.73 17.73 10.23
N HIS D 1712 12.50 17.38 10.62
CA HIS D 1712 11.39 17.92 9.80
C HIS D 1712 11.55 19.45 9.83
N CYS D 1713 11.70 20.06 11.02
CA CYS D 1713 11.87 21.56 10.96
C CYS D 1713 13.27 21.92 10.43
N LEU D 1714 14.24 21.00 10.47
CA LEU D 1714 15.61 21.16 9.89
C LEU D 1714 15.45 21.61 8.46
N GLU D 1715 14.50 20.97 7.79
CA GLU D 1715 14.31 21.53 6.43
C GLU D 1715 13.93 23.03 6.45
N ARG D 1716 14.06 23.83 7.56
CA ARG D 1716 13.49 25.19 7.65
C ARG D 1716 14.34 26.16 8.50
N ARG D 1717 15.63 26.31 8.20
CA ARG D 1717 16.38 27.52 8.56
C ARG D 1717 16.46 27.74 10.08
N LEU D 1718 17.22 26.86 10.72
CA LEU D 1718 17.14 26.62 12.17
C LEU D 1718 18.54 26.48 12.80
N PRO D 1719 19.35 27.57 12.78
CA PRO D 1719 20.74 27.49 13.27
C PRO D 1719 20.88 27.06 14.72
N GLN D 1720 20.21 27.81 15.59
CA GLN D 1720 20.11 27.42 17.00
C GLN D 1720 19.74 25.95 17.15
N ALA D 1721 18.75 25.49 16.40
CA ALA D 1721 18.27 24.11 16.57
C ALA D 1721 19.37 23.11 16.24
N GLU D 1722 20.11 23.35 15.17
CA GLU D 1722 21.22 22.44 14.95
C GLU D 1722 22.33 22.61 15.98
N LEU D 1723 22.36 23.73 16.69
CA LEU D 1723 23.20 23.77 17.87
C LEU D 1723 22.67 22.87 18.98
N GLU D 1724 21.36 22.76 19.16
CA GLU D 1724 20.86 21.78 20.14
C GLU D 1724 21.13 20.36 19.69
N PHE D 1725 21.13 20.09 18.40
CA PHE D 1725 21.51 18.76 17.93
C PHE D 1725 22.99 18.51 18.13
N ALA D 1726 23.83 19.51 17.82
CA ALA D 1726 25.24 19.42 18.15
C ALA D 1726 25.44 19.27 19.65
N GLU D 1727 24.48 19.72 20.46
CA GLU D 1727 24.53 19.50 21.89
C GLU D 1727 24.20 18.05 22.25
N ILE D 1728 23.20 17.45 21.60
CA ILE D 1728 22.91 16.06 21.94
C ILE D 1728 24.08 15.18 21.54
N LEU D 1729 24.74 15.51 20.44
CA LEU D 1729 25.99 14.82 20.14
C LEU D 1729 27.14 15.29 21.02
N TRP D 1730 27.10 16.51 21.55
CA TRP D 1730 28.04 16.91 22.58
C TRP D 1730 27.84 16.09 23.84
N LYS D 1731 26.69 15.43 23.94
CA LYS D 1731 26.46 14.38 24.93
C LYS D 1731 26.93 13.02 24.44
N GLN D 1732 26.76 12.72 23.15
CA GLN D 1732 27.00 11.35 22.68
C GLN D 1732 28.39 11.12 22.10
N GLY D 1733 28.74 11.76 20.97
CA GLY D 1733 30.04 11.44 20.40
C GLY D 1733 30.95 12.42 19.66
N GLU D 1734 30.56 13.68 19.45
CA GLU D 1734 31.33 14.55 18.53
C GLU D 1734 31.53 15.95 19.11
N ASN D 1735 32.01 16.02 20.35
CA ASN D 1735 32.26 17.32 20.98
C ASN D 1735 33.06 18.24 20.06
N ASP D 1736 34.14 17.71 19.48
CA ASP D 1736 35.05 18.53 18.70
C ASP D 1736 34.31 19.24 17.57
N ARG D 1737 33.55 18.49 16.78
CA ARG D 1737 32.92 19.11 15.62
C ARG D 1737 31.76 19.98 16.02
N ALA D 1738 31.04 19.60 17.08
CA ALA D 1738 29.99 20.48 17.58
C ALA D 1738 30.55 21.85 17.93
N LEU D 1739 31.64 21.86 18.70
CA LEU D 1739 32.30 23.11 19.09
C LEU D 1739 32.78 23.88 17.85
N LYS D 1740 33.38 23.17 16.90
CA LYS D 1740 33.88 23.86 15.71
C LYS D 1740 32.75 24.53 14.96
N ILE D 1741 31.69 23.79 14.64
CA ILE D 1741 30.63 24.34 13.81
C ILE D 1741 29.97 25.52 14.50
N VAL D 1742 29.76 25.44 15.81
CA VAL D 1742 29.20 26.62 16.47
C VAL D 1742 30.17 27.79 16.39
N GLN D 1743 31.48 27.53 16.48
CA GLN D 1743 32.44 28.60 16.28
C GLN D 1743 32.23 29.31 14.95
N GLU D 1744 32.45 28.59 13.84
CA GLU D 1744 32.42 29.30 12.56
C GLU D 1744 31.01 29.78 12.21
N ILE D 1745 29.98 29.00 12.53
CA ILE D 1745 28.62 29.44 12.21
C ILE D 1745 28.27 30.70 12.99
N HIS D 1746 28.70 30.78 14.25
CA HIS D 1746 28.41 31.97 15.03
C HIS D 1746 29.13 33.18 14.46
N GLU D 1747 30.42 33.05 14.16
CA GLU D 1747 31.14 34.22 13.66
C GLU D 1747 30.92 34.48 12.17
N LYS D 1748 30.18 33.61 11.48
CA LYS D 1748 29.88 33.83 10.06
C LYS D 1748 28.44 34.24 9.79
N TYR D 1749 27.49 33.83 10.63
CA TYR D 1749 26.10 34.24 10.46
C TYR D 1749 25.79 35.53 11.20
N GLN D 1750 26.57 36.58 10.89
CA GLN D 1750 26.28 37.93 11.45
C GLN D 1750 25.64 38.74 10.32
N GLU D 1751 24.79 38.12 9.50
CA GLU D 1751 24.23 38.83 8.31
C GLU D 1751 22.74 39.15 8.48
N ASN D 1752 21.95 38.93 7.41
CA ASN D 1752 20.49 39.26 7.44
C ASN D 1752 19.79 38.53 8.57
N SER D 1753 18.74 39.14 9.14
CA SER D 1753 18.01 38.54 10.30
C SER D 1753 19.02 38.14 11.38
N SER D 1754 19.26 36.85 11.57
CA SER D 1754 20.25 36.34 12.56
C SER D 1754 20.30 37.27 13.78
N VAL D 1755 19.18 37.41 14.49
CA VAL D 1755 19.14 38.26 15.72
C VAL D 1755 20.39 37.96 16.54
N ASN D 1756 21.25 38.96 16.76
CA ASN D 1756 22.56 38.71 17.44
C ASN D 1756 22.37 38.25 18.90
N ALA D 1757 21.37 38.77 19.62
CA ALA D 1757 21.24 38.42 21.06
C ALA D 1757 20.39 37.17 21.26
N ARG D 1758 19.98 36.50 20.17
CA ARG D 1758 19.27 35.22 20.26
C ARG D 1758 19.97 34.14 19.45
N ASP D 1759 20.17 34.33 18.14
CA ASP D 1759 20.82 33.33 17.31
C ASP D 1759 22.30 33.22 17.67
N ARG D 1760 23.01 34.32 17.44
CA ARG D 1760 24.44 34.37 17.75
C ARG D 1760 24.69 34.10 19.23
N ALA D 1761 23.87 34.71 20.09
CA ALA D 1761 24.14 34.59 21.52
C ALA D 1761 23.80 33.20 22.04
N ALA D 1762 22.73 32.58 21.52
CA ALA D 1762 22.44 31.20 21.89
C ALA D 1762 23.58 30.27 21.48
N VAL D 1763 24.01 30.37 20.21
CA VAL D 1763 25.01 29.44 19.72
C VAL D 1763 26.32 29.62 20.48
N LEU D 1764 26.78 30.88 20.65
CA LEU D 1764 28.06 31.07 21.32
C LEU D 1764 27.95 30.89 22.82
N LEU D 1765 26.76 31.07 23.39
CA LEU D 1765 26.54 30.66 24.76
C LEU D 1765 26.81 29.17 24.92
N LYS D 1766 26.17 28.37 24.09
CA LYS D 1766 26.34 26.92 24.17
C LYS D 1766 27.78 26.53 23.88
N PHE D 1767 28.44 27.23 22.97
CA PHE D 1767 29.86 27.05 22.75
C PHE D 1767 30.65 27.29 24.03
N THR D 1768 30.26 28.30 24.81
CA THR D 1768 30.96 28.61 26.04
C THR D 1768 30.74 27.53 27.10
N GLU D 1769 29.50 27.09 27.32
CA GLU D 1769 29.33 26.03 28.32
C GLU D 1769 30.02 24.76 27.86
N TRP D 1770 29.96 24.47 26.56
CA TRP D 1770 30.68 23.35 26.00
C TRP D 1770 32.15 23.39 26.40
N LEU D 1771 32.80 24.52 26.15
CA LEU D 1771 34.23 24.60 26.44
C LEU D 1771 34.53 24.64 27.94
N ASP D 1772 33.64 25.22 28.74
CA ASP D 1772 33.76 25.10 30.18
C ASP D 1772 33.83 23.63 30.58
N LEU D 1773 32.92 22.83 30.02
CA LEU D 1773 32.87 21.40 30.33
C LEU D 1773 34.09 20.68 29.78
N SER D 1774 34.54 21.07 28.59
CA SER D 1774 35.53 20.29 27.87
C SER D 1774 36.94 20.56 28.37
N ASN D 1775 37.30 21.84 28.49
CA ASN D 1775 38.65 22.29 28.84
C ASN D 1775 39.67 21.58 27.95
N ASN D 1776 39.30 21.36 26.69
CA ASN D 1776 40.26 20.76 25.72
C ASN D 1776 40.97 21.95 25.08
N SER D 1777 40.24 23.03 24.86
CA SER D 1777 40.86 24.29 24.36
C SER D 1777 40.89 25.26 25.55
N ALA D 1778 42.09 25.69 25.96
CA ALA D 1778 42.23 26.54 27.17
C ALA D 1778 41.15 27.62 27.28
N SER D 1779 40.59 27.81 28.48
CA SER D 1779 39.60 28.87 28.71
C SER D 1779 39.98 30.27 28.25
N GLU D 1780 41.14 30.45 27.61
CA GLU D 1780 41.51 31.80 27.19
C GLU D 1780 40.52 32.36 26.16
N GLN D 1781 40.25 31.61 25.10
CA GLN D 1781 39.32 32.11 24.10
C GLN D 1781 37.89 32.05 24.59
N ILE D 1782 37.63 31.26 25.62
CA ILE D 1782 36.22 31.11 26.12
C ILE D 1782 35.88 32.34 26.97
N ILE D 1783 36.86 32.92 27.67
CA ILE D 1783 36.60 34.22 28.38
C ILE D 1783 36.46 35.25 27.26
N LYS D 1784 37.19 35.03 26.15
CA LYS D 1784 37.09 35.94 24.99
C LYS D 1784 35.71 35.75 24.32
N GLN D 1785 35.14 34.53 24.30
CA GLN D 1785 33.77 34.45 23.69
C GLN D 1785 32.75 34.94 24.71
N TYR D 1786 33.13 35.01 25.99
CA TYR D 1786 32.24 35.65 27.00
C TYR D 1786 32.18 37.12 26.59
N GLN D 1787 33.37 37.69 26.29
CA GLN D 1787 33.38 39.10 25.81
C GLN D 1787 32.59 39.19 24.52
N ASP D 1788 32.65 38.16 23.68
CA ASP D 1788 31.97 38.19 22.35
C ASP D 1788 30.45 38.19 22.57
N ILE D 1789 29.93 37.45 23.55
CA ILE D 1789 28.46 37.53 23.82
C ILE D 1789 28.17 38.90 24.45
N PHE D 1790 28.99 39.38 25.37
CA PHE D 1790 28.79 40.75 25.91
C PHE D 1790 28.60 41.71 24.72
N GLN D 1791 29.33 41.48 23.63
CA GLN D 1791 29.22 42.35 22.42
C GLN D 1791 27.93 42.07 21.63
N ILE D 1792 27.75 40.85 21.12
CA ILE D 1792 26.58 40.56 20.21
C ILE D 1792 25.29 40.46 21.03
N ASP D 1793 25.35 39.87 22.23
CA ASP D 1793 24.15 39.82 23.07
C ASP D 1793 24.04 41.09 23.92
N SER D 1794 22.90 41.76 23.83
CA SER D 1794 22.62 42.85 24.77
C SER D 1794 21.19 42.87 25.28
N LYS D 1795 20.24 42.20 24.64
CA LYS D 1795 18.88 42.08 25.16
C LYS D 1795 18.69 40.87 26.06
N TRP D 1796 19.63 39.93 26.03
CA TRP D 1796 19.44 38.60 26.59
C TRP D 1796 20.42 38.38 27.71
N ASP D 1797 20.04 37.52 28.66
CA ASP D 1797 20.72 37.42 29.94
C ASP D 1797 21.03 36.01 30.39
N LYS D 1798 20.52 34.98 29.70
CA LYS D 1798 21.00 33.63 29.99
C LYS D 1798 22.51 33.52 29.81
N PRO D 1799 23.13 34.15 28.81
CA PRO D 1799 24.58 34.27 28.85
C PRO D 1799 25.07 34.85 30.17
N TYR D 1800 24.39 35.86 30.73
CA TYR D 1800 24.86 36.47 31.97
C TYR D 1800 24.80 35.51 33.14
N TYR D 1801 23.73 34.75 33.27
CA TYR D 1801 23.66 33.84 34.42
C TYR D 1801 24.55 32.61 34.21
N SER D 1802 24.62 32.10 32.98
CA SER D 1802 25.52 31.01 32.69
C SER D 1802 26.98 31.42 32.81
N ILE D 1803 27.29 32.70 32.65
CA ILE D 1803 28.66 33.14 32.88
C ILE D 1803 28.91 33.46 34.34
N GLY D 1804 27.86 33.75 35.12
CA GLY D 1804 28.01 33.69 36.56
C GLY D 1804 28.45 32.32 37.03
N LEU D 1805 27.80 31.27 36.51
CA LEU D 1805 28.26 29.93 36.88
C LEU D 1805 29.61 29.57 36.23
N TYR D 1806 29.87 30.05 35.01
CA TYR D 1806 31.18 29.79 34.39
C TYR D 1806 32.31 30.42 35.20
N TYR D 1807 32.17 31.70 35.56
CA TYR D 1807 33.15 32.30 36.43
C TYR D 1807 33.13 31.77 37.85
N SER D 1808 32.05 31.12 38.30
CA SER D 1808 32.18 30.33 39.52
C SER D 1808 33.19 29.21 39.32
N ARG D 1809 33.05 28.49 38.19
CA ARG D 1809 34.06 27.51 37.82
C ARG D 1809 35.44 28.16 37.71
N LEU D 1810 35.50 29.42 37.28
CA LEU D 1810 36.80 30.09 37.15
C LEU D 1810 37.37 30.53 38.48
N LEU D 1811 36.53 30.89 39.46
CA LEU D 1811 37.08 31.13 40.79
C LEU D 1811 37.67 29.85 41.33
N GLU D 1812 37.01 28.72 41.07
CA GLU D 1812 37.61 27.43 41.38
C GLU D 1812 38.96 27.26 40.68
N ARG D 1813 39.02 27.56 39.38
CA ARG D 1813 40.23 27.32 38.60
C ARG D 1813 41.40 28.18 39.10
N LYS D 1814 41.15 29.45 39.40
CA LYS D 1814 42.22 30.29 39.89
C LYS D 1814 42.55 29.97 41.36
N LYS D 1815 41.62 29.35 42.08
CA LYS D 1815 41.99 28.77 43.38
C LYS D 1815 42.89 27.55 43.20
N ALA D 1816 42.74 26.84 42.08
CA ALA D 1816 43.71 25.80 41.72
C ALA D 1816 44.99 26.40 41.15
N GLU D 1817 44.89 27.54 40.45
CA GLU D 1817 46.08 28.23 39.95
C GLU D 1817 46.98 28.68 41.09
N GLY D 1818 46.40 29.00 42.25
CA GLY D 1818 47.16 29.51 43.35
C GLY D 1818 46.24 30.02 44.43
N TYR D 1819 46.76 30.92 45.27
CA TYR D 1819 45.98 31.47 46.37
C TYR D 1819 45.19 32.70 45.92
N ILE D 1820 44.48 32.57 44.80
CA ILE D 1820 43.60 33.62 44.31
C ILE D 1820 42.28 32.95 43.95
N THR D 1821 41.33 32.95 44.89
CA THR D 1821 40.04 32.34 44.61
C THR D 1821 39.05 33.34 44.05
N ASN D 1822 38.99 34.53 44.63
CA ASN D 1822 38.01 35.52 44.22
C ASN D 1822 38.41 36.18 42.91
N GLY D 1823 37.45 36.91 42.31
CA GLY D 1823 37.68 37.54 41.03
C GLY D 1823 36.78 38.73 40.75
N ARG D 1824 37.36 39.78 40.16
CA ARG D 1824 36.59 41.00 39.89
C ARG D 1824 35.54 40.78 38.82
N PHE D 1825 35.91 40.10 37.72
CA PHE D 1825 34.95 39.89 36.64
C PHE D 1825 33.77 39.05 37.10
N GLU D 1826 34.02 37.98 37.84
CA GLU D 1826 32.94 37.17 38.37
C GLU D 1826 32.12 37.92 39.41
N TYR D 1827 32.79 38.74 40.23
CA TYR D 1827 32.06 39.52 41.22
C TYR D 1827 31.10 40.50 40.53
N ARG D 1828 31.56 41.16 39.46
CA ARG D 1828 30.70 42.06 38.72
C ARG D 1828 29.58 41.32 38.01
N ALA D 1829 29.87 40.11 37.51
CA ALA D 1829 28.81 39.29 36.93
C ALA D 1829 27.72 39.02 37.94
N ILE D 1830 28.09 38.54 39.12
CA ILE D 1830 27.13 38.30 40.19
C ILE D 1830 26.43 39.60 40.56
N SER D 1831 27.15 40.73 40.47
CA SER D 1831 26.60 42.01 40.86
C SER D 1831 25.46 42.45 39.94
N TYR D 1832 25.65 42.35 38.63
CA TYR D 1832 24.53 42.71 37.78
C TYR D 1832 23.44 41.64 37.81
N PHE D 1833 23.80 40.38 38.10
CA PHE D 1833 22.76 39.38 38.29
C PHE D 1833 21.88 39.73 39.49
N LEU D 1834 22.47 40.22 40.57
CA LEU D 1834 21.68 40.69 41.70
C LEU D 1834 21.11 42.08 41.48
N LEU D 1835 21.51 42.75 40.41
CA LEU D 1835 20.74 43.87 39.89
C LEU D 1835 19.52 43.39 39.12
N ALA D 1836 19.49 42.11 38.74
CA ALA D 1836 18.39 41.60 37.92
C ALA D 1836 17.61 40.44 38.54
N PHE D 1837 17.88 40.08 39.81
CA PHE D 1837 17.15 38.97 40.45
C PHE D 1837 15.65 38.91 40.21
N GLU D 1838 14.92 39.91 40.68
CA GLU D 1838 13.50 39.79 40.95
C GLU D 1838 12.63 39.75 39.70
N LYS D 1839 13.20 40.00 38.52
CA LYS D 1839 12.38 40.32 37.34
C LYS D 1839 11.49 39.14 36.95
N ASN D 1840 12.08 37.97 36.76
CA ASN D 1840 11.32 36.81 36.31
C ASN D 1840 11.68 35.57 37.13
N THR D 1841 12.91 35.56 37.66
CA THR D 1841 13.50 34.36 38.27
C THR D 1841 13.58 33.23 37.23
N ALA D 1842 14.37 33.48 36.18
CA ALA D 1842 14.50 32.50 35.10
C ALA D 1842 15.21 31.22 35.57
N LYS D 1843 16.30 31.34 36.36
CA LYS D 1843 16.92 30.17 36.95
C LYS D 1843 17.48 30.44 38.36
N VAL D 1844 16.87 31.35 39.12
CA VAL D 1844 17.55 31.90 40.31
C VAL D 1844 17.49 30.92 41.48
N ARG D 1845 16.28 30.62 41.97
CA ARG D 1845 16.13 29.64 43.04
C ARG D 1845 16.75 28.33 42.64
N GLU D 1846 16.64 27.99 41.36
CA GLU D 1846 17.16 26.73 40.86
C GLU D 1846 18.68 26.67 41.00
N ASN D 1847 19.39 27.73 40.58
CA ASN D 1847 20.84 27.73 40.59
C ASN D 1847 21.42 28.25 41.90
N LEU D 1848 20.58 28.54 42.89
CA LEU D 1848 21.01 28.89 44.25
C LEU D 1848 22.17 28.03 44.79
N PRO D 1849 22.21 26.72 44.49
CA PRO D 1849 23.42 25.95 44.88
C PRO D 1849 24.70 26.49 44.26
N LYS D 1850 24.63 26.85 42.97
CA LYS D 1850 25.82 27.33 42.26
C LYS D 1850 26.46 28.51 42.96
N VAL D 1851 25.68 29.32 43.67
CA VAL D 1851 26.22 30.48 44.36
C VAL D 1851 26.57 30.16 45.81
N ILE D 1852 25.74 29.38 46.53
CA ILE D 1852 26.09 29.18 47.93
C ILE D 1852 27.40 28.41 48.04
N THR D 1853 27.68 27.52 47.07
CA THR D 1853 28.90 26.72 47.15
C THR D 1853 30.14 27.60 47.22
N PHE D 1854 30.27 28.53 46.27
CA PHE D 1854 31.48 29.36 46.27
C PHE D 1854 31.45 30.40 47.37
N TRP D 1855 30.25 30.87 47.78
CA TRP D 1855 30.21 31.80 48.90
C TRP D 1855 30.80 31.16 50.16
N LEU D 1856 30.36 29.93 50.47
CA LEU D 1856 30.88 29.30 51.67
C LEU D 1856 32.29 28.77 51.48
N ASP D 1857 32.70 28.50 50.25
CA ASP D 1857 34.10 28.16 50.02
C ASP D 1857 35.00 29.34 50.37
N ILE D 1858 34.62 30.57 49.99
CA ILE D 1858 35.46 31.70 50.36
C ILE D 1858 35.26 32.10 51.82
N ALA D 1859 34.12 31.77 52.43
CA ALA D 1859 33.99 31.93 53.87
C ALA D 1859 34.97 31.01 54.61
N ALA D 1860 35.09 29.76 54.14
CA ALA D 1860 36.09 28.85 54.70
C ALA D 1860 37.49 29.37 54.45
N ALA D 1861 37.71 29.99 53.28
CA ALA D 1861 39.00 30.62 53.04
C ALA D 1861 39.28 31.73 54.04
N SER D 1862 38.26 32.53 54.36
CA SER D 1862 38.42 33.62 55.32
C SER D 1862 38.75 33.10 56.71
N ILE D 1863 38.09 32.01 57.13
CA ILE D 1863 38.44 31.46 58.43
C ILE D 1863 39.82 30.81 58.39
N SER D 1864 40.25 30.30 57.24
CA SER D 1864 41.55 29.64 57.16
C SER D 1864 42.69 30.64 57.24
N GLU D 1865 42.78 31.53 56.25
CA GLU D 1865 43.89 32.48 56.17
C GLU D 1865 43.49 33.83 56.79
N ALA D 1866 43.11 33.76 58.06
CA ALA D 1866 42.54 34.90 58.78
C ALA D 1866 43.35 36.18 58.61
N ARG D 1870 49.51 35.50 46.99
CA ARG D 1870 49.01 34.71 48.10
C ARG D 1870 47.58 35.12 48.45
N LYS D 1871 47.09 34.63 49.58
CA LYS D 1871 45.68 34.74 49.93
C LYS D 1871 45.40 36.05 50.69
N GLU D 1872 45.79 37.18 50.11
CA GLU D 1872 45.41 38.49 50.65
C GLU D 1872 44.20 39.09 49.92
N MET D 1873 43.12 38.34 49.74
CA MET D 1873 41.91 38.90 49.14
C MET D 1873 40.62 38.45 49.78
N LEU D 1874 40.63 37.44 50.66
CA LEU D 1874 39.40 36.98 51.28
C LEU D 1874 38.67 38.10 52.00
N SER D 1875 39.39 39.09 52.52
CA SER D 1875 38.74 40.14 53.31
C SER D 1875 37.84 41.01 52.45
N LYS D 1876 38.42 41.71 51.48
CA LYS D 1876 37.64 42.62 50.64
C LYS D 1876 36.63 41.86 49.79
N ALA D 1877 37.03 40.72 49.24
CA ALA D 1877 36.14 39.95 48.37
C ALA D 1877 34.98 39.34 49.15
N THR D 1878 35.30 38.72 50.30
CA THR D 1878 34.26 38.19 51.17
C THR D 1878 33.31 39.29 51.60
N GLU D 1879 33.83 40.48 51.92
CA GLU D 1879 32.96 41.58 52.33
C GLU D 1879 32.11 42.07 51.17
N ASP D 1880 32.66 42.07 49.95
CA ASP D 1880 31.85 42.44 48.79
C ASP D 1880 30.69 41.47 48.61
N ILE D 1881 30.96 40.17 48.75
CA ILE D 1881 29.89 39.20 48.59
C ILE D 1881 28.89 39.32 49.74
N CYS D 1882 29.37 39.65 50.94
CA CYS D 1882 28.44 39.86 52.05
C CYS D 1882 27.59 41.10 51.85
N SER D 1883 28.15 42.14 51.20
CA SER D 1883 27.34 43.29 50.82
C SER D 1883 26.33 42.92 49.74
N HIS D 1884 26.73 42.07 48.80
CA HIS D 1884 25.78 41.48 47.85
C HIS D 1884 24.62 40.82 48.60
N VAL D 1885 24.97 39.95 49.54
CA VAL D 1885 23.97 39.23 50.33
C VAL D 1885 23.05 40.21 51.03
N GLU D 1886 23.64 41.22 51.68
CA GLU D 1886 22.84 42.17 52.45
C GLU D 1886 21.94 43.01 51.56
N GLU D 1887 22.45 43.48 50.42
CA GLU D 1887 21.64 44.32 49.55
C GLU D 1887 20.47 43.54 48.96
N ALA D 1888 20.66 42.27 48.65
CA ALA D 1888 19.54 41.48 48.14
C ALA D 1888 18.55 41.16 49.26
N LEU D 1889 19.06 40.75 50.42
CA LEU D 1889 18.20 40.27 51.49
C LEU D 1889 17.39 41.38 52.13
N GLN D 1890 18.00 42.55 52.35
CA GLN D 1890 17.39 43.57 53.20
C GLN D 1890 16.01 43.98 52.69
N HIS D 1891 15.89 44.17 51.37
CA HIS D 1891 14.62 44.57 50.77
C HIS D 1891 14.11 43.55 49.77
N CYS D 1892 14.63 42.30 49.80
CA CYS D 1892 14.16 41.19 48.98
C CYS D 1892 12.70 40.90 49.31
N TRP D 1897 19.46 35.96 51.21
CA TRP D 1897 20.30 34.78 51.11
C TRP D 1897 19.62 33.63 51.85
N TYR D 1898 18.64 33.03 51.16
CA TYR D 1898 17.64 32.14 51.72
C TYR D 1898 18.01 30.67 51.65
N PHE D 1899 19.20 30.32 51.15
CA PHE D 1899 19.46 28.98 50.65
C PHE D 1899 20.69 28.41 51.35
N VAL D 1900 20.62 28.36 52.68
CA VAL D 1900 21.80 28.24 53.53
C VAL D 1900 21.95 26.92 54.27
N LEU D 1901 21.25 25.87 53.87
CA LEU D 1901 20.94 24.82 54.85
C LEU D 1901 22.17 24.03 55.32
N THR D 1902 22.83 23.30 54.42
CA THR D 1902 23.90 22.40 54.85
C THR D 1902 25.27 23.09 54.83
N GLN D 1903 25.27 24.39 55.03
CA GLN D 1903 26.47 25.14 55.40
C GLN D 1903 26.25 26.00 56.63
N LEU D 1904 25.03 26.46 56.84
CA LEU D 1904 24.56 27.07 58.08
C LEU D 1904 23.73 26.09 58.88
N LEU D 1905 24.17 24.83 58.88
CA LEU D 1905 23.71 23.76 59.75
C LEU D 1905 23.25 24.29 61.11
N SER D 1906 24.10 25.07 61.76
CA SER D 1906 23.72 25.80 62.96
C SER D 1906 24.57 27.06 63.06
N ARG D 1907 24.04 28.06 63.76
CA ARG D 1907 24.72 29.34 63.92
C ARG D 1907 25.18 29.47 65.37
N LEU D 1908 26.50 29.41 65.58
CA LEU D 1908 27.01 29.39 66.93
C LEU D 1908 28.31 30.18 67.11
N LEU D 1909 28.76 30.93 66.11
CA LEU D 1909 30.03 31.64 66.24
C LEU D 1909 30.20 32.72 65.17
N HIS D 1910 30.89 33.80 65.56
CA HIS D 1910 31.34 34.84 64.63
C HIS D 1910 32.75 34.48 64.16
N SER D 1911 33.53 35.49 63.74
CA SER D 1911 34.75 35.42 62.93
C SER D 1911 34.43 35.46 61.44
N HIS D 1912 33.18 35.77 61.11
CA HIS D 1912 32.82 36.15 59.75
C HIS D 1912 32.06 37.47 59.69
N GLN D 1913 31.24 37.76 60.70
CA GLN D 1913 30.42 38.97 60.78
C GLN D 1913 29.32 39.00 59.72
N SER D 1914 28.99 37.86 59.13
CA SER D 1914 27.91 37.81 58.16
C SER D 1914 26.95 36.66 58.42
N SER D 1915 27.45 35.59 59.04
CA SER D 1915 26.67 34.36 59.16
C SER D 1915 25.37 34.59 59.94
N ALA D 1916 25.50 34.91 61.23
CA ALA D 1916 24.29 35.19 62.00
C ALA D 1916 23.57 36.42 61.47
N GLN D 1917 24.32 37.42 61.02
CA GLN D 1917 23.70 38.64 60.51
C GLN D 1917 22.68 38.32 59.44
N ILE D 1918 23.03 37.45 58.51
CA ILE D 1918 22.12 37.10 57.43
C ILE D 1918 21.08 36.07 57.86
N ILE D 1919 21.48 35.04 58.60
CA ILE D 1919 20.52 34.01 58.98
C ILE D 1919 19.41 34.56 59.87
N MET D 1920 19.67 35.67 60.57
CA MET D 1920 18.64 36.31 61.38
C MET D 1920 18.22 37.68 60.87
N HIS D 1921 18.79 38.15 59.75
CA HIS D 1921 18.28 39.32 59.07
C HIS D 1921 17.27 38.96 57.99
N ILE D 1922 17.37 37.74 57.43
CA ILE D 1922 16.28 37.20 56.64
C ILE D 1922 15.02 37.09 57.48
N LEU D 1923 15.18 36.88 58.78
CA LEU D 1923 14.05 36.72 59.69
C LEU D 1923 13.30 38.02 59.97
N LEU D 1924 13.79 39.16 59.46
CA LEU D 1924 13.00 40.39 59.45
C LEU D 1924 12.84 41.02 58.07
N SER D 1925 13.64 40.63 57.08
CA SER D 1925 13.37 41.02 55.71
C SER D 1925 12.54 39.98 54.97
N LEU D 1926 12.06 38.96 55.68
CA LEU D 1926 11.13 37.95 55.21
C LEU D 1926 9.75 38.16 55.85
N ALA D 1927 9.55 39.33 56.46
CA ALA D 1927 8.29 39.69 57.10
C ALA D 1927 8.21 41.20 57.32
N TYR D 1937 6.45 32.22 61.32
CA TYR D 1937 7.09 31.05 61.90
C TYR D 1937 8.12 31.40 62.98
N ILE D 1938 8.27 32.68 63.29
CA ILE D 1938 9.38 33.16 64.11
C ILE D 1938 8.95 33.42 65.56
N THR D 1939 7.86 32.82 66.01
CA THR D 1939 7.30 33.13 67.33
C THR D 1939 7.23 31.92 68.25
N ALA D 1940 7.97 30.84 67.97
CA ALA D 1940 7.69 29.61 68.71
C ALA D 1940 8.93 28.80 69.05
N LEU D 1941 10.09 29.44 69.30
CA LEU D 1941 11.23 28.68 69.79
C LEU D 1941 10.93 28.05 71.15
N VAL D 1942 10.47 28.86 72.10
CA VAL D 1942 10.00 28.35 73.38
C VAL D 1942 9.22 29.47 74.08
N ARG D 1949 33.00 28.90 70.30
CA ARG D 1949 31.61 29.08 69.91
C ARG D 1949 30.75 29.64 71.05
N VAL D 1950 30.90 29.06 72.24
CA VAL D 1950 30.09 29.46 73.39
C VAL D 1950 30.28 30.94 73.69
N LEU D 1951 31.52 31.41 73.57
CA LEU D 1951 31.81 32.84 73.62
C LEU D 1951 32.15 33.42 72.26
N ARG D 1952 32.49 32.57 71.28
CA ARG D 1952 32.78 32.99 69.92
C ARG D 1952 31.52 33.31 69.12
N GLY D 1953 30.33 33.32 69.73
CA GLY D 1953 29.12 33.62 69.00
C GLY D 1953 28.42 34.94 69.27
N LYS D 1954 28.58 35.48 70.49
CA LYS D 1954 27.72 36.57 70.95
C LYS D 1954 27.90 37.83 70.11
N HIS D 1955 29.15 38.18 69.78
CA HIS D 1955 29.47 39.52 69.28
C HIS D 1955 28.53 39.95 68.15
N ILE D 1956 28.30 39.07 67.19
CA ILE D 1956 27.37 39.39 66.11
C ILE D 1956 25.91 39.41 66.59
N LEU D 1957 25.57 38.59 67.59
CA LEU D 1957 24.22 38.60 68.12
C LEU D 1957 23.88 39.98 68.68
N GLU D 1958 24.71 40.48 69.59
CA GLU D 1958 24.47 41.81 70.13
C GLU D 1958 24.77 42.91 69.13
N LYS D 1959 25.57 42.65 68.10
CA LYS D 1959 25.69 43.61 66.99
C LYS D 1959 24.35 43.78 66.28
N TYR D 1960 23.65 42.68 66.02
CA TYR D 1960 22.35 42.79 65.36
C TYR D 1960 21.32 43.39 66.31
N ARG D 1961 21.45 43.14 67.61
CA ARG D 1961 20.66 43.88 68.59
C ARG D 1961 20.91 45.38 68.46
N GLN D 1962 22.17 45.77 68.32
CA GLN D 1962 22.53 47.17 68.03
C GLN D 1962 21.84 47.67 66.76
N HIS D 1963 21.74 46.82 65.74
CA HIS D 1963 21.20 47.23 64.45
C HIS D 1963 19.79 47.80 64.60
N SER D 1964 19.44 48.73 63.71
CA SER D 1964 18.24 49.55 63.82
C SER D 1964 16.95 48.76 63.70
N GLN D 1965 17.00 47.44 63.59
CA GLN D 1965 15.80 46.61 63.64
C GLN D 1965 16.02 45.53 64.68
N ASN D 1966 15.23 45.57 65.76
CA ASN D 1966 15.41 44.65 66.89
C ASN D 1966 14.07 44.46 67.59
N PRO D 1967 13.28 43.46 67.19
CA PRO D 1967 11.99 43.21 67.86
C PRO D 1967 12.15 42.55 69.23
N HIS D 1968 13.01 41.54 69.31
CA HIS D 1968 13.20 40.77 70.54
C HIS D 1968 14.51 40.01 70.41
N ASP D 1969 15.16 39.79 71.55
CA ASP D 1969 16.46 39.12 71.59
C ASP D 1969 16.23 37.61 71.68
N LEU D 1970 16.50 36.92 70.57
CA LEU D 1970 16.15 35.51 70.43
C LEU D 1970 17.07 34.57 71.20
N VAL D 1971 18.34 34.95 71.38
CA VAL D 1971 19.27 34.06 72.07
C VAL D 1971 18.84 33.84 73.51
N SER D 1972 18.06 34.77 74.07
CA SER D 1972 17.44 34.56 75.38
C SER D 1972 16.67 33.25 75.41
N SER D 1973 15.67 33.12 74.53
CA SER D 1973 14.89 31.88 74.49
C SER D 1973 15.73 30.70 74.02
N ALA D 1974 16.71 30.96 73.14
CA ALA D 1974 17.55 29.87 72.65
C ALA D 1974 18.25 29.17 73.81
N LEU D 1975 18.94 29.94 74.64
CA LEU D 1975 19.61 29.32 75.79
C LEU D 1975 18.64 28.99 76.92
N ASP D 1976 17.47 29.61 76.94
CA ASP D 1976 16.41 29.15 77.85
C ASP D 1976 16.10 27.67 77.60
N LEU D 1977 15.71 27.34 76.37
CA LEU D 1977 15.44 25.94 76.08
C LEU D 1977 16.70 25.09 76.08
N THR D 1978 17.86 25.70 75.83
CA THR D 1978 19.11 24.94 75.90
C THR D 1978 19.36 24.44 77.33
N LYS D 1979 19.23 25.32 78.32
CA LYS D 1979 19.37 24.90 79.70
C LYS D 1979 18.23 23.97 80.12
N ALA D 1980 17.03 24.19 79.58
CA ALA D 1980 15.93 23.26 79.85
C ALA D 1980 16.30 21.84 79.41
N LEU D 1981 16.78 21.71 78.17
CA LEU D 1981 17.18 20.41 77.66
C LEU D 1981 18.31 19.81 78.48
N THR D 1982 19.38 20.58 78.71
CA THR D 1982 20.55 20.04 79.38
C THR D 1982 20.31 19.78 80.86
N ARG D 1983 19.21 20.29 81.43
CA ARG D 1983 18.78 19.84 82.74
C ARG D 1983 17.90 18.61 82.67
N VAL D 1984 17.07 18.50 81.62
CA VAL D 1984 16.23 17.31 81.45
C VAL D 1984 16.86 16.28 80.53
N CYS D 1985 18.08 16.52 80.03
CA CYS D 1985 18.77 15.49 79.25
C CYS D 1985 19.19 14.32 80.13
N LEU D 1986 19.32 14.54 81.44
CA LEU D 1986 19.69 13.48 82.39
C LEU D 1986 18.73 13.57 83.57
N GLN D 1987 17.59 12.92 83.44
CA GLN D 1987 16.67 12.69 84.55
C GLN D 1987 16.16 11.25 84.49
N ASP D 1988 17.07 10.32 84.21
CA ASP D 1988 16.69 8.94 83.91
C ASP D 1988 16.09 8.26 85.14
N VAL D 1989 15.35 7.19 84.87
CA VAL D 1989 14.64 6.43 85.89
C VAL D 1989 15.07 4.97 85.77
N LYS D 1990 14.92 4.24 86.87
CA LYS D 1990 15.27 2.82 86.90
C LYS D 1990 14.47 2.08 87.96
N PHE D 2004 7.70 18.12 80.79
CA PHE D 2004 8.09 19.29 80.01
C PHE D 2004 7.21 20.48 80.35
N LYS D 2005 7.76 21.46 81.05
CA LYS D 2005 6.99 22.65 81.42
C LYS D 2005 7.90 23.86 81.58
N PHE D 2006 9.18 23.63 81.81
CA PHE D 2006 10.13 24.74 82.02
C PHE D 2006 10.12 25.72 80.87
N ASP D 2007 10.54 25.30 79.70
CA ASP D 2007 10.52 26.17 78.53
C ASP D 2007 9.31 25.85 77.69
N MET D 2008 8.57 24.82 78.08
CA MET D 2008 7.40 24.41 77.32
C MET D 2008 6.18 25.26 77.65
N ASN D 2009 5.12 25.13 76.84
CA ASN D 2009 3.90 25.91 77.05
C ASN D 2009 4.20 27.40 77.28
N VAL D 2010 4.95 28.00 76.38
CA VAL D 2010 5.31 29.41 76.53
C VAL D 2010 5.07 30.17 75.23
N ALA D 2011 5.62 29.67 74.12
CA ALA D 2011 5.46 30.33 72.82
C ALA D 2011 5.85 31.81 72.82
N PRO D 2012 5.21 32.61 71.95
CA PRO D 2012 5.53 34.05 71.85
C PRO D 2012 7.03 34.33 71.96
N SER D 2013 7.83 33.72 71.10
CA SER D 2013 9.28 33.91 71.16
C SER D 2013 9.79 34.80 70.05
N ALA D 2014 11.10 34.79 69.83
CA ALA D 2014 11.68 35.62 68.78
C ALA D 2014 12.36 34.75 67.74
N MET D 2015 12.57 33.48 68.06
CA MET D 2015 13.19 32.56 67.11
C MET D 2015 12.15 31.58 66.58
N VAL D 2016 12.49 30.88 65.51
CA VAL D 2016 11.54 29.97 64.89
C VAL D 2016 11.23 28.71 65.70
N VAL D 2017 10.06 28.10 65.46
CA VAL D 2017 9.74 26.83 66.13
C VAL D 2017 10.91 25.86 65.95
N PRO D 2018 11.41 25.23 67.03
CA PRO D 2018 12.44 24.21 66.84
C PRO D 2018 11.96 23.02 66.02
N VAL D 2019 10.69 22.65 66.15
CA VAL D 2019 10.18 21.49 65.43
C VAL D 2019 10.12 21.79 63.94
N ARG D 2020 10.33 20.75 63.13
CA ARG D 2020 10.46 20.86 61.68
C ARG D 2020 9.10 21.12 61.07
N LYS D 2021 8.70 22.40 61.03
CA LYS D 2021 7.51 22.94 60.34
C LYS D 2021 7.80 24.37 59.86
N ASN D 2022 8.34 24.52 58.65
CA ASN D 2022 8.65 25.91 58.26
C ASN D 2022 8.42 26.41 56.82
N LEU D 2023 8.81 25.65 55.78
CA LEU D 2023 9.09 26.24 54.45
C LEU D 2023 8.56 25.52 53.21
N ASP D 2024 7.26 25.27 53.09
CA ASP D 2024 6.75 24.90 51.78
C ASP D 2024 6.83 26.10 50.82
N ILE D 2025 7.37 25.86 49.62
CA ILE D 2025 7.99 26.91 48.83
C ILE D 2025 7.19 27.15 47.55
N ILE D 2026 7.61 28.18 46.80
CA ILE D 2026 7.14 28.48 45.46
C ILE D 2026 8.34 28.31 44.53
N SER D 2027 8.14 28.51 43.22
CA SER D 2027 9.19 28.29 42.25
C SER D 2027 8.95 29.24 41.08
N PRO D 2028 9.88 29.32 40.11
CA PRO D 2028 9.63 30.17 38.93
C PRO D 2028 8.26 29.95 38.29
N LEU D 2029 7.41 30.96 38.43
CA LEU D 2029 6.10 31.01 37.79
C LEU D 2029 5.76 32.49 37.59
N GLU D 2030 5.85 32.95 36.34
CA GLU D 2030 5.67 34.36 36.04
C GLU D 2030 5.26 34.60 34.60
N GLY D 2036 7.81 39.33 42.15
CA GLY D 2036 6.60 38.70 42.67
C GLY D 2036 6.74 37.21 42.87
N TYR D 2037 7.52 36.82 43.89
CA TYR D 2037 7.75 35.41 44.19
C TYR D 2037 8.24 35.30 45.62
N GLN D 2038 7.62 34.42 46.40
CA GLN D 2038 7.74 34.46 47.86
C GLN D 2038 8.44 33.21 48.39
N PRO D 2039 9.46 33.39 49.24
CA PRO D 2039 10.15 32.29 49.92
C PRO D 2039 9.23 31.51 50.84
N ARG D 2041 4.94 30.01 51.54
CA ARG D 2041 4.51 29.99 52.93
C ARG D 2041 3.24 30.83 53.09
N PRO D 2042 2.13 30.16 53.35
CA PRO D 2042 0.86 30.88 53.50
C PRO D 2042 0.82 31.66 54.80
N VAL D 2043 -0.28 32.39 55.04
CA VAL D 2043 -0.40 33.19 56.26
C VAL D 2043 -0.49 32.25 57.46
N VAL D 2044 0.50 32.33 58.36
CA VAL D 2044 0.52 31.44 59.52
C VAL D 2044 1.34 32.01 60.66
N SER D 2045 0.94 31.72 61.90
CA SER D 2045 1.69 32.19 63.06
C SER D 2045 2.01 31.02 63.98
N ILE D 2046 3.25 30.56 63.95
CA ILE D 2046 3.65 29.42 64.77
C ILE D 2046 3.61 29.74 66.25
N ILE D 2047 3.00 28.86 67.04
CA ILE D 2047 2.92 29.07 68.49
C ILE D 2047 2.82 27.73 69.21
N ARG D 2048 2.13 27.71 70.35
CA ARG D 2048 1.93 26.47 71.12
C ARG D 2048 3.18 25.61 71.34
N PHE D 2049 4.04 26.01 72.27
CA PHE D 2049 5.22 25.20 72.58
C PHE D 2049 4.80 23.87 73.18
N GLY D 2050 5.20 22.77 72.57
CA GLY D 2050 4.81 21.46 73.04
C GLY D 2050 5.17 21.20 74.49
N SER D 2051 4.17 20.83 75.30
CA SER D 2051 4.41 20.56 76.71
C SER D 2051 4.36 19.07 77.00
N SER D 2052 4.50 18.24 75.97
CA SER D 2052 4.45 16.80 76.15
C SER D 2052 5.78 16.25 76.64
N TYR D 2053 5.75 15.44 77.69
CA TYR D 2053 6.98 14.86 78.21
C TYR D 2053 7.33 13.59 77.45
N LYS D 2054 7.66 13.72 76.17
CA LYS D 2054 8.03 12.57 75.37
C LYS D 2054 9.49 12.19 75.62
N VAL D 2055 9.89 12.23 76.90
CA VAL D 2055 11.30 12.07 77.25
C VAL D 2055 11.83 10.74 76.72
N LYS D 2061 10.23 14.21 69.69
CA LYS D 2061 9.48 15.26 70.36
C LYS D 2061 8.53 15.94 69.39
N PRO D 2062 7.36 15.34 69.17
CA PRO D 2062 6.42 15.84 68.17
C PRO D 2062 5.53 16.97 68.68
N LYS D 2063 5.80 18.18 68.23
CA LYS D 2063 4.89 19.31 68.34
C LYS D 2063 4.43 19.69 66.94
N GLN D 2064 3.10 19.75 66.74
CA GLN D 2064 2.54 19.78 65.40
C GLN D 2064 1.47 20.85 65.27
N LEU D 2065 1.47 21.53 64.13
CA LEU D 2065 0.34 22.33 63.68
C LEU D 2065 0.14 22.07 62.19
N ASN D 2066 -0.83 22.73 61.57
CA ASN D 2066 -1.12 22.47 60.17
C ASN D 2066 -1.38 23.79 59.47
N ILE D 2067 -1.91 23.73 58.26
CA ILE D 2067 -2.11 24.91 57.43
C ILE D 2067 -3.45 25.55 57.76
N ILE D 2068 -3.41 26.82 58.14
CA ILE D 2068 -4.61 27.62 58.39
C ILE D 2068 -4.41 28.94 57.65
N GLY D 2069 -4.95 29.02 56.43
CA GLY D 2069 -4.92 30.24 55.65
C GLY D 2069 -6.22 30.99 55.75
N SER D 2070 -6.35 32.01 54.88
CA SER D 2070 -7.56 32.82 54.88
C SER D 2070 -8.72 32.08 54.22
N ASP D 2071 -8.47 31.38 53.11
CA ASP D 2071 -9.55 30.81 52.31
C ASP D 2071 -10.33 29.76 53.10
N GLY D 2072 -9.64 28.83 53.75
CA GLY D 2072 -10.33 27.80 54.51
C GLY D 2072 -10.11 26.39 54.00
N ASN D 2073 -8.93 26.13 53.44
CA ASN D 2073 -8.53 24.79 53.02
C ASN D 2073 -7.47 24.26 53.98
N ILE D 2074 -7.00 23.05 53.69
CA ILE D 2074 -5.93 22.42 54.47
C ILE D 2074 -4.87 21.90 53.53
N TYR D 2075 -3.62 22.23 53.84
CA TYR D 2075 -2.49 21.84 53.01
C TYR D 2075 -1.56 20.96 53.85
N GLY D 2076 -0.70 20.22 53.14
CA GLY D 2076 -0.06 19.06 53.72
C GLY D 2076 0.91 19.36 54.86
N ILE D 2077 1.31 18.29 55.53
CA ILE D 2077 2.13 18.32 56.73
C ILE D 2077 2.88 17.00 56.85
N MET D 2078 4.15 17.08 57.27
CA MET D 2078 4.97 15.91 57.60
C MET D 2078 6.15 16.38 58.45
N CYS D 2079 6.53 15.56 59.43
CA CYS D 2079 7.48 15.96 60.47
C CYS D 2079 8.84 15.34 60.23
N LYS D 2080 9.90 16.15 60.36
CA LYS D 2080 11.28 15.69 60.20
C LYS D 2080 12.13 16.36 61.28
N LYS D 2081 13.45 16.32 61.12
CA LYS D 2081 14.38 17.04 62.00
C LYS D 2081 15.81 16.78 61.54
N GLU D 2082 16.74 17.56 62.13
CA GLU D 2082 18.18 17.31 62.13
C GLU D 2082 18.90 17.44 60.78
N ASP D 2083 18.82 18.62 60.16
CA ASP D 2083 19.75 19.05 59.12
C ASP D 2083 19.74 18.13 57.89
N VAL D 2084 18.60 18.15 57.21
CA VAL D 2084 18.43 17.44 55.94
C VAL D 2084 18.12 18.45 54.85
N ARG D 2085 18.88 18.39 53.76
CA ARG D 2085 18.67 19.25 52.59
C ARG D 2085 18.64 18.48 51.29
N GLN D 2086 19.21 17.27 51.24
CA GLN D 2086 19.05 16.42 50.08
C GLN D 2086 17.58 16.23 49.75
N ASP D 2087 16.72 16.29 50.77
CA ASP D 2087 15.30 16.44 50.54
C ASP D 2087 15.02 17.61 49.61
N ASN D 2088 15.56 18.79 49.95
CA ASN D 2088 15.27 19.97 49.17
C ASN D 2088 15.80 19.83 47.75
N GLN D 2089 16.91 19.13 47.53
CA GLN D 2089 17.35 19.04 46.11
C GLN D 2089 16.36 18.18 45.30
N TYR D 2090 15.58 17.31 45.96
CA TYR D 2090 14.56 16.48 45.24
C TYR D 2090 13.40 17.37 44.78
N MET D 2091 13.08 18.41 45.56
CA MET D 2091 12.03 19.38 45.14
C MET D 2091 12.60 20.15 43.95
N GLN D 2092 13.90 20.44 43.98
CA GLN D 2092 14.55 21.10 42.82
C GLN D 2092 14.38 20.17 41.61
N PHE D 2093 14.55 18.86 41.80
CA PHE D 2093 14.42 17.87 40.69
C PHE D 2093 12.98 17.86 40.16
N ALA D 2094 11.98 17.95 41.05
CA ALA D 2094 10.56 17.99 40.60
C ALA D 2094 10.32 19.27 39.78
N THR D 2095 10.89 20.38 40.22
CA THR D 2095 10.69 21.66 39.47
C THR D 2095 11.41 21.55 38.12
N THR D 2096 12.54 20.82 38.07
CA THR D 2096 13.24 20.60 36.78
C THR D 2096 12.33 19.75 35.89
N MET D 2097 11.66 18.71 36.40
CA MET D 2097 10.68 17.94 35.58
C MET D 2097 9.62 18.89 35.03
N ASP D 2098 9.12 19.78 35.89
CA ASP D 2098 8.13 20.78 35.42
C ASP D 2098 8.70 21.58 34.24
N PHE D 2099 9.90 22.16 34.38
CA PHE D 2099 10.48 23.01 33.31
C PHE D 2099 10.82 22.16 32.08
N LEU D 2100 11.04 20.86 32.26
CA LEU D 2100 11.29 19.92 31.15
C LEU D 2100 10.04 19.85 30.31
N LEU D 2101 8.91 19.54 30.94
CA LEU D 2101 7.71 19.58 30.07
C LEU D 2101 7.61 21.01 29.49
N SER D 2102 7.87 22.03 30.30
CA SER D 2102 7.72 23.45 29.85
C SER D 2102 8.42 23.65 28.50
N LYS D 2109 -0.59 12.15 26.66
CA LYS D 2109 -0.21 10.78 26.95
C LYS D 2109 0.54 10.65 28.27
N ARG D 2110 0.53 9.47 28.88
CA ARG D 2110 1.25 9.22 30.14
C ARG D 2110 1.04 10.24 31.25
N SER D 2111 1.95 11.21 31.38
CA SER D 2111 1.87 12.24 32.42
C SER D 2111 1.76 11.67 33.83
N LEU D 2112 2.83 11.07 34.33
CA LEU D 2112 2.82 10.46 35.66
C LEU D 2112 2.42 11.45 36.76
N GLY D 2113 1.48 11.06 37.60
CA GLY D 2113 1.02 11.93 38.67
C GLY D 2113 1.85 11.82 39.92
N ILE D 2114 2.96 12.55 39.97
CA ILE D 2114 3.82 12.52 41.15
C ILE D 2114 3.75 13.83 41.91
N ASN D 2115 2.97 13.86 42.99
CA ASN D 2115 2.81 15.08 43.77
C ASN D 2115 4.08 15.49 44.51
N ILE D 2116 4.14 16.72 45.02
CA ILE D 2116 5.38 17.17 45.65
C ILE D 2116 5.24 18.23 46.73
N TYR D 2117 5.82 18.00 47.91
CA TYR D 2117 5.84 19.02 48.95
C TYR D 2117 7.16 19.78 48.80
N SER D 2118 7.53 20.57 49.80
CA SER D 2118 8.82 21.24 49.75
C SER D 2118 9.30 21.56 51.16
N VAL D 2119 10.26 20.79 51.64
CA VAL D 2119 10.89 21.03 52.94
C VAL D 2119 12.19 21.78 52.67
N LEU D 2120 12.10 23.10 52.67
CA LEU D 2120 13.28 23.93 52.66
C LEU D 2120 13.65 24.23 54.11
N SER D 2121 14.52 25.20 54.34
CA SER D 2121 14.88 25.57 55.70
C SER D 2121 15.43 26.98 55.70
N LEU D 2122 15.56 27.53 56.90
CA LEU D 2122 16.32 28.77 57.06
C LEU D 2122 17.14 28.73 58.35
N ARG D 2123 17.08 27.63 59.09
CA ARG D 2123 18.01 27.33 60.19
C ARG D 2123 17.96 25.81 60.46
N GLU D 2124 18.54 25.39 61.57
CA GLU D 2124 18.58 23.99 61.95
C GLU D 2124 17.18 23.45 62.21
N ASP D 2125 16.98 22.17 61.88
CA ASP D 2125 15.73 21.46 62.17
C ASP D 2125 14.52 22.22 61.63
N CYS D 2126 14.63 22.73 60.42
CA CYS D 2126 13.70 23.70 59.88
C CYS D 2126 13.18 23.24 58.52
N GLY D 2127 11.89 23.44 58.29
CA GLY D 2127 11.24 23.08 57.05
C GLY D 2127 10.06 22.16 57.27
N ILE D 2128 9.43 21.79 56.17
CA ILE D 2128 8.27 20.91 56.22
C ILE D 2128 8.72 19.49 56.53
N VAL D 2136 -7.33 3.82 45.68
CA VAL D 2136 -6.74 3.09 46.79
C VAL D 2136 -7.44 3.39 48.10
N THR D 2137 -7.55 2.40 49.00
CA THR D 2137 -8.09 2.71 50.35
C THR D 2137 -6.86 2.89 51.25
N LEU D 2138 -6.52 4.12 51.66
CA LEU D 2138 -5.25 4.34 52.42
C LEU D 2138 -5.43 4.07 53.91
N ARG D 2139 -6.68 4.16 54.41
CA ARG D 2139 -6.89 3.71 55.81
C ARG D 2139 -6.55 2.22 55.73
N SER D 2140 -6.96 1.58 54.62
CA SER D 2140 -6.59 0.16 54.40
C SER D 2140 -5.06 0.06 54.35
N ILE D 2141 -4.33 0.85 53.54
CA ILE D 2141 -2.83 0.80 53.61
C ILE D 2141 -2.42 0.73 55.09
N LEU D 2142 -2.82 1.70 55.90
CA LEU D 2142 -2.41 1.75 57.34
C LEU D 2142 -2.69 0.40 58.01
N SER D 2143 -3.96 -0.01 58.12
CA SER D 2143 -4.24 -1.25 58.90
C SER D 2143 -3.61 -2.51 58.29
N THR D 2144 -3.41 -2.58 56.97
CA THR D 2144 -2.89 -3.82 56.33
C THR D 2144 -1.40 -3.88 56.60
N LYS D 2145 -0.73 -2.73 56.63
CA LYS D 2145 0.70 -2.71 57.02
C LYS D 2145 0.74 -3.13 58.50
N TYR D 2146 -0.26 -2.68 59.26
CA TYR D 2146 -0.33 -3.09 60.69
C TYR D 2146 -0.44 -4.62 60.76
N GLU D 2147 -1.27 -5.24 59.91
CA GLU D 2147 -1.50 -6.71 59.98
C GLU D 2147 -0.27 -7.45 59.46
N SER D 2148 0.47 -6.83 58.54
CA SER D 2148 1.74 -7.44 58.07
C SER D 2148 2.70 -7.48 59.26
N LEU D 2149 2.81 -6.36 59.98
CA LEU D 2149 3.64 -6.38 61.22
C LEU D 2149 2.97 -7.29 62.24
N LYS D 2150 1.63 -7.23 62.31
CA LYS D 2150 0.91 -8.01 63.33
C LYS D 2150 0.37 -9.33 62.78
N ILE D 2151 1.16 -9.99 61.94
CA ILE D 2151 0.95 -11.40 61.63
C ILE D 2151 1.74 -12.18 62.67
N LYS D 2152 2.34 -11.44 63.60
CA LYS D 2152 3.13 -11.96 64.71
C LYS D 2152 4.40 -12.65 64.24
N TYR D 2153 4.92 -12.23 63.08
CA TYR D 2153 6.28 -12.60 62.71
C TYR D 2153 7.22 -11.67 63.49
N SER D 2154 8.11 -12.26 64.29
CA SER D 2154 8.90 -11.46 65.21
C SER D 2154 9.69 -10.40 64.47
N LEU D 2155 9.68 -9.19 65.01
CA LEU D 2155 10.19 -8.01 64.32
C LEU D 2155 11.66 -7.75 64.58
N LYS D 2156 12.31 -8.55 65.43
CA LYS D 2156 13.72 -8.30 65.74
C LYS D 2156 14.56 -9.57 65.78
N SER D 2157 14.03 -10.71 65.32
CA SER D 2157 14.83 -11.91 65.11
C SER D 2157 15.15 -12.18 63.64
N LEU D 2158 14.28 -11.72 62.73
CA LEU D 2158 14.70 -11.70 61.34
C LEU D 2158 15.92 -10.82 61.16
N HIS D 2159 16.01 -9.73 61.93
CA HIS D 2159 17.25 -8.97 61.97
C HIS D 2159 18.38 -9.78 62.58
N ASP D 2160 18.09 -10.69 63.51
CA ASP D 2160 19.12 -11.55 64.06
C ASP D 2160 19.74 -12.42 62.99
N ARG D 2161 18.91 -13.09 62.19
CA ARG D 2161 19.45 -13.90 61.09
C ARG D 2161 20.13 -13.02 60.04
N TRP D 2162 19.55 -11.85 59.74
CA TRP D 2162 20.11 -10.92 58.76
C TRP D 2162 21.54 -10.55 59.14
N GLN D 2163 21.68 -9.86 60.27
CA GLN D 2163 22.98 -9.34 60.68
C GLN D 2163 23.71 -10.28 61.63
N HIS D 2164 23.09 -10.58 62.77
CA HIS D 2164 23.73 -11.31 63.85
C HIS D 2164 24.09 -12.75 63.50
N THR D 2165 23.54 -13.30 62.41
CA THR D 2165 23.75 -14.69 62.07
C THR D 2165 24.19 -14.79 60.61
N ALA D 2166 24.31 -16.02 60.12
CA ALA D 2166 24.88 -16.36 58.82
C ALA D 2166 24.40 -15.44 57.72
N VAL D 2167 25.36 -14.85 56.99
CA VAL D 2167 25.03 -13.90 55.93
C VAL D 2167 24.78 -14.63 54.61
N ASP D 2168 25.74 -15.45 54.18
CA ASP D 2168 25.49 -16.30 53.02
C ASP D 2168 24.29 -17.19 53.25
N GLY D 2169 24.00 -17.48 54.53
CA GLY D 2169 22.72 -18.06 54.89
C GLY D 2169 21.62 -17.03 54.99
N LYS D 2170 21.97 -15.77 55.28
CA LYS D 2170 20.96 -14.71 55.30
C LYS D 2170 20.37 -14.47 53.92
N LEU D 2171 21.06 -14.91 52.87
CA LEU D 2171 20.52 -14.86 51.52
C LEU D 2171 19.26 -15.72 51.40
N GLU D 2172 19.42 -17.03 51.60
CA GLU D 2172 18.24 -17.89 51.64
C GLU D 2172 17.30 -17.51 52.78
N PHE D 2173 17.81 -16.84 53.80
CA PHE D 2173 16.94 -16.32 54.86
C PHE D 2173 15.99 -15.25 54.34
N TYR D 2174 16.49 -14.32 53.54
CA TYR D 2174 15.58 -13.31 53.02
C TYR D 2174 14.65 -13.91 51.98
N MET D 2175 15.08 -15.00 51.32
CA MET D 2175 14.12 -15.75 50.50
C MET D 2175 13.04 -16.43 51.34
N GLU D 2176 13.40 -17.02 52.49
CA GLU D 2176 12.34 -17.60 53.28
C GLU D 2176 11.45 -16.51 53.87
N GLN D 2177 11.99 -15.30 54.02
CA GLN D 2177 11.12 -14.16 54.32
C GLN D 2177 10.12 -13.92 53.21
N VAL D 2178 10.59 -13.82 51.96
CA VAL D 2178 9.69 -13.49 50.86
C VAL D 2178 8.66 -14.60 50.67
N ASP D 2179 9.00 -15.82 51.03
CA ASP D 2179 8.07 -16.94 50.91
C ASP D 2179 7.40 -17.29 52.23
N LYS D 2180 7.67 -16.54 53.31
CA LYS D 2180 6.91 -16.65 54.54
C LYS D 2180 5.79 -15.62 54.60
N PHE D 2181 6.09 -14.37 54.23
CA PHE D 2181 4.98 -13.51 53.83
C PHE D 2181 4.51 -14.15 52.54
N LEU D 2185 1.29 -7.24 53.27
CA LEU D 2185 2.52 -6.80 52.56
C LEU D 2185 2.16 -6.49 51.11
N TYR D 2186 2.46 -7.41 50.19
CA TYR D 2186 2.03 -7.21 48.78
C TYR D 2186 0.52 -7.40 48.73
N GLN D 2187 0.03 -8.34 49.56
CA GLN D 2187 -1.45 -8.47 49.67
C GLN D 2187 -1.91 -7.06 50.03
N TRP D 2188 -1.36 -6.48 51.11
CA TRP D 2188 -1.70 -5.09 51.52
C TRP D 2188 -1.73 -4.20 50.27
N PHE D 2189 -0.60 -4.06 49.56
CA PHE D 2189 -0.51 -3.15 48.39
C PHE D 2189 -1.67 -3.34 47.41
N LEU D 2190 -1.86 -4.55 46.87
CA LEU D 2190 -2.90 -4.63 45.80
C LEU D 2190 -4.32 -4.57 46.38
N GLU D 2191 -4.55 -5.04 47.62
CA GLU D 2191 -5.89 -4.90 48.26
C GLU D 2191 -6.20 -3.40 48.29
N ASN D 2192 -5.20 -2.61 48.66
CA ASN D 2192 -5.34 -1.14 48.63
C ASN D 2192 -5.74 -0.73 47.22
N PHE D 2193 -4.85 -1.00 46.27
CA PHE D 2193 -5.11 -0.63 44.85
C PHE D 2193 -6.56 -0.98 44.48
N TRP D 2199 -9.37 0.43 41.44
CA TRP D 2199 -8.22 -0.46 41.50
C TRP D 2199 -7.16 -0.05 40.48
N PHE D 2200 -7.63 0.26 39.26
CA PHE D 2200 -6.78 0.49 38.11
C PHE D 2200 -5.95 1.75 38.28
N ASN D 2201 -6.61 2.85 38.62
CA ASN D 2201 -5.92 4.12 38.87
C ASN D 2201 -5.00 4.02 40.08
N ALA D 2202 -5.44 3.37 41.15
CA ALA D 2202 -4.60 3.21 42.32
C ALA D 2202 -3.27 2.55 41.94
N ARG D 2203 -3.34 1.34 41.38
CA ARG D 2203 -2.11 0.63 41.01
C ARG D 2203 -1.31 1.41 40.00
N ASN D 2204 -1.94 1.85 38.91
CA ASN D 2204 -1.21 2.42 37.79
C ASN D 2204 -0.46 3.68 38.20
N THR D 2205 -1.12 4.56 38.96
CA THR D 2205 -0.47 5.80 39.36
C THR D 2205 0.54 5.61 40.48
N TYR D 2206 0.28 4.73 41.46
CA TYR D 2206 1.34 4.52 42.43
C TYR D 2206 2.57 3.93 41.76
N ALA D 2207 2.36 3.03 40.81
CA ALA D 2207 3.48 2.42 40.10
C ALA D 2207 4.25 3.47 39.32
N ARG D 2208 3.55 4.40 38.68
CA ARG D 2208 4.25 5.46 37.94
C ARG D 2208 5.08 6.32 38.89
N SER D 2209 4.49 6.72 40.01
CA SER D 2209 5.24 7.52 40.99
C SER D 2209 6.45 6.77 41.50
N TYR D 2210 6.28 5.48 41.80
CA TYR D 2210 7.39 4.68 42.29
C TYR D 2210 8.47 4.57 41.23
N ALA D 2211 8.07 4.41 39.97
CA ALA D 2211 9.02 4.42 38.87
C ALA D 2211 9.88 5.67 38.94
N VAL D 2212 9.24 6.83 39.02
CA VAL D 2212 9.97 8.08 38.84
C VAL D 2212 10.89 8.36 40.03
N MET D 2213 10.33 8.35 41.23
CA MET D 2213 11.24 8.61 42.35
C MET D 2213 12.10 7.42 42.73
N ALA D 2214 11.83 6.21 42.21
CA ALA D 2214 12.78 5.11 42.38
C ALA D 2214 13.98 5.30 41.48
N MET D 2215 13.75 5.69 40.23
CA MET D 2215 14.89 5.99 39.38
C MET D 2215 15.66 7.17 39.92
N VAL D 2216 14.97 8.17 40.45
CA VAL D 2216 15.69 9.25 41.12
C VAL D 2216 16.48 8.70 42.30
N GLY D 2217 15.89 7.78 43.06
CA GLY D 2217 16.60 7.22 44.19
C GLY D 2217 17.89 6.55 43.78
N HIS D 2218 17.85 5.74 42.74
CA HIS D 2218 19.07 5.06 42.29
C HIS D 2218 20.03 6.05 41.64
N ILE D 2219 19.52 6.88 40.73
CA ILE D 2219 20.33 7.83 40.00
C ILE D 2219 21.06 8.77 40.94
N LEU D 2220 20.46 9.06 42.09
CA LEU D 2220 21.12 9.84 43.11
C LEU D 2220 21.73 8.94 44.19
N GLY D 2221 21.66 7.63 44.02
CA GLY D 2221 22.27 6.69 44.92
C GLY D 2221 21.97 7.01 46.37
N LEU D 2222 20.70 7.04 46.73
CA LEU D 2222 20.31 7.54 48.04
C LEU D 2222 19.86 6.43 48.99
N GLY D 2223 18.93 5.57 48.57
CA GLY D 2223 18.61 4.36 49.33
C GLY D 2223 18.21 4.64 50.76
N ASP D 2224 18.63 3.75 51.67
CA ASP D 2224 18.43 3.90 53.11
C ASP D 2224 16.93 4.04 53.46
N ARG D 2225 16.23 2.93 53.24
CA ARG D 2225 14.77 2.93 53.26
C ARG D 2225 14.21 3.25 54.65
N HIS D 2226 13.00 3.83 54.65
CA HIS D 2226 12.29 4.27 55.84
C HIS D 2226 11.17 3.29 56.21
N CYS D 2227 10.42 3.63 57.27
CA CYS D 2227 9.60 2.68 57.98
C CYS D 2227 8.10 2.83 57.75
N GLU D 2228 7.66 3.95 57.17
CA GLU D 2228 6.28 4.14 56.71
C GLU D 2228 6.30 4.79 55.33
N ASN D 2229 7.07 4.18 54.41
CA ASN D 2229 7.53 4.82 53.17
C ASN D 2229 6.43 5.56 52.41
N ILE D 2230 5.19 5.06 52.47
CA ILE D 2230 4.10 5.69 51.67
C ILE D 2230 2.89 5.98 52.57
N LEU D 2231 2.54 7.26 52.71
CA LEU D 2231 1.35 7.65 53.51
C LEU D 2231 0.74 8.90 52.88
N LEU D 2232 -0.40 8.75 52.20
CA LEU D 2232 -1.01 9.89 51.46
C LEU D 2232 -2.46 10.12 51.93
N ASP D 2233 -3.16 11.09 51.31
CA ASP D 2233 -4.56 11.39 51.70
C ASP D 2233 -5.52 10.49 50.90
N ILE D 2234 -6.83 10.64 51.11
CA ILE D 2234 -7.81 9.73 50.45
C ILE D 2234 -8.96 10.55 49.86
N GLN D 2235 -8.88 10.90 48.56
CA GLN D 2235 -9.98 11.64 47.89
C GLN D 2235 -9.70 11.72 46.38
N THR D 2236 -8.86 12.67 45.95
CA THR D 2236 -8.63 12.89 44.49
C THR D 2236 -7.13 13.07 44.15
N GLY D 2237 -6.35 11.99 44.00
CA GLY D 2237 -4.96 12.13 43.50
C GLY D 2237 -3.81 11.84 44.47
N LYS D 2238 -3.01 12.85 44.82
CA LYS D 2238 -1.85 12.72 45.75
C LYS D 2238 -1.22 11.32 45.78
N VAL D 2239 -0.22 11.08 44.93
CA VAL D 2239 0.54 9.79 45.01
C VAL D 2239 2.02 10.14 44.81
N LEU D 2240 2.85 9.88 45.82
CA LEU D 2240 4.28 10.28 45.76
C LEU D 2240 5.09 9.52 46.82
N HIS D 2241 6.34 9.93 47.07
CA HIS D 2241 7.22 9.24 48.05
C HIS D 2241 7.57 10.16 49.21
N VAL D 2242 8.46 9.70 50.10
CA VAL D 2242 8.75 10.53 51.27
C VAL D 2242 10.24 10.75 51.49
N ASP D 2243 11.02 9.67 51.58
CA ASP D 2243 12.26 9.72 52.35
C ASP D 2243 13.29 10.68 51.80
N PHE D 2244 13.96 10.28 50.71
CA PHE D 2244 14.91 11.10 49.95
C PHE D 2244 15.89 11.86 50.84
N ASP D 2245 16.07 11.41 52.08
CA ASP D 2245 16.83 12.18 53.08
C ASP D 2245 18.27 11.73 53.14
N CYS D 2246 18.89 11.67 51.96
CA CYS D 2246 20.18 11.01 51.83
C CYS D 2246 20.70 11.16 50.40
N LEU D 2247 22.03 11.26 50.24
CA LEU D 2247 22.64 11.34 48.92
C LEU D 2247 24.03 10.72 48.94
N PHE D 2248 24.13 9.51 48.37
CA PHE D 2248 25.38 8.76 48.27
C PHE D 2248 26.20 8.73 49.54
N LYS D 2250 22.62 8.01 50.70
CA LYS D 2250 23.45 7.32 51.73
C LYS D 2250 23.42 5.82 51.48
N GLY D 2251 24.37 5.31 50.69
CA GLY D 2251 24.44 3.86 50.42
C GLY D 2251 25.78 3.49 49.80
N LYS D 2252 26.53 4.49 49.33
CA LYS D 2252 27.86 4.23 48.71
C LYS D 2252 28.92 5.07 49.44
N ARG D 2253 28.73 6.39 49.51
CA ARG D 2253 29.67 7.27 50.24
C ARG D 2253 29.13 7.47 51.67
N LEU D 2254 28.91 6.37 52.40
CA LEU D 2254 28.35 6.45 53.78
C LEU D 2254 29.14 5.50 54.69
N PRO D 2255 29.40 5.85 55.97
CA PRO D 2255 30.08 4.93 56.90
C PRO D 2255 29.58 3.49 56.72
N VAL D 2256 30.48 2.56 56.38
CA VAL D 2256 30.10 1.13 56.11
C VAL D 2256 29.01 1.12 55.03
N PRO D 2257 29.35 1.29 53.73
CA PRO D 2257 28.33 1.37 52.68
C PRO D 2257 27.51 0.08 52.56
N GLU D 2258 26.21 0.20 52.33
CA GLU D 2258 25.35 -0.98 52.16
C GLU D 2258 24.45 -0.85 50.95
N ILE D 2259 24.75 -1.58 49.87
CA ILE D 2259 23.92 -1.57 48.65
C ILE D 2259 23.35 -0.24 48.16
N VAL D 2260 24.15 0.54 47.43
CA VAL D 2260 23.67 1.80 46.89
C VAL D 2260 22.62 1.61 45.81
N PRO D 2261 21.35 1.94 46.13
CA PRO D 2261 20.26 1.79 45.15
C PRO D 2261 19.12 2.71 45.53
N PHE D 2262 17.91 2.18 45.56
CA PHE D 2262 16.75 2.97 45.97
C PHE D 2262 16.04 2.20 47.07
N ARG D 2263 14.83 2.62 47.40
CA ARG D 2263 14.04 1.90 48.40
C ARG D 2263 13.42 0.66 47.79
N LEU D 2264 13.92 -0.51 48.16
CA LEU D 2264 13.51 -1.75 47.52
C LEU D 2264 13.13 -2.83 48.53
N THR D 2265 12.16 -3.67 48.18
CA THR D 2265 11.74 -4.74 49.07
C THR D 2265 12.05 -6.09 48.44
N PRO D 2266 11.94 -7.17 49.25
CA PRO D 2266 12.16 -8.51 48.68
C PRO D 2266 11.03 -8.87 47.73
N ASN D 2267 9.79 -8.63 48.14
CA ASN D 2267 8.65 -8.89 47.27
C ASN D 2267 8.18 -7.60 46.62
N LEU D 2268 9.09 -6.84 46.03
CA LEU D 2268 8.72 -5.60 45.37
C LEU D 2268 7.99 -5.91 44.08
N LEU D 2269 8.28 -7.05 43.47
CA LEU D 2269 7.55 -7.45 42.27
C LEU D 2269 6.07 -7.53 42.58
N ASP D 2270 5.74 -8.18 43.69
CA ASP D 2270 4.34 -8.33 44.07
C ASP D 2270 3.71 -7.02 44.54
N ALA D 2271 4.51 -6.06 45.01
CA ALA D 2271 3.97 -4.73 45.34
C ALA D 2271 3.19 -4.18 44.16
N LEU D 2272 3.56 -4.56 42.95
CA LEU D 2272 2.81 -4.13 41.79
C LEU D 2272 1.85 -5.18 41.26
N GLY D 2273 2.07 -6.44 41.59
CA GLY D 2273 1.08 -7.46 41.30
C GLY D 2273 1.22 -7.96 39.89
N ILE D 2274 0.08 -7.98 39.17
CA ILE D 2274 -0.02 -8.64 37.88
C ILE D 2274 0.92 -8.06 36.85
N ILE D 2275 1.29 -6.79 37.00
CA ILE D 2275 2.28 -6.19 36.12
C ILE D 2275 3.70 -6.26 36.67
N GLY D 2276 3.86 -6.68 37.94
CA GLY D 2276 5.17 -6.81 38.54
C GLY D 2276 5.88 -5.49 38.70
N THR D 2277 6.98 -5.47 39.46
CA THR D 2277 7.69 -4.19 39.58
C THR D 2277 8.48 -3.88 38.36
N GLU D 2278 8.16 -4.59 37.28
CA GLU D 2278 8.72 -4.31 35.96
C GLU D 2278 7.54 -4.33 35.00
N GLY D 2279 6.95 -3.17 34.79
CA GLY D 2279 5.66 -3.07 34.16
C GLY D 2279 5.37 -1.63 33.83
N THR D 2280 4.20 -1.11 34.15
CA THR D 2280 4.05 0.34 34.03
C THR D 2280 5.06 1.06 34.91
N PHE D 2281 5.54 0.40 35.97
CA PHE D 2281 6.74 0.89 36.63
C PHE D 2281 7.86 1.02 35.62
N LYS D 2282 8.07 0.00 34.79
CA LYS D 2282 9.14 0.06 33.81
C LYS D 2282 8.92 1.17 32.80
N LYS D 2283 7.68 1.34 32.34
CA LYS D 2283 7.39 2.35 31.32
C LYS D 2283 7.62 3.75 31.87
N SER D 2284 7.01 4.09 33.00
CA SER D 2284 7.25 5.42 33.54
C SER D 2284 8.63 5.54 34.17
N SER D 2285 9.32 4.44 34.41
CA SER D 2285 10.75 4.48 34.69
C SER D 2285 11.54 4.93 33.47
N GLU D 2286 11.20 4.41 32.30
CA GLU D 2286 11.81 4.90 31.06
C GLU D 2286 11.50 6.38 30.88
N VAL D 2287 10.25 6.76 31.12
CA VAL D 2287 9.88 8.15 31.06
C VAL D 2287 10.63 8.95 32.12
N THR D 2288 11.09 8.31 33.20
CA THR D 2288 11.94 9.01 34.15
C THR D 2288 13.35 9.22 33.61
N LEU D 2289 13.92 8.20 32.98
CA LEU D 2289 15.18 8.40 32.28
C LEU D 2289 15.08 9.59 31.33
N ALA D 2290 14.02 9.59 30.52
CA ALA D 2290 13.78 10.69 29.59
C ALA D 2290 13.59 12.01 30.34
N LEU D 2291 12.77 12.00 31.38
CA LEU D 2291 12.38 13.20 32.09
C LEU D 2291 13.51 13.77 32.93
N MET D 2292 14.61 13.03 33.08
CA MET D 2292 15.76 13.60 33.77
C MET D 2292 17.06 13.15 33.12
N ARG D 2293 17.13 13.14 31.78
CA ARG D 2293 18.45 12.88 31.20
C ARG D 2293 18.77 13.78 29.99
N LYS D 2294 18.35 15.05 30.02
CA LYS D 2294 18.93 16.10 29.19
C LYS D 2294 19.35 17.33 29.96
N ASN D 2295 18.58 17.72 30.95
CA ASN D 2295 19.11 18.56 32.00
C ASN D 2295 20.03 17.77 32.92
N GLU D 2296 20.41 16.56 32.49
CA GLU D 2296 21.19 15.65 33.34
C GLU D 2296 22.59 16.18 33.60
N VAL D 2297 23.20 16.87 32.64
CA VAL D 2297 24.51 17.45 32.88
C VAL D 2297 24.43 18.53 33.95
N ALA D 2298 23.39 19.38 33.89
CA ALA D 2298 23.20 20.39 34.93
C ALA D 2298 22.90 19.73 36.26
N LEU D 2299 22.10 18.67 36.25
CA LEU D 2299 21.74 17.98 37.48
C LEU D 2299 22.96 17.34 38.11
N MET D 2300 23.83 16.75 37.28
CA MET D 2300 25.11 16.23 37.75
C MET D 2300 25.99 17.35 38.29
N ASN D 2301 25.99 18.50 37.62
CA ASN D 2301 26.74 19.64 38.12
C ASN D 2301 26.23 20.05 39.49
N VAL D 2302 24.93 19.98 39.70
CA VAL D 2302 24.38 20.27 41.02
C VAL D 2302 24.88 19.24 42.02
N ILE D 2303 24.74 17.96 41.70
CA ILE D 2303 25.06 16.94 42.69
C ILE D 2303 26.54 16.95 43.02
N GLU D 2304 27.36 17.46 42.11
CA GLU D 2304 28.77 17.73 42.43
C GLU D 2304 28.88 18.57 43.70
N THR D 2305 28.00 19.56 43.86
CA THR D 2305 27.99 20.35 45.09
C THR D 2305 27.66 19.48 46.29
N ILE D 2306 26.54 18.75 46.22
CA ILE D 2306 26.03 17.97 47.34
C ILE D 2306 27.06 17.06 48.00
N MET D 2307 28.16 16.74 47.30
CA MET D 2307 29.12 15.75 47.79
C MET D 2307 29.38 15.87 49.28
N TYR D 2308 29.91 17.00 49.72
CA TYR D 2308 29.92 17.43 51.12
C TYR D 2308 30.24 16.28 52.07
N ASP D 2309 31.46 15.79 51.96
CA ASP D 2309 31.94 14.68 52.77
C ASP D 2309 32.22 15.07 54.22
N ARG D 2310 31.99 16.33 54.60
CA ARG D 2310 32.34 16.77 55.95
C ARG D 2310 31.57 16.00 57.00
N ASN D 2311 30.28 15.81 56.81
CA ASN D 2311 29.46 15.09 57.79
C ASN D 2311 29.26 13.64 57.34
N GLN D 2317 33.91 12.87 45.44
CA GLN D 2317 34.61 13.42 44.29
C GLN D 2317 34.78 12.35 43.21
N LYS D 2318 35.60 11.34 43.51
CA LYS D 2318 35.84 10.27 42.53
C LYS D 2318 34.53 9.59 42.15
N ALA D 2319 33.89 8.90 43.11
CA ALA D 2319 32.61 8.27 42.84
C ALA D 2319 31.57 9.28 42.40
N LEU D 2320 31.70 10.53 42.88
CA LEU D 2320 30.77 11.58 42.47
C LEU D 2320 30.76 11.75 40.96
N LYS D 2321 31.91 12.11 40.39
CA LYS D 2321 31.99 12.27 38.94
C LYS D 2321 31.72 10.96 38.22
N VAL D 2322 32.14 9.82 38.80
CA VAL D 2322 31.94 8.54 38.14
C VAL D 2322 30.46 8.27 37.93
N LEU D 2323 29.65 8.40 38.98
CA LEU D 2323 28.26 8.10 38.72
C LEU D 2323 27.52 9.29 38.14
N ARG D 2324 28.12 10.49 38.15
CA ARG D 2324 27.60 11.53 37.26
C ARG D 2324 27.68 11.06 35.81
N ASN D 2325 28.82 10.50 35.44
CA ASN D 2325 28.94 9.89 34.12
C ASN D 2325 27.96 8.73 33.97
N LYS D 2326 27.67 8.01 35.05
CA LYS D 2326 26.69 6.92 34.95
C LYS D 2326 25.30 7.46 34.63
N ILE D 2327 24.88 8.53 35.31
CA ILE D 2327 23.63 9.20 34.96
C ILE D 2327 23.66 9.59 33.50
N ARG D 2328 24.78 10.16 33.06
CA ARG D 2328 24.97 10.47 31.66
C ARG D 2328 24.87 9.21 30.80
N GLY D 2329 25.20 8.05 31.34
CA GLY D 2329 25.28 6.82 30.57
C GLY D 2329 25.72 5.60 31.35
N LEU D 2338 10.09 -9.04 37.37
CA LEU D 2338 11.23 -9.20 38.26
C LEU D 2338 11.84 -7.85 38.63
N SER D 2339 13.17 -7.82 38.72
CA SER D 2339 14.03 -6.70 39.13
C SER D 2339 14.02 -6.49 40.65
N VAL D 2340 13.29 -7.31 41.40
CA VAL D 2340 13.64 -7.63 42.78
C VAL D 2340 13.79 -9.13 42.87
N ALA D 2341 12.93 -9.86 42.14
CA ALA D 2341 13.14 -11.29 41.99
C ALA D 2341 14.58 -11.59 41.63
N GLY D 2342 15.24 -10.71 40.89
CA GLY D 2342 16.68 -10.79 40.66
C GLY D 2342 17.54 -9.88 41.52
N GLN D 2343 17.21 -8.59 41.51
CA GLN D 2343 18.05 -7.60 42.16
C GLN D 2343 18.10 -7.80 43.66
N THR D 2344 16.98 -8.19 44.26
CA THR D 2344 16.95 -8.44 45.69
C THR D 2344 18.09 -9.37 46.09
N GLU D 2345 18.09 -10.60 45.58
CA GLU D 2345 19.16 -11.48 46.01
C GLU D 2345 20.48 -10.89 45.57
N THR D 2346 20.63 -10.53 44.29
CA THR D 2346 21.96 -10.14 43.81
C THR D 2346 22.54 -9.01 44.65
N LEU D 2347 22.00 -7.81 44.53
CA LEU D 2347 22.63 -6.67 45.21
C LEU D 2347 22.38 -6.72 46.72
N ILE D 2348 21.14 -6.97 47.15
CA ILE D 2348 20.87 -6.90 48.58
C ILE D 2348 21.66 -7.95 49.34
N GLN D 2349 21.73 -9.19 48.86
CA GLN D 2349 22.47 -10.18 49.62
C GLN D 2349 23.97 -10.07 49.40
N GLU D 2350 24.46 -9.90 48.16
CA GLU D 2350 25.89 -9.66 48.04
C GLU D 2350 26.31 -8.38 48.74
N ALA D 2351 25.35 -7.64 49.33
CA ALA D 2351 25.62 -6.75 50.45
C ALA D 2351 25.56 -7.45 51.81
N THR D 2352 24.58 -8.35 52.01
CA THR D 2352 24.44 -9.05 53.29
C THR D 2352 24.44 -10.57 53.11
N SER D 2353 25.34 -11.08 52.25
CA SER D 2353 25.56 -12.52 52.15
C SER D 2353 27.02 -12.87 52.39
#